data_5COD
#
_entry.id   5COD
#
_cell.length_a   244.832
_cell.length_b   251.414
_cell.length_c   412.034
_cell.angle_alpha   90.0
_cell.angle_beta   90.0
_cell.angle_gamma   90.0
#
_symmetry.space_group_name_H-M   'P 21 21 21'
#
loop_
_entity.id
_entity.type
_entity.pdbx_description
1 polymer 'NADH-ubiquinone oxidoreductase chain 5'
2 polymer 'NADH-ubiquinone oxidoreductase chain 4'
3 polymer 'Unknown structure'
4 polymer 'Unknown structure'
5 polymer 'Unknown structure'
6 polymer 'Unknown structure'
7 polymer SDAP
8 polymer 'Unknown structure'
9 polymer 'Unknown structure'
10 polymer 'Unknown structure'
11 polymer 'Unknown structure'
12 polymer 'Unknown structure'
13 polymer 'Unknown structure'
14 polymer 'Unknown structure'
#
loop_
_entity_poly.entity_id
_entity_poly.type
_entity_poly.pdbx_seq_one_letter_code
_entity_poly.pdbx_strand_id
1 'polypeptide(L)'
;(UNK)(UNK)(UNK)(UNK)(UNK)(UNK)(UNK)(UNK)(UNK)(UNK)(UNK)(UNK)(UNK)(UNK)(UNK)(UNK)
(UNK)(UNK)(UNK)(UNK)(UNK)(UNK)(UNK)(UNK)(UNK)(UNK)(UNK)(UNK)(UNK)(UNK)(UNK)(UNK)
(UNK)(UNK)(UNK)(UNK)(UNK)(UNK)(UNK)(UNK)(UNK)(UNK)(UNK)(UNK)(UNK)(UNK)(UNK)(UNK)
(UNK)(UNK)(UNK)(UNK)(UNK)(UNK)(UNK)(UNK)(UNK)(UNK)(UNK)(UNK)(UNK)(UNK)(UNK)(UNK)
(UNK)(UNK)(UNK)(UNK)(UNK)(UNK)(UNK)(UNK)(UNK)(UNK)(UNK)(UNK)(UNK)(UNK)(UNK)(UNK)
(UNK)(UNK)(UNK)(UNK)(UNK)(UNK)(UNK)(UNK)(UNK)(UNK)(UNK)(UNK)(UNK)(UNK)(UNK)(UNK)
(UNK)(UNK)(UNK)(UNK)(UNK)(UNK)(UNK)(UNK)(UNK)(UNK)(UNK)(UNK)(UNK)(UNK)(UNK)(UNK)
(UNK)(UNK)(UNK)(UNK)(UNK)(UNK)(UNK)(UNK)(UNK)(UNK)(UNK)(UNK)(UNK)(UNK)(UNK)(UNK)
(UNK)(UNK)(UNK)(UNK)(UNK)(UNK)(UNK)(UNK)(UNK)(UNK)(UNK)(UNK)(UNK)(UNK)(UNK)(UNK)
(UNK)(UNK)(UNK)(UNK)(UNK)(UNK)(UNK)(UNK)(UNK)(UNK)(UNK)(UNK)(UNK)(UNK)(UNK)(UNK)
(UNK)(UNK)(UNK)(UNK)(UNK)(UNK)(UNK)(UNK)(UNK)(UNK)(UNK)(UNK)(UNK)(UNK)(UNK)(UNK)
(UNK)(UNK)(UNK)(UNK)(UNK)(UNK)(UNK)(UNK)(UNK)(UNK)(UNK)(UNK)(UNK)(UNK)(UNK)(UNK)
(UNK)(UNK)(UNK)(UNK)(UNK)(UNK)(UNK)(UNK)(UNK)(UNK)(UNK)(UNK)(UNK)(UNK)(UNK)(UNK)
(UNK)(UNK)(UNK)(UNK)(UNK)(UNK)(UNK)(UNK)(UNK)(UNK)(UNK)(UNK)(UNK)(UNK)(UNK)(UNK)
(UNK)(UNK)(UNK)(UNK)(UNK)(UNK)(UNK)(UNK)(UNK)(UNK)(UNK)(UNK)(UNK)(UNK)(UNK)(UNK)
(UNK)(UNK)(UNK)(UNK)(UNK)(UNK)(UNK)(UNK)(UNK)(UNK)(UNK)(UNK)(UNK)(UNK)(UNK)(UNK)
(UNK)(UNK)(UNK)(UNK)(UNK)(UNK)(UNK)(UNK)(UNK)(UNK)(UNK)(UNK)(UNK)(UNK)(UNK)(UNK)
(UNK)(UNK)(UNK)(UNK)(UNK)(UNK)(UNK)(UNK)(UNK)(UNK)(UNK)(UNK)(UNK)(UNK)(UNK)(UNK)
(UNK)(UNK)(UNK)(UNK)(UNK)(UNK)(UNK)(UNK)(UNK)(UNK)(UNK)(UNK)(UNK)(UNK)(UNK)(UNK)
(UNK)(UNK)(UNK)(UNK)(UNK)(UNK)(UNK)(UNK)(UNK)(UNK)(UNK)(UNK)(UNK)(UNK)(UNK)(UNK)
(UNK)(UNK)(UNK)(UNK)(UNK)(UNK)(UNK)(UNK)(UNK)(UNK)(UNK)(UNK)(UNK)(UNK)(UNK)(UNK)
(UNK)(UNK)(UNK)(UNK)(UNK)(UNK)(UNK)(UNK)(UNK)(UNK)(UNK)(UNK)(UNK)(UNK)(UNK)(UNK)
(UNK)(UNK)(UNK)(UNK)(UNK)(UNK)(UNK)(UNK)(UNK)(UNK)(UNK)(UNK)(UNK)(UNK)(UNK)(UNK)
(UNK)(UNK)(UNK)(UNK)(UNK)(UNK)(UNK)(UNK)(UNK)(UNK)(UNK)(UNK)(UNK)(UNK)(UNK)(UNK)
(UNK)(UNK)(UNK)(UNK)(UNK)(UNK)(UNK)(UNK)(UNK)(UNK)(UNK)(UNK)(UNK)(UNK)(UNK)(UNK)
(UNK)(UNK)(UNK)(UNK)(UNK)(UNK)(UNK)(UNK)(UNK)(UNK)(UNK)(UNK)(UNK)(UNK)(UNK)(UNK)
(UNK)(UNK)(UNK)(UNK)(UNK)(UNK)(UNK)(UNK)(UNK)(UNK)(UNK)(UNK)(UNK)(UNK)(UNK)(UNK)
(UNK)(UNK)(UNK)(UNK)(UNK)(UNK)(UNK)(UNK)(UNK)(UNK)(UNK)(UNK)(UNK)(UNK)(UNK)(UNK)
(UNK)(UNK)(UNK)(UNK)(UNK)(UNK)(UNK)(UNK)(UNK)(UNK)(UNK)(UNK)(UNK)(UNK)(UNK)(UNK)
(UNK)(UNK)(UNK)(UNK)(UNK)(UNK)(UNK)(UNK)(UNK)(UNK)(UNK)(UNK)(UNK)(UNK)(UNK)(UNK)
(UNK)(UNK)(UNK)(UNK)(UNK)(UNK)(UNK)(UNK)(UNK)(UNK)(UNK)(UNK)(UNK)(UNK)(UNK)(UNK)
(UNK)(UNK)(UNK)(UNK)(UNK)(UNK)(UNK)(UNK)(UNK)(UNK)(UNK)(UNK)(UNK)(UNK)(UNK)(UNK)
(UNK)(UNK)(UNK)(UNK)(UNK)(UNK)(UNK)(UNK)(UNK)(UNK)(UNK)(UNK)(UNK)(UNK)(UNK)(UNK)
(UNK)(UNK)(UNK)(UNK)(UNK)(UNK)(UNK)(UNK)(UNK)(UNK)(UNK)(UNK)(UNK)(UNK)(UNK)(UNK)
(UNK)(UNK)(UNK)(UNK)(UNK)(UNK)(UNK)(UNK)(UNK)(UNK)(UNK)(UNK)(UNK)(UNK)(UNK)(UNK)
(UNK)(UNK)(UNK)(UNK)(UNK)(UNK)(UNK)(UNK)(UNK)(UNK)(UNK)(UNK)(UNK)(UNK)(UNK)(UNK)
(UNK)(UNK)(UNK)(UNK)(UNK)(UNK)(UNK)(UNK)(UNK)(UNK)(UNK)(UNK)(UNK)(UNK)(UNK)(UNK)
(UNK)(UNK)(UNK)(UNK)(UNK)(UNK)(UNK)(UNK)(UNK)(UNK)(UNK)(UNK)(UNK)(UNK)
;
L1,L2,L3,L4,L5,L6
2 'polypeptide(L)'
;(UNK)(UNK)(UNK)(UNK)(UNK)(UNK)(UNK)(UNK)(UNK)(UNK)(UNK)(UNK)(UNK)(UNK)(UNK)(UNK)
(UNK)(UNK)(UNK)(UNK)(UNK)(UNK)(UNK)(UNK)(UNK)(UNK)(UNK)(UNK)(UNK)(UNK)(UNK)(UNK)
(UNK)(UNK)(UNK)(UNK)(UNK)(UNK)(UNK)(UNK)(UNK)(UNK)(UNK)(UNK)(UNK)(UNK)(UNK)(UNK)
(UNK)(UNK)(UNK)(UNK)(UNK)(UNK)(UNK)(UNK)(UNK)(UNK)(UNK)(UNK)(UNK)(UNK)(UNK)(UNK)
(UNK)(UNK)(UNK)(UNK)(UNK)(UNK)(UNK)(UNK)(UNK)(UNK)(UNK)(UNK)(UNK)(UNK)(UNK)(UNK)
(UNK)(UNK)(UNK)(UNK)(UNK)(UNK)(UNK)(UNK)(UNK)(UNK)(UNK)(UNK)(UNK)(UNK)(UNK)(UNK)
(UNK)(UNK)(UNK)(UNK)(UNK)(UNK)(UNK)(UNK)(UNK)(UNK)(UNK)(UNK)(UNK)(UNK)(UNK)(UNK)
(UNK)(UNK)(UNK)(UNK)(UNK)(UNK)(UNK)(UNK)(UNK)(UNK)(UNK)(UNK)(UNK)(UNK)(UNK)(UNK)
(UNK)(UNK)(UNK)(UNK)(UNK)(UNK)(UNK)(UNK)(UNK)(UNK)(UNK)(UNK)(UNK)(UNK)(UNK)(UNK)
(UNK)(UNK)(UNK)(UNK)(UNK)(UNK)(UNK)(UNK)(UNK)(UNK)(UNK)(UNK)(UNK)(UNK)(UNK)(UNK)
(UNK)(UNK)(UNK)(UNK)(UNK)(UNK)(UNK)(UNK)(UNK)(UNK)(UNK)(UNK)(UNK)(UNK)(UNK)(UNK)
(UNK)(UNK)(UNK)(UNK)(UNK)(UNK)(UNK)(UNK)(UNK)(UNK)(UNK)(UNK)(UNK)(UNK)(UNK)(UNK)
(UNK)(UNK)(UNK)(UNK)(UNK)(UNK)(UNK)(UNK)(UNK)(UNK)(UNK)(UNK)(UNK)(UNK)(UNK)(UNK)
(UNK)(UNK)(UNK)(UNK)(UNK)(UNK)(UNK)(UNK)(UNK)(UNK)(UNK)(UNK)(UNK)(UNK)(UNK)(UNK)
(UNK)(UNK)(UNK)(UNK)(UNK)(UNK)(UNK)(UNK)(UNK)(UNK)(UNK)(UNK)(UNK)(UNK)(UNK)(UNK)
(UNK)(UNK)(UNK)(UNK)(UNK)(UNK)(UNK)(UNK)(UNK)(UNK)(UNK)(UNK)(UNK)(UNK)(UNK)(UNK)
(UNK)(UNK)(UNK)(UNK)(UNK)(UNK)(UNK)(UNK)(UNK)(UNK)(UNK)(UNK)(UNK)(UNK)(UNK)(UNK)
(UNK)(UNK)(UNK)(UNK)(UNK)(UNK)(UNK)(UNK)(UNK)(UNK)(UNK)(UNK)(UNK)(UNK)(UNK)(UNK)
(UNK)(UNK)(UNK)(UNK)(UNK)(UNK)(UNK)(UNK)(UNK)(UNK)(UNK)(UNK)(UNK)(UNK)(UNK)(UNK)
(UNK)(UNK)(UNK)(UNK)(UNK)(UNK)(UNK)(UNK)(UNK)(UNK)(UNK)(UNK)(UNK)(UNK)(UNK)(UNK)
(UNK)(UNK)(UNK)(UNK)(UNK)(UNK)(UNK)(UNK)(UNK)(UNK)(UNK)(UNK)(UNK)(UNK)(UNK)(UNK)
(UNK)(UNK)(UNK)(UNK)(UNK)(UNK)(UNK)(UNK)(UNK)(UNK)(UNK)(UNK)(UNK)(UNK)(UNK)(UNK)
(UNK)(UNK)(UNK)(UNK)(UNK)(UNK)(UNK)(UNK)(UNK)(UNK)(UNK)(UNK)(UNK)(UNK)(UNK)(UNK)
(UNK)(UNK)(UNK)(UNK)(UNK)(UNK)(UNK)(UNK)(UNK)(UNK)(UNK)(UNK)(UNK)(UNK)(UNK)(UNK)
(UNK)(UNK)(UNK)(UNK)(UNK)(UNK)(UNK)(UNK)(UNK)(UNK)(UNK)(UNK)(UNK)(UNK)(UNK)(UNK)
(UNK)(UNK)(UNK)(UNK)(UNK)(UNK)(UNK)(UNK)(UNK)(UNK)(UNK)(UNK)(UNK)(UNK)(UNK)(UNK)
(UNK)(UNK)(UNK)(UNK)(UNK)(UNK)(UNK)(UNK)(UNK)(UNK)(UNK)(UNK)(UNK)(UNK)(UNK)(UNK)
(UNK)(UNK)(UNK)(UNK)(UNK)(UNK)(UNK)(UNK)(UNK)(UNK)(UNK)(UNK)(UNK)(UNK)(UNK)(UNK)
(UNK)(UNK)(UNK)(UNK)(UNK)(UNK)(UNK)(UNK)(UNK)(UNK)(UNK)
;
M1,M2,M3,M4,M5,M6
3 'polypeptide(L)'
;(UNK)(UNK)(UNK)(UNK)(UNK)(UNK)(UNK)(UNK)(UNK)(UNK)(UNK)(UNK)(UNK)(UNK)(UNK)(UNK)
(UNK)(UNK)(UNK)(UNK)(UNK)(UNK)(UNK)(UNK)(UNK)(UNK)(UNK)(UNK)(UNK)(UNK)
;
f1,h1,i1,f2,h2,i2,f3,h3,i3,f4,h4,i4,f5,h5,i5,f6,h6,i6
4 'polypeptide(L)'
;(UNK)(UNK)(UNK)(UNK)(UNK)(UNK)(UNK)(UNK)(UNK)(UNK)(UNK)(UNK)(UNK)(UNK)(UNK)(UNK)
(UNK)(UNK)(UNK)(UNK)(UNK)(UNK)
;
g1,g2,g3,g4,g5,g6
5 'polypeptide(L)'
;(UNK)(UNK)(UNK)(UNK)(UNK)(UNK)(UNK)(UNK)(UNK)(UNK)(UNK)(UNK)(UNK)(UNK)(UNK)(UNK)
(UNK)(UNK)(UNK)(UNK)(UNK)(UNK)(UNK)(UNK)(UNK)(UNK)(UNK)(UNK)
;
j1,k1,p1,s1,j2,k2,p2,s2,j3,k3,p3,s3,j4,k4,p4,s4,j5,k5,p5,s5,j6,k6,p6,s6
6 'polypeptide(L)' (UNK)(UNK)(UNK)(UNK)(UNK)(UNK)(UNK)(UNK)(UNK)(UNK)(UNK)(UNK)(UNK) l1,l2,l3,l4,l5,l6
7 'polypeptide(L)'
;(UNK)(UNK)(UNK)(UNK)(UNK)(UNK)(UNK)(UNK)(UNK)(UNK)(UNK)(UNK)(UNK)(UNK)(UNK)(UNK)
(UNK)(UNK)(UNK)(UNK)(UNK)(UNK)(UNK)(UNK)(UNK)(UNK)(UNK)(UNK)(UNK)(UNK)(UNK)(UNK)
(UNK)(UNK)(UNK)(UNK)(UNK)(UNK)(UNK)(UNK)(UNK)(UNK)(UNK)(UNK)(UNK)(UNK)(UNK)(UNK)
(UNK)(UNK)(UNK)(UNK)(UNK)(UNK)(UNK)(UNK)(UNK)(UNK)(UNK)(UNK)(UNK)(UNK)(UNK)(UNK)
(UNK)(UNK)(UNK)(UNK)(UNK)(UNK)(UNK)(UNK)(UNK)(UNK)(UNK)(UNK)(UNK)(UNK)(UNK)(UNK)
(UNK)(UNK)(UNK)(UNK)(UNK)(UNK)(UNK)(UNK)
;
U1,U2,U3,U4,U5,U6
8 'polypeptide(L)'
;(UNK)(UNK)(UNK)(UNK)(UNK)(UNK)(UNK)(UNK)(UNK)(UNK)(UNK)(UNK)(UNK)(UNK)(UNK)(UNK)
(UNK)(UNK)(UNK)(UNK)(UNK)(UNK)(UNK)(UNK)(UNK)(UNK)(UNK)(UNK)(UNK)(UNK)(UNK)(UNK)
(UNK)(UNK)(UNK)(UNK)(UNK)(UNK)(UNK)(UNK)(UNK)(UNK)(UNK)(UNK)(UNK)(UNK)(UNK)(UNK)
(UNK)(UNK)(UNK)(UNK)(UNK)(UNK)(UNK)(UNK)(UNK)(UNK)(UNK)
;
n1,n2,n3,n4,n5,n6
9 'polypeptide(L)'
;(UNK)(UNK)(UNK)(UNK)(UNK)(UNK)(UNK)(UNK)(UNK)(UNK)(UNK)(UNK)(UNK)(UNK)(UNK)(UNK)
(UNK)(UNK)(UNK)(UNK)(UNK)
;
o1,o2,o3,o4,o5,o6
10 'polypeptide(L)'
;(UNK)(UNK)(UNK)(UNK)(UNK)(UNK)(UNK)(UNK)(UNK)(UNK)(UNK)(UNK)(UNK)(UNK)(UNK)(UNK)
(UNK)(UNK)(UNK)(UNK)(UNK)(UNK)(UNK)(UNK)(UNK)(UNK)(UNK)(UNK)(UNK)(UNK)(UNK)(UNK)
(UNK)(UNK)(UNK)(UNK)(UNK)(UNK)(UNK)(UNK)(UNK)(UNK)(UNK)(UNK)(UNK)(UNK)(UNK)(UNK)
(UNK)(UNK)(UNK)(UNK)(UNK)(UNK)(UNK)(UNK)(UNK)
;
t1,t2,t3,t4,t5,t6
11 'polypeptide(L)' (UNK)(UNK)(UNK)(UNK)(UNK)(UNK)(UNK)(UNK)(UNK)(UNK)(UNK)(UNK)(UNK)(UNK)(UNK) u1,u2,u3,u4,u5,u6
12 'polypeptide(L)'
;(UNK)(UNK)(UNK)(UNK)(UNK)(UNK)(UNK)(UNK)(UNK)(UNK)(UNK)(UNK)(UNK)(UNK)(UNK)(UNK)
(UNK)(UNK)(UNK)(UNK)(UNK)(UNK)(UNK)(UNK)(UNK)(UNK)(UNK)(UNK)(UNK)(UNK)(UNK)(UNK)
;
v1,v2,v3,v4,v5,v6
13 'polypeptide(L)'
;(UNK)(UNK)(UNK)(UNK)(UNK)(UNK)(UNK)(UNK)(UNK)(UNK)(UNK)(UNK)(UNK)(UNK)(UNK)(UNK)
(UNK)(UNK)(UNK)(UNK)(UNK)(UNK)(UNK)(UNK)(UNK)(UNK)(UNK)
;
w1,w2,w3,w4,w5,w6
14 'polypeptide(L)'
;(UNK)(UNK)(UNK)(UNK)(UNK)(UNK)(UNK)(UNK)(UNK)(UNK)(UNK)(UNK)(UNK)(UNK)(UNK)(UNK)
(UNK)(UNK)(UNK)(UNK)(UNK)(UNK)(UNK)(UNK)(UNK)(UNK)(UNK)(UNK)(UNK)(UNK)(UNK)(UNK)
(UNK)(UNK)(UNK)(UNK)(UNK)(UNK)(UNK)(UNK)(UNK)(UNK)(UNK)(UNK)(UNK)(UNK)(UNK)(UNK)
(UNK)(UNK)(UNK)(UNK)(UNK)(UNK)(UNK)(UNK)(UNK)(UNK)(UNK)(UNK)(UNK)(UNK)(UNK)(UNK)
(UNK)(UNK)(UNK)(UNK)(UNK)(UNK)(UNK)(UNK)(UNK)(UNK)(UNK)(UNK)(UNK)(UNK)(UNK)(UNK)
(UNK)(UNK)(UNK)(UNK)(UNK)(UNK)(UNK)(UNK)(UNK)(UNK)(UNK)(UNK)(UNK)(UNK)(UNK)(UNK)
(UNK)(UNK)(UNK)(UNK)(UNK)(UNK)(UNK)(UNK)(UNK)(UNK)(UNK)(UNK)(UNK)(UNK)(UNK)(UNK)
(UNK)(UNK)(UNK)(UNK)(UNK)(UNK)(UNK)(UNK)(UNK)(UNK)(UNK)(UNK)(UNK)(UNK)(UNK)(UNK)
(UNK)(UNK)(UNK)(UNK)(UNK)(UNK)(UNK)(UNK)(UNK)(UNK)(UNK)(UNK)(UNK)(UNK)(UNK)(UNK)
(UNK)(UNK)
;
BA,BB,BC,BD,BE,BF
#
# COMPACT_ATOMS: atom_id res chain seq x y z
N UNK A 1 -104.77 17.20 5.13
CA UNK A 1 -105.46 18.48 5.12
C UNK A 1 -105.88 18.89 6.51
N UNK A 2 -105.71 18.01 7.48
CA UNK A 2 -106.10 18.28 8.86
C UNK A 2 -105.31 19.46 9.37
N UNK A 3 -104.08 19.55 8.91
CA UNK A 3 -103.20 20.63 9.31
C UNK A 3 -103.92 21.89 8.90
N UNK A 4 -104.60 21.84 7.76
CA UNK A 4 -105.28 23.00 7.25
C UNK A 4 -106.27 23.41 8.31
N UNK A 5 -106.89 22.44 8.95
CA UNK A 5 -107.86 22.76 9.97
C UNK A 5 -107.20 23.54 11.08
N UNK A 6 -106.01 23.11 11.50
CA UNK A 6 -105.36 23.78 12.60
C UNK A 6 -105.03 25.20 12.24
N UNK A 7 -104.54 25.40 11.03
CA UNK A 7 -104.14 26.74 10.64
C UNK A 7 -105.36 27.62 10.65
N UNK A 8 -106.48 27.05 10.21
CA UNK A 8 -107.73 27.79 10.22
C UNK A 8 -108.08 28.10 11.66
N UNK A 9 -107.57 27.28 12.57
CA UNK A 9 -107.85 27.48 13.99
C UNK A 9 -107.33 28.79 14.55
N UNK A 10 -106.12 29.16 14.18
CA UNK A 10 -105.56 30.40 14.71
C UNK A 10 -106.42 31.56 14.25
N UNK A 11 -106.86 31.48 13.00
CA UNK A 11 -107.68 32.52 12.41
C UNK A 11 -109.00 32.74 13.14
N UNK A 12 -109.58 31.65 13.63
CA UNK A 12 -110.86 31.78 14.30
C UNK A 12 -110.73 32.73 15.47
N UNK A 13 -109.65 32.64 16.21
CA UNK A 13 -109.46 33.51 17.35
C UNK A 13 -109.41 34.95 16.90
N UNK A 14 -108.76 35.18 15.76
CA UNK A 14 -108.60 36.52 15.24
C UNK A 14 -109.88 37.26 14.89
N UNK A 15 -110.85 36.56 14.30
CA UNK A 15 -112.07 37.24 13.92
C UNK A 15 -112.71 37.82 15.16
N UNK A 16 -112.67 37.05 16.23
CA UNK A 16 -113.25 37.49 17.48
C UNK A 16 -112.87 38.89 17.89
N UNK A 17 -111.68 39.35 17.53
CA UNK A 17 -111.27 40.66 17.97
C UNK A 17 -111.63 41.77 17.01
N UNK A 18 -111.37 41.55 15.73
CA UNK A 18 -111.52 42.63 14.79
C UNK A 18 -112.97 43.08 14.80
N UNK A 19 -113.87 42.12 14.81
CA UNK A 19 -115.27 42.44 14.67
C UNK A 19 -115.60 43.62 15.57
N UNK A 20 -122.42 43.90 24.42
CA UNK A 20 -122.30 42.83 25.40
C UNK A 20 -120.90 42.24 25.43
N UNK A 21 -119.90 43.10 25.59
CA UNK A 21 -118.52 42.67 25.63
C UNK A 21 -118.38 41.72 26.80
N UNK A 22 -119.05 42.03 27.90
CA UNK A 22 -119.00 41.15 29.05
C UNK A 22 -119.62 39.87 28.55
N UNK A 23 -120.75 40.04 27.86
CA UNK A 23 -121.42 38.92 27.25
C UNK A 23 -120.40 38.41 26.23
N UNK A 24 -119.78 39.37 25.56
CA UNK A 24 -118.74 39.11 24.58
C UNK A 24 -117.56 38.44 25.25
N UNK A 25 -117.25 38.91 26.45
CA UNK A 25 -116.12 38.35 27.17
C UNK A 25 -116.44 36.89 27.36
N UNK A 26 -117.67 36.61 27.75
CA UNK A 26 -118.10 35.25 27.93
C UNK A 26 -118.06 34.70 26.53
N UNK A 27 -118.59 35.47 25.60
CA UNK A 27 -118.57 35.03 24.21
C UNK A 27 -117.10 34.84 23.93
N UNK A 28 -116.31 35.80 24.40
CA UNK A 28 -114.87 35.71 24.27
C UNK A 28 -114.53 34.50 25.09
N UNK A 29 -115.16 34.38 26.25
CA UNK A 29 -114.96 33.25 27.11
C UNK A 29 -115.30 32.02 26.28
N UNK A 30 -116.29 32.17 25.41
CA UNK A 30 -116.65 31.08 24.56
C UNK A 30 -115.47 31.00 23.65
N UNK A 31 -115.41 32.04 22.87
CA UNK A 31 -114.61 32.04 21.67
C UNK A 31 -113.27 31.42 21.99
N UNK A 32 -112.67 31.88 23.07
CA UNK A 32 -111.31 31.44 23.36
C UNK A 32 -111.40 29.96 23.55
N UNK A 33 -112.42 29.53 24.26
CA UNK A 33 -112.50 28.14 24.61
C UNK A 33 -112.58 27.17 23.44
N UNK A 34 -113.44 27.44 22.47
CA UNK A 34 -113.71 26.46 21.42
C UNK A 34 -112.43 26.22 20.63
N UNK A 35 -111.65 27.27 20.51
CA UNK A 35 -110.41 27.20 19.77
C UNK A 35 -109.54 26.16 20.47
N UNK A 36 -109.61 26.12 21.80
CA UNK A 36 -108.85 25.14 22.57
C UNK A 36 -109.26 23.73 22.22
N UNK A 37 -110.56 23.51 22.11
CA UNK A 37 -111.04 22.20 21.78
C UNK A 37 -110.49 21.88 20.41
N UNK A 38 -110.54 22.86 19.52
CA UNK A 38 -110.08 22.65 18.15
C UNK A 38 -108.59 22.35 18.03
N UNK A 39 -107.78 23.13 18.73
CA UNK A 39 -106.35 22.99 18.62
C UNK A 39 -105.94 21.62 19.13
N UNK A 40 -106.73 21.04 19.98
CA UNK A 40 -106.40 19.68 20.30
C UNK A 40 -106.47 18.90 18.97
N UNK A 41 -107.16 19.49 17.98
CA UNK A 41 -107.35 18.85 16.68
C UNK A 41 -106.10 18.54 15.92
N UNK A 42 -105.21 19.50 15.83
CA UNK A 42 -103.97 19.24 15.14
C UNK A 42 -103.24 18.23 15.99
N UNK A 43 -103.38 18.40 17.29
CA UNK A 43 -102.74 17.51 18.22
C UNK A 43 -103.29 16.16 17.95
N UNK A 44 -104.57 16.14 17.66
CA UNK A 44 -105.23 14.90 17.40
C UNK A 44 -104.66 14.23 16.19
N UNK A 45 -104.60 15.00 15.10
CA UNK A 45 -104.06 14.47 13.87
C UNK A 45 -102.69 13.90 14.14
N UNK A 46 -102.09 14.30 15.26
CA UNK A 46 -100.76 13.81 15.58
C UNK A 46 -100.83 12.46 16.28
N UNK A 47 -101.22 11.44 15.53
CA UNK A 47 -101.31 10.09 16.09
C UNK A 47 -99.99 9.49 16.60
N UNK A 48 -98.90 9.46 15.83
CA UNK A 48 -98.76 9.81 14.41
C UNK A 48 -99.02 11.22 13.95
N UNK A 49 -97.98 11.99 13.69
CA UNK A 49 -98.16 13.36 13.25
C UNK A 49 -97.38 13.67 11.97
N UNK A 50 -97.91 14.60 11.18
CA UNK A 50 -97.29 15.03 9.93
C UNK A 50 -97.12 16.54 10.04
N UNK A 51 -96.16 16.95 10.89
CA UNK A 51 -95.79 18.37 11.20
C UNK A 51 -95.81 19.23 9.94
N UNK A 52 -95.91 20.58 10.03
CA UNK A 52 -96.06 21.25 8.73
C UNK A 52 -96.01 22.78 8.62
N UNK A 53 -95.73 23.24 7.41
CA UNK A 53 -95.58 24.64 7.11
C UNK A 53 -96.18 24.96 5.75
N UNK A 54 -97.37 25.55 5.75
CA UNK A 54 -98.03 25.93 4.52
C UNK A 54 -97.96 27.44 4.55
N UNK A 55 -97.35 28.03 3.52
CA UNK A 55 -97.23 29.47 3.49
C UNK A 55 -98.30 30.17 2.68
N UNK A 56 -98.03 31.42 2.35
CA UNK A 56 -98.95 32.25 1.58
C UNK A 56 -98.26 33.58 1.72
N UNK A 57 -98.47 34.57 0.85
CA UNK A 57 -97.69 35.72 1.16
C UNK A 57 -98.75 36.83 1.15
N UNK A 58 -98.94 37.69 0.14
CA UNK A 58 -98.15 37.78 -1.06
C UNK A 58 -97.05 38.55 -0.39
N UNK A 59 -96.05 37.75 -0.02
CA UNK A 59 -94.94 38.26 0.77
C UNK A 59 -94.25 39.50 0.20
N UNK A 60 -93.17 39.26 -0.55
CA UNK A 60 -92.32 40.24 -1.17
C UNK A 60 -90.92 39.64 -1.33
N UNK A 61 -90.14 40.13 -2.27
CA UNK A 61 -88.80 39.58 -2.44
C UNK A 61 -87.79 40.62 -2.92
N UNK A 62 -86.61 40.61 -2.33
CA UNK A 62 -85.59 41.57 -2.70
C UNK A 62 -84.61 40.77 -3.52
N UNK A 63 -83.88 41.42 -4.42
CA UNK A 63 -82.92 40.65 -5.22
C UNK A 63 -81.97 40.02 -4.21
N UNK A 64 -81.78 38.72 -4.33
CA UNK A 64 -80.92 38.00 -3.40
C UNK A 64 -81.80 37.13 -2.52
N UNK A 65 -83.05 37.52 -2.36
CA UNK A 65 -83.94 36.70 -1.55
C UNK A 65 -85.40 36.93 -1.81
N UNK A 66 -86.18 35.93 -1.45
CA UNK A 66 -87.62 35.95 -1.54
C UNK A 66 -88.00 35.63 -0.10
N UNK A 67 -88.85 36.45 0.50
CA UNK A 67 -89.31 36.23 1.88
C UNK A 67 -90.83 36.28 1.98
N UNK A 68 -91.47 35.21 2.43
CA UNK A 68 -92.92 35.19 2.54
C UNK A 68 -93.48 34.52 3.80
N UNK A 69 -94.38 35.22 4.50
CA UNK A 69 -95.03 34.68 5.69
C UNK A 69 -96.54 34.91 5.54
N UNK A 70 -97.36 33.86 5.62
CA UNK A 70 -96.98 32.45 5.84
C UNK A 70 -96.79 32.01 7.29
N UNK A 71 -97.42 30.89 7.62
CA UNK A 71 -97.37 30.29 8.95
C UNK A 71 -97.17 28.78 8.85
N UNK A 72 -96.67 28.17 9.92
CA UNK A 72 -96.44 26.73 9.95
C UNK A 72 -96.54 26.20 11.37
N UNK A 73 -96.74 24.89 11.52
CA UNK A 73 -96.86 24.31 12.86
C UNK A 73 -96.02 23.07 13.01
N UNK A 74 -95.28 22.96 14.12
CA UNK A 74 -94.47 21.75 14.31
C UNK A 74 -94.94 20.90 15.48
N UNK A 75 -95.23 19.64 15.18
CA UNK A 75 -95.72 18.69 16.17
C UNK A 75 -94.76 18.38 17.31
N UNK A 76 -93.49 18.22 16.98
CA UNK A 76 -92.51 17.88 18.01
C UNK A 76 -92.39 18.96 19.07
N UNK A 77 -92.38 20.20 18.64
CA UNK A 77 -92.27 21.32 19.56
C UNK A 77 -93.39 22.33 19.39
N UNK A 78 -93.60 22.74 18.16
CA UNK A 78 -94.62 23.73 17.87
C UNK A 78 -96.05 23.33 18.16
N UNK A 79 -96.39 22.10 17.81
CA UNK A 79 -97.76 21.62 17.99
C UNK A 79 -98.27 21.59 19.43
N UNK A 80 -97.43 21.18 20.35
CA UNK A 80 -97.83 21.10 21.75
C UNK A 80 -97.99 22.41 22.50
N UNK A 81 -97.06 23.34 22.36
CA UNK A 81 -97.17 24.59 23.11
C UNK A 81 -98.54 25.22 22.95
N UNK A 82 -99.09 25.18 21.75
CA UNK A 82 -100.32 25.89 21.50
C UNK A 82 -101.43 25.35 22.36
N UNK A 83 -101.53 24.04 22.42
CA UNK A 83 -102.64 23.44 23.14
C UNK A 83 -102.56 23.79 24.61
N UNK A 84 -101.39 23.67 25.19
CA UNK A 84 -101.26 23.88 26.61
C UNK A 84 -101.63 25.31 26.84
N UNK A 85 -101.15 26.14 25.95
CA UNK A 85 -101.27 27.56 26.14
C UNK A 85 -102.72 27.93 26.22
N UNK A 86 -103.50 27.49 25.24
CA UNK A 86 -104.85 27.96 25.11
C UNK A 86 -105.55 27.55 26.37
N UNK A 87 -105.30 26.37 26.89
CA UNK A 87 -106.12 26.01 28.03
C UNK A 87 -105.90 27.05 29.13
N UNK A 88 -104.66 27.42 29.34
CA UNK A 88 -104.33 28.32 30.44
C UNK A 88 -105.10 29.58 30.18
N UNK A 89 -105.13 29.97 28.92
CA UNK A 89 -105.85 31.15 28.55
C UNK A 89 -107.29 30.90 28.93
N UNK A 90 -107.74 29.68 28.72
CA UNK A 90 -109.15 29.43 28.87
C UNK A 90 -109.54 29.73 30.29
N UNK A 91 -108.74 29.25 31.24
CA UNK A 91 -109.05 29.51 32.63
C UNK A 91 -108.91 30.97 33.03
N UNK A 92 -107.82 31.60 32.63
CA UNK A 92 -107.50 32.88 33.21
C UNK A 92 -108.62 33.87 32.98
N UNK A 93 -109.22 33.83 31.80
CA UNK A 93 -110.19 34.84 31.46
C UNK A 93 -111.32 34.78 32.48
N UNK A 94 -111.71 33.57 32.86
CA UNK A 94 -112.82 33.43 33.76
C UNK A 94 -112.50 34.09 35.09
N UNK A 95 -111.29 33.86 35.60
CA UNK A 95 -110.91 34.40 36.89
C UNK A 95 -110.91 35.90 36.79
N UNK A 96 -110.60 36.33 35.59
CA UNK A 96 -110.49 37.71 35.28
C UNK A 96 -111.78 38.45 35.48
N UNK A 97 -112.90 37.87 35.05
CA UNK A 97 -114.10 38.67 34.98
C UNK A 97 -114.42 39.07 36.41
N UNK A 98 -114.46 38.13 37.34
CA UNK A 98 -114.84 38.58 38.64
C UNK A 98 -113.87 39.60 39.21
N UNK A 99 -112.58 39.34 39.14
CA UNK A 99 -111.59 40.25 39.75
C UNK A 99 -111.58 41.64 39.17
N UNK A 100 -111.84 41.66 37.90
CA UNK A 100 -111.85 42.80 37.02
C UNK A 100 -113.25 43.33 36.93
N UNK A 101 -114.22 42.56 37.42
CA UNK A 101 -115.62 42.99 37.39
C UNK A 101 -115.62 44.30 38.13
N UNK A 102 -116.39 45.24 37.62
CA UNK A 102 -116.43 46.59 38.13
C UNK A 102 -115.31 47.35 37.45
N UNK A 103 -114.52 46.69 36.60
CA UNK A 103 -113.49 47.50 35.93
C UNK A 103 -114.19 48.47 35.00
N UNK A 104 -114.05 49.77 35.26
CA UNK A 104 -114.79 50.74 34.49
C UNK A 104 -114.50 50.57 33.03
N UNK A 105 -113.27 50.31 32.68
CA UNK A 105 -112.94 50.11 31.30
C UNK A 105 -112.89 48.62 31.05
N UNK A 106 -113.50 47.84 31.93
CA UNK A 106 -113.36 46.41 31.82
C UNK A 106 -113.73 45.83 30.50
N UNK A 107 -114.84 46.24 29.92
CA UNK A 107 -115.22 45.70 28.64
C UNK A 107 -114.05 45.95 27.70
N UNK A 108 -113.55 47.17 27.72
CA UNK A 108 -112.46 47.52 26.86
C UNK A 108 -111.30 46.66 27.22
N UNK A 109 -111.13 46.46 28.49
CA UNK A 109 -109.93 45.72 28.82
C UNK A 109 -109.75 44.49 27.98
N UNK A 110 -110.79 43.69 27.85
CA UNK A 110 -110.53 42.34 27.46
C UNK A 110 -109.82 42.41 26.13
N UNK A 111 -110.16 43.38 25.30
CA UNK A 111 -109.66 43.36 23.94
C UNK A 111 -108.14 43.37 23.96
N UNK A 112 -107.55 44.18 24.82
CA UNK A 112 -106.10 44.25 24.82
C UNK A 112 -105.55 42.87 25.16
N UNK A 113 -106.16 42.21 26.12
CA UNK A 113 -105.68 40.89 26.55
C UNK A 113 -105.77 39.86 25.46
N UNK A 114 -106.88 39.86 24.75
CA UNK A 114 -107.06 38.89 23.70
C UNK A 114 -106.00 39.13 22.66
N UNK A 115 -105.75 40.40 22.36
CA UNK A 115 -104.77 40.70 21.35
C UNK A 115 -103.41 40.18 21.79
N UNK A 116 -103.08 40.41 23.06
CA UNK A 116 -101.75 40.03 23.52
C UNK A 116 -101.64 38.56 23.35
N UNK A 117 -102.70 37.80 23.54
CA UNK A 117 -102.54 36.37 23.31
C UNK A 117 -102.12 36.14 21.86
N UNK A 118 -102.69 36.90 20.94
CA UNK A 118 -102.47 36.68 19.53
C UNK A 118 -101.01 36.83 19.21
N UNK A 119 -100.39 37.82 19.82
CA UNK A 119 -99.00 38.05 19.54
C UNK A 119 -98.18 36.82 19.85
N UNK A 120 -98.33 36.34 21.07
CA UNK A 120 -97.50 35.24 21.51
C UNK A 120 -97.76 34.10 20.56
N UNK A 121 -99.02 33.87 20.23
CA UNK A 121 -99.31 32.70 19.41
C UNK A 121 -98.51 32.92 18.16
N UNK A 122 -98.50 34.16 17.69
CA UNK A 122 -97.70 34.51 16.55
C UNK A 122 -96.28 34.24 16.97
N UNK A 123 -95.98 34.56 18.21
CA UNK A 123 -94.62 34.44 18.68
C UNK A 123 -94.17 33.01 18.56
N UNK A 124 -95.01 32.08 18.99
CA UNK A 124 -94.69 30.66 18.93
C UNK A 124 -94.56 30.15 17.52
N UNK A 125 -95.47 30.59 16.66
CA UNK A 125 -95.68 29.96 15.38
C UNK A 125 -94.53 29.99 14.38
N UNK A 126 -93.80 31.11 14.32
CA UNK A 126 -93.22 31.59 13.07
C UNK A 126 -92.20 30.73 12.31
N UNK A 127 -92.48 30.57 11.01
CA UNK A 127 -91.61 29.91 10.05
C UNK A 127 -90.32 30.64 9.72
N UNK A 128 -90.43 31.94 9.52
CA UNK A 128 -89.30 32.74 9.02
C UNK A 128 -89.01 33.84 10.02
N UNK A 129 -87.73 34.18 10.16
CA UNK A 129 -87.27 34.84 11.34
C UNK A 129 -88.04 36.11 11.51
N UNK A 130 -88.26 36.80 10.39
CA UNK A 130 -88.84 38.12 10.42
C UNK A 130 -90.17 37.97 11.07
N UNK A 131 -90.85 36.88 10.75
CA UNK A 131 -92.12 36.62 11.35
C UNK A 131 -91.85 36.51 12.83
N UNK A 132 -90.73 35.91 13.16
CA UNK A 132 -90.39 35.76 14.55
C UNK A 132 -90.24 37.14 15.13
N UNK A 133 -89.59 38.02 14.40
CA UNK A 133 -89.24 39.29 14.98
C UNK A 133 -90.53 39.97 15.34
N UNK A 134 -91.49 39.87 14.42
CA UNK A 134 -92.81 40.42 14.63
C UNK A 134 -93.25 39.91 15.97
N UNK A 135 -92.95 38.65 16.23
CA UNK A 135 -93.31 38.06 17.51
C UNK A 135 -92.62 38.57 18.79
N UNK A 136 -91.29 38.69 18.78
CA UNK A 136 -90.61 39.11 20.01
C UNK A 136 -90.97 40.52 20.44
N UNK A 137 -90.97 41.45 19.50
CA UNK A 137 -91.32 42.81 19.81
C UNK A 137 -92.78 42.92 20.20
N UNK A 138 -93.60 42.17 19.49
CA UNK A 138 -95.03 42.20 19.70
C UNK A 138 -95.53 41.80 21.06
N UNK A 139 -94.99 40.72 21.60
CA UNK A 139 -95.48 40.28 22.90
C UNK A 139 -95.23 41.34 23.96
N UNK A 140 -94.05 41.91 23.94
CA UNK A 140 -93.69 42.91 24.92
C UNK A 140 -94.47 44.23 24.89
N UNK A 141 -94.74 44.74 23.70
CA UNK A 141 -95.40 46.03 23.60
C UNK A 141 -96.71 45.99 24.34
N UNK A 142 -97.45 44.90 24.16
CA UNK A 142 -98.71 44.78 24.85
C UNK A 142 -98.42 44.89 26.33
N UNK A 143 -97.26 44.38 26.72
CA UNK A 143 -96.89 44.39 28.12
C UNK A 143 -96.79 45.82 28.61
N UNK A 144 -96.18 46.66 27.81
CA UNK A 144 -95.94 48.03 28.19
C UNK A 144 -97.27 48.66 28.38
N UNK A 145 -98.20 48.37 27.48
CA UNK A 145 -99.53 48.93 27.66
C UNK A 145 -100.26 48.45 28.93
N UNK A 146 -100.43 47.15 28.98
CA UNK A 146 -101.11 46.45 30.04
C UNK A 146 -100.30 46.67 31.28
N UNK A 147 -98.98 46.72 31.10
CA UNK A 147 -98.04 46.56 32.17
C UNK A 147 -98.38 47.61 33.19
N UNK A 148 -98.79 48.76 32.70
CA UNK A 148 -99.35 49.74 33.59
C UNK A 148 -100.86 49.57 33.54
N UNK A 149 -101.54 50.59 33.01
CA UNK A 149 -102.97 50.75 33.07
C UNK A 149 -102.99 51.62 34.33
N UNK A 150 -104.13 52.10 34.81
CA UNK A 150 -104.11 52.92 36.03
C UNK A 150 -103.19 54.12 35.84
N UNK A 151 -103.60 55.15 35.11
CA UNK A 151 -102.64 56.21 34.83
C UNK A 151 -101.94 56.72 36.08
N UNK A 152 -102.65 56.74 37.20
CA UNK A 152 -102.05 57.19 38.45
C UNK A 152 -101.05 56.21 39.00
N UNK A 153 -100.13 56.71 39.81
CA UNK A 153 -99.13 55.90 40.46
C UNK A 153 -99.71 55.20 41.69
N UNK A 154 -98.98 54.19 42.15
CA UNK A 154 -97.74 53.91 41.44
C UNK A 154 -98.20 53.71 40.05
N UNK A 155 -97.62 54.47 39.14
CA UNK A 155 -98.01 54.37 37.76
C UNK A 155 -97.89 52.93 37.33
N UNK A 156 -96.79 52.29 37.75
CA UNK A 156 -96.47 50.91 37.38
C UNK A 156 -96.32 51.04 35.88
N UNK A 157 -96.03 52.28 35.49
CA UNK A 157 -95.91 52.70 34.12
C UNK A 157 -94.43 53.01 33.96
N UNK A 158 -93.91 53.75 34.94
CA UNK A 158 -92.48 54.07 34.89
C UNK A 158 -91.81 52.72 34.93
N UNK A 159 -92.33 51.86 35.79
CA UNK A 159 -91.81 50.51 35.88
C UNK A 159 -92.09 49.91 34.51
N UNK A 160 -93.26 50.23 33.98
CA UNK A 160 -93.62 49.74 32.69
C UNK A 160 -92.57 50.23 31.72
N UNK A 161 -92.28 51.52 31.78
CA UNK A 161 -91.30 52.06 30.86
C UNK A 161 -90.03 51.27 31.09
N UNK A 162 -89.84 50.95 32.36
CA UNK A 162 -88.70 50.18 32.75
C UNK A 162 -88.78 48.86 32.02
N UNK A 163 -89.96 48.26 31.98
CA UNK A 163 -90.05 46.96 31.35
C UNK A 163 -89.72 47.11 29.90
N UNK A 164 -90.27 48.14 29.29
CA UNK A 164 -90.01 48.36 27.90
C UNK A 164 -88.52 48.60 27.79
N UNK A 165 -87.97 49.31 28.76
CA UNK A 165 -86.57 49.68 28.68
C UNK A 165 -85.65 48.47 28.65
N UNK A 166 -85.91 47.48 29.50
CA UNK A 166 -85.10 46.28 29.44
C UNK A 166 -85.36 45.53 28.17
N UNK A 167 -86.62 45.36 27.82
CA UNK A 167 -86.95 44.44 26.76
C UNK A 167 -86.27 44.87 25.50
N UNK A 168 -86.28 46.17 25.21
CA UNK A 168 -85.65 46.64 23.99
C UNK A 168 -84.16 46.38 23.98
N UNK A 169 -83.51 46.52 25.13
CA UNK A 169 -82.07 46.37 25.19
C UNK A 169 -81.67 44.96 24.84
N UNK A 170 -82.37 43.99 25.42
CA UNK A 170 -82.13 42.58 25.13
C UNK A 170 -82.46 42.37 23.67
N UNK A 171 -83.36 43.22 23.23
CA UNK A 171 -83.86 43.21 21.88
C UNK A 171 -82.72 43.43 20.91
N UNK A 172 -81.81 44.31 21.27
CA UNK A 172 -80.83 44.78 20.31
C UNK A 172 -80.07 43.59 19.80
N UNK A 173 -79.64 42.72 20.67
CA UNK A 173 -78.90 41.62 20.09
C UNK A 173 -79.78 41.11 18.98
N UNK A 174 -80.96 40.73 19.41
CA UNK A 174 -81.79 39.93 18.54
C UNK A 174 -81.60 40.51 17.18
N UNK A 175 -81.58 41.83 17.08
CA UNK A 175 -81.35 42.47 15.80
C UNK A 175 -80.11 41.85 15.18
N UNK A 176 -79.08 41.63 16.00
CA UNK A 176 -77.86 41.04 15.50
C UNK A 176 -78.26 39.70 14.98
N UNK A 177 -79.09 39.04 15.77
CA UNK A 177 -79.59 37.75 15.38
C UNK A 177 -80.38 38.01 14.12
N UNK A 178 -81.08 39.13 14.10
CA UNK A 178 -81.91 39.47 12.96
C UNK A 178 -81.04 39.55 11.73
N UNK A 179 -79.87 40.14 11.87
CA UNK A 179 -78.95 40.24 10.75
C UNK A 179 -78.06 39.01 10.68
N UNK A 180 -78.24 38.13 11.66
CA UNK A 180 -77.42 36.95 11.75
C UNK A 180 -77.53 36.10 10.51
N UNK A 181 -78.75 35.90 10.04
CA UNK A 181 -78.95 35.09 8.87
C UNK A 181 -78.31 35.71 7.64
N UNK A 182 -78.46 37.02 7.48
CA UNK A 182 -77.91 37.67 6.32
C UNK A 182 -76.42 37.47 6.34
N UNK A 183 -75.84 37.58 7.54
CA UNK A 183 -74.42 37.38 7.70
C UNK A 183 -74.16 35.94 7.28
N UNK A 184 -73.31 35.73 6.28
CA UNK A 184 -73.03 34.37 5.84
C UNK A 184 -74.29 33.90 5.10
N UNK A 185 -74.92 32.84 5.59
CA UNK A 185 -76.15 32.29 5.02
C UNK A 185 -77.05 33.30 4.32
N UNK A 186 -77.62 34.30 5.03
CA UNK A 186 -78.47 35.23 4.32
C UNK A 186 -79.53 34.46 3.57
N UNK A 187 -80.17 33.49 4.23
CA UNK A 187 -81.22 32.75 3.58
C UNK A 187 -82.52 33.22 4.22
N UNK A 188 -82.46 33.45 5.53
CA UNK A 188 -83.60 33.93 6.28
C UNK A 188 -84.62 32.81 6.42
N UNK A 189 -84.20 31.60 6.11
CA UNK A 189 -85.09 30.46 6.19
C UNK A 189 -84.69 29.52 7.29
N UNK A 190 -85.59 29.29 8.24
CA UNK A 190 -85.30 28.40 9.34
C UNK A 190 -85.06 27.02 8.77
N UNK A 191 -85.92 26.61 7.84
CA UNK A 191 -85.73 25.31 7.24
C UNK A 191 -84.42 25.36 6.48
N UNK A 192 -84.24 26.44 5.73
CA UNK A 192 -83.03 26.64 4.96
C UNK A 192 -81.83 26.81 5.87
N UNK A 193 -82.04 27.57 6.93
CA UNK A 193 -80.97 27.85 7.87
C UNK A 193 -80.49 26.58 8.48
N UNK A 194 -81.32 25.57 8.53
CA UNK A 194 -80.89 24.34 9.19
C UNK A 194 -79.45 23.85 8.92
N UNK A 195 -78.94 23.87 7.70
CA UNK A 195 -77.57 23.40 7.50
C UNK A 195 -76.66 24.38 6.76
N UNK A 196 -75.52 24.78 7.34
CA UNK A 196 -75.06 24.45 8.68
C UNK A 196 -74.38 25.73 9.18
N UNK A 197 -74.32 25.98 10.50
CA UNK A 197 -73.73 27.23 10.93
C UNK A 197 -72.20 27.27 10.94
N UNK A 198 -71.58 26.21 11.47
CA UNK A 198 -70.14 26.23 11.68
C UNK A 198 -69.69 27.42 12.54
N UNK A 199 -70.56 27.73 13.48
CA UNK A 199 -70.44 28.83 14.41
C UNK A 199 -69.28 28.73 15.42
N UNK A 200 -68.62 29.84 15.74
CA UNK A 200 -68.92 31.17 15.20
C UNK A 200 -70.37 31.43 15.52
N UNK A 201 -70.76 30.97 16.70
CA UNK A 201 -72.15 31.07 17.10
C UNK A 201 -72.62 32.48 17.05
N UNK A 202 -71.69 33.38 17.40
CA UNK A 202 -71.84 34.84 17.45
C UNK A 202 -73.27 35.26 17.30
N UNK A 203 -73.70 35.45 16.05
CA UNK A 203 -75.10 35.81 15.90
C UNK A 203 -75.87 34.83 16.77
N UNK A 204 -75.45 33.56 16.74
CA UNK A 204 -76.08 32.51 17.56
C UNK A 204 -75.85 32.85 19.03
N UNK A 205 -74.63 33.29 19.34
CA UNK A 205 -74.27 33.70 20.69
C UNK A 205 -75.18 34.90 20.89
N UNK A 206 -75.28 35.68 19.80
CA UNK A 206 -76.16 36.83 19.74
C UNK A 206 -77.60 36.53 20.13
N UNK A 207 -78.12 35.40 19.66
CA UNK A 207 -79.50 35.10 19.93
C UNK A 207 -79.67 35.05 21.43
N UNK A 208 -78.63 34.51 22.02
CA UNK A 208 -78.51 34.28 23.43
C UNK A 208 -78.68 35.53 24.26
N UNK A 209 -78.25 36.70 23.79
CA UNK A 209 -78.43 37.88 24.66
C UNK A 209 -79.90 38.21 24.94
N UNK A 210 -80.72 38.31 23.91
CA UNK A 210 -82.15 38.62 24.08
C UNK A 210 -82.90 37.50 24.76
N UNK A 211 -82.58 36.29 24.33
CA UNK A 211 -83.20 35.08 24.84
C UNK A 211 -82.88 34.97 26.31
N UNK A 212 -81.65 35.31 26.67
CA UNK A 212 -81.25 35.28 28.06
C UNK A 212 -82.11 36.28 28.81
N UNK A 213 -82.32 37.43 28.20
CA UNK A 213 -83.14 38.49 28.80
C UNK A 213 -84.58 38.04 29.01
N UNK A 214 -85.13 37.33 28.02
CA UNK A 214 -86.49 36.83 28.10
C UNK A 214 -86.58 35.81 29.23
N UNK A 215 -85.55 34.99 29.33
CA UNK A 215 -85.46 33.95 30.34
C UNK A 215 -85.40 34.57 31.73
N UNK A 216 -84.72 35.71 31.78
CA UNK A 216 -84.52 36.47 33.02
C UNK A 216 -83.31 35.90 33.74
N UNK A 217 -82.62 34.98 33.07
CA UNK A 217 -81.42 34.36 33.63
C UNK A 217 -80.35 35.42 33.66
N UNK A 218 -79.49 35.39 34.67
CA UNK A 218 -78.42 36.38 34.77
C UNK A 218 -79.00 37.80 34.83
N UNK A 219 -78.49 38.66 33.95
CA UNK A 219 -78.90 40.06 33.91
C UNK A 219 -80.30 40.30 33.31
N UNK A 220 -81.33 39.83 34.04
CA UNK A 220 -82.77 39.99 33.70
C UNK A 220 -83.78 40.44 34.85
N UNK A 221 -83.25 40.90 35.97
CA UNK A 221 -84.09 41.26 37.12
C UNK A 221 -85.13 42.37 36.93
N UNK A 222 -84.76 43.41 36.19
CA UNK A 222 -85.69 44.49 35.97
C UNK A 222 -86.88 43.96 35.19
N UNK A 223 -86.61 43.12 34.18
CA UNK A 223 -87.67 42.56 33.35
C UNK A 223 -88.57 41.76 34.24
N UNK A 224 -87.98 41.06 35.18
CA UNK A 224 -88.80 40.31 36.12
C UNK A 224 -89.75 41.10 37.06
N UNK A 225 -89.32 42.24 37.62
CA UNK A 225 -90.22 42.96 38.57
C UNK A 225 -91.59 43.67 38.21
N UNK A 226 -91.62 44.44 37.12
CA UNK A 226 -92.68 45.24 36.58
C UNK A 226 -93.84 44.31 36.29
N UNK A 227 -93.51 43.06 36.00
CA UNK A 227 -94.53 42.06 35.74
C UNK A 227 -95.35 41.90 37.01
N UNK A 228 -94.67 41.92 38.14
CA UNK A 228 -95.35 41.73 39.42
C UNK A 228 -96.33 42.85 39.59
N UNK A 229 -95.93 44.03 39.18
CA UNK A 229 -96.80 45.19 39.32
C UNK A 229 -98.18 45.36 38.63
N UNK A 230 -98.41 44.94 37.36
CA UNK A 230 -99.84 45.27 36.75
C UNK A 230 -101.30 44.67 37.20
N UNK A 231 -102.54 45.28 37.03
CA UNK A 231 -103.62 44.46 37.54
C UNK A 231 -103.25 42.98 37.50
N UNK A 232 -103.65 42.25 38.53
CA UNK A 232 -103.02 40.99 38.91
C UNK A 232 -103.06 39.87 37.89
N UNK A 233 -104.22 39.68 37.28
CA UNK A 233 -104.38 38.58 36.36
C UNK A 233 -103.34 38.80 35.28
N UNK A 234 -103.18 40.05 34.89
CA UNK A 234 -102.23 40.37 33.85
C UNK A 234 -100.89 39.90 34.34
N UNK A 235 -100.69 40.04 35.63
CA UNK A 235 -99.49 39.56 36.25
C UNK A 235 -99.46 38.08 35.99
N UNK A 236 -100.61 37.45 36.04
CA UNK A 236 -100.65 36.02 35.89
C UNK A 236 -100.12 35.64 34.52
N UNK A 237 -100.58 36.33 33.50
CA UNK A 237 -100.15 36.00 32.16
C UNK A 237 -98.65 36.21 32.05
N UNK A 238 -98.23 37.43 32.37
CA UNK A 238 -96.86 37.82 32.11
C UNK A 238 -95.96 36.98 32.95
N UNK A 239 -96.34 36.82 34.20
CA UNK A 239 -95.56 36.04 35.12
C UNK A 239 -95.48 34.57 34.76
N UNK A 240 -96.61 33.99 34.40
CA UNK A 240 -96.66 32.55 34.23
C UNK A 240 -96.63 32.18 32.77
N UNK A 241 -97.21 33.11 32.02
CA UNK A 241 -97.38 32.96 30.60
C UNK A 241 -96.50 33.90 29.84
N UNK A 242 -96.50 35.19 30.18
CA UNK A 242 -95.62 36.10 29.47
C UNK A 242 -94.15 35.82 29.80
N UNK A 243 -93.87 35.68 31.09
CA UNK A 243 -92.50 35.42 31.55
C UNK A 243 -91.98 34.07 31.08
N UNK A 244 -92.75 33.01 31.31
CA UNK A 244 -92.30 31.68 30.88
C UNK A 244 -92.33 31.39 29.37
N UNK A 245 -93.43 31.76 28.74
CA UNK A 245 -93.63 31.54 27.31
C UNK A 245 -92.63 32.27 26.42
N UNK A 246 -92.25 33.51 26.67
CA UNK A 246 -91.32 34.03 25.66
C UNK A 246 -89.84 33.54 25.47
N UNK A 247 -89.06 33.53 26.55
CA UNK A 247 -87.64 33.18 26.40
C UNK A 247 -87.11 31.78 26.06
N UNK A 248 -87.57 30.76 26.76
CA UNK A 248 -87.08 29.42 26.49
C UNK A 248 -87.50 29.02 25.09
N UNK A 249 -88.75 29.35 24.80
CA UNK A 249 -89.32 29.00 23.51
C UNK A 249 -88.55 29.71 22.42
N UNK A 250 -88.23 30.99 22.63
CA UNK A 250 -87.50 31.67 21.57
C UNK A 250 -86.15 30.99 21.38
N UNK A 251 -85.47 30.74 22.48
CA UNK A 251 -84.17 30.09 22.47
C UNK A 251 -84.14 28.62 22.09
N UNK A 252 -85.11 27.89 22.60
CA UNK A 252 -85.18 26.46 22.41
C UNK A 252 -85.32 26.18 20.94
N UNK A 253 -85.97 27.08 20.23
CA UNK A 253 -86.35 26.83 18.86
C UNK A 253 -85.13 26.53 18.04
N UNK A 254 -84.05 27.26 18.30
CA UNK A 254 -82.82 27.02 17.56
C UNK A 254 -82.30 25.60 17.79
N UNK A 255 -82.47 25.13 19.02
CA UNK A 255 -82.12 23.76 19.40
C UNK A 255 -81.14 23.02 18.50
N UNK A 256 -81.47 22.96 17.21
CA UNK A 256 -80.62 22.25 16.28
C UNK A 256 -79.23 22.85 16.18
N UNK A 257 -79.17 24.17 16.19
CA UNK A 257 -77.91 24.86 16.04
C UNK A 257 -77.10 24.64 17.29
N UNK A 258 -77.79 24.64 18.42
CA UNK A 258 -77.16 24.72 19.71
C UNK A 258 -76.23 23.56 19.96
N UNK A 259 -76.64 22.37 19.53
CA UNK A 259 -75.96 21.19 20.00
C UNK A 259 -74.50 21.28 19.60
N UNK A 260 -74.24 21.71 18.37
CA UNK A 260 -72.87 21.92 17.96
C UNK A 260 -72.38 23.20 18.62
N UNK A 261 -71.08 23.44 18.58
CA UNK A 261 -70.50 24.64 19.17
C UNK A 261 -70.82 24.78 20.65
N UNK A 262 -70.58 23.71 21.38
CA UNK A 262 -71.06 23.56 22.72
C UNK A 262 -70.57 24.69 23.63
N UNK A 263 -69.37 25.19 23.35
CA UNK A 263 -68.69 26.01 24.32
C UNK A 263 -69.57 27.18 24.60
N UNK A 264 -70.18 27.71 23.56
CA UNK A 264 -71.07 28.83 23.71
C UNK A 264 -72.18 28.42 24.65
N UNK A 265 -72.63 27.19 24.52
CA UNK A 265 -73.73 26.70 25.31
C UNK A 265 -73.30 26.72 26.75
N UNK A 266 -72.03 26.47 27.04
CA UNK A 266 -71.62 26.51 28.44
C UNK A 266 -71.88 27.90 28.99
N UNK A 267 -71.58 28.90 28.17
CA UNK A 267 -71.63 30.27 28.63
C UNK A 267 -73.04 30.50 29.06
N UNK A 268 -73.97 30.02 28.26
CA UNK A 268 -75.35 30.18 28.60
C UNK A 268 -75.57 29.50 29.91
N UNK A 269 -74.91 28.36 30.06
CA UNK A 269 -75.23 27.47 31.14
C UNK A 269 -75.03 28.22 32.42
N UNK A 270 -73.95 28.95 32.54
CA UNK A 270 -73.67 29.64 33.79
C UNK A 270 -74.80 30.63 34.03
N UNK A 271 -75.15 31.29 32.92
CA UNK A 271 -76.18 32.32 32.91
C UNK A 271 -77.35 31.86 33.74
N UNK A 272 -77.76 30.63 33.49
CA UNK A 272 -78.87 30.04 34.21
C UNK A 272 -78.50 29.98 35.67
N UNK A 273 -77.24 29.68 35.98
CA UNK A 273 -76.86 29.57 37.39
C UNK A 273 -77.03 30.83 38.25
N UNK A 274 -76.63 31.99 37.72
CA UNK A 274 -76.73 33.22 38.49
C UNK A 274 -78.18 33.61 38.81
N UNK A 275 -79.05 33.48 37.82
CA UNK A 275 -80.44 33.81 38.02
C UNK A 275 -81.03 32.90 39.08
N UNK A 276 -80.76 31.62 38.95
CA UNK A 276 -81.28 30.63 39.88
C UNK A 276 -80.83 30.97 41.28
N UNK A 277 -79.57 31.38 41.41
CA UNK A 277 -79.03 31.75 42.71
C UNK A 277 -79.74 32.97 43.30
N UNK A 278 -80.00 33.98 42.46
CA UNK A 278 -80.65 35.21 42.90
C UNK A 278 -82.09 35.11 43.41
N UNK A 279 -82.90 34.30 42.74
CA UNK A 279 -84.31 34.14 43.05
C UNK A 279 -84.36 33.67 44.47
N UNK A 280 -83.38 32.87 44.86
CA UNK A 280 -83.35 32.40 46.22
C UNK A 280 -83.26 33.62 47.10
N UNK A 281 -82.45 34.58 46.69
CA UNK A 281 -82.19 35.69 47.56
C UNK A 281 -83.49 36.41 47.83
N UNK A 282 -84.34 36.51 46.83
CA UNK A 282 -85.63 37.17 47.00
C UNK A 282 -86.64 36.32 47.76
N UNK A 283 -86.35 35.04 47.98
CA UNK A 283 -87.33 34.18 48.63
C UNK A 283 -87.69 34.63 50.04
N UNK A 284 -86.69 34.94 50.84
CA UNK A 284 -86.94 35.38 52.21
C UNK A 284 -87.59 36.75 52.35
N UNK A 285 -87.21 37.65 51.47
CA UNK A 285 -87.60 39.06 51.50
C UNK A 285 -89.07 39.50 51.41
N UNK A 286 -89.89 38.85 50.58
CA UNK A 286 -91.27 39.32 50.47
C UNK A 286 -91.96 39.30 51.83
N UNK A 287 -92.64 40.40 52.15
CA UNK A 287 -93.36 40.53 53.41
C UNK A 287 -94.85 40.72 53.16
N UNK A 288 -95.20 40.86 51.89
CA UNK A 288 -96.58 41.00 51.43
C UNK A 288 -96.71 39.79 50.55
N UNK A 289 -97.80 39.63 49.79
CA UNK A 289 -97.86 38.45 48.96
C UNK A 289 -97.51 38.59 47.49
N UNK A 290 -98.00 39.61 46.84
CA UNK A 290 -98.04 39.56 45.38
C UNK A 290 -96.65 39.44 44.84
N UNK A 291 -95.75 40.25 45.34
CA UNK A 291 -94.39 40.17 44.89
C UNK A 291 -93.91 38.80 45.28
N UNK A 292 -94.25 38.44 46.52
CA UNK A 292 -93.84 37.18 47.12
C UNK A 292 -93.88 36.07 46.13
N UNK A 293 -95.02 35.91 45.46
CA UNK A 293 -95.08 34.86 44.44
C UNK A 293 -94.14 35.09 43.25
N UNK A 294 -94.11 36.32 42.77
CA UNK A 294 -93.48 36.60 41.50
C UNK A 294 -92.02 36.29 41.59
N UNK A 295 -91.44 36.59 42.73
CA UNK A 295 -90.05 36.33 42.92
C UNK A 295 -89.90 34.84 42.80
N UNK A 296 -90.87 34.10 43.30
CA UNK A 296 -90.78 32.66 43.28
C UNK A 296 -90.74 32.17 41.86
N UNK A 297 -91.62 32.73 41.04
CA UNK A 297 -91.70 32.28 39.68
C UNK A 297 -90.35 32.50 39.04
N UNK A 298 -89.72 33.63 39.29
CA UNK A 298 -88.57 33.95 38.49
C UNK A 298 -87.58 32.85 38.71
N UNK A 299 -87.47 32.41 39.96
CA UNK A 299 -86.43 31.46 40.28
C UNK A 299 -86.67 30.23 39.44
N UNK A 300 -87.93 29.87 39.29
CA UNK A 300 -88.23 28.68 38.52
C UNK A 300 -87.77 28.91 37.10
N UNK A 301 -88.02 30.11 36.60
CA UNK A 301 -87.79 30.37 35.19
C UNK A 301 -86.32 30.14 34.97
N UNK A 302 -85.55 30.61 35.93
CA UNK A 302 -84.12 30.50 35.87
C UNK A 302 -83.85 29.02 35.84
N UNK A 303 -84.61 28.29 36.64
CA UNK A 303 -84.48 26.85 36.69
C UNK A 303 -84.79 26.38 35.28
N UNK A 304 -85.75 27.04 34.67
CA UNK A 304 -86.09 26.71 33.32
C UNK A 304 -84.85 26.95 32.48
N UNK A 305 -84.14 28.03 32.78
CA UNK A 305 -83.03 28.39 31.94
C UNK A 305 -82.00 27.29 31.97
N UNK A 306 -81.64 26.84 33.16
CA UNK A 306 -80.43 26.05 33.32
C UNK A 306 -80.48 24.76 32.52
N UNK A 307 -81.65 24.15 32.51
CA UNK A 307 -81.85 22.93 31.74
C UNK A 307 -81.62 23.31 30.28
N UNK A 308 -81.85 24.57 29.99
CA UNK A 308 -81.70 25.04 28.63
C UNK A 308 -80.28 24.71 28.26
N UNK A 309 -79.39 24.91 29.22
CA UNK A 309 -78.02 24.50 29.05
C UNK A 309 -78.06 23.00 28.86
N UNK A 310 -78.99 22.36 29.55
CA UNK A 310 -79.00 20.91 29.53
C UNK A 310 -79.17 20.40 28.11
N UNK A 311 -80.12 20.89 27.33
CA UNK A 311 -80.20 20.33 25.96
C UNK A 311 -81.29 19.32 25.54
N UNK A 312 -82.29 19.05 26.39
CA UNK A 312 -83.37 18.14 25.98
C UNK A 312 -84.54 19.01 25.49
N UNK A 313 -84.67 19.11 24.19
CA UNK A 313 -85.68 19.96 23.57
C UNK A 313 -87.08 19.57 23.98
N UNK A 314 -87.28 18.28 23.96
CA UNK A 314 -88.36 17.70 24.69
C UNK A 314 -88.08 18.13 26.12
N UNK A 315 -86.81 18.14 26.52
CA UNK A 315 -86.51 18.44 27.90
C UNK A 315 -87.03 19.84 28.20
N UNK A 316 -86.73 20.76 27.29
CA UNK A 316 -87.10 22.14 27.54
C UNK A 316 -88.61 22.33 27.62
N UNK A 317 -89.33 21.72 26.71
CA UNK A 317 -90.77 21.88 26.68
C UNK A 317 -91.34 21.33 27.97
N UNK A 318 -90.81 20.19 28.39
CA UNK A 318 -91.32 19.54 29.59
C UNK A 318 -91.13 20.44 30.79
N UNK A 319 -89.95 21.02 30.95
CA UNK A 319 -89.78 21.91 32.09
C UNK A 319 -90.68 23.11 31.94
N UNK A 320 -90.69 23.67 30.75
CA UNK A 320 -91.50 24.82 30.47
C UNK A 320 -92.95 24.42 30.61
N UNK A 321 -93.29 23.26 30.09
CA UNK A 321 -94.69 22.89 30.01
C UNK A 321 -95.25 22.82 31.40
N UNK A 322 -94.51 22.20 32.30
CA UNK A 322 -94.96 22.15 33.68
C UNK A 322 -94.97 23.50 34.41
N UNK A 323 -93.90 24.26 34.25
CA UNK A 323 -93.67 25.41 35.11
C UNK A 323 -94.82 26.38 35.01
N UNK A 324 -95.32 26.57 33.80
CA UNK A 324 -96.39 27.52 33.62
C UNK A 324 -97.60 27.07 34.42
N UNK A 325 -97.88 25.77 34.42
CA UNK A 325 -99.08 25.33 35.09
C UNK A 325 -98.99 25.68 36.57
N UNK A 326 -97.92 25.29 37.26
CA UNK A 326 -98.01 25.46 38.70
C UNK A 326 -98.12 26.92 39.10
N UNK A 327 -97.23 27.71 38.54
CA UNK A 327 -97.14 29.10 38.92
C UNK A 327 -98.44 29.75 38.54
N UNK A 328 -98.92 29.39 37.36
CA UNK A 328 -100.10 30.05 36.86
C UNK A 328 -101.23 29.78 37.80
N UNK A 329 -101.36 28.55 38.24
CA UNK A 329 -102.50 28.23 39.09
C UNK A 329 -102.40 29.01 40.39
N UNK A 330 -101.26 28.97 41.06
CA UNK A 330 -101.21 29.55 42.38
C UNK A 330 -101.52 31.01 42.29
N UNK A 331 -100.87 31.67 41.32
CA UNK A 331 -101.05 33.09 41.08
C UNK A 331 -102.52 33.39 41.09
N UNK A 332 -103.29 32.54 40.43
CA UNK A 332 -104.72 32.75 40.38
C UNK A 332 -105.24 32.71 41.80
N UNK A 333 -104.74 31.78 42.59
CA UNK A 333 -105.17 31.62 43.97
C UNK A 333 -104.87 32.81 44.88
N UNK A 334 -103.70 33.40 44.71
CA UNK A 334 -103.27 34.51 45.56
C UNK A 334 -104.23 35.68 45.45
N UNK A 335 -104.59 35.93 44.20
CA UNK A 335 -105.51 36.96 43.77
C UNK A 335 -106.86 36.64 44.36
N UNK A 336 -107.21 35.37 44.40
CA UNK A 336 -108.48 34.99 45.00
C UNK A 336 -108.37 35.36 46.48
N UNK A 337 -107.22 35.04 47.06
CA UNK A 337 -106.95 35.33 48.47
C UNK A 337 -106.89 36.82 48.76
N UNK A 338 -106.24 37.57 47.86
CA UNK A 338 -106.13 39.01 48.00
C UNK A 338 -107.54 39.55 47.94
N UNK A 339 -108.32 38.95 47.05
CA UNK A 339 -109.70 39.32 46.84
C UNK A 339 -110.35 39.03 48.16
N UNK A 340 -109.98 37.91 48.79
CA UNK A 340 -110.57 37.65 50.10
C UNK A 340 -109.97 38.51 51.20
N UNK A 341 -109.37 39.63 50.78
CA UNK A 341 -108.76 40.61 51.65
C UNK A 341 -109.28 42.03 51.43
N UNK A 342 -109.98 42.27 50.32
CA UNK A 342 -110.55 43.60 50.02
C UNK A 342 -109.60 44.82 50.00
N UNK A 343 -108.45 44.69 49.33
CA UNK A 343 -107.42 45.73 49.26
C UNK A 343 -106.22 45.71 50.24
N UNK A 344 -105.70 44.54 50.60
CA UNK A 344 -104.60 44.51 51.55
C UNK A 344 -103.26 44.06 50.99
N UNK A 345 -103.19 42.81 50.52
CA UNK A 345 -101.97 42.28 49.93
C UNK A 345 -100.69 42.34 50.78
N UNK A 346 -100.75 41.94 52.05
CA UNK A 346 -99.50 41.83 52.79
C UNK A 346 -99.33 40.47 53.44
N UNK A 347 -98.11 39.94 53.42
CA UNK A 347 -97.88 38.66 54.07
C UNK A 347 -98.17 38.95 55.53
N UNK A 348 -97.77 40.15 55.99
CA UNK A 348 -98.01 40.50 57.37
C UNK A 348 -99.51 40.45 57.64
N UNK A 349 -100.30 40.92 56.69
CA UNK A 349 -101.74 40.86 56.85
C UNK A 349 -102.31 39.88 55.84
N UNK A 350 -107.25 32.54 57.00
CA UNK A 350 -106.35 31.41 57.10
C UNK A 350 -106.97 30.16 56.48
N UNK A 351 -107.56 29.32 57.31
CA UNK A 351 -108.15 28.07 56.86
C UNK A 351 -109.46 28.27 56.10
N UNK A 352 -109.99 29.49 56.15
CA UNK A 352 -111.32 29.77 55.66
C UNK A 352 -111.57 29.52 54.17
N UNK A 353 -110.69 30.02 53.31
CA UNK A 353 -111.01 30.10 51.89
C UNK A 353 -110.72 28.76 51.29
N UNK A 354 -111.53 27.78 51.64
CA UNK A 354 -111.11 26.42 51.71
C UNK A 354 -110.59 25.98 50.38
N UNK A 355 -111.24 26.39 49.30
CA UNK A 355 -110.74 26.03 47.99
C UNK A 355 -109.35 26.60 47.85
N UNK A 356 -109.20 27.85 48.27
CA UNK A 356 -107.92 28.52 48.11
C UNK A 356 -106.88 27.78 48.92
N UNK A 357 -107.28 27.42 50.13
CA UNK A 357 -106.39 26.86 51.11
C UNK A 357 -105.88 25.59 50.50
N UNK A 358 -106.82 24.83 49.98
CA UNK A 358 -106.46 23.64 49.25
C UNK A 358 -105.68 24.13 48.07
N UNK A 359 -106.18 25.21 47.48
CA UNK A 359 -105.63 25.64 46.23
C UNK A 359 -104.18 25.94 46.45
N UNK A 360 -103.90 26.65 47.53
CA UNK A 360 -102.53 26.98 47.84
C UNK A 360 -101.82 25.67 48.05
N UNK A 361 -102.53 24.75 48.68
CA UNK A 361 -101.90 23.55 49.16
C UNK A 361 -101.29 22.82 47.98
N UNK A 362 -102.00 22.83 46.87
CA UNK A 362 -101.57 22.07 45.72
C UNK A 362 -100.24 22.61 45.26
N UNK A 363 -100.16 23.91 45.23
CA UNK A 363 -98.94 24.49 44.78
C UNK A 363 -97.92 23.73 45.53
N UNK A 364 -97.92 24.02 46.82
CA UNK A 364 -96.81 23.68 47.68
C UNK A 364 -96.35 22.31 47.25
N UNK A 365 -97.30 21.49 46.86
CA UNK A 365 -96.93 20.24 46.21
C UNK A 365 -96.18 20.62 44.95
N UNK A 366 -96.67 21.64 44.27
CA UNK A 366 -96.14 21.97 42.95
C UNK A 366 -94.67 22.36 43.00
N UNK A 367 -94.31 23.21 43.95
CA UNK A 367 -92.91 23.59 44.10
C UNK A 367 -92.19 22.31 44.47
N UNK A 368 -92.89 21.46 45.22
CA UNK A 368 -92.35 20.17 45.60
C UNK A 368 -92.40 19.26 44.39
N UNK A 369 -91.77 18.09 44.50
CA UNK A 369 -91.77 17.13 43.41
C UNK A 369 -92.21 15.71 43.78
N UNK A 370 -93.20 15.19 43.07
CA UNK A 370 -93.68 13.84 43.30
C UNK A 370 -93.68 13.26 41.92
N UNK A 371 -93.46 11.96 41.79
CA UNK A 371 -93.43 11.37 40.46
C UNK A 371 -94.78 11.61 39.81
N UNK A 372 -95.84 11.34 40.55
CA UNK A 372 -97.22 11.51 40.08
C UNK A 372 -97.65 12.96 39.76
N UNK A 373 -97.20 13.90 40.59
CA UNK A 373 -97.56 15.33 40.48
C UNK A 373 -97.22 16.11 39.20
N UNK A 374 -96.05 15.83 38.62
CA UNK A 374 -95.53 16.48 37.40
C UNK A 374 -94.51 17.59 37.68
N UNK A 375 -94.47 18.08 38.91
CA UNK A 375 -93.46 19.04 39.31
C UNK A 375 -92.20 18.23 39.54
N UNK A 376 -92.39 16.97 39.91
CA UNK A 376 -91.25 16.06 40.05
C UNK A 376 -90.85 15.62 38.64
N UNK A 377 -91.75 15.79 37.68
CA UNK A 377 -91.44 15.41 36.32
C UNK A 377 -90.46 16.45 35.78
N UNK A 378 -90.55 17.69 36.29
CA UNK A 378 -89.62 18.69 35.82
C UNK A 378 -88.32 18.72 36.60
N UNK A 379 -88.41 18.76 37.92
CA UNK A 379 -87.21 18.91 38.73
C UNK A 379 -86.31 17.70 38.62
N UNK A 380 -86.93 16.53 38.65
CA UNK A 380 -86.20 15.27 38.58
C UNK A 380 -85.50 15.08 37.23
N UNK A 381 -86.22 15.43 36.16
CA UNK A 381 -85.64 15.31 34.85
C UNK A 381 -84.46 16.24 34.84
N UNK A 382 -84.65 17.40 35.47
CA UNK A 382 -83.64 18.44 35.49
C UNK A 382 -82.39 17.93 36.18
N UNK A 383 -82.63 17.46 37.40
CA UNK A 383 -81.60 17.01 38.28
C UNK A 383 -80.97 15.84 37.61
N UNK A 384 -81.80 15.05 36.94
CA UNK A 384 -81.32 13.82 36.36
C UNK A 384 -80.22 14.21 35.40
N UNK A 385 -80.45 15.30 34.68
CA UNK A 385 -79.44 15.81 33.79
C UNK A 385 -78.24 16.19 34.63
N UNK A 386 -78.50 16.74 35.80
CA UNK A 386 -77.42 17.30 36.58
C UNK A 386 -76.46 16.16 36.85
N UNK A 387 -77.02 15.02 37.20
CA UNK A 387 -76.24 13.81 37.28
C UNK A 387 -75.74 13.45 35.91
N UNK A 388 -70.72 26.47 39.34
CA UNK A 388 -70.71 25.24 38.56
C UNK A 388 -71.92 24.38 38.89
N UNK A 389 -71.78 23.07 38.71
CA UNK A 389 -72.87 22.13 38.99
C UNK A 389 -73.24 22.15 40.46
N UNK A 390 -72.24 22.22 41.32
CA UNK A 390 -72.46 22.24 42.76
C UNK A 390 -73.25 23.48 43.17
N UNK A 391 -72.93 24.62 42.57
CA UNK A 391 -73.61 25.87 42.87
C UNK A 391 -75.07 25.82 42.45
N UNK A 392 -75.34 25.08 41.38
CA UNK A 392 -76.70 24.94 40.87
C UNK A 392 -77.69 24.28 41.82
N UNK A 393 -77.26 23.21 42.49
CA UNK A 393 -78.16 22.50 43.39
C UNK A 393 -78.70 23.24 44.64
N UNK A 394 -77.84 24.02 45.28
CA UNK A 394 -78.13 24.71 46.51
C UNK A 394 -79.38 25.49 46.26
N UNK A 395 -79.50 26.00 45.05
CA UNK A 395 -80.68 26.76 44.66
C UNK A 395 -81.93 25.88 44.72
N UNK A 396 -81.79 24.64 44.28
CA UNK A 396 -82.96 23.78 44.25
C UNK A 396 -83.43 23.65 45.67
N UNK A 397 -82.51 23.32 46.57
CA UNK A 397 -82.92 23.17 47.97
C UNK A 397 -83.53 24.45 48.52
N UNK A 398 -82.92 25.57 48.16
CA UNK A 398 -83.30 26.87 48.69
C UNK A 398 -84.74 27.16 48.33
N UNK A 399 -85.13 26.75 47.13
CA UNK A 399 -86.41 27.13 46.56
C UNK A 399 -87.55 26.62 47.42
N UNK A 400 -87.41 25.40 47.92
CA UNK A 400 -88.47 24.81 48.72
C UNK A 400 -88.66 25.74 49.90
N UNK A 401 -87.54 26.28 50.37
CA UNK A 401 -87.57 27.24 51.43
C UNK A 401 -88.37 28.39 50.90
N UNK A 402 -88.23 28.64 49.61
CA UNK A 402 -89.05 29.65 48.95
C UNK A 402 -90.46 29.13 49.13
N UNK A 403 -90.70 27.85 48.89
CA UNK A 403 -92.04 27.38 49.14
C UNK A 403 -92.38 27.55 50.63
N UNK A 404 -91.40 27.20 51.46
CA UNK A 404 -91.60 27.14 52.89
C UNK A 404 -91.94 28.46 53.53
N UNK A 405 -91.25 29.53 53.13
CA UNK A 405 -91.49 30.82 53.74
C UNK A 405 -92.91 31.27 53.46
N UNK A 406 -93.33 31.09 52.22
CA UNK A 406 -94.64 31.54 51.83
C UNK A 406 -95.64 30.75 52.64
N UNK A 407 -95.41 29.44 52.74
CA UNK A 407 -96.37 28.61 53.44
C UNK A 407 -96.52 29.06 54.88
N UNK A 408 -95.40 29.34 55.54
CA UNK A 408 -95.44 29.77 56.93
C UNK A 408 -96.12 31.11 57.15
N UNK A 409 -95.83 32.07 56.29
CA UNK A 409 -96.32 33.44 56.47
C UNK A 409 -97.83 33.52 56.37
N UNK A 410 -98.33 32.71 55.47
CA UNK A 410 -99.56 32.87 54.71
C UNK A 410 -100.76 32.12 55.26
N UNK A 411 -100.55 30.87 55.63
CA UNK A 411 -101.67 30.04 56.03
C UNK A 411 -101.58 29.49 57.44
N UNK A 412 -102.70 29.60 58.15
CA UNK A 412 -102.88 29.05 59.49
C UNK A 412 -102.47 29.93 60.65
N UNK A 413 -103.10 29.68 61.79
CA UNK A 413 -102.77 30.36 63.03
C UNK A 413 -103.15 31.83 63.18
N UNK A 414 -102.63 32.67 62.28
CA UNK A 414 -102.87 34.10 62.43
C UNK A 414 -104.31 34.45 62.11
N UNK A 415 -104.74 35.56 62.67
CA UNK A 415 -105.97 36.20 62.27
C UNK A 415 -105.71 37.68 62.10
N UNK A 416 -105.08 38.09 61.00
CA UNK A 416 -104.86 39.50 60.77
C UNK A 416 -105.87 40.02 59.74
N UNK A 417 -106.70 40.95 60.16
CA UNK A 417 -107.53 41.72 59.25
C UNK A 417 -108.04 42.91 60.01
N UNK A 418 -108.48 43.93 59.30
CA UNK A 418 -109.41 44.90 59.86
C UNK A 418 -110.73 44.16 59.76
N UNK A 419 -111.81 44.63 60.38
CA UNK A 419 -113.04 43.84 60.39
C UNK A 419 -113.42 43.59 58.94
N UNK A 420 -113.62 42.33 58.59
CA UNK A 420 -113.74 41.94 57.19
C UNK A 420 -114.87 40.99 56.89
N UNK A 421 -115.64 41.31 55.86
CA UNK A 421 -116.75 40.47 55.43
C UNK A 421 -116.54 39.74 54.10
N UNK A 422 -115.32 39.66 53.59
CA UNK A 422 -115.11 39.02 52.28
C UNK A 422 -115.34 37.50 52.23
N UNK A 423 -116.03 37.02 51.21
CA UNK A 423 -116.31 35.59 51.10
C UNK A 423 -116.53 35.10 49.67
N UNK A 424 -116.38 33.78 49.49
CA UNK A 424 -116.43 33.12 48.19
C UNK A 424 -117.78 33.09 47.49
N UNK A 425 -117.73 33.22 46.16
CA UNK A 425 -118.91 33.23 45.30
C UNK A 425 -118.85 32.14 44.24
N UNK A 426 -119.60 32.31 43.17
CA UNK A 426 -119.62 31.38 42.05
C UNK A 426 -118.31 31.21 41.27
N UNK A 427 -117.53 32.28 41.25
CA UNK A 427 -116.22 32.30 40.60
C UNK A 427 -115.32 31.28 41.28
N UNK A 428 -115.65 30.94 42.52
CA UNK A 428 -114.91 29.94 43.29
C UNK A 428 -114.94 28.60 42.55
N UNK A 429 -115.93 28.40 41.70
CA UNK A 429 -115.93 27.23 40.82
C UNK A 429 -114.68 27.30 39.91
N UNK A 430 -114.35 28.52 39.48
CA UNK A 430 -113.17 28.77 38.66
C UNK A 430 -111.94 28.36 39.46
N UNK A 431 -112.00 28.57 40.77
CA UNK A 431 -110.96 28.11 41.68
C UNK A 431 -110.86 26.59 41.60
N UNK A 432 -111.99 25.92 41.40
CA UNK A 432 -111.99 24.50 41.07
C UNK A 432 -111.32 24.31 39.70
N UNK A 433 -111.66 25.51 38.76
CA UNK A 433 -111.13 25.22 37.43
C UNK A 433 -109.61 25.07 37.45
N UNK A 434 -108.93 25.89 38.23
CA UNK A 434 -107.48 25.79 38.34
C UNK A 434 -107.07 24.44 38.92
N UNK A 435 -107.81 23.99 39.93
CA UNK A 435 -107.57 22.68 40.53
C UNK A 435 -107.80 21.57 39.51
N UNK A 436 -108.85 21.74 38.71
CA UNK A 436 -109.15 20.75 37.67
C UNK A 436 -108.00 20.70 36.67
N UNK A 437 -107.46 21.87 36.34
CA UNK A 437 -106.33 21.99 35.43
C UNK A 437 -105.09 21.29 35.98
N UNK A 438 -104.86 21.45 37.28
CA UNK A 438 -103.74 20.77 37.95
C UNK A 438 -103.92 19.26 37.87
N UNK A 439 -105.15 18.81 38.05
CA UNK A 439 -105.45 17.39 37.95
C UNK A 439 -105.16 16.89 36.54
N UNK A 440 -105.54 17.69 35.54
CA UNK A 440 -105.28 17.34 34.15
C UNK A 440 -103.78 17.25 33.89
N UNK A 441 -103.05 18.14 34.55
CA UNK A 441 -101.69 18.51 34.18
C UNK A 441 -100.68 17.37 34.20
N UNK A 442 -100.79 16.48 35.18
CA UNK A 442 -99.89 15.34 35.21
C UNK A 442 -100.13 14.53 33.94
N UNK A 443 -101.40 14.39 33.58
CA UNK A 443 -101.78 13.68 32.37
C UNK A 443 -101.23 14.39 31.14
N UNK A 444 -101.27 15.71 31.16
CA UNK A 444 -100.77 16.51 30.04
C UNK A 444 -99.28 16.26 29.86
N UNK A 445 -98.55 16.20 30.96
CA UNK A 445 -97.14 15.83 30.93
C UNK A 445 -97.06 14.42 30.41
N UNK A 446 -98.01 13.61 30.87
CA UNK A 446 -98.14 12.21 30.46
C UNK A 446 -98.43 12.10 28.97
N UNK A 447 -99.38 12.91 28.50
CA UNK A 447 -99.75 12.91 27.10
C UNK A 447 -98.58 13.39 26.25
N UNK A 448 -97.92 14.43 26.75
CA UNK A 448 -96.78 14.99 26.07
C UNK A 448 -95.70 13.93 26.00
N UNK A 449 -95.50 13.20 27.10
CA UNK A 449 -94.48 12.18 27.16
C UNK A 449 -94.78 11.09 26.14
N UNK A 450 -96.05 10.72 26.05
CA UNK A 450 -96.47 9.69 25.12
C UNK A 450 -96.22 10.11 23.68
N UNK A 451 -96.52 11.37 23.36
CA UNK A 451 -96.26 11.85 22.01
C UNK A 451 -94.76 11.83 21.75
N UNK A 452 -94.02 12.28 22.76
CA UNK A 452 -92.58 12.34 22.73
C UNK A 452 -91.91 10.98 22.66
N UNK A 453 -92.41 10.01 23.41
CA UNK A 453 -91.70 8.74 23.47
C UNK A 453 -90.40 8.81 22.66
N UNK A 454 -90.45 9.45 21.50
CA UNK A 454 -89.27 9.66 20.67
C UNK A 454 -88.28 10.55 21.40
N UNK A 455 -88.81 11.55 22.09
CA UNK A 455 -87.95 12.43 22.89
C UNK A 455 -87.23 11.64 23.99
N UNK A 456 -87.95 10.72 24.62
CA UNK A 456 -87.40 9.84 25.64
C UNK A 456 -86.32 8.94 25.06
N UNK A 457 -86.55 8.45 23.86
CA UNK A 457 -85.58 7.61 23.16
C UNK A 457 -84.30 8.39 22.94
N UNK A 458 -84.59 9.74 22.59
CA UNK A 458 -83.50 10.67 22.27
C UNK A 458 -82.91 11.19 23.58
N UNK A 459 -83.33 10.56 24.67
CA UNK A 459 -83.34 11.11 26.02
C UNK A 459 -83.57 9.99 27.03
N UNK A 460 -84.46 9.07 26.68
CA UNK A 460 -84.75 7.91 27.51
C UNK A 460 -83.51 7.05 27.66
N UNK A 461 -82.77 6.88 26.56
CA UNK A 461 -81.55 6.10 26.59
C UNK A 461 -80.52 6.76 27.52
N UNK A 462 -80.45 8.08 27.46
CA UNK A 462 -79.57 8.84 28.33
C UNK A 462 -79.95 8.65 29.78
N UNK A 463 -81.25 8.64 30.06
CA UNK A 463 -81.76 8.42 31.40
C UNK A 463 -81.38 7.03 31.89
N UNK A 464 -81.48 6.04 31.00
CA UNK A 464 -81.11 4.68 31.32
C UNK A 464 -79.63 4.60 31.66
N UNK A 465 -78.82 5.34 30.92
CA UNK A 465 -77.39 5.39 31.17
C UNK A 465 -77.14 6.01 32.55
N UNK A 466 -77.92 7.03 32.88
CA UNK A 466 -77.79 7.71 34.19
C UNK A 466 -78.30 6.80 35.31
N UNK A 467 -76.05 4.43 37.32
CA UNK A 467 -76.74 5.69 37.55
C UNK A 467 -77.08 5.81 39.02
N UNK A 468 -77.06 4.69 39.71
CA UNK A 468 -77.75 4.54 40.97
C UNK A 468 -77.33 5.45 42.12
N UNK A 469 -76.08 5.54 42.50
CA UNK A 469 -75.93 6.31 43.72
C UNK A 469 -76.45 7.72 43.50
N UNK A 470 -76.02 8.29 42.38
CA UNK A 470 -76.25 9.70 42.11
C UNK A 470 -77.70 10.12 41.92
N UNK A 471 -78.45 9.36 41.15
CA UNK A 471 -79.82 9.76 40.83
C UNK A 471 -80.70 9.77 42.06
N UNK A 472 -80.70 8.67 42.79
CA UNK A 472 -81.67 8.58 43.87
C UNK A 472 -81.35 9.68 44.84
N UNK A 473 -80.07 9.85 45.10
CA UNK A 473 -79.63 10.76 46.13
C UNK A 473 -80.10 12.14 45.73
N UNK A 474 -79.94 12.48 44.46
CA UNK A 474 -80.28 13.82 44.04
C UNK A 474 -81.76 14.13 44.25
N UNK A 475 -82.62 13.20 43.86
CA UNK A 475 -84.04 13.47 44.01
C UNK A 475 -84.35 13.59 45.49
N UNK A 476 -83.88 12.64 46.26
CA UNK A 476 -84.25 12.60 47.67
C UNK A 476 -83.74 13.86 48.34
N UNK A 477 -82.55 14.29 47.95
CA UNK A 477 -81.92 15.49 48.51
C UNK A 477 -82.90 16.63 48.77
N UNK A 478 -83.74 16.90 47.77
CA UNK A 478 -84.75 17.94 47.85
C UNK A 478 -85.78 17.62 48.92
N UNK A 479 -86.19 16.35 48.99
CA UNK A 479 -87.17 15.91 49.96
C UNK A 479 -86.63 16.16 51.36
N UNK A 480 -85.35 15.84 51.54
CA UNK A 480 -84.69 16.05 52.82
C UNK A 480 -84.70 17.54 53.12
N UNK A 481 -84.53 18.32 52.06
CA UNK A 481 -84.47 19.79 52.13
C UNK A 481 -85.76 20.40 52.65
N UNK A 482 -86.89 19.82 52.28
CA UNK A 482 -88.18 20.34 52.71
C UNK A 482 -88.23 20.33 54.24
N UNK A 483 -87.69 19.29 54.85
CA UNK A 483 -87.66 19.21 56.30
C UNK A 483 -86.85 20.37 56.87
N UNK A 484 -85.72 20.66 56.23
CA UNK A 484 -84.86 21.77 56.67
C UNK A 484 -85.62 23.08 56.51
N UNK A 485 -86.34 23.19 55.40
CA UNK A 485 -87.16 24.35 55.10
C UNK A 485 -88.29 24.29 56.10
N UNK A 486 -88.78 23.08 56.33
CA UNK A 486 -89.85 22.89 57.30
C UNK A 486 -89.30 23.16 58.71
N UNK A 487 -88.08 22.71 58.93
CA UNK A 487 -87.39 22.92 60.20
C UNK A 487 -87.18 24.42 60.44
N UNK A 488 -86.82 25.14 59.39
CA UNK A 488 -86.66 26.60 59.45
C UNK A 488 -87.99 27.27 59.78
N UNK A 489 -89.07 26.76 59.21
CA UNK A 489 -90.40 27.26 59.49
C UNK A 489 -90.72 27.06 60.96
N UNK A 490 -90.34 25.90 61.50
CA UNK A 490 -90.55 25.60 62.91
C UNK A 490 -89.74 26.57 63.77
N UNK A 491 -88.54 26.87 63.31
CA UNK A 491 -87.62 27.78 63.98
C UNK A 491 -88.24 29.16 64.05
N UNK A 492 -88.94 29.57 63.01
CA UNK A 492 -89.58 30.87 63.01
C UNK A 492 -90.58 30.92 64.17
N UNK A 493 -91.29 29.81 64.37
CA UNK A 493 -92.14 29.63 65.53
C UNK A 493 -91.71 30.50 66.70
N UNK B 1 -98.90 68.06 -17.68
CA UNK B 1 -98.91 66.99 -16.68
C UNK B 1 -99.85 67.35 -15.54
N UNK B 2 -99.84 66.55 -14.49
CA UNK B 2 -100.69 66.82 -13.35
C UNK B 2 -100.27 68.18 -12.82
N UNK B 3 -98.98 68.41 -12.89
CA UNK B 3 -98.41 69.67 -12.44
C UNK B 3 -99.02 70.75 -13.30
N UNK B 4 -99.19 70.44 -14.57
CA UNK B 4 -99.75 71.41 -15.48
C UNK B 4 -101.12 71.77 -14.96
N UNK B 5 -101.83 70.77 -14.45
CA UNK B 5 -103.16 71.01 -13.92
C UNK B 5 -103.13 71.67 -12.55
N UNK B 6 -102.13 71.35 -11.73
CA UNK B 6 -102.07 71.92 -10.41
C UNK B 6 -102.20 73.42 -10.50
N UNK B 7 -101.56 73.98 -11.50
CA UNK B 7 -101.35 75.40 -11.54
C UNK B 7 -102.69 76.07 -11.51
N UNK B 8 -103.64 75.47 -12.21
CA UNK B 8 -104.95 76.06 -12.35
C UNK B 8 -105.53 76.19 -10.97
N UNK B 9 -105.03 75.38 -10.03
CA UNK B 9 -105.57 75.39 -8.70
C UNK B 9 -105.44 76.80 -8.18
N UNK B 10 -104.35 77.49 -8.51
CA UNK B 10 -104.13 78.81 -7.95
C UNK B 10 -105.25 79.76 -8.33
N UNK B 11 -105.69 79.73 -9.57
CA UNK B 11 -106.69 80.68 -9.95
C UNK B 11 -107.91 80.39 -9.11
N UNK B 12 -108.21 79.11 -8.96
CA UNK B 12 -109.47 78.70 -8.36
C UNK B 12 -109.57 79.16 -6.92
N UNK B 13 -108.54 78.96 -6.16
CA UNK B 13 -108.68 79.40 -4.81
C UNK B 13 -108.96 80.87 -4.86
N UNK B 14 -108.16 81.60 -5.61
CA UNK B 14 -108.29 83.03 -5.62
C UNK B 14 -109.69 83.49 -6.02
N UNK B 15 -110.17 82.89 -7.09
CA UNK B 15 -111.35 83.34 -7.82
C UNK B 15 -112.68 83.30 -7.10
N UNK B 16 -112.92 82.32 -6.25
CA UNK B 16 -114.30 82.08 -5.79
C UNK B 16 -114.95 83.24 -5.04
N UNK B 17 -114.22 83.84 -4.10
CA UNK B 17 -114.67 85.03 -3.37
C UNK B 17 -115.82 84.77 -2.40
N UNK B 18 -116.94 84.33 -2.96
CA UNK B 18 -118.08 83.91 -2.16
C UNK B 18 -117.77 82.43 -2.00
N UNK B 19 -118.62 81.69 -1.28
CA UNK B 19 -118.43 80.24 -1.07
C UNK B 19 -117.41 80.04 0.03
N UNK B 20 -117.03 81.15 0.61
CA UNK B 20 -116.07 81.22 1.69
C UNK B 20 -116.16 79.87 2.38
N UNK B 21 -115.01 79.24 2.52
CA UNK B 21 -113.78 79.85 2.01
C UNK B 21 -112.68 78.81 1.95
N UNK B 22 -111.80 78.91 0.97
CA UNK B 22 -110.66 78.04 0.97
C UNK B 22 -111.16 76.64 0.70
N UNK B 23 -112.05 76.17 1.57
CA UNK B 23 -112.28 74.76 1.66
C UNK B 23 -112.76 74.19 0.34
N UNK B 24 -113.66 74.88 -0.32
CA UNK B 24 -114.17 74.33 -1.56
C UNK B 24 -112.93 74.14 -2.40
N UNK B 25 -112.02 75.07 -2.31
CA UNK B 25 -110.79 74.78 -2.90
C UNK B 25 -110.47 73.44 -2.28
N UNK B 26 -110.20 73.52 -0.99
CA UNK B 26 -109.47 72.46 -0.32
C UNK B 26 -109.91 71.09 -0.75
N UNK B 27 -111.22 70.86 -0.75
CA UNK B 27 -111.71 69.57 -1.16
C UNK B 27 -111.35 69.40 -2.62
N UNK B 28 -111.44 70.43 -3.44
CA UNK B 28 -111.17 70.21 -4.85
C UNK B 28 -109.75 69.70 -5.05
N UNK B 29 -108.81 70.30 -4.34
CA UNK B 29 -107.41 69.96 -4.51
C UNK B 29 -107.22 68.51 -4.18
N UNK B 30 -107.95 68.04 -3.19
CA UNK B 30 -107.82 66.66 -2.96
C UNK B 30 -108.13 66.24 -4.36
N UNK B 31 -109.38 66.49 -4.72
CA UNK B 31 -109.95 65.82 -5.86
C UNK B 31 -108.90 65.59 -6.91
N UNK B 32 -108.07 66.59 -7.13
CA UNK B 32 -106.96 66.44 -8.06
C UNK B 32 -105.92 65.41 -7.65
N UNK B 33 -105.50 65.43 -6.42
CA UNK B 33 -104.37 64.60 -6.07
C UNK B 33 -104.70 63.15 -6.32
N UNK B 34 -105.88 62.73 -5.93
CA UNK B 34 -106.13 61.30 -5.83
C UNK B 34 -105.94 60.68 -7.19
N UNK B 35 -106.45 61.34 -8.21
CA UNK B 35 -106.30 60.80 -9.55
C UNK B 35 -104.83 60.76 -9.87
N UNK B 36 -104.11 61.84 -9.69
CA UNK B 36 -102.78 61.84 -10.29
C UNK B 36 -101.81 60.80 -9.73
N UNK B 37 -101.80 60.72 -8.41
CA UNK B 37 -100.73 60.02 -7.74
C UNK B 37 -100.79 58.61 -8.20
N UNK B 38 -102.00 58.09 -8.28
CA UNK B 38 -102.16 56.72 -8.70
C UNK B 38 -101.59 56.65 -10.10
N UNK B 39 -101.83 57.70 -10.86
CA UNK B 39 -101.54 57.64 -12.27
C UNK B 39 -100.07 57.36 -12.44
N UNK B 40 -99.23 58.02 -11.66
CA UNK B 40 -97.78 57.80 -11.83
C UNK B 40 -97.32 56.36 -11.54
N UNK B 41 -97.90 55.70 -10.58
CA UNK B 41 -97.26 54.52 -10.04
C UNK B 41 -96.98 53.55 -11.17
N UNK B 42 -97.70 53.72 -12.27
CA UNK B 42 -97.77 52.74 -13.33
C UNK B 42 -96.44 52.37 -13.95
N UNK B 43 -95.55 53.32 -14.09
CA UNK B 43 -94.39 53.09 -14.93
C UNK B 43 -93.64 51.86 -14.46
N UNK B 44 -93.42 50.97 -15.40
CA UNK B 44 -92.76 49.70 -15.21
C UNK B 44 -91.26 49.84 -15.39
N UNK B 45 -90.67 48.80 -15.96
CA UNK B 45 -89.24 48.64 -16.19
C UNK B 45 -88.64 49.48 -17.30
N UNK B 46 -87.36 49.77 -17.14
CA UNK B 46 -86.63 50.55 -18.13
C UNK B 46 -87.26 51.93 -18.18
N UNK B 47 -87.90 52.34 -17.10
CA UNK B 47 -88.51 53.66 -17.10
C UNK B 47 -87.53 54.60 -16.45
N UNK B 48 -87.42 55.83 -16.95
CA UNK B 48 -88.12 56.37 -18.13
C UNK B 48 -89.53 56.88 -17.85
N UNK B 49 -90.02 57.70 -18.75
CA UNK B 49 -91.36 58.29 -18.62
C UNK B 49 -91.53 59.44 -19.61
N UNK B 50 -92.65 60.14 -19.50
CA UNK B 50 -92.95 61.27 -20.35
C UNK B 50 -93.46 62.42 -19.49
N UNK B 51 -93.14 63.66 -19.87
CA UNK B 51 -92.36 63.96 -21.06
C UNK B 51 -90.96 64.51 -20.76
N UNK B 52 -90.23 64.71 -21.84
CA UNK B 52 -88.87 65.21 -21.79
C UNK B 52 -88.62 66.45 -22.62
N UNK B 53 -87.96 67.45 -22.07
CA UNK B 53 -87.52 67.40 -20.71
C UNK B 53 -88.49 68.19 -19.87
N UNK B 54 -88.53 67.94 -18.57
CA UNK B 54 -87.77 66.88 -17.95
C UNK B 54 -88.74 66.17 -17.02
N UNK B 55 -88.81 64.85 -17.15
CA UNK B 55 -89.73 64.09 -16.33
C UNK B 55 -89.30 62.65 -16.23
N UNK B 56 -89.86 61.93 -15.28
CA UNK B 56 -89.55 60.53 -15.09
C UNK B 56 -88.22 60.46 -14.37
N UNK B 57 -88.25 59.87 -13.19
CA UNK B 57 -89.50 59.42 -12.59
C UNK B 57 -89.84 58.03 -13.13
N UNK B 58 -90.53 57.20 -12.35
CA UNK B 58 -90.91 57.53 -11.00
C UNK B 58 -89.92 56.80 -10.11
N UNK B 59 -89.10 57.60 -9.46
CA UNK B 59 -88.03 57.13 -8.57
C UNK B 59 -88.10 58.16 -7.45
N UNK B 60 -88.96 57.94 -6.45
CA UNK B 60 -89.71 56.72 -6.30
C UNK B 60 -90.57 56.38 -7.51
N UNK B 61 -91.31 57.35 -8.03
CA UNK B 61 -91.41 58.69 -7.51
C UNK B 61 -92.62 58.74 -6.59
N UNK B 62 -93.03 57.57 -6.11
CA UNK B 62 -94.16 57.45 -5.22
C UNK B 62 -93.82 58.33 -4.05
N UNK B 63 -92.53 58.37 -3.70
CA UNK B 63 -92.10 59.22 -2.61
C UNK B 63 -92.50 60.62 -3.03
N UNK B 64 -92.29 60.92 -4.30
CA UNK B 64 -92.69 62.21 -4.81
C UNK B 64 -94.20 62.25 -4.72
N UNK B 65 -94.81 61.12 -5.08
CA UNK B 65 -96.25 60.99 -5.07
C UNK B 65 -96.82 61.56 -3.78
N UNK B 66 -96.24 61.16 -2.67
CA UNK B 66 -96.72 61.66 -1.38
C UNK B 66 -96.89 63.18 -1.37
N UNK B 67 -95.90 63.90 -1.85
CA UNK B 67 -96.06 65.32 -1.82
C UNK B 67 -97.52 65.60 -1.98
N UNK B 68 -98.15 64.93 -2.92
CA UNK B 68 -99.52 65.27 -3.22
C UNK B 68 -100.40 64.96 -2.02
N UNK B 69 -100.22 63.79 -1.42
CA UNK B 69 -101.10 63.42 -0.32
C UNK B 69 -100.94 64.45 0.76
N UNK B 70 -99.72 64.86 1.03
CA UNK B 70 -99.57 65.84 2.07
C UNK B 70 -100.34 67.12 1.77
N UNK B 71 -100.32 67.55 0.51
CA UNK B 71 -100.80 68.88 0.19
C UNK B 71 -102.27 69.13 0.52
N UNK B 72 -103.14 68.21 0.14
CA UNK B 72 -104.54 68.43 0.45
C UNK B 72 -104.75 68.43 1.95
N UNK B 73 -104.17 67.53 2.71
CA UNK B 73 -104.42 67.57 4.16
C UNK B 73 -103.92 68.82 4.93
N UNK B 74 -102.72 69.25 4.58
CA UNK B 74 -102.03 70.26 5.37
C UNK B 74 -102.92 71.47 5.35
N UNK B 75 -103.54 71.70 4.21
CA UNK B 75 -104.46 72.81 4.10
C UNK B 75 -105.55 72.55 5.11
N UNK B 76 -105.93 71.29 5.25
CA UNK B 76 -107.10 70.96 6.02
C UNK B 76 -106.90 71.48 7.41
N UNK B 77 -105.76 71.21 8.00
CA UNK B 77 -105.55 71.64 9.36
C UNK B 77 -105.58 73.15 9.42
N UNK B 78 -105.02 73.78 8.41
CA UNK B 78 -104.83 75.21 8.47
C UNK B 78 -106.13 76.02 8.59
N UNK B 79 -107.23 75.58 8.04
CA UNK B 79 -108.36 76.49 8.00
C UNK B 79 -108.67 76.98 9.41
N UNK B 80 -108.63 76.12 10.40
CA UNK B 80 -108.86 76.56 11.78
C UNK B 80 -107.82 77.52 12.38
N UNK B 81 -106.55 77.24 12.18
CA UNK B 81 -105.48 77.98 12.87
C UNK B 81 -105.39 79.45 12.51
N UNK B 82 -105.60 79.75 11.23
CA UNK B 82 -105.50 81.11 10.74
C UNK B 82 -106.51 82.02 11.44
N UNK B 83 -107.68 81.47 11.74
CA UNK B 83 -108.74 82.21 12.42
C UNK B 83 -109.49 83.11 11.45
N UNK B 84 -110.51 83.79 11.96
CA UNK B 84 -111.31 84.71 11.15
C UNK B 84 -110.45 85.88 10.67
N UNK B 85 -109.55 86.31 11.55
CA UNK B 85 -108.66 87.38 11.20
C UNK B 85 -107.34 87.16 11.92
N UNK B 86 -106.32 87.91 11.54
CA UNK B 86 -106.49 88.91 10.51
C UNK B 86 -105.92 88.57 9.14
N UNK B 87 -106.69 88.77 8.09
CA UNK B 87 -108.07 89.23 8.18
C UNK B 87 -108.61 88.90 6.83
N UNK B 88 -108.29 89.76 5.88
CA UNK B 88 -108.70 89.55 4.49
C UNK B 88 -107.78 88.68 3.62
N UNK B 89 -106.50 88.83 3.96
CA UNK B 89 -105.32 88.24 3.35
C UNK B 89 -105.20 86.76 3.55
N UNK B 90 -106.05 86.21 4.41
CA UNK B 90 -106.07 84.80 4.75
C UNK B 90 -106.23 84.05 3.45
N UNK B 91 -107.00 84.64 2.54
CA UNK B 91 -107.20 84.05 1.24
C UNK B 91 -105.81 83.97 0.63
N UNK B 92 -104.99 84.99 0.90
CA UNK B 92 -103.64 84.98 0.40
C UNK B 92 -102.91 83.89 1.11
N UNK B 93 -103.21 83.74 2.37
CA UNK B 93 -102.39 82.72 3.00
C UNK B 93 -102.60 81.45 2.26
N UNK B 94 -103.82 81.24 1.81
CA UNK B 94 -104.08 80.03 1.06
C UNK B 94 -103.20 80.09 -0.14
N UNK B 95 -103.00 81.29 -0.66
CA UNK B 95 -102.21 81.43 -1.84
C UNK B 95 -100.80 80.98 -1.67
N UNK B 96 -100.22 81.35 -0.56
CA UNK B 96 -98.83 81.03 -0.35
C UNK B 96 -98.36 79.58 -0.33
N UNK B 97 -99.28 78.71 0.07
CA UNK B 97 -99.11 77.25 0.11
C UNK B 97 -99.04 76.64 -1.29
N UNK B 98 -99.85 77.18 -2.19
CA UNK B 98 -99.95 76.70 -3.57
C UNK B 98 -98.63 76.79 -4.31
N UNK B 99 -97.90 77.86 -4.05
CA UNK B 99 -96.61 78.07 -4.68
C UNK B 99 -95.74 76.90 -4.24
N UNK B 100 -95.95 76.48 -2.99
CA UNK B 100 -95.19 75.37 -2.40
C UNK B 100 -95.38 74.03 -3.12
N UNK B 101 -96.60 73.69 -3.53
CA UNK B 101 -96.77 72.42 -4.20
C UNK B 101 -96.28 72.55 -5.63
N UNK B 102 -96.57 73.67 -6.26
CA UNK B 102 -96.17 73.83 -7.64
C UNK B 102 -94.67 73.74 -7.75
N UNK B 103 -93.95 74.45 -6.91
CA UNK B 103 -92.51 74.34 -6.94
C UNK B 103 -92.23 72.90 -6.52
N UNK B 104 -93.00 72.47 -5.53
CA UNK B 104 -92.89 71.14 -4.98
C UNK B 104 -93.24 70.10 -6.04
N UNK B 105 -94.23 70.38 -6.86
CA UNK B 105 -94.65 69.42 -7.87
C UNK B 105 -93.45 69.10 -8.69
N UNK B 106 -92.65 70.12 -8.94
CA UNK B 106 -91.42 69.94 -9.69
C UNK B 106 -90.30 69.64 -8.72
N UNK B 107 -90.61 69.57 -7.43
CA UNK B 107 -89.57 69.34 -6.44
C UNK B 107 -88.82 68.04 -6.68
N UNK B 108 -89.54 67.00 -7.03
CA UNK B 108 -88.92 65.74 -7.39
C UNK B 108 -89.26 65.58 -8.88
N UNK B 109 -89.35 66.71 -9.58
CA UNK B 109 -89.75 66.77 -10.96
C UNK B 109 -88.92 66.07 -12.00
N UNK B 110 -87.59 66.19 -11.91
CA UNK B 110 -86.56 65.55 -12.77
C UNK B 110 -85.33 66.37 -13.12
N UNK B 111 -84.17 65.74 -13.03
CA UNK B 111 -82.91 66.39 -13.35
C UNK B 111 -82.17 65.67 -14.49
N UNK B 112 -81.77 66.40 -15.53
CA UNK B 112 -81.99 67.83 -15.63
C UNK B 112 -81.33 68.49 -14.44
N UNK B 113 -80.13 68.01 -14.09
CA UNK B 113 -79.41 68.58 -12.98
C UNK B 113 -79.15 70.03 -13.35
N UNK B 114 -79.29 70.90 -12.36
CA UNK B 114 -79.15 72.35 -12.44
C UNK B 114 -80.56 72.89 -12.61
N UNK B 115 -81.43 72.10 -13.21
CA UNK B 115 -82.81 72.50 -13.32
C UNK B 115 -83.28 72.47 -11.87
N UNK B 116 -82.83 71.42 -11.16
CA UNK B 116 -83.16 71.24 -9.76
C UNK B 116 -82.55 72.36 -8.94
N UNK B 117 -81.24 72.59 -9.06
CA UNK B 117 -80.64 73.65 -8.27
C UNK B 117 -81.39 74.95 -8.33
N UNK B 118 -81.77 75.35 -9.53
CA UNK B 118 -82.60 76.53 -9.66
C UNK B 118 -83.90 76.18 -9.01
N UNK B 119 -84.37 74.97 -9.26
CA UNK B 119 -85.60 74.54 -8.67
C UNK B 119 -85.54 74.52 -7.16
N UNK B 120 -84.46 73.94 -6.66
CA UNK B 120 -84.30 73.60 -5.26
C UNK B 120 -84.18 74.83 -4.39
N UNK B 121 -83.61 75.87 -4.96
CA UNK B 121 -83.49 77.11 -4.24
C UNK B 121 -84.93 77.47 -4.01
N UNK B 122 -85.76 77.16 -5.00
CA UNK B 122 -87.09 77.69 -5.11
C UNK B 122 -87.86 77.34 -3.86
N UNK B 123 -87.52 76.23 -3.25
CA UNK B 123 -88.19 75.87 -2.04
C UNK B 123 -87.95 77.02 -1.10
N UNK B 124 -86.77 77.60 -1.17
CA UNK B 124 -86.40 78.59 -0.19
C UNK B 124 -87.36 79.78 -0.18
N UNK B 125 -87.75 80.28 -1.34
CA UNK B 125 -88.61 81.46 -1.34
C UNK B 125 -89.94 81.17 -0.70
N UNK B 126 -90.65 80.16 -1.16
CA UNK B 126 -91.96 80.02 -0.62
C UNK B 126 -91.74 79.80 0.84
N UNK B 127 -90.76 78.98 1.16
CA UNK B 127 -90.60 78.55 2.52
C UNK B 127 -90.35 79.76 3.38
N UNK B 128 -89.49 80.65 2.91
CA UNK B 128 -89.13 81.78 3.73
C UNK B 128 -90.38 82.57 3.97
N UNK B 129 -91.15 82.83 2.93
CA UNK B 129 -92.27 83.74 3.15
C UNK B 129 -93.23 83.18 4.17
N UNK B 130 -93.65 81.93 4.04
CA UNK B 130 -94.80 81.55 4.81
C UNK B 130 -94.55 81.73 6.30
N UNK B 131 -93.35 81.30 6.73
CA UNK B 131 -92.95 81.41 8.12
C UNK B 131 -93.22 82.76 8.79
N UNK B 132 -92.60 83.83 8.32
CA UNK B 132 -92.78 85.12 8.96
C UNK B 132 -94.24 85.60 9.03
N UNK B 133 -95.01 85.41 7.97
CA UNK B 133 -96.41 85.85 8.01
C UNK B 133 -97.17 85.13 9.11
N UNK B 134 -96.93 83.83 9.23
CA UNK B 134 -97.62 83.03 10.24
C UNK B 134 -97.26 83.57 11.62
N UNK B 135 -96.00 83.92 11.79
CA UNK B 135 -95.51 84.48 13.04
C UNK B 135 -95.74 83.57 14.25
N UNK B 136 -96.41 84.15 15.25
CA UNK B 136 -96.72 83.47 16.49
C UNK B 136 -95.61 83.84 17.43
N UNK B 137 -95.83 83.71 18.73
CA UNK B 137 -94.77 84.06 19.65
C UNK B 137 -93.70 83.00 19.47
N UNK B 138 -92.48 83.44 19.20
CA UNK B 138 -92.18 84.84 19.05
C UNK B 138 -90.77 84.92 18.51
N UNK B 139 -90.36 86.10 18.06
CA UNK B 139 -89.00 86.27 17.62
C UNK B 139 -88.79 85.31 16.49
N UNK B 140 -89.89 84.86 15.91
CA UNK B 140 -89.78 83.83 14.92
C UNK B 140 -89.03 84.41 13.77
N UNK B 141 -89.38 85.64 13.41
CA UNK B 141 -88.86 86.24 12.21
C UNK B 141 -87.36 86.33 12.35
N UNK B 142 -86.90 86.72 13.53
CA UNK B 142 -85.49 86.90 13.71
C UNK B 142 -84.85 85.56 13.46
N UNK B 143 -85.45 84.52 13.99
CA UNK B 143 -84.85 83.22 13.89
C UNK B 143 -84.75 82.77 12.45
N UNK B 144 -85.75 83.08 11.65
CA UNK B 144 -85.81 82.54 10.31
C UNK B 144 -84.58 82.92 9.51
N UNK B 145 -84.04 84.08 9.83
CA UNK B 145 -82.94 84.63 9.05
C UNK B 145 -81.85 83.58 9.06
N UNK B 146 -81.81 82.76 10.10
CA UNK B 146 -80.93 81.62 10.10
C UNK B 146 -81.36 80.77 8.91
N UNK B 147 -82.66 80.67 8.66
CA UNK B 147 -83.11 79.84 7.56
C UNK B 147 -82.59 80.38 6.24
N UNK B 148 -82.76 81.66 5.98
CA UNK B 148 -82.38 82.12 4.65
C UNK B 148 -80.90 81.99 4.35
N UNK B 149 -80.06 82.43 5.28
CA UNK B 149 -78.62 82.38 5.03
C UNK B 149 -78.06 80.97 4.90
N UNK B 150 -78.36 80.11 5.87
CA UNK B 150 -77.68 78.82 5.86
C UNK B 150 -78.06 78.06 4.62
N UNK B 151 -79.33 78.09 4.28
CA UNK B 151 -79.77 77.31 3.13
C UNK B 151 -79.11 77.86 1.90
N UNK B 152 -79.27 79.15 1.70
CA UNK B 152 -78.86 79.78 0.45
C UNK B 152 -77.36 79.68 0.25
N UNK B 153 -76.61 79.89 1.32
CA UNK B 153 -75.17 79.89 1.24
C UNK B 153 -74.79 78.51 0.79
N UNK B 154 -75.52 77.53 1.26
CA UNK B 154 -75.15 76.17 1.01
C UNK B 154 -75.11 75.97 -0.49
N UNK B 155 -76.15 76.44 -1.15
CA UNK B 155 -76.33 76.17 -2.55
C UNK B 155 -75.18 76.81 -3.29
N UNK B 156 -74.67 77.89 -2.72
CA UNK B 156 -73.81 78.80 -3.45
C UNK B 156 -72.67 77.98 -3.95
N UNK B 157 -72.20 77.06 -3.11
CA UNK B 157 -71.18 76.17 -3.60
C UNK B 157 -71.74 75.35 -4.75
N UNK B 158 -72.87 74.71 -4.54
CA UNK B 158 -73.28 73.71 -5.48
C UNK B 158 -73.41 74.40 -6.81
N UNK B 159 -73.97 75.59 -6.79
CA UNK B 159 -74.40 76.23 -8.02
C UNK B 159 -73.18 76.37 -8.86
N UNK B 160 -72.06 76.70 -8.23
CA UNK B 160 -70.84 76.78 -8.99
C UNK B 160 -70.51 75.41 -9.54
N UNK B 161 -70.42 74.47 -8.62
CA UNK B 161 -69.72 73.26 -8.92
C UNK B 161 -70.40 72.58 -10.07
N UNK B 162 -71.73 72.57 -10.03
CA UNK B 162 -72.44 71.77 -11.00
C UNK B 162 -72.08 72.31 -12.35
N UNK B 163 -72.00 73.63 -12.43
CA UNK B 163 -71.76 74.25 -13.71
C UNK B 163 -70.45 73.73 -14.26
N UNK B 164 -69.42 73.71 -13.43
CA UNK B 164 -68.15 73.21 -13.90
C UNK B 164 -68.39 71.81 -14.40
N UNK B 165 -69.31 71.13 -13.74
CA UNK B 165 -69.60 69.78 -14.13
C UNK B 165 -70.14 69.71 -15.53
N UNK B 166 -71.03 70.61 -15.91
CA UNK B 166 -71.63 70.52 -17.24
C UNK B 166 -70.59 70.64 -18.34
N UNK B 167 -69.72 71.64 -18.25
CA UNK B 167 -68.69 71.76 -19.26
C UNK B 167 -67.72 70.60 -19.12
N UNK B 168 -67.37 70.34 -17.86
CA UNK B 168 -66.44 69.27 -17.49
C UNK B 168 -66.94 67.86 -17.76
N UNK B 169 -68.21 67.64 -17.47
CA UNK B 169 -68.83 66.33 -17.64
C UNK B 169 -69.00 66.02 -19.10
N UNK B 170 -68.68 66.98 -19.94
CA UNK B 170 -68.87 66.77 -21.35
C UNK B 170 -70.36 66.58 -21.54
N UNK B 171 -71.11 67.34 -20.75
CA UNK B 171 -72.55 67.32 -20.76
C UNK B 171 -73.03 67.89 -19.44
N UNK B 172 -73.94 68.86 -19.53
CA UNK B 172 -74.58 69.48 -18.39
C UNK B 172 -75.66 68.44 -18.15
N UNK B 173 -76.72 68.78 -17.42
CA UNK B 173 -77.83 67.86 -17.23
C UNK B 173 -78.24 67.40 -18.61
N UNK B 174 -78.31 66.10 -18.76
CA UNK B 174 -78.59 65.40 -20.02
C UNK B 174 -79.82 65.66 -20.90
N UNK B 175 -80.98 65.70 -20.25
CA UNK B 175 -81.02 65.56 -18.80
C UNK B 175 -81.20 64.11 -18.33
N UNK B 176 -80.47 63.72 -17.30
CA UNK B 176 -80.58 62.38 -16.77
C UNK B 176 -79.94 61.35 -17.67
N UNK B 177 -79.66 61.67 -18.92
CA UNK B 177 -79.15 60.60 -19.74
C UNK B 177 -77.92 59.89 -19.19
N UNK B 178 -76.82 60.58 -18.83
CA UNK B 178 -75.63 59.91 -18.26
C UNK B 178 -75.33 58.71 -19.14
N UNK B 179 -75.24 57.55 -18.52
CA UNK B 179 -75.15 56.27 -19.28
C UNK B 179 -74.21 56.60 -20.39
N UNK B 180 -73.22 57.33 -19.93
CA UNK B 180 -72.24 58.19 -20.61
C UNK B 180 -71.26 58.70 -19.55
N UNK B 181 -71.68 58.75 -18.29
CA UNK B 181 -70.80 59.20 -17.21
C UNK B 181 -69.52 58.42 -17.06
N UNK B 182 -68.43 59.12 -16.75
CA UNK B 182 -67.14 58.44 -16.61
C UNK B 182 -66.51 58.60 -15.23
N UNK B 183 -65.86 57.56 -14.76
CA UNK B 183 -65.22 57.59 -13.45
C UNK B 183 -64.08 58.59 -13.40
N UNK B 184 -63.91 59.27 -12.28
CA UNK B 184 -62.84 60.26 -12.14
C UNK B 184 -61.90 59.87 -10.99
N UNK B 185 -60.60 59.80 -11.24
CA UNK B 185 -59.70 59.38 -10.16
C UNK B 185 -58.72 60.41 -9.60
N UNK B 186 -58.82 60.66 -8.29
CA UNK B 186 -57.94 61.58 -7.59
C UNK B 186 -58.26 63.00 -8.04
N UNK B 187 -57.52 64.00 -7.59
CA UNK B 187 -56.45 63.89 -6.59
C UNK B 187 -56.43 65.17 -5.78
N UNK B 188 -57.61 65.69 -5.46
CA UNK B 188 -57.66 66.93 -4.71
C UNK B 188 -56.92 67.98 -5.51
N UNK B 189 -57.42 68.34 -6.69
CA UNK B 189 -58.70 67.88 -7.23
C UNK B 189 -58.65 66.49 -7.85
N UNK B 190 -59.83 65.95 -8.12
CA UNK B 190 -61.07 66.63 -7.84
C UNK B 190 -61.62 66.23 -6.49
N UNK B 191 -60.72 66.03 -5.54
CA UNK B 191 -61.14 65.59 -4.23
C UNK B 191 -62.08 66.60 -3.61
N UNK B 192 -61.71 67.86 -3.73
CA UNK B 192 -62.50 68.91 -3.18
C UNK B 192 -63.85 68.97 -3.85
N UNK B 193 -63.87 68.73 -5.16
CA UNK B 193 -65.12 68.83 -5.88
C UNK B 193 -66.20 67.87 -5.42
N UNK B 194 -65.85 66.61 -5.25
CA UNK B 194 -66.86 65.64 -4.83
C UNK B 194 -67.39 65.96 -3.44
N UNK B 195 -66.46 66.29 -2.56
CA UNK B 195 -66.87 66.58 -1.21
C UNK B 195 -67.78 67.77 -1.26
N UNK B 196 -67.43 68.75 -2.07
CA UNK B 196 -68.24 69.94 -2.14
C UNK B 196 -69.63 69.65 -2.65
N UNK B 197 -69.72 68.85 -3.69
CA UNK B 197 -71.02 68.57 -4.25
C UNK B 197 -71.85 67.90 -3.19
N UNK B 198 -71.25 66.97 -2.47
CA UNK B 198 -72.01 66.30 -1.42
C UNK B 198 -72.43 67.18 -0.25
N UNK B 199 -71.52 68.04 0.21
CA UNK B 199 -71.77 68.86 1.38
C UNK B 199 -72.90 69.86 1.32
N UNK B 200 -73.00 70.61 0.25
CA UNK B 200 -74.10 71.55 0.21
C UNK B 200 -75.44 70.86 0.31
N UNK B 201 -75.66 69.84 -0.50
CA UNK B 201 -76.96 69.22 -0.52
C UNK B 201 -77.17 68.69 0.87
N UNK B 202 -76.09 68.19 1.46
CA UNK B 202 -76.19 67.56 2.77
C UNK B 202 -76.72 68.59 3.73
N UNK B 203 -76.33 69.83 3.55
CA UNK B 203 -76.48 70.81 4.59
C UNK B 203 -77.93 70.91 4.99
N UNK B 204 -78.85 70.83 4.03
CA UNK B 204 -80.26 70.86 4.38
C UNK B 204 -80.64 69.67 5.26
N UNK B 205 -80.17 68.50 4.85
CA UNK B 205 -80.52 67.23 5.49
C UNK B 205 -80.31 67.16 6.98
N UNK B 206 -79.17 67.61 7.45
CA UNK B 206 -78.89 67.56 8.86
C UNK B 206 -78.06 66.32 9.05
N UNK B 207 -76.76 66.50 9.18
CA UNK B 207 -75.86 65.37 9.36
C UNK B 207 -74.89 65.64 10.48
N UNK B 208 -74.64 64.60 11.29
CA UNK B 208 -73.73 64.68 12.43
C UNK B 208 -73.95 66.00 13.17
N UNK B 209 -75.20 66.38 13.28
CA UNK B 209 -75.57 67.66 13.85
C UNK B 209 -75.10 68.68 12.84
N UNK B 210 -74.45 69.74 13.28
CA UNK B 210 -73.96 70.74 12.33
C UNK B 210 -75.14 71.20 11.49
N UNK B 211 -76.29 71.37 12.13
CA UNK B 211 -77.49 71.81 11.43
C UNK B 211 -78.50 72.29 12.45
N UNK B 212 -78.01 72.64 13.63
CA UNK B 212 -78.83 73.08 14.73
C UNK B 212 -79.79 74.12 14.20
N UNK B 213 -79.34 74.94 13.26
CA UNK B 213 -80.17 76.05 12.86
C UNK B 213 -81.52 75.65 12.26
N UNK B 214 -81.50 74.84 11.21
CA UNK B 214 -82.74 74.57 10.54
C UNK B 214 -83.69 73.86 11.51
N UNK B 215 -83.20 72.87 12.23
CA UNK B 215 -84.08 72.15 13.15
C UNK B 215 -84.56 73.11 14.18
N UNK B 216 -83.66 73.95 14.64
CA UNK B 216 -83.99 74.90 15.68
C UNK B 216 -85.09 75.84 15.21
N UNK B 217 -85.01 76.29 13.97
CA UNK B 217 -86.02 77.19 13.41
C UNK B 217 -87.42 76.56 13.34
N UNK B 218 -87.48 75.31 12.94
CA UNK B 218 -88.76 74.62 12.82
C UNK B 218 -89.37 74.66 14.19
N UNK B 219 -88.52 74.58 15.20
CA UNK B 219 -88.95 74.51 16.57
C UNK B 219 -89.75 75.77 16.79
N UNK B 220 -89.23 76.88 16.29
CA UNK B 220 -89.91 78.17 16.41
C UNK B 220 -91.19 78.15 15.58
N UNK B 221 -91.12 77.35 14.54
CA UNK B 221 -92.24 77.03 13.68
C UNK B 221 -93.11 78.22 13.46
N UNK B 222 -92.70 79.00 12.46
CA UNK B 222 -93.42 80.19 12.10
C UNK B 222 -94.80 79.72 11.74
N UNK B 223 -94.84 78.58 11.06
CA UNK B 223 -96.08 77.98 10.65
C UNK B 223 -96.16 76.62 11.28
N UNK B 224 -96.63 76.56 12.52
CA UNK B 224 -96.78 75.28 13.14
C UNK B 224 -97.94 74.52 12.48
N UNK B 225 -98.68 75.23 11.64
CA UNK B 225 -99.86 74.67 10.98
C UNK B 225 -99.83 73.45 10.05
N UNK B 226 -98.94 73.29 9.06
CA UNK B 226 -97.84 74.14 8.61
C UNK B 226 -96.53 73.58 9.10
N UNK B 227 -96.59 72.78 10.13
CA UNK B 227 -95.39 72.15 10.65
C UNK B 227 -94.79 71.14 9.68
N UNK B 228 -95.68 70.39 9.04
CA UNK B 228 -95.31 69.30 8.13
C UNK B 228 -94.48 69.61 6.89
N UNK B 229 -94.76 70.72 6.23
CA UNK B 229 -94.03 71.04 5.02
C UNK B 229 -92.58 71.14 5.43
N UNK B 230 -92.34 71.74 6.58
CA UNK B 230 -90.99 71.86 7.08
C UNK B 230 -90.36 70.49 7.09
N UNK B 231 -91.17 69.45 7.30
CA UNK B 231 -90.62 68.12 7.33
C UNK B 231 -90.60 67.51 5.95
N UNK B 232 -91.72 67.63 5.25
CA UNK B 232 -91.74 67.04 3.92
C UNK B 232 -90.69 67.66 3.03
N UNK B 233 -90.45 68.97 3.14
CA UNK B 233 -89.42 69.55 2.30
C UNK B 233 -88.05 68.94 2.58
N UNK B 234 -87.76 68.73 3.84
CA UNK B 234 -86.48 68.20 4.21
C UNK B 234 -86.29 66.89 3.52
N UNK B 235 -87.34 66.11 3.44
CA UNK B 235 -87.22 64.82 2.78
C UNK B 235 -86.79 65.09 1.36
N UNK B 236 -87.34 66.17 0.85
CA UNK B 236 -87.10 66.52 -0.52
C UNK B 236 -85.66 66.77 -0.78
N UNK B 237 -85.08 67.54 0.09
CA UNK B 237 -83.71 67.89 -0.06
C UNK B 237 -82.92 66.62 0.01
N UNK B 238 -83.29 65.77 0.92
CA UNK B 238 -82.54 64.57 1.12
C UNK B 238 -82.39 63.78 -0.13
N UNK B 239 -83.43 63.65 -0.95
CA UNK B 239 -83.23 62.82 -2.14
C UNK B 239 -82.08 63.31 -2.96
N UNK B 240 -82.03 64.61 -3.19
CA UNK B 240 -80.98 65.14 -4.02
C UNK B 240 -79.75 64.34 -3.74
N UNK B 241 -79.50 64.02 -2.47
CA UNK B 241 -78.27 63.34 -2.16
C UNK B 241 -78.29 62.05 -2.92
N UNK B 242 -79.43 61.39 -2.88
CA UNK B 242 -79.47 60.06 -3.42
C UNK B 242 -79.14 60.14 -4.89
N UNK B 243 -79.82 60.99 -5.64
CA UNK B 243 -79.56 60.98 -7.06
C UNK B 243 -78.13 61.40 -7.32
N UNK B 244 -77.69 62.41 -6.61
CA UNK B 244 -76.42 63.02 -6.93
C UNK B 244 -75.25 62.06 -6.79
N UNK B 245 -75.30 61.22 -5.78
CA UNK B 245 -74.10 60.51 -5.39
C UNK B 245 -73.59 59.69 -6.54
N UNK B 246 -74.46 59.03 -7.29
CA UNK B 246 -73.96 58.14 -8.33
C UNK B 246 -73.13 58.91 -9.35
N UNK B 247 -73.63 60.05 -9.79
CA UNK B 247 -72.89 60.93 -10.68
C UNK B 247 -71.67 61.54 -10.03
N UNK B 248 -71.80 61.85 -8.74
CA UNK B 248 -70.94 62.77 -8.02
C UNK B 248 -69.52 62.31 -8.05
N UNK B 249 -69.38 61.00 -7.95
CA UNK B 249 -68.09 60.36 -8.02
C UNK B 249 -68.24 58.85 -8.20
N UNK B 250 -68.13 58.15 -7.08
CA UNK B 250 -68.08 56.69 -7.03
C UNK B 250 -66.65 56.24 -7.21
N UNK B 251 -65.80 57.22 -7.45
CA UNK B 251 -64.41 56.94 -7.51
C UNK B 251 -63.83 57.35 -6.14
N UNK B 252 -64.65 57.96 -5.29
CA UNK B 252 -64.17 58.37 -3.97
C UNK B 252 -65.06 58.07 -2.77
N UNK B 253 -64.54 57.28 -1.86
CA UNK B 253 -65.29 56.98 -0.66
C UNK B 253 -64.62 57.62 0.52
N UNK B 254 -63.43 58.18 0.33
CA UNK B 254 -62.65 58.61 1.45
C UNK B 254 -63.34 59.71 2.23
N UNK B 255 -63.93 60.66 1.55
CA UNK B 255 -64.62 61.71 2.28
C UNK B 255 -65.62 60.98 3.15
N UNK B 256 -66.15 59.89 2.64
CA UNK B 256 -67.28 59.25 3.25
C UNK B 256 -66.95 58.87 4.66
N UNK B 257 -65.72 58.38 4.87
CA UNK B 257 -65.41 57.90 6.20
C UNK B 257 -65.57 59.07 7.15
N UNK B 258 -65.01 60.20 6.76
CA UNK B 258 -65.14 61.36 7.60
C UNK B 258 -66.63 61.58 7.81
N UNK B 259 -67.35 61.91 6.75
CA UNK B 259 -68.77 62.17 6.86
C UNK B 259 -69.60 60.99 7.35
N UNK B 260 -69.35 59.80 6.83
CA UNK B 260 -70.12 58.65 7.26
C UNK B 260 -69.89 58.39 8.73
N UNK B 261 -68.65 58.47 9.14
CA UNK B 261 -68.33 58.23 10.52
C UNK B 261 -69.04 59.30 11.34
N UNK B 262 -69.06 60.51 10.83
CA UNK B 262 -69.66 61.62 11.55
C UNK B 262 -71.13 61.39 11.82
N UNK B 263 -71.84 60.83 10.85
CA UNK B 263 -73.27 60.61 11.04
C UNK B 263 -73.64 59.65 12.18
N UNK B 264 -72.91 58.55 12.29
CA UNK B 264 -73.22 57.60 13.34
C UNK B 264 -73.05 58.21 14.71
N UNK B 265 -71.99 58.98 14.88
CA UNK B 265 -71.72 59.60 16.18
C UNK B 265 -72.80 60.54 16.63
N UNK B 266 -73.34 61.32 15.70
CA UNK B 266 -74.39 62.29 16.04
C UNK B 266 -75.68 61.61 16.49
N UNK B 267 -76.01 60.47 15.86
CA UNK B 267 -77.20 59.76 16.22
C UNK B 267 -77.13 59.53 17.70
N UNK B 268 -75.94 59.19 18.17
CA UNK B 268 -75.81 58.82 19.55
C UNK B 268 -76.22 59.98 20.41
N UNK B 269 -75.74 61.18 20.10
CA UNK B 269 -76.18 62.33 20.88
C UNK B 269 -77.67 62.62 20.67
N UNK B 270 -78.10 62.55 19.43
CA UNK B 270 -79.27 63.25 19.08
C UNK B 270 -80.31 62.75 20.03
N UNK B 271 -80.30 61.44 20.27
CA UNK B 271 -81.32 60.88 21.12
C UNK B 271 -81.22 61.54 22.45
N UNK B 272 -80.01 61.75 22.93
CA UNK B 272 -79.84 62.24 24.28
C UNK B 272 -80.54 63.58 24.33
N UNK B 273 -80.39 64.36 23.29
CA UNK B 273 -81.16 65.59 23.30
C UNK B 273 -82.61 65.19 23.32
N UNK B 274 -82.96 64.20 22.49
CA UNK B 274 -84.36 63.81 22.32
C UNK B 274 -85.06 63.22 23.55
N UNK B 275 -84.39 62.30 24.23
CA UNK B 275 -84.80 61.83 25.55
C UNK B 275 -84.60 62.96 26.53
N UNK B 276 -83.80 63.91 26.10
CA UNK B 276 -83.34 65.01 26.92
C UNK B 276 -84.44 65.94 27.46
N UNK B 277 -85.34 66.36 26.58
CA UNK B 277 -86.37 67.34 26.91
C UNK B 277 -85.88 68.68 26.35
N UNK B 278 -86.57 69.79 26.63
CA UNK B 278 -87.79 69.78 27.43
C UNK B 278 -89.04 70.35 26.75
N UNK B 279 -88.98 70.69 25.47
CA UNK B 279 -90.18 71.27 24.81
C UNK B 279 -90.79 70.42 23.68
N UNK B 280 -92.11 70.24 23.77
CA UNK B 280 -92.84 69.25 22.98
C UNK B 280 -92.70 69.51 21.51
N UNK B 281 -92.79 70.76 21.08
CA UNK B 281 -92.44 71.07 19.71
C UNK B 281 -90.98 70.71 19.60
N UNK B 282 -90.24 71.01 20.65
CA UNK B 282 -88.85 70.65 20.70
C UNK B 282 -88.82 69.16 20.60
N UNK B 283 -89.75 68.52 21.28
CA UNK B 283 -89.68 67.09 21.38
C UNK B 283 -89.75 66.48 20.01
N UNK B 284 -90.81 66.79 19.27
CA UNK B 284 -90.97 66.06 18.05
C UNK B 284 -89.78 66.43 17.19
N UNK B 285 -89.51 67.72 17.13
CA UNK B 285 -88.68 68.19 16.06
C UNK B 285 -87.32 67.58 16.15
N UNK B 286 -86.69 67.62 17.30
CA UNK B 286 -85.31 67.21 17.33
C UNK B 286 -85.35 65.78 16.85
N UNK B 287 -86.36 65.05 17.28
CA UNK B 287 -86.41 63.63 17.06
C UNK B 287 -86.34 63.41 15.58
N UNK B 288 -87.02 64.26 14.83
CA UNK B 288 -87.03 64.08 13.40
C UNK B 288 -85.61 64.24 12.91
N UNK B 289 -84.90 65.22 13.46
CA UNK B 289 -83.59 65.50 12.95
C UNK B 289 -82.76 64.28 13.13
N UNK B 290 -82.84 63.68 14.31
CA UNK B 290 -82.01 62.51 14.54
C UNK B 290 -82.39 61.35 13.64
N UNK B 291 -83.67 61.00 13.57
CA UNK B 291 -84.01 59.78 12.87
C UNK B 291 -83.62 59.98 11.42
N UNK B 292 -83.91 61.15 10.89
CA UNK B 292 -83.65 61.35 9.50
C UNK B 292 -82.19 61.04 9.30
N UNK B 293 -81.39 61.32 10.32
CA UNK B 293 -79.95 61.22 10.21
C UNK B 293 -79.47 59.82 9.86
N UNK B 294 -80.10 58.80 10.42
CA UNK B 294 -79.58 57.46 10.23
C UNK B 294 -79.58 57.19 8.75
N UNK B 295 -80.54 57.79 8.06
CA UNK B 295 -80.68 57.61 6.63
C UNK B 295 -79.41 58.11 5.98
N UNK B 296 -78.89 59.19 6.54
CA UNK B 296 -77.70 59.82 6.03
C UNK B 296 -76.56 58.84 5.95
N UNK B 297 -76.46 57.99 6.95
CA UNK B 297 -75.36 57.02 6.97
C UNK B 297 -75.52 56.01 5.88
N UNK B 298 -76.73 55.53 5.70
CA UNK B 298 -76.94 54.50 4.71
C UNK B 298 -76.61 55.10 3.37
N UNK B 299 -77.10 56.30 3.11
CA UNK B 299 -76.94 56.86 1.79
C UNK B 299 -75.48 56.99 1.45
N UNK B 300 -74.68 57.39 2.42
CA UNK B 300 -73.26 57.54 2.17
C UNK B 300 -72.61 56.21 1.80
N UNK B 301 -73.00 55.16 2.52
CA UNK B 301 -72.45 53.81 2.35
C UNK B 301 -72.43 53.27 0.94
N UNK B 302 -73.53 53.49 0.21
CA UNK B 302 -73.65 53.03 -1.16
C UNK B 302 -73.97 51.55 -1.27
N UNK B 303 -74.30 50.89 -0.16
CA UNK B 303 -74.62 49.47 -0.23
C UNK B 303 -75.84 49.32 -1.12
N UNK B 304 -75.77 48.41 -2.09
CA UNK B 304 -76.87 48.23 -3.01
C UNK B 304 -78.14 47.78 -2.32
N UNK B 305 -78.03 46.80 -1.44
CA UNK B 305 -79.20 46.33 -0.73
C UNK B 305 -79.67 47.45 0.14
N UNK B 306 -78.71 48.15 0.72
CA UNK B 306 -78.99 49.23 1.64
C UNK B 306 -79.76 50.44 1.15
N UNK B 307 -79.42 50.95 -0.02
CA UNK B 307 -80.08 52.14 -0.53
C UNK B 307 -81.58 52.08 -0.43
N UNK B 308 -82.11 50.95 -0.85
CA UNK B 308 -83.54 50.70 -0.92
C UNK B 308 -84.09 51.07 0.44
N UNK B 309 -83.30 50.75 1.45
CA UNK B 309 -83.71 51.01 2.80
C UNK B 309 -83.89 52.49 2.92
N UNK B 310 -82.98 53.24 2.33
CA UNK B 310 -83.00 54.66 2.54
C UNK B 310 -84.29 55.16 1.98
N UNK B 311 -84.63 54.69 0.79
CA UNK B 311 -85.78 55.24 0.12
C UNK B 311 -86.98 54.98 0.99
N UNK B 312 -87.10 53.77 1.51
CA UNK B 312 -88.26 53.49 2.32
C UNK B 312 -88.28 54.38 3.54
N UNK B 313 -87.13 54.51 4.19
CA UNK B 313 -87.13 55.14 5.49
C UNK B 313 -87.63 56.54 5.29
N UNK B 314 -87.19 57.19 4.23
CA UNK B 314 -87.54 58.58 4.14
C UNK B 314 -89.04 58.77 4.12
N UNK B 315 -89.74 57.99 3.30
CA UNK B 315 -91.14 58.27 3.13
C UNK B 315 -91.79 58.07 4.47
N UNK B 316 -91.46 56.97 5.11
CA UNK B 316 -92.13 56.64 6.35
C UNK B 316 -91.82 57.67 7.42
N UNK B 317 -90.56 58.07 7.52
CA UNK B 317 -90.19 58.93 8.64
C UNK B 317 -90.96 60.18 8.47
N UNK B 318 -90.97 60.68 7.23
CA UNK B 318 -91.61 61.95 7.03
C UNK B 318 -93.10 61.83 7.34
N UNK B 319 -93.75 60.82 6.79
CA UNK B 319 -95.19 60.74 6.92
C UNK B 319 -95.44 60.64 8.38
N UNK B 320 -94.63 59.84 9.05
CA UNK B 320 -94.86 59.60 10.45
C UNK B 320 -94.75 60.94 11.14
N UNK B 321 -93.85 61.76 10.66
CA UNK B 321 -93.62 63.00 11.36
C UNK B 321 -94.90 63.81 11.42
N UNK B 322 -95.65 63.84 10.32
CA UNK B 322 -96.71 64.79 10.25
C UNK B 322 -97.69 64.57 11.37
N UNK B 323 -98.04 63.32 11.61
CA UNK B 323 -99.08 63.07 12.59
C UNK B 323 -98.58 63.59 13.91
N UNK B 324 -97.32 63.26 14.23
CA UNK B 324 -96.86 63.57 15.56
C UNK B 324 -96.91 65.06 15.72
N UNK B 325 -96.14 65.77 14.91
CA UNK B 325 -96.02 67.17 15.18
C UNK B 325 -97.42 67.67 15.04
N UNK B 326 -98.08 67.22 13.98
CA UNK B 326 -99.34 67.80 13.66
C UNK B 326 -100.27 67.56 14.82
N UNK B 327 -100.26 66.38 15.41
CA UNK B 327 -101.17 66.21 16.52
C UNK B 327 -100.80 67.28 17.52
N UNK B 328 -99.50 67.51 17.62
CA UNK B 328 -98.98 68.35 18.66
C UNK B 328 -99.60 69.71 18.52
N UNK B 329 -99.81 70.14 17.28
CA UNK B 329 -100.39 71.44 17.06
C UNK B 329 -101.79 71.50 17.65
N UNK B 330 -102.54 70.42 17.50
CA UNK B 330 -103.89 70.42 18.04
C UNK B 330 -103.79 70.58 19.54
N UNK B 331 -102.87 69.84 20.15
CA UNK B 331 -102.77 69.91 21.59
C UNK B 331 -102.48 71.34 21.98
N UNK B 332 -101.55 71.96 21.26
CA UNK B 332 -101.15 73.32 21.59
C UNK B 332 -102.27 74.34 21.43
N UNK B 333 -103.04 74.22 20.37
CA UNK B 333 -104.10 75.18 20.12
C UNK B 333 -105.08 75.06 21.25
N UNK B 334 -105.31 73.82 21.66
CA UNK B 334 -106.26 73.57 22.74
C UNK B 334 -105.83 74.19 24.06
N UNK B 335 -104.55 74.01 24.38
CA UNK B 335 -103.99 74.46 25.66
C UNK B 335 -103.24 75.78 25.65
N UNK B 336 -103.14 76.38 24.46
CA UNK B 336 -102.54 77.70 24.28
C UNK B 336 -101.02 77.84 24.50
N UNK B 337 -100.28 76.74 24.53
CA UNK B 337 -98.85 76.87 24.75
C UNK B 337 -97.98 75.66 24.39
N UNK B 338 -96.68 75.92 24.27
CA UNK B 338 -95.67 74.90 24.01
C UNK B 338 -95.42 74.07 25.25
N UNK B 339 -95.40 74.78 26.38
CA UNK B 339 -95.03 74.26 27.69
C UNK B 339 -95.25 72.79 28.01
N UNK B 340 -94.59 71.91 27.29
CA UNK B 340 -94.82 70.51 27.48
C UNK B 340 -94.44 70.38 28.92
N UNK B 341 -94.93 69.37 29.59
CA UNK B 341 -94.77 69.31 31.03
C UNK B 341 -95.88 70.11 31.69
N UNK B 342 -96.78 70.65 30.88
CA UNK B 342 -97.90 71.35 31.46
C UNK B 342 -98.87 70.21 31.67
N UNK B 343 -98.34 69.16 32.31
CA UNK B 343 -99.02 67.94 32.74
C UNK B 343 -99.76 67.14 31.67
N UNK B 344 -101.03 66.84 31.93
CA UNK B 344 -101.93 66.08 31.07
C UNK B 344 -102.01 64.63 31.47
N UNK B 345 -103.14 64.04 31.14
CA UNK B 345 -103.51 62.67 31.40
C UNK B 345 -104.53 62.24 30.37
N UNK B 346 -104.09 61.36 29.46
CA UNK B 346 -104.95 60.96 28.37
C UNK B 346 -106.23 60.25 28.78
N UNK B 347 -106.15 59.27 29.68
CA UNK B 347 -107.36 58.58 30.09
C UNK B 347 -108.18 59.65 30.77
N UNK B 348 -107.50 60.39 31.61
CA UNK B 348 -108.11 61.51 32.28
C UNK B 348 -108.37 62.54 31.20
N UNK B 349 -107.45 62.61 30.27
CA UNK B 349 -107.49 63.61 29.20
C UNK B 349 -108.70 63.58 28.30
N UNK B 350 -109.13 62.39 27.95
CA UNK B 350 -110.28 62.13 27.10
C UNK B 350 -109.88 60.85 26.39
N UNK B 351 -110.80 59.91 26.26
CA UNK B 351 -110.49 58.61 25.66
C UNK B 351 -110.10 58.48 24.19
N UNK B 352 -110.80 59.18 23.32
CA UNK B 352 -110.55 59.08 21.90
C UNK B 352 -109.18 59.57 21.43
N UNK B 353 -108.74 60.69 21.97
CA UNK B 353 -107.48 61.28 21.56
C UNK B 353 -106.24 60.46 21.84
N UNK B 354 -106.18 59.82 22.99
CA UNK B 354 -104.98 59.07 23.35
C UNK B 354 -104.60 57.91 22.44
N UNK B 355 -105.58 57.10 22.06
CA UNK B 355 -105.27 55.97 21.22
C UNK B 355 -104.70 56.48 19.92
N UNK B 356 -105.31 57.53 19.40
CA UNK B 356 -104.80 58.09 18.16
C UNK B 356 -103.41 58.58 18.48
N UNK B 357 -103.23 59.21 19.64
CA UNK B 357 -101.91 59.68 20.04
C UNK B 357 -101.05 58.44 20.06
N UNK B 358 -101.34 57.56 21.01
CA UNK B 358 -100.62 56.33 21.07
C UNK B 358 -100.25 55.51 19.86
N UNK B 359 -101.19 55.34 18.93
CA UNK B 359 -100.90 54.48 17.80
C UNK B 359 -99.73 55.10 17.09
N UNK B 360 -99.79 56.41 16.92
CA UNK B 360 -98.76 57.08 16.18
C UNK B 360 -97.50 56.88 16.94
N UNK B 361 -97.61 57.02 18.25
CA UNK B 361 -96.44 57.12 19.07
C UNK B 361 -95.66 55.87 18.87
N UNK B 362 -96.36 54.76 18.75
CA UNK B 362 -95.68 53.51 18.51
C UNK B 362 -94.95 53.64 17.20
N UNK B 363 -95.56 54.33 16.25
CA UNK B 363 -94.96 54.41 14.94
C UNK B 363 -93.62 55.06 15.12
N UNK B 364 -93.53 56.06 15.97
CA UNK B 364 -92.26 56.66 16.26
C UNK B 364 -91.42 55.56 16.86
N UNK B 365 -92.08 54.71 17.63
CA UNK B 365 -91.44 53.71 18.47
C UNK B 365 -90.65 52.76 17.61
N UNK B 366 -91.22 52.44 16.45
CA UNK B 366 -90.62 51.47 15.54
C UNK B 366 -90.94 50.10 16.13
N UNK B 367 -91.86 49.39 15.48
CA UNK B 367 -92.33 48.07 15.90
C UNK B 367 -92.50 47.12 14.72
N UNK B 368 -92.65 45.83 14.99
CA UNK B 368 -92.82 44.89 13.89
C UNK B 368 -93.96 45.37 13.01
N UNK B 369 -94.08 44.82 11.80
CA UNK B 369 -95.12 45.18 10.88
C UNK B 369 -95.12 46.68 10.80
N UNK B 370 -93.95 47.33 10.92
CA UNK B 370 -93.91 48.79 10.76
C UNK B 370 -93.28 49.14 9.44
N UNK B 371 -94.01 49.88 8.63
CA UNK B 371 -93.48 50.26 7.34
C UNK B 371 -92.25 51.09 7.64
N UNK B 372 -92.37 52.01 8.59
CA UNK B 372 -91.22 52.80 8.94
C UNK B 372 -90.16 51.88 9.54
N UNK B 373 -90.61 50.98 10.41
CA UNK B 373 -89.70 50.03 11.04
C UNK B 373 -89.12 49.01 10.08
N UNK B 374 -89.96 48.51 9.17
CA UNK B 374 -89.51 47.47 8.27
C UNK B 374 -88.34 47.93 7.44
N UNK B 375 -88.42 49.14 6.89
CA UNK B 375 -87.31 49.64 6.10
C UNK B 375 -86.18 49.79 7.09
N UNK B 376 -86.51 50.32 8.26
CA UNK B 376 -85.54 50.56 9.29
C UNK B 376 -84.89 49.27 9.70
N UNK B 377 -85.70 48.24 9.89
CA UNK B 377 -85.15 46.97 10.29
C UNK B 377 -84.44 46.37 9.10
N UNK B 378 -84.16 47.20 8.10
CA UNK B 378 -83.50 46.70 6.92
C UNK B 378 -82.23 47.41 6.64
N UNK B 379 -82.28 48.72 6.75
CA UNK B 379 -81.11 49.50 6.49
C UNK B 379 -80.05 49.04 7.44
N UNK B 380 -80.42 48.70 8.65
CA UNK B 380 -79.38 48.27 9.53
C UNK B 380 -78.65 47.05 9.02
N UNK B 381 -79.41 46.12 8.45
CA UNK B 381 -78.85 44.86 8.01
C UNK B 381 -77.73 45.17 7.10
N UNK B 382 -77.90 46.21 6.34
CA UNK B 382 -76.86 46.64 5.46
C UNK B 382 -75.74 47.15 6.32
N UNK B 383 -76.11 47.82 7.39
CA UNK B 383 -75.14 48.43 8.23
C UNK B 383 -74.17 47.38 8.69
N UNK B 384 -74.55 46.11 8.54
CA UNK B 384 -73.66 45.01 8.91
C UNK B 384 -72.59 44.59 7.87
N UNK B 385 -72.47 45.30 6.74
CA UNK B 385 -71.45 44.92 5.77
C UNK B 385 -70.33 45.90 5.44
N UNK B 386 -70.43 47.15 5.87
CA UNK B 386 -69.39 48.14 5.54
C UNK B 386 -68.23 48.42 6.51
N UNK B 387 -68.00 47.56 7.50
CA UNK B 387 -68.65 46.27 7.71
C UNK B 387 -69.46 45.99 8.98
N UNK B 388 -69.71 44.72 9.24
CA UNK B 388 -70.53 44.31 10.36
C UNK B 388 -70.10 44.76 11.73
N UNK B 389 -68.82 44.81 12.02
CA UNK B 389 -68.40 45.19 13.36
C UNK B 389 -69.02 46.53 13.74
N UNK B 390 -69.43 46.65 14.99
CA UNK B 390 -70.07 47.82 15.48
C UNK B 390 -71.55 47.94 15.31
N UNK B 391 -72.28 46.85 15.08
CA UNK B 391 -73.73 46.92 14.93
C UNK B 391 -74.15 47.48 16.24
N UNK B 392 -73.30 47.15 17.18
CA UNK B 392 -73.47 47.60 18.54
C UNK B 392 -73.89 49.05 18.48
N UNK B 393 -73.32 49.80 17.55
CA UNK B 393 -73.54 51.24 17.60
C UNK B 393 -74.99 51.69 17.43
N UNK B 394 -75.72 51.21 16.43
CA UNK B 394 -77.07 51.74 16.18
C UNK B 394 -78.09 51.48 17.29
N UNK B 395 -78.04 50.27 17.83
CA UNK B 395 -79.06 49.79 18.74
C UNK B 395 -79.08 50.63 19.98
N UNK B 396 -77.96 51.27 20.29
CA UNK B 396 -77.95 52.20 21.40
C UNK B 396 -78.93 53.28 21.01
N UNK B 397 -78.91 53.64 19.74
CA UNK B 397 -79.82 54.65 19.24
C UNK B 397 -81.25 54.16 19.37
N UNK B 398 -81.49 52.91 18.97
CA UNK B 398 -82.84 52.38 18.99
C UNK B 398 -83.35 52.32 20.41
N UNK B 399 -82.53 51.80 21.30
CA UNK B 399 -82.97 51.65 22.66
C UNK B 399 -83.21 53.02 23.18
N UNK B 400 -82.28 53.92 22.89
CA UNK B 400 -82.39 55.25 23.42
C UNK B 400 -83.66 55.81 22.82
N UNK B 401 -83.86 55.54 21.54
CA UNK B 401 -84.88 56.20 20.78
C UNK B 401 -86.18 55.91 21.46
N UNK B 402 -86.32 54.67 21.86
CA UNK B 402 -87.56 54.18 22.41
C UNK B 402 -87.83 54.99 23.63
N UNK B 403 -86.77 55.32 24.35
CA UNK B 403 -86.92 56.00 25.60
C UNK B 403 -87.65 57.29 25.30
N UNK B 404 -87.33 57.90 24.17
CA UNK B 404 -87.96 59.16 23.83
C UNK B 404 -89.44 58.90 23.79
N UNK B 405 -89.84 57.88 23.05
CA UNK B 405 -91.24 57.76 22.75
C UNK B 405 -91.94 57.65 24.07
N UNK B 406 -91.33 56.90 24.98
CA UNK B 406 -91.99 56.65 26.24
C UNK B 406 -92.21 57.98 26.95
N UNK B 407 -91.18 58.82 26.91
CA UNK B 407 -91.18 59.98 27.75
C UNK B 407 -92.36 60.84 27.39
N UNK B 408 -92.60 61.04 26.10
CA UNK B 408 -93.72 61.87 25.73
C UNK B 408 -94.99 61.19 26.17
N UNK B 409 -95.10 59.92 25.84
CA UNK B 409 -96.34 59.26 26.06
C UNK B 409 -96.60 59.25 27.54
N UNK B 410 -95.59 58.87 28.31
CA UNK B 410 -95.82 58.73 29.73
C UNK B 410 -96.17 60.07 30.35
N UNK B 411 -95.41 61.09 29.98
CA UNK B 411 -95.73 62.42 30.46
C UNK B 411 -97.05 62.81 29.81
N UNK B 412 -97.34 62.21 28.66
CA UNK B 412 -98.58 62.48 27.93
C UNK B 412 -99.80 62.05 28.72
N UNK B 413 -99.68 60.93 29.43
CA UNK B 413 -100.78 60.42 30.22
C UNK B 413 -100.31 59.37 31.24
N UNK B 414 -114.04 69.57 17.30
CA UNK B 414 -112.94 68.64 17.41
C UNK B 414 -113.04 67.58 16.32
N UNK B 415 -114.16 67.53 15.63
CA UNK B 415 -114.38 66.45 14.70
C UNK B 415 -113.29 66.48 13.63
N UNK B 416 -112.97 67.67 13.16
CA UNK B 416 -111.98 67.79 12.11
C UNK B 416 -110.66 67.26 12.63
N UNK B 417 -110.34 67.58 13.87
CA UNK B 417 -109.07 67.15 14.42
C UNK B 417 -109.00 65.65 14.48
N UNK B 418 -110.10 64.97 14.74
CA UNK B 418 -110.03 63.52 14.63
C UNK B 418 -109.64 63.21 13.18
N UNK B 419 -110.04 64.10 12.29
CA UNK B 419 -109.87 63.86 10.87
C UNK B 419 -108.41 63.65 10.48
N UNK B 420 -107.53 64.45 11.06
CA UNK B 420 -106.13 64.35 10.69
C UNK B 420 -105.71 62.95 11.04
N UNK B 421 -106.14 62.51 12.21
CA UNK B 421 -105.70 61.22 12.69
C UNK B 421 -106.17 60.10 11.79
N UNK B 422 -107.42 60.15 11.35
CA UNK B 422 -107.84 59.05 10.54
C UNK B 422 -107.00 59.04 9.28
N UNK B 423 -106.87 60.21 8.65
CA UNK B 423 -106.23 60.21 7.35
C UNK B 423 -104.78 59.78 7.45
N UNK B 424 -104.04 60.36 8.38
CA UNK B 424 -102.63 60.06 8.46
C UNK B 424 -102.39 58.61 8.82
N UNK B 425 -103.15 58.09 9.77
CA UNK B 425 -102.97 56.71 10.16
C UNK B 425 -103.30 55.77 9.02
N UNK B 426 -104.39 56.06 8.33
CA UNK B 426 -104.92 55.15 7.35
C UNK B 426 -103.96 54.93 6.20
N UNK B 427 -103.39 56.00 5.68
CA UNK B 427 -102.40 55.83 4.63
C UNK B 427 -101.23 55.11 5.26
N UNK B 428 -100.89 55.53 6.48
CA UNK B 428 -99.75 54.95 7.16
C UNK B 428 -100.00 53.48 7.38
N UNK B 429 -101.18 53.18 7.91
CA UNK B 429 -101.53 51.82 8.21
C UNK B 429 -101.62 50.99 6.95
N UNK B 430 -102.21 51.58 5.91
CA UNK B 430 -102.57 50.83 4.73
C UNK B 430 -101.30 50.23 4.18
N UNK B 431 -100.24 51.03 4.23
CA UNK B 431 -99.01 50.76 3.50
C UNK B 431 -98.44 49.46 4.00
N UNK B 432 -98.61 49.23 5.28
CA UNK B 432 -98.09 48.02 5.88
C UNK B 432 -98.76 46.88 5.16
N UNK B 433 -99.96 47.11 4.66
CA UNK B 433 -100.64 46.03 3.99
C UNK B 433 -99.77 45.57 2.84
N UNK B 434 -99.22 46.50 2.10
CA UNK B 434 -98.29 46.15 1.02
C UNK B 434 -97.02 46.95 1.20
N UNK B 435 -95.89 46.35 0.93
CA UNK B 435 -94.67 47.13 0.93
C UNK B 435 -94.28 47.52 -0.47
N UNK B 436 -94.98 46.98 -1.46
CA UNK B 436 -94.42 46.97 -2.78
C UNK B 436 -94.13 48.35 -3.35
N UNK B 437 -95.08 49.26 -3.25
CA UNK B 437 -94.87 50.56 -3.85
C UNK B 437 -93.73 51.27 -3.15
N UNK B 438 -93.71 51.16 -1.83
CA UNK B 438 -92.75 51.87 -1.04
C UNK B 438 -91.36 51.41 -1.37
N UNK B 439 -91.21 50.11 -1.61
CA UNK B 439 -89.89 49.57 -1.86
C UNK B 439 -89.13 50.38 -2.89
N UNK C 1 -126.55 77.71 -8.61
CA UNK C 1 -125.96 78.24 -9.83
C UNK C 1 -124.79 79.17 -9.52
N UNK C 2 -124.82 79.78 -8.35
CA UNK C 2 -123.76 80.69 -7.93
C UNK C 2 -122.42 79.97 -7.80
N UNK C 3 -122.47 78.75 -7.27
CA UNK C 3 -121.25 77.97 -7.11
C UNK C 3 -121.07 77.07 -8.32
N UNK C 4 -120.08 77.42 -9.14
CA UNK C 4 -119.85 76.65 -10.35
C UNK C 4 -118.50 76.94 -10.99
N UNK C 5 -118.02 78.16 -10.83
CA UNK C 5 -116.78 78.53 -11.47
C UNK C 5 -115.66 77.60 -11.02
N UNK C 6 -115.67 77.26 -9.74
CA UNK C 6 -114.64 76.39 -9.20
C UNK C 6 -114.70 75.00 -9.80
N UNK C 7 -115.90 74.49 -9.98
CA UNK C 7 -116.13 73.15 -10.51
C UNK C 7 -115.59 72.91 -11.92
N UNK C 8 -115.75 73.90 -12.80
CA UNK C 8 -115.27 73.75 -14.16
C UNK C 8 -113.76 73.83 -14.30
N UNK C 9 -113.14 74.78 -13.62
CA UNK C 9 -111.71 74.92 -13.76
C UNK C 9 -110.93 73.70 -13.28
N UNK C 10 -111.30 73.16 -12.13
CA UNK C 10 -110.57 72.02 -11.60
C UNK C 10 -110.61 70.86 -12.54
N UNK C 11 -111.78 70.57 -13.07
CA UNK C 11 -111.90 69.47 -14.01
C UNK C 11 -111.16 69.74 -15.31
N UNK C 12 -111.31 70.98 -15.79
CA UNK C 12 -110.74 71.45 -17.05
C UNK C 12 -109.22 71.42 -17.13
N UNK C 13 -108.53 71.71 -16.04
CA UNK C 13 -107.08 71.73 -16.06
C UNK C 13 -106.53 70.36 -16.46
N UNK C 14 -107.14 69.30 -15.95
CA UNK C 14 -106.71 67.94 -16.28
C UNK C 14 -106.87 67.71 -17.78
N UNK C 15 -107.99 68.18 -18.32
CA UNK C 15 -108.27 68.03 -19.75
C UNK C 15 -107.22 68.76 -20.58
N UNK C 16 -106.85 69.95 -20.12
CA UNK C 16 -105.84 70.76 -20.80
C UNK C 16 -104.51 70.02 -20.79
N UNK C 17 -104.20 69.38 -19.68
CA UNK C 17 -102.96 68.65 -19.59
C UNK C 17 -103.01 67.54 -20.62
N UNK C 18 -104.13 66.84 -20.63
CA UNK C 18 -104.28 65.72 -21.55
C UNK C 18 -104.08 66.16 -22.99
N UNK C 19 -104.67 67.31 -23.32
CA UNK C 19 -104.57 67.85 -24.66
C UNK C 19 -103.12 68.14 -24.94
N UNK C 20 -102.43 68.73 -23.97
CA UNK C 20 -101.02 69.00 -24.13
C UNK C 20 -100.28 67.67 -24.17
N UNK C 21 -100.65 66.78 -23.26
CA UNK C 21 -100.02 65.47 -23.18
C UNK C 21 -100.22 64.60 -24.41
N UNK C 22 -101.46 64.53 -24.91
CA UNK C 22 -101.70 63.74 -26.11
C UNK C 22 -100.89 64.44 -27.19
N UNK C 23 -101.03 65.77 -27.22
CA UNK C 23 -100.32 66.62 -28.16
C UNK C 23 -98.82 66.54 -27.89
N UNK C 24 -98.48 66.48 -26.60
CA UNK C 24 -97.09 66.40 -26.18
C UNK C 24 -96.49 65.13 -26.74
N UNK C 25 -97.30 64.06 -26.75
CA UNK C 25 -96.85 62.79 -27.28
C UNK C 25 -96.53 62.97 -28.77
N UNK C 26 -97.38 63.74 -29.46
CA UNK C 26 -97.16 63.98 -30.88
C UNK C 26 -95.84 64.73 -31.08
N UNK C 27 -95.59 65.73 -30.24
CA UNK C 27 -94.34 66.48 -30.32
C UNK C 27 -93.25 65.47 -30.00
N UNK C 28 -93.60 64.54 -29.13
CA UNK C 28 -92.73 63.43 -28.78
C UNK C 28 -92.69 62.46 -29.96
N UNK C 29 -93.54 62.70 -30.96
CA UNK C 29 -93.69 61.86 -32.13
C UNK C 29 -92.40 61.63 -32.91
N UNK C 30 -92.28 60.41 -33.45
CA UNK C 30 -91.10 59.97 -34.16
C UNK C 30 -90.37 58.82 -33.45
N UNK D 1 -120.51 73.01 7.31
CA UNK D 1 -120.54 71.58 7.01
C UNK D 1 -119.52 71.20 5.94
N UNK D 2 -118.29 71.65 6.06
CA UNK D 2 -117.25 71.20 5.12
C UNK D 2 -116.97 69.71 5.39
N UNK D 3 -117.36 69.29 6.59
CA UNK D 3 -117.13 67.95 7.08
C UNK D 3 -117.74 66.91 6.17
N UNK D 4 -118.91 67.19 5.63
CA UNK D 4 -119.55 66.23 4.74
C UNK D 4 -118.57 66.07 3.58
N UNK D 5 -117.95 67.19 3.21
CA UNK D 5 -116.99 67.20 2.13
C UNK D 5 -115.72 66.39 2.36
N UNK D 6 -115.15 66.46 3.55
CA UNK D 6 -113.90 65.73 3.78
C UNK D 6 -113.97 64.21 3.65
N UNK D 7 -115.01 63.61 4.22
CA UNK D 7 -115.22 62.16 4.19
C UNK D 7 -115.44 61.52 2.81
N UNK D 8 -116.18 62.18 1.94
CA UNK D 8 -116.44 61.64 0.60
C UNK D 8 -115.14 61.56 -0.17
N UNK D 9 -114.31 62.60 -0.03
CA UNK D 9 -113.01 62.68 -0.66
C UNK D 9 -112.14 61.57 -0.06
N UNK D 10 -112.33 61.37 1.23
CA UNK D 10 -111.64 60.38 2.05
C UNK D 10 -111.88 59.00 1.50
N UNK D 11 -113.09 58.76 0.98
CA UNK D 11 -113.39 57.47 0.41
C UNK D 11 -112.38 57.24 -0.70
N UNK D 12 -112.11 58.29 -1.48
CA UNK D 12 -111.10 58.18 -2.51
C UNK D 12 -110.00 57.27 -1.97
N UNK D 13 -109.69 57.42 -0.69
CA UNK D 13 -108.66 56.60 -0.09
C UNK D 13 -109.00 55.13 -0.16
N UNK D 14 -110.25 54.79 0.13
CA UNK D 14 -110.70 53.40 0.07
C UNK D 14 -110.64 52.89 -1.35
N UNK D 15 -111.03 53.77 -2.27
CA UNK D 15 -111.08 53.47 -3.69
C UNK D 15 -109.70 53.14 -4.19
N UNK D 16 -108.70 53.73 -3.55
CA UNK D 16 -107.33 53.51 -3.99
C UNK D 16 -106.98 52.03 -3.95
N UNK D 17 -107.34 51.33 -2.88
CA UNK D 17 -107.00 49.92 -2.89
C UNK D 17 -107.32 49.42 -4.27
N UNK D 18 -108.39 49.94 -4.84
CA UNK D 18 -108.78 49.55 -6.17
C UNK D 18 -107.66 49.92 -7.12
N UNK D 19 -107.07 51.09 -6.90
CA UNK D 19 -106.00 51.58 -7.75
C UNK D 19 -104.79 50.65 -7.69
N UNK D 20 -104.53 50.17 -6.49
CA UNK D 20 -103.43 49.27 -6.20
C UNK D 20 -103.51 47.90 -6.88
N UNK D 21 -104.70 47.43 -7.22
CA UNK D 21 -104.77 46.07 -7.76
C UNK D 21 -104.19 46.02 -9.18
N UNK D 22 -103.54 47.09 -9.60
CA UNK D 22 -102.96 47.19 -10.95
C UNK D 22 -102.31 45.89 -11.40
N UNK E 1 -113.16 34.67 -13.85
CA UNK E 1 -114.63 34.58 -13.90
C UNK E 1 -115.25 35.96 -13.99
N UNK E 2 -115.79 36.29 -15.15
CA UNK E 2 -116.42 37.58 -15.34
C UNK E 2 -117.54 37.63 -14.33
N UNK E 3 -118.17 36.49 -14.12
CA UNK E 3 -119.26 36.36 -13.16
C UNK E 3 -118.79 36.68 -11.75
N UNK E 4 -117.57 36.26 -11.44
CA UNK E 4 -116.94 36.46 -10.12
C UNK E 4 -116.57 37.88 -9.69
N UNK E 5 -116.10 38.68 -10.65
CA UNK E 5 -115.63 40.03 -10.38
C UNK E 5 -116.69 40.96 -9.81
N UNK E 6 -117.91 40.89 -10.32
CA UNK E 6 -118.95 41.78 -9.83
C UNK E 6 -119.15 41.48 -8.34
N UNK E 7 -119.15 40.21 -7.98
CA UNK E 7 -119.33 39.81 -6.59
C UNK E 7 -118.16 40.27 -5.71
N UNK E 8 -116.94 40.11 -6.22
CA UNK E 8 -115.74 40.50 -5.45
C UNK E 8 -115.60 41.99 -5.17
N UNK E 9 -115.92 42.79 -6.19
CA UNK E 9 -115.82 44.23 -6.20
C UNK E 9 -117.18 44.87 -5.94
N UNK E 10 -118.22 44.25 -6.46
CA UNK E 10 -119.56 44.78 -6.30
C UNK E 10 -119.80 44.92 -4.81
N UNK E 11 -119.23 44.00 -4.06
CA UNK E 11 -119.35 44.03 -2.63
C UNK E 11 -118.79 45.38 -2.19
N UNK E 12 -117.89 45.86 -3.05
CA UNK E 12 -117.15 47.10 -2.90
C UNK E 12 -118.03 48.31 -2.82
N UNK E 13 -119.13 48.29 -3.56
CA UNK E 13 -120.03 49.42 -3.55
C UNK E 13 -120.46 49.61 -2.11
N UNK E 14 -120.70 48.52 -1.40
CA UNK E 14 -121.09 48.61 -0.01
C UNK E 14 -119.94 49.32 0.68
N UNK E 15 -118.73 49.03 0.20
CA UNK E 15 -117.50 49.59 0.76
C UNK E 15 -117.45 51.11 0.73
N UNK E 16 -117.95 51.72 -0.33
CA UNK E 16 -117.92 53.17 -0.37
C UNK E 16 -118.77 53.63 0.80
N UNK E 17 -119.91 52.97 0.98
CA UNK E 17 -120.80 53.25 2.10
C UNK E 17 -120.12 52.90 3.41
N UNK E 18 -119.39 51.77 3.39
CA UNK E 18 -118.67 51.28 4.54
C UNK E 18 -117.58 52.24 5.00
N UNK E 19 -116.89 52.84 4.04
CA UNK E 19 -115.83 53.78 4.36
C UNK E 19 -116.43 54.95 5.13
N UNK E 20 -117.60 55.37 4.70
CA UNK E 20 -118.30 56.47 5.36
C UNK E 20 -118.63 56.11 6.80
N UNK E 21 -119.04 54.88 7.03
CA UNK E 21 -119.39 54.42 8.37
C UNK E 21 -118.33 54.79 9.40
N UNK E 22 -117.07 54.74 9.00
CA UNK E 22 -115.96 55.05 9.90
C UNK E 22 -116.12 56.48 10.39
N UNK E 23 -116.56 57.36 9.51
CA UNK E 23 -116.77 58.77 9.85
C UNK E 23 -117.90 58.93 10.85
N UNK E 24 -118.95 58.13 10.70
CA UNK E 24 -120.10 58.18 11.59
C UNK E 24 -119.71 57.83 13.02
N UNK E 25 -118.82 56.86 13.16
CA UNK E 25 -118.34 56.39 14.46
C UNK E 25 -117.52 57.39 15.26
N UNK E 26 -116.71 58.20 14.58
CA UNK E 26 -115.90 59.17 15.29
C UNK E 26 -116.83 60.12 16.04
N UNK E 27 -117.97 60.40 15.42
CA UNK E 27 -118.98 61.32 15.98
C UNK E 27 -119.51 60.83 17.31
N UNK E 28 -119.34 59.55 17.58
CA UNK E 28 -119.84 58.99 18.82
C UNK E 28 -119.18 59.66 20.01
N UNK E 29 -118.03 60.27 19.79
CA UNK E 29 -117.32 60.96 20.85
C UNK E 29 -118.24 61.91 21.62
N UNK E 30 -118.81 62.88 20.92
CA UNK E 30 -119.70 63.85 21.55
C UNK E 30 -121.16 63.60 21.18
N UNK F 1 -138.37 26.33 31.23
CA UNK F 1 -138.44 25.33 32.28
C UNK F 1 -136.95 25.06 32.37
N UNK F 2 -136.54 23.82 32.10
CA UNK F 2 -135.12 23.61 31.91
C UNK F 2 -134.83 24.63 30.83
N UNK F 3 -133.67 25.26 30.89
CA UNK F 3 -133.38 26.47 30.11
C UNK F 3 -132.58 26.24 28.84
N UNK F 4 -132.52 24.96 28.45
CA UNK F 4 -131.71 24.46 27.34
C UNK F 4 -131.92 24.96 25.91
N UNK F 5 -133.14 25.21 25.47
CA UNK F 5 -133.33 25.63 24.09
C UNK F 5 -132.63 26.94 23.73
N UNK F 6 -132.73 27.95 24.59
CA UNK F 6 -132.08 29.22 24.33
C UNK F 6 -130.56 29.08 24.25
N UNK F 7 -130.03 28.30 25.19
CA UNK F 7 -128.58 28.07 25.23
C UNK F 7 -128.13 27.35 23.97
N UNK F 8 -128.92 26.38 23.52
CA UNK F 8 -128.56 25.62 22.32
C UNK F 8 -128.49 26.51 21.09
N UNK F 9 -129.46 27.42 20.96
CA UNK F 9 -129.51 28.31 19.82
C UNK F 9 -128.29 29.23 19.79
N UNK F 10 -127.93 29.76 20.96
CA UNK F 10 -126.78 30.66 21.06
C UNK F 10 -125.51 29.93 20.67
N UNK F 11 -125.38 28.69 21.13
CA UNK F 11 -124.20 27.89 20.82
C UNK F 11 -124.14 27.64 19.33
N UNK F 12 -125.29 27.35 18.73
CA UNK F 12 -125.34 27.10 17.30
C UNK F 12 -124.91 28.35 16.55
N UNK F 13 -125.36 29.50 17.02
CA UNK F 13 -125.02 30.76 16.38
C UNK F 13 -123.52 31.00 16.47
N UNK F 14 -122.93 30.69 17.62
CA UNK F 14 -121.49 30.88 17.78
C UNK F 14 -120.75 29.96 16.81
N UNK F 15 -121.25 28.73 16.71
CA UNK F 15 -120.72 27.66 15.87
C UNK F 15 -120.86 27.92 14.36
N UNK F 16 -121.81 28.78 14.00
CA UNK F 16 -122.07 29.10 12.60
C UNK F 16 -120.80 29.67 11.97
N UNK F 17 -120.01 30.36 12.79
CA UNK F 17 -118.75 30.95 12.38
C UNK F 17 -117.79 29.88 11.89
N UNK F 18 -117.92 28.69 12.47
CA UNK F 18 -117.07 27.56 12.10
C UNK F 18 -117.23 27.27 10.62
N UNK F 19 -118.44 27.39 10.11
CA UNK F 19 -118.71 27.17 8.70
C UNK F 19 -117.93 28.19 7.88
N UNK F 20 -117.88 29.43 8.37
CA UNK F 20 -117.16 30.51 7.72
C UNK F 20 -115.67 30.19 7.67
N UNK F 21 -115.16 29.66 8.76
CA UNK F 21 -113.75 29.27 8.85
C UNK F 21 -113.47 28.17 7.84
N UNK F 22 -114.43 27.26 7.72
CA UNK F 22 -114.36 26.14 6.81
C UNK F 22 -114.28 26.63 5.37
N UNK F 23 -114.79 27.84 5.13
CA UNK F 23 -114.69 28.40 3.80
C UNK F 23 -113.20 28.31 3.41
N UNK F 24 -112.33 28.24 4.40
CA UNK F 24 -110.89 28.09 4.19
C UNK F 24 -110.67 26.75 3.47
N UNK F 25 -111.68 25.89 3.57
CA UNK F 25 -111.70 24.63 2.85
C UNK F 25 -111.75 25.09 1.39
N UNK F 26 -112.56 26.12 1.15
CA UNK F 26 -112.71 26.78 -0.15
C UNK F 26 -111.34 27.37 -0.46
N UNK F 27 -110.61 27.75 0.59
CA UNK F 27 -109.27 28.30 0.46
C UNK F 27 -108.50 27.21 -0.27
N UNK F 28 -108.82 25.97 0.03
CA UNK F 28 -108.18 24.89 -0.65
C UNK F 28 -108.67 25.21 -2.04
N UNK F 29 -107.97 24.73 -3.05
CA UNK F 29 -108.28 25.01 -4.46
C UNK F 29 -107.53 26.24 -4.93
N UNK F 30 -106.62 26.76 -4.11
CA UNK F 30 -105.83 27.91 -4.55
C UNK F 30 -104.75 28.27 -3.54
N UNK G 1 -121.28 27.09 51.63
CA UNK G 1 -120.02 26.51 52.11
C UNK G 1 -120.05 24.99 51.96
N UNK G 2 -121.24 24.42 51.97
CA UNK G 2 -121.40 22.97 51.87
C UNK G 2 -120.83 22.53 50.54
N UNK G 3 -120.94 23.33 49.48
CA UNK G 3 -120.26 22.97 48.22
C UNK G 3 -118.73 22.92 48.39
N UNK G 4 -118.25 23.87 49.18
CA UNK G 4 -116.83 24.08 49.41
C UNK G 4 -116.27 22.80 49.99
N UNK G 5 -117.06 22.12 50.82
CA UNK G 5 -116.62 20.89 51.42
C UNK G 5 -116.32 19.84 50.34
N UNK G 6 -117.18 19.74 49.32
CA UNK G 6 -116.96 18.80 48.23
C UNK G 6 -115.69 19.14 47.46
N UNK G 7 -115.50 20.45 47.27
CA UNK G 7 -114.29 20.88 46.58
C UNK G 7 -113.04 20.47 47.37
N UNK G 8 -113.08 20.65 48.68
CA UNK G 8 -111.95 20.34 49.55
C UNK G 8 -111.72 18.84 49.45
N UNK G 9 -112.84 18.15 49.36
CA UNK G 9 -112.95 16.71 49.34
C UNK G 9 -112.19 16.12 48.17
N UNK G 10 -112.34 16.73 47.01
CA UNK G 10 -111.72 16.22 45.81
C UNK G 10 -110.25 16.26 46.02
N UNK G 11 -109.81 17.24 46.79
CA UNK G 11 -108.41 17.44 47.06
C UNK G 11 -107.88 16.14 47.59
N UNK G 12 -108.73 15.40 48.28
CA UNK G 12 -108.32 14.14 48.80
C UNK G 12 -107.87 13.28 47.63
N UNK G 13 -108.54 13.40 46.49
CA UNK G 13 -108.18 12.55 45.39
C UNK G 13 -106.74 12.69 45.01
N UNK G 14 -106.21 13.90 44.85
CA UNK G 14 -104.80 13.92 44.49
C UNK G 14 -104.03 12.83 45.19
N UNK G 15 -104.25 12.70 46.49
CA UNK G 15 -103.50 11.73 47.25
C UNK G 15 -103.90 10.39 46.68
N UNK G 16 -105.18 10.29 46.33
CA UNK G 16 -105.67 9.07 45.73
C UNK G 16 -104.84 8.84 44.49
N UNK G 17 -104.44 9.95 43.87
CA UNK G 17 -103.62 9.91 42.67
C UNK G 17 -102.32 9.21 42.98
N UNK G 18 -101.76 9.60 44.13
CA UNK G 18 -100.45 9.16 44.54
C UNK G 18 -100.39 7.68 44.86
N UNK G 19 -101.39 7.20 45.58
CA UNK G 19 -101.36 5.82 46.00
C UNK G 19 -101.45 4.88 44.79
N UNK G 20 -102.35 5.20 43.88
CA UNK G 20 -102.50 4.38 42.71
C UNK G 20 -101.20 4.49 41.96
N UNK G 21 -100.63 5.69 42.01
CA UNK G 21 -99.42 6.02 41.29
C UNK G 21 -98.27 5.16 41.76
N UNK G 22 -98.20 4.95 43.07
CA UNK G 22 -97.14 4.15 43.65
C UNK G 22 -96.37 3.35 42.58
N UNK G 23 -96.36 2.02 42.72
CA UNK G 23 -95.65 1.07 41.85
C UNK G 23 -94.70 1.66 40.81
N UNK G 24 -95.23 2.00 39.64
CA UNK G 24 -94.43 2.55 38.55
C UNK G 24 -93.81 3.88 38.96
N UNK G 25 -94.57 4.71 39.65
CA UNK G 25 -94.08 5.99 40.12
C UNK G 25 -92.93 5.80 41.10
N UNK G 26 -93.08 4.81 41.99
CA UNK G 26 -92.05 4.49 42.96
C UNK G 26 -90.78 4.03 42.24
N UNK G 27 -90.96 3.23 41.19
CA UNK G 27 -89.83 2.74 40.41
C UNK G 27 -89.11 3.91 39.75
N UNK G 28 -89.88 4.87 39.26
CA UNK G 28 -89.33 6.06 38.63
C UNK G 28 -88.53 6.88 39.65
N UNK H 1 -101.77 23.30 62.25
CA UNK H 1 -101.43 21.92 61.94
C UNK H 1 -100.49 21.80 60.74
N UNK H 2 -99.20 21.94 61.00
CA UNK H 2 -98.13 21.96 60.01
C UNK H 2 -97.99 20.67 59.22
N UNK H 3 -98.85 19.71 59.56
CA UNK H 3 -98.86 18.40 58.92
C UNK H 3 -99.14 18.47 57.43
N UNK H 4 -99.98 19.39 56.98
CA UNK H 4 -100.28 19.47 55.55
C UNK H 4 -100.81 18.12 55.16
N UNK H 5 -101.68 17.64 56.02
CA UNK H 5 -102.30 16.34 55.87
C UNK H 5 -103.67 16.43 55.20
N UNK H 6 -103.88 17.45 54.37
CA UNK H 6 -105.21 17.76 53.84
C UNK H 6 -106.16 16.63 53.42
N UNK H 7 -105.73 15.62 52.67
CA UNK H 7 -106.65 14.54 52.32
C UNK H 7 -106.54 13.51 53.45
N UNK H 8 -107.68 13.10 53.96
CA UNK H 8 -107.75 12.14 55.00
C UNK H 8 -107.66 10.84 54.26
N UNK H 9 -107.98 9.80 55.01
CA UNK H 9 -107.86 8.40 54.64
C UNK H 9 -108.74 7.79 53.57
N UNK H 10 -109.81 8.46 53.16
CA UNK H 10 -110.69 7.83 52.18
C UNK H 10 -109.86 7.47 50.97
N UNK H 11 -108.98 8.38 50.59
CA UNK H 11 -108.14 8.11 49.45
C UNK H 11 -107.29 6.89 49.73
N UNK H 12 -106.72 6.82 50.92
CA UNK H 12 -105.86 5.69 51.29
C UNK H 12 -106.64 4.38 51.32
N UNK H 13 -107.82 4.41 51.94
CA UNK H 13 -108.66 3.22 52.03
C UNK H 13 -109.11 2.84 50.63
N UNK H 14 -109.51 3.84 49.87
CA UNK H 14 -109.98 3.63 48.51
C UNK H 14 -108.85 3.06 47.67
N UNK H 15 -107.65 3.61 47.85
CA UNK H 15 -106.50 3.14 47.09
C UNK H 15 -106.21 1.68 47.43
N UNK H 16 -106.32 1.34 48.71
CA UNK H 16 -106.07 -0.02 49.15
C UNK H 16 -107.07 -0.96 48.52
N UNK H 17 -108.33 -0.53 48.48
CA UNK H 17 -109.39 -1.34 47.88
C UNK H 17 -109.14 -1.54 46.39
N UNK H 18 -108.68 -0.47 45.75
CA UNK H 18 -108.38 -0.49 44.32
C UNK H 18 -107.26 -1.49 44.12
N UNK H 19 -106.27 -1.46 44.99
CA UNK H 19 -105.16 -2.40 44.92
C UNK H 19 -105.73 -3.79 45.17
N UNK H 20 -106.62 -3.85 46.15
CA UNK H 20 -107.28 -5.10 46.53
C UNK H 20 -108.14 -5.59 45.37
N UNK H 21 -108.76 -4.62 44.71
CA UNK H 21 -109.59 -4.87 43.55
C UNK H 21 -108.70 -5.43 42.46
N UNK H 22 -107.50 -4.87 42.35
CA UNK H 22 -106.56 -5.32 41.35
C UNK H 22 -106.19 -6.77 41.59
N UNK H 23 -105.98 -7.11 42.86
CA UNK H 23 -105.64 -8.48 43.22
C UNK H 23 -106.80 -9.41 42.90
N UNK H 24 -108.01 -8.95 43.17
CA UNK H 24 -109.20 -9.74 42.93
C UNK H 24 -109.26 -10.03 41.46
N UNK H 25 -108.93 -9.03 40.66
CA UNK H 25 -108.93 -9.19 39.22
C UNK H 25 -107.87 -10.23 38.87
N UNK H 26 -106.96 -10.48 39.80
CA UNK H 26 -105.88 -11.45 39.61
C UNK H 26 -106.37 -12.88 39.43
N UNK H 27 -107.41 -13.25 40.18
CA UNK H 27 -107.96 -14.60 40.10
C UNK H 27 -108.47 -14.89 38.70
N UNK H 28 -109.10 -13.91 38.08
CA UNK H 28 -109.63 -14.06 36.73
C UNK H 28 -108.71 -13.42 35.70
N UNK I 1 -68.86 39.54 45.03
CA UNK I 1 -68.41 38.27 45.58
C UNK I 1 -69.11 37.11 44.87
N UNK I 2 -70.36 37.33 44.49
CA UNK I 2 -71.05 36.34 43.71
C UNK I 2 -70.26 36.21 42.43
N UNK I 3 -69.77 37.34 41.94
CA UNK I 3 -68.99 37.36 40.72
C UNK I 3 -67.68 36.58 40.86
N UNK I 4 -67.05 36.69 42.02
CA UNK I 4 -65.85 35.95 42.36
C UNK I 4 -66.11 34.45 42.40
N UNK I 5 -67.32 34.09 42.77
CA UNK I 5 -67.80 32.72 42.60
C UNK I 5 -67.75 32.45 41.11
N UNK I 6 -68.08 33.50 40.36
CA UNK I 6 -68.07 33.45 38.91
C UNK I 6 -66.66 33.09 38.48
N UNK I 7 -65.67 33.57 39.21
CA UNK I 7 -64.28 33.22 38.96
C UNK I 7 -64.06 31.71 39.14
N UNK I 8 -64.73 31.15 40.15
CA UNK I 8 -64.66 29.71 40.38
C UNK I 8 -65.24 28.95 39.20
N UNK I 9 -66.33 29.47 38.66
CA UNK I 9 -66.95 28.90 37.45
C UNK I 9 -65.99 29.01 36.26
N UNK I 10 -65.23 30.10 36.27
CA UNK I 10 -64.23 30.40 35.25
C UNK I 10 -63.22 29.28 35.25
N UNK I 11 -62.89 28.82 36.44
CA UNK I 11 -61.97 27.72 36.53
C UNK I 11 -62.94 26.56 36.56
N UNK I 12 -62.87 25.71 35.55
CA UNK I 12 -63.77 24.56 35.48
C UNK I 12 -63.03 23.27 35.12
N UNK I 13 -63.63 22.14 35.46
CA UNK I 13 -63.02 20.85 35.15
C UNK I 13 -61.54 20.83 35.51
N UNK J 1 -121.06 54.96 58.16
CA UNK J 1 -122.17 55.03 59.11
C UNK J 1 -121.67 55.01 60.54
N UNK J 2 -122.56 55.42 61.45
CA UNK J 2 -122.25 55.69 62.85
C UNK J 2 -121.77 54.45 63.57
N UNK J 3 -122.09 53.29 63.00
CA UNK J 3 -121.72 52.02 63.60
C UNK J 3 -120.21 52.05 63.73
N UNK J 4 -119.56 52.70 62.77
CA UNK J 4 -118.11 52.84 62.84
C UNK J 4 -117.81 53.59 64.14
N UNK J 5 -118.61 54.61 64.45
CA UNK J 5 -118.55 55.17 65.77
C UNK J 5 -118.55 54.04 66.80
N UNK J 6 -119.39 53.05 66.56
CA UNK J 6 -119.51 51.91 67.44
C UNK J 6 -118.20 51.14 67.50
N UNK J 7 -117.55 50.98 66.35
CA UNK J 7 -116.30 50.26 66.31
C UNK J 7 -115.25 51.01 67.12
N UNK J 8 -115.24 52.32 66.96
CA UNK J 8 -114.25 53.11 67.63
C UNK J 8 -114.48 52.93 69.12
N UNK J 9 -115.75 52.92 69.51
CA UNK J 9 -116.12 52.79 70.90
C UNK J 9 -115.67 51.45 71.50
N UNK J 10 -115.86 50.38 70.74
CA UNK J 10 -115.46 49.08 71.22
C UNK J 10 -113.95 49.08 71.45
N UNK J 11 -113.23 49.68 70.50
CA UNK J 11 -111.77 49.73 70.61
C UNK J 11 -111.32 50.52 71.84
N UNK J 12 -111.99 51.64 72.06
CA UNK J 12 -111.65 52.50 73.18
C UNK J 12 -111.90 51.75 74.47
N UNK J 13 -112.98 50.98 74.48
CA UNK J 13 -113.34 50.24 75.66
C UNK J 13 -112.25 49.25 75.96
N UNK J 14 -111.89 48.43 74.99
CA UNK J 14 -110.98 47.32 75.29
C UNK J 14 -109.63 47.79 75.79
N UNK J 15 -109.07 48.81 75.15
CA UNK J 15 -107.75 49.32 75.51
C UNK J 15 -107.65 49.89 76.92
N UNK J 16 -108.65 50.67 77.31
CA UNK J 16 -108.58 51.24 78.63
C UNK J 16 -107.57 52.37 78.48
N UNK J 17 -107.20 53.01 79.58
CA UNK J 17 -107.73 52.68 80.89
C UNK J 17 -109.05 53.42 81.09
N UNK J 18 -109.48 54.16 80.07
CA UNK J 18 -110.68 54.96 80.15
C UNK J 18 -111.93 54.14 80.48
N UNK J 19 -112.75 54.75 81.34
CA UNK J 19 -113.99 54.15 81.81
C UNK J 19 -114.73 53.51 80.65
N UNK J 20 -115.37 52.39 80.92
CA UNK J 20 -116.06 51.64 79.88
C UNK J 20 -117.12 52.46 79.12
N UNK J 21 -117.90 53.26 79.84
CA UNK J 21 -118.95 54.07 79.20
C UNK J 21 -118.61 55.54 79.32
N UNK J 22 -117.32 55.83 79.48
CA UNK J 22 -116.84 57.18 79.70
C UNK J 22 -117.04 58.32 78.69
N UNK J 23 -116.90 58.07 77.39
CA UNK J 23 -117.07 59.14 76.41
C UNK J 23 -117.94 58.73 75.25
N UNK J 24 -118.88 59.57 74.87
CA UNK J 24 -119.73 59.21 73.73
C UNK J 24 -120.10 60.33 72.76
N UNK J 25 -119.12 60.89 72.05
CA UNK J 25 -117.70 60.59 72.19
C UNK J 25 -117.01 61.90 72.52
N UNK J 26 -117.75 62.80 73.15
CA UNK J 26 -117.30 64.15 73.51
C UNK J 26 -116.13 64.23 74.48
N UNK J 27 -115.92 63.17 75.26
CA UNK J 27 -114.84 63.21 76.23
C UNK J 27 -113.43 63.39 75.66
N UNK J 28 -112.69 64.21 76.39
CA UNK J 28 -111.30 64.58 76.20
C UNK J 28 -110.46 63.32 76.07
N UNK J 29 -109.55 63.32 75.09
CA UNK J 29 -108.81 62.15 74.78
C UNK J 29 -107.71 62.11 75.75
N UNK J 30 -107.11 63.25 75.98
CA UNK J 30 -106.11 63.33 76.99
C UNK J 30 -106.97 63.38 78.21
N UNK J 31 -107.67 64.49 78.26
CA UNK J 31 -108.29 65.00 79.46
C UNK J 31 -109.17 64.00 80.13
N UNK J 32 -110.18 63.59 79.42
CA UNK J 32 -111.25 62.91 80.07
C UNK J 32 -111.00 61.46 80.29
N UNK J 33 -109.74 61.03 80.21
CA UNK J 33 -109.45 59.62 80.34
C UNK J 33 -108.06 59.42 80.85
N UNK J 34 -107.43 60.52 81.12
CA UNK J 34 -106.13 60.40 81.75
C UNK J 34 -105.19 59.79 80.77
N UNK J 35 -105.29 60.28 79.54
CA UNK J 35 -104.45 59.78 78.49
C UNK J 35 -102.99 60.17 78.69
N UNK J 36 -102.06 59.39 78.14
CA UNK J 36 -100.66 59.72 78.24
C UNK J 36 -100.28 60.22 76.86
N UNK J 37 -99.38 61.19 76.79
CA UNK J 37 -98.99 61.72 75.48
C UNK J 37 -98.44 60.54 74.72
N UNK J 38 -97.62 59.74 75.40
CA UNK J 38 -97.08 58.56 74.79
C UNK J 38 -98.29 57.69 74.51
N UNK J 39 -99.21 57.69 75.46
CA UNK J 39 -100.44 56.92 75.35
C UNK J 39 -101.28 57.37 74.18
N UNK J 40 -101.32 58.67 73.94
CA UNK J 40 -102.13 59.17 72.85
C UNK J 40 -101.65 58.52 71.59
N UNK J 41 -100.34 58.37 71.47
CA UNK J 41 -99.79 57.78 70.28
C UNK J 41 -100.34 56.38 70.12
N UNK J 42 -100.40 55.64 71.23
CA UNK J 42 -100.91 54.28 71.15
C UNK J 42 -102.32 54.40 70.64
N UNK J 43 -103.04 55.41 71.12
CA UNK J 43 -104.40 55.58 70.71
C UNK J 43 -104.39 55.75 69.21
N UNK J 44 -103.46 56.54 68.72
CA UNK J 44 -103.38 56.73 67.29
C UNK J 44 -103.06 55.38 66.73
N UNK J 45 -102.16 54.66 67.39
CA UNK J 45 -101.78 53.33 66.97
C UNK J 45 -103.05 52.53 66.86
N UNK J 46 -103.82 52.57 67.94
CA UNK J 46 -105.09 51.85 67.95
C UNK J 46 -106.03 52.24 66.81
N UNK J 47 -106.06 53.53 66.51
CA UNK J 47 -106.85 54.01 65.39
C UNK J 47 -106.27 53.35 64.15
N UNK J 48 -104.95 53.23 64.16
CA UNK J 48 -104.19 52.55 63.10
C UNK J 48 -104.51 51.07 62.97
N UNK J 49 -104.69 50.39 64.09
CA UNK J 49 -105.10 49.00 64.07
C UNK J 49 -106.46 48.93 63.42
N UNK J 50 -107.32 49.90 63.74
CA UNK J 50 -108.65 49.91 63.14
C UNK J 50 -108.51 50.04 61.64
N UNK J 51 -107.65 50.96 61.23
CA UNK J 51 -107.51 51.24 59.80
C UNK J 51 -106.06 51.41 59.34
N UNK J 52 -105.82 50.99 58.11
CA UNK J 52 -104.54 51.19 57.43
C UNK J 52 -104.25 52.66 57.20
N UNK J 53 -105.29 53.42 56.89
CA UNK J 53 -105.11 54.78 56.41
C UNK J 53 -104.39 55.67 57.42
N UNK J 54 -104.75 55.56 58.69
CA UNK J 54 -104.08 56.35 59.71
C UNK J 54 -104.19 57.84 59.38
N UNK J 55 -103.07 58.52 59.49
CA UNK J 55 -103.02 59.91 59.14
C UNK J 55 -101.59 60.28 58.90
N UNK J 56 -101.42 61.44 58.30
CA UNK J 56 -100.13 62.07 58.24
C UNK J 56 -99.93 62.49 59.69
N UNK J 57 -98.77 62.99 60.04
CA UNK J 57 -98.53 63.37 61.42
C UNK J 57 -99.55 64.44 61.83
N UNK J 58 -99.82 65.34 60.91
CA UNK J 58 -100.67 66.48 61.20
C UNK J 58 -102.05 66.04 61.65
N UNK J 59 -102.59 65.00 61.02
CA UNK J 59 -103.91 64.52 61.39
C UNK J 59 -103.92 64.03 62.84
N UNK J 60 -102.87 63.32 63.21
CA UNK J 60 -102.77 62.81 64.57
C UNK J 60 -102.73 63.96 65.54
N UNK J 61 -101.95 64.99 65.20
CA UNK J 61 -101.84 66.14 66.07
C UNK J 61 -103.21 66.81 66.24
N UNK J 62 -103.95 66.89 65.14
CA UNK J 62 -105.28 67.48 65.16
C UNK J 62 -106.26 66.72 66.05
N UNK J 63 -106.20 65.38 66.01
CA UNK J 63 -107.18 64.60 66.78
C UNK J 63 -107.07 64.83 68.29
N UNK J 64 -108.20 64.90 69.00
CA UNK J 64 -108.18 65.29 70.38
C UNK J 64 -109.44 64.68 70.98
N UNK J 65 -110.42 64.54 70.08
CA UNK J 65 -111.77 64.04 70.36
C UNK J 65 -112.13 62.86 69.46
N UNK J 66 -112.71 61.84 70.09
CA UNK J 66 -113.07 60.61 69.40
C UNK J 66 -114.09 60.87 68.29
N UNK J 67 -115.04 61.76 68.57
CA UNK J 67 -116.04 62.07 67.55
C UNK J 67 -115.32 62.67 66.35
N UNK J 68 -114.33 63.51 66.64
CA UNK J 68 -113.57 64.16 65.59
C UNK J 68 -112.82 63.14 64.72
N UNK J 69 -112.22 62.16 65.38
CA UNK J 69 -111.50 61.13 64.65
C UNK J 69 -112.47 60.36 63.76
N UNK J 70 -113.66 60.07 64.28
CA UNK J 70 -114.64 59.35 63.50
C UNK J 70 -115.02 60.16 62.27
N UNK J 71 -115.11 61.47 62.45
CA UNK J 71 -115.37 62.39 61.35
C UNK J 71 -114.34 62.27 60.23
N UNK J 72 -113.10 62.61 60.55
CA UNK J 72 -112.03 62.65 59.56
C UNK J 72 -111.84 61.26 58.99
N UNK J 73 -111.99 60.26 59.84
CA UNK J 73 -111.95 58.88 59.38
C UNK J 73 -113.09 58.72 58.40
N UNK J 74 -114.21 59.37 58.70
CA UNK J 74 -115.39 59.24 57.86
C UNK J 74 -115.08 59.73 56.46
N UNK J 75 -114.38 60.86 56.39
CA UNK J 75 -113.95 61.41 55.10
C UNK J 75 -115.10 61.39 54.08
N UNK K 1 -92.36 48.17 54.15
CA UNK K 1 -92.70 47.16 55.13
C UNK K 1 -91.75 45.98 55.01
N UNK K 2 -90.61 46.28 54.41
CA UNK K 2 -89.44 45.42 54.44
C UNK K 2 -88.38 46.06 55.32
N UNK K 3 -88.82 46.98 56.15
CA UNK K 3 -87.87 47.87 56.78
C UNK K 3 -86.95 47.16 57.74
N UNK K 4 -85.85 47.84 58.08
CA UNK K 4 -84.90 47.41 59.11
C UNK K 4 -84.51 48.56 60.07
N UNK K 5 -84.12 48.20 61.30
CA UNK K 5 -83.72 49.16 62.33
C UNK K 5 -82.42 49.97 62.21
N UNK K 6 -81.33 49.35 61.79
CA UNK K 6 -80.06 50.04 62.06
C UNK K 6 -80.11 51.51 61.66
N UNK K 7 -80.73 51.80 60.53
CA UNK K 7 -80.90 53.17 60.09
C UNK K 7 -81.72 53.86 61.16
N UNK K 8 -82.51 53.10 61.91
CA UNK K 8 -83.23 53.61 63.13
C UNK K 8 -82.47 54.05 64.42
N UNK K 9 -81.47 53.28 64.81
CA UNK K 9 -80.83 53.39 66.14
C UNK K 9 -80.10 54.70 66.49
N UNK K 10 -79.66 55.40 65.47
CA UNK K 10 -79.09 56.72 65.71
C UNK K 10 -80.18 57.57 66.35
N UNK K 11 -81.42 57.19 66.08
CA UNK K 11 -82.54 57.86 66.74
C UNK K 11 -82.30 57.72 68.24
N UNK K 12 -81.38 56.83 68.60
CA UNK K 12 -80.88 56.77 69.97
C UNK K 12 -80.19 58.10 70.23
N UNK K 13 -79.51 58.59 69.21
CA UNK K 13 -78.77 59.84 69.28
C UNK K 13 -79.69 61.00 69.61
N UNK K 14 -80.90 60.96 69.07
CA UNK K 14 -81.88 62.01 69.35
C UNK K 14 -82.23 62.03 70.84
N UNK K 15 -82.40 60.84 71.42
CA UNK K 15 -82.69 60.73 72.84
C UNK K 15 -81.51 61.26 73.64
N UNK K 16 -80.32 60.97 73.15
CA UNK K 16 -79.08 61.44 73.76
C UNK K 16 -78.96 62.97 73.77
N UNK K 17 -79.52 63.63 72.76
CA UNK K 17 -79.40 65.09 72.65
C UNK K 17 -79.88 65.95 73.83
N UNK K 18 -81.05 65.62 74.37
CA UNK K 18 -81.66 66.40 75.45
C UNK K 18 -81.00 66.39 76.82
N UNK K 19 -80.95 67.58 77.42
CA UNK K 19 -80.42 67.77 78.76
C UNK K 19 -81.57 67.93 79.74
N UNK K 20 -82.78 67.72 79.23
CA UNK K 20 -84.00 67.81 80.01
C UNK K 20 -84.13 66.60 80.92
N UNK K 21 -85.04 66.70 81.89
CA UNK K 21 -85.25 65.62 82.85
C UNK K 21 -86.71 65.23 83.04
N UNK K 22 -86.95 64.07 83.63
CA UNK K 22 -88.33 63.61 83.88
C UNK K 22 -88.99 62.72 82.82
N UNK K 23 -88.35 62.45 81.70
CA UNK K 23 -89.02 61.58 80.74
C UNK K 23 -88.51 60.17 80.96
N UNK K 24 -87.28 59.94 80.53
CA UNK K 24 -86.59 58.67 80.72
C UNK K 24 -87.23 57.35 80.28
N UNK K 25 -87.14 56.41 81.22
CA UNK K 25 -87.54 55.01 81.11
C UNK K 25 -88.93 54.77 80.59
N UNK K 26 -89.90 55.61 80.90
CA UNK K 26 -91.25 55.32 80.44
C UNK K 26 -91.20 54.93 78.96
N UNK K 27 -90.35 55.56 78.17
CA UNK K 27 -90.24 55.19 76.76
C UNK K 27 -89.74 53.74 76.56
N UNK K 28 -88.79 53.31 77.40
CA UNK K 28 -88.18 52.00 77.35
C UNK K 28 -89.21 50.99 77.81
N UNK K 29 -89.96 51.35 78.84
CA UNK K 29 -90.96 50.45 79.38
C UNK K 29 -92.05 50.16 78.34
N UNK K 30 -92.47 51.20 77.64
CA UNK K 30 -93.50 51.05 76.62
C UNK K 30 -92.98 50.13 75.53
N UNK K 31 -91.74 50.35 75.11
CA UNK K 31 -91.18 49.55 74.02
C UNK K 31 -91.05 48.08 74.42
N UNK K 32 -90.57 47.83 75.63
CA UNK K 32 -90.42 46.47 76.11
C UNK K 32 -91.79 45.80 76.22
N UNK K 33 -92.75 46.53 76.77
CA UNK K 33 -94.08 46.00 76.98
C UNK K 33 -94.72 45.68 75.64
N UNK K 34 -94.56 46.60 74.69
CA UNK K 34 -95.14 46.42 73.38
C UNK K 34 -94.52 45.19 72.74
N UNK K 35 -93.22 45.03 72.87
CA UNK K 35 -92.56 43.90 72.22
C UNK K 35 -93.03 42.54 72.66
N UNK K 36 -93.15 42.36 73.96
CA UNK K 36 -93.59 41.09 74.49
C UNK K 36 -95.01 40.78 74.04
N UNK K 37 -95.84 41.80 74.02
CA UNK K 37 -97.25 41.67 73.68
C UNK K 37 -97.59 41.16 72.28
N UNK K 38 -96.78 41.60 71.32
CA UNK K 38 -96.91 41.26 69.92
C UNK K 38 -96.74 39.77 69.67
N UNK K 39 -97.60 39.23 68.83
CA UNK K 39 -97.51 37.82 68.47
C UNK K 39 -97.34 37.63 66.97
N UNK K 40 -96.16 37.17 66.55
CA UNK K 40 -95.85 36.90 65.15
C UNK K 40 -95.56 38.16 64.32
N UNK K 41 -95.13 37.96 63.08
CA UNK K 41 -94.89 39.10 62.20
C UNK K 41 -93.97 40.21 62.72
N UNK K 42 -92.77 39.87 63.16
CA UNK K 42 -91.90 40.90 63.70
C UNK K 42 -91.68 41.95 62.61
N UNK K 43 -91.67 43.21 63.04
CA UNK K 43 -91.53 44.39 62.22
C UNK K 43 -92.37 45.43 62.90
N UNK K 44 -93.49 44.97 63.45
CA UNK K 44 -94.39 45.85 64.16
C UNK K 44 -93.43 46.73 64.90
N UNK K 45 -92.33 46.16 65.39
CA UNK K 45 -91.43 47.04 66.08
C UNK K 45 -91.12 48.18 65.16
N UNK K 46 -90.80 47.85 63.91
CA UNK K 46 -90.33 48.89 63.01
C UNK K 46 -91.46 49.85 62.83
N UNK K 47 -92.64 49.29 62.62
CA UNK K 47 -93.83 50.10 62.43
C UNK K 47 -94.12 50.87 63.68
N UNK K 48 -94.11 50.16 64.80
CA UNK K 48 -94.46 50.80 66.04
C UNK K 48 -93.44 51.87 66.24
N UNK K 49 -92.21 51.50 65.95
CA UNK K 49 -91.07 52.24 66.38
C UNK K 49 -91.21 53.60 65.81
N UNK K 50 -91.61 53.68 64.55
CA UNK K 50 -91.61 54.98 63.90
C UNK K 50 -92.55 55.85 64.68
N UNK K 51 -93.67 55.24 65.00
CA UNK K 51 -94.72 55.97 65.65
C UNK K 51 -94.08 56.75 66.78
N UNK K 52 -93.23 56.08 67.54
CA UNK K 52 -92.62 56.74 68.68
C UNK K 52 -91.70 57.88 68.27
N UNK K 53 -90.83 57.63 67.31
CA UNK K 53 -89.80 58.60 67.02
C UNK K 53 -90.53 59.81 66.55
N UNK K 54 -91.45 59.55 65.65
CA UNK K 54 -92.39 60.57 65.25
C UNK K 54 -92.86 61.20 66.51
N UNK K 55 -93.18 60.36 67.49
CA UNK K 55 -93.81 60.90 68.67
C UNK K 55 -92.87 61.89 69.30
N UNK K 56 -91.60 61.48 69.37
CA UNK K 56 -90.53 62.23 70.02
C UNK K 56 -90.39 63.61 69.46
N UNK K 57 -90.68 63.78 68.18
CA UNK K 57 -90.56 65.09 67.57
C UNK K 57 -91.49 66.00 68.37
N UNK K 58 -91.11 67.26 68.49
CA UNK K 58 -91.83 68.24 69.29
C UNK K 58 -91.45 68.01 70.74
N UNK K 59 -91.68 66.82 71.30
CA UNK K 59 -91.24 66.63 72.67
C UNK K 59 -90.52 65.30 72.85
N UNK L 1 -110.83 77.54 63.77
CA UNK L 1 -110.44 76.63 62.68
C UNK L 1 -111.30 75.38 62.69
N UNK L 2 -111.51 74.83 63.88
CA UNK L 2 -112.30 73.62 64.01
C UNK L 2 -113.73 73.86 63.53
N UNK L 3 -114.27 75.02 63.88
CA UNK L 3 -115.63 75.38 63.48
C UNK L 3 -115.74 75.49 61.96
N UNK L 4 -114.74 76.10 61.35
CA UNK L 4 -114.72 76.24 59.89
C UNK L 4 -114.67 74.86 59.25
N UNK L 5 -113.87 73.98 59.84
CA UNK L 5 -113.73 72.63 59.33
C UNK L 5 -115.07 71.91 59.40
N UNK L 6 -115.77 72.12 60.51
CA UNK L 6 -117.07 71.51 60.72
C UNK L 6 -118.06 71.98 59.66
N UNK L 7 -118.02 73.27 59.34
CA UNK L 7 -118.91 73.82 58.33
C UNK L 7 -118.58 73.18 56.98
N UNK L 8 -117.30 73.03 56.72
CA UNK L 8 -116.82 72.43 55.47
C UNK L 8 -117.28 70.97 55.42
N UNK L 9 -117.20 70.30 56.55
CA UNK L 9 -117.62 68.89 56.63
C UNK L 9 -119.11 68.79 56.32
N UNK L 10 -119.87 69.74 56.86
CA UNK L 10 -121.32 69.76 56.65
C UNK L 10 -121.62 69.97 55.17
N UNK L 11 -120.84 70.85 54.54
CA UNK L 11 -121.02 71.14 53.12
C UNK L 11 -120.74 69.87 52.32
N UNK L 12 -119.69 69.15 52.72
CA UNK L 12 -119.30 67.92 52.05
C UNK L 12 -120.40 66.87 52.19
N UNK L 13 -121.03 66.82 53.37
CA UNK L 13 -122.08 65.83 53.58
C UNK L 13 -123.24 66.06 52.62
N UNK L 14 -123.61 67.32 52.42
CA UNK L 14 -124.70 67.65 51.51
C UNK L 14 -124.30 67.27 50.09
N UNK L 15 -123.06 67.56 49.73
CA UNK L 15 -122.56 67.24 48.40
C UNK L 15 -122.56 65.73 48.16
N UNK L 16 -122.11 64.97 49.14
CA UNK L 16 -122.08 63.53 48.90
C UNK L 16 -123.47 62.95 48.68
N UNK L 17 -124.43 63.32 49.51
CA UNK L 17 -125.77 62.79 49.35
C UNK L 17 -126.30 63.25 48.02
N UNK L 18 -126.07 64.52 47.75
CA UNK L 18 -126.51 65.11 46.50
C UNK L 18 -125.84 64.44 45.33
N UNK L 19 -124.57 64.08 45.53
CA UNK L 19 -123.80 63.51 44.44
C UNK L 19 -124.34 62.25 43.79
N UNK L 20 -124.85 61.32 44.59
CA UNK L 20 -125.42 60.11 44.03
C UNK L 20 -126.92 60.30 43.89
N UNK L 21 -127.61 59.23 43.49
CA UNK L 21 -129.05 59.30 43.33
C UNK L 21 -129.42 60.32 42.26
N UNK M 1 -125.37 67.19 23.58
CA UNK M 1 -125.91 67.37 24.93
C UNK M 1 -126.96 66.32 25.23
N UNK M 2 -126.67 65.48 26.21
CA UNK M 2 -127.57 64.40 26.59
C UNK M 2 -128.04 64.65 28.00
N UNK M 3 -129.22 64.12 28.36
CA UNK M 3 -129.72 64.37 29.71
C UNK M 3 -130.07 63.17 30.57
N UNK M 4 -129.51 63.17 31.78
CA UNK M 4 -129.74 62.13 32.77
C UNK M 4 -130.76 62.64 33.80
N UNK M 5 -131.41 63.74 33.49
CA UNK M 5 -132.50 64.30 34.31
C UNK M 5 -132.17 65.14 35.54
N UNK M 6 -130.92 65.11 35.97
CA UNK M 6 -130.52 65.86 37.16
C UNK M 6 -129.44 66.91 36.98
N UNK M 7 -128.98 67.09 35.74
CA UNK M 7 -127.88 68.02 35.49
C UNK M 7 -128.26 69.42 35.92
N UNK M 8 -129.50 69.80 35.66
CA UNK M 8 -129.96 71.12 36.05
C UNK M 8 -129.86 71.14 37.55
N UNK M 9 -130.15 70.02 38.20
CA UNK M 9 -130.14 70.00 39.64
C UNK M 9 -128.80 70.50 40.13
N UNK M 10 -127.77 70.22 39.36
CA UNK M 10 -126.43 70.66 39.72
C UNK M 10 -126.25 72.19 39.80
N UNK M 11 -126.87 72.93 38.90
CA UNK M 11 -126.64 74.38 38.87
C UNK M 11 -126.94 75.12 40.17
N UNK M 12 -128.07 74.87 40.79
CA UNK M 12 -128.32 75.53 42.06
C UNK M 12 -127.03 75.48 42.83
N UNK M 13 -126.37 74.32 42.75
CA UNK M 13 -125.14 74.15 43.47
C UNK M 13 -124.18 75.20 42.98
N UNK M 14 -124.19 75.39 41.67
CA UNK M 14 -123.35 76.36 41.01
C UNK M 14 -123.71 77.77 41.44
N UNK M 15 -125.00 78.05 41.55
CA UNK M 15 -125.44 79.39 41.91
C UNK M 15 -124.91 79.81 43.27
N UNK M 16 -124.96 78.90 44.23
CA UNK M 16 -124.49 79.23 45.56
C UNK M 16 -123.00 79.52 45.50
N UNK M 17 -122.29 78.70 44.74
CA UNK M 17 -120.86 78.84 44.64
C UNK M 17 -120.56 80.21 44.06
N UNK M 18 -121.33 80.78 43.17
CA UNK M 18 -120.87 82.13 42.79
C UNK M 18 -120.90 83.18 43.96
N UNK M 19 -122.00 83.18 44.69
CA UNK M 19 -122.23 84.13 45.77
C UNK M 19 -121.23 84.01 46.90
N UNK M 20 -120.89 82.77 47.25
CA UNK M 20 -119.93 82.52 48.32
C UNK M 20 -118.59 83.11 47.93
N UNK M 21 -118.25 82.95 46.65
CA UNK M 21 -116.99 83.46 46.13
C UNK M 21 -116.93 84.98 46.25
N UNK M 22 -118.04 85.69 46.09
CA UNK M 22 -117.99 87.15 46.26
C UNK M 22 -117.67 87.51 47.73
N UNK M 23 -118.34 86.80 48.63
CA UNK M 23 -118.19 86.94 50.08
C UNK M 23 -116.78 86.55 50.45
N UNK M 24 -116.26 85.61 49.69
CA UNK M 24 -114.90 85.14 49.85
C UNK M 24 -114.01 86.33 49.53
N UNK M 25 -114.42 87.11 48.53
CA UNK M 25 -113.68 88.29 48.12
C UNK M 25 -113.66 89.24 49.30
N UNK M 26 -114.81 89.33 49.94
CA UNK M 26 -115.04 90.18 51.11
C UNK M 26 -114.13 89.78 52.25
N UNK M 27 -113.86 88.49 52.38
CA UNK M 27 -113.00 88.01 53.44
C UNK M 27 -111.67 88.71 53.26
N UNK M 28 -111.28 88.95 52.02
CA UNK M 28 -110.06 89.65 51.75
C UNK M 28 -110.19 91.18 51.75
N UNK N 1 -59.39 81.46 -31.18
CA UNK N 1 -60.72 81.19 -31.70
C UNK N 1 -61.01 79.69 -31.71
N UNK N 2 -59.96 78.93 -31.97
CA UNK N 2 -60.10 77.50 -32.03
C UNK N 2 -60.57 77.07 -30.68
N UNK N 3 -60.03 77.68 -29.65
CA UNK N 3 -60.40 77.26 -28.31
C UNK N 3 -61.88 77.48 -28.16
N UNK N 4 -62.40 78.62 -28.60
CA UNK N 4 -63.83 78.87 -28.44
C UNK N 4 -64.70 77.93 -29.24
N UNK N 5 -64.35 77.74 -30.49
CA UNK N 5 -65.20 76.96 -31.37
C UNK N 5 -65.31 75.55 -30.84
N UNK N 6 -64.20 75.02 -30.38
CA UNK N 6 -64.16 73.62 -30.03
C UNK N 6 -65.15 73.37 -28.92
N UNK N 7 -65.25 74.29 -27.97
CA UNK N 7 -66.01 74.01 -26.77
C UNK N 7 -67.42 73.71 -27.19
N UNK N 8 -67.83 74.44 -28.23
CA UNK N 8 -69.16 74.35 -28.78
C UNK N 8 -69.46 72.97 -29.32
N UNK N 9 -68.48 72.32 -29.95
CA UNK N 9 -68.77 71.04 -30.57
C UNK N 9 -69.26 70.12 -29.49
N UNK N 10 -68.61 70.15 -28.33
CA UNK N 10 -68.98 69.23 -27.30
C UNK N 10 -70.43 69.49 -26.94
N UNK N 11 -70.75 70.76 -26.79
CA UNK N 11 -72.08 71.11 -26.34
C UNK N 11 -73.13 70.67 -27.31
N UNK N 12 -72.88 70.91 -28.60
CA UNK N 12 -73.87 70.59 -29.61
C UNK N 12 -74.06 69.09 -29.64
N UNK N 13 -72.95 68.41 -29.37
CA UNK N 13 -72.98 66.98 -29.26
C UNK N 13 -74.00 66.72 -28.19
N UNK N 14 -74.07 67.58 -27.19
CA UNK N 14 -74.95 67.32 -26.08
C UNK N 14 -76.37 67.20 -26.58
N UNK N 15 -76.78 68.26 -27.26
CA UNK N 15 -78.15 68.49 -27.58
C UNK N 15 -78.53 67.38 -28.48
N UNK N 16 -77.61 67.00 -29.36
CA UNK N 16 -77.86 65.83 -30.18
C UNK N 16 -77.95 64.69 -29.21
N UNK N 17 -77.07 64.70 -28.23
CA UNK N 17 -77.01 63.59 -27.33
C UNK N 17 -78.34 63.51 -26.64
N UNK N 18 -78.81 64.61 -26.06
CA UNK N 18 -80.08 64.51 -25.38
C UNK N 18 -81.25 64.21 -26.31
N UNK N 19 -81.30 64.89 -27.45
CA UNK N 19 -82.53 64.87 -28.21
C UNK N 19 -82.80 63.46 -28.61
N UNK N 20 -81.80 62.77 -29.13
CA UNK N 20 -82.04 61.45 -29.64
C UNK N 20 -82.49 60.53 -28.52
N UNK N 21 -81.78 60.60 -27.39
CA UNK N 21 -82.04 59.62 -26.35
C UNK N 21 -83.46 59.79 -25.91
N UNK N 22 -83.87 61.04 -25.74
CA UNK N 22 -85.10 61.25 -25.04
C UNK N 22 -86.13 60.53 -25.84
N UNK N 23 -86.04 60.67 -27.15
CA UNK N 23 -87.06 60.09 -27.98
C UNK N 23 -87.07 58.58 -27.82
N UNK N 24 -85.90 57.98 -27.84
CA UNK N 24 -85.84 56.57 -28.14
C UNK N 24 -86.60 55.81 -27.10
N UNK N 25 -86.33 56.21 -25.86
CA UNK N 25 -86.92 55.61 -24.68
C UNK N 25 -88.42 55.80 -24.74
N UNK N 26 -88.86 56.69 -25.61
CA UNK N 26 -90.26 56.94 -25.74
C UNK N 26 -90.93 55.61 -26.03
N UNK N 27 -90.31 54.73 -26.80
CA UNK N 27 -91.07 53.48 -26.99
C UNK N 27 -91.95 53.10 -25.81
N UNK N 28 -91.41 53.10 -24.61
CA UNK N 28 -92.21 52.89 -23.42
C UNK N 28 -92.75 54.24 -23.04
N UNK O 1 -72.21 40.45 -10.05
CA UNK O 1 -73.39 39.65 -10.34
C UNK O 1 -73.00 38.23 -10.70
N UNK O 2 -72.04 38.08 -11.58
CA UNK O 2 -71.63 36.76 -11.98
C UNK O 2 -71.35 35.86 -10.77
N UNK O 3 -70.28 36.18 -10.06
CA UNK O 3 -69.70 35.26 -9.11
C UNK O 3 -70.83 34.65 -8.34
N UNK O 4 -71.75 35.49 -7.92
CA UNK O 4 -72.93 34.99 -7.26
C UNK O 4 -73.54 33.95 -8.15
N UNK O 5 -73.55 34.25 -9.44
CA UNK O 5 -74.29 33.44 -10.37
C UNK O 5 -73.73 32.06 -10.26
N UNK O 6 -72.42 31.98 -10.13
CA UNK O 6 -71.79 30.69 -9.96
C UNK O 6 -72.33 30.11 -8.68
N UNK O 7 -72.39 30.92 -7.65
CA UNK O 7 -72.71 30.38 -6.36
C UNK O 7 -73.90 29.47 -6.55
N UNK O 8 -74.80 29.88 -7.42
CA UNK O 8 -76.07 29.19 -7.50
C UNK O 8 -75.82 27.73 -7.83
N UNK O 9 -74.86 27.47 -8.72
CA UNK O 9 -74.58 26.11 -9.07
C UNK O 9 -74.15 25.39 -7.81
N UNK O 10 -73.35 26.03 -6.98
CA UNK O 10 -72.91 25.36 -5.78
C UNK O 10 -74.16 24.97 -5.06
N UNK O 11 -75.15 25.84 -5.12
CA UNK O 11 -76.42 25.55 -4.50
C UNK O 11 -76.92 24.29 -5.16
N UNK O 12 -76.68 24.20 -6.46
CA UNK O 12 -77.28 23.13 -7.20
C UNK O 12 -76.84 21.80 -6.64
N UNK O 13 -75.55 21.63 -6.36
CA UNK O 13 -75.15 20.30 -5.83
C UNK O 13 -75.64 19.86 -4.41
N UNK O 14 -75.46 20.75 -3.44
CA UNK O 14 -76.00 20.76 -2.09
C UNK O 14 -77.42 20.24 -2.13
N UNK O 15 -78.10 20.60 -3.20
CA UNK O 15 -79.48 20.25 -3.48
C UNK O 15 -79.63 18.74 -3.55
N UNK O 16 -78.63 18.02 -4.07
CA UNK O 16 -78.65 16.56 -3.87
C UNK O 16 -78.61 16.35 -2.35
N UNK O 17 -79.45 15.52 -1.75
CA UNK O 17 -79.31 15.51 -0.29
C UNK O 17 -79.74 14.33 0.60
N UNK O 18 -79.11 14.29 1.77
CA UNK O 18 -79.36 13.31 2.79
C UNK O 18 -79.70 14.15 4.01
N UNK O 19 -80.76 13.81 4.71
CA UNK O 19 -81.18 14.60 5.85
C UNK O 19 -82.54 14.11 6.33
N UNK O 20 -83.31 14.99 6.95
CA UNK O 20 -84.60 14.53 7.44
C UNK O 20 -85.36 14.01 6.23
N UNK O 21 -85.24 14.73 5.12
CA UNK O 21 -85.84 14.32 3.88
C UNK O 21 -87.17 15.00 3.70
N UNK O 22 -87.56 15.02 2.45
CA UNK O 22 -88.83 15.61 2.00
C UNK O 22 -89.39 16.85 2.70
N UNK O 23 -89.59 16.78 4.01
CA UNK O 23 -90.20 17.89 4.73
C UNK O 23 -89.36 19.14 4.62
N UNK O 24 -88.05 18.97 4.74
CA UNK O 24 -87.14 20.08 4.63
C UNK O 24 -86.55 20.04 3.22
N UNK O 25 -87.08 19.16 2.38
CA UNK O 25 -86.54 19.03 1.04
C UNK O 25 -87.06 20.11 0.10
N UNK O 26 -88.34 20.46 0.28
CA UNK O 26 -89.00 21.46 -0.54
C UNK O 26 -88.30 22.80 -0.39
N UNK O 27 -87.80 23.07 0.81
CA UNK O 27 -87.12 24.33 1.08
C UNK O 27 -85.89 24.58 0.20
N UNK O 28 -85.09 23.55 -0.06
CA UNK O 28 -83.93 23.77 -0.90
C UNK O 28 -84.46 24.06 -2.28
N UNK O 29 -85.46 23.31 -2.70
CA UNK O 29 -85.95 23.45 -4.05
C UNK O 29 -86.41 24.86 -4.21
N UNK O 30 -87.05 25.39 -3.18
CA UNK O 30 -87.64 26.71 -3.34
C UNK O 30 -86.54 27.68 -3.65
N UNK O 31 -85.44 27.61 -2.90
CA UNK O 31 -84.37 28.55 -3.13
C UNK O 31 -83.90 28.30 -4.53
N UNK O 32 -83.79 27.02 -4.85
CA UNK O 32 -83.31 26.65 -6.16
C UNK O 32 -84.06 27.42 -7.23
N UNK O 33 -85.38 27.53 -7.08
CA UNK O 33 -86.12 28.30 -8.05
C UNK O 33 -85.64 29.73 -7.96
N UNK O 34 -85.50 30.22 -6.73
CA UNK O 34 -85.22 31.63 -6.55
C UNK O 34 -83.89 31.99 -7.17
N UNK O 35 -82.86 31.19 -6.91
CA UNK O 35 -81.63 31.49 -7.63
C UNK O 35 -82.07 31.69 -9.06
N UNK O 36 -83.03 30.91 -9.47
CA UNK O 36 -83.53 31.09 -10.81
C UNK O 36 -84.07 32.50 -10.88
N UNK O 37 -84.75 32.97 -9.83
CA UNK O 37 -85.38 34.27 -9.99
C UNK O 37 -84.40 35.41 -10.24
N UNK O 38 -83.34 35.43 -9.44
CA UNK O 38 -82.45 36.57 -9.45
C UNK O 38 -81.80 36.69 -10.80
N UNK O 39 -81.40 35.56 -11.35
CA UNK O 39 -80.68 35.60 -12.59
C UNK O 39 -81.62 36.20 -13.60
N UNK O 40 -82.86 35.77 -13.57
CA UNK O 40 -83.76 36.20 -14.62
C UNK O 40 -83.86 37.70 -14.55
N UNK O 41 -84.08 38.24 -13.35
CA UNK O 41 -84.27 39.69 -13.27
C UNK O 41 -83.04 40.46 -13.72
N UNK O 42 -81.88 40.03 -13.23
CA UNK O 42 -80.70 40.81 -13.48
C UNK O 42 -80.48 40.79 -14.96
N UNK O 43 -80.69 39.63 -15.55
CA UNK O 43 -80.41 39.43 -16.96
C UNK O 43 -81.31 40.29 -17.81
N UNK O 44 -82.58 40.34 -17.45
CA UNK O 44 -83.51 41.10 -18.26
C UNK O 44 -83.01 42.52 -18.23
N UNK O 45 -82.61 42.94 -17.04
CA UNK O 45 -82.14 44.31 -16.90
C UNK O 45 -80.89 44.63 -17.72
N UNK O 46 -79.90 43.75 -17.69
CA UNK O 46 -78.68 44.05 -18.41
C UNK O 46 -79.06 44.12 -19.87
N UNK O 47 -79.94 43.23 -20.32
CA UNK O 47 -80.32 43.23 -21.72
C UNK O 47 -81.03 44.50 -22.16
N UNK O 48 -81.93 44.99 -21.33
CA UNK O 48 -82.63 46.22 -21.67
C UNK O 48 -81.63 47.34 -21.75
N UNK O 49 -80.70 47.30 -20.81
CA UNK O 49 -79.71 48.35 -20.75
C UNK O 49 -78.92 48.33 -22.04
N UNK O 50 -78.61 47.13 -22.49
CA UNK O 50 -77.84 46.98 -23.70
C UNK O 50 -78.57 47.53 -24.91
N UNK O 51 -79.87 47.25 -24.99
CA UNK O 51 -80.61 47.75 -26.14
C UNK O 51 -80.56 49.25 -26.10
N UNK O 52 -80.73 49.82 -24.92
CA UNK O 52 -80.76 51.27 -24.81
C UNK O 52 -79.43 51.84 -25.22
N UNK O 53 -78.37 51.17 -24.84
CA UNK O 53 -77.05 51.76 -24.92
C UNK O 53 -76.75 52.15 -26.35
N UNK O 54 -77.11 51.31 -27.29
CA UNK O 54 -76.80 51.70 -28.66
C UNK O 54 -77.18 53.14 -28.98
N UNK O 55 -78.28 53.62 -28.44
CA UNK O 55 -78.88 54.82 -28.99
C UNK O 55 -77.90 55.95 -28.93
N UNK O 56 -77.20 56.11 -27.80
CA UNK O 56 -75.90 56.76 -27.92
C UNK O 56 -74.75 55.78 -27.80
N UNK O 57 -73.53 56.26 -28.07
CA UNK O 57 -72.32 55.47 -27.89
C UNK O 57 -71.25 56.21 -27.09
N UNK P 1 -105.51 5.77 20.55
CA UNK P 1 -105.63 4.67 19.62
C UNK P 1 -104.49 3.68 19.80
N UNK P 2 -104.29 2.81 18.81
CA UNK P 2 -103.23 1.81 18.86
C UNK P 2 -101.91 2.44 18.43
N UNK P 3 -100.82 2.08 19.10
CA UNK P 3 -99.55 2.68 18.75
C UNK P 3 -98.99 2.11 17.51
N UNK P 4 -98.45 3.02 16.71
CA UNK P 4 -97.64 2.67 15.58
C UNK P 4 -96.21 2.48 16.18
N UNK P 5 -96.22 2.51 17.51
CA UNK P 5 -95.07 2.37 18.36
C UNK P 5 -94.50 1.00 18.09
N UNK P 6 -95.22 0.14 17.39
CA UNK P 6 -94.69 -1.17 17.03
C UNK P 6 -93.42 -0.86 16.24
N UNK P 7 -93.51 0.23 15.47
CA UNK P 7 -92.39 0.75 14.71
C UNK P 7 -91.35 1.14 15.76
N UNK P 8 -91.82 1.63 16.91
CA UNK P 8 -90.94 2.03 18.01
C UNK P 8 -90.13 0.87 18.58
N UNK P 9 -90.79 -0.28 18.68
CA UNK P 9 -90.20 -1.53 19.15
C UNK P 9 -89.17 -1.94 18.13
N UNK P 10 -89.51 -1.73 16.87
CA UNK P 10 -88.61 -2.06 15.80
C UNK P 10 -87.37 -1.20 16.01
N UNK P 11 -87.60 0.05 16.38
CA UNK P 11 -86.56 1.04 16.65
C UNK P 11 -85.66 0.65 17.80
N UNK P 12 -86.27 0.04 18.81
CA UNK P 12 -85.52 -0.41 19.97
C UNK P 12 -84.59 -1.48 19.45
N UNK P 13 -85.08 -2.25 18.50
CA UNK P 13 -84.32 -3.32 17.88
C UNK P 13 -83.13 -2.69 17.18
N UNK P 14 -83.35 -1.50 16.63
CA UNK P 14 -82.30 -0.80 15.91
C UNK P 14 -81.08 -0.50 16.77
N UNK P 15 -81.27 -0.10 18.01
CA UNK P 15 -80.14 0.18 18.88
C UNK P 15 -79.08 1.05 18.20
N UNK Q 1 -46.80 -0.24 36.13
CA UNK Q 1 -46.79 0.76 35.07
C UNK Q 1 -48.06 0.68 34.23
N UNK Q 2 -48.10 -0.40 33.46
CA UNK Q 2 -49.10 -0.66 32.43
C UNK Q 2 -50.46 -0.81 33.06
N UNK Q 3 -50.47 -0.94 34.38
CA UNK Q 3 -51.67 -1.30 35.07
C UNK Q 3 -52.75 -0.26 34.90
N UNK Q 4 -52.39 1.00 34.67
CA UNK Q 4 -53.49 1.90 34.38
C UNK Q 4 -54.42 1.23 33.39
N UNK Q 5 -53.83 0.31 32.66
CA UNK Q 5 -54.44 -0.26 31.51
C UNK Q 5 -55.75 -0.83 31.99
N UNK Q 6 -55.76 -1.38 33.19
CA UNK Q 6 -57.01 -1.91 33.71
C UNK Q 6 -58.12 -0.89 33.96
N UNK Q 7 -57.80 0.22 34.61
CA UNK Q 7 -58.86 1.15 34.99
C UNK Q 7 -59.50 1.71 33.73
N UNK Q 8 -58.67 2.17 32.82
CA UNK Q 8 -59.16 2.73 31.57
C UNK Q 8 -59.86 1.66 30.76
N UNK Q 9 -59.27 0.48 30.72
CA UNK Q 9 -59.73 -0.59 29.86
C UNK Q 9 -61.16 -0.85 30.29
N UNK Q 10 -61.30 -0.76 31.60
CA UNK Q 10 -62.52 -0.98 32.34
C UNK Q 10 -63.57 0.03 31.98
N UNK Q 11 -63.17 1.28 31.80
CA UNK Q 11 -64.16 2.33 31.68
C UNK Q 11 -65.03 2.01 30.48
N UNK Q 12 -64.39 1.43 29.47
CA UNK Q 12 -65.10 1.08 28.28
C UNK Q 12 -66.14 0.10 28.73
N UNK Q 13 -65.77 -0.76 29.67
CA UNK Q 13 -66.69 -1.79 30.12
C UNK Q 13 -67.96 -1.21 30.73
N UNK Q 14 -67.83 -0.17 31.55
CA UNK Q 14 -69.02 0.36 32.21
C UNK Q 14 -69.96 0.90 31.15
N UNK Q 15 -69.33 1.56 30.17
CA UNK Q 15 -70.01 2.15 29.02
C UNK Q 15 -70.61 1.02 28.21
N UNK Q 16 -69.89 -0.07 28.04
CA UNK Q 16 -70.43 -1.21 27.33
C UNK Q 16 -71.62 -1.64 28.17
N UNK Q 17 -71.41 -1.57 29.48
CA UNK Q 17 -72.42 -1.88 30.44
C UNK Q 17 -73.53 -0.88 30.17
N UNK Q 18 -73.16 0.33 29.81
CA UNK Q 18 -74.15 1.38 29.54
C UNK Q 18 -75.05 1.03 28.38
N UNK Q 19 -74.47 0.51 27.31
CA UNK Q 19 -75.20 0.11 26.13
C UNK Q 19 -76.12 -1.01 26.53
N UNK Q 20 -75.64 -1.88 27.40
CA UNK Q 20 -76.46 -2.97 27.85
C UNK Q 20 -77.67 -2.47 28.63
N UNK Q 21 -77.44 -1.50 29.50
CA UNK Q 21 -78.51 -0.95 30.30
C UNK Q 21 -79.50 -0.39 29.31
N UNK Q 22 -78.96 0.26 28.30
CA UNK Q 22 -79.77 0.83 27.24
C UNK Q 22 -80.45 -0.34 26.61
N UNK Q 23 -79.69 -1.42 26.44
CA UNK Q 23 -80.27 -2.59 25.85
C UNK Q 23 -81.39 -2.97 26.78
N UNK Q 24 -81.11 -2.87 28.07
CA UNK Q 24 -82.12 -3.18 29.05
C UNK Q 24 -83.28 -2.23 28.84
N UNK Q 25 -82.94 -0.98 28.56
CA UNK Q 25 -83.97 0.04 28.35
C UNK Q 25 -84.83 -0.28 27.15
N UNK Q 26 -84.20 -0.69 26.06
CA UNK Q 26 -84.94 -1.01 24.86
C UNK Q 26 -85.87 -2.17 25.16
N UNK Q 27 -85.39 -3.12 25.95
CA UNK Q 27 -86.18 -4.30 26.31
C UNK Q 27 -87.40 -3.95 27.13
N UNK Q 28 -87.18 -3.22 28.21
CA UNK Q 28 -88.26 -2.82 29.10
C UNK Q 28 -89.20 -2.00 28.25
N UNK Q 29 -88.64 -1.25 27.32
CA UNK Q 29 -89.41 -0.43 26.42
C UNK Q 29 -90.30 -1.35 25.61
N UNK Q 30 -89.76 -2.50 25.21
CA UNK Q 30 -90.51 -3.48 24.44
C UNK Q 30 -91.67 -4.02 25.24
N UNK Q 31 -91.42 -4.28 26.52
CA UNK Q 31 -92.43 -4.80 27.43
C UNK Q 31 -93.54 -3.78 27.54
N UNK Q 32 -93.15 -2.51 27.60
CA UNK Q 32 -94.09 -1.42 27.70
C UNK Q 32 -94.56 -1.07 26.30
N UNK R 1 -117.22 29.14 -18.83
CA UNK R 1 -116.92 30.31 -18.02
C UNK R 1 -117.35 30.11 -16.58
N UNK R 2 -118.57 29.62 -16.41
CA UNK R 2 -119.22 29.44 -15.13
C UNK R 2 -118.73 28.21 -14.38
N UNK R 3 -117.71 27.56 -14.91
CA UNK R 3 -117.21 26.36 -14.25
C UNK R 3 -116.84 26.74 -12.83
N UNK R 4 -116.18 27.88 -12.63
CA UNK R 4 -115.90 28.26 -11.25
C UNK R 4 -117.10 28.05 -10.34
N UNK R 5 -118.29 28.36 -10.83
CA UNK R 5 -119.48 28.18 -10.00
C UNK R 5 -119.52 26.71 -9.67
N UNK R 6 -119.16 25.90 -10.66
CA UNK R 6 -119.12 24.47 -10.49
C UNK R 6 -118.17 24.20 -9.36
N UNK R 7 -117.09 24.97 -9.34
CA UNK R 7 -116.09 24.81 -8.29
C UNK R 7 -116.71 25.09 -6.94
N UNK R 8 -117.52 26.14 -6.87
CA UNK R 8 -118.12 26.47 -5.61
C UNK R 8 -118.98 25.34 -5.14
N UNK R 9 -119.75 24.78 -6.05
CA UNK R 9 -120.63 23.69 -5.67
C UNK R 9 -119.82 22.49 -5.16
N UNK R 10 -118.76 22.12 -5.86
CA UNK R 10 -117.99 20.98 -5.38
C UNK R 10 -117.38 21.26 -4.00
N UNK R 11 -116.86 22.45 -3.83
CA UNK R 11 -116.19 22.83 -2.60
C UNK R 11 -117.11 22.81 -1.37
N UNK R 12 -118.33 23.30 -1.54
CA UNK R 12 -119.27 23.32 -0.44
C UNK R 12 -119.60 21.92 -0.01
N UNK R 13 -119.81 21.05 -0.98
CA UNK R 13 -120.15 19.68 -0.70
C UNK R 13 -119.00 19.08 0.06
N UNK R 14 -117.77 19.46 -0.24
CA UNK R 14 -116.63 18.90 0.48
C UNK R 14 -116.66 19.18 2.00
N UNK R 15 -117.07 20.38 2.38
CA UNK R 15 -117.12 20.83 3.77
C UNK R 15 -117.29 19.81 4.94
N UNK R 16 -118.54 19.51 5.29
CA UNK R 16 -118.83 18.61 6.41
C UNK R 16 -118.63 17.12 6.18
N UNK R 17 -118.97 16.63 5.00
CA UNK R 17 -118.77 15.22 4.72
C UNK R 17 -117.29 14.93 4.90
N UNK R 18 -116.46 15.86 4.44
CA UNK R 18 -115.02 15.72 4.60
C UNK R 18 -114.74 15.72 6.10
N UNK R 19 -115.48 16.58 6.80
CA UNK R 19 -115.38 16.71 8.26
C UNK R 19 -115.78 15.39 8.92
N UNK R 20 -116.82 14.77 8.37
CA UNK R 20 -117.31 13.50 8.88
C UNK R 20 -116.22 12.43 8.72
N UNK R 21 -115.49 12.51 7.63
CA UNK R 21 -114.42 11.56 7.38
C UNK R 21 -113.38 11.63 8.50
N UNK R 22 -113.12 12.84 8.98
CA UNK R 22 -112.16 13.06 10.05
C UNK R 22 -112.57 12.34 11.34
N UNK R 23 -113.86 12.34 11.63
CA UNK R 23 -114.37 11.67 12.84
C UNK R 23 -114.10 10.17 12.77
N UNK R 24 -114.34 9.58 11.60
CA UNK R 24 -114.10 8.16 11.39
C UNK R 24 -112.61 7.90 11.53
N UNK R 25 -111.84 8.83 11.00
CA UNK R 25 -110.38 8.80 11.03
C UNK R 25 -109.80 8.88 12.44
N UNK R 26 -110.66 9.29 13.36
CA UNK R 26 -110.35 9.51 14.75
C UNK R 26 -110.27 8.23 15.56
N UNK R 27 -110.08 7.10 14.90
CA UNK R 27 -110.00 5.85 15.62
C UNK R 27 -108.94 6.08 16.67
N UNK S 1 -94.52 45.87 -11.41
CA UNK S 1 -94.15 45.36 -12.71
C UNK S 1 -93.26 44.14 -12.61
N UNK S 2 -92.25 44.22 -11.75
CA UNK S 2 -91.31 43.10 -11.54
C UNK S 2 -92.08 41.85 -11.11
N UNK S 3 -92.95 42.07 -10.15
CA UNK S 3 -93.80 41.01 -9.57
C UNK S 3 -94.64 40.35 -10.68
N UNK S 4 -95.23 41.21 -11.47
CA UNK S 4 -96.08 40.80 -12.60
C UNK S 4 -95.29 39.90 -13.56
N UNK S 5 -94.09 40.38 -13.87
CA UNK S 5 -93.17 39.69 -14.77
C UNK S 5 -92.86 38.29 -14.24
N UNK S 6 -92.57 38.26 -12.95
CA UNK S 6 -92.25 37.01 -12.24
C UNK S 6 -93.41 36.02 -12.36
N UNK S 7 -93.91 35.37 -12.76
CA UNK S 7 -94.48 34.07 -13.15
C UNK S 7 -93.94 33.66 -14.53
N UNK S 8 -94.00 34.62 -15.43
CA UNK S 8 -93.53 34.45 -16.81
C UNK S 8 -92.06 34.02 -16.83
N UNK S 9 -91.29 34.74 -16.04
CA UNK S 9 -89.85 34.51 -15.90
C UNK S 9 -89.60 33.06 -15.44
N UNK S 10 -90.36 32.69 -14.43
CA UNK S 10 -90.28 31.35 -13.83
C UNK S 10 -90.54 30.28 -14.89
N UNK S 11 -91.59 30.53 -15.65
CA UNK S 11 -92.02 29.64 -16.74
C UNK S 11 -90.89 29.45 -17.75
N UNK S 12 -90.31 30.58 -18.12
CA UNK S 12 -89.19 30.63 -19.07
C UNK S 12 -88.03 29.77 -18.57
N UNK S 13 -87.73 29.97 -17.30
CA UNK S 13 -86.64 29.25 -16.62
C UNK S 13 -86.89 27.74 -16.71
N UNK S 14 -88.11 27.38 -16.40
CA UNK S 14 -88.56 25.98 -16.42
C UNK S 14 -88.35 25.37 -17.80
N UNK S 15 -88.77 26.13 -18.79
CA UNK S 15 -88.66 25.74 -20.21
C UNK S 15 -87.19 25.47 -20.56
N UNK S 16 -86.36 26.41 -20.14
CA UNK S 16 -84.91 26.34 -20.37
C UNK S 16 -84.34 25.05 -19.78
N UNK S 17 -84.75 24.80 -18.55
CA UNK S 17 -84.32 23.61 -17.79
C UNK S 17 -84.69 22.34 -18.56
N UNK S 18 -85.93 22.34 -19.03
CA UNK S 18 -86.49 21.21 -19.80
C UNK S 18 -85.64 20.95 -21.04
N UNK S 19 -85.34 22.04 -21.72
CA UNK S 19 -84.53 22.03 -22.95
C UNK S 19 -83.16 21.40 -22.68
N UNK S 20 -82.58 21.86 -21.58
CA UNK S 20 -81.25 21.39 -21.12
C UNK S 20 -81.29 19.87 -20.90
N UNK S 21 -54.09 33.01 -11.27
CA UNK S 21 -55.11 33.50 -10.34
C UNK S 21 -55.31 35.01 -10.47
N UNK S 22 -54.25 35.76 -10.21
CA UNK S 22 -54.31 37.21 -10.28
C UNK S 22 -55.01 37.66 -11.56
N UNK S 23 -54.50 37.22 -12.71
CA UNK S 23 -55.08 37.58 -13.99
C UNK S 23 -56.58 37.32 -14.01
N UNK S 24 -56.97 36.11 -13.62
CA UNK S 24 -58.39 35.74 -13.59
C UNK S 24 -59.20 36.75 -12.78
N UNK S 25 -58.72 37.06 -11.59
CA UNK S 25 -59.41 38.01 -10.71
C UNK S 25 -59.63 39.34 -11.42
N UNK S 26 -58.58 39.87 -12.03
CA UNK S 26 -58.66 41.14 -12.73
C UNK S 26 -59.74 41.10 -13.82
N UNK S 27 -59.75 40.01 -14.59
CA UNK S 27 -60.74 39.85 -15.65
C UNK S 27 -62.16 39.91 -15.11
N UNK S 28 -62.39 39.19 -14.00
CA UNK S 28 -63.70 39.15 -13.38
C UNK S 28 -64.15 40.55 -12.95
N UNK S 29 -63.23 41.30 -12.36
CA UNK S 29 -63.52 42.65 -11.91
C UNK S 29 -63.93 43.56 -13.07
N UNK S 30 -63.21 43.43 -14.19
CA UNK S 30 -63.49 44.22 -15.37
C UNK S 30 -64.89 43.92 -15.92
N UNK S 31 -65.24 42.64 -15.92
CA UNK S 31 -66.54 42.21 -16.42
C UNK S 31 -67.67 42.78 -15.56
N UNK S 32 -67.46 42.78 -14.25
CA UNK S 32 -68.47 43.31 -13.32
C UNK S 32 -68.67 44.80 -13.52
N UNK S 33 -67.59 45.52 -13.77
CA UNK S 33 -67.64 46.97 -13.98
C UNK S 33 -68.40 47.30 -15.26
N UNK S 34 -68.19 46.49 -16.29
CA UNK S 34 -68.85 46.70 -17.58
C UNK S 34 -70.35 46.47 -17.47
N UNK S 35 -70.74 45.51 -16.65
CA UNK S 35 -72.15 45.18 -16.45
C UNK S 35 -72.85 46.25 -15.61
N UNK S 36 -72.07 46.94 -14.77
CA UNK S 36 -72.61 47.99 -13.91
C UNK S 36 -72.90 49.25 -14.71
N UNK S 37 -92.66 -4.35 46.05
CA UNK S 37 -94.01 -4.55 46.59
C UNK S 37 -94.00 -4.37 48.11
N UNK S 38 -93.02 -5.02 48.72
CA UNK S 38 -92.83 -4.98 50.17
C UNK S 38 -92.65 -3.53 50.64
N UNK S 39 -91.80 -2.83 49.91
CA UNK S 39 -91.49 -1.42 50.19
C UNK S 39 -92.76 -0.58 50.16
N UNK S 40 -93.53 -0.82 49.11
CA UNK S 40 -94.80 -0.13 48.88
C UNK S 40 -95.75 -0.34 50.08
N UNK S 41 -95.82 -1.59 50.47
CA UNK S 41 -96.66 -2.02 51.59
C UNK S 41 -96.26 -1.27 52.86
N UNK S 42 -94.96 -1.23 53.08
CA UNK S 42 -94.37 -0.55 54.24
C UNK S 42 -94.78 0.92 54.26
N UNK S 43 -94.64 1.53 53.09
CA UNK S 43 -94.97 2.95 52.89
C UNK S 43 -96.44 3.20 53.25
N UNK S 44 -97.28 2.32 52.75
CA UNK S 44 -98.73 2.36 52.98
C UNK S 44 -99.02 2.33 54.48
N UNK S 45 -98.35 1.39 55.13
CA UNK S 45 -98.49 1.18 56.59
C UNK S 45 -98.13 2.46 57.35
N UNK S 46 -97.01 3.03 56.92
CA UNK S 46 -96.49 4.27 57.51
C UNK S 46 -97.53 5.39 57.39
N UNK S 47 -98.07 5.49 56.20
CA UNK S 47 -99.10 6.49 55.87
C UNK S 47 -100.30 6.35 56.80
N UNK S 48 -100.72 5.11 56.94
CA UNK S 48 -101.86 4.74 57.79
C UNK S 48 -101.60 5.19 59.23
N UNK S 49 -100.41 4.88 59.69
CA UNK S 49 -99.95 5.23 61.04
C UNK S 49 -100.05 6.74 61.25
N UNK S 50 -99.54 7.46 60.26
CA UNK S 50 -99.53 8.93 60.27
C UNK S 50 -100.95 9.47 60.40
N UNK S 51 -101.83 8.88 59.60
CA UNK S 51 -103.24 9.26 59.56
C UNK S 51 -103.87 9.07 60.94
N UNK S 52 -103.59 7.93 61.57
CA UNK S 52 -104.12 7.64 62.90
C UNK S 52 -103.70 8.71 63.90
N UNK S 53 -102.42 9.05 63.90
CA UNK S 53 -101.89 10.06 64.81
C UNK S 53 -102.62 11.39 64.64
N UNK S 54 -129.70 46.58 52.98
CA UNK S 54 -128.61 47.40 53.50
C UNK S 54 -128.84 47.72 54.99
N UNK S 55 -130.08 48.13 55.25
CA UNK S 55 -130.52 48.48 56.61
C UNK S 55 -130.32 47.29 57.55
N UNK S 56 -130.76 46.14 57.06
CA UNK S 56 -130.67 44.87 57.80
C UNK S 56 -129.21 44.57 58.15
N UNK S 57 -128.37 44.74 57.15
CA UNK S 57 -126.92 44.50 57.27
C UNK S 57 -126.34 45.40 58.37
N UNK S 58 -126.73 46.66 58.30
CA UNK S 58 -126.30 47.69 59.26
C UNK S 58 -126.67 47.27 60.68
N UNK S 59 -127.91 46.84 60.80
CA UNK S 59 -128.48 46.40 62.09
C UNK S 59 -127.64 45.25 62.65
N UNK S 60 -127.35 44.31 61.77
CA UNK S 60 -126.56 43.11 62.11
C UNK S 60 -125.19 43.53 62.65
N UNK S 61 -124.64 44.59 62.07
CA UNK S 61 -123.29 45.04 62.41
C UNK S 61 -123.16 45.36 63.90
N UNK S 62 -124.21 45.93 64.49
CA UNK S 62 -124.23 46.19 65.92
C UNK S 62 -124.08 44.87 66.67
N UNK S 63 -124.69 43.83 66.09
CA UNK S 63 -124.53 42.47 66.60
C UNK S 63 -123.06 42.07 66.51
N UNK S 64 -122.40 42.48 65.43
CA UNK S 64 -120.98 42.22 65.25
C UNK S 64 -120.14 42.89 66.34
N UNK S 65 -120.52 44.10 66.72
CA UNK S 65 -119.90 44.84 67.82
C UNK S 65 -120.11 44.10 69.15
N UNK S 66 -121.31 43.54 69.32
CA UNK S 66 -121.60 42.71 70.50
C UNK S 66 -120.68 41.49 70.51
N UNK S 67 -120.46 40.92 69.34
CA UNK S 67 -119.55 39.79 69.15
C UNK S 67 -118.12 40.18 69.53
N UNK S 68 -117.73 41.40 69.17
CA UNK S 68 -116.43 41.96 69.55
C UNK S 68 -116.31 42.12 71.06
N UNK S 69 -117.29 42.85 71.59
CA UNK S 69 -117.43 43.13 73.02
C UNK S 69 -117.85 41.94 73.86
N UNK S 70 -118.87 41.21 73.40
CA UNK S 70 -119.10 39.89 73.93
C UNK S 70 -117.98 39.03 73.37
N UNK S 71 -117.79 39.17 72.06
CA UNK S 71 -116.74 38.48 71.35
C UNK S 71 -115.40 38.97 71.84
N UNK S 72 -115.30 40.28 72.01
CA UNK S 72 -114.07 40.88 72.48
C UNK S 72 -113.75 40.38 73.88
N UNK S 73 -114.79 40.29 74.71
CA UNK S 73 -114.61 39.84 76.09
C UNK S 73 -114.12 38.40 76.08
N UNK S 74 -114.72 37.61 75.20
CA UNK S 74 -114.37 36.21 75.11
C UNK S 74 -112.91 36.10 74.71
N UNK S 75 -112.51 36.92 73.74
CA UNK S 75 -111.15 36.88 73.24
C UNK S 75 -110.18 37.28 74.34
N UNK S 76 -110.57 38.27 75.12
CA UNK S 76 -109.75 38.76 76.21
C UNK S 76 -109.54 37.69 77.27
N UNK S 77 -110.61 37.02 77.69
CA UNK S 77 -110.43 35.95 78.66
C UNK S 77 -109.61 34.80 78.09
N UNK S 78 -109.96 34.37 76.87
CA UNK S 78 -109.22 33.31 76.19
C UNK S 78 -107.81 33.66 75.75
N UNK S 79 -107.65 34.85 75.17
CA UNK S 79 -106.39 35.26 74.58
C UNK S 79 -105.24 35.42 75.57
N UNK S 80 -105.56 36.00 76.72
CA UNK S 80 -104.55 36.35 77.71
C UNK S 80 -103.82 35.16 78.33
N UNK S 81 -104.55 34.09 78.59
CA UNK S 81 -104.05 33.03 79.48
C UNK S 81 -102.57 32.82 79.18
N UNK S 82 -102.29 32.37 77.96
CA UNK S 82 -100.96 32.41 77.41
C UNK S 82 -100.62 33.88 77.30
N UNK S 83 -101.63 34.67 76.93
CA UNK S 83 -101.52 36.10 76.88
C UNK S 83 -101.25 36.69 78.26
N UNK S 84 -101.90 36.18 79.31
CA UNK S 84 -101.58 36.69 80.66
C UNK S 84 -100.13 36.41 80.94
N UNK S 85 -99.67 35.21 80.59
CA UNK S 85 -98.28 34.89 80.91
C UNK S 85 -97.35 35.87 80.19
N UNK S 86 -97.63 36.12 78.92
CA UNK S 86 -96.76 36.99 78.13
C UNK S 86 -96.78 38.40 78.71
N UNK S 87 -97.97 38.84 79.08
CA UNK S 87 -98.17 40.18 79.59
C UNK S 87 -97.42 40.33 80.89
N UNK S 88 -97.48 39.32 81.75
CA UNK S 88 -96.82 39.38 83.03
C UNK S 88 -95.33 39.46 82.79
N UNK S 89 -94.85 38.69 81.84
CA UNK S 89 -93.43 38.68 81.54
C UNK S 89 -92.97 40.05 81.09
N UNK S 90 -93.74 40.70 80.22
CA UNK S 90 -93.37 42.05 79.79
C UNK S 90 -93.43 43.04 80.95
N UNK S 91 -94.52 42.94 81.70
CA UNK S 91 -94.83 43.81 82.83
C UNK S 91 -93.87 43.66 83.99
N UNK S 92 -93.51 42.41 84.31
CA UNK S 92 -92.65 42.21 85.46
C UNK S 92 -93.23 42.86 86.71
N UNK S 93 -102.98 48.21 78.08
CA UNK S 93 -103.18 48.87 76.79
C UNK S 93 -102.98 47.89 75.64
N UNK S 94 -101.80 47.28 75.59
CA UNK S 94 -101.48 46.31 74.54
C UNK S 94 -102.39 45.09 74.60
N UNK S 95 -102.67 44.63 75.82
CA UNK S 95 -103.54 43.47 76.00
C UNK S 95 -104.95 43.71 75.50
N UNK S 96 -105.54 44.86 75.83
CA UNK S 96 -106.88 45.16 75.32
C UNK S 96 -106.73 45.23 73.82
N UNK S 97 -105.63 45.87 73.43
CA UNK S 97 -105.36 46.29 72.08
C UNK S 97 -105.40 45.08 71.17
N UNK S 98 -105.00 43.93 71.70
CA UNK S 98 -105.46 42.67 71.15
C UNK S 98 -105.69 41.74 72.33
N UNK S 99 -106.92 41.41 72.71
CA UNK S 99 -108.20 41.63 72.00
C UNK S 99 -108.21 42.18 70.58
N UNK S 100 -108.27 43.50 70.48
CA UNK S 100 -108.37 44.17 69.18
C UNK S 100 -107.32 43.68 68.20
N UNK S 101 -107.52 38.98 70.49
CA UNK S 101 -108.73 38.22 70.85
C UNK S 101 -109.33 37.57 69.60
N UNK S 102 -109.42 38.38 68.56
CA UNK S 102 -109.97 37.95 67.26
C UNK S 102 -109.16 36.77 66.72
N UNK S 103 -107.86 36.94 66.79
CA UNK S 103 -106.90 35.92 66.32
C UNK S 103 -107.13 34.60 67.06
N UNK S 104 -107.26 34.73 68.36
CA UNK S 104 -107.50 33.59 69.27
C UNK S 104 -108.76 32.85 68.85
N UNK S 105 -109.80 33.64 68.63
CA UNK S 105 -111.12 33.13 68.22
C UNK S 105 -111.00 32.32 66.93
N UNK S 106 -110.27 32.92 65.99
CA UNK S 106 -110.03 32.32 64.67
C UNK S 106 -109.35 30.96 64.83
N UNK S 107 -108.33 30.96 65.68
CA UNK S 107 -107.55 29.76 65.98
C UNK S 107 -108.45 28.66 66.52
N UNK S 108 -109.29 29.06 67.46
CA UNK S 108 -110.25 28.16 68.11
C UNK S 108 -111.17 27.53 67.07
N UNK S 109 -76.03 13.01 7.26
CA UNK S 109 -76.71 11.95 8.01
C UNK S 109 -76.08 10.59 7.66
N UNK S 110 -75.92 10.39 6.37
CA UNK S 110 -75.34 9.15 5.83
C UNK S 110 -73.95 8.92 6.40
N UNK S 111 -73.17 9.99 6.38
CA UNK S 111 -71.79 9.99 6.89
C UNK S 111 -71.77 9.57 8.35
N UNK S 112 -72.68 10.18 9.10
CA UNK S 112 -72.83 9.92 10.53
C UNK S 112 -73.11 8.44 10.78
N UNK S 113 -74.04 7.94 9.99
CA UNK S 113 -74.47 6.53 10.04
C UNK S 113 -73.27 5.60 9.82
N UNK S 114 -72.51 5.95 8.80
CA UNK S 114 -71.31 5.21 8.40
C UNK S 114 -70.32 5.16 9.57
N UNK S 115 -70.13 6.31 10.16
CA UNK S 115 -69.21 6.49 11.31
C UNK S 115 -69.64 5.57 12.45
N UNK S 116 -70.93 5.60 12.72
CA UNK S 116 -71.56 4.79 13.78
C UNK S 116 -71.27 3.31 13.54
N UNK S 117 -71.49 2.91 12.30
CA UNK S 117 -71.28 1.53 11.85
C UNK S 117 -69.83 1.10 12.12
N UNK S 118 -62.76 2.60 9.20
CA UNK S 118 -62.80 4.06 9.18
C UNK S 118 -62.48 4.57 7.77
N UNK S 119 -61.43 4.01 7.23
CA UNK S 119 -60.93 4.36 5.88
C UNK S 119 -62.04 4.13 4.85
N UNK S 120 -62.66 2.97 4.97
CA UNK S 120 -63.75 2.54 4.09
C UNK S 120 -64.89 3.55 4.13
N UNK S 121 -65.23 3.92 5.36
CA UNK S 121 -66.30 4.89 5.63
C UNK S 121 -66.00 6.22 4.94
N UNK S 122 -64.77 6.65 5.11
CA UNK S 122 -64.27 7.90 4.53
C UNK S 122 -64.43 7.88 3.01
N UNK S 123 -64.01 6.76 2.44
CA UNK S 123 -64.08 6.52 0.99
C UNK S 123 -65.53 6.65 0.51
N UNK S 124 -66.40 6.01 1.25
CA UNK S 124 -67.85 6.00 0.97
C UNK S 124 -68.38 7.43 0.94
N UNK S 125 -67.99 8.17 1.97
CA UNK S 125 -68.39 9.57 2.14
C UNK S 125 -67.97 10.39 0.93
N UNK S 126 -66.72 10.17 0.54
CA UNK S 126 -66.10 10.86 -0.60
C UNK S 126 -66.91 10.59 -1.87
N UNK S 127 -89.59 2.50 60.11
CA UNK S 127 -90.11 1.54 61.08
C UNK S 127 -89.91 2.03 62.50
N UNK S 128 -88.70 2.50 62.80
CA UNK S 128 -88.38 3.01 64.13
C UNK S 128 -89.32 4.14 64.54
N UNK S 129 -89.52 5.09 63.63
CA UNK S 129 -90.39 6.23 63.89
C UNK S 129 -91.80 5.75 64.24
N UNK S 130 -92.27 4.82 63.42
CA UNK S 130 -93.60 4.21 63.56
C UNK S 130 -93.73 3.57 64.94
N UNK S 131 -92.70 2.81 65.28
CA UNK S 131 -92.61 2.09 66.56
C UNK S 131 -92.73 3.08 67.72
N UNK S 132 -91.96 4.15 67.59
CA UNK S 132 -91.92 5.22 68.60
C UNK S 132 -93.32 5.81 68.80
N UNK S 133 -93.96 6.08 67.67
CA UNK S 133 -95.32 6.63 67.65
C UNK S 133 -96.29 5.72 68.39
N UNK S 134 -96.17 4.44 68.09
CA UNK S 134 -97.00 3.39 68.69
C UNK S 134 -96.83 3.40 70.21
N UNK S 135 -95.57 3.47 70.61
CA UNK S 135 -95.19 3.49 72.02
C UNK S 135 -95.84 4.67 72.74
N UNK S 136 -95.73 5.81 72.08
CA UNK S 136 -96.30 7.08 72.58
C UNK S 136 -97.80 6.92 72.80
N UNK S 137 -98.45 6.36 71.79
CA UNK S 137 -99.89 6.11 71.80
C UNK S 137 -100.28 5.25 73.00
N UNK S 138 -99.51 4.20 73.18
CA UNK S 138 -99.70 3.23 74.27
C UNK S 138 -99.62 3.95 75.62
N UNK S 139 -98.60 4.78 75.73
CA UNK S 139 -98.34 5.57 76.94
C UNK S 139 -99.55 6.45 77.25
N UNK S 140 -100.02 7.11 76.21
CA UNK S 140 -101.18 8.02 76.29
C UNK S 140 -102.40 7.25 76.83
N UNK S 141 -102.60 6.10 76.24
CA UNK S 141 -103.72 5.20 76.60
C UNK S 141 -103.65 4.85 78.09
N UNK S 142 -102.45 4.49 78.50
CA UNK S 142 -102.16 4.12 79.89
C UNK S 142 -102.53 5.26 80.83
N UNK S 143 -102.10 6.44 80.43
CA UNK S 143 -102.34 7.68 81.19
C UNK S 143 -103.83 7.90 81.37
N UNK S 144 -104.54 7.74 80.26
CA UNK S 144 -106.00 7.91 80.20
C UNK S 144 -106.67 6.95 81.19
N UNK S 145 -106.21 5.72 81.13
CA UNK S 145 -106.72 4.64 81.99
C UNK S 145 -106.55 5.02 83.47
N UNK S 146 -105.36 5.49 83.76
CA UNK S 146 -104.98 5.93 85.12
C UNK S 146 -105.93 7.02 85.61
N UNK T 1 -54.92 30.73 -43.87
CA UNK T 1 -54.71 31.13 -45.26
C UNK T 1 -53.81 30.13 -45.97
N UNK T 2 -53.25 29.18 -45.24
CA UNK T 2 -52.35 28.19 -45.82
C UNK T 2 -53.10 27.37 -46.85
N UNK T 3 -54.38 27.18 -46.59
CA UNK T 3 -55.22 26.42 -47.48
C UNK T 3 -55.17 27.17 -48.79
N UNK T 4 -55.12 28.49 -48.71
CA UNK T 4 -55.10 29.31 -49.89
C UNK T 4 -53.89 28.89 -50.69
N UNK T 5 -52.80 28.61 -49.99
CA UNK T 5 -51.60 28.23 -50.69
C UNK T 5 -51.85 26.96 -51.47
N UNK T 6 -52.53 26.00 -50.85
CA UNK T 6 -52.74 24.72 -51.53
C UNK T 6 -53.58 24.93 -52.77
N UNK T 7 -54.61 25.74 -52.65
CA UNK T 7 -55.50 25.92 -53.78
C UNK T 7 -54.72 26.54 -54.90
N UNK T 8 -53.83 27.46 -54.54
CA UNK T 8 -52.98 28.08 -55.52
C UNK T 8 -52.10 27.02 -56.15
N UNK T 9 -51.87 25.95 -55.39
CA UNK T 9 -51.03 24.87 -55.87
C UNK T 9 -51.57 24.16 -57.11
N UNK T 10 -52.85 23.88 -57.14
CA UNK T 10 -53.42 23.19 -58.28
C UNK T 10 -53.23 24.06 -59.50
N UNK T 11 -53.43 25.35 -59.33
CA UNK T 11 -53.31 26.30 -60.43
C UNK T 11 -51.93 26.32 -61.04
N UNK T 12 -50.91 26.15 -60.22
CA UNK T 12 -49.55 26.21 -60.73
C UNK T 12 -49.37 25.17 -61.81
N UNK T 13 -49.91 23.98 -61.59
CA UNK T 13 -49.77 22.91 -62.58
C UNK T 13 -50.43 23.33 -63.88
N UNK T 14 -51.56 24.00 -63.77
CA UNK T 14 -52.32 24.41 -64.93
C UNK T 14 -51.62 25.38 -65.87
N UNK T 15 -50.89 26.34 -65.33
CA UNK T 15 -50.23 27.30 -66.19
C UNK T 15 -49.28 26.56 -67.10
N UNK T 16 -48.59 25.59 -66.52
CA UNK T 16 -47.63 24.80 -67.27
C UNK T 16 -48.15 24.28 -68.60
N UNK T 17 -49.45 24.03 -68.70
CA UNK T 17 -49.95 23.48 -69.94
C UNK T 17 -50.41 24.52 -70.93
N UNK T 18 -51.16 25.51 -70.46
CA UNK T 18 -51.77 26.42 -71.39
C UNK T 18 -50.68 27.14 -72.16
N UNK T 19 -49.65 27.56 -71.43
CA UNK T 19 -48.63 28.39 -72.04
C UNK T 19 -48.27 27.80 -73.39
N UNK T 20 -38.47 23.51 -76.64
CA UNK T 20 -37.81 22.57 -75.74
C UNK T 20 -38.81 21.82 -74.86
N UNK T 21 -39.81 21.22 -75.50
CA UNK T 21 -40.83 20.48 -74.76
C UNK T 21 -40.14 19.37 -74.01
N UNK T 22 -39.15 18.76 -74.64
CA UNK T 22 -38.40 17.70 -73.96
C UNK T 22 -37.76 18.41 -72.81
N UNK T 23 -37.19 19.58 -73.10
CA UNK T 23 -36.60 20.41 -72.07
C UNK T 23 -37.79 20.77 -71.21
N UNK T 24 -38.90 21.07 -71.87
CA UNK T 24 -40.15 21.41 -71.22
C UNK T 24 -40.64 20.21 -70.43
N UNK T 25 -40.47 19.03 -71.00
CA UNK T 25 -40.92 17.84 -70.31
C UNK T 25 -40.16 17.78 -69.02
N UNK T 26 -38.87 18.04 -69.10
CA UNK T 26 -38.05 18.06 -67.91
C UNK T 26 -38.58 19.25 -67.14
N UNK T 27 -38.79 20.34 -67.86
CA UNK T 27 -39.34 21.52 -67.21
C UNK T 27 -40.65 21.03 -66.65
N UNK T 28 -41.36 20.26 -67.47
CA UNK T 28 -42.60 19.66 -67.05
C UNK T 28 -42.17 18.74 -65.92
N UNK T 29 -41.05 18.05 -66.15
CA UNK T 29 -40.51 17.17 -65.15
C UNK T 29 -40.28 18.02 -63.92
N UNK T 30 -39.89 19.27 -64.14
CA UNK T 30 -39.69 20.15 -63.04
C UNK T 30 -41.08 20.35 -62.55
N UNK T 31 -41.78 21.04 -63.40
CA UNK T 31 -43.02 21.67 -63.03
C UNK T 31 -43.83 20.72 -62.19
N UNK T 32 -43.94 19.49 -62.66
CA UNK T 32 -44.81 18.57 -61.98
C UNK T 32 -44.26 18.39 -60.60
N UNK T 33 -42.95 18.27 -60.55
CA UNK T 33 -42.33 17.97 -59.28
C UNK T 33 -42.55 18.99 -58.18
N UNK T 34 -42.35 20.27 -58.48
CA UNK T 34 -42.35 21.28 -57.43
C UNK T 34 -43.72 21.33 -56.78
N UNK T 35 -44.73 21.07 -57.59
CA UNK T 35 -46.09 21.11 -57.12
C UNK T 35 -46.21 20.03 -56.04
N UNK T 36 -45.51 18.92 -56.23
CA UNK T 36 -45.52 17.84 -55.24
C UNK T 36 -44.95 18.31 -53.92
N UNK T 37 -43.85 19.04 -54.00
CA UNK T 37 -43.23 19.54 -52.79
C UNK T 37 -44.25 20.43 -52.14
N UNK T 38 -44.90 21.27 -52.94
CA UNK T 38 -45.87 22.23 -52.40
C UNK T 38 -47.10 21.57 -51.76
N UNK T 39 -47.66 20.58 -52.44
CA UNK T 39 -48.87 19.96 -51.97
C UNK T 39 -48.61 19.29 -50.64
N UNK T 40 -47.37 18.92 -50.39
CA UNK T 40 -47.12 18.44 -49.07
C UNK T 40 -47.47 19.61 -48.13
N UNK T 41 -47.53 20.83 -48.68
CA UNK T 41 -47.80 22.04 -47.91
C UNK T 41 -49.11 22.07 -47.20
N UNK T 42 -50.16 21.74 -47.91
CA UNK T 42 -51.46 21.70 -47.27
C UNK T 42 -51.40 20.58 -46.27
N UNK T 43 -50.71 19.53 -46.67
CA UNK T 43 -50.57 18.38 -45.82
C UNK T 43 -49.85 18.85 -44.60
N UNK T 44 -48.91 19.74 -44.83
CA UNK T 44 -48.13 20.24 -43.75
C UNK T 44 -49.00 21.00 -42.78
N UNK T 45 -49.77 21.92 -43.33
CA UNK T 45 -50.65 22.72 -42.50
C UNK T 45 -51.52 21.79 -41.69
N UNK T 46 -51.61 20.53 -42.12
CA UNK T 46 -52.44 19.58 -41.38
C UNK T 46 -51.67 18.98 -40.23
N UNK T 47 -51.41 19.79 -39.20
CA UNK T 47 -50.70 19.30 -38.03
C UNK T 47 -51.40 18.19 -37.23
N UNK T 48 -52.67 18.31 -36.84
CA UNK T 48 -53.56 19.49 -36.90
C UNK T 48 -53.94 20.05 -38.25
N UNK T 49 -55.15 19.79 -38.71
CA UNK T 49 -55.59 20.30 -39.99
C UNK T 49 -56.93 21.03 -39.91
N UNK T 50 -57.12 22.00 -40.80
CA UNK T 50 -58.33 22.79 -40.87
C UNK T 50 -58.85 22.66 -42.29
N UNK T 51 -59.36 21.46 -42.60
CA UNK T 51 -59.93 21.05 -43.93
C UNK T 51 -60.73 22.17 -44.56
N UNK T 52 -60.98 22.18 -45.90
CA UNK T 52 -61.66 23.41 -46.36
C UNK T 52 -62.17 23.53 -47.81
N UNK T 53 -63.10 24.45 -47.98
CA UNK T 53 -63.76 24.67 -49.24
C UNK T 53 -63.98 26.16 -49.48
N UNK T 54 -63.14 26.77 -50.31
CA UNK T 54 -63.28 28.18 -50.63
C UNK T 54 -63.73 28.16 -52.07
N UNK T 55 -64.89 28.77 -52.33
CA UNK T 55 -65.43 28.77 -53.67
C UNK T 55 -65.09 30.02 -54.47
N UNK T 56 -65.80 30.21 -55.56
CA UNK T 56 -65.64 31.37 -56.43
C UNK T 56 -66.52 30.94 -57.58
N UNK T 57 -67.03 31.82 -58.43
CA UNK T 57 -67.86 31.21 -59.41
C UNK T 57 -67.28 31.76 -60.72
N UNK T 58 -67.82 32.76 -61.43
CA UNK T 58 -69.08 33.42 -61.13
C UNK T 58 -69.90 32.32 -61.73
N UNK T 59 -70.34 31.48 -60.80
CA UNK T 59 -71.05 30.25 -61.15
C UNK T 59 -72.24 30.45 -62.10
N UNK T 60 -73.42 30.54 -61.50
CA UNK T 60 -74.72 30.69 -62.15
C UNK T 60 -75.79 30.12 -61.23
N UNK T 61 -77.02 30.56 -61.38
CA UNK T 61 -78.07 30.04 -60.52
C UNK T 61 -79.42 29.99 -61.21
N UNK T 62 -80.14 28.88 -61.02
CA UNK T 62 -81.43 28.73 -61.66
C UNK T 62 -82.41 28.93 -60.53
N UNK T 63 -83.63 29.37 -60.84
CA UNK T 63 -84.60 29.56 -59.77
C UNK T 63 -84.75 28.21 -59.10
N UNK T 64 -84.60 28.18 -57.79
CA UNK T 64 -84.69 26.91 -57.05
C UNK T 64 -83.29 26.57 -56.56
N UNK T 65 -82.27 27.06 -57.25
CA UNK T 65 -80.94 26.77 -56.79
C UNK T 65 -79.89 27.72 -57.30
N UNK T 66 -78.78 27.77 -56.57
CA UNK T 66 -77.62 28.56 -56.91
C UNK T 66 -76.55 27.49 -56.91
N UNK T 67 -75.77 27.42 -58.00
CA UNK T 67 -74.68 26.44 -58.10
C UNK T 67 -73.37 27.11 -58.53
N UNK T 68 -72.33 27.00 -57.71
CA UNK T 68 -71.06 27.63 -58.04
C UNK T 68 -69.81 26.79 -57.73
N UNK T 69 -68.93 26.65 -58.71
CA UNK T 69 -67.67 25.92 -58.54
C UNK T 69 -66.53 26.80 -59.07
N UNK T 70 -65.52 27.12 -58.26
CA UNK T 70 -65.35 26.70 -56.86
C UNK T 70 -64.71 25.33 -56.63
N UNK T 71 -63.71 25.32 -55.74
CA UNK T 71 -62.95 24.13 -55.39
C UNK T 71 -62.75 24.07 -53.86
N UNK T 72 -62.50 22.87 -53.34
CA UNK T 72 -62.29 22.69 -51.90
C UNK T 72 -61.38 21.49 -51.64
N UNK T 73 -60.79 21.43 -50.46
CA UNK T 73 -59.90 20.31 -50.16
C UNK T 73 -60.18 19.72 -48.79
N UNK T 74 -60.26 18.40 -48.70
CA UNK T 74 -60.51 17.80 -47.38
C UNK T 74 -59.33 16.99 -46.86
N UNK T 75 -58.88 17.36 -45.66
CA UNK T 75 -57.74 16.71 -45.04
C UNK T 75 -57.92 15.24 -44.69
N UNK T 76 -59.10 14.88 -44.20
CA UNK T 76 -59.34 13.49 -43.81
C UNK T 76 -59.24 12.55 -44.99
N UNK T 77 -59.80 12.95 -46.13
CA UNK T 77 -59.76 12.12 -47.31
C UNK T 77 -59.19 12.86 -48.51
N UNK T 78 -59.71 14.05 -48.76
CA UNK T 78 -59.27 14.83 -49.90
C UNK T 78 -57.81 15.28 -49.87
N UNK T 79 -57.35 15.72 -48.72
CA UNK T 79 -55.99 16.22 -48.60
C UNK T 79 -54.88 15.23 -48.93
N UNK T 80 -55.04 13.99 -48.48
CA UNK T 80 -54.02 12.99 -48.72
C UNK T 80 -53.89 12.44 -50.14
N UNK T 81 -55.00 12.12 -50.80
CA UNK T 81 -54.90 11.57 -52.14
C UNK T 81 -53.99 12.41 -53.03
N UNK T 82 -54.09 13.72 -52.93
CA UNK T 82 -53.38 14.57 -53.86
C UNK T 82 -51.89 14.36 -53.72
N UNK T 83 -51.42 14.31 -52.49
CA UNK T 83 -49.99 14.22 -52.29
C UNK T 83 -49.45 12.92 -52.84
N UNK T 84 -50.14 11.83 -52.55
CA UNK T 84 -49.63 10.54 -52.96
C UNK T 84 -49.61 10.57 -54.46
N UNK T 85 -50.66 11.13 -55.01
CA UNK T 85 -50.86 11.06 -56.42
C UNK T 85 -49.71 11.71 -57.12
N UNK T 86 -49.40 12.94 -56.71
CA UNK T 86 -48.46 13.74 -57.45
C UNK T 86 -47.17 12.99 -57.42
N UNK T 87 -46.81 12.37 -56.31
CA UNK T 87 -45.48 11.78 -56.34
C UNK T 87 -45.43 10.75 -57.47
N UNK T 88 -46.49 9.96 -57.58
CA UNK T 88 -46.48 8.87 -58.53
C UNK T 88 -46.31 9.50 -59.88
N UNK T 89 -46.99 10.64 -60.05
CA UNK T 89 -46.89 11.34 -61.30
C UNK T 89 -45.44 11.71 -61.44
N UNK T 90 -44.81 12.10 -60.34
CA UNK T 90 -43.49 12.64 -60.45
C UNK T 90 -42.59 11.61 -61.06
N UNK T 91 -42.68 10.39 -60.56
CA UNK T 91 -41.83 9.33 -61.11
C UNK T 91 -42.17 8.96 -62.54
N UNK T 92 -43.44 8.79 -62.83
CA UNK T 92 -43.81 8.16 -64.08
C UNK T 92 -43.25 8.94 -65.24
N UNK T 93 -43.28 10.26 -65.15
CA UNK T 93 -42.89 11.06 -66.29
C UNK T 93 -41.46 10.74 -66.65
N UNK T 94 -40.63 10.57 -65.64
CA UNK T 94 -39.23 10.33 -65.91
C UNK T 94 -39.06 9.04 -66.69
N UNK T 95 -39.76 8.00 -66.28
CA UNK T 95 -39.64 6.70 -66.92
C UNK T 95 -40.09 6.83 -68.34
N UNK T 96 -41.04 7.73 -68.48
CA UNK T 96 -41.67 7.99 -69.74
C UNK T 96 -40.68 8.48 -70.78
N UNK T 97 -39.79 9.38 -70.40
CA UNK T 97 -39.03 10.06 -71.42
C UNK T 97 -38.20 8.99 -72.12
N UNK T 98 -37.48 8.19 -71.38
CA UNK T 98 -36.68 7.24 -72.11
C UNK T 98 -37.49 6.30 -72.94
N UNK T 99 -38.54 5.72 -72.40
CA UNK T 99 -39.34 4.73 -73.15
C UNK T 99 -40.01 5.26 -74.38
N UNK T 100 -40.39 6.50 -74.25
CA UNK T 100 -41.11 7.29 -75.22
C UNK T 100 -40.12 8.08 -76.03
N UNK T 101 -38.86 8.12 -75.58
CA UNK T 101 -37.83 8.85 -76.32
C UNK T 101 -37.85 8.25 -77.69
N UNK T 102 -37.70 9.10 -78.68
CA UNK T 102 -37.80 8.72 -80.07
C UNK T 102 -39.27 8.77 -80.44
N UNK T 103 -40.15 9.09 -79.49
CA UNK T 103 -41.55 9.19 -79.92
C UNK T 103 -41.67 10.37 -80.88
N UNK T 104 -42.01 10.11 -82.12
CA UNK T 104 -42.03 11.18 -83.10
C UNK T 104 -42.91 12.30 -82.63
N UNK T 105 -44.03 11.98 -82.05
CA UNK T 105 -44.90 13.01 -81.56
C UNK T 105 -44.66 13.16 -80.09
N UNK T 106 -43.51 12.68 -79.61
CA UNK T 106 -43.29 12.66 -78.19
C UNK T 106 -43.45 13.98 -77.50
N UNK T 107 -42.89 15.04 -78.05
CA UNK T 107 -43.03 16.32 -77.42
C UNK T 107 -44.51 16.57 -77.24
N UNK T 108 -45.26 16.34 -78.30
CA UNK T 108 -46.67 16.56 -78.25
C UNK T 108 -47.23 15.64 -77.23
N UNK T 109 -46.73 14.44 -77.19
CA UNK T 109 -47.37 13.54 -76.27
C UNK T 109 -47.59 14.16 -74.90
N UNK T 110 -46.56 14.75 -74.35
CA UNK T 110 -46.58 14.94 -72.93
C UNK T 110 -47.82 15.73 -72.62
N UNK T 111 -48.19 16.64 -73.50
CA UNK T 111 -49.25 17.57 -73.14
C UNK T 111 -50.50 16.82 -72.81
N UNK T 112 -50.83 15.79 -73.59
CA UNK T 112 -52.07 15.08 -73.33
C UNK T 112 -51.98 14.48 -71.94
N UNK T 113 -50.83 13.92 -71.59
CA UNK T 113 -50.67 13.27 -70.30
C UNK T 113 -50.82 14.23 -69.14
N UNK T 114 -50.22 15.40 -69.28
CA UNK T 114 -50.30 16.37 -68.21
C UNK T 114 -51.74 16.76 -68.04
N UNK T 115 -52.43 16.93 -69.15
CA UNK T 115 -53.82 17.33 -69.06
C UNK T 115 -54.61 16.25 -68.32
N UNK T 116 -54.36 15.00 -68.67
CA UNK T 116 -55.14 13.92 -68.09
C UNK T 116 -54.91 13.98 -66.61
N UNK T 117 -53.72 14.32 -66.16
CA UNK T 117 -53.57 14.40 -64.71
C UNK T 117 -54.53 15.44 -64.16
N UNK T 118 -54.71 16.54 -64.89
CA UNK T 118 -55.48 17.65 -64.38
C UNK T 118 -56.90 17.21 -64.14
N UNK T 119 -57.41 16.41 -65.05
CA UNK T 119 -58.78 15.96 -64.91
C UNK T 119 -58.97 15.26 -63.59
N UNK T 120 -58.14 14.25 -63.36
CA UNK T 120 -58.32 13.43 -62.19
C UNK T 120 -58.23 14.35 -61.00
N UNK T 121 -57.27 15.25 -61.01
CA UNK T 121 -57.09 16.07 -59.83
C UNK T 121 -58.41 16.77 -59.65
N UNK T 122 -58.97 17.21 -60.77
CA UNK T 122 -60.29 17.82 -60.74
C UNK T 122 -61.20 16.74 -60.23
N UNK T 123 -60.96 15.52 -60.67
CA UNK T 123 -61.85 14.44 -60.31
C UNK T 123 -61.89 14.27 -58.81
N UNK T 124 -60.72 14.28 -58.19
CA UNK T 124 -60.64 14.14 -56.74
C UNK T 124 -61.26 15.30 -55.99
N UNK T 125 -61.01 16.50 -56.48
CA UNK T 125 -61.28 17.70 -55.71
C UNK T 125 -62.72 18.00 -55.32
N UNK T 126 -63.66 17.72 -56.22
CA UNK T 126 -64.87 18.54 -56.35
C UNK T 126 -65.84 18.66 -55.17
N UNK T 127 -66.17 19.92 -54.88
CA UNK T 127 -67.17 20.30 -53.89
C UNK T 127 -68.60 19.98 -54.24
N UNK T 128 -68.98 20.24 -55.49
CA UNK T 128 -70.36 20.13 -55.90
C UNK T 128 -70.46 19.16 -57.06
N UNK T 129 -71.55 18.42 -57.12
CA UNK T 129 -71.57 17.17 -57.84
C UNK T 129 -71.20 17.44 -59.26
N UNK T 130 -71.72 18.55 -59.79
CA UNK T 130 -71.60 18.85 -61.20
C UNK T 130 -70.12 18.94 -61.46
N UNK T 131 -69.41 19.52 -60.52
CA UNK T 131 -67.99 19.63 -60.65
C UNK T 131 -67.49 18.21 -60.73
N UNK T 132 -68.11 17.34 -59.95
CA UNK T 132 -67.71 15.96 -59.96
C UNK T 132 -67.93 15.42 -61.33
N UNK T 133 -69.07 15.76 -61.91
CA UNK T 133 -69.44 15.12 -63.15
C UNK T 133 -68.38 15.46 -64.15
N UNK T 134 -67.97 16.74 -64.13
CA UNK T 134 -66.92 17.23 -64.99
C UNK T 134 -65.79 16.26 -64.82
N UNK T 135 -65.56 15.85 -63.58
CA UNK T 135 -64.50 14.91 -63.30
C UNK T 135 -64.62 13.47 -63.84
N UNK T 136 -65.76 12.82 -63.64
CA UNK T 136 -65.88 11.43 -64.10
C UNK T 136 -65.76 11.27 -65.60
N UNK T 137 -66.47 12.12 -66.34
CA UNK T 137 -66.41 12.07 -67.78
C UNK T 137 -65.04 12.45 -68.29
N UNK T 138 -64.47 13.45 -67.64
CA UNK T 138 -63.18 13.99 -68.02
C UNK T 138 -62.00 13.03 -67.97
N UNK T 139 -61.91 12.26 -66.91
CA UNK T 139 -60.77 11.36 -66.79
C UNK T 139 -60.77 10.36 -67.92
N UNK T 140 -61.93 9.80 -68.20
CA UNK T 140 -62.05 8.80 -69.25
C UNK T 140 -61.77 9.26 -70.68
N UNK T 141 -62.25 10.45 -71.04
CA UNK T 141 -62.10 10.89 -72.41
C UNK T 141 -60.64 10.89 -72.79
N UNK T 142 -59.80 11.39 -71.89
CA UNK T 142 -58.39 11.41 -72.17
C UNK T 142 -57.96 9.98 -72.45
N UNK T 143 -58.62 9.05 -71.76
CA UNK T 143 -58.28 7.65 -71.91
C UNK T 143 -58.52 7.23 -73.33
N UNK T 144 -59.65 7.63 -73.88
CA UNK T 144 -60.05 7.22 -75.19
C UNK T 144 -59.01 7.74 -76.13
N UNK T 145 -58.57 8.98 -75.92
CA UNK T 145 -57.53 9.49 -76.79
C UNK T 145 -56.18 8.74 -76.71
N UNK T 146 -55.66 8.74 -75.50
CA UNK T 146 -54.41 8.13 -75.15
C UNK T 146 -54.57 6.66 -75.38
N UNK T 147 -55.77 6.17 -75.10
CA UNK T 147 -56.00 4.77 -74.90
C UNK T 147 -55.53 4.09 -76.14
N UNK T 148 -55.74 4.74 -77.27
CA UNK T 148 -55.13 4.29 -78.49
C UNK T 148 -53.83 5.07 -78.65
N UNK T 149 -53.80 5.89 -79.70
CA UNK T 149 -52.61 6.56 -80.19
C UNK T 149 -52.25 5.50 -81.24
N UNK T 150 -51.19 5.67 -82.03
CA UNK T 150 -50.87 4.61 -83.02
C UNK T 150 -52.06 4.35 -83.93
N UNK T 151 -52.34 5.22 -84.90
CA UNK T 151 -53.57 5.02 -85.65
C UNK T 151 -53.72 3.59 -86.18
N UNK T 152 -52.60 2.98 -86.54
CA UNK T 152 -52.64 1.62 -87.05
C UNK T 152 -52.95 0.61 -85.95
N UNK T 153 -53.49 -0.53 -86.37
CA UNK T 153 -53.80 -1.62 -85.46
C UNK T 153 -52.53 -2.41 -85.13
N UNK T 154 -52.65 -3.21 -84.07
CA UNK T 154 -53.94 -3.22 -83.39
C UNK T 154 -54.15 -1.78 -83.08
N UNK T 155 -55.29 -1.26 -83.53
CA UNK T 155 -55.57 0.13 -83.31
C UNK T 155 -55.49 0.40 -81.82
N UNK T 156 -56.03 -0.52 -81.03
CA UNK T 156 -56.09 -0.41 -79.57
C UNK T 156 -56.95 0.82 -79.41
N UNK T 157 -57.73 1.05 -80.47
CA UNK T 157 -58.59 2.20 -80.63
C UNK T 157 -59.98 1.61 -80.57
N UNK T 158 -60.16 0.53 -81.32
CA UNK T 158 -61.47 -0.12 -81.30
C UNK T 158 -61.64 -0.53 -79.86
N UNK T 159 -60.57 -1.05 -79.28
CA UNK T 159 -60.58 -1.42 -77.89
C UNK T 159 -60.82 -0.12 -77.15
N UNK T 160 -60.18 0.93 -77.64
CA UNK T 160 -60.35 2.21 -77.04
C UNK T 160 -61.81 2.56 -77.11
N UNK T 161 -62.39 2.40 -78.30
CA UNK T 161 -63.80 2.73 -78.44
C UNK T 161 -64.53 1.88 -77.44
N UNK T 162 -64.01 0.68 -77.28
CA UNK T 162 -64.57 -0.26 -76.35
C UNK T 162 -64.48 0.38 -74.99
N UNK T 163 -63.34 0.97 -74.67
CA UNK T 163 -63.20 1.53 -73.34
C UNK T 163 -64.21 2.63 -73.18
N UNK T 164 -64.32 3.46 -74.19
CA UNK T 164 -65.25 4.55 -74.13
C UNK T 164 -66.61 3.92 -74.00
N UNK T 165 -66.81 2.81 -74.71
CA UNK T 165 -68.12 2.20 -74.73
C UNK T 165 -68.57 1.75 -73.35
N UNK T 166 -67.69 1.10 -72.60
CA UNK T 166 -68.06 0.71 -71.26
C UNK T 166 -68.23 1.93 -70.39
N UNK T 167 -67.29 2.85 -70.47
CA UNK T 167 -67.26 3.91 -69.49
C UNK T 167 -68.54 4.68 -69.54
N UNK T 168 -69.03 4.97 -70.73
CA UNK T 168 -70.26 5.73 -70.85
C UNK T 168 -71.44 4.99 -70.26
N UNK T 169 -71.48 3.67 -70.44
CA UNK T 169 -72.62 2.91 -69.97
C UNK T 169 -72.73 2.97 -68.46
N UNK T 170 -71.61 2.79 -67.79
CA UNK T 170 -71.55 2.88 -66.33
C UNK T 170 -71.90 4.30 -65.97
N UNK T 171 -71.59 5.16 -66.93
CA UNK T 171 -71.79 6.57 -66.80
C UNK T 171 -73.26 6.87 -66.60
N UNK T 172 -74.11 6.12 -67.31
CA UNK T 172 -75.50 6.49 -67.38
C UNK T 172 -76.05 6.52 -65.97
N UNK T 173 -75.78 5.53 -65.18
CA UNK T 173 -76.36 5.63 -63.87
C UNK T 173 -75.99 7.01 -63.40
N UNK T 174 -74.70 7.21 -63.38
CA UNK T 174 -74.19 8.35 -62.66
C UNK T 174 -75.15 9.46 -62.94
N UNK T 175 -75.58 9.57 -64.20
CA UNK T 175 -76.54 10.60 -64.55
C UNK T 175 -77.71 10.50 -63.57
N UNK T 176 -78.12 9.27 -63.26
CA UNK T 176 -79.22 9.08 -62.33
C UNK T 176 -78.76 9.70 -61.05
N UNK T 177 -77.51 9.40 -60.73
CA UNK T 177 -76.91 9.95 -59.55
C UNK T 177 -76.91 11.45 -59.77
N UNK T 178 -76.64 11.84 -61.00
CA UNK T 178 -76.58 13.24 -61.34
C UNK T 178 -77.91 13.89 -61.01
N UNK T 179 -78.99 13.20 -61.34
CA UNK T 179 -80.32 13.72 -61.04
C UNK T 179 -80.75 13.29 -59.65
N UNK T 180 -79.90 12.51 -59.00
CA UNK T 180 -80.22 11.99 -57.70
C UNK T 180 -80.47 13.11 -56.70
N UNK T 181 -79.60 14.11 -56.72
CA UNK T 181 -79.78 15.21 -55.79
C UNK T 181 -81.06 15.97 -56.05
N UNK T 182 -81.36 16.22 -57.31
CA UNK T 182 -82.55 16.97 -57.63
C UNK T 182 -83.73 16.21 -57.10
N UNK T 183 -83.69 14.89 -57.26
CA UNK T 183 -84.75 14.04 -56.77
C UNK T 183 -84.77 14.23 -55.27
N UNK T 184 -85.90 14.68 -54.71
CA UNK T 184 -85.95 14.88 -53.27
C UNK T 184 -85.12 16.14 -52.98
N UNK T 185 -84.06 15.99 -52.18
CA UNK T 185 -83.15 17.08 -51.84
C UNK T 185 -82.99 18.16 -52.91
N UNK T 186 -82.45 17.86 -54.11
CA UNK T 186 -82.35 18.91 -55.08
C UNK T 186 -81.60 20.08 -54.46
N UNK T 187 -80.49 19.79 -53.79
CA UNK T 187 -79.69 20.86 -53.21
C UNK T 187 -78.44 20.96 -54.05
N UNK T 188 -77.94 19.80 -54.47
CA UNK T 188 -76.76 19.71 -55.31
C UNK T 188 -75.54 20.08 -54.50
N UNK T 189 -75.70 20.10 -53.18
CA UNK T 189 -74.59 20.45 -52.32
C UNK T 189 -74.15 19.26 -51.48
N UNK T 190 -72.89 18.88 -51.63
CA UNK T 190 -72.37 17.75 -50.88
C UNK T 190 -72.46 18.09 -49.41
N UNK T 191 -72.06 19.30 -49.06
CA UNK T 191 -72.14 19.70 -47.68
C UNK T 191 -73.60 19.72 -47.31
N UNK T 192 -74.41 20.31 -48.18
CA UNK T 192 -75.85 20.38 -47.97
C UNK T 192 -76.47 19.00 -48.02
N UNK T 193 -76.01 18.20 -48.97
CA UNK T 193 -76.54 16.87 -49.14
C UNK T 193 -76.30 16.06 -47.90
N UNK T 194 -75.30 16.40 -47.14
CA UNK T 194 -75.02 15.59 -45.96
C UNK T 194 -76.21 15.09 -45.13
N UNK T 195 -77.22 15.90 -44.83
CA UNK T 195 -78.34 15.38 -44.03
C UNK T 195 -79.71 15.61 -44.64
N UNK T 196 -80.50 14.55 -44.87
CA UNK T 196 -80.17 13.13 -44.66
C UNK T 196 -80.86 12.40 -45.81
N UNK T 197 -80.36 11.24 -46.26
CA UNK T 197 -81.01 10.61 -47.40
C UNK T 197 -82.29 9.84 -47.08
N UNK T 198 -82.27 9.04 -46.02
CA UNK T 198 -83.39 8.14 -45.73
C UNK T 198 -83.68 7.21 -46.91
N UNK T 199 -82.60 6.83 -47.58
CA UNK T 199 -82.57 6.00 -48.75
C UNK T 199 -83.04 4.55 -48.55
N UNK T 200 -83.75 3.97 -49.52
CA UNK T 200 -84.12 4.62 -50.78
C UNK T 200 -82.83 5.07 -51.40
N UNK T 201 -81.82 4.23 -51.25
CA UNK T 201 -80.49 4.57 -51.72
C UNK T 201 -80.51 4.89 -53.17
N UNK T 202 -81.39 4.16 -53.88
CA UNK T 202 -81.63 4.22 -55.32
C UNK T 202 -80.63 5.08 -56.03
N UNK T 203 -80.90 6.38 -56.11
CA UNK T 203 -79.90 7.23 -56.74
C UNK T 203 -78.57 6.80 -56.12
N UNK T 204 -78.59 6.60 -54.80
CA UNK T 204 -77.39 6.17 -54.07
C UNK T 204 -76.98 4.79 -54.59
N UNK T 205 -77.98 3.92 -54.77
CA UNK T 205 -77.75 2.59 -55.31
C UNK T 205 -77.24 2.90 -56.70
N UNK T 206 -77.88 3.91 -57.30
CA UNK T 206 -77.48 4.43 -58.58
C UNK T 206 -76.02 4.81 -58.69
N UNK T 207 -75.49 5.44 -57.65
CA UNK T 207 -74.11 5.87 -57.71
C UNK T 207 -73.27 4.66 -57.95
N UNK T 208 -73.71 3.62 -57.29
CA UNK T 208 -73.09 2.33 -57.26
C UNK T 208 -72.90 1.72 -58.63
N UNK T 209 -73.79 1.96 -59.60
CA UNK T 209 -73.57 1.33 -60.90
C UNK T 209 -72.29 1.81 -61.60
N UNK T 210 -72.12 3.13 -61.71
CA UNK T 210 -70.93 3.69 -62.37
C UNK T 210 -69.67 3.44 -61.58
N UNK T 211 -69.80 3.63 -60.26
CA UNK T 211 -68.70 3.45 -59.33
C UNK T 211 -68.25 2.02 -59.38
N UNK T 212 -69.22 1.10 -59.50
CA UNK T 212 -68.89 -0.31 -59.58
C UNK T 212 -68.10 -0.50 -60.87
N UNK T 213 -68.52 0.17 -61.93
CA UNK T 213 -67.85 0.07 -63.23
C UNK T 213 -66.42 0.60 -63.15
N UNK T 214 -66.22 1.71 -62.45
CA UNK T 214 -64.90 2.30 -62.29
C UNK T 214 -64.01 1.34 -61.51
N UNK T 215 -64.60 0.71 -60.49
CA UNK T 215 -63.92 -0.24 -59.64
C UNK T 215 -63.49 -1.45 -60.45
N UNK T 216 -64.34 -1.81 -61.41
CA UNK T 216 -64.15 -2.96 -62.28
C UNK T 216 -64.67 -4.20 -61.58
N UNK T 217 -65.30 -3.99 -60.42
CA UNK T 217 -65.86 -5.09 -59.66
C UNK T 217 -67.06 -5.62 -60.44
N UNK T 218 -67.28 -6.92 -60.37
CA UNK T 218 -68.41 -7.51 -61.10
C UNK T 218 -68.30 -7.23 -62.60
N UNK T 219 -69.37 -6.69 -63.17
CA UNK T 219 -69.43 -6.40 -64.61
C UNK T 219 -68.61 -5.19 -65.04
N UNK T 220 -67.28 -5.33 -64.95
CA UNK T 220 -66.27 -4.31 -65.38
C UNK T 220 -65.01 -4.80 -66.22
N UNK T 221 -65.06 -6.02 -66.73
CA UNK T 221 -63.91 -6.60 -67.46
C UNK T 221 -63.44 -5.88 -68.73
N UNK T 222 -64.38 -5.39 -69.52
CA UNK T 222 -64.00 -4.71 -70.73
C UNK T 222 -63.22 -3.45 -70.36
N UNK T 223 -63.69 -2.75 -69.34
CA UNK T 223 -63.04 -1.51 -68.90
C UNK T 223 -61.65 -1.85 -68.49
N UNK T 224 -61.50 -2.99 -67.84
CA UNK T 224 -60.17 -3.41 -67.44
C UNK T 224 -59.16 -3.74 -68.57
N UNK T 225 -59.56 -4.41 -69.65
CA UNK T 225 -58.56 -4.77 -70.71
C UNK T 225 -57.77 -3.76 -71.65
N UNK T 226 -58.48 -2.77 -72.20
CA UNK T 226 -58.07 -1.74 -73.14
C UNK T 226 -56.98 -0.95 -72.45
N UNK T 227 -57.03 -0.90 -71.12
CA UNK T 227 -56.02 -0.19 -70.37
C UNK T 227 -54.70 -0.90 -70.60
N UNK T 228 -54.75 -2.22 -70.64
CA UNK T 228 -53.53 -2.99 -70.83
C UNK T 228 -52.92 -2.62 -72.15
N UNK T 229 -53.78 -2.43 -73.13
CA UNK T 229 -53.32 -2.09 -74.47
C UNK T 229 -52.53 -0.79 -74.83
N UNK T 230 -52.81 0.40 -74.27
CA UNK T 230 -51.99 1.65 -74.82
C UNK T 230 -50.39 1.97 -74.64
N UNK T 231 -49.61 2.75 -75.48
CA UNK T 231 -48.23 2.80 -75.02
C UNK T 231 -48.15 2.63 -73.51
N UNK T 232 -47.12 1.91 -73.07
CA UNK T 232 -47.13 1.23 -71.78
C UNK T 232 -47.26 2.10 -70.54
N UNK T 233 -46.52 3.19 -70.52
CA UNK T 233 -46.51 4.05 -69.36
C UNK T 233 -47.94 4.48 -69.16
N UNK T 234 -48.62 4.77 -70.26
CA UNK T 234 -49.99 5.22 -70.19
C UNK T 234 -50.76 4.11 -69.51
N UNK T 235 -50.35 2.89 -69.80
CA UNK T 235 -50.94 1.74 -69.17
C UNK T 235 -50.67 1.91 -67.70
N UNK T 236 -49.50 2.43 -67.37
CA UNK T 236 -49.16 2.53 -65.97
C UNK T 236 -50.13 3.45 -65.27
N UNK T 237 -50.42 4.58 -65.87
CA UNK T 237 -51.32 5.52 -65.24
C UNK T 237 -52.69 4.88 -65.09
N UNK T 238 -53.22 4.42 -66.22
CA UNK T 238 -54.59 4.00 -66.25
C UNK T 238 -54.73 2.78 -65.36
N UNK T 239 -53.77 1.89 -65.49
CA UNK T 239 -53.80 0.68 -64.72
C UNK T 239 -53.61 0.91 -63.23
N UNK T 240 -52.68 1.76 -62.87
CA UNK T 240 -52.31 1.90 -61.47
C UNK T 240 -52.92 3.13 -60.88
N UNK T 241 -53.05 4.10 -61.77
CA UNK T 241 -53.52 5.42 -61.44
C UNK T 241 -54.89 5.67 -62.02
N UNK T 242 -55.08 5.41 -63.31
CA UNK T 242 -56.40 5.62 -63.89
C UNK T 242 -57.40 4.60 -63.33
N UNK T 243 -57.00 3.32 -63.34
CA UNK T 243 -57.86 2.24 -62.84
C UNK T 243 -58.13 2.36 -61.36
N UNK T 244 -57.09 2.50 -60.55
CA UNK T 244 -57.29 2.61 -59.09
C UNK T 244 -57.91 3.93 -58.59
N UNK T 245 -57.38 5.05 -59.10
CA UNK T 245 -57.83 6.37 -58.70
C UNK T 245 -59.29 6.66 -59.02
N UNK T 246 -59.83 6.30 -60.17
CA UNK T 246 -61.22 6.73 -60.30
C UNK T 246 -62.41 6.15 -59.45
N UNK T 247 -62.56 4.82 -59.43
CA UNK T 247 -63.73 4.23 -58.76
C UNK T 247 -63.94 4.23 -57.24
N UNK T 248 -62.95 3.82 -56.48
CA UNK T 248 -63.12 3.78 -55.04
C UNK T 248 -63.29 5.18 -54.53
N UNK T 249 -62.48 6.07 -55.08
CA UNK T 249 -62.51 7.45 -54.67
C UNK T 249 -63.86 8.04 -54.99
N UNK T 250 -64.39 7.74 -56.18
CA UNK T 250 -65.70 8.32 -56.49
C UNK T 250 -66.72 7.81 -55.51
N UNK T 251 -66.70 6.49 -55.30
CA UNK T 251 -67.62 5.84 -54.38
C UNK T 251 -67.42 6.12 -52.90
N UNK T 252 -66.16 6.13 -52.49
CA UNK T 252 -65.80 6.29 -51.11
C UNK T 252 -66.29 7.64 -50.64
N UNK T 253 -66.33 8.59 -51.54
CA UNK T 253 -66.58 9.96 -51.15
C UNK T 253 -67.92 10.05 -50.46
N UNK T 254 -68.90 9.32 -50.95
CA UNK T 254 -70.21 9.35 -50.33
C UNK T 254 -70.14 8.85 -48.89
N UNK T 255 -69.30 7.85 -48.66
CA UNK T 255 -69.03 7.30 -47.34
C UNK T 255 -70.07 7.59 -46.26
N UNK T 256 -70.38 8.86 -46.06
CA UNK T 256 -71.33 9.23 -45.04
C UNK T 256 -72.70 8.65 -45.28
N UNK T 257 -73.12 8.65 -46.53
CA UNK T 257 -74.44 8.17 -46.89
C UNK T 257 -74.46 6.68 -46.69
N UNK T 258 -73.36 6.05 -47.04
CA UNK T 258 -73.31 4.61 -47.18
C UNK T 258 -73.65 3.90 -45.89
N UNK T 259 -73.18 4.43 -44.78
CA UNK T 259 -73.21 3.67 -43.56
C UNK T 259 -74.64 3.30 -43.26
N UNK T 260 -75.55 4.24 -43.41
CA UNK T 260 -76.95 3.92 -43.23
C UNK T 260 -77.40 3.14 -44.45
N UNK T 261 -78.59 2.55 -44.38
CA UNK T 261 -79.13 1.78 -45.51
C UNK T 261 -78.20 0.65 -45.94
N UNK T 262 -77.76 -0.12 -44.97
CA UNK T 262 -76.68 -1.07 -45.17
C UNK T 262 -76.98 -2.04 -46.28
N UNK T 263 -78.25 -2.40 -46.45
CA UNK T 263 -78.60 -3.56 -47.24
C UNK T 263 -78.06 -3.32 -48.60
N UNK T 264 -78.18 -2.10 -49.08
CA UNK T 264 -77.67 -1.77 -50.39
C UNK T 264 -76.19 -2.05 -50.40
N UNK T 265 -75.53 -1.74 -49.29
CA UNK T 265 -74.10 -1.89 -49.21
C UNK T 265 -73.80 -3.36 -49.36
N UNK T 266 -74.64 -4.24 -48.87
CA UNK T 266 -74.35 -5.65 -49.05
C UNK T 266 -74.26 -5.97 -50.54
N UNK T 267 -75.17 -5.39 -51.29
CA UNK T 267 -75.29 -5.71 -52.69
C UNK T 267 -73.97 -5.38 -53.31
N UNK T 268 -73.44 -4.25 -52.92
CA UNK T 268 -72.17 -3.84 -53.44
C UNK T 268 -71.18 -4.90 -53.05
N UNK T 269 -71.35 -5.38 -51.83
CA UNK T 269 -70.33 -6.18 -51.23
C UNK T 269 -70.09 -7.38 -52.10
N UNK T 270 -71.15 -8.00 -52.58
CA UNK T 270 -70.99 -9.20 -53.39
C UNK T 270 -70.20 -8.82 -54.63
N UNK T 271 -70.60 -7.66 -55.16
CA UNK T 271 -70.04 -7.11 -56.38
C UNK T 271 -68.54 -7.28 -56.34
N UNK T 272 -67.98 -6.88 -55.22
CA UNK T 272 -66.55 -6.97 -55.02
C UNK T 272 -66.15 -8.43 -55.11
N UNK T 273 -66.97 -9.33 -54.59
CA UNK T 273 -66.61 -10.75 -54.63
C UNK T 273 -66.41 -11.38 -56.01
N UNK T 274 -67.31 -11.08 -56.95
CA UNK T 274 -67.21 -11.66 -58.28
C UNK T 274 -65.95 -11.21 -59.03
N UNK T 275 -65.65 -9.92 -58.95
CA UNK T 275 -64.48 -9.39 -59.61
C UNK T 275 -63.24 -10.05 -59.04
N UNK T 276 -63.18 -10.11 -57.72
CA UNK T 276 -62.02 -10.69 -57.05
C UNK T 276 -61.84 -12.12 -57.50
N UNK T 277 -62.95 -12.84 -57.63
CA UNK T 277 -62.89 -14.23 -58.07
C UNK T 277 -62.36 -14.35 -59.50
N UNK T 278 -62.81 -13.46 -60.38
CA UNK T 278 -62.40 -13.48 -61.79
C UNK T 278 -60.93 -13.22 -62.11
N UNK T 279 -60.34 -12.26 -61.40
CA UNK T 279 -58.97 -11.83 -61.62
C UNK T 279 -58.12 -13.06 -61.40
N UNK T 280 -58.55 -13.90 -60.47
CA UNK T 280 -57.80 -15.11 -60.24
C UNK T 280 -57.80 -15.89 -61.53
N UNK T 281 -58.94 -15.91 -62.20
CA UNK T 281 -59.07 -16.75 -63.35
C UNK T 281 -58.05 -16.33 -64.38
N UNK T 282 -57.83 -15.04 -64.51
CA UNK T 282 -56.85 -14.53 -65.47
C UNK T 282 -55.40 -14.70 -65.00
N UNK T 283 -55.19 -15.08 -63.74
CA UNK T 283 -53.83 -15.19 -63.25
C UNK T 283 -52.99 -16.21 -63.99
N UNK T 284 -53.53 -17.40 -64.19
CA UNK T 284 -52.82 -18.45 -64.89
C UNK T 284 -52.57 -18.21 -66.36
N UNK T 285 -53.57 -17.60 -67.01
CA UNK T 285 -53.60 -17.40 -68.46
C UNK T 285 -52.53 -16.58 -69.19
N UNK T 286 -52.07 -15.47 -68.64
CA UNK T 286 -51.09 -14.68 -69.37
C UNK T 286 -49.86 -15.52 -69.73
N UNK T 287 -49.45 -15.44 -70.98
CA UNK T 287 -48.28 -16.16 -71.49
C UNK T 287 -47.21 -15.20 -71.96
N UNK T 288 -47.55 -13.92 -71.96
CA UNK T 288 -46.65 -12.84 -72.35
C UNK T 288 -46.62 -12.04 -71.08
N UNK T 289 -46.02 -10.84 -71.05
CA UNK T 289 -46.02 -10.13 -69.78
C UNK T 289 -47.05 -9.03 -69.60
N UNK T 290 -47.23 -8.18 -70.60
CA UNK T 290 -47.86 -6.90 -70.32
C UNK T 290 -49.25 -7.12 -69.79
N UNK T 291 -50.00 -7.98 -70.46
CA UNK T 291 -51.33 -8.27 -69.99
C UNK T 291 -51.17 -8.87 -68.63
N UNK T 292 -50.20 -9.80 -68.56
CA UNK T 292 -49.90 -10.57 -67.35
C UNK T 292 -50.03 -9.71 -66.13
N UNK T 293 -49.34 -8.57 -66.14
CA UNK T 293 -49.49 -7.69 -64.98
C UNK T 293 -50.90 -7.12 -64.79
N UNK T 294 -51.48 -6.68 -65.89
CA UNK T 294 -52.69 -5.87 -65.82
C UNK T 294 -53.79 -6.68 -65.18
N UNK T 295 -53.82 -7.95 -65.54
CA UNK T 295 -54.82 -8.82 -65.01
C UNK T 295 -54.60 -8.83 -63.51
N UNK T 296 -53.34 -8.80 -63.12
CA UNK T 296 -53.02 -8.88 -61.71
C UNK T 296 -53.59 -7.67 -60.99
N UNK T 297 -53.41 -6.51 -61.60
CA UNK T 297 -53.85 -5.30 -60.96
C UNK T 297 -55.33 -5.41 -60.77
N UNK T 298 -56.05 -5.91 -61.75
CA UNK T 298 -57.48 -5.78 -61.67
C UNK T 298 -57.91 -6.49 -60.41
N UNK T 299 -57.30 -7.63 -60.17
CA UNK T 299 -57.75 -8.45 -59.08
C UNK T 299 -57.61 -7.64 -57.83
N UNK T 300 -56.52 -6.91 -57.72
CA UNK T 300 -56.30 -6.12 -56.53
C UNK T 300 -57.41 -5.10 -56.42
N UNK T 301 -57.77 -4.51 -57.54
CA UNK T 301 -58.70 -3.41 -57.51
C UNK T 301 -59.97 -3.94 -56.92
N UNK T 302 -60.29 -5.15 -57.36
CA UNK T 302 -61.49 -5.80 -56.92
C UNK T 302 -61.32 -5.95 -55.43
N UNK T 303 -60.10 -6.30 -55.04
CA UNK T 303 -59.80 -6.44 -53.62
C UNK T 303 -60.06 -5.08 -53.02
N UNK T 304 -59.73 -4.05 -53.77
CA UNK T 304 -59.99 -2.72 -53.32
C UNK T 304 -61.49 -2.60 -53.13
N UNK T 305 -62.24 -3.18 -54.05
CA UNK T 305 -63.67 -2.99 -54.01
C UNK T 305 -64.20 -3.56 -52.72
N UNK T 306 -63.83 -4.79 -52.40
CA UNK T 306 -64.55 -5.55 -51.39
C UNK T 306 -64.52 -4.86 -50.04
N UNK T 307 -63.38 -4.29 -49.72
CA UNK T 307 -63.23 -3.56 -48.46
C UNK T 307 -64.21 -2.40 -48.54
N UNK T 308 -64.50 -1.99 -49.76
CA UNK T 308 -65.40 -0.88 -49.95
C UNK T 308 -66.68 -1.27 -49.25
N UNK T 309 -67.02 -2.53 -49.39
CA UNK T 309 -68.14 -3.09 -48.67
C UNK T 309 -67.78 -2.93 -47.22
N UNK T 310 -66.50 -3.09 -46.91
CA UNK T 310 -66.10 -3.12 -45.52
C UNK T 310 -66.48 -1.81 -44.85
N UNK T 311 -66.19 -0.65 -45.40
CA UNK T 311 -66.61 0.56 -44.66
C UNK T 311 -65.61 1.44 -43.87
N UNK T 312 -64.30 1.20 -43.98
CA UNK T 312 -63.33 2.06 -43.29
C UNK T 312 -62.83 3.08 -44.30
N UNK T 313 -63.36 4.28 -44.22
CA UNK T 313 -63.04 5.35 -45.16
C UNK T 313 -61.56 5.67 -45.17
N UNK T 314 -61.05 5.75 -43.97
CA UNK T 314 -59.63 5.63 -43.78
C UNK T 314 -59.32 4.27 -44.36
N UNK T 315 -60.19 3.30 -44.15
CA UNK T 315 -59.88 1.95 -44.60
C UNK T 315 -59.71 1.99 -46.11
N UNK T 316 -60.63 2.66 -46.77
CA UNK T 316 -60.58 2.67 -48.22
C UNK T 316 -59.33 3.35 -48.76
N UNK T 317 -58.98 4.49 -48.18
CA UNK T 317 -57.84 5.23 -48.68
C UNK T 317 -56.60 4.38 -48.48
N UNK T 318 -56.54 3.70 -47.33
CA UNK T 318 -55.37 2.90 -47.01
C UNK T 318 -55.21 1.79 -48.03
N UNK T 319 -56.28 1.09 -48.34
CA UNK T 319 -56.15 0.04 -49.34
C UNK T 319 -55.77 0.64 -50.68
N UNK T 320 -56.50 1.70 -51.02
CA UNK T 320 -56.26 2.38 -52.26
C UNK T 320 -54.87 2.96 -52.24
N UNK T 321 -54.50 3.56 -51.11
CA UNK T 321 -53.27 4.31 -51.07
C UNK T 321 -52.13 3.38 -51.36
N UNK T 322 -52.16 2.20 -50.73
CA UNK T 322 -51.12 1.23 -51.00
C UNK T 322 -51.14 0.64 -52.41
N UNK T 323 -52.32 0.27 -52.89
CA UNK T 323 -52.43 -0.55 -54.08
C UNK T 323 -51.79 0.12 -55.26
N UNK T 324 -51.98 1.43 -55.35
CA UNK T 324 -51.43 2.15 -56.47
C UNK T 324 -49.92 2.03 -56.45
N UNK T 325 -49.32 2.15 -55.28
CA UNK T 325 -47.88 2.14 -55.23
C UNK T 325 -47.36 0.82 -55.78
N UNK T 326 -47.82 -0.31 -55.28
CA UNK T 326 -47.11 -1.52 -55.69
C UNK T 326 -47.24 -1.77 -57.17
N UNK T 327 -48.47 -1.71 -57.65
CA UNK T 327 -48.75 -2.04 -59.03
C UNK T 327 -48.03 -1.04 -59.89
N UNK T 328 -48.07 0.21 -59.46
CA UNK T 328 -47.51 1.25 -60.28
C UNK T 328 -46.03 0.98 -60.43
N UNK T 329 -45.37 0.63 -59.34
CA UNK T 329 -43.95 0.44 -59.43
C UNK T 329 -43.63 -0.72 -60.37
N UNK T 330 -44.26 -1.85 -60.17
CA UNK T 330 -43.85 -3.02 -60.94
C UNK T 330 -44.03 -2.73 -62.40
N UNK T 331 -45.21 -2.19 -62.72
CA UNK T 331 -45.56 -1.87 -64.09
C UNK T 331 -44.42 -1.13 -64.72
N UNK T 332 -43.84 -0.21 -63.96
CA UNK T 332 -42.73 0.55 -64.49
C UNK T 332 -41.60 -0.43 -64.80
N UNK T 333 -41.40 -1.39 -63.92
CA UNK T 333 -40.35 -2.37 -64.08
C UNK T 333 -40.50 -3.27 -65.30
N UNK T 334 -41.73 -3.69 -65.58
CA UNK T 334 -41.99 -4.61 -66.69
C UNK T 334 -41.56 -4.01 -68.01
N UNK T 335 -41.92 -2.73 -68.13
CA UNK T 335 -41.64 -1.87 -69.26
C UNK T 335 -40.15 -1.72 -69.36
N UNK T 336 -39.47 -1.62 -68.22
CA UNK T 336 -38.03 -1.52 -68.23
C UNK T 336 -37.53 -2.85 -68.80
N UNK T 337 -38.12 -3.94 -68.33
CA UNK T 337 -37.78 -5.29 -68.77
C UNK T 337 -38.10 -5.53 -70.24
N UNK T 338 -39.27 -5.04 -70.66
CA UNK T 338 -39.70 -5.19 -72.05
C UNK T 338 -38.70 -4.42 -72.88
N UNK T 339 -38.30 -3.27 -72.34
CA UNK T 339 -37.34 -2.39 -72.97
C UNK T 339 -36.09 -3.23 -73.04
N UNK T 340 -35.80 -3.98 -72.00
CA UNK T 340 -34.63 -4.84 -72.09
C UNK T 340 -34.83 -6.07 -72.96
N UNK T 341 -35.85 -5.96 -73.83
CA UNK T 341 -36.23 -7.00 -74.77
C UNK T 341 -36.29 -6.51 -76.22
N UNK T 342 -36.29 -5.19 -76.43
CA UNK T 342 -36.33 -4.61 -77.78
C UNK T 342 -37.47 -5.03 -78.74
N UNK T 343 -38.71 -5.03 -78.25
CA UNK T 343 -39.89 -5.45 -79.00
C UNK T 343 -40.43 -6.88 -78.87
N UNK T 344 -40.37 -7.49 -77.68
CA UNK T 344 -40.85 -8.87 -77.56
C UNK T 344 -42.11 -9.06 -76.73
N UNK T 345 -42.03 -8.72 -75.45
CA UNK T 345 -43.19 -8.83 -74.56
C UNK T 345 -43.88 -10.20 -74.46
N UNK T 346 -43.13 -11.27 -74.29
CA UNK T 346 -43.79 -12.54 -74.03
C UNK T 346 -43.25 -13.23 -72.78
N UNK T 347 -44.14 -13.84 -71.99
CA UNK T 347 -43.68 -14.54 -70.83
C UNK T 347 -42.83 -15.67 -71.40
N UNK T 348 -43.27 -16.23 -72.53
CA UNK T 348 -42.52 -17.30 -73.15
C UNK T 348 -41.13 -16.79 -73.49
N UNK T 349 -41.04 -15.55 -73.97
CA UNK T 349 -39.75 -14.99 -74.26
C UNK T 349 -39.46 -13.85 -73.28
N UNK T 350 -32.74 -12.62 -67.55
CA UNK T 350 -33.13 -13.19 -66.27
C UNK T 350 -32.57 -12.38 -65.11
N UNK T 351 -31.44 -12.84 -64.57
CA UNK T 351 -30.81 -12.18 -63.42
C UNK T 351 -30.13 -10.87 -63.80
N UNK T 352 -30.01 -10.62 -65.10
CA UNK T 352 -29.19 -9.52 -65.59
C UNK T 352 -29.62 -8.11 -65.17
N UNK T 353 -30.90 -7.79 -65.30
CA UNK T 353 -31.30 -6.39 -65.22
C UNK T 353 -31.47 -6.05 -63.78
N UNK T 354 -30.36 -5.97 -63.08
CA UNK T 354 -30.29 -6.29 -61.68
C UNK T 354 -31.23 -5.41 -60.93
N UNK T 355 -31.32 -4.14 -61.30
CA UNK T 355 -32.24 -3.26 -60.62
C UNK T 355 -33.64 -3.81 -60.85
N UNK T 356 -33.91 -4.23 -62.07
CA UNK T 356 -35.24 -4.69 -62.40
C UNK T 356 -35.53 -5.93 -61.59
N UNK T 357 -34.52 -6.79 -61.52
CA UNK T 357 -34.66 -8.11 -60.94
C UNK T 357 -35.02 -7.87 -59.52
N UNK T 358 -34.27 -6.97 -58.90
CA UNK T 358 -34.57 -6.55 -57.55
C UNK T 358 -35.92 -5.89 -57.66
N UNK T 359 -36.08 -5.10 -58.72
CA UNK T 359 -37.25 -4.27 -58.81
C UNK T 359 -38.45 -5.18 -58.80
N UNK T 360 -38.37 -6.24 -59.60
CA UNK T 360 -39.45 -7.17 -59.66
C UNK T 360 -39.59 -7.74 -58.27
N UNK T 361 -38.44 -7.96 -57.64
CA UNK T 361 -38.41 -8.73 -56.42
C UNK T 361 -39.28 -8.03 -55.40
N UNK T 362 -39.20 -6.71 -55.39
CA UNK T 362 -39.90 -5.95 -54.38
C UNK T 362 -41.39 -6.19 -54.52
N UNK T 363 -41.82 -6.18 -55.75
CA UNK T 363 -43.22 -6.36 -55.95
C UNK T 363 -43.51 -7.56 -55.11
N UNK T 364 -42.99 -8.66 -55.60
CA UNK T 364 -43.42 -9.96 -55.16
C UNK T 364 -43.62 -9.86 -53.67
N UNK T 365 -42.78 -9.07 -53.03
CA UNK T 365 -43.05 -8.73 -51.65
C UNK T 365 -44.38 -8.00 -51.64
N UNK T 366 -44.57 -7.13 -52.62
CA UNK T 366 -45.73 -6.24 -52.61
C UNK T 366 -47.04 -7.00 -52.65
N UNK T 367 -47.14 -7.98 -53.54
CA UNK T 367 -48.33 -8.79 -53.60
C UNK T 367 -48.42 -9.51 -52.28
N UNK T 368 -47.25 -9.84 -51.75
CA UNK T 368 -47.16 -10.46 -50.44
C UNK T 368 -47.44 -9.42 -49.38
N UNK T 369 -47.58 -9.87 -48.13
CA UNK T 369 -47.83 -8.94 -47.03
C UNK T 369 -46.90 -9.09 -45.83
N UNK T 370 -46.25 -8.00 -45.45
CA UNK T 370 -45.37 -7.99 -44.29
C UNK T 370 -45.85 -6.81 -43.51
N UNK T 371 -45.74 -6.84 -42.19
CA UNK T 371 -46.22 -5.73 -41.40
C UNK T 371 -45.48 -4.49 -41.83
N UNK T 372 -44.15 -4.62 -41.94
CA UNK T 372 -43.28 -3.51 -42.34
C UNK T 372 -43.47 -2.98 -43.76
N UNK T 373 -43.72 -3.89 -44.71
CA UNK T 373 -43.84 -3.58 -46.14
C UNK T 373 -44.96 -2.61 -46.61
N UNK T 374 -46.13 -2.69 -45.99
CA UNK T 374 -47.32 -1.88 -46.28
C UNK T 374 -48.35 -2.59 -47.17
N UNK T 375 -47.95 -3.67 -47.83
CA UNK T 375 -48.87 -4.48 -48.59
C UNK T 375 -49.59 -5.33 -47.56
N UNK T 376 -48.91 -5.61 -46.45
CA UNK T 376 -49.55 -6.31 -45.36
C UNK T 376 -50.43 -5.31 -44.61
N UNK T 377 -50.17 -4.01 -44.82
CA UNK T 377 -50.96 -3.00 -44.17
C UNK T 377 -52.32 -2.99 -44.85
N UNK T 378 -52.35 -3.35 -46.14
CA UNK T 378 -53.63 -3.37 -46.82
C UNK T 378 -54.37 -4.70 -46.68
N UNK T 379 -53.68 -5.80 -46.94
CA UNK T 379 -54.34 -7.08 -46.95
C UNK T 379 -54.81 -7.48 -45.57
N UNK T 380 -53.96 -7.23 -44.58
CA UNK T 380 -54.26 -7.56 -43.20
C UNK T 380 -55.42 -6.74 -42.64
N UNK T 381 -55.42 -5.46 -42.97
CA UNK T 381 -56.49 -4.60 -42.51
C UNK T 381 -57.73 -5.16 -43.14
N UNK T 382 -57.60 -5.56 -44.39
CA UNK T 382 -58.73 -6.06 -45.17
C UNK T 382 -59.32 -7.29 -44.50
N UNK T 383 -58.40 -8.24 -44.30
CA UNK T 383 -58.72 -9.53 -43.78
C UNK T 383 -59.25 -9.29 -42.40
N UNK T 384 -58.65 -8.33 -41.72
CA UNK T 384 -58.99 -8.09 -40.34
C UNK T 384 -60.47 -7.79 -40.31
N UNK T 385 -60.91 -7.03 -41.29
CA UNK T 385 -62.32 -6.74 -41.40
C UNK T 385 -63.03 -8.05 -41.64
N UNK T 386 -62.41 -8.93 -42.42
CA UNK T 386 -63.11 -10.13 -42.83
C UNK T 386 -63.47 -10.87 -41.57
N UNK T 387 -62.53 -10.93 -40.66
CA UNK T 387 -62.81 -11.42 -39.34
C UNK T 387 -63.77 -10.47 -38.64
N UNK T 388 -69.99 -15.58 -50.57
CA UNK T 388 -70.01 -14.94 -49.25
C UNK T 388 -68.60 -14.65 -48.76
N UNK T 389 -68.44 -14.59 -47.44
CA UNK T 389 -67.15 -14.32 -46.83
C UNK T 389 -66.14 -15.42 -47.17
N UNK T 390 -66.60 -16.67 -47.15
CA UNK T 390 -65.74 -17.80 -47.46
C UNK T 390 -65.23 -17.73 -48.89
N UNK T 391 -66.10 -17.33 -49.81
CA UNK T 391 -65.73 -17.22 -51.22
C UNK T 391 -64.70 -16.13 -51.43
N UNK T 392 -64.76 -15.09 -50.61
CA UNK T 392 -63.82 -13.98 -50.71
C UNK T 392 -62.36 -14.33 -50.44
N UNK T 393 -62.11 -15.16 -49.44
CA UNK T 393 -60.73 -15.52 -49.10
C UNK T 393 -59.90 -16.30 -50.14
N UNK T 394 -60.54 -17.27 -50.78
CA UNK T 394 -59.92 -18.18 -51.71
C UNK T 394 -59.19 -17.31 -52.71
N UNK T 395 -59.80 -16.19 -53.04
CA UNK T 395 -59.21 -15.25 -53.96
C UNK T 395 -57.90 -14.71 -53.42
N UNK T 396 -57.86 -14.42 -52.12
CA UNK T 396 -56.67 -13.85 -51.56
C UNK T 396 -55.57 -14.85 -51.77
N UNK T 397 -55.82 -16.10 -51.39
CA UNK T 397 -54.78 -17.11 -51.55
C UNK T 397 -54.37 -17.25 -53.02
N UNK T 398 -55.36 -17.21 -53.91
CA UNK T 398 -55.15 -17.45 -55.31
C UNK T 398 -54.20 -16.41 -55.86
N UNK T 399 -54.32 -15.18 -55.36
CA UNK T 399 -53.61 -14.05 -55.91
C UNK T 399 -52.12 -14.24 -55.84
N UNK T 400 -51.66 -14.78 -54.71
CA UNK T 400 -50.23 -14.97 -54.52
C UNK T 400 -49.79 -15.87 -55.64
N UNK T 401 -50.64 -16.81 -55.98
CA UNK T 401 -50.39 -17.70 -57.08
C UNK T 401 -50.29 -16.80 -58.29
N UNK T 402 -51.08 -15.74 -58.29
CA UNK T 402 -50.97 -14.74 -59.33
C UNK T 402 -49.57 -14.22 -59.19
N UNK T 403 -49.13 -13.92 -57.98
CA UNK T 403 -47.74 -13.49 -57.86
C UNK T 403 -46.82 -14.60 -58.33
N UNK T 404 -47.15 -15.82 -57.91
CA UNK T 404 -46.29 -16.97 -58.13
C UNK T 404 -46.08 -17.31 -59.60
N UNK T 405 -47.15 -17.28 -60.39
CA UNK T 405 -47.01 -17.66 -61.78
C UNK T 405 -46.08 -16.69 -62.50
N UNK T 406 -46.26 -15.41 -62.22
CA UNK T 406 -45.46 -14.41 -62.89
C UNK T 406 -44.03 -14.65 -62.49
N UNK T 407 -43.82 -14.89 -61.20
CA UNK T 407 -42.45 -15.03 -60.73
C UNK T 407 -41.77 -16.20 -61.43
N UNK T 408 -42.48 -17.32 -61.54
CA UNK T 408 -41.91 -18.50 -62.19
C UNK T 408 -41.61 -18.31 -63.67
N UNK T 409 -42.53 -17.68 -64.38
CA UNK T 409 -42.41 -17.56 -65.84
C UNK T 409 -41.21 -16.73 -66.25
N UNK T 410 -40.99 -15.71 -65.44
CA UNK T 410 -40.36 -14.44 -65.75
C UNK T 410 -38.89 -14.35 -65.38
N UNK T 411 -38.55 -14.81 -64.19
CA UNK T 411 -37.19 -14.62 -63.72
C UNK T 411 -36.44 -15.91 -63.39
N UNK T 412 -35.20 -15.96 -63.88
CA UNK T 412 -34.27 -17.04 -63.60
C UNK T 412 -34.31 -18.24 -64.54
N UNK T 413 -33.18 -18.93 -64.62
CA UNK T 413 -33.06 -20.14 -65.41
C UNK T 413 -33.09 -20.04 -66.93
N UNK T 414 -34.18 -19.50 -67.47
CA UNK T 414 -34.29 -19.46 -68.92
C UNK T 414 -33.34 -18.47 -69.53
N UNK T 415 -33.02 -18.71 -70.79
CA UNK T 415 -32.36 -17.73 -71.61
C UNK T 415 -33.07 -17.66 -72.95
N UNK T 416 -34.22 -17.01 -73.02
CA UNK T 416 -34.91 -16.88 -74.30
C UNK T 416 -34.69 -15.47 -74.85
N UNK T 417 -34.05 -15.39 -76.01
CA UNK T 417 -34.00 -14.17 -76.79
C UNK T 417 -33.54 -14.54 -78.18
N UNK T 418 -33.79 -13.68 -79.14
CA UNK T 418 -33.01 -13.67 -80.37
C UNK T 418 -31.75 -12.96 -79.94
N UNK T 419 -30.69 -12.96 -80.74
CA UNK T 419 -29.44 -12.37 -80.26
C UNK T 419 -29.73 -10.93 -79.88
N UNK T 420 -29.37 -10.56 -78.65
CA UNK T 420 -29.82 -9.31 -78.07
C UNK T 420 -28.75 -8.51 -77.38
N UNK T 421 -28.68 -7.22 -77.68
CA UNK T 421 -27.71 -6.33 -77.06
C UNK T 421 -28.32 -5.29 -76.10
N UNK T 422 -29.55 -5.46 -75.66
CA UNK T 422 -30.17 -4.44 -74.79
C UNK T 422 -29.58 -4.34 -73.38
N UNK T 423 -29.34 -3.11 -72.90
CA UNK T 423 -28.77 -2.92 -71.58
C UNK T 423 -29.12 -1.58 -70.92
N UNK T 424 -28.96 -1.55 -69.60
CA UNK T 424 -29.36 -0.41 -68.77
C UNK T 424 -28.54 0.87 -68.93
N UNK T 425 -29.23 2.00 -68.83
CA UNK T 425 -28.65 3.33 -68.96
C UNK T 425 -28.91 4.19 -67.74
N UNK T 426 -28.82 5.50 -67.90
CA UNK T 426 -29.07 6.45 -66.82
C UNK T 426 -30.48 6.48 -66.24
N UNK T 427 -31.45 6.13 -67.09
CA UNK T 427 -32.86 6.05 -66.70
C UNK T 427 -33.01 4.98 -65.62
N UNK T 428 -32.05 4.06 -65.58
CA UNK T 428 -32.04 3.00 -64.57
C UNK T 428 -31.99 3.61 -63.18
N UNK T 429 -31.50 4.85 -63.07
CA UNK T 429 -31.60 5.57 -61.81
C UNK T 429 -33.08 5.74 -61.43
N UNK T 430 -33.90 5.99 -62.46
CA UNK T 430 -35.35 6.12 -62.31
C UNK T 430 -35.89 4.80 -61.76
N UNK T 431 -35.28 3.70 -62.18
CA UNK T 431 -35.61 2.38 -61.66
C UNK T 431 -35.29 2.36 -60.16
N UNK T 432 -34.25 3.07 -59.75
CA UNK T 432 -34.02 3.33 -58.32
C UNK T 432 -35.17 4.17 -57.78
N UNK T 433 -35.66 5.19 -58.85
CA UNK T 433 -36.64 6.07 -58.23
C UNK T 433 -37.87 5.30 -57.75
N UNK T 434 -38.30 4.31 -58.51
CA UNK T 434 -39.44 3.50 -58.10
C UNK T 434 -39.13 2.75 -56.80
N UNK T 435 -37.92 2.23 -56.70
CA UNK T 435 -37.47 1.55 -55.48
C UNK T 435 -37.45 2.52 -54.31
N UNK T 436 -36.99 3.74 -54.57
CA UNK T 436 -36.96 4.76 -53.53
C UNK T 436 -38.38 5.06 -53.06
N UNK T 437 -39.31 5.10 -54.01
CA UNK T 437 -40.72 5.35 -53.72
C UNK T 437 -41.30 4.23 -52.86
N UNK T 438 -40.93 2.99 -53.16
CA UNK T 438 -41.37 1.85 -52.37
C UNK T 438 -40.84 1.95 -50.94
N UNK T 439 -39.59 2.40 -50.82
CA UNK T 439 -39.00 2.59 -49.51
C UNK T 439 -39.77 3.65 -48.73
N UNK T 440 -40.13 4.72 -49.42
CA UNK T 440 -40.91 5.80 -48.81
C UNK T 440 -42.26 5.28 -48.34
N UNK T 441 -42.81 4.37 -49.14
CA UNK T 441 -44.23 4.02 -49.13
C UNK T 441 -44.74 3.48 -47.80
N UNK T 442 -43.95 2.65 -47.13
CA UNK T 442 -44.37 2.15 -45.83
C UNK T 442 -44.54 3.34 -44.91
N UNK T 443 -43.61 4.28 -44.99
CA UNK T 443 -43.66 5.51 -44.21
C UNK T 443 -44.90 6.32 -44.57
N UNK T 444 -45.22 6.36 -45.86
CA UNK T 444 -46.39 7.11 -46.32
C UNK T 444 -47.66 6.53 -45.72
N UNK T 445 -47.73 5.20 -45.67
CA UNK T 445 -48.83 4.52 -45.00
C UNK T 445 -48.74 4.89 -43.53
N UNK T 446 -47.51 4.93 -43.04
CA UNK T 446 -47.21 5.31 -41.66
C UNK T 446 -47.63 6.74 -41.38
N UNK T 447 -47.28 7.64 -42.30
CA UNK T 447 -47.63 9.05 -42.16
C UNK T 447 -49.14 9.22 -42.23
N UNK T 448 -49.74 8.48 -43.15
CA UNK T 448 -51.18 8.54 -43.31
C UNK T 448 -51.82 8.02 -42.04
N UNK T 449 -51.27 6.96 -41.48
CA UNK T 449 -51.82 6.37 -40.27
C UNK T 449 -51.73 7.37 -39.12
N UNK T 450 -50.61 8.08 -39.05
CA UNK T 450 -50.41 9.06 -38.00
C UNK T 450 -51.41 10.19 -38.12
N UNK T 451 -51.66 10.65 -39.34
CA UNK T 451 -52.64 11.71 -39.52
C UNK T 451 -54.02 11.19 -39.13
N UNK T 452 -54.30 9.97 -39.55
CA UNK T 452 -55.54 9.27 -39.28
C UNK T 452 -55.75 8.96 -37.80
N UNK T 453 -54.70 8.54 -37.10
CA UNK T 453 -54.93 8.10 -35.73
C UNK T 453 -56.41 8.14 -35.38
N UNK T 454 -57.09 9.21 -35.82
CA UNK T 454 -58.52 9.35 -35.62
C UNK T 454 -59.26 8.24 -36.36
N UNK T 455 -58.78 7.93 -37.57
CA UNK T 455 -59.36 6.84 -38.34
C UNK T 455 -59.23 5.51 -37.59
N UNK T 456 -58.08 5.30 -36.98
CA UNK T 456 -57.82 4.10 -36.17
C UNK T 456 -58.74 4.04 -34.96
N UNK T 457 -58.98 5.19 -34.35
CA UNK T 457 -59.88 5.30 -33.21
C UNK T 457 -61.28 4.87 -33.64
N UNK T 458 -61.57 5.36 -34.94
CA UNK T 458 -62.89 5.13 -35.53
C UNK T 458 -62.92 3.71 -36.12
N UNK T 459 -61.89 2.95 -35.78
CA UNK T 459 -61.40 1.80 -36.53
C UNK T 459 -60.41 1.01 -35.67
N UNK T 460 -59.58 1.73 -34.94
CA UNK T 460 -58.63 1.12 -34.02
C UNK T 460 -59.36 0.34 -32.93
N UNK T 461 -60.44 0.93 -32.43
CA UNK T 461 -61.24 0.27 -31.40
C UNK T 461 -61.84 -1.02 -31.96
N UNK T 462 -62.29 -0.96 -33.20
CA UNK T 462 -62.85 -2.13 -33.86
C UNK T 462 -61.78 -3.22 -34.00
N UNK T 463 -60.57 -2.81 -34.33
CA UNK T 463 -59.44 -3.73 -34.46
C UNK T 463 -59.14 -4.38 -33.12
N UNK T 464 -59.22 -3.59 -32.05
CA UNK T 464 -58.99 -4.09 -30.70
C UNK T 464 -60.05 -5.12 -30.34
N UNK T 465 -61.28 -4.85 -30.75
CA UNK T 465 -62.38 -5.79 -30.52
C UNK T 465 -62.11 -7.09 -31.27
N UNK T 466 -61.59 -6.96 -32.48
CA UNK T 466 -61.27 -8.14 -33.33
C UNK T 466 -60.07 -8.88 -32.75
N UNK T 467 -60.34 -11.81 -30.28
CA UNK T 467 -60.01 -11.63 -31.69
C UNK T 467 -59.07 -12.74 -32.11
N UNK T 468 -58.45 -13.39 -31.14
CA UNK T 468 -57.23 -14.13 -31.36
C UNK T 468 -57.30 -15.32 -32.32
N UNK T 469 -58.20 -16.26 -32.18
CA UNK T 469 -57.97 -17.37 -33.09
C UNK T 469 -58.04 -16.88 -34.53
N UNK T 470 -59.07 -16.11 -34.80
CA UNK T 470 -59.39 -15.73 -36.16
C UNK T 470 -58.39 -14.83 -36.87
N UNK T 471 -57.91 -13.80 -36.18
CA UNK T 471 -57.02 -12.84 -36.82
C UNK T 471 -55.71 -13.47 -37.22
N UNK T 472 -55.06 -14.13 -36.29
CA UNK T 472 -53.72 -14.59 -36.60
C UNK T 472 -53.83 -15.57 -37.75
N UNK T 473 -54.84 -16.42 -37.65
CA UNK T 473 -54.96 -17.49 -38.60
C UNK T 473 -55.14 -16.90 -39.97
N UNK T 474 -55.97 -15.85 -40.05
CA UNK T 474 -56.26 -15.28 -41.35
C UNK T 474 -55.01 -14.72 -42.02
N UNK T 475 -54.20 -13.98 -41.25
CA UNK T 475 -53.01 -13.40 -41.86
C UNK T 475 -52.10 -14.52 -42.29
N UNK T 476 -51.87 -15.46 -41.39
CA UNK T 476 -50.89 -16.49 -41.67
C UNK T 476 -51.34 -17.29 -42.87
N UNK T 477 -52.65 -17.55 -42.94
CA UNK T 477 -53.24 -18.30 -44.05
C UNK T 477 -52.61 -18.00 -45.40
N UNK T 478 -52.46 -16.71 -45.69
CA UNK T 478 -51.86 -16.25 -46.94
C UNK T 478 -50.40 -16.67 -47.04
N UNK T 479 -49.67 -16.58 -45.92
CA UNK T 479 -48.27 -16.94 -45.89
C UNK T 479 -48.13 -18.42 -46.21
N UNK T 480 -49.04 -19.21 -45.66
CA UNK T 480 -49.05 -20.64 -45.90
C UNK T 480 -49.31 -20.86 -47.39
N UNK T 481 -50.17 -20.01 -47.92
CA UNK T 481 -50.59 -20.05 -49.33
C UNK T 481 -49.44 -19.85 -50.31
N UNK T 482 -48.50 -18.98 -49.93
CA UNK T 482 -47.37 -18.70 -50.80
C UNK T 482 -46.60 -20.00 -51.05
N UNK T 483 -46.48 -20.84 -50.03
CA UNK T 483 -45.80 -22.11 -50.18
C UNK T 483 -46.54 -22.97 -51.20
N UNK T 484 -47.87 -22.97 -51.13
CA UNK T 484 -48.68 -23.73 -52.06
C UNK T 484 -48.48 -23.19 -53.47
N UNK T 485 -48.42 -21.86 -53.55
CA UNK T 485 -48.21 -21.17 -54.81
C UNK T 485 -46.78 -21.48 -55.17
N UNK T 486 -45.92 -21.47 -54.16
CA UNK T 486 -44.52 -21.79 -54.38
C UNK T 486 -44.39 -23.27 -54.73
N UNK T 487 -45.19 -24.09 -54.06
CA UNK T 487 -45.23 -25.52 -54.32
C UNK T 487 -45.70 -25.80 -55.74
N UNK T 488 -46.70 -25.04 -56.18
CA UNK T 488 -47.21 -25.12 -57.55
C UNK T 488 -46.13 -24.74 -58.56
N UNK T 489 -45.35 -23.72 -58.21
CA UNK T 489 -44.24 -23.29 -59.05
C UNK T 489 -43.22 -24.42 -59.16
N UNK T 490 -42.97 -25.09 -58.05
CA UNK T 490 -42.05 -26.23 -58.04
C UNK T 490 -42.59 -27.36 -58.93
N UNK T 491 -43.91 -27.54 -58.86
CA UNK T 491 -44.60 -28.54 -59.64
C UNK T 491 -44.44 -28.27 -61.12
N UNK T 492 -44.45 -27.00 -61.50
CA UNK T 492 -44.27 -26.64 -62.90
C UNK T 492 -42.90 -27.16 -63.35
N UNK T 493 -41.91 -27.01 -62.49
CA UNK T 493 -40.59 -27.59 -62.70
C UNK T 493 -40.66 -28.80 -63.63
N UNK U 1 -84.65 49.09 -87.69
CA UNK U 1 -83.87 48.20 -86.84
C UNK U 1 -82.65 47.69 -87.58
N UNK U 2 -81.95 46.74 -86.98
CA UNK U 2 -80.77 46.17 -87.62
C UNK U 2 -81.25 45.56 -88.90
N UNK U 3 -82.43 44.97 -88.83
CA UNK U 3 -83.04 44.35 -89.98
C UNK U 3 -83.23 45.42 -91.02
N UNK U 4 -83.60 46.60 -90.55
CA UNK U 4 -83.82 47.71 -91.46
C UNK U 4 -82.53 47.94 -92.20
N UNK U 5 -81.43 47.82 -91.49
CA UNK U 5 -80.13 48.02 -92.10
C UNK U 5 -79.70 46.84 -92.96
N UNK U 6 -80.05 45.62 -92.54
CA UNK U 6 -79.64 44.46 -93.30
C UNK U 6 -79.99 44.64 -94.75
N UNK U 7 -81.16 45.21 -94.98
CA UNK U 7 -81.75 45.19 -96.31
C UNK U 7 -80.79 45.85 -97.26
N UNK U 8 -80.16 46.90 -96.79
CA UNK U 8 -79.29 47.70 -97.61
C UNK U 8 -78.19 46.78 -98.10
N UNK U 9 -77.95 45.70 -97.36
CA UNK U 9 -76.87 44.81 -97.70
C UNK U 9 -77.12 44.33 -99.12
N UNK U 10 -78.38 44.11 -99.47
CA UNK U 10 -78.67 43.55 -100.78
C UNK U 10 -78.18 44.46 -101.89
N UNK U 11 -78.39 45.75 -101.75
CA UNK U 11 -77.98 46.60 -102.84
C UNK U 11 -76.48 46.47 -102.97
N UNK U 12 -75.81 46.45 -101.82
CA UNK U 12 -74.36 46.54 -101.82
C UNK U 12 -73.73 45.36 -102.52
N UNK U 13 -74.18 44.17 -102.22
CA UNK U 13 -73.55 43.08 -102.88
C UNK U 13 -73.74 43.32 -104.35
N UNK U 14 -74.97 43.59 -104.75
CA UNK U 14 -75.26 43.71 -106.15
C UNK U 14 -74.41 44.76 -106.85
N UNK U 15 -74.33 45.91 -106.21
CA UNK U 15 -73.81 47.14 -106.80
C UNK U 15 -72.35 47.17 -107.18
N UNK U 16 -71.47 46.53 -106.42
CA UNK U 16 -70.04 46.81 -106.59
C UNK U 16 -69.46 46.51 -107.97
N UNK U 17 -69.80 45.34 -108.52
CA UNK U 17 -69.41 44.96 -109.89
C UNK U 17 -67.92 44.70 -110.06
N UNK U 18 -67.12 45.72 -109.79
CA UNK U 18 -65.68 45.58 -109.78
C UNK U 18 -65.44 45.24 -108.31
N UNK U 19 -64.19 45.02 -107.92
CA UNK U 19 -63.85 44.70 -106.53
C UNK U 19 -64.14 43.24 -106.26
N UNK U 20 -64.48 42.57 -107.34
CA UNK U 20 -64.80 41.17 -107.35
C UNK U 20 -64.03 40.57 -106.21
N UNK U 21 -64.76 39.87 -105.36
CA UNK U 21 -66.20 39.71 -105.58
C UNK U 21 -66.85 39.18 -104.32
N UNK U 22 -68.08 39.60 -104.07
CA UNK U 22 -68.81 39.01 -102.97
C UNK U 22 -68.12 39.45 -101.69
N UNK U 23 -66.83 39.13 -101.58
CA UNK U 23 -66.20 39.12 -100.29
C UNK U 23 -66.28 40.49 -99.64
N UNK U 24 -66.02 41.54 -100.41
CA UNK U 24 -66.02 42.84 -99.81
C UNK U 24 -67.40 42.95 -99.19
N UNK U 25 -68.36 42.45 -99.89
CA UNK U 25 -69.61 42.35 -99.25
C UNK U 25 -69.22 41.60 -97.98
N UNK U 26 -68.85 40.36 -98.21
CA UNK U 26 -68.86 39.39 -97.14
C UNK U 26 -68.30 39.93 -95.84
N UNK U 27 -67.15 40.58 -95.92
CA UNK U 27 -66.57 41.15 -94.73
C UNK U 27 -67.50 42.22 -94.24
N UNK U 28 -68.10 43.00 -95.13
CA UNK U 28 -68.94 44.09 -94.63
C UNK U 28 -70.08 43.55 -93.78
N UNK U 29 -70.70 42.48 -94.25
CA UNK U 29 -71.86 41.94 -93.59
C UNK U 29 -71.45 41.51 -92.20
N UNK U 30 -70.26 41.00 -92.08
CA UNK U 30 -69.87 40.69 -90.76
C UNK U 30 -70.14 42.05 -90.20
N UNK U 31 -69.35 42.98 -90.66
CA UNK U 31 -69.21 44.24 -89.96
C UNK U 31 -70.52 44.62 -89.33
N UNK U 32 -71.60 44.42 -90.07
CA UNK U 32 -72.93 44.69 -89.53
C UNK U 32 -73.32 43.79 -88.37
N UNK U 33 -73.09 42.50 -88.49
CA UNK U 33 -73.65 41.63 -87.49
C UNK U 33 -73.09 41.96 -86.13
N UNK U 34 -71.80 42.19 -86.06
CA UNK U 34 -71.15 42.20 -84.76
C UNK U 34 -71.77 43.26 -83.90
N UNK U 35 -72.01 44.43 -84.49
CA UNK U 35 -72.60 45.49 -83.73
C UNK U 35 -73.99 45.04 -83.30
N UNK U 36 -74.81 44.55 -84.20
CA UNK U 36 -76.20 44.42 -83.80
C UNK U 36 -76.45 43.42 -82.67
N UNK U 37 -75.82 42.27 -82.80
CA UNK U 37 -76.22 41.14 -82.00
C UNK U 37 -75.99 41.52 -80.58
N UNK U 38 -74.87 42.18 -80.34
CA UNK U 38 -74.56 42.58 -78.99
C UNK U 38 -75.68 43.51 -78.58
N UNK U 39 -76.12 44.33 -79.52
CA UNK U 39 -77.01 45.40 -79.16
C UNK U 39 -78.24 44.81 -78.54
N UNK U 40 -78.76 43.73 -79.11
CA UNK U 40 -79.99 43.16 -78.53
C UNK U 40 -79.85 42.64 -77.10
N UNK U 41 -78.72 42.08 -76.75
CA UNK U 41 -78.68 41.25 -75.56
C UNK U 41 -79.19 42.07 -74.38
N UNK U 42 -79.13 43.38 -74.53
CA UNK U 42 -79.30 44.31 -73.43
C UNK U 42 -80.60 44.19 -72.68
N UNK U 43 -81.69 43.89 -73.38
CA UNK U 43 -82.98 44.04 -72.75
C UNK U 43 -83.05 43.21 -71.47
N UNK U 44 -83.45 43.91 -70.41
CA UNK U 44 -83.54 43.37 -69.07
C UNK U 44 -84.93 42.79 -68.84
N UNK U 45 -85.39 42.97 -67.60
CA UNK U 45 -86.66 42.44 -67.09
C UNK U 45 -87.92 43.14 -67.58
N UNK U 46 -89.00 42.38 -67.61
CA UNK U 46 -90.29 42.89 -68.03
C UNK U 46 -90.18 43.30 -69.48
N UNK U 47 -89.24 42.68 -70.20
CA UNK U 47 -89.09 43.02 -71.60
C UNK U 47 -89.87 42.00 -72.39
N UNK U 48 -90.54 42.42 -73.47
CA UNK U 48 -90.66 43.80 -73.94
C UNK U 48 -89.48 44.26 -74.80
N UNK U 49 -89.72 45.32 -75.57
CA UNK U 49 -88.70 45.88 -76.45
C UNK U 49 -89.34 46.87 -77.43
N UNK U 50 -88.54 47.33 -78.38
CA UNK U 50 -89.01 48.27 -79.40
C UNK U 50 -88.50 47.80 -80.76
N UNK U 51 -89.28 48.02 -81.81
CA UNK U 51 -90.58 48.66 -81.73
C UNK U 51 -91.75 47.73 -82.00
N UNK U 52 -92.94 48.30 -81.83
CA UNK U 52 -94.20 47.60 -82.02
C UNK U 52 -95.14 48.23 -83.02
N UNK U 53 -95.71 47.47 -83.92
CA UNK U 53 -95.43 46.07 -83.99
C UNK U 53 -94.44 45.83 -85.10
N UNK U 54 -93.73 44.72 -85.08
CA UNK U 54 -93.78 43.77 -83.99
C UNK U 54 -92.33 43.43 -83.68
N UNK U 55 -91.96 43.54 -82.42
CA UNK U 55 -90.59 43.26 -82.03
C UNK U 55 -90.52 42.92 -80.56
N UNK U 56 -89.39 42.34 -80.15
CA UNK U 56 -89.19 41.99 -78.76
C UNK U 56 -89.95 40.71 -78.51
N UNK U 57 -89.20 39.68 -78.14
CA UNK U 57 -87.75 39.76 -78.09
C UNK U 57 -87.33 40.36 -76.75
N UNK U 58 -86.15 40.01 -76.23
CA UNK U 58 -85.29 39.02 -76.86
C UNK U 58 -85.50 37.75 -76.07
N UNK U 59 -86.10 36.79 -76.75
CA UNK U 59 -86.45 35.49 -76.21
C UNK U 59 -86.15 34.58 -77.39
N UNK U 60 -84.91 34.13 -77.54
CA UNK U 60 -83.86 34.34 -76.56
C UNK U 60 -83.61 35.80 -76.24
N UNK U 61 -83.50 36.65 -77.25
CA UNK U 61 -83.55 36.28 -78.64
C UNK U 61 -82.12 36.09 -79.11
N UNK U 62 -81.23 35.84 -78.16
CA UNK U 62 -79.83 35.62 -78.44
C UNK U 62 -79.81 34.45 -79.40
N UNK U 63 -80.73 33.51 -79.20
CA UNK U 63 -80.81 32.38 -80.10
C UNK U 63 -81.07 32.98 -81.47
N UNK U 64 -81.93 33.99 -81.50
CA UNK U 64 -82.19 34.68 -82.74
C UNK U 64 -80.89 35.35 -83.14
N UNK U 65 -80.23 35.93 -82.14
CA UNK U 65 -78.98 36.63 -82.36
C UNK U 65 -78.06 35.81 -83.23
N UNK U 66 -77.91 34.54 -82.90
CA UNK U 66 -77.05 33.68 -83.70
C UNK U 66 -77.33 33.80 -85.18
N UNK U 67 -78.57 33.74 -85.58
CA UNK U 67 -78.82 33.83 -86.98
C UNK U 67 -77.75 34.70 -87.56
N UNK U 68 -77.48 35.82 -86.90
CA UNK U 68 -76.56 36.77 -87.49
C UNK U 68 -75.17 36.14 -87.59
N UNK U 69 -74.72 35.51 -86.53
CA UNK U 69 -73.37 34.98 -86.55
C UNK U 69 -73.27 34.00 -87.68
N UNK U 70 -74.29 33.16 -87.84
CA UNK U 70 -74.20 32.22 -88.91
C UNK U 70 -74.05 32.90 -90.27
N UNK U 71 -74.78 33.99 -90.46
CA UNK U 71 -74.90 34.55 -91.81
C UNK U 71 -73.59 35.00 -92.44
N UNK U 72 -72.76 35.72 -91.69
CA UNK U 72 -71.50 36.16 -92.26
C UNK U 72 -70.63 34.96 -92.55
N UNK U 73 -70.51 33.99 -91.68
CA UNK U 73 -69.63 32.85 -92.01
C UNK U 73 -70.04 31.97 -93.22
N UNK U 74 -71.33 31.69 -93.31
CA UNK U 74 -71.81 30.70 -94.24
C UNK U 74 -71.40 31.18 -95.59
N UNK U 75 -71.49 32.49 -95.78
CA UNK U 75 -71.08 33.08 -97.03
C UNK U 75 -69.61 32.73 -97.20
N UNK U 76 -68.89 32.75 -96.09
CA UNK U 76 -67.46 32.67 -96.18
C UNK U 76 -67.11 31.38 -96.85
N UNK U 77 -67.72 30.29 -96.43
CA UNK U 77 -67.37 29.01 -97.02
C UNK U 77 -67.72 29.03 -98.47
N UNK U 78 -68.84 29.64 -98.79
CA UNK U 78 -69.38 29.54 -100.13
C UNK U 78 -68.47 30.10 -101.23
N UNK U 79 -67.67 31.11 -100.97
CA UNK U 79 -67.00 31.73 -102.09
C UNK U 79 -66.21 30.67 -102.87
N UNK U 80 -65.53 29.77 -102.18
CA UNK U 80 -64.82 28.70 -102.89
C UNK U 80 -65.68 27.69 -103.67
N UNK U 81 -66.76 27.22 -103.07
CA UNK U 81 -67.53 26.11 -103.66
C UNK U 81 -68.19 26.43 -104.99
N UNK U 82 -68.70 27.65 -105.12
CA UNK U 82 -69.39 28.06 -106.32
C UNK U 82 -68.47 27.99 -107.53
N UNK U 83 -67.19 28.29 -107.32
CA UNK U 83 -66.19 28.24 -108.39
C UNK U 83 -66.25 29.48 -109.26
N UNK U 84 -65.36 29.57 -110.24
CA UNK U 84 -65.33 30.69 -111.16
C UNK U 84 -66.60 30.71 -112.01
N UNK U 85 -67.05 29.52 -112.37
CA UNK U 85 -68.27 29.41 -113.14
C UNK U 85 -68.97 28.13 -112.74
N UNK U 86 -70.21 27.98 -113.16
CA UNK U 86 -70.82 28.98 -114.00
C UNK U 86 -71.86 29.87 -113.32
N UNK U 87 -71.76 31.18 -113.52
CA UNK U 87 -70.68 31.80 -114.30
C UNK U 87 -70.77 33.22 -113.88
N UNK U 88 -71.74 33.91 -114.48
CA UNK U 88 -71.98 35.32 -114.15
C UNK U 88 -72.91 35.59 -112.96
N UNK U 89 -73.87 34.67 -112.87
CA UNK U 89 -74.98 34.59 -111.94
C UNK U 89 -74.59 34.32 -110.52
N UNK U 90 -73.32 33.99 -110.33
CA UNK U 90 -72.75 33.65 -109.03
C UNK U 90 -73.01 34.84 -108.14
N UNK U 91 -72.95 36.03 -108.73
CA UNK U 91 -73.23 37.24 -108.00
C UNK U 91 -74.67 37.08 -107.50
N UNK U 92 -75.51 36.47 -108.34
CA UNK U 92 -76.87 36.24 -107.94
C UNK U 92 -76.85 35.23 -106.84
N UNK U 93 -75.96 34.27 -106.97
CA UNK U 93 -76.08 33.28 -105.92
C UNK U 93 -75.89 33.99 -104.63
N UNK U 94 -75.04 34.99 -104.62
CA UNK U 94 -74.83 35.73 -103.41
C UNK U 94 -76.15 36.34 -103.06
N UNK U 95 -76.88 36.73 -104.09
CA UNK U 95 -78.14 37.36 -103.86
C UNK U 95 -79.11 36.51 -103.13
N UNK U 96 -79.19 35.27 -103.52
CA UNK U 96 -80.17 34.38 -102.94
C UNK U 96 -80.15 34.09 -101.44
N UNK U 97 -78.96 34.18 -100.88
CA UNK U 97 -78.66 34.01 -99.46
C UNK U 97 -79.21 35.17 -98.62
N UNK U 98 -79.10 36.38 -99.17
CA UNK U 98 -79.53 37.61 -98.51
C UNK U 98 -81.02 37.59 -98.18
N UNK U 99 -81.81 37.04 -99.09
CA UNK U 99 -83.24 36.95 -98.89
C UNK U 99 -83.42 36.10 -97.64
N UNK U 100 -82.56 35.12 -97.49
CA UNK U 100 -82.60 34.20 -96.36
C UNK U 100 -82.41 34.87 -94.98
N UNK U 101 -81.49 35.83 -94.86
CA UNK U 101 -81.32 36.46 -93.58
C UNK U 101 -82.43 37.46 -93.36
N UNK U 102 -82.79 38.19 -94.41
CA UNK U 102 -83.82 39.20 -94.25
C UNK U 102 -85.11 38.55 -93.79
N UNK U 103 -85.51 37.47 -94.46
CA UNK U 103 -86.70 36.78 -94.02
C UNK U 103 -86.34 36.24 -92.64
N UNK U 104 -85.11 35.74 -92.56
CA UNK U 104 -84.57 35.18 -91.34
C UNK U 104 -84.49 36.23 -90.25
N UNK U 105 -84.12 37.45 -90.62
CA UNK U 105 -83.98 38.50 -89.62
C UNK U 105 -85.29 38.62 -88.92
N UNK U 106 -86.35 38.46 -89.66
CA UNK U 106 -87.68 38.50 -89.10
C UNK U 106 -88.09 37.09 -88.72
N UNK U 107 -87.20 36.12 -88.92
CA UNK U 107 -87.54 34.76 -88.63
C UNK U 107 -87.92 34.55 -87.17
N UNK U 108 -87.20 35.17 -86.28
CA UNK U 108 -87.54 35.15 -84.87
C UNK U 108 -87.91 36.60 -84.55
N UNK U 109 -88.47 37.28 -85.54
CA UNK U 109 -88.80 38.68 -85.47
C UNK U 109 -89.80 39.16 -84.44
N UNK U 110 -90.90 38.42 -84.28
CA UNK U 110 -91.99 38.65 -83.28
C UNK U 110 -93.41 38.35 -83.73
N UNK U 111 -94.17 37.67 -82.87
CA UNK U 111 -95.55 37.37 -83.16
C UNK U 111 -96.51 37.96 -82.12
N UNK U 112 -97.54 38.68 -82.55
CA UNK U 112 -97.79 38.92 -83.96
C UNK U 112 -97.98 37.58 -84.65
N UNK U 113 -98.68 36.68 -83.97
CA UNK U 113 -98.93 35.37 -84.53
C UNK U 113 -99.72 35.60 -85.80
N UNK U 114 -99.37 34.84 -86.83
CA UNK U 114 -99.92 34.87 -88.18
C UNK U 114 -98.98 35.73 -89.00
N UNK U 115 -98.32 36.67 -88.34
CA UNK U 115 -97.32 37.45 -89.01
C UNK U 115 -96.24 36.43 -89.33
N UNK U 116 -95.99 35.56 -88.34
CA UNK U 116 -95.00 34.51 -88.46
C UNK U 116 -95.44 33.52 -89.52
N UNK U 117 -96.66 32.99 -89.42
CA UNK U 117 -97.09 32.03 -90.44
C UNK U 117 -96.85 32.50 -91.86
N UNK U 118 -97.20 33.74 -92.13
CA UNK U 118 -96.90 34.30 -93.42
C UNK U 118 -95.40 34.36 -93.50
N UNK U 119 -94.79 34.78 -92.39
CA UNK U 119 -93.36 34.87 -92.36
C UNK U 119 -92.70 33.53 -92.57
N UNK U 120 -93.21 32.53 -91.84
CA UNK U 120 -92.59 31.22 -91.72
C UNK U 120 -92.62 30.45 -93.00
N UNK U 121 -93.66 30.69 -93.77
CA UNK U 121 -93.78 30.04 -95.06
C UNK U 121 -92.55 30.57 -95.77
N UNK U 122 -92.24 31.83 -95.49
CA UNK U 122 -91.31 32.61 -96.29
C UNK U 122 -89.99 31.90 -96.34
N UNK U 123 -89.68 31.16 -95.29
CA UNK U 123 -88.44 30.43 -95.29
C UNK U 123 -88.53 29.53 -96.49
N UNK U 124 -89.72 29.03 -96.77
CA UNK U 124 -89.83 28.02 -97.79
C UNK U 124 -89.36 28.51 -99.16
N UNK U 125 -89.71 29.73 -99.54
CA UNK U 125 -89.32 30.20 -100.88
C UNK U 125 -87.81 30.29 -101.00
N UNK U 126 -87.17 31.01 -100.11
CA UNK U 126 -85.77 31.19 -100.37
C UNK U 126 -85.20 29.80 -100.33
N UNK U 127 -85.65 29.02 -99.38
CA UNK U 127 -85.03 27.74 -99.15
C UNK U 127 -85.18 26.91 -100.39
N UNK U 128 -86.36 26.91 -100.98
CA UNK U 128 -86.58 26.06 -102.11
C UNK U 128 -85.64 26.50 -103.19
N UNK U 129 -85.56 27.78 -103.45
CA UNK U 129 -84.78 28.17 -104.61
C UNK U 129 -83.33 27.75 -104.47
N UNK U 130 -82.69 28.03 -103.34
CA UNK U 130 -81.25 27.92 -103.36
C UNK U 130 -80.83 26.51 -103.71
N UNK U 131 -81.50 25.54 -103.09
CA UNK U 131 -81.22 24.13 -103.33
C UNK U 131 -81.05 23.71 -104.80
N UNK U 132 -82.10 23.86 -105.61
CA UNK U 132 -82.01 23.42 -107.00
C UNK U 132 -80.88 24.10 -107.80
N UNK U 133 -80.67 25.40 -107.62
CA UNK U 133 -79.61 26.06 -108.37
C UNK U 133 -78.25 25.47 -108.03
N UNK U 134 -78.04 25.20 -106.74
CA UNK U 134 -76.76 24.65 -106.30
C UNK U 134 -76.57 23.29 -106.95
N UNK U 135 -77.64 22.53 -107.04
CA UNK U 135 -77.61 21.21 -107.66
C UNK U 135 -76.60 20.25 -107.04
N UNK U 136 -75.74 19.73 -107.91
CA UNK U 136 -74.70 18.80 -107.53
C UNK U 136 -75.30 17.44 -107.77
N UNK U 137 -74.47 16.40 -107.91
CA UNK U 137 -75.02 15.09 -108.14
C UNK U 137 -75.71 14.69 -106.87
N UNK U 138 -76.98 14.34 -106.97
CA UNK U 138 -77.69 14.36 -108.22
C UNK U 138 -79.14 14.13 -107.88
N UNK U 139 -80.02 14.35 -108.85
CA UNK U 139 -81.42 14.06 -108.63
C UNK U 139 -81.86 14.92 -107.48
N UNK U 140 -81.09 15.95 -107.22
CA UNK U 140 -81.36 16.73 -106.04
C UNK U 140 -82.70 17.37 -106.24
N UNK U 141 -82.90 17.89 -107.43
CA UNK U 141 -84.07 18.68 -107.70
C UNK U 141 -85.29 17.83 -107.47
N UNK U 142 -85.22 16.58 -107.94
CA UNK U 142 -86.38 15.74 -107.81
C UNK U 142 -86.66 15.60 -106.35
N UNK U 143 -85.61 15.40 -105.57
CA UNK U 143 -85.82 15.16 -104.16
C UNK U 143 -86.44 16.35 -103.48
N UNK U 144 -86.07 17.53 -103.88
CA UNK U 144 -86.49 18.72 -103.14
C UNK U 144 -88.01 18.82 -103.12
N UNK U 145 -88.63 18.30 -104.15
CA UNK U 145 -90.07 18.45 -104.30
C UNK U 145 -90.69 17.87 -103.06
N UNK U 146 -90.00 16.92 -102.43
CA UNK U 146 -90.44 16.46 -101.13
C UNK U 146 -90.39 17.68 -100.22
N UNK U 147 -89.39 18.54 -100.38
CA UNK U 147 -89.30 19.70 -99.51
C UNK U 147 -90.49 20.60 -99.69
N UNK U 148 -90.84 20.94 -100.92
CA UNK U 148 -91.91 21.93 -101.06
C UNK U 148 -93.26 21.44 -100.55
N UNK U 149 -93.65 20.23 -100.92
CA UNK U 149 -94.95 19.75 -100.52
C UNK U 149 -95.09 19.53 -99.02
N UNK U 150 -94.16 18.81 -98.40
CA UNK U 150 -94.37 18.45 -97.02
C UNK U 150 -94.42 19.69 -96.18
N UNK U 151 -93.52 20.62 -96.43
CA UNK U 151 -93.49 21.80 -95.60
C UNK U 151 -94.75 22.57 -95.77
N UNK U 152 -95.07 22.85 -97.03
CA UNK U 152 -96.18 23.75 -97.33
C UNK U 152 -97.50 23.19 -96.86
N UNK U 153 -97.69 21.89 -97.07
CA UNK U 153 -98.94 21.24 -96.72
C UNK U 153 -99.10 21.41 -95.24
N UNK U 154 -97.97 21.34 -94.55
CA UNK U 154 -98.02 21.33 -93.12
C UNK U 154 -98.71 22.61 -92.68
N UNK U 155 -98.28 23.71 -93.25
CA UNK U 155 -98.72 25.01 -92.82
C UNK U 155 -100.19 25.09 -93.04
N UNK U 156 -100.66 24.38 -94.05
CA UNK U 156 -101.97 24.60 -94.61
C UNK U 156 -102.94 24.46 -93.49
N UNK U 157 -102.69 23.47 -92.64
CA UNK U 157 -103.52 23.36 -91.46
C UNK U 157 -103.37 24.61 -90.62
N UNK U 158 -102.14 24.97 -90.30
CA UNK U 158 -101.98 25.97 -89.28
C UNK U 158 -102.67 27.20 -89.76
N UNK U 159 -102.52 27.50 -91.04
CA UNK U 159 -102.92 28.80 -91.54
C UNK U 159 -104.38 28.92 -91.26
N UNK U 160 -105.10 27.83 -91.43
CA UNK U 160 -106.51 27.89 -91.11
C UNK U 160 -106.66 28.16 -89.63
N UNK U 161 -106.05 27.30 -88.86
CA UNK U 161 -106.44 27.18 -87.48
C UNK U 161 -106.22 28.48 -86.80
N UNK U 162 -105.09 29.12 -87.09
CA UNK U 162 -104.72 30.28 -86.33
C UNK U 162 -105.81 31.29 -86.56
N UNK U 163 -106.27 31.37 -87.79
CA UNK U 163 -107.25 32.37 -88.12
C UNK U 163 -108.46 32.19 -87.24
N UNK U 164 -108.93 30.95 -87.12
CA UNK U 164 -110.08 30.71 -86.28
C UNK U 164 -109.72 31.23 -84.91
N UNK U 165 -108.46 31.09 -84.56
CA UNK U 165 -108.02 31.54 -83.27
C UNK U 165 -108.21 33.02 -83.09
N UNK U 166 -107.88 33.82 -84.11
CA UNK U 166 -107.99 35.26 -83.93
C UNK U 166 -109.40 35.71 -83.64
N UNK U 167 -110.37 35.23 -84.42
CA UNK U 167 -111.75 35.61 -84.14
C UNK U 167 -112.16 34.96 -82.83
N UNK U 168 -111.79 33.69 -82.70
CA UNK U 168 -112.11 32.87 -81.52
C UNK U 168 -111.42 33.32 -80.24
N UNK U 169 -110.15 33.69 -80.36
CA UNK U 169 -109.35 34.10 -79.21
C UNK U 169 -109.81 35.44 -78.72
N UNK U 170 -110.74 36.04 -79.43
CA UNK U 170 -111.19 37.36 -79.05
C UNK U 170 -109.98 38.25 -79.16
N UNK U 171 -109.18 37.97 -80.19
CA UNK U 171 -107.97 38.68 -80.51
C UNK U 171 -107.11 37.79 -81.39
N UNK U 172 -106.65 38.35 -82.50
CA UNK U 172 -105.76 37.69 -83.43
C UNK U 172 -104.45 38.00 -82.71
N UNK U 173 -103.32 37.90 -83.40
CA UNK U 173 -102.04 38.24 -82.80
C UNK U 173 -102.22 39.64 -82.23
N UNK U 174 -101.87 39.77 -80.96
CA UNK U 174 -102.03 40.98 -80.15
C UNK U 174 -101.49 42.35 -80.54
N UNK U 175 -100.23 42.37 -80.95
CA UNK U 175 -99.47 41.13 -81.06
C UNK U 175 -98.69 40.78 -79.79
N UNK U 176 -98.72 39.50 -79.41
CA UNK U 176 -98.00 39.05 -78.23
C UNK U 176 -98.67 39.49 -76.94
N UNK U 177 -99.58 40.45 -77.00
CA UNK U 177 -100.10 40.88 -75.71
C UNK U 177 -100.68 39.77 -74.84
N UNK U 178 -101.62 38.93 -75.32
CA UNK U 178 -102.17 37.83 -74.49
C UNK U 178 -102.50 38.41 -73.13
N UNK U 179 -101.96 37.78 -72.10
CA UNK U 179 -102.03 38.37 -70.72
C UNK U 179 -103.45 38.88 -70.65
N UNK U 180 -104.26 38.01 -71.20
CA UNK U 180 -105.63 38.13 -71.70
C UNK U 180 -106.11 36.74 -72.13
N UNK U 181 -105.17 35.86 -72.48
CA UNK U 181 -105.52 34.49 -72.88
C UNK U 181 -106.32 33.71 -71.88
N UNK U 182 -107.27 32.93 -72.34
CA UNK U 182 -108.10 32.15 -71.42
C UNK U 182 -108.02 30.65 -71.66
N UNK U 183 -108.06 29.87 -70.58
CA UNK U 183 -108.00 28.41 -70.68
C UNK U 183 -109.20 27.86 -71.39
N UNK U 184 -109.01 26.80 -72.18
CA UNK U 184 -110.11 26.18 -72.92
C UNK U 184 -110.25 24.71 -72.52
N UNK U 185 -111.44 24.28 -72.11
CA UNK U 185 -111.58 22.88 -71.67
C UNK U 185 -112.42 21.94 -72.54
N UNK U 186 -111.79 20.86 -73.00
CA UNK U 186 -112.45 19.84 -73.81
C UNK U 186 -112.79 20.43 -75.17
N UNK U 187 -113.48 19.70 -76.04
CA UNK U 187 -113.88 18.30 -75.84
C UNK U 187 -113.87 17.63 -77.20
N UNK U 188 -112.87 17.95 -78.02
CA UNK U 188 -112.82 17.37 -79.35
C UNK U 188 -114.10 17.71 -80.06
N UNK U 189 -114.34 19.00 -80.32
CA UNK U 189 -113.39 20.09 -80.08
C UNK U 189 -113.34 20.56 -78.65
N UNK U 190 -112.33 21.36 -78.33
CA UNK U 190 -111.34 21.75 -79.33
C UNK U 190 -110.14 20.84 -79.28
N UNK U 191 -110.38 19.57 -79.04
CA UNK U 191 -109.30 18.63 -78.93
C UNK U 191 -108.51 18.58 -80.20
N UNK U 192 -109.22 18.54 -81.31
CA UNK U 192 -108.59 18.48 -82.61
C UNK U 192 -107.79 19.74 -82.84
N UNK U 193 -108.33 20.88 -82.41
CA UNK U 193 -107.64 22.12 -82.68
C UNK U 193 -106.25 22.24 -82.07
N UNK U 194 -106.11 21.88 -80.80
CA UNK U 194 -104.81 21.99 -80.17
C UNK U 194 -103.81 21.05 -80.83
N UNK U 195 -104.25 19.84 -81.08
CA UNK U 195 -103.36 18.87 -81.66
C UNK U 195 -102.94 19.41 -83.01
N UNK U 196 -103.88 19.96 -83.74
CA UNK U 196 -103.57 20.46 -85.05
C UNK U 196 -102.56 21.58 -85.01
N UNK U 197 -102.76 22.51 -84.10
CA UNK U 197 -101.86 23.63 -84.03
C UNK U 197 -100.48 23.10 -83.75
N UNK U 198 -100.38 22.14 -82.83
CA UNK U 198 -99.07 21.60 -82.52
C UNK U 198 -98.41 20.81 -83.66
N UNK U 199 -99.20 19.99 -84.35
CA UNK U 199 -98.66 19.13 -85.39
C UNK U 199 -98.02 19.76 -86.59
N UNK U 200 -98.65 20.76 -87.17
CA UNK U 200 -98.01 21.37 -88.32
C UNK U 200 -96.64 21.92 -87.97
N UNK U 201 -96.56 22.70 -86.91
CA UNK U 201 -95.31 23.36 -86.60
C UNK U 201 -94.34 22.22 -86.37
N UNK U 202 -94.82 21.18 -85.74
CA UNK U 202 -93.95 20.08 -85.37
C UNK U 202 -93.34 19.52 -86.63
N UNK U 203 -94.10 19.53 -87.70
CA UNK U 203 -93.74 18.74 -88.85
C UNK U 203 -92.37 19.10 -89.34
N UNK U 204 -92.03 20.38 -89.31
CA UNK U 204 -90.70 20.78 -89.71
C UNK U 204 -89.63 20.18 -88.80
N UNK U 205 -89.90 20.27 -87.50
CA UNK U 205 -88.95 19.85 -86.48
C UNK U 205 -88.40 18.44 -86.60
N UNK U 206 -89.27 17.48 -86.85
CA UNK U 206 -88.82 16.12 -86.96
C UNK U 206 -89.09 15.51 -85.61
N UNK U 207 -90.17 14.75 -85.50
CA UNK U 207 -90.53 14.12 -84.26
C UNK U 207 -90.88 12.68 -84.47
N UNK U 208 -90.43 11.81 -83.55
CA UNK U 208 -90.67 10.38 -83.60
C UNK U 208 -90.52 9.88 -85.03
N UNK U 209 -89.52 10.42 -85.71
CA UNK U 209 -89.29 10.14 -87.11
C UNK U 209 -90.44 10.83 -87.83
N UNK U 210 -91.08 10.15 -88.77
CA UNK U 210 -92.20 10.75 -89.45
C UNK U 210 -91.74 12.08 -90.04
N UNK U 211 -90.53 12.10 -90.56
CA UNK U 211 -89.96 13.31 -91.15
C UNK U 211 -88.77 12.95 -92.00
N UNK U 212 -88.73 11.69 -92.40
CA UNK U 212 -87.66 11.15 -93.20
C UNK U 212 -87.37 12.12 -94.32
N UNK U 213 -88.42 12.73 -94.86
CA UNK U 213 -88.23 13.53 -96.04
C UNK U 213 -87.27 14.70 -95.87
N UNK U 214 -87.55 15.58 -94.92
CA UNK U 214 -86.74 16.77 -94.83
C UNK U 214 -85.30 16.39 -94.53
N UNK U 215 -85.10 15.48 -93.59
CA UNK U 215 -83.74 15.10 -93.24
C UNK U 215 -83.11 14.47 -94.44
N UNK U 216 -83.89 13.65 -95.12
CA UNK U 216 -83.38 12.94 -96.26
C UNK U 216 -82.95 13.91 -97.35
N UNK U 217 -83.72 14.97 -97.56
CA UNK U 217 -83.37 15.99 -98.56
C UNK U 217 -82.07 16.72 -98.26
N UNK U 218 -81.85 17.06 -97.01
CA UNK U 218 -80.65 17.77 -96.62
C UNK U 218 -79.50 16.90 -97.03
N UNK U 219 -79.71 15.59 -96.90
CA UNK U 219 -78.70 14.61 -97.17
C UNK U 219 -78.27 14.85 -98.59
N UNK U 220 -79.25 15.06 -99.46
CA UNK U 220 -78.98 15.34 -100.87
C UNK U 220 -78.29 16.69 -101.02
N UNK U 221 -78.62 17.53 -100.05
CA UNK U 221 -78.01 18.82 -99.87
C UNK U 221 -77.71 19.48 -101.17
N UNK U 222 -78.72 20.17 -101.67
CA UNK U 222 -78.62 20.87 -102.91
C UNK U 222 -77.50 21.86 -102.71
N UNK U 223 -77.48 22.44 -101.52
CA UNK U 223 -76.46 23.39 -101.15
C UNK U 223 -75.71 22.84 -99.97
N UNK U 224 -74.73 22.00 -100.22
CA UNK U 224 -73.95 21.48 -99.12
C UNK U 224 -73.10 22.62 -98.56
N UNK U 225 -73.05 23.74 -99.27
CA UNK U 225 -72.22 24.87 -98.91
C UNK U 225 -72.35 25.64 -97.57
N UNK U 226 -73.51 26.04 -97.05
CA UNK U 226 -74.88 25.92 -97.54
C UNK U 226 -75.59 24.84 -96.79
N UNK U 227 -74.84 23.94 -96.19
CA UNK U 227 -75.42 22.87 -95.41
C UNK U 227 -76.10 23.40 -94.15
N UNK U 228 -75.45 24.37 -93.52
CA UNK U 228 -75.88 24.94 -92.24
C UNK U 228 -77.24 25.62 -92.15
N UNK U 229 -77.63 26.37 -93.17
CA UNK U 229 -78.90 27.05 -93.12
C UNK U 229 -79.95 25.99 -92.95
N UNK U 230 -79.78 24.88 -93.66
CA UNK U 230 -80.71 23.79 -93.55
C UNK U 230 -80.86 23.42 -92.09
N UNK U 231 -79.79 23.61 -91.33
CA UNK U 231 -79.87 23.27 -89.91
C UNK U 231 -80.36 24.44 -89.10
N UNK U 232 -79.77 25.61 -89.37
CA UNK U 232 -80.22 26.76 -88.58
C UNK U 232 -81.70 27.03 -88.80
N UNK U 233 -82.21 26.85 -90.01
CA UNK U 233 -83.63 27.08 -90.20
C UNK U 233 -84.47 26.16 -89.36
N UNK U 234 -84.06 24.91 -89.29
CA UNK U 234 -84.82 23.93 -88.55
C UNK U 234 -84.95 24.40 -87.14
N UNK U 235 -83.89 24.97 -86.60
CA UNK U 235 -83.93 25.44 -85.25
C UNK U 235 -85.04 26.47 -85.18
N UNK U 236 -85.11 27.23 -86.25
CA UNK U 236 -86.06 28.30 -86.30
C UNK U 236 -87.46 27.82 -86.18
N UNK U 237 -87.75 26.79 -86.94
CA UNK U 237 -89.05 26.26 -86.93
C UNK U 237 -89.35 25.77 -85.53
N UNK U 238 -88.37 25.14 -84.96
CA UNK U 238 -88.56 24.56 -83.67
C UNK U 238 -89.06 25.55 -82.67
N UNK U 239 -88.54 26.77 -82.67
CA UNK U 239 -89.04 27.69 -81.61
C UNK U 239 -90.52 27.83 -81.70
N UNK U 240 -91.03 28.05 -82.90
CA UNK U 240 -92.44 28.26 -83.03
C UNK U 240 -93.13 27.39 -82.03
N UNK U 241 -92.65 26.17 -81.86
CA UNK U 241 -93.34 25.25 -80.99
C UNK U 241 -93.33 25.89 -79.63
N UNK U 242 -92.17 26.39 -79.26
CA UNK U 242 -92.02 26.85 -77.91
C UNK U 242 -93.01 27.97 -77.67
N UNK U 243 -93.04 28.98 -78.52
CA UNK U 243 -93.92 30.08 -78.23
C UNK U 243 -95.35 29.61 -78.26
N UNK U 244 -95.67 28.80 -79.24
CA UNK U 244 -97.05 28.47 -79.49
C UNK U 244 -97.69 27.75 -78.33
N UNK U 245 -96.95 26.87 -77.69
CA UNK U 245 -97.58 25.91 -76.80
C UNK U 245 -98.31 26.64 -75.71
N UNK U 246 -97.75 27.70 -75.16
CA UNK U 246 -98.42 28.32 -74.02
C UNK U 246 -99.81 28.82 -74.41
N UNK U 247 -99.90 29.48 -75.54
CA UNK U 247 -101.18 29.92 -76.08
C UNK U 247 -102.08 28.76 -76.49
N UNK U 248 -101.44 27.72 -77.01
CA UNK U 248 -102.07 26.69 -77.82
C UNK U 248 -103.17 26.00 -77.06
N UNK U 249 -102.87 25.81 -75.78
CA UNK U 249 -103.80 25.22 -74.88
C UNK U 249 -103.35 25.40 -73.42
N UNK U 250 -102.72 24.35 -72.90
CA UNK U 250 -102.33 24.23 -71.51
C UNK U 250 -103.49 23.67 -70.72
N UNK U 251 -104.59 23.50 -71.42
CA UNK U 251 -105.71 22.85 -70.83
C UNK U 251 -105.66 21.40 -71.32
N UNK U 252 -104.74 21.07 -72.22
CA UNK U 252 -104.65 19.70 -72.72
C UNK U 252 -103.25 19.09 -72.84
N UNK U 253 -103.04 18.02 -72.10
CA UNK U 253 -101.75 17.34 -72.17
C UNK U 253 -101.95 16.00 -72.84
N UNK U 254 -103.19 15.60 -73.06
CA UNK U 254 -103.44 14.24 -73.49
C UNK U 254 -102.80 13.94 -74.83
N UNK U 255 -102.88 14.86 -75.76
CA UNK U 255 -102.25 14.60 -77.04
C UNK U 255 -100.81 14.31 -76.71
N UNK U 256 -100.30 14.98 -75.70
CA UNK U 256 -98.89 15.00 -75.43
C UNK U 256 -98.40 13.59 -75.22
N UNK U 257 -99.19 12.80 -74.52
CA UNK U 257 -98.69 11.47 -74.19
C UNK U 257 -98.45 10.76 -75.49
N UNK U 258 -99.40 10.84 -76.40
CA UNK U 258 -99.22 10.22 -77.68
C UNK U 258 -97.93 10.78 -78.26
N UNK U 259 -97.93 12.07 -78.57
CA UNK U 259 -96.75 12.69 -79.17
C UNK U 259 -95.50 12.63 -78.30
N UNK U 260 -95.63 12.93 -77.02
CA UNK U 260 -94.46 12.90 -76.16
C UNK U 260 -93.89 11.51 -76.09
N UNK U 261 -94.76 10.54 -75.95
CA UNK U 261 -94.31 9.18 -75.88
C UNK U 261 -93.63 8.85 -77.19
N UNK U 262 -94.20 9.34 -78.28
CA UNK U 262 -93.65 9.04 -79.59
C UNK U 262 -92.22 9.53 -79.74
N UNK U 263 -91.93 10.70 -79.23
CA UNK U 263 -90.58 11.24 -79.36
C UNK U 263 -89.47 10.41 -78.71
N UNK U 264 -89.72 9.91 -77.51
CA UNK U 264 -88.71 9.14 -76.83
C UNK U 264 -88.38 7.88 -77.60
N UNK U 265 -89.41 7.22 -78.13
CA UNK U 265 -89.20 5.98 -78.87
C UNK U 265 -88.34 6.16 -80.09
N UNK U 266 -88.54 7.25 -80.81
CA UNK U 266 -87.77 7.51 -82.03
C UNK U 266 -86.28 7.74 -81.75
N UNK U 267 -86.00 8.41 -80.62
CA UNK U 267 -84.62 8.66 -80.26
C UNK U 267 -83.93 7.34 -80.28
N UNK U 268 -84.61 6.33 -79.75
CA UNK U 268 -83.96 5.06 -79.60
C UNK U 268 -83.54 4.54 -80.94
N UNK U 269 -84.42 4.62 -81.93
CA UNK U 269 -83.99 4.19 -83.26
C UNK U 269 -82.93 5.12 -83.84
N UNK U 270 -83.14 6.40 -83.67
CA UNK U 270 -82.51 7.32 -84.56
C UNK U 270 -81.05 6.99 -84.47
N UNK U 271 -80.59 6.73 -83.25
CA UNK U 271 -79.19 6.50 -83.08
C UNK U 271 -78.81 5.30 -83.90
N UNK U 272 -79.67 4.28 -83.90
CA UNK U 272 -79.32 3.06 -84.56
C UNK U 272 -79.08 3.39 -86.01
N UNK U 273 -79.90 4.25 -86.57
CA UNK U 273 -79.60 4.65 -87.92
C UNK U 273 -78.27 5.35 -87.86
N UNK U 274 -78.09 6.20 -86.86
CA UNK U 274 -76.88 7.04 -86.78
C UNK U 274 -75.56 6.30 -86.57
N UNK U 275 -75.54 5.35 -85.63
CA UNK U 275 -74.45 4.39 -85.50
C UNK U 275 -74.47 3.49 -86.69
N UNK U 276 -75.61 3.48 -87.36
CA UNK U 276 -75.90 2.58 -88.45
C UNK U 276 -74.99 2.68 -89.66
N UNK U 277 -74.76 3.90 -90.14
CA UNK U 277 -74.02 4.15 -91.37
C UNK U 277 -75.07 4.43 -92.45
N UNK U 278 -74.66 4.57 -93.71
CA UNK U 278 -73.27 4.47 -94.12
C UNK U 278 -72.70 5.69 -94.84
N UNK U 279 -73.44 6.79 -94.94
CA UNK U 279 -72.90 7.97 -95.66
C UNK U 279 -72.68 9.23 -94.80
N UNK U 280 -71.49 9.81 -94.94
CA UNK U 280 -70.97 10.82 -94.04
C UNK U 280 -71.85 12.04 -94.01
N UNK U 281 -72.33 12.49 -95.16
CA UNK U 281 -73.34 13.52 -95.16
C UNK U 281 -74.52 12.88 -94.46
N UNK U 282 -74.74 11.61 -94.76
CA UNK U 282 -75.77 10.87 -94.11
C UNK U 282 -75.44 10.89 -92.64
N UNK U 283 -74.16 10.75 -92.35
CA UNK U 283 -73.78 10.59 -90.98
C UNK U 283 -74.19 11.80 -90.19
N UNK U 284 -73.73 12.96 -90.60
CA UNK U 284 -73.98 14.08 -89.75
C UNK U 284 -75.47 14.25 -89.70
N UNK U 285 -76.08 14.21 -90.87
CA UNK U 285 -77.41 14.74 -90.96
C UNK U 285 -78.35 13.97 -90.06
N UNK U 286 -78.35 12.66 -90.16
CA UNK U 286 -79.36 11.95 -89.45
C UNK U 286 -79.17 12.33 -88.00
N UNK U 287 -77.91 12.44 -87.61
CA UNK U 287 -77.59 12.61 -86.22
C UNK U 287 -78.27 13.86 -85.76
N UNK U 288 -78.28 14.88 -86.60
CA UNK U 288 -78.90 16.11 -86.20
C UNK U 288 -80.37 15.83 -85.95
N UNK U 289 -80.98 15.04 -86.82
CA UNK U 289 -82.39 14.84 -86.72
C UNK U 289 -82.67 14.24 -85.37
N UNK U 290 -81.89 13.23 -85.01
CA UNK U 290 -82.15 12.59 -83.74
C UNK U 290 -81.93 13.53 -82.56
N UNK U 291 -80.79 14.21 -82.51
CA UNK U 291 -80.49 14.96 -81.30
C UNK U 291 -81.55 16.02 -81.17
N UNK U 292 -81.88 16.65 -82.27
CA UNK U 292 -82.82 17.75 -82.18
C UNK U 292 -84.05 17.17 -81.52
N UNK U 293 -84.31 15.91 -81.77
CA UNK U 293 -85.54 15.29 -81.33
C UNK U 293 -85.72 15.32 -79.82
N UNK U 294 -84.66 15.11 -79.07
CA UNK U 294 -84.80 14.99 -77.63
C UNK U 294 -85.43 16.27 -77.14
N UNK U 295 -85.11 17.36 -77.82
CA UNK U 295 -85.62 18.65 -77.45
C UNK U 295 -87.11 18.61 -77.54
N UNK U 296 -87.59 17.90 -78.55
CA UNK U 296 -89.02 17.77 -78.79
C UNK U 296 -89.73 17.24 -77.59
N UNK U 297 -89.11 16.29 -76.91
CA UNK U 297 -89.75 15.71 -75.74
C UNK U 297 -89.85 16.71 -74.62
N UNK U 298 -88.78 17.45 -74.41
CA UNK U 298 -88.79 18.38 -73.30
C UNK U 298 -89.87 19.40 -73.60
N UNK U 299 -89.91 19.90 -74.81
CA UNK U 299 -90.82 20.98 -75.10
C UNK U 299 -92.23 20.55 -74.83
N UNK U 300 -92.56 19.33 -75.20
CA UNK U 300 -93.91 18.85 -74.98
C UNK U 300 -94.26 18.80 -73.50
N UNK U 301 -93.30 18.34 -72.69
CA UNK U 301 -93.47 18.18 -71.24
C UNK U 301 -94.00 19.39 -70.51
N UNK U 302 -93.47 20.56 -70.84
CA UNK U 302 -93.89 21.80 -70.21
C UNK U 302 -93.27 22.01 -68.83
N UNK U 303 -92.29 21.20 -68.46
CA UNK U 303 -91.66 21.38 -67.16
C UNK U 303 -91.01 22.75 -67.14
N UNK U 304 -91.29 23.53 -66.10
CA UNK U 304 -90.73 24.87 -66.03
C UNK U 304 -89.22 24.88 -65.98
N UNK U 305 -88.63 24.03 -65.16
CA UNK U 305 -87.18 23.99 -65.10
C UNK U 305 -86.69 23.50 -66.42
N UNK U 306 -87.42 22.54 -66.96
CA UNK U 306 -87.05 21.90 -68.21
C UNK U 306 -86.97 22.75 -69.47
N UNK U 307 -87.95 23.61 -69.70
CA UNK U 307 -87.96 24.42 -70.91
C UNK U 307 -86.63 25.08 -71.20
N UNK U 308 -86.08 25.67 -70.17
CA UNK U 308 -84.84 26.42 -70.25
C UNK U 308 -83.84 25.53 -70.95
N UNK U 309 -83.94 24.26 -70.62
CA UNK U 309 -83.04 23.30 -71.18
C UNK U 309 -83.24 23.33 -72.67
N UNK U 310 -84.50 23.40 -73.09
CA UNK U 310 -84.77 23.27 -74.49
C UNK U 310 -84.09 24.42 -75.18
N UNK U 311 -84.24 25.60 -74.60
CA UNK U 311 -83.74 26.77 -75.28
C UNK U 311 -82.25 26.59 -75.44
N UNK U 312 -81.57 26.16 -74.39
CA UNK U 312 -80.14 26.04 -74.52
C UNK U 312 -79.79 25.01 -75.58
N UNK U 313 -80.48 23.88 -75.54
CA UNK U 313 -80.06 22.78 -76.36
C UNK U 313 -80.12 23.23 -77.77
N UNK U 314 -81.17 23.96 -78.13
CA UNK U 314 -81.30 24.24 -79.54
C UNK U 314 -80.10 25.01 -80.05
N UNK U 315 -79.70 26.05 -79.33
CA UNK U 315 -78.67 26.90 -79.89
C UNK U 315 -77.45 26.05 -80.07
N UNK U 316 -77.10 25.30 -79.03
CA UNK U 316 -75.88 24.54 -79.08
C UNK U 316 -75.91 23.49 -80.16
N UNK U 317 -77.04 22.79 -80.28
CA UNK U 317 -77.07 21.67 -81.19
C UNK U 317 -76.85 22.23 -82.55
N UNK U 318 -77.56 23.31 -82.83
CA UNK U 318 -77.46 23.85 -84.17
C UNK U 318 -76.04 24.32 -84.45
N UNK U 319 -75.47 25.09 -83.53
CA UNK U 319 -74.18 25.69 -83.80
C UNK U 319 -73.25 24.54 -84.00
N UNK U 320 -73.40 23.53 -83.15
CA UNK U 320 -72.48 22.43 -83.21
C UNK U 320 -72.62 21.82 -84.58
N UNK U 321 -73.82 21.80 -85.08
CA UNK U 321 -74.04 21.12 -86.33
C UNK U 321 -73.17 21.72 -87.41
N UNK U 322 -73.05 23.05 -87.43
CA UNK U 322 -72.46 23.67 -88.58
C UNK U 322 -71.06 23.17 -88.77
N UNK U 323 -70.30 23.10 -87.68
CA UNK U 323 -68.91 22.75 -87.84
C UNK U 323 -68.86 21.38 -88.43
N UNK U 324 -69.66 20.48 -87.89
CA UNK U 324 -69.51 19.10 -88.29
C UNK U 324 -69.81 19.02 -89.76
N UNK U 325 -71.03 19.36 -90.13
CA UNK U 325 -71.39 19.10 -91.50
C UNK U 325 -70.42 19.94 -92.28
N UNK U 326 -70.24 21.17 -91.82
CA UNK U 326 -69.49 22.09 -92.62
C UNK U 326 -68.11 21.54 -92.77
N UNK U 327 -67.52 20.99 -91.73
CA UNK U 327 -66.18 20.48 -91.98
C UNK U 327 -66.31 19.45 -93.06
N UNK U 328 -67.42 18.72 -93.01
CA UNK U 328 -67.61 17.59 -93.87
C UNK U 328 -67.53 18.06 -95.30
N UNK U 329 -68.06 19.25 -95.54
CA UNK U 329 -68.03 19.77 -96.90
C UNK U 329 -66.60 19.95 -97.36
N UNK U 330 -65.73 20.42 -96.47
CA UNK U 330 -64.35 20.61 -96.87
C UNK U 330 -63.76 19.27 -97.24
N UNK U 331 -64.05 18.27 -96.42
CA UNK U 331 -63.47 16.97 -96.69
C UNK U 331 -63.95 16.53 -98.07
N UNK U 332 -65.23 16.71 -98.33
CA UNK U 332 -65.78 16.28 -99.61
C UNK U 332 -65.21 16.99 -100.82
N UNK U 333 -65.02 18.29 -100.70
CA UNK U 333 -64.51 19.06 -101.82
C UNK U 333 -63.13 18.56 -102.11
N UNK U 334 -62.39 18.28 -101.04
CA UNK U 334 -61.03 17.81 -101.19
C UNK U 334 -60.94 16.47 -101.91
N UNK U 335 -61.82 15.55 -101.50
CA UNK U 335 -61.82 14.17 -102.00
C UNK U 335 -62.81 13.85 -103.10
N UNK U 336 -63.61 14.85 -103.47
CA UNK U 336 -64.58 14.73 -104.56
C UNK U 336 -65.77 13.80 -104.39
N UNK U 337 -66.08 13.38 -103.16
CA UNK U 337 -67.21 12.48 -102.99
C UNK U 337 -67.77 12.33 -101.58
N UNK U 338 -68.99 11.80 -101.52
CA UNK U 338 -69.67 11.51 -100.27
C UNK U 338 -69.07 10.26 -99.62
N UNK U 339 -68.76 9.31 -100.47
CA UNK U 339 -68.31 7.97 -100.10
C UNK U 339 -67.57 7.75 -98.79
N UNK U 340 -68.21 8.04 -97.68
CA UNK U 340 -67.54 7.94 -96.41
C UNK U 340 -67.15 6.49 -96.44
N UNK U 341 -66.14 6.12 -95.68
CA UNK U 341 -65.59 4.80 -95.83
C UNK U 341 -64.57 4.80 -96.95
N UNK U 342 -64.35 5.96 -97.54
CA UNK U 342 -63.34 6.04 -98.57
C UNK U 342 -62.09 6.30 -97.72
N UNK U 343 -61.96 5.45 -96.70
CA UNK U 343 -60.85 5.38 -95.76
C UNK U 343 -60.51 6.65 -94.98
N UNK U 344 -59.24 7.04 -95.02
CA UNK U 344 -58.67 8.20 -94.36
C UNK U 344 -58.02 7.86 -93.04
N UNK U 345 -57.06 8.70 -92.69
CA UNK U 345 -56.25 8.61 -91.49
C UNK U 345 -55.76 9.99 -91.14
N UNK U 346 -56.31 10.54 -90.06
CA UNK U 346 -55.98 11.91 -89.70
C UNK U 346 -54.52 12.17 -89.37
N UNK U 347 -53.90 11.31 -88.56
CA UNK U 347 -52.50 11.53 -88.24
C UNK U 347 -51.80 11.39 -89.55
N UNK U 348 -52.17 10.34 -90.25
CA UNK U 348 -51.66 10.10 -91.57
C UNK U 348 -52.22 11.18 -92.44
N UNK U 349 -53.47 11.55 -92.15
CA UNK U 349 -54.21 12.51 -92.94
C UNK U 349 -53.60 13.91 -93.05
N UNK U 350 -53.07 14.39 -91.94
CA UNK U 350 -52.44 15.69 -91.82
C UNK U 350 -52.76 16.07 -90.39
N UNK U 351 -51.78 16.61 -89.66
CA UNK U 351 -51.96 16.94 -88.25
C UNK U 351 -52.94 18.02 -87.81
N UNK U 352 -52.95 19.14 -88.50
CA UNK U 352 -53.81 20.25 -88.11
C UNK U 352 -55.31 20.00 -88.20
N UNK U 353 -55.74 19.34 -89.26
CA UNK U 353 -57.16 19.09 -89.47
C UNK U 353 -57.84 18.20 -88.44
N UNK U 354 -57.17 17.15 -88.01
CA UNK U 354 -57.80 16.22 -87.08
C UNK U 354 -58.21 16.80 -85.73
N UNK U 355 -57.35 17.59 -85.11
CA UNK U 355 -57.70 18.13 -83.81
C UNK U 355 -58.92 18.98 -83.97
N UNK U 356 -58.95 19.78 -85.03
CA UNK U 356 -60.11 20.61 -85.26
C UNK U 356 -61.27 19.66 -85.46
N UNK U 357 -61.05 18.57 -86.21
CA UNK U 357 -62.11 17.59 -86.42
C UNK U 357 -62.46 17.11 -85.05
N UNK U 358 -61.52 16.40 -84.43
CA UNK U 358 -61.75 15.97 -83.08
C UNK U 358 -62.41 16.80 -82.02
N UNK U 359 -62.01 18.07 -81.91
CA UNK U 359 -62.55 18.88 -80.84
C UNK U 359 -64.03 18.95 -81.05
N UNK U 360 -64.42 19.17 -82.30
CA UNK U 360 -65.83 19.31 -82.58
C UNK U 360 -66.47 18.02 -82.24
N UNK U 361 -65.80 16.94 -82.61
CA UNK U 361 -66.43 15.66 -82.58
C UNK U 361 -66.83 15.41 -81.16
N UNK U 362 -65.99 15.82 -80.23
CA UNK U 362 -66.31 15.66 -78.84
C UNK U 362 -67.59 16.44 -78.58
N UNK U 363 -67.71 17.58 -79.23
CA UNK U 363 -68.85 18.43 -78.97
C UNK U 363 -70.08 17.62 -79.31
N UNK U 364 -70.03 16.87 -80.39
CA UNK U 364 -71.12 16.00 -80.72
C UNK U 364 -71.24 15.03 -79.58
N UNK U 365 -70.09 14.67 -79.03
CA UNK U 365 -69.96 13.61 -78.06
C UNK U 365 -70.76 13.93 -76.84
N UNK U 366 -70.74 15.21 -76.46
CA UNK U 366 -71.39 15.67 -75.25
C UNK U 366 -70.47 15.28 -74.11
N UNK U 367 -69.80 16.28 -73.53
CA UNK U 367 -68.85 16.11 -72.43
C UNK U 367 -68.99 17.18 -71.37
N UNK U 368 -68.39 16.99 -70.21
CA UNK U 368 -68.49 18.01 -69.16
C UNK U 368 -68.09 19.35 -69.74
N UNK U 369 -68.41 20.44 -69.04
CA UNK U 369 -68.07 21.77 -69.49
C UNK U 369 -68.53 21.88 -70.91
N UNK U 370 -69.62 21.21 -71.28
CA UNK U 370 -70.13 21.37 -72.65
C UNK U 370 -71.39 22.21 -72.63
N UNK U 371 -71.36 23.31 -73.38
CA UNK U 371 -72.51 24.17 -73.42
C UNK U 371 -73.63 23.33 -73.98
N UNK U 372 -73.34 22.59 -75.04
CA UNK U 372 -74.36 21.73 -75.60
C UNK U 372 -74.71 20.67 -74.56
N UNK U 373 -73.67 20.10 -73.96
CA UNK U 373 -73.88 19.08 -72.94
C UNK U 373 -74.53 19.60 -71.66
N UNK U 374 -74.12 20.79 -71.23
CA UNK U 374 -74.63 21.32 -69.99
C UNK U 374 -76.13 21.47 -70.02
N UNK U 375 -76.65 22.03 -71.11
CA UNK U 375 -78.09 22.17 -71.21
C UNK U 375 -78.63 20.75 -71.26
N UNK U 376 -77.94 19.93 -72.04
CA UNK U 376 -78.35 18.55 -72.22
C UNK U 376 -78.34 17.82 -70.89
N UNK U 377 -77.28 18.05 -70.12
CA UNK U 377 -77.19 17.38 -68.83
C UNK U 377 -78.19 18.06 -67.91
N UNK U 378 -79.12 18.80 -68.49
CA UNK U 378 -80.09 19.49 -67.65
C UNK U 378 -81.48 19.12 -68.02
N UNK U 379 -81.74 19.09 -69.30
CA UNK U 379 -83.06 18.75 -69.74
C UNK U 379 -83.39 17.39 -69.20
N UNK U 380 -82.41 16.52 -69.16
CA UNK U 380 -82.75 15.22 -68.66
C UNK U 380 -83.26 15.27 -67.23
N UNK U 381 -82.64 16.12 -66.43
CA UNK U 381 -82.96 16.18 -65.02
C UNK U 381 -84.42 16.42 -64.90
N UNK U 382 -84.92 17.21 -65.82
CA UNK U 382 -86.32 17.46 -65.87
C UNK U 382 -87.01 16.18 -66.24
N UNK U 383 -86.36 15.45 -67.13
CA UNK U 383 -86.96 14.25 -67.64
C UNK U 383 -87.26 13.35 -66.48
N UNK U 384 -86.67 13.63 -65.32
CA UNK U 384 -86.94 12.84 -64.12
C UNK U 384 -88.20 13.20 -63.31
N UNK U 385 -89.03 14.13 -63.78
CA UNK U 385 -90.24 14.47 -63.03
C UNK U 385 -91.60 14.23 -63.67
N UNK U 386 -91.67 13.93 -64.95
CA UNK U 386 -92.97 13.73 -65.62
C UNK U 386 -93.55 12.33 -65.78
N UNK U 387 -93.05 11.32 -65.05
CA UNK U 387 -92.04 11.43 -64.00
C UNK U 387 -90.69 10.72 -64.12
N UNK U 388 -90.02 10.58 -62.99
CA UNK U 388 -88.68 10.01 -62.97
C UNK U 388 -88.53 8.62 -63.54
N UNK U 389 -89.48 7.73 -63.33
CA UNK U 389 -89.30 6.37 -63.81
C UNK U 389 -88.98 6.40 -65.30
N UNK U 390 -88.08 5.51 -65.72
CA UNK U 390 -87.64 5.43 -67.07
C UNK U 390 -86.51 6.32 -67.50
N UNK U 391 -85.71 6.84 -66.57
CA UNK U 391 -84.58 7.71 -66.95
C UNK U 391 -83.77 6.78 -67.79
N UNK U 392 -83.95 5.54 -67.43
CA UNK U 392 -83.29 4.46 -68.12
C UNK U 392 -83.37 4.75 -69.60
N UNK U 393 -84.49 5.30 -70.04
CA UNK U 393 -84.69 5.42 -71.48
C UNK U 393 -83.67 6.30 -72.22
N UNK U 394 -83.40 7.50 -71.77
CA UNK U 394 -82.53 8.41 -72.53
C UNK U 394 -81.08 7.93 -72.70
N UNK U 395 -80.54 7.41 -71.61
CA UNK U 395 -79.12 7.12 -71.53
C UNK U 395 -78.76 6.06 -72.54
N UNK U 396 -79.72 5.26 -72.95
CA UNK U 396 -79.47 4.32 -74.01
C UNK U 396 -79.13 5.18 -75.23
N UNK U 397 -79.85 6.28 -75.36
CA UNK U 397 -79.60 7.21 -76.45
C UNK U 397 -78.19 7.78 -76.32
N UNK U 398 -77.85 8.21 -75.11
CA UNK U 398 -76.55 8.85 -74.92
C UNK U 398 -75.43 7.87 -75.21
N UNK U 399 -75.56 6.68 -74.65
CA UNK U 399 -74.51 5.71 -74.83
C UNK U 399 -74.45 5.41 -76.29
N UNK U 400 -75.61 5.22 -76.89
CA UNK U 400 -75.64 4.87 -78.29
C UNK U 400 -75.01 6.03 -79.01
N UNK U 401 -75.38 7.23 -78.58
CA UNK U 401 -75.07 8.41 -79.34
C UNK U 401 -73.57 8.46 -79.47
N UNK U 402 -72.91 8.14 -78.37
CA UNK U 402 -71.49 8.27 -78.27
C UNK U 402 -70.91 7.37 -79.31
N UNK U 403 -71.56 6.22 -79.49
CA UNK U 403 -71.03 5.23 -80.38
C UNK U 403 -70.91 5.88 -81.74
N UNK U 404 -71.89 6.74 -82.07
CA UNK U 404 -71.87 7.36 -83.36
C UNK U 404 -70.57 8.14 -83.45
N UNK U 405 -70.30 8.94 -82.45
CA UNK U 405 -69.23 9.90 -82.60
C UNK U 405 -68.00 9.09 -82.86
N UNK U 406 -67.87 7.99 -82.15
CA UNK U 406 -66.67 7.21 -82.27
C UNK U 406 -66.51 6.74 -83.71
N UNK U 407 -67.63 6.29 -84.28
CA UNK U 407 -67.55 5.59 -85.53
C UNK U 407 -66.97 6.52 -86.56
N UNK U 408 -67.43 7.76 -86.60
CA UNK U 408 -66.90 8.66 -87.59
C UNK U 408 -65.43 8.88 -87.29
N UNK U 409 -65.15 9.19 -86.04
CA UNK U 409 -63.82 9.60 -85.73
C UNK U 409 -62.91 8.44 -86.01
N UNK U 410 -63.29 7.26 -85.55
CA UNK U 410 -62.39 6.14 -85.70
C UNK U 410 -62.18 5.81 -87.16
N UNK U 411 -63.27 5.78 -87.91
CA UNK U 411 -63.14 5.56 -89.34
C UNK U 411 -62.45 6.79 -89.92
N UNK U 412 -62.58 7.92 -89.21
CA UNK U 412 -61.96 9.17 -89.63
C UNK U 412 -60.44 9.08 -89.63
N UNK U 413 -59.90 8.37 -88.64
CA UNK U 413 -58.46 8.23 -88.52
C UNK U 413 -58.09 7.08 -87.59
N UNK U 414 -55.95 26.27 -98.24
CA UNK U 414 -56.57 25.61 -97.10
C UNK U 414 -56.70 26.57 -95.94
N UNK U 415 -56.07 27.72 -96.05
CA UNK U 415 -56.02 28.61 -94.90
C UNK U 415 -57.45 29.00 -94.51
N UNK U 416 -58.28 29.28 -95.51
CA UNK U 416 -59.62 29.70 -95.22
C UNK U 416 -60.34 28.58 -94.50
N UNK U 417 -60.11 27.36 -94.93
CA UNK U 417 -60.79 26.24 -94.32
C UNK U 417 -60.41 26.11 -92.87
N UNK U 418 -59.18 26.41 -92.51
CA UNK U 418 -58.88 26.44 -91.09
C UNK U 418 -59.80 27.48 -90.46
N UNK U 419 -60.15 28.48 -91.26
CA UNK U 419 -60.89 29.62 -90.77
C UNK U 419 -62.23 29.23 -90.18
N UNK U 420 -62.92 28.31 -90.84
CA UNK U 420 -64.24 27.94 -90.36
C UNK U 420 -64.03 27.38 -88.98
N UNK U 421 -63.01 26.56 -88.84
CA UNK U 421 -62.79 25.90 -87.58
C UNK U 421 -62.51 26.88 -86.47
N UNK U 422 -61.68 27.87 -86.73
CA UNK U 422 -61.41 28.76 -85.64
C UNK U 422 -62.70 29.45 -85.24
N UNK U 423 -63.43 29.96 -86.21
CA UNK U 423 -64.58 30.77 -85.87
C UNK U 423 -65.62 29.96 -85.14
N UNK U 424 -65.96 28.80 -85.68
CA UNK U 424 -67.03 28.01 -85.09
C UNK U 424 -66.66 27.55 -83.69
N UNK U 425 -65.44 27.08 -83.52
CA UNK U 425 -65.02 26.61 -82.22
C UNK U 425 -65.02 27.73 -81.21
N UNK U 426 -64.50 28.88 -81.63
CA UNK U 426 -64.28 29.98 -80.71
C UNK U 426 -65.56 30.49 -80.09
N UNK U 427 -66.58 30.69 -80.91
CA UNK U 427 -67.85 31.10 -80.35
C UNK U 427 -68.32 29.95 -79.50
N UNK U 428 -68.16 28.73 -80.01
CA UNK U 428 -68.64 27.57 -79.31
C UNK U 428 -67.92 27.46 -78.00
N UNK U 429 -66.60 27.58 -78.07
CA UNK U 429 -65.79 27.45 -76.88
C UNK U 429 -66.08 28.58 -75.90
N UNK U 430 -66.23 29.77 -76.43
CA UNK U 430 -66.27 30.96 -75.61
C UNK U 430 -67.42 30.79 -74.65
N UNK U 431 -68.52 30.26 -75.19
CA UNK U 431 -69.82 30.25 -74.53
C UNK U 431 -69.70 29.51 -73.23
N UNK U 432 -68.88 28.47 -73.26
CA UNK U 432 -68.70 27.66 -72.08
C UNK U 432 -68.18 28.59 -71.01
N UNK U 433 -67.46 29.61 -71.43
CA UNK U 433 -66.90 30.50 -70.43
C UNK U 433 -68.04 31.06 -69.61
N UNK U 434 -69.13 31.46 -70.26
CA UNK U 434 -70.30 31.93 -69.54
C UNK U 434 -71.51 31.17 -70.04
N UNK U 435 -72.42 30.82 -69.17
CA UNK U 435 -73.65 30.23 -69.65
C UNK U 435 -74.75 31.27 -69.70
N UNK U 436 -74.46 32.46 -69.19
CA UNK U 436 -75.56 33.32 -68.83
C UNK U 436 -76.45 33.71 -69.99
N UNK U 437 -75.86 34.12 -71.10
CA UNK U 437 -76.68 34.59 -72.22
C UNK U 437 -77.51 33.43 -72.73
N UNK U 438 -76.87 32.27 -72.85
CA UNK U 438 -77.50 31.13 -73.44
C UNK U 438 -78.70 30.73 -72.63
N UNK U 439 -78.57 30.82 -71.31
CA UNK U 439 -79.65 30.36 -70.45
C UNK U 439 -80.99 30.90 -70.89
N UNK V 1 -59.88 55.19 -104.70
CA UNK V 1 -61.10 55.98 -104.89
C UNK V 1 -62.19 55.15 -105.57
N UNK V 2 -61.78 54.17 -106.35
CA UNK V 2 -62.72 53.31 -107.06
C UNK V 2 -63.58 52.51 -106.07
N UNK V 3 -62.96 52.04 -105.01
CA UNK V 3 -63.69 51.27 -104.00
C UNK V 3 -64.17 52.20 -102.90
N UNK V 4 -65.47 52.44 -102.87
CA UNK V 4 -66.03 53.35 -101.90
C UNK V 4 -67.53 53.25 -101.76
N UNK V 5 -68.20 52.92 -102.86
CA UNK V 5 -69.64 52.86 -102.82
C UNK V 5 -70.10 51.89 -101.75
N UNK V 6 -69.40 50.77 -101.62
CA UNK V 6 -69.78 49.76 -100.65
C UNK V 6 -69.63 50.28 -99.22
N UNK V 7 -68.57 51.01 -98.98
CA UNK V 7 -68.24 51.54 -97.65
C UNK V 7 -69.30 52.50 -97.08
N UNK V 8 -69.85 53.37 -97.92
CA UNK V 8 -70.85 54.30 -97.45
C UNK V 8 -72.20 53.69 -97.17
N UNK V 9 -72.66 52.81 -98.05
CA UNK V 9 -73.97 52.23 -97.83
C UNK V 9 -74.06 51.40 -96.56
N UNK V 10 -73.05 50.56 -96.30
CA UNK V 10 -73.11 49.71 -95.13
C UNK V 10 -73.19 50.51 -93.88
N UNK V 11 -72.37 51.55 -93.78
CA UNK V 11 -72.41 52.38 -92.59
C UNK V 11 -73.72 53.16 -92.49
N UNK V 12 -74.16 53.69 -93.63
CA UNK V 12 -75.37 54.51 -93.74
C UNK V 12 -76.68 53.83 -93.36
N UNK V 13 -76.82 52.55 -93.66
CA UNK V 13 -78.05 51.84 -93.34
C UNK V 13 -78.31 51.88 -91.83
N UNK V 14 -77.27 51.70 -91.04
CA UNK V 14 -77.41 51.74 -89.59
C UNK V 14 -77.91 53.11 -89.15
N UNK V 15 -77.36 54.16 -89.78
CA UNK V 15 -77.75 55.53 -89.47
C UNK V 15 -79.22 55.75 -89.79
N UNK V 16 -79.65 55.20 -90.93
CA UNK V 16 -81.04 55.32 -91.36
C UNK V 16 -81.94 54.63 -90.35
N UNK V 17 -81.50 53.49 -89.85
CA UNK V 17 -82.30 52.78 -88.87
C UNK V 17 -82.43 53.67 -87.65
N UNK V 18 -81.30 54.21 -87.23
CA UNK V 18 -81.29 55.05 -86.04
C UNK V 18 -82.27 56.20 -86.20
N UNK V 19 -82.25 56.82 -87.38
CA UNK V 19 -83.11 57.96 -87.67
C UNK V 19 -84.54 57.49 -87.57
N UNK V 20 -84.82 56.32 -88.14
CA UNK V 20 -86.16 55.77 -88.04
C UNK V 20 -86.43 55.40 -86.59
N UNK V 21 -85.44 54.78 -85.96
CA UNK V 21 -85.57 54.34 -84.57
C UNK V 21 -85.73 55.49 -83.58
N UNK V 22 -84.92 56.54 -83.72
CA UNK V 22 -85.06 57.67 -82.83
C UNK V 22 -86.44 58.23 -83.14
N UNK V 23 -86.70 58.36 -84.44
CA UNK V 23 -87.98 58.85 -84.95
C UNK V 23 -89.08 57.87 -84.57
N UNK V 24 -88.75 56.58 -84.65
CA UNK V 24 -89.70 55.52 -84.32
C UNK V 24 -90.10 55.68 -82.87
N UNK V 25 -89.15 56.06 -82.03
CA UNK V 25 -89.41 56.25 -80.62
C UNK V 25 -90.42 57.39 -80.48
N UNK V 26 -90.26 58.44 -81.30
CA UNK V 26 -91.17 59.57 -81.26
C UNK V 26 -92.58 59.12 -81.64
N UNK V 27 -92.67 58.29 -82.68
CA UNK V 27 -93.96 57.76 -83.10
C UNK V 27 -94.46 56.91 -81.95
N UNK V 28 -93.49 56.30 -81.26
CA UNK V 28 -93.74 55.53 -80.05
C UNK V 28 -94.06 56.51 -78.92
N UNK V 29 -93.89 57.80 -79.19
CA UNK V 29 -94.08 58.87 -78.22
C UNK V 29 -95.46 58.91 -77.58
N UNK V 30 -95.47 59.28 -76.30
CA UNK V 30 -96.69 59.29 -75.50
C UNK V 30 -96.64 58.30 -74.34
N UNK W 1 -56.17 38.26 -101.39
CA UNK W 1 -55.90 38.48 -99.98
C UNK W 1 -57.15 38.89 -99.22
N UNK W 2 -58.25 38.19 -99.38
CA UNK W 2 -59.43 38.48 -98.57
C UNK W 2 -59.13 38.06 -97.11
N UNK W 3 -58.12 37.21 -96.99
CA UNK W 3 -57.70 36.62 -95.73
C UNK W 3 -57.34 37.69 -94.73
N UNK W 4 -56.68 38.74 -95.18
CA UNK W 4 -56.31 39.80 -94.25
C UNK W 4 -57.62 40.32 -93.69
N UNK W 5 -58.62 40.37 -94.56
CA UNK W 5 -59.94 40.83 -94.18
C UNK W 5 -60.67 39.99 -93.15
N UNK W 6 -60.61 38.66 -93.28
CA UNK W 6 -61.35 37.82 -92.33
C UNK W 6 -60.92 37.93 -90.87
N UNK W 7 -59.62 37.94 -90.62
CA UNK W 7 -59.07 38.02 -89.27
C UNK W 7 -59.35 39.30 -88.48
N UNK W 8 -59.32 40.45 -89.15
CA UNK W 8 -59.58 41.73 -88.46
C UNK W 8 -61.01 41.76 -87.97
N UNK W 9 -61.92 41.25 -88.81
CA UNK W 9 -63.34 41.15 -88.47
C UNK W 9 -63.48 40.17 -87.32
N UNK W 10 -62.66 39.13 -87.37
CA UNK W 10 -62.57 38.05 -86.40
C UNK W 10 -62.25 38.62 -85.04
N UNK W 11 -61.42 39.66 -85.01
CA UNK W 11 -61.07 40.27 -83.74
C UNK W 11 -62.38 40.72 -83.11
N UNK W 12 -63.26 41.29 -83.93
CA UNK W 12 -64.56 41.68 -83.43
C UNK W 12 -64.98 40.64 -82.40
N UNK W 13 -64.67 39.39 -82.67
CA UNK W 13 -65.03 38.32 -81.76
C UNK W 13 -64.37 38.52 -80.40
N UNK W 14 -63.09 38.87 -80.41
CA UNK W 14 -62.36 39.11 -79.17
C UNK W 14 -62.93 40.29 -78.43
N UNK W 15 -63.27 41.31 -79.22
CA UNK W 15 -63.83 42.56 -78.72
C UNK W 15 -65.13 42.30 -78.00
N UNK W 16 -65.84 41.26 -78.44
CA UNK W 16 -67.12 40.96 -77.84
C UNK W 16 -66.99 40.71 -76.35
N UNK W 17 -65.98 39.95 -75.94
CA UNK W 17 -65.88 39.74 -74.50
C UNK W 17 -66.12 41.08 -73.87
N UNK W 18 -65.65 42.12 -74.53
CA UNK W 18 -65.82 43.46 -74.03
C UNK W 18 -67.31 43.73 -73.98
N UNK W 19 -68.03 43.30 -75.00
CA UNK W 19 -69.47 43.52 -75.08
C UNK W 19 -70.18 42.84 -73.93
N UNK W 20 -69.71 41.65 -73.60
CA UNK W 20 -70.25 40.83 -72.54
C UNK W 20 -70.12 41.42 -71.13
N UNK W 21 -69.15 42.29 -70.90
CA UNK W 21 -68.98 42.75 -69.52
C UNK W 21 -70.11 43.69 -69.11
N UNK W 22 -71.16 43.77 -69.92
CA UNK W 22 -72.30 44.65 -69.67
C UNK W 22 -72.69 44.69 -68.20
N UNK X 1 -61.63 51.87 -59.48
CA UNK X 1 -60.42 52.64 -59.72
C UNK X 1 -60.31 53.06 -61.18
N UNK X 2 -60.49 54.35 -61.43
CA UNK X 2 -60.41 54.86 -62.77
C UNK X 2 -59.01 54.54 -63.25
N UNK X 3 -58.07 54.64 -62.33
CA UNK X 3 -56.68 54.34 -62.61
C UNK X 3 -56.49 52.91 -63.03
N UNK X 4 -57.25 52.00 -62.40
CA UNK X 4 -57.21 50.56 -62.66
C UNK X 4 -57.72 50.05 -64.02
N UNK X 5 -58.78 50.67 -64.52
CA UNK X 5 -59.43 50.24 -65.76
C UNK X 5 -58.53 50.30 -66.99
N UNK X 6 -57.72 51.35 -67.11
CA UNK X 6 -56.86 51.44 -68.28
C UNK X 6 -55.91 50.25 -68.29
N UNK X 7 -55.38 49.91 -67.12
CA UNK X 7 -54.48 48.77 -67.01
C UNK X 7 -55.18 47.45 -67.32
N UNK X 8 -56.39 47.27 -66.80
CA UNK X 8 -57.15 46.02 -67.03
C UNK X 8 -57.55 45.75 -68.48
N UNK X 9 -57.98 46.82 -69.15
CA UNK X 9 -58.46 46.82 -70.51
C UNK X 9 -57.38 47.29 -71.47
N UNK X 10 -56.57 48.23 -71.03
CA UNK X 10 -55.52 48.79 -71.87
C UNK X 10 -54.67 47.61 -72.30
N UNK X 11 -54.55 46.65 -71.41
CA UNK X 11 -53.77 45.47 -71.69
C UNK X 11 -54.42 44.84 -72.92
N UNK X 12 -55.70 45.16 -73.05
CA UNK X 12 -56.60 44.70 -74.10
C UNK X 12 -56.15 45.11 -75.48
N UNK X 13 -55.58 46.29 -75.59
CA UNK X 13 -55.13 46.76 -76.88
C UNK X 13 -54.15 45.73 -77.39
N UNK X 14 -53.32 45.20 -76.51
CA UNK X 14 -52.36 44.19 -76.92
C UNK X 14 -53.19 43.04 -77.44
N UNK X 15 -54.35 42.85 -76.82
CA UNK X 15 -55.27 41.77 -77.15
C UNK X 15 -55.76 41.81 -78.60
N UNK X 16 -56.00 42.99 -79.13
CA UNK X 16 -56.45 43.08 -80.52
C UNK X 16 -55.31 42.48 -81.34
N UNK X 17 -54.09 42.86 -80.99
CA UNK X 17 -52.89 42.35 -81.65
C UNK X 17 -52.75 40.86 -81.35
N UNK X 18 -53.07 40.49 -80.12
CA UNK X 18 -52.98 39.11 -79.65
C UNK X 18 -53.95 38.20 -80.41
N UNK X 19 -55.14 38.71 -80.67
CA UNK X 19 -56.15 37.93 -81.38
C UNK X 19 -55.62 37.60 -82.77
N UNK X 20 -54.94 38.57 -83.38
CA UNK X 20 -54.35 38.38 -84.70
C UNK X 20 -53.30 37.28 -84.66
N UNK X 21 -52.51 37.25 -83.60
CA UNK X 21 -51.46 36.24 -83.46
C UNK X 21 -51.96 34.83 -83.74
N UNK X 22 -53.20 34.55 -83.34
CA UNK X 22 -53.79 33.23 -83.53
C UNK X 22 -53.82 32.92 -85.03
N UNK X 23 -54.11 33.93 -85.84
CA UNK X 23 -54.17 33.77 -87.28
C UNK X 23 -52.79 33.47 -87.86
N UNK X 24 -51.77 34.10 -87.29
CA UNK X 24 -50.40 33.90 -87.76
C UNK X 24 -49.96 32.45 -87.56
N UNK X 25 -50.37 31.87 -86.44
CA UNK X 25 -50.03 30.49 -86.09
C UNK X 25 -50.62 29.42 -87.01
N UNK X 26 -51.83 29.63 -87.49
CA UNK X 26 -52.45 28.63 -88.35
C UNK X 26 -51.58 28.48 -89.59
N UNK X 27 -50.99 29.58 -90.03
CA UNK X 27 -50.15 29.63 -91.22
C UNK X 27 -48.94 28.72 -91.09
N UNK X 28 -48.59 28.37 -89.86
CA UNK X 28 -47.44 27.53 -89.64
C UNK X 28 -47.62 26.18 -90.33
N UNK X 29 -48.87 25.82 -90.61
CA UNK X 29 -49.15 24.56 -91.29
C UNK X 29 -48.28 24.38 -92.53
N UNK X 30 -48.40 25.30 -93.48
CA UNK X 30 -47.62 25.22 -94.71
C UNK X 30 -46.52 26.26 -94.74
N UNK Y 1 -17.03 25.00 -64.49
CA UNK Y 1 -16.20 24.08 -63.71
C UNK Y 1 -17.34 23.25 -63.12
N UNK Y 2 -17.47 23.26 -61.80
CA UNK Y 2 -18.68 22.71 -61.25
C UNK Y 2 -19.72 23.54 -61.99
N UNK Y 3 -20.84 22.92 -62.34
CA UNK Y 3 -21.77 23.49 -63.31
C UNK Y 3 -22.98 24.19 -62.69
N UNK Y 4 -22.86 24.46 -61.40
CA UNK Y 4 -23.92 25.02 -60.55
C UNK Y 4 -24.56 26.37 -60.85
N UNK Y 5 -23.81 27.37 -61.29
CA UNK Y 5 -24.42 28.68 -61.51
C UNK Y 5 -25.54 28.66 -62.56
N UNK Y 6 -25.32 28.00 -63.68
CA UNK Y 6 -26.35 27.95 -64.72
C UNK Y 6 -27.61 27.26 -64.22
N UNK Y 7 -27.41 26.15 -63.50
CA UNK Y 7 -28.53 25.40 -62.96
C UNK Y 7 -29.31 26.25 -61.97
N UNK Y 8 -28.58 27.00 -61.14
CA UNK Y 8 -29.25 27.84 -60.14
C UNK Y 8 -30.12 28.91 -60.78
N UNK Y 9 -29.62 29.52 -61.85
CA UNK Y 9 -30.37 30.56 -62.53
C UNK Y 9 -31.65 30.01 -63.14
N UNK Y 10 -31.55 28.82 -63.75
CA UNK Y 10 -32.72 28.20 -64.37
C UNK Y 10 -33.77 27.88 -63.32
N UNK Y 11 -33.32 27.38 -62.17
CA UNK Y 11 -34.22 27.04 -61.09
C UNK Y 11 -34.92 28.30 -60.59
N UNK Y 12 -34.15 29.39 -60.48
CA UNK Y 12 -34.70 30.65 -60.02
C UNK Y 12 -35.77 31.12 -61.00
N UNK Y 13 -35.49 30.98 -62.28
CA UNK Y 13 -36.42 31.39 -63.32
C UNK Y 13 -37.71 30.58 -63.22
N UNK Y 14 -37.58 29.28 -62.97
CA UNK Y 14 -38.76 28.43 -62.84
C UNK Y 14 -39.58 28.88 -61.65
N UNK Y 15 -38.87 29.18 -60.56
CA UNK Y 15 -39.41 29.62 -59.27
C UNK Y 15 -40.06 31.00 -59.32
N UNK Y 16 -39.69 31.81 -60.30
CA UNK Y 16 -40.21 33.16 -60.44
C UNK Y 16 -41.73 33.10 -60.59
N UNK Y 17 -42.19 32.02 -61.20
CA UNK Y 17 -43.61 31.76 -61.42
C UNK Y 17 -44.34 31.68 -60.09
N UNK Y 18 -43.64 31.21 -59.07
CA UNK Y 18 -44.21 31.07 -57.74
C UNK Y 18 -44.69 32.43 -57.25
N UNK Y 19 -43.93 33.48 -57.57
CA UNK Y 19 -44.32 34.84 -57.19
C UNK Y 19 -45.65 35.19 -57.86
N UNK Y 20 -45.79 34.77 -59.11
CA UNK Y 20 -47.00 35.02 -59.88
C UNK Y 20 -48.19 34.31 -59.24
N UNK Y 21 -47.96 33.08 -58.77
CA UNK Y 21 -48.98 32.30 -58.11
C UNK Y 21 -49.39 33.01 -56.81
N UNK Y 22 -48.39 33.56 -56.15
CA UNK Y 22 -48.57 34.29 -54.90
C UNK Y 22 -49.45 35.51 -55.14
N UNK Y 23 -49.47 35.99 -56.36
CA UNK Y 23 -50.34 37.12 -56.67
C UNK Y 23 -51.73 36.73 -56.18
N UNK Y 24 -51.98 35.43 -56.07
CA UNK Y 24 -53.26 34.89 -55.56
C UNK Y 24 -53.40 35.37 -54.11
N UNK Y 25 -52.27 35.76 -53.53
CA UNK Y 25 -52.24 36.37 -52.21
C UNK Y 25 -53.02 37.67 -52.42
N UNK Y 26 -52.74 38.31 -53.57
CA UNK Y 26 -53.40 39.52 -54.02
C UNK Y 26 -54.86 39.13 -54.23
N UNK Y 27 -55.08 37.87 -54.59
CA UNK Y 27 -56.42 37.34 -54.80
C UNK Y 27 -57.10 37.56 -53.46
N UNK Y 28 -56.35 37.42 -52.39
CA UNK Y 28 -56.91 37.66 -51.08
C UNK Y 28 -57.24 39.11 -51.28
N UNK Y 29 -58.16 39.64 -50.50
CA UNK Y 29 -58.64 41.02 -50.63
C UNK Y 29 -59.82 41.10 -51.56
N UNK Y 30 -60.35 39.95 -51.98
CA UNK Y 30 -61.54 39.97 -52.84
C UNK Y 30 -62.08 38.57 -53.10
N UNK Z 1 -22.00 -1.17 -64.62
CA UNK Z 1 -22.66 -2.22 -63.86
C UNK Z 1 -22.29 -2.13 -62.38
N UNK Z 2 -21.12 -1.56 -62.11
CA UNK Z 2 -20.63 -1.43 -60.75
C UNK Z 2 -21.62 -0.56 -59.96
N UNK Z 3 -22.25 0.42 -60.60
CA UNK Z 3 -23.30 1.17 -59.89
C UNK Z 3 -24.49 0.26 -59.53
N UNK Z 4 -24.78 -0.64 -60.45
CA UNK Z 4 -25.93 -1.52 -60.36
C UNK Z 4 -25.76 -2.35 -59.10
N UNK Z 5 -24.53 -2.69 -58.77
CA UNK Z 5 -24.28 -3.47 -57.57
C UNK Z 5 -24.75 -2.71 -56.33
N UNK Z 6 -24.47 -1.41 -56.26
CA UNK Z 6 -24.92 -0.59 -55.13
C UNK Z 6 -26.44 -0.54 -55.05
N UNK Z 7 -27.05 -0.44 -56.23
CA UNK Z 7 -28.51 -0.42 -56.26
C UNK Z 7 -29.07 -1.74 -55.71
N UNK Z 8 -28.47 -2.86 -56.12
CA UNK Z 8 -28.92 -4.17 -55.69
C UNK Z 8 -28.74 -4.24 -54.18
N UNK Z 9 -27.66 -3.63 -53.76
CA UNK Z 9 -27.18 -3.60 -52.40
C UNK Z 9 -28.20 -2.98 -51.47
N UNK Z 10 -28.78 -1.89 -51.90
CA UNK Z 10 -29.72 -1.16 -51.09
C UNK Z 10 -30.87 -2.08 -50.80
N UNK Z 11 -31.15 -2.94 -51.78
CA UNK Z 11 -32.25 -3.86 -51.70
C UNK Z 11 -32.10 -4.61 -50.41
N UNK Z 12 -30.86 -4.81 -50.01
CA UNK Z 12 -30.60 -5.50 -48.79
C UNK Z 12 -31.29 -4.73 -47.68
N UNK Z 13 -31.30 -3.42 -47.77
CA UNK Z 13 -31.87 -2.65 -46.69
C UNK Z 13 -33.30 -3.04 -46.42
N UNK Z 14 -34.15 -3.12 -47.44
CA UNK Z 14 -35.51 -3.51 -47.08
C UNK Z 14 -35.52 -4.54 -45.97
N UNK Z 15 -34.70 -5.56 -46.11
CA UNK Z 15 -34.69 -6.61 -45.12
C UNK Z 15 -34.25 -5.96 -43.85
N UNK Z 16 -33.33 -5.03 -43.98
CA UNK Z 16 -32.85 -4.30 -42.83
C UNK Z 16 -34.07 -3.64 -42.23
N UNK Z 17 -35.01 -3.26 -43.08
CA UNK Z 17 -36.25 -2.63 -42.66
C UNK Z 17 -36.99 -3.58 -41.75
N UNK Z 18 -37.03 -4.82 -42.19
CA UNK Z 18 -37.81 -5.86 -41.54
C UNK Z 18 -37.30 -6.19 -40.15
N UNK Z 19 -35.99 -6.34 -40.04
CA UNK Z 19 -35.44 -6.76 -38.76
C UNK Z 19 -35.67 -5.69 -37.70
N UNK Z 20 -35.43 -4.45 -38.06
CA UNK Z 20 -35.64 -3.38 -37.11
C UNK Z 20 -37.11 -3.38 -36.81
N UNK Z 21 -37.88 -3.66 -37.83
CA UNK Z 21 -39.33 -3.63 -37.76
C UNK Z 21 -39.84 -4.62 -36.75
N UNK Z 22 -39.23 -5.80 -36.74
CA UNK Z 22 -39.62 -6.87 -35.83
C UNK Z 22 -40.54 -6.34 -34.71
N UNK Z 23 -40.11 -6.51 -33.46
CA UNK Z 23 -40.86 -6.13 -32.24
C UNK Z 23 -42.31 -5.67 -32.42
N UNK Z 24 -42.50 -4.38 -32.68
CA UNK Z 24 -43.84 -3.83 -32.84
C UNK Z 24 -44.54 -4.46 -34.04
N UNK Z 25 -43.81 -4.65 -35.13
CA UNK Z 25 -44.36 -5.26 -36.34
C UNK Z 25 -44.79 -6.69 -36.04
N UNK Z 26 -43.98 -7.42 -35.27
CA UNK Z 26 -44.31 -8.78 -34.88
C UNK Z 26 -45.58 -8.80 -34.03
N UNK Z 27 -45.69 -7.83 -33.13
CA UNK Z 27 -46.88 -7.71 -32.29
C UNK Z 27 -48.11 -7.46 -33.14
N UNK Z 28 -47.96 -6.62 -34.16
CA UNK Z 28 -49.05 -6.33 -35.08
C UNK Z 28 -49.47 -7.58 -35.84
N UNK AA 1 -32.32 -20.16 -58.27
CA UNK AA 1 -32.36 -20.11 -56.82
C UNK AA 1 -33.68 -19.53 -56.30
N UNK AA 2 -34.67 -20.40 -56.18
CA UNK AA 2 -36.04 -20.06 -55.80
C UNK AA 2 -36.16 -19.48 -54.40
N UNK AA 3 -35.03 -19.38 -53.72
CA UNK AA 3 -34.95 -18.86 -52.37
C UNK AA 3 -35.45 -17.42 -52.26
N UNK AA 4 -35.20 -16.58 -53.26
CA UNK AA 4 -35.65 -15.21 -53.18
C UNK AA 4 -35.01 -14.63 -51.93
N UNK AA 5 -33.74 -14.95 -51.80
CA UNK AA 5 -32.93 -14.57 -50.68
C UNK AA 5 -32.13 -13.30 -50.97
N UNK AA 6 -32.62 -12.45 -51.86
CA UNK AA 6 -31.83 -11.32 -52.37
C UNK AA 6 -30.94 -10.51 -51.44
N UNK AA 7 -31.37 -10.10 -50.24
CA UNK AA 7 -30.46 -9.37 -49.35
C UNK AA 7 -29.74 -10.44 -48.53
N UNK AA 8 -28.43 -10.33 -48.48
CA UNK AA 8 -27.61 -11.22 -47.74
C UNK AA 8 -27.68 -10.67 -46.35
N UNK AA 9 -26.76 -11.18 -45.55
CA UNK AA 9 -26.66 -10.97 -44.12
C UNK AA 9 -26.24 -9.63 -43.56
N UNK AA 10 -25.73 -8.72 -44.37
CA UNK AA 10 -25.28 -7.45 -43.82
C UNK AA 10 -26.44 -6.82 -43.09
N UNK AA 11 -27.61 -6.90 -43.70
CA UNK AA 11 -28.78 -6.34 -43.07
C UNK AA 11 -29.02 -7.03 -41.75
N UNK AA 12 -28.92 -8.36 -41.74
CA UNK AA 12 -29.15 -9.12 -40.52
C UNK AA 12 -28.12 -8.82 -39.45
N UNK AA 13 -26.85 -8.77 -39.84
CA UNK AA 13 -25.78 -8.46 -38.90
C UNK AA 13 -25.93 -7.03 -38.41
N UNK AA 14 -26.25 -6.14 -39.34
CA UNK AA 14 -26.43 -4.73 -39.03
C UNK AA 14 -27.61 -4.58 -38.09
N UNK AA 15 -28.68 -5.32 -38.37
CA UNK AA 15 -29.87 -5.25 -37.54
C UNK AA 15 -29.56 -5.72 -36.13
N UNK AA 16 -28.77 -6.79 -36.03
CA UNK AA 16 -28.39 -7.33 -34.74
C UNK AA 16 -27.59 -6.30 -33.96
N UNK AA 17 -26.67 -5.64 -34.65
CA UNK AA 17 -25.84 -4.62 -34.02
C UNK AA 17 -26.69 -3.46 -33.53
N UNK AA 18 -27.68 -3.10 -34.35
CA UNK AA 18 -28.59 -2.01 -34.03
C UNK AA 18 -29.35 -2.41 -32.78
N UNK AA 19 -29.78 -3.67 -32.73
CA UNK AA 19 -30.49 -4.18 -31.56
C UNK AA 19 -29.50 -4.15 -30.40
N UNK AA 20 -28.28 -4.58 -30.69
CA UNK AA 20 -27.20 -4.61 -29.71
C UNK AA 20 -26.89 -3.20 -29.26
N UNK AA 21 -26.94 -2.28 -30.22
CA UNK AA 21 -26.73 -0.87 -29.98
C UNK AA 21 -27.83 -0.37 -29.06
N UNK AA 22 -29.03 -0.87 -29.30
CA UNK AA 22 -30.18 -0.46 -28.50
C UNK AA 22 -29.96 -0.91 -27.06
N UNK AA 23 -29.45 -2.12 -26.89
CA UNK AA 23 -29.20 -2.64 -25.56
C UNK AA 23 -28.11 -1.81 -24.87
N UNK AA 24 -27.10 -1.43 -25.64
CA UNK AA 24 -26.00 -0.67 -25.10
C UNK AA 24 -26.55 0.64 -24.60
N UNK AA 25 -27.49 1.19 -25.36
CA UNK AA 25 -28.12 2.44 -24.97
C UNK AA 25 -28.88 2.19 -23.68
N UNK AA 26 -29.14 0.92 -23.38
CA UNK AA 26 -29.86 0.52 -22.17
C UNK AA 26 -29.13 0.88 -20.88
N UNK AA 27 -27.82 0.74 -20.89
CA UNK AA 27 -27.02 1.04 -19.70
C UNK AA 27 -27.17 2.50 -19.31
N UNK AA 28 -27.20 3.38 -20.31
CA UNK AA 28 -27.35 4.81 -20.06
C UNK AA 28 -28.77 5.28 -20.30
N UNK BA 1 -72.49 -21.05 -63.61
CA UNK BA 1 -72.27 -21.80 -62.38
C UNK BA 1 -71.68 -20.86 -61.32
N UNK BA 2 -70.87 -19.91 -61.75
CA UNK BA 2 -70.38 -18.91 -60.83
C UNK BA 2 -71.61 -18.20 -60.31
N UNK BA 3 -72.56 -17.98 -61.21
CA UNK BA 3 -73.81 -17.32 -60.86
C UNK BA 3 -74.61 -18.10 -59.83
N UNK BA 4 -74.62 -19.42 -59.99
CA UNK BA 4 -75.27 -20.33 -59.05
C UNK BA 4 -74.62 -20.29 -57.69
N UNK BA 5 -73.32 -20.01 -57.67
CA UNK BA 5 -72.63 -19.67 -56.43
C UNK BA 5 -73.30 -18.41 -55.93
N UNK BA 6 -73.66 -17.56 -56.89
CA UNK BA 6 -74.34 -16.31 -56.60
C UNK BA 6 -75.62 -16.64 -55.87
N UNK BA 7 -76.24 -17.76 -56.22
CA UNK BA 7 -77.42 -18.25 -55.52
C UNK BA 7 -77.11 -18.55 -54.06
N UNK BA 8 -75.92 -19.12 -53.82
CA UNK BA 8 -75.47 -19.39 -52.47
C UNK BA 8 -75.33 -18.09 -51.68
N UNK BA 9 -74.81 -17.06 -52.34
CA UNK BA 9 -74.70 -15.73 -51.74
C UNK BA 9 -76.09 -15.17 -51.43
N UNK BA 10 -77.03 -15.53 -52.31
CA UNK BA 10 -78.43 -15.12 -52.21
C UNK BA 10 -78.97 -15.65 -50.90
N UNK BA 11 -78.56 -16.87 -50.58
CA UNK BA 11 -78.98 -17.43 -49.33
C UNK BA 11 -77.82 -17.02 -48.44
N UNK BA 12 -78.12 -16.20 -47.44
CA UNK BA 12 -77.09 -15.73 -46.53
C UNK BA 12 -77.52 -15.81 -45.07
N UNK BA 13 -76.54 -15.84 -44.17
CA UNK BA 13 -76.84 -15.92 -42.74
C UNK BA 13 -77.91 -16.95 -42.45
N UNK CA 1 -26.83 -6.13 -92.38
CA UNK CA 1 -25.48 -6.40 -92.87
C UNK CA 1 -25.22 -7.91 -92.96
N UNK CA 2 -24.17 -8.25 -93.71
CA UNK CA 2 -23.85 -9.60 -94.13
C UNK CA 2 -23.56 -10.50 -92.94
N UNK CA 3 -23.24 -9.88 -91.81
CA UNK CA 3 -22.92 -10.62 -90.60
C UNK CA 3 -24.14 -11.48 -90.31
N UNK CA 4 -25.31 -10.95 -90.63
CA UNK CA 4 -26.52 -11.73 -90.45
C UNK CA 4 -26.37 -12.98 -91.31
N UNK CA 5 -25.84 -12.82 -92.52
CA UNK CA 5 -25.43 -13.99 -93.27
C UNK CA 5 -24.63 -14.91 -92.35
N UNK CA 6 -23.76 -14.31 -91.55
CA UNK CA 6 -22.94 -15.05 -90.61
C UNK CA 6 -23.79 -15.78 -89.59
N UNK CA 7 -24.82 -15.11 -89.11
CA UNK CA 7 -25.71 -15.70 -88.13
C UNK CA 7 -26.40 -16.92 -88.73
N UNK CA 8 -26.85 -16.73 -89.96
CA UNK CA 8 -27.59 -17.80 -90.60
C UNK CA 8 -26.64 -18.97 -90.72
N UNK CA 9 -25.40 -18.68 -91.06
CA UNK CA 9 -24.39 -19.72 -91.25
C UNK CA 9 -24.12 -20.49 -89.96
N UNK CA 10 -24.02 -19.77 -88.85
CA UNK CA 10 -23.78 -20.42 -87.58
C UNK CA 10 -24.94 -21.37 -87.29
N UNK CA 11 -26.15 -20.88 -87.54
CA UNK CA 11 -27.33 -21.71 -87.27
C UNK CA 11 -27.34 -22.97 -88.13
N UNK CA 12 -27.00 -22.80 -89.40
CA UNK CA 12 -27.00 -23.91 -90.33
C UNK CA 12 -25.98 -24.94 -89.87
N UNK CA 13 -24.85 -24.43 -89.38
CA UNK CA 13 -23.77 -25.29 -88.95
C UNK CA 13 -24.28 -26.13 -87.79
N UNK CA 14 -24.82 -25.49 -86.76
CA UNK CA 14 -25.13 -26.22 -85.54
C UNK CA 14 -26.16 -27.32 -85.76
N UNK CA 15 -27.21 -27.01 -86.51
CA UNK CA 15 -28.28 -27.97 -86.75
C UNK CA 15 -27.86 -29.21 -87.52
N UNK CA 16 -27.05 -29.04 -88.55
CA UNK CA 16 -26.66 -30.20 -89.30
C UNK CA 16 -27.88 -30.54 -90.14
N UNK CA 17 -27.86 -31.66 -90.84
CA UNK CA 17 -26.70 -32.54 -90.85
C UNK CA 17 -25.71 -32.05 -91.89
N UNK CA 18 -26.04 -30.93 -92.54
CA UNK CA 18 -25.22 -30.37 -93.58
C UNK CA 18 -23.79 -30.07 -93.15
N UNK CA 19 -22.87 -30.39 -94.05
CA UNK CA 19 -21.44 -30.20 -93.83
C UNK CA 19 -21.18 -28.85 -93.20
N UNK CA 20 -20.22 -28.79 -92.31
CA UNK CA 20 -19.91 -27.56 -91.59
C UNK CA 20 -19.61 -26.36 -92.49
N UNK CA 21 -18.84 -26.57 -93.55
CA UNK CA 21 -18.48 -25.49 -94.46
C UNK CA 21 -19.12 -25.71 -95.83
N UNK CA 22 -20.20 -26.47 -95.83
CA UNK CA 22 -20.88 -26.87 -97.05
C UNK CA 22 -21.50 -25.86 -98.03
N UNK CA 23 -22.16 -24.81 -97.55
CA UNK CA 23 -22.79 -23.84 -98.45
C UNK CA 23 -22.47 -22.41 -98.06
N UNK CA 24 -22.09 -21.59 -99.03
CA UNK CA 24 -21.81 -20.19 -98.69
C UNK CA 24 -22.28 -19.14 -99.69
N UNK CA 25 -23.59 -18.99 -99.89
CA UNK CA 25 -24.62 -19.82 -99.31
C UNK CA 25 -25.42 -20.42 -100.46
N UNK CA 26 -24.74 -20.57 -101.59
CA UNK CA 26 -25.33 -21.06 -102.84
C UNK CA 26 -25.87 -22.49 -102.81
N UNK CA 27 -25.40 -23.31 -101.88
CA UNK CA 27 -25.86 -24.67 -101.83
C UNK CA 27 -27.36 -24.88 -101.58
N UNK CA 28 -27.86 -25.84 -102.33
CA UNK CA 28 -29.22 -26.36 -102.33
C UNK CA 28 -29.64 -26.69 -100.91
N UNK CA 29 -30.85 -26.30 -100.54
CA UNK CA 29 -31.30 -26.43 -99.21
C UNK CA 29 -31.76 -27.83 -99.06
N UNK CA 30 -32.46 -28.29 -100.07
CA UNK CA 30 -32.85 -29.66 -100.09
C UNK CA 30 -31.58 -30.28 -100.52
N UNK CA 31 -31.27 -29.95 -101.76
CA UNK CA 31 -30.34 -30.67 -102.58
C UNK CA 31 -29.00 -30.85 -101.93
N UNK CA 32 -28.37 -29.74 -101.65
CA UNK CA 32 -26.97 -29.80 -101.35
C UNK CA 32 -26.69 -30.15 -99.92
N UNK CA 33 -27.67 -30.72 -99.23
CA UNK CA 33 -27.45 -31.02 -97.82
C UNK CA 33 -28.32 -32.15 -97.39
N UNK CA 34 -29.03 -32.67 -98.35
CA UNK CA 34 -29.78 -33.86 -98.05
C UNK CA 34 -30.87 -33.49 -97.09
N UNK CA 35 -31.50 -32.37 -97.38
CA UNK CA 35 -32.56 -31.88 -96.54
C UNK CA 35 -33.79 -32.77 -96.61
N UNK CA 36 -34.61 -32.78 -95.56
CA UNK CA 36 -35.84 -33.55 -95.58
C UNK CA 36 -36.94 -32.53 -95.76
N UNK CA 37 -38.00 -32.89 -96.47
CA UNK CA 37 -39.08 -31.93 -96.68
C UNK CA 37 -39.58 -31.57 -95.30
N UNK CA 38 -39.71 -32.59 -94.45
CA UNK CA 38 -40.13 -32.36 -93.09
C UNK CA 38 -39.00 -31.54 -92.49
N UNK CA 39 -37.79 -31.91 -92.86
CA UNK CA 39 -36.60 -31.23 -92.37
C UNK CA 39 -36.56 -29.78 -92.81
N UNK CA 40 -37.00 -29.51 -94.02
CA UNK CA 40 -36.97 -28.15 -94.51
C UNK CA 40 -37.80 -27.30 -93.58
N UNK CA 41 -38.90 -27.86 -93.12
CA UNK CA 41 -39.76 -27.12 -92.23
C UNK CA 41 -38.98 -26.76 -90.98
N UNK CA 42 -38.21 -27.70 -90.47
CA UNK CA 42 -37.45 -27.42 -89.27
C UNK CA 42 -36.52 -26.28 -89.62
N UNK CA 43 -35.99 -26.32 -90.83
CA UNK CA 43 -35.09 -25.27 -91.24
C UNK CA 43 -35.84 -23.97 -91.16
N UNK CA 44 -37.08 -23.99 -91.63
CA UNK CA 44 -37.87 -22.78 -91.56
C UNK CA 44 -38.02 -22.48 -90.09
N UNK CA 45 -38.27 -23.53 -89.31
CA UNK CA 45 -38.41 -23.38 -87.87
C UNK CA 45 -37.17 -22.69 -87.39
N UNK CA 46 -36.03 -23.25 -87.77
CA UNK CA 46 -34.77 -22.64 -87.37
C UNK CA 46 -34.63 -21.17 -87.78
N UNK CA 47 -35.10 -20.86 -88.97
CA UNK CA 47 -35.10 -19.49 -89.43
C UNK CA 47 -35.98 -18.72 -88.46
N UNK CA 48 -37.05 -19.39 -88.04
CA UNK CA 48 -37.99 -18.87 -87.06
C UNK CA 48 -37.38 -18.63 -85.68
N UNK CA 49 -36.52 -19.53 -85.25
CA UNK CA 49 -35.79 -19.35 -84.01
C UNK CA 49 -34.93 -18.11 -84.14
N UNK CA 50 -34.33 -17.94 -85.32
CA UNK CA 50 -33.49 -16.76 -85.53
C UNK CA 50 -34.36 -15.52 -85.39
N UNK CA 51 -35.53 -15.56 -86.01
CA UNK CA 51 -36.39 -14.39 -86.01
C UNK CA 51 -37.87 -14.71 -85.77
N UNK CA 52 -38.54 -13.77 -85.11
CA UNK CA 52 -39.99 -13.80 -84.90
C UNK CA 52 -40.74 -13.71 -86.22
N UNK CA 53 -40.22 -12.90 -87.13
CA UNK CA 53 -40.98 -12.53 -88.32
C UNK CA 53 -41.35 -13.73 -89.17
N UNK CA 54 -40.43 -14.66 -89.35
CA UNK CA 54 -40.73 -15.85 -90.13
C UNK CA 54 -41.21 -15.47 -91.53
N UNK CA 55 -42.28 -16.12 -91.95
CA UNK CA 55 -42.87 -15.79 -93.22
C UNK CA 55 -44.28 -16.28 -93.21
N UNK CA 56 -45.04 -15.81 -94.18
CA UNK CA 56 -46.31 -16.38 -94.49
C UNK CA 56 -45.91 -17.72 -95.07
N UNK CA 57 -46.87 -18.59 -95.36
CA UNK CA 57 -46.52 -19.90 -95.89
C UNK CA 57 -45.78 -19.72 -97.21
N UNK CA 58 -46.23 -18.75 -97.98
CA UNK CA 58 -45.71 -18.56 -99.33
C UNK CA 58 -44.21 -18.27 -99.28
N UNK CA 59 -43.76 -17.49 -98.31
CA UNK CA 59 -42.36 -17.17 -98.21
C UNK CA 59 -41.52 -18.43 -97.97
N UNK CA 60 -42.04 -19.30 -97.11
CA UNK CA 60 -41.35 -20.54 -96.81
C UNK CA 60 -41.24 -21.38 -98.07
N UNK CA 61 -42.33 -21.43 -98.82
CA UNK CA 61 -42.33 -22.22 -100.05
C UNK CA 61 -41.30 -21.66 -101.03
N UNK CA 62 -41.21 -20.34 -101.10
CA UNK CA 62 -40.25 -19.68 -101.96
C UNK CA 62 -38.80 -19.99 -101.60
N UNK CA 63 -38.49 -20.02 -100.31
CA UNK CA 63 -37.10 -20.22 -99.89
C UNK CA 63 -36.55 -21.59 -100.33
N UNK CA 64 -35.29 -21.63 -100.78
CA UNK CA 64 -34.76 -22.84 -101.36
C UNK CA 64 -33.25 -22.74 -101.16
N UNK CA 65 -32.80 -21.48 -101.11
CA UNK CA 65 -31.42 -21.08 -100.98
C UNK CA 65 -31.20 -20.15 -99.79
N UNK CA 66 -30.15 -20.43 -99.04
CA UNK CA 66 -29.83 -19.69 -97.83
C UNK CA 66 -29.56 -18.22 -98.14
N UNK CA 67 -28.88 -17.95 -99.24
CA UNK CA 67 -28.61 -16.58 -99.61
C UNK CA 67 -29.94 -15.88 -99.83
N UNK CA 68 -30.87 -16.60 -100.45
CA UNK CA 68 -32.18 -16.04 -100.73
C UNK CA 68 -32.93 -15.69 -99.45
N UNK CA 69 -32.85 -16.59 -98.47
CA UNK CA 69 -33.51 -16.33 -97.20
C UNK CA 69 -32.91 -15.11 -96.54
N UNK CA 70 -31.60 -14.98 -96.62
CA UNK CA 70 -30.93 -13.83 -96.01
C UNK CA 70 -31.42 -12.55 -96.68
N UNK CA 71 -31.62 -12.63 -97.99
CA UNK CA 71 -32.16 -11.52 -98.76
C UNK CA 71 -33.53 -11.06 -98.23
N UNK CA 72 -34.50 -11.95 -98.32
CA UNK CA 72 -35.88 -11.61 -97.96
C UNK CA 72 -35.92 -11.25 -96.49
N UNK CA 73 -35.12 -11.94 -95.70
CA UNK CA 73 -35.00 -11.61 -94.30
C UNK CA 73 -34.45 -10.20 -94.24
N UNK CA 74 -33.54 -9.88 -95.17
CA UNK CA 74 -32.92 -8.57 -95.17
C UNK CA 74 -33.97 -7.49 -95.36
N UNK CA 75 -34.91 -7.74 -96.26
CA UNK CA 75 -36.01 -6.81 -96.49
C UNK CA 75 -35.54 -5.37 -96.57
N UNK DA 1 -50.89 -17.09 -78.71
CA UNK DA 1 -49.87 -17.79 -77.98
C UNK DA 1 -50.40 -18.19 -76.61
N UNK DA 2 -51.72 -18.22 -76.54
CA UNK DA 2 -52.45 -18.86 -75.45
C UNK DA 2 -53.10 -20.13 -75.97
N UNK DA 3 -52.60 -20.61 -77.09
CA UNK DA 3 -53.34 -21.60 -77.83
C UNK DA 3 -53.47 -22.91 -77.09
N UNK DA 4 -54.42 -23.73 -77.55
CA UNK DA 4 -54.61 -25.10 -77.09
C UNK DA 4 -54.80 -26.09 -78.26
N UNK DA 5 -54.46 -27.36 -78.03
CA UNK DA 5 -54.58 -28.44 -79.02
C UNK DA 5 -55.94 -28.95 -79.49
N UNK DA 6 -56.89 -29.15 -78.57
CA UNK DA 6 -58.01 -29.98 -78.99
C UNK DA 6 -58.56 -29.58 -80.35
N UNK DA 7 -58.66 -28.28 -80.59
CA UNK DA 7 -59.11 -27.77 -81.87
C UNK DA 7 -58.10 -28.28 -82.89
N UNK DA 8 -56.87 -28.55 -82.46
CA UNK DA 8 -55.85 -29.24 -83.30
C UNK DA 8 -56.00 -30.72 -83.77
N UNK DA 9 -56.44 -31.58 -82.87
CA UNK DA 9 -56.38 -33.05 -83.04
C UNK DA 9 -57.19 -33.68 -84.19
N UNK DA 10 -58.24 -33.00 -84.60
CA UNK DA 10 -58.96 -33.44 -85.78
C UNK DA 10 -57.99 -33.43 -86.94
N UNK DA 11 -56.97 -32.59 -86.83
CA UNK DA 11 -55.91 -32.60 -87.82
C UNK DA 11 -55.36 -34.02 -87.87
N UNK DA 12 -55.72 -34.82 -86.87
CA UNK DA 12 -55.49 -36.25 -86.92
C UNK DA 12 -56.31 -36.79 -88.09
N UNK DA 13 -57.48 -36.21 -88.24
CA UNK DA 13 -58.43 -36.62 -89.28
C UNK DA 13 -57.82 -36.41 -90.66
N UNK DA 14 -57.05 -35.33 -90.81
CA UNK DA 14 -56.39 -35.07 -92.07
C UNK DA 14 -55.40 -36.19 -92.41
N UNK DA 15 -54.65 -36.64 -91.41
CA UNK DA 15 -53.71 -37.74 -91.59
C UNK DA 15 -54.47 -39.00 -91.98
N UNK DA 16 -55.62 -39.17 -91.34
CA UNK DA 16 -56.50 -40.30 -91.61
C UNK DA 16 -57.03 -40.32 -93.05
N UNK DA 17 -57.20 -39.15 -93.65
CA UNK DA 17 -57.77 -39.07 -95.00
C UNK DA 17 -57.05 -39.84 -96.13
N UNK DA 18 -55.73 -39.74 -96.17
CA UNK DA 18 -54.92 -40.34 -97.23
C UNK DA 18 -54.82 -41.86 -97.30
N UNK DA 19 -54.92 -42.37 -98.51
CA UNK DA 19 -54.79 -43.79 -98.79
C UNK DA 19 -53.39 -44.07 -99.37
N UNK DA 20 -52.58 -43.04 -99.36
CA UNK DA 20 -51.21 -43.10 -99.86
C UNK DA 20 -50.34 -43.88 -98.87
N UNK DA 21 -49.14 -44.25 -99.32
CA UNK DA 21 -48.23 -45.02 -98.49
C UNK DA 21 -46.81 -44.47 -98.48
N UNK DA 22 -46.00 -44.89 -97.51
CA UNK DA 22 -44.61 -44.44 -97.43
C UNK DA 22 -44.30 -43.22 -96.55
N UNK DA 23 -45.29 -42.57 -95.96
CA UNK DA 23 -44.93 -41.43 -95.12
C UNK DA 23 -44.87 -41.92 -93.69
N UNK DA 24 -46.03 -42.15 -93.12
CA UNK DA 24 -46.18 -42.70 -91.78
C UNK DA 24 -45.47 -42.04 -90.59
N UNK DA 25 -44.86 -42.92 -89.81
CA UNK DA 25 -44.18 -42.69 -88.55
C UNK DA 25 -43.19 -41.54 -88.54
N UNK DA 26 -42.47 -41.31 -89.63
CA UNK DA 26 -41.48 -40.24 -89.59
C UNK DA 26 -42.09 -38.99 -88.96
N UNK DA 27 -43.36 -38.72 -89.24
CA UNK DA 27 -44.01 -37.56 -88.62
C UNK DA 27 -44.12 -37.68 -87.09
N UNK DA 28 -44.40 -38.89 -86.60
CA UNK DA 28 -44.58 -39.18 -85.19
C UNK DA 28 -43.22 -39.09 -84.52
N UNK DA 29 -42.20 -39.61 -85.20
CA UNK DA 29 -40.86 -39.60 -84.65
C UNK DA 29 -40.35 -38.18 -84.46
N UNK DA 30 -40.62 -37.33 -85.44
CA UNK DA 30 -40.19 -35.94 -85.37
C UNK DA 30 -40.89 -35.27 -84.18
N UNK DA 31 -42.18 -35.52 -84.05
CA UNK DA 31 -42.95 -34.89 -82.98
C UNK DA 31 -42.45 -35.32 -81.61
N UNK DA 32 -42.22 -36.63 -81.45
CA UNK DA 32 -41.74 -37.14 -80.18
C UNK DA 32 -40.36 -36.59 -79.87
N UNK DA 33 -39.50 -36.57 -80.88
CA UNK DA 33 -38.14 -36.10 -80.70
C UNK DA 33 -38.14 -34.63 -80.33
N UNK DA 34 -38.98 -33.87 -81.01
CA UNK DA 34 -39.05 -32.43 -80.77
C UNK DA 34 -39.53 -32.23 -79.34
N UNK DA 35 -40.52 -32.99 -78.91
CA UNK DA 35 -41.08 -32.79 -77.58
C UNK DA 35 -40.09 -32.98 -76.45
N UNK DA 36 -39.32 -34.04 -76.51
CA UNK DA 36 -38.35 -34.32 -75.48
C UNK DA 36 -37.29 -33.25 -75.42
N UNK DA 37 -36.88 -32.78 -76.60
CA UNK DA 37 -35.84 -31.79 -76.73
C UNK DA 37 -36.06 -30.44 -76.09
N UNK DA 38 -37.32 -29.99 -76.18
CA UNK DA 38 -37.76 -28.71 -75.66
C UNK DA 38 -37.61 -28.63 -74.16
N UNK DA 39 -37.14 -27.48 -73.68
CA UNK DA 39 -36.99 -27.26 -72.25
C UNK DA 39 -37.79 -26.04 -71.79
N UNK DA 40 -38.84 -26.27 -71.02
CA UNK DA 40 -39.69 -25.21 -70.46
C UNK DA 40 -40.66 -24.60 -71.46
N UNK DA 41 -41.55 -23.75 -70.98
CA UNK DA 41 -42.48 -23.08 -71.87
C UNK DA 41 -43.32 -23.95 -72.82
N UNK DA 42 -44.03 -24.93 -72.29
CA UNK DA 42 -44.79 -25.80 -73.16
C UNK DA 42 -45.77 -24.94 -73.95
N UNK DA 43 -45.92 -25.29 -75.23
CA UNK DA 43 -46.76 -24.60 -76.20
C UNK DA 43 -46.02 -24.74 -77.50
N UNK DA 44 -44.70 -24.69 -77.40
CA UNK DA 44 -43.86 -24.83 -78.55
C UNK DA 44 -44.56 -25.93 -79.31
N UNK DA 45 -45.10 -26.91 -78.58
CA UNK DA 45 -45.76 -27.93 -79.34
C UNK DA 45 -46.78 -27.25 -80.22
N UNK DA 46 -47.53 -26.34 -79.63
CA UNK DA 46 -48.64 -25.76 -80.36
C UNK DA 46 -48.04 -25.01 -81.52
N UNK DA 47 -47.00 -24.26 -81.21
CA UNK DA 47 -46.31 -23.49 -82.24
C UNK DA 47 -45.69 -24.40 -83.25
N UNK DA 48 -44.99 -25.40 -82.74
CA UNK DA 48 -44.28 -26.28 -83.64
C UNK DA 48 -45.35 -26.94 -84.47
N UNK DA 49 -46.41 -27.31 -83.78
CA UNK DA 49 -47.37 -28.22 -84.30
C UNK DA 49 -47.90 -27.61 -85.56
N UNK DA 50 -48.17 -26.32 -85.52
CA UNK DA 50 -48.84 -25.72 -86.66
C UNK DA 50 -47.93 -25.90 -87.83
N UNK DA 51 -46.67 -25.64 -87.55
CA UNK DA 51 -45.68 -25.67 -88.60
C UNK DA 51 -45.90 -26.94 -89.38
N UNK DA 52 -46.07 -28.05 -88.67
CA UNK DA 52 -46.24 -29.32 -89.36
C UNK DA 52 -47.50 -29.39 -90.16
N UNK DA 53 -48.63 -28.99 -89.57
CA UNK DA 53 -49.89 -29.22 -90.23
C UNK DA 53 -49.84 -28.41 -91.48
N UNK DA 54 -49.41 -27.18 -91.29
CA UNK DA 54 -49.09 -26.34 -92.41
C UNK DA 54 -48.29 -27.19 -93.33
N UNK DA 55 -47.33 -27.90 -92.77
CA UNK DA 55 -46.40 -28.59 -93.61
C UNK DA 55 -47.17 -29.58 -94.45
N UNK DA 56 -48.07 -30.29 -93.78
CA UNK DA 56 -48.88 -31.35 -94.37
C UNK DA 56 -49.65 -30.89 -95.57
N UNK DA 57 -50.05 -29.64 -95.58
CA UNK DA 57 -50.79 -29.13 -96.73
C UNK DA 57 -49.90 -29.35 -97.94
N UNK DA 58 -50.51 -29.61 -99.08
CA UNK DA 58 -49.80 -29.90 -100.31
C UNK DA 58 -49.37 -31.36 -100.24
N UNK DA 59 -48.58 -31.76 -99.25
CA UNK DA 59 -48.26 -33.18 -99.18
C UNK DA 59 -48.41 -33.72 -97.76
N UNK EA 1 -39.04 -15.43 -112.66
CA UNK EA 1 -39.63 -14.71 -111.53
C UNK EA 1 -38.55 -14.32 -110.52
N UNK EA 2 -37.66 -15.26 -110.24
CA UNK EA 2 -36.61 -15.02 -109.27
C UNK EA 2 -35.71 -13.89 -109.76
N UNK EA 3 -35.40 -13.89 -111.05
CA UNK EA 3 -34.55 -12.86 -111.63
C UNK EA 3 -35.20 -11.48 -111.52
N UNK EA 4 -36.51 -11.42 -111.78
CA UNK EA 4 -37.24 -10.17 -111.68
C UNK EA 4 -37.20 -9.68 -110.24
N UNK EA 5 -37.35 -10.62 -109.31
CA UNK EA 5 -37.33 -10.28 -107.89
C UNK EA 5 -35.98 -9.70 -107.52
N UNK EA 6 -34.93 -10.31 -108.06
CA UNK EA 6 -33.57 -9.87 -107.80
C UNK EA 6 -33.36 -8.44 -108.30
N UNK EA 7 -33.90 -8.15 -109.49
CA UNK EA 7 -33.78 -6.81 -110.05
C UNK EA 7 -34.51 -5.82 -109.14
N UNK EA 8 -35.68 -6.24 -108.67
CA UNK EA 8 -36.49 -5.41 -107.78
C UNK EA 8 -35.73 -5.17 -106.48
N UNK EA 9 -35.08 -6.22 -105.99
CA UNK EA 9 -34.30 -6.12 -104.75
C UNK EA 9 -33.17 -5.12 -104.94
N UNK EA 10 -32.54 -5.18 -106.10
CA UNK EA 10 -31.44 -4.28 -106.43
C UNK EA 10 -31.93 -2.84 -106.45
N UNK EA 11 -33.12 -2.65 -107.03
CA UNK EA 11 -33.71 -1.32 -107.10
C UNK EA 11 -33.99 -0.81 -105.70
N UNK EA 12 -34.47 -1.69 -104.84
CA UNK EA 12 -34.77 -1.35 -103.46
C UNK EA 12 -33.49 -0.94 -102.73
N UNK EA 13 -32.41 -1.65 -103.00
CA UNK EA 13 -31.15 -1.35 -102.33
C UNK EA 13 -30.69 0.07 -102.66
N UNK EA 14 -30.82 0.45 -103.92
CA UNK EA 14 -30.43 1.80 -104.35
C UNK EA 14 -31.31 2.83 -103.65
N UNK EA 15 -32.61 2.53 -103.59
CA UNK EA 15 -33.57 3.43 -102.95
C UNK EA 15 -33.26 3.59 -101.47
N UNK EA 16 -32.97 2.49 -100.79
CA UNK EA 16 -32.71 2.64 -99.37
C UNK EA 16 -31.48 3.51 -99.09
N UNK EA 17 -30.39 3.27 -99.80
CA UNK EA 17 -29.19 4.07 -99.56
C UNK EA 17 -29.50 5.50 -99.91
N UNK EA 18 -30.17 5.66 -101.03
CA UNK EA 18 -30.55 6.97 -101.51
C UNK EA 18 -31.48 7.63 -100.52
N UNK EA 19 -32.34 6.82 -99.91
CA UNK EA 19 -33.35 7.36 -99.02
C UNK EA 19 -32.84 8.17 -97.82
N UNK EA 20 -31.79 7.70 -97.18
CA UNK EA 20 -31.24 8.44 -96.04
C UNK EA 20 -30.10 9.31 -96.55
N UNK EA 21 -29.41 9.96 -95.62
CA UNK EA 21 -28.30 10.82 -95.98
C UNK EA 21 -28.78 11.96 -96.87
N UNK FA 1 -42.84 26.36 -99.53
CA UNK FA 1 -41.81 25.46 -100.04
C UNK FA 1 -40.50 25.70 -99.33
N UNK FA 2 -40.05 24.68 -98.62
CA UNK FA 2 -38.81 24.76 -97.85
C UNK FA 2 -37.82 23.78 -98.42
N UNK FA 3 -36.53 24.03 -98.24
CA UNK FA 3 -35.54 23.12 -98.80
C UNK FA 3 -34.51 22.51 -97.87
N UNK FA 4 -34.40 21.19 -97.94
CA UNK FA 4 -33.46 20.40 -97.16
C UNK FA 4 -32.26 20.03 -98.04
N UNK FA 5 -32.18 20.66 -99.20
CA UNK FA 5 -31.04 20.49 -100.11
C UNK FA 5 -30.96 19.30 -101.04
N UNK FA 6 -31.80 18.29 -100.80
CA UNK FA 6 -31.78 17.08 -101.62
C UNK FA 6 -33.07 16.74 -102.35
N UNK FA 7 -34.08 17.59 -102.22
CA UNK FA 7 -35.38 17.30 -102.83
C UNK FA 7 -35.24 17.15 -104.33
N UNK FA 8 -34.44 18.02 -104.94
CA UNK FA 8 -34.24 17.93 -106.36
C UNK FA 8 -33.62 16.57 -106.61
N UNK FA 9 -32.75 16.13 -105.70
CA UNK FA 9 -32.08 14.86 -105.91
C UNK FA 9 -33.12 13.79 -106.16
N UNK FA 10 -34.27 13.93 -105.54
CA UNK FA 10 -35.35 12.98 -105.72
C UNK FA 10 -35.88 12.86 -107.15
N UNK FA 11 -35.99 13.97 -107.87
CA UNK FA 11 -36.60 13.93 -109.20
C UNK FA 11 -35.94 12.98 -110.20
N UNK FA 12 -34.63 12.98 -110.31
CA UNK FA 12 -34.01 12.03 -111.20
C UNK FA 12 -34.71 10.71 -110.98
N UNK FA 13 -34.98 10.43 -109.72
CA UNK FA 13 -35.63 9.18 -109.38
C UNK FA 13 -36.96 9.16 -110.10
N UNK FA 14 -37.61 10.31 -110.06
CA UNK FA 14 -38.90 10.50 -110.70
C UNK FA 14 -38.79 10.35 -112.20
N UNK FA 15 -37.73 10.89 -112.78
CA UNK FA 15 -37.57 10.84 -114.22
C UNK FA 15 -37.49 9.41 -114.73
N UNK FA 16 -36.74 8.57 -114.03
CA UNK FA 16 -36.61 7.19 -114.45
C UNK FA 16 -37.96 6.51 -114.39
N UNK FA 17 -38.68 6.80 -113.31
CA UNK FA 17 -39.97 6.18 -113.11
C UNK FA 17 -40.88 6.57 -114.25
N UNK FA 18 -40.81 7.75 -114.84
CA UNK FA 18 -41.74 7.88 -115.97
C UNK FA 18 -41.46 6.91 -117.17
N UNK FA 19 -40.19 6.83 -117.55
CA UNK FA 19 -39.75 6.03 -118.68
C UNK FA 19 -40.02 4.55 -118.51
N UNK FA 20 -39.81 4.05 -117.31
CA UNK FA 20 -40.04 2.63 -117.03
C UNK FA 20 -41.51 2.33 -117.22
N UNK FA 21 -42.35 3.26 -116.79
CA UNK FA 21 -43.80 3.11 -116.91
C UNK FA 21 -44.21 3.02 -118.36
N UNK FA 22 -43.56 3.73 -119.28
CA UNK FA 22 -43.92 3.59 -120.70
C UNK FA 22 -43.60 2.17 -121.20
N UNK FA 23 -42.42 1.69 -120.82
CA UNK FA 23 -41.90 0.37 -121.16
C UNK FA 23 -42.79 -0.66 -120.52
N UNK FA 24 -43.34 -0.28 -119.37
CA UNK FA 24 -44.26 -1.11 -118.64
C UNK FA 24 -45.50 -1.24 -119.52
N UNK FA 25 -45.83 -0.15 -120.22
CA UNK FA 25 -46.98 -0.12 -121.11
C UNK FA 25 -46.71 -1.13 -122.22
N UNK FA 26 -45.47 -1.11 -122.66
CA UNK FA 26 -44.96 -1.98 -123.72
C UNK FA 26 -45.07 -3.44 -123.32
N UNK FA 27 -44.88 -3.73 -122.04
CA UNK FA 27 -44.97 -5.08 -121.54
C UNK FA 27 -46.36 -5.57 -121.90
N UNK FA 28 -47.34 -4.67 -121.83
CA UNK FA 28 -48.68 -5.03 -122.19
C UNK FA 28 -49.00 -4.93 -123.68
N UNK GA 1 -127.81 41.61 -89.42
CA UNK GA 1 -126.87 42.72 -89.37
C UNK GA 1 -126.22 42.83 -88.00
N UNK GA 2 -127.00 42.51 -87.00
CA UNK GA 2 -126.54 42.60 -85.64
C UNK GA 2 -125.38 41.64 -85.54
N UNK GA 3 -125.51 40.49 -86.18
CA UNK GA 3 -124.47 39.51 -86.08
C UNK GA 3 -123.20 40.11 -86.65
N UNK GA 4 -123.30 40.77 -87.79
CA UNK GA 4 -122.10 41.36 -88.38
C UNK GA 4 -121.48 42.46 -87.55
N UNK GA 5 -122.31 43.37 -87.08
CA UNK GA 5 -121.79 44.53 -86.38
C UNK GA 5 -121.06 44.08 -85.14
N UNK GA 6 -121.63 43.12 -84.45
CA UNK GA 6 -121.10 42.76 -83.16
C UNK GA 6 -119.69 42.27 -83.31
N UNK GA 7 -119.41 41.52 -84.38
CA UNK GA 7 -118.13 40.85 -84.47
C UNK GA 7 -117.07 41.91 -84.44
N UNK GA 8 -117.41 43.03 -85.07
CA UNK GA 8 -116.53 44.17 -85.20
C UNK GA 8 -116.15 44.75 -83.84
N UNK GA 9 -117.08 44.79 -82.91
CA UNK GA 9 -116.78 45.44 -81.64
C UNK GA 9 -115.61 44.71 -81.05
N UNK GA 10 -115.62 43.39 -81.10
CA UNK GA 10 -114.57 42.65 -80.46
C UNK GA 10 -113.27 43.06 -81.12
N UNK GA 11 -113.27 43.13 -82.43
CA UNK GA 11 -112.05 43.39 -83.14
C UNK GA 11 -111.50 44.76 -82.80
N UNK GA 12 -112.37 45.76 -82.77
CA UNK GA 12 -111.93 47.12 -82.52
C UNK GA 12 -111.37 47.20 -81.12
N UNK GA 13 -111.98 46.39 -80.26
CA UNK GA 13 -111.51 46.27 -78.91
C UNK GA 13 -110.08 45.84 -79.07
N UNK GA 14 -109.79 45.02 -80.06
CA UNK GA 14 -108.46 44.49 -80.20
C UNK GA 14 -107.47 45.63 -80.31
N UNK GA 15 -107.73 46.44 -81.32
CA UNK GA 15 -106.81 47.42 -81.80
C UNK GA 15 -106.60 48.35 -80.67
N UNK GA 16 -107.68 48.66 -79.97
CA UNK GA 16 -107.54 49.45 -78.77
C UNK GA 16 -106.68 48.61 -77.85
N UNK GA 17 -106.98 47.33 -77.82
CA UNK GA 17 -106.28 46.49 -76.88
C UNK GA 17 -104.83 46.54 -77.21
N UNK GA 18 -104.47 46.31 -78.46
CA UNK GA 18 -103.05 46.35 -78.78
C UNK GA 18 -102.42 47.72 -78.60
N UNK GA 19 -103.11 48.76 -79.08
CA UNK GA 19 -102.42 50.02 -79.22
C UNK GA 19 -101.99 50.47 -77.86
N UNK GA 20 -102.90 50.39 -76.90
CA UNK GA 20 -102.56 50.92 -75.59
C UNK GA 20 -101.41 50.15 -75.00
N UNK GA 21 -101.48 48.82 -75.07
CA UNK GA 21 -100.51 48.02 -74.36
C UNK GA 21 -99.16 48.33 -74.93
N UNK GA 22 -99.09 48.44 -76.24
CA UNK GA 22 -97.79 48.44 -76.83
C UNK GA 22 -97.10 49.63 -76.26
N UNK GA 23 -97.83 50.72 -76.15
CA UNK GA 23 -97.20 51.94 -75.70
C UNK GA 23 -96.70 51.76 -74.28
N UNK GA 24 -97.52 51.18 -73.42
CA UNK GA 24 -97.32 51.36 -72.01
C UNK GA 24 -95.98 50.82 -71.62
N UNK GA 25 -95.73 49.62 -72.14
CA UNK GA 25 -94.52 48.87 -71.89
C UNK GA 25 -93.35 49.67 -72.40
N UNK GA 26 -93.63 50.68 -73.21
CA UNK GA 26 -92.60 51.49 -73.76
C UNK GA 26 -91.79 52.03 -72.59
N UNK GA 27 -92.43 52.37 -71.48
CA UNK GA 27 -91.54 52.87 -70.41
C UNK GA 27 -90.14 52.27 -70.43
N UNK GA 28 -90.03 50.96 -70.52
CA UNK GA 28 -88.75 50.33 -70.69
C UNK GA 28 -88.49 50.29 -72.17
N UNK HA 1 -95.78 28.44 -56.36
CA UNK HA 1 -94.72 29.27 -55.81
C UNK HA 1 -94.81 29.34 -54.30
N UNK HA 2 -96.00 29.62 -53.79
CA UNK HA 2 -96.16 29.73 -52.36
C UNK HA 2 -95.57 28.52 -51.64
N UNK HA 3 -96.23 27.38 -51.82
CA UNK HA 3 -96.02 26.24 -50.95
C UNK HA 3 -94.53 26.11 -50.74
N UNK HA 4 -93.80 26.22 -51.83
CA UNK HA 4 -92.36 26.23 -51.73
C UNK HA 4 -91.98 27.26 -50.72
N UNK HA 5 -92.67 28.39 -50.79
CA UNK HA 5 -92.25 29.55 -50.05
C UNK HA 5 -92.29 29.13 -48.60
N UNK HA 6 -93.30 28.37 -48.25
CA UNK HA 6 -93.38 27.88 -46.90
C UNK HA 6 -92.17 27.01 -46.67
N UNK HA 7 -91.87 26.17 -47.63
CA UNK HA 7 -90.84 25.20 -47.39
C UNK HA 7 -89.69 25.92 -46.76
N UNK HA 8 -89.44 27.14 -47.22
CA UNK HA 8 -88.23 27.81 -46.83
C UNK HA 8 -88.20 27.94 -45.32
N UNK HA 9 -89.35 28.23 -44.72
CA UNK HA 9 -89.37 28.36 -43.28
C UNK HA 9 -88.93 27.02 -42.69
N UNK HA 10 -89.40 25.93 -43.26
CA UNK HA 10 -89.02 24.65 -42.71
C UNK HA 10 -87.52 24.64 -42.74
N UNK HA 11 -86.96 25.20 -43.78
CA UNK HA 11 -85.52 25.27 -43.89
C UNK HA 11 -85.06 26.07 -42.70
N UNK HA 12 -85.85 27.07 -42.34
CA UNK HA 12 -85.40 27.99 -41.33
C UNK HA 12 -85.13 27.24 -40.04
N UNK HA 13 -86.03 26.36 -39.64
CA UNK HA 13 -85.76 25.66 -38.35
C UNK HA 13 -84.56 24.65 -38.28
N UNK HA 14 -84.49 23.76 -39.25
CA UNK HA 14 -83.42 22.84 -39.59
C UNK HA 14 -82.09 23.57 -39.41
N UNK HA 15 -82.13 24.85 -39.75
CA UNK HA 15 -81.01 25.77 -39.66
C UNK HA 15 -80.49 25.85 -38.23
N UNK HA 16 -81.38 25.80 -37.24
CA UNK HA 16 -80.87 25.58 -35.88
C UNK HA 16 -80.13 24.24 -35.91
N UNK HA 17 -78.91 24.10 -35.40
CA UNK HA 17 -78.33 22.76 -35.59
C UNK HA 17 -77.24 22.17 -34.71
N UNK HA 18 -77.20 20.85 -34.71
CA UNK HA 18 -76.23 20.06 -33.98
C UNK HA 18 -75.63 19.19 -35.06
N UNK HA 19 -74.30 19.10 -35.09
CA UNK HA 19 -73.63 18.34 -36.12
C UNK HA 19 -72.15 18.59 -36.04
N UNK HA 20 -71.44 18.46 -37.16
CA UNK HA 20 -70.01 18.65 -37.10
C UNK HA 20 -69.80 20.07 -36.57
N UNK HA 21 -70.61 20.99 -37.07
CA UNK HA 21 -70.58 22.35 -36.60
C UNK HA 21 -69.73 23.19 -37.53
N UNK HA 22 -70.01 24.47 -37.44
CA UNK HA 22 -69.32 25.51 -38.21
C UNK HA 22 -68.85 25.21 -39.65
N UNK HA 23 -68.06 24.17 -39.83
CA UNK HA 23 -67.50 23.88 -41.16
C UNK HA 23 -68.61 23.60 -42.15
N UNK HA 24 -69.60 22.84 -41.71
CA UNK HA 24 -70.73 22.52 -42.55
C UNK HA 24 -71.88 23.43 -42.16
N UNK HA 25 -71.59 24.41 -41.30
CA UNK HA 25 -72.63 25.31 -40.83
C UNK HA 25 -72.93 26.41 -41.83
N UNK HA 26 -71.88 26.89 -42.48
CA UNK HA 26 -71.97 27.96 -43.46
C UNK HA 26 -72.87 27.52 -44.62
N UNK HA 27 -72.81 26.24 -44.95
CA UNK HA 27 -73.60 25.71 -46.06
C UNK HA 27 -75.10 25.87 -45.86
N UNK HA 28 -75.62 25.67 -44.66
CA UNK HA 28 -77.04 25.82 -44.47
C UNK HA 28 -77.32 27.30 -44.65
N UNK HA 29 -76.47 28.14 -44.09
CA UNK HA 29 -76.74 29.55 -44.12
C UNK HA 29 -76.83 29.96 -45.55
N UNK HA 30 -75.96 29.40 -46.37
CA UNK HA 30 -75.89 29.86 -47.74
C UNK HA 30 -77.23 29.61 -48.38
N UNK HA 31 -77.78 28.42 -48.18
CA UNK HA 31 -79.05 28.12 -48.82
C UNK HA 31 -80.03 29.09 -48.23
N UNK HA 32 -79.91 29.29 -46.93
CA UNK HA 32 -80.83 30.17 -46.26
C UNK HA 32 -80.91 31.49 -46.98
N UNK HA 33 -79.77 32.02 -47.41
CA UNK HA 33 -79.82 33.25 -48.17
C UNK HA 33 -80.57 32.97 -49.45
N UNK HA 34 -80.25 31.86 -50.07
CA UNK HA 34 -80.80 31.60 -51.40
C UNK HA 34 -82.29 31.49 -51.35
N UNK HA 35 -82.81 30.73 -50.38
CA UNK HA 35 -84.27 30.76 -50.29
C UNK HA 35 -84.63 32.21 -50.34
N UNK HA 36 -83.80 33.03 -49.75
CA UNK HA 36 -84.07 34.44 -49.81
C UNK HA 36 -84.02 34.80 -51.27
N UNK HA 37 -83.10 34.26 -52.05
CA UNK HA 37 -83.00 34.74 -53.42
C UNK HA 37 -84.27 34.51 -54.26
N UNK HA 38 -84.78 33.29 -54.16
CA UNK HA 38 -85.85 32.89 -55.04
C UNK HA 38 -87.06 33.74 -54.81
N UNK HA 39 -87.34 33.98 -53.53
CA UNK HA 39 -88.53 34.70 -53.21
C UNK HA 39 -88.39 36.06 -53.83
N UNK HA 40 -87.21 36.66 -53.71
CA UNK HA 40 -87.07 38.01 -54.16
C UNK HA 40 -87.38 38.04 -55.64
N UNK HA 41 -86.78 37.12 -56.39
CA UNK HA 41 -86.97 37.19 -57.84
C UNK HA 41 -88.43 37.00 -58.22
N UNK HA 42 -89.05 35.98 -57.63
CA UNK HA 42 -90.38 35.63 -58.08
C UNK HA 42 -91.26 36.81 -57.77
N UNK HA 43 -91.03 37.40 -56.61
CA UNK HA 43 -91.87 38.47 -56.12
C UNK HA 43 -91.76 39.68 -57.01
N UNK HA 44 -90.54 40.01 -57.41
CA UNK HA 44 -90.35 41.18 -58.22
C UNK HA 44 -91.14 40.96 -59.48
N UNK HA 45 -91.04 39.74 -59.98
CA UNK HA 45 -91.75 39.42 -61.21
C UNK HA 45 -93.27 39.53 -61.10
N UNK HA 46 -93.84 38.98 -60.03
CA UNK HA 46 -95.29 39.01 -59.92
C UNK HA 46 -95.67 40.47 -59.85
N UNK HA 47 -94.89 41.27 -59.12
CA UNK HA 47 -95.23 42.68 -58.98
C UNK HA 47 -95.20 43.44 -60.29
N UNK HA 48 -94.19 43.19 -61.11
CA UNK HA 48 -94.10 43.87 -62.39
C UNK HA 48 -95.29 43.46 -63.22
N UNK HA 49 -95.62 42.18 -63.13
CA UNK HA 49 -96.72 41.68 -63.92
C UNK HA 49 -97.96 42.40 -63.52
N UNK HA 50 -98.11 42.60 -62.22
CA UNK HA 50 -99.29 43.28 -61.70
C UNK HA 50 -99.38 44.70 -62.19
N UNK HA 51 -98.27 45.41 -62.22
CA UNK HA 51 -98.32 46.79 -62.68
C UNK HA 51 -98.77 46.77 -64.11
N UNK HA 52 -98.21 45.84 -64.89
CA UNK HA 52 -98.55 45.81 -66.29
C UNK HA 52 -100.01 45.52 -66.48
N UNK HA 53 -100.54 44.63 -65.67
CA UNK HA 53 -101.84 44.08 -65.92
C UNK HA 53 -102.88 45.17 -65.99
N UNK HA 54 -102.79 46.16 -65.11
CA UNK HA 54 -103.80 47.20 -65.19
C UNK HA 54 -104.03 47.70 -66.62
N UNK HA 55 -102.98 47.80 -67.40
CA UNK HA 55 -103.07 48.60 -68.61
C UNK HA 55 -104.18 48.10 -69.48
N UNK HA 56 -104.27 46.78 -69.66
CA UNK HA 56 -105.60 46.25 -69.97
C UNK HA 56 -106.24 45.55 -68.79
N UNK HA 57 -107.52 45.19 -68.93
CA UNK HA 57 -108.23 44.42 -67.92
C UNK HA 57 -108.96 43.22 -68.52
N UNK IA 1 -43.88 17.38 -35.55
CA UNK IA 1 -43.93 18.23 -34.36
C UNK IA 1 -44.53 17.47 -33.19
N UNK IA 2 -44.91 18.21 -32.16
CA UNK IA 2 -45.50 17.61 -30.97
C UNK IA 2 -46.99 17.35 -31.20
N UNK IA 3 -47.49 16.22 -30.71
CA UNK IA 3 -48.88 15.90 -30.94
C UNK IA 3 -49.78 16.69 -30.07
N UNK IA 4 -50.85 17.13 -30.69
CA UNK IA 4 -51.95 17.71 -29.99
C UNK IA 4 -52.83 16.47 -29.58
N UNK IA 5 -52.20 15.33 -29.82
CA UNK IA 5 -52.73 14.01 -29.56
C UNK IA 5 -52.96 13.92 -28.08
N UNK IA 6 -52.44 14.86 -27.29
CA UNK IA 6 -52.70 14.88 -25.86
C UNK IA 6 -54.22 14.94 -25.75
N UNK IA 7 -54.81 15.68 -26.69
CA UNK IA 7 -56.24 15.81 -26.81
C UNK IA 7 -56.73 14.39 -27.12
N UNK IA 8 -55.93 13.64 -27.88
CA UNK IA 8 -56.27 12.26 -28.24
C UNK IA 8 -56.35 11.33 -27.03
N UNK IA 9 -55.44 11.53 -26.10
CA UNK IA 9 -55.36 10.81 -24.84
C UNK IA 9 -56.59 11.17 -24.05
N UNK IA 10 -56.95 12.43 -24.13
CA UNK IA 10 -58.12 12.91 -23.43
C UNK IA 10 -59.30 12.15 -24.01
N UNK IA 11 -59.27 11.96 -25.32
CA UNK IA 11 -60.30 11.25 -26.08
C UNK IA 11 -60.40 9.78 -25.68
N UNK IA 12 -59.25 9.19 -25.39
CA UNK IA 12 -59.22 7.80 -24.98
C UNK IA 12 -59.94 7.76 -23.66
N UNK IA 13 -59.75 8.81 -22.88
CA UNK IA 13 -60.39 8.94 -21.58
C UNK IA 13 -61.89 8.98 -21.80
N UNK IA 14 -62.30 9.58 -22.91
CA UNK IA 14 -63.71 9.73 -23.23
C UNK IA 14 -64.42 8.38 -23.37
N UNK IA 15 -63.78 7.41 -24.00
CA UNK IA 15 -64.39 6.10 -24.16
C UNK IA 15 -65.85 6.19 -24.65
N UNK JA 1 -84.14 -25.41 -18.96
CA UNK JA 1 -84.92 -24.47 -19.76
C UNK JA 1 -84.23 -23.11 -19.83
N UNK JA 2 -84.26 -22.44 -18.67
CA UNK JA 2 -83.83 -21.07 -18.49
C UNK JA 2 -82.36 -20.95 -18.76
N UNK JA 3 -81.68 -22.09 -18.84
CA UNK JA 3 -80.25 -22.11 -18.88
C UNK JA 3 -79.72 -21.39 -20.11
N UNK JA 4 -80.48 -21.34 -21.19
CA UNK JA 4 -79.94 -20.52 -22.25
C UNK JA 4 -79.45 -19.21 -21.66
N UNK JA 5 -80.03 -18.90 -20.53
CA UNK JA 5 -79.90 -17.61 -19.93
C UNK JA 5 -78.41 -17.40 -19.77
N UNK JA 6 -77.69 -18.45 -19.42
CA UNK JA 6 -76.25 -18.29 -19.28
C UNK JA 6 -75.49 -17.93 -20.57
N UNK JA 7 -75.75 -18.63 -21.66
CA UNK JA 7 -74.95 -18.41 -22.85
C UNK JA 7 -75.15 -16.98 -23.33
N UNK JA 8 -76.41 -16.58 -23.43
CA UNK JA 8 -76.73 -15.24 -23.88
C UNK JA 8 -76.23 -14.22 -22.88
N UNK JA 9 -76.42 -14.52 -21.61
CA UNK JA 9 -76.14 -13.57 -20.56
C UNK JA 9 -74.67 -13.24 -20.69
N UNK JA 10 -73.96 -14.32 -21.03
CA UNK JA 10 -72.53 -14.34 -21.21
C UNK JA 10 -72.09 -13.49 -22.37
N UNK JA 11 -72.86 -13.49 -23.45
CA UNK JA 11 -72.37 -12.87 -24.65
C UNK JA 11 -72.13 -11.41 -24.35
N UNK JA 12 -72.98 -10.86 -23.49
CA UNK JA 12 -72.85 -9.48 -23.12
C UNK JA 12 -71.49 -9.39 -22.48
N UNK JA 13 -71.12 -10.41 -21.74
CA UNK JA 13 -69.85 -10.38 -21.02
C UNK JA 13 -68.67 -10.26 -21.96
N UNK JA 14 -68.66 -11.01 -23.06
CA UNK JA 14 -67.52 -10.98 -23.96
C UNK JA 14 -67.38 -9.58 -24.52
N UNK JA 15 -68.54 -9.02 -24.85
CA UNK JA 15 -68.68 -7.67 -25.37
C UNK JA 15 -68.24 -6.69 -24.30
N UNK JA 16 -68.62 -6.94 -23.07
CA UNK JA 16 -68.18 -6.09 -21.96
C UNK JA 16 -66.67 -6.24 -21.96
N UNK JA 17 -66.25 -7.47 -22.21
CA UNK JA 17 -64.86 -7.82 -22.29
C UNK JA 17 -64.34 -7.01 -23.46
N UNK JA 18 -65.16 -6.85 -24.48
CA UNK JA 18 -64.75 -6.09 -25.66
C UNK JA 18 -64.43 -4.63 -25.35
N UNK JA 19 -65.28 -4.02 -24.53
CA UNK JA 19 -65.13 -2.65 -24.13
C UNK JA 19 -63.84 -2.57 -23.34
N UNK JA 20 -63.61 -3.58 -22.53
CA UNK JA 20 -62.39 -3.60 -21.74
C UNK JA 20 -61.15 -3.67 -22.61
N UNK JA 21 -61.21 -4.50 -23.65
CA UNK JA 21 -60.09 -4.65 -24.54
C UNK JA 21 -59.88 -3.29 -25.15
N UNK JA 22 -60.99 -2.66 -25.49
CA UNK JA 22 -60.98 -1.32 -26.05
C UNK JA 22 -60.37 -0.48 -24.97
N UNK JA 23 -60.78 -0.74 -23.74
CA UNK JA 23 -60.26 0.03 -22.64
C UNK JA 23 -58.77 -0.23 -22.69
N UNK JA 24 -58.43 -1.48 -22.93
CA UNK JA 24 -57.03 -1.85 -23.01
C UNK JA 24 -56.43 -1.06 -24.16
N UNK JA 25 -57.19 -0.95 -25.25
CA UNK JA 25 -56.71 -0.23 -26.41
C UNK JA 25 -56.46 1.23 -26.11
N UNK JA 26 -57.38 1.86 -25.40
CA UNK JA 26 -57.23 3.26 -25.06
C UNK JA 26 -55.99 3.41 -24.21
N UNK JA 27 -55.76 2.46 -23.32
CA UNK JA 27 -54.61 2.52 -22.42
C UNK JA 27 -53.29 2.41 -23.16
N UNK JA 28 -53.17 1.39 -24.00
CA UNK JA 28 -51.96 1.18 -24.77
C UNK JA 28 -51.79 2.40 -25.64
N UNK JA 29 -52.92 2.95 -26.07
CA UNK JA 29 -52.91 4.13 -26.89
C UNK JA 29 -52.28 5.25 -26.08
N UNK JA 30 -52.62 5.29 -24.78
CA UNK JA 30 -52.08 6.31 -23.89
C UNK JA 30 -50.59 6.17 -23.77
N UNK JA 31 -50.12 4.93 -23.66
CA UNK JA 31 -48.70 4.63 -23.54
C UNK JA 31 -48.00 5.10 -24.80
N UNK JA 32 -48.65 4.90 -25.93
CA UNK JA 32 -48.11 5.31 -27.21
C UNK JA 32 -48.47 6.77 -27.43
N UNK KA 1 -59.04 58.04 -54.30
CA UNK KA 1 -59.24 57.23 -55.49
C UNK KA 1 -58.14 56.18 -55.62
N UNK KA 2 -56.91 56.63 -55.46
CA UNK KA 2 -55.71 55.82 -55.64
C UNK KA 2 -55.43 54.91 -54.47
N UNK KA 3 -56.35 54.84 -53.52
CA UNK KA 3 -56.12 54.00 -52.37
C UNK KA 3 -55.88 52.58 -52.87
N UNK KA 4 -56.65 52.12 -53.86
CA UNK KA 4 -56.34 50.79 -54.37
C UNK KA 4 -54.85 50.58 -54.59
N UNK KA 5 -54.17 51.61 -55.08
CA UNK KA 5 -52.74 51.48 -55.31
C UNK KA 5 -52.14 51.16 -53.97
N UNK KA 6 -52.68 51.82 -52.95
CA UNK KA 6 -52.24 51.62 -51.59
C UNK KA 6 -52.43 50.15 -51.30
N UNK KA 7 -53.54 49.61 -51.79
CA UNK KA 7 -53.84 48.22 -51.58
C UNK KA 7 -52.77 47.36 -52.21
N UNK KA 8 -52.34 47.73 -53.41
CA UNK KA 8 -51.34 46.94 -54.08
C UNK KA 8 -50.08 46.92 -53.25
N UNK KA 9 -49.71 48.09 -52.75
CA UNK KA 9 -48.49 48.14 -51.96
C UNK KA 9 -48.59 47.29 -50.71
N UNK KA 10 -49.71 47.35 -50.00
CA UNK KA 10 -49.81 46.52 -48.82
C UNK KA 10 -49.76 45.03 -49.15
N UNK KA 11 -50.45 44.66 -50.21
CA UNK KA 11 -50.53 43.26 -50.63
C UNK KA 11 -49.19 42.66 -51.02
N UNK KA 12 -48.38 43.43 -51.73
CA UNK KA 12 -47.08 42.93 -52.15
C UNK KA 12 -46.20 42.67 -50.93
N UNK KA 13 -46.25 43.61 -50.00
CA UNK KA 13 -45.45 43.49 -48.80
C UNK KA 13 -45.90 42.24 -48.09
N UNK KA 14 -47.17 41.91 -48.13
CA UNK KA 14 -47.63 40.70 -47.44
C UNK KA 14 -46.97 39.40 -47.96
N UNK KA 15 -46.78 39.31 -49.27
CA UNK KA 15 -46.20 38.13 -49.95
C UNK KA 15 -45.24 37.18 -49.19
N UNK KA 16 -43.94 37.48 -49.24
CA UNK KA 16 -42.92 36.64 -48.62
C UNK KA 16 -42.79 36.68 -47.11
N UNK KA 17 -42.92 37.86 -46.52
CA UNK KA 17 -42.82 37.98 -45.08
C UNK KA 17 -43.91 37.08 -44.50
N UNK KA 18 -45.08 37.08 -45.13
CA UNK KA 18 -46.17 36.22 -44.69
C UNK KA 18 -45.69 34.78 -44.87
N UNK KA 19 -44.99 34.57 -45.98
CA UNK KA 19 -44.42 33.27 -46.31
C UNK KA 19 -43.41 32.85 -45.25
N UNK KA 20 -42.62 33.82 -44.79
CA UNK KA 20 -41.61 33.58 -43.77
C UNK KA 20 -42.31 33.16 -42.48
N UNK KA 21 -43.46 33.75 -42.21
CA UNK KA 21 -44.22 33.40 -41.01
C UNK KA 21 -44.58 31.92 -41.02
N UNK KA 22 -44.91 31.40 -42.20
CA UNK KA 22 -45.26 30.00 -42.37
C UNK KA 22 -44.12 29.07 -41.98
N UNK KA 23 -42.89 29.46 -42.32
CA UNK KA 23 -41.72 28.64 -41.99
C UNK KA 23 -41.56 28.53 -40.48
N UNK KA 24 -41.75 29.65 -39.77
CA UNK KA 24 -41.65 29.66 -38.31
C UNK KA 24 -42.77 28.79 -37.76
N UNK KA 25 -43.93 28.89 -38.39
CA UNK KA 25 -45.12 28.15 -38.03
C UNK KA 25 -44.97 26.64 -38.20
N UNK KA 26 -43.93 26.28 -38.94
CA UNK KA 26 -43.60 24.93 -39.30
C UNK KA 26 -42.93 24.14 -38.19
N UNK KA 27 -43.09 24.59 -36.95
CA UNK KA 27 -42.47 23.89 -35.86
C UNK KA 27 -42.92 22.45 -36.01
N UNK LA 1 -79.22 40.83 -66.41
CA UNK LA 1 -80.01 41.77 -65.63
C UNK LA 1 -80.37 41.20 -64.26
N UNK LA 2 -80.83 39.96 -64.25
CA UNK LA 2 -81.21 39.29 -63.00
C UNK LA 2 -80.02 39.25 -62.04
N UNK LA 3 -78.89 38.85 -62.60
CA UNK LA 3 -77.62 38.74 -61.87
C UNK LA 3 -77.26 40.09 -61.25
N UNK LA 4 -77.37 41.12 -62.08
CA UNK LA 4 -77.06 42.49 -61.70
C UNK LA 4 -77.94 42.92 -60.51
N UNK LA 5 -79.21 42.61 -60.64
CA UNK LA 5 -80.22 42.91 -59.62
C UNK LA 5 -79.83 42.25 -58.29
N UNK LA 6 -79.47 40.99 -58.40
CA UNK LA 6 -79.06 40.18 -57.25
C UNK LA 6 -77.87 40.83 -56.54
N UNK LA 7 -77.45 41.40 -55.96
CA UNK LA 7 -76.81 41.99 -54.78
C UNK LA 7 -77.79 42.91 -54.05
N UNK LA 8 -78.43 43.75 -54.83
CA UNK LA 8 -79.43 44.71 -54.34
C UNK LA 8 -80.54 43.99 -53.60
N UNK LA 9 -81.02 42.94 -54.24
CA UNK LA 9 -82.10 42.09 -53.71
C UNK LA 9 -81.70 41.53 -52.34
N UNK LA 10 -80.49 41.01 -52.31
CA UNK LA 10 -79.89 40.41 -51.10
C UNK LA 10 -79.87 41.44 -49.97
N UNK LA 11 -79.42 42.63 -50.33
CA UNK LA 11 -79.32 43.76 -49.39
C UNK LA 11 -80.70 44.07 -48.79
N UNK LA 12 -81.66 44.12 -49.69
CA UNK LA 12 -83.06 44.41 -49.33
C UNK LA 12 -83.57 43.38 -48.32
N UNK LA 13 -83.28 42.13 -48.64
CA UNK LA 13 -83.67 40.97 -47.82
C UNK LA 13 -83.08 41.13 -46.41
N UNK LA 14 -81.81 41.46 -46.38
CA UNK LA 14 -81.06 41.65 -45.14
C UNK LA 14 -81.72 42.74 -44.29
N UNK LA 15 -82.04 43.82 -44.96
CA UNK LA 15 -82.69 44.99 -44.33
C UNK LA 15 -84.01 44.57 -43.68
N UNK LA 16 -84.77 43.82 -44.45
CA UNK LA 16 -86.07 43.29 -44.02
C UNK LA 16 -85.92 42.45 -42.75
N UNK LA 17 -84.93 41.59 -42.80
CA UNK LA 17 -84.61 40.69 -41.68
C UNK LA 17 -84.30 41.50 -40.42
N UNK LA 18 -83.48 42.51 -40.62
CA UNK LA 18 -83.06 43.43 -39.55
C UNK LA 18 -84.28 44.08 -38.90
N UNK LA 19 -85.16 44.56 -39.77
CA UNK LA 19 -86.40 45.22 -39.37
C UNK LA 19 -87.25 44.28 -38.50
N UNK LA 20 -87.37 43.05 -38.98
CA UNK LA 20 -88.12 41.99 -38.31
C UNK LA 20 -87.57 41.77 -36.91
N UNK LA 21 -109.49 20.31 -44.91
CA UNK LA 21 -108.33 20.03 -45.75
C UNK LA 21 -108.64 20.27 -47.22
N UNK LA 22 -109.62 19.55 -47.75
CA UNK LA 22 -110.00 19.68 -49.15
C UNK LA 22 -110.15 21.16 -49.53
N UNK LA 23 -110.98 21.88 -48.81
CA UNK LA 23 -111.20 23.30 -49.07
C UNK LA 23 -109.88 24.05 -49.16
N UNK LA 24 -109.04 23.87 -48.16
CA UNK LA 24 -107.72 24.53 -48.12
C UNK LA 24 -106.94 24.26 -49.39
N UNK LA 25 -106.87 23.00 -49.79
CA UNK LA 25 -106.14 22.61 -51.00
C UNK LA 25 -106.66 23.37 -52.21
N UNK LA 26 -107.98 23.39 -52.37
CA UNK LA 26 -108.60 24.08 -53.50
C UNK LA 26 -108.19 25.55 -53.54
N UNK LA 27 -108.24 26.20 -52.38
CA UNK LA 27 -107.87 27.61 -52.26
C UNK LA 27 -106.43 27.84 -52.72
N UNK LA 28 -105.53 26.98 -52.28
CA UNK LA 28 -104.12 27.08 -52.64
C UNK LA 28 -103.94 26.97 -54.15
N UNK LA 29 -104.64 26.02 -54.76
CA UNK LA 29 -104.55 25.81 -56.20
C UNK LA 29 -105.01 27.05 -56.96
N UNK LA 30 -106.10 27.66 -56.51
CA UNK LA 30 -106.63 28.85 -57.14
C UNK LA 30 -105.64 30.01 -57.07
N UNK LA 31 -104.99 30.15 -55.93
CA UNK LA 31 -104.01 31.22 -55.72
C UNK LA 31 -102.82 31.05 -56.67
N UNK LA 32 -102.39 29.81 -56.85
CA UNK LA 32 -101.25 29.51 -57.72
C UNK LA 32 -101.59 29.83 -59.17
N UNK LA 33 -102.81 29.53 -59.57
CA UNK LA 33 -103.26 29.78 -60.93
C UNK LA 33 -103.33 31.27 -61.22
N UNK LA 34 -103.77 32.04 -60.23
CA UNK LA 34 -103.88 33.49 -60.38
C UNK LA 34 -102.50 34.14 -60.51
N UNK LA 35 -101.52 33.59 -59.81
CA UNK LA 35 -100.16 34.11 -59.85
C UNK LA 35 -99.47 33.75 -61.18
N UNK LA 36 -99.91 32.66 -61.79
CA UNK LA 36 -99.36 32.21 -63.06
C UNK LA 36 -99.84 33.08 -64.22
N UNK LA 37 -39.90 -11.42 -27.03
CA UNK LA 37 -38.45 -11.22 -27.24
C UNK LA 37 -37.80 -12.53 -27.65
N UNK LA 38 -38.16 -13.57 -26.91
CA UNK LA 38 -37.65 -14.93 -27.13
C UNK LA 38 -37.97 -15.39 -28.56
N UNK LA 39 -39.21 -15.15 -28.92
CA UNK LA 39 -39.75 -15.50 -30.25
C UNK LA 39 -38.92 -14.81 -31.34
N UNK LA 40 -38.70 -13.53 -31.11
CA UNK LA 40 -37.94 -12.68 -32.04
C UNK LA 40 -36.53 -13.25 -32.23
N UNK LA 41 -35.93 -13.61 -31.11
CA UNK LA 41 -34.58 -14.18 -31.07
C UNK LA 41 -34.53 -15.45 -31.91
N UNK LA 42 -35.53 -16.28 -31.69
CA UNK LA 42 -35.67 -17.57 -32.39
C UNK LA 42 -35.74 -17.34 -33.90
N UNK LA 43 -36.56 -16.37 -34.26
CA UNK LA 43 -36.76 -15.99 -35.67
C UNK LA 43 -35.44 -15.58 -36.30
N UNK LA 44 -34.72 -14.75 -35.56
CA UNK LA 44 -33.41 -14.23 -35.98
C UNK LA 44 -32.45 -15.39 -36.24
N UNK LA 45 -32.44 -16.31 -35.30
CA UNK LA 45 -31.59 -17.51 -35.36
C UNK LA 45 -31.89 -18.31 -36.64
N UNK LA 46 -33.19 -18.48 -36.87
CA UNK LA 46 -33.70 -19.22 -38.04
C UNK LA 46 -33.19 -18.57 -39.33
N UNK LA 47 -33.32 -17.25 -39.35
CA UNK LA 47 -32.89 -16.43 -40.50
C UNK LA 47 -31.41 -16.65 -40.78
N UNK LA 48 -30.65 -16.60 -39.70
CA UNK LA 48 -29.19 -16.78 -39.74
C UNK LA 48 -28.84 -18.14 -40.36
N UNK LA 49 -29.56 -19.15 -39.86
CA UNK LA 49 -29.40 -20.53 -40.31
C UNK LA 49 -29.63 -20.63 -41.83
N UNK LA 50 -30.72 -20.00 -42.23
CA UNK LA 50 -31.15 -19.97 -43.64
C UNK LA 50 -30.04 -19.37 -44.50
N UNK LA 51 -29.52 -18.25 -44.01
CA UNK LA 51 -28.45 -17.50 -44.68
C UNK LA 51 -27.23 -18.40 -44.88
N UNK LA 52 -26.85 -19.11 -43.81
CA UNK LA 52 -25.71 -20.02 -43.87
C UNK LA 52 -25.88 -21.07 -44.96
N UNK LA 53 -27.05 -21.68 -45.00
CA UNK LA 53 -27.34 -22.71 -46.00
C UNK LA 53 -27.18 -22.17 -47.41
N UNK LA 54 -19.70 2.39 -85.47
CA UNK LA 54 -20.61 1.43 -86.11
C UNK LA 54 -19.80 0.27 -86.70
N UNK LA 55 -18.75 0.65 -87.41
CA UNK LA 55 -17.84 -0.29 -88.06
C UNK LA 55 -17.23 -1.24 -87.03
N UNK LA 56 -16.77 -0.64 -85.95
CA UNK LA 56 -16.15 -1.36 -84.83
C UNK LA 56 -17.12 -2.40 -84.27
N UNK LA 57 -18.35 -1.94 -84.07
CA UNK LA 57 -19.44 -2.77 -83.54
C UNK LA 57 -19.66 -3.98 -84.45
N UNK LA 58 -19.71 -3.69 -85.74
CA UNK LA 58 -19.92 -4.70 -86.78
C UNK LA 58 -18.82 -5.77 -86.70
N UNK LA 59 -17.60 -5.27 -86.58
CA UNK LA 59 -16.40 -6.12 -86.49
C UNK LA 59 -16.52 -7.06 -85.29
N UNK LA 60 -16.90 -6.47 -84.18
CA UNK LA 60 -17.09 -7.18 -82.91
C UNK LA 60 -18.09 -8.32 -83.08
N UNK LA 61 -19.13 -8.06 -83.88
CA UNK LA 61 -20.22 -9.02 -84.07
C UNK LA 61 -19.73 -10.36 -84.59
N UNK LA 62 -18.72 -10.33 -85.45
CA UNK LA 62 -18.10 -11.56 -85.95
C UNK LA 62 -17.52 -12.32 -84.76
N UNK LA 63 -16.98 -11.56 -83.81
CA UNK LA 63 -16.50 -12.11 -82.55
C UNK LA 63 -17.66 -12.77 -81.81
N UNK LA 64 -18.84 -12.15 -81.90
CA UNK LA 64 -20.05 -12.70 -81.29
C UNK LA 64 -20.43 -14.04 -81.92
N UNK LA 65 -20.27 -14.15 -83.24
CA UNK LA 65 -20.46 -15.40 -83.98
C UNK LA 65 -19.46 -16.47 -83.52
N UNK LA 66 -18.23 -16.03 -83.28
CA UNK LA 66 -17.20 -16.94 -82.75
C UNK LA 66 -17.61 -17.45 -81.37
N UNK LA 67 -18.20 -16.55 -80.58
CA UNK LA 67 -18.73 -16.87 -79.26
C UNK LA 67 -19.87 -17.89 -79.37
N UNK LA 68 -20.70 -17.74 -80.40
CA UNK LA 68 -21.77 -18.69 -80.71
C UNK LA 68 -21.21 -20.07 -81.07
N UNK LA 69 -20.33 -20.01 -82.07
CA UNK LA 69 -19.63 -21.17 -82.61
C UNK LA 69 -18.55 -21.73 -81.69
N UNK LA 70 -17.71 -20.86 -81.16
CA UNK LA 70 -16.90 -21.23 -80.02
C UNK LA 70 -17.86 -21.33 -78.86
N UNK LA 71 -18.68 -20.28 -78.74
CA UNK LA 71 -19.70 -20.21 -77.72
C UNK LA 71 -20.73 -21.29 -77.96
N UNK LA 72 -21.09 -21.44 -79.23
CA UNK LA 72 -22.07 -22.45 -79.60
C UNK LA 72 -21.54 -23.82 -79.27
N UNK LA 73 -20.25 -24.04 -79.56
CA UNK LA 73 -19.64 -25.34 -79.30
C UNK LA 73 -19.65 -25.61 -77.81
N UNK LA 74 -19.35 -24.57 -77.04
CA UNK LA 74 -19.28 -24.71 -75.61
C UNK LA 74 -20.67 -25.09 -75.11
N UNK LA 75 -21.69 -24.42 -75.65
CA UNK LA 75 -23.06 -24.67 -75.22
C UNK LA 75 -23.46 -26.09 -75.55
N UNK LA 76 -23.04 -26.54 -76.72
CA UNK LA 76 -23.35 -27.88 -77.19
C UNK LA 76 -22.73 -28.93 -76.28
N UNK LA 77 -21.46 -28.79 -75.94
CA UNK LA 77 -20.85 -29.76 -75.04
C UNK LA 77 -21.49 -29.69 -73.65
N UNK LA 78 -21.66 -28.48 -73.13
CA UNK LA 78 -22.29 -28.27 -71.82
C UNK LA 78 -23.79 -28.59 -71.77
N UNK LA 79 -24.52 -28.13 -72.78
CA UNK LA 79 -25.98 -28.23 -72.80
C UNK LA 79 -26.51 -29.66 -72.85
N UNK LA 80 -25.87 -30.48 -73.67
CA UNK LA 80 -26.34 -31.83 -73.94
C UNK LA 80 -26.34 -32.76 -72.73
N UNK LA 81 -25.30 -32.66 -71.90
CA UNK LA 81 -25.01 -33.70 -70.92
C UNK LA 81 -26.33 -34.18 -70.33
N UNK LA 82 -27.01 -33.28 -69.64
CA UNK LA 82 -28.41 -33.45 -69.29
C UNK LA 82 -29.15 -33.50 -70.61
N UNK LA 83 -28.69 -32.65 -71.53
CA UNK LA 83 -29.20 -32.62 -72.88
C UNK LA 83 -28.95 -33.93 -73.60
N UNK LA 84 -27.77 -34.55 -73.43
CA UNK LA 84 -27.54 -35.85 -74.06
C UNK LA 84 -28.54 -36.82 -73.50
N UNK LA 85 -28.77 -36.79 -72.19
CA UNK LA 85 -29.69 -37.76 -71.62
C UNK LA 85 -31.08 -37.57 -72.23
N UNK LA 86 -31.52 -36.32 -72.33
CA UNK LA 86 -32.86 -36.04 -72.84
C UNK LA 86 -32.96 -36.49 -74.30
N UNK LA 87 -31.91 -36.21 -75.05
CA UNK LA 87 -31.87 -36.51 -76.46
C UNK LA 87 -31.94 -38.00 -76.65
N UNK LA 88 -31.19 -38.75 -75.83
CA UNK LA 88 -31.16 -40.19 -75.95
C UNK LA 88 -32.55 -40.72 -75.66
N UNK LA 89 -33.18 -40.15 -74.65
CA UNK LA 89 -34.51 -40.60 -74.26
C UNK LA 89 -35.48 -40.40 -75.41
N UNK LA 90 -35.43 -39.24 -76.05
CA UNK LA 90 -36.32 -39.02 -77.20
C UNK LA 90 -36.00 -39.96 -78.35
N UNK LA 91 -34.71 -40.08 -78.63
CA UNK LA 91 -34.16 -40.87 -79.72
C UNK LA 91 -34.38 -42.36 -79.54
N UNK LA 92 -34.18 -42.86 -78.32
CA UNK LA 92 -34.31 -44.29 -78.12
C UNK LA 92 -33.41 -45.06 -79.07
N UNK LA 93 -30.77 -32.60 -85.03
CA UNK LA 93 -31.39 -31.35 -85.50
C UNK LA 93 -31.83 -30.48 -84.33
N UNK LA 94 -32.67 -31.03 -83.46
CA UNK LA 94 -33.16 -30.31 -82.29
C UNK LA 94 -32.04 -29.95 -81.34
N UNK LA 95 -31.09 -30.88 -81.15
CA UNK LA 95 -29.97 -30.64 -80.26
C UNK LA 95 -29.09 -29.50 -80.74
N UNK LA 96 -28.76 -29.46 -82.03
CA UNK LA 96 -27.95 -28.35 -82.54
C UNK LA 96 -28.80 -27.11 -82.33
N UNK LA 97 -30.08 -27.30 -82.63
CA UNK LA 97 -31.07 -26.25 -82.76
C UNK LA 97 -31.12 -25.48 -81.46
N UNK LA 98 -30.88 -26.18 -80.35
CA UNK LA 98 -30.41 -25.51 -79.15
C UNK LA 98 -29.41 -26.44 -78.49
N UNK LA 99 -28.11 -26.16 -78.52
CA UNK LA 99 -27.43 -24.91 -78.91
C UNK LA 99 -28.23 -23.66 -79.22
N UNK LA 100 -28.60 -23.50 -80.48
CA UNK LA 100 -29.30 -22.31 -80.93
C UNK LA 100 -30.52 -21.99 -80.07
N UNK LA 101 -27.97 -24.02 -75.96
CA UNK LA 101 -26.58 -23.75 -75.57
C UNK LA 101 -26.48 -22.38 -74.88
N UNK LA 102 -27.11 -21.42 -75.52
CA UNK LA 102 -27.15 -20.03 -75.01
C UNK LA 102 -27.75 -20.00 -73.61
N UNK LA 103 -28.85 -20.69 -73.48
CA UNK LA 103 -29.59 -20.79 -72.22
C UNK LA 103 -28.70 -21.35 -71.12
N UNK LA 104 -28.01 -22.42 -71.49
CA UNK LA 104 -27.08 -23.12 -70.59
C UNK LA 104 -26.00 -22.15 -70.10
N UNK LA 105 -25.45 -21.42 -71.06
CA UNK LA 105 -24.40 -20.43 -70.80
C UNK LA 105 -24.89 -19.39 -69.78
N UNK LA 106 -26.09 -18.92 -70.05
CA UNK LA 106 -26.75 -17.91 -69.20
C UNK LA 106 -26.87 -18.43 -67.76
N UNK LA 107 -27.33 -19.66 -67.68
CA UNK LA 107 -27.51 -20.36 -66.40
C UNK LA 107 -26.19 -20.41 -65.63
N UNK LA 108 -25.16 -20.79 -66.35
CA UNK LA 108 -23.79 -20.91 -65.82
C UNK LA 108 -23.35 -19.57 -65.24
N UNK LA 109 -76.86 14.52 -33.67
CA UNK LA 109 -75.64 14.18 -32.91
C UNK LA 109 -75.94 14.12 -31.42
N UNK LA 110 -76.63 15.16 -30.98
CA UNK LA 110 -77.03 15.31 -29.57
C UNK LA 110 -77.87 14.11 -29.13
N UNK LA 111 -78.83 13.78 -29.97
CA UNK LA 111 -79.74 12.66 -29.75
C UNK LA 111 -78.96 11.36 -29.57
N UNK LA 112 -78.02 11.18 -30.49
CA UNK LA 112 -77.14 10.00 -30.50
C UNK LA 112 -76.38 9.88 -29.18
N UNK LA 113 -75.83 11.02 -28.78
CA UNK LA 113 -75.07 11.14 -27.54
C UNK LA 113 -75.92 10.71 -26.34
N UNK LA 114 -77.13 11.24 -26.34
CA UNK LA 114 -78.11 10.97 -25.28
C UNK LA 114 -78.38 9.46 -25.19
N UNK LA 115 -78.59 8.88 -26.36
CA UNK LA 115 -78.86 7.44 -26.50
C UNK LA 115 -77.72 6.63 -25.90
N UNK LA 116 -76.51 7.05 -26.27
CA UNK LA 116 -75.27 6.41 -25.81
C UNK LA 116 -75.20 6.43 -24.28
N UNK LA 117 -75.50 7.60 -23.75
CA UNK LA 117 -75.49 7.84 -22.30
C UNK LA 117 -76.47 6.89 -21.60
N UNK LA 118 -84.18 5.97 -20.96
CA UNK LA 118 -84.56 6.04 -22.38
C UNK LA 118 -85.64 7.12 -22.57
N UNK LA 119 -86.62 7.05 -21.70
CA UNK LA 119 -87.76 7.98 -21.71
C UNK LA 119 -87.25 9.42 -21.57
N UNK LA 120 -86.35 9.59 -20.62
CA UNK LA 120 -85.75 10.89 -20.31
C UNK LA 120 -85.04 11.44 -21.55
N UNK LA 121 -84.28 10.56 -22.17
CA UNK LA 121 -83.52 10.88 -23.39
C UNK LA 121 -84.46 11.37 -24.49
N UNK LA 122 -85.54 10.62 -24.64
CA UNK LA 122 -86.58 10.92 -25.64
C UNK LA 122 -87.15 12.31 -25.41
N UNK LA 123 -87.45 12.57 -24.15
CA UNK LA 123 -88.01 13.85 -23.70
C UNK LA 123 -87.07 14.99 -24.08
N UNK LA 124 -85.80 14.77 -23.78
CA UNK LA 124 -84.73 15.72 -24.05
C UNK LA 124 -84.68 16.06 -25.55
N UNK LA 125 -84.73 14.99 -26.33
CA UNK LA 125 -84.71 15.08 -27.80
C UNK LA 125 -85.86 15.94 -28.29
N UNK LA 126 -87.04 15.65 -27.74
CA UNK LA 126 -88.27 16.36 -28.08
C UNK LA 126 -88.11 17.86 -27.80
N UNK LA 127 -37.76 -24.94 -35.19
CA UNK LA 127 -36.61 -25.54 -34.53
C UNK LA 127 -36.24 -26.87 -35.19
N UNK LA 128 -37.24 -27.72 -35.42
CA UNK LA 128 -37.03 -29.01 -36.05
C UNK LA 128 -36.37 -28.87 -37.41
N UNK LA 129 -36.89 -27.95 -38.22
CA UNK LA 129 -36.35 -27.71 -39.56
C UNK LA 129 -34.87 -27.33 -39.48
N UNK LA 130 -34.61 -26.42 -38.55
CA UNK LA 130 -33.25 -25.90 -38.30
C UNK LA 130 -32.32 -27.05 -37.93
N UNK LA 131 -32.82 -27.88 -37.02
CA UNK LA 131 -32.09 -29.05 -36.52
C UNK LA 131 -31.73 -29.98 -37.69
N UNK LA 132 -32.72 -30.21 -38.52
CA UNK LA 132 -32.59 -31.07 -39.70
C UNK LA 132 -31.48 -30.54 -40.61
N UNK LA 133 -31.54 -29.24 -40.83
CA UNK LA 133 -30.57 -28.53 -41.67
C UNK LA 133 -29.16 -28.72 -41.14
N UNK LA 134 -29.04 -28.54 -39.83
CA UNK LA 134 -27.77 -28.69 -39.11
C UNK LA 134 -27.20 -30.10 -39.33
N UNK LA 135 -28.09 -31.07 -39.17
CA UNK LA 135 -27.76 -32.49 -39.33
C UNK LA 135 -27.20 -32.74 -40.73
N UNK LA 136 -27.91 -32.19 -41.70
CA UNK LA 136 -27.55 -32.30 -43.11
C UNK LA 136 -26.14 -31.76 -43.35
N UNK LA 137 -25.93 -30.59 -42.79
CA UNK LA 137 -24.64 -29.87 -42.88
C UNK LA 137 -23.51 -30.76 -42.34
N UNK LA 138 -23.79 -31.33 -41.17
CA UNK LA 138 -22.85 -32.21 -40.47
C UNK LA 138 -22.47 -33.39 -41.36
N UNK LA 139 -23.51 -33.97 -41.94
CA UNK LA 139 -23.38 -35.13 -42.85
C UNK LA 139 -22.46 -34.77 -44.02
N UNK LA 140 -22.74 -33.62 -44.58
CA UNK LA 140 -21.98 -33.08 -45.72
C UNK LA 140 -20.50 -32.97 -45.37
N UNK LA 141 -20.28 -32.40 -44.19
CA UNK LA 141 -18.93 -32.18 -43.65
C UNK LA 141 -18.19 -33.51 -43.55
N UNK LA 142 -18.90 -34.47 -42.99
CA UNK LA 142 -18.38 -35.84 -42.79
C UNK LA 142 -17.94 -36.43 -44.13
N UNK LA 143 -18.83 -36.28 -45.10
CA UNK LA 143 -18.62 -36.78 -46.46
C UNK LA 143 -17.34 -36.18 -47.04
N UNK LA 144 -17.23 -34.88 -46.87
CA UNK LA 144 -16.08 -34.09 -47.35
C UNK LA 144 -14.79 -34.65 -46.75
N UNK LA 145 -14.85 -34.86 -45.45
CA UNK LA 145 -13.72 -35.39 -44.66
C UNK LA 145 -13.28 -36.74 -45.23
N UNK LA 146 -14.27 -37.58 -45.46
CA UNK LA 146 -14.08 -38.93 -46.00
C UNK LA 146 -13.34 -38.85 -47.36
N UNK MA 1 12.42 54.09 -9.46
CA UNK MA 1 11.86 52.74 -9.52
C UNK MA 1 12.91 51.74 -9.98
N UNK MA 2 14.07 52.22 -10.39
CA UNK MA 2 15.15 51.36 -10.88
C UNK MA 2 15.56 50.42 -9.77
N UNK MA 3 15.50 50.93 -8.55
CA UNK MA 3 15.88 50.14 -7.40
C UNK MA 3 14.95 48.95 -7.42
N UNK MA 4 13.72 49.18 -7.82
CA UNK MA 4 12.74 48.12 -7.84
C UNK MA 4 13.30 47.04 -8.74
N UNK MA 5 13.93 47.45 -9.83
CA UNK MA 5 14.47 46.47 -10.74
C UNK MA 5 15.49 45.62 -10.03
N UNK MA 6 16.35 46.25 -9.24
CA UNK MA 6 17.41 45.49 -8.59
C UNK MA 6 16.82 44.50 -7.62
N UNK MA 7 15.82 44.93 -6.87
CA UNK MA 7 15.25 44.05 -5.88
C UNK MA 7 14.65 42.86 -6.59
N UNK MA 8 14.04 43.12 -7.73
CA UNK MA 8 13.47 42.05 -8.53
C UNK MA 8 14.60 41.14 -8.97
N UNK MA 9 15.80 41.70 -9.04
CA UNK MA 9 16.96 40.94 -9.47
C UNK MA 9 17.30 39.77 -8.55
N UNK MA 10 17.26 39.98 -7.26
CA UNK MA 10 17.60 38.92 -6.34
C UNK MA 10 16.61 37.80 -6.52
N UNK MA 11 15.35 38.15 -6.72
CA UNK MA 11 14.29 37.17 -6.88
C UNK MA 11 14.49 36.28 -8.09
N UNK MA 12 15.03 36.84 -9.16
CA UNK MA 12 15.21 36.06 -10.36
C UNK MA 12 16.08 34.85 -10.07
N UNK MA 13 17.12 35.04 -9.28
CA UNK MA 13 18.00 33.94 -8.96
C UNK MA 13 17.24 32.87 -8.21
N UNK MA 14 16.35 33.30 -7.34
CA UNK MA 14 15.58 32.38 -6.52
C UNK MA 14 14.67 31.42 -7.27
N UNK MA 15 14.00 31.90 -8.31
CA UNK MA 15 13.10 31.04 -9.04
C UNK MA 15 13.89 29.87 -9.58
N UNK MA 16 15.06 30.17 -10.08
CA UNK MA 16 15.92 29.14 -10.64
C UNK MA 16 16.07 27.90 -9.78
N UNK MA 17 15.99 28.05 -8.46
CA UNK MA 17 16.20 26.89 -7.63
C UNK MA 17 14.92 26.15 -7.29
N UNK MA 18 13.89 26.88 -6.93
CA UNK MA 18 12.70 26.22 -6.42
C UNK MA 18 12.15 25.33 -7.51
N UNK MA 19 12.11 25.86 -8.71
CA UNK MA 19 11.46 25.14 -9.79
C UNK MA 19 11.88 23.69 -9.75
N UNK MA 20 17.75 17.94 -17.33
CA UNK MA 20 18.95 18.57 -17.86
C UNK MA 20 19.58 19.54 -16.88
N UNK MA 21 19.82 19.08 -15.66
CA UNK MA 21 20.40 19.93 -14.63
C UNK MA 21 21.74 20.38 -15.13
N UNK MA 22 22.47 19.47 -15.79
CA UNK MA 22 23.76 19.85 -16.35
C UNK MA 22 23.43 20.93 -17.35
N UNK MA 23 22.40 20.64 -18.14
CA UNK MA 23 21.91 21.61 -19.10
C UNK MA 23 21.43 22.75 -18.22
N UNK MA 24 20.77 22.38 -17.14
CA UNK MA 24 20.26 23.32 -16.14
C UNK MA 24 21.42 24.06 -15.51
N UNK MA 25 22.50 23.33 -15.26
CA UNK MA 25 23.66 23.95 -14.64
C UNK MA 25 24.10 25.03 -15.58
N UNK MA 26 24.15 24.71 -16.86
CA UNK MA 26 24.51 25.68 -17.85
C UNK MA 26 23.39 26.68 -17.79
N UNK MA 27 22.17 26.15 -17.75
CA UNK MA 27 21.02 27.04 -17.67
C UNK MA 27 21.27 27.81 -16.39
N UNK MA 28 21.71 27.09 -15.37
CA UNK MA 28 22.06 27.69 -14.12
C UNK MA 28 23.24 28.58 -14.48
N UNK MA 29 24.12 28.05 -15.31
CA UNK MA 29 25.26 28.80 -15.77
C UNK MA 29 24.70 30.03 -16.44
N UNK MA 30 23.55 29.88 -17.09
CA UNK MA 30 22.94 31.01 -17.71
C UNK MA 30 22.50 31.80 -16.53
N UNK MA 31 21.54 31.21 -15.89
CA UNK MA 31 20.70 31.91 -14.95
C UNK MA 31 21.56 32.78 -14.09
N UNK MA 32 22.64 32.22 -13.57
CA UNK MA 32 23.43 32.94 -12.62
C UNK MA 32 23.95 34.15 -13.35
N UNK MA 33 24.39 33.91 -14.57
CA UNK MA 33 25.04 34.97 -15.30
C UNK MA 33 24.18 36.20 -15.56
N UNK MA 34 22.96 36.01 -16.03
CA UNK MA 34 22.16 37.15 -16.49
C UNK MA 34 21.90 38.08 -15.32
N UNK MA 35 21.77 37.48 -14.14
CA UNK MA 35 21.51 38.24 -12.94
C UNK MA 35 22.69 39.18 -12.75
N UNK MA 36 23.89 38.71 -13.08
CA UNK MA 36 25.08 39.55 -12.97
C UNK MA 36 24.99 40.77 -13.86
N UNK MA 37 24.53 40.54 -15.08
CA UNK MA 37 24.40 41.64 -16.01
C UNK MA 37 23.41 42.59 -15.40
N UNK MA 38 22.32 42.05 -14.86
CA UNK MA 38 21.27 42.88 -14.29
C UNK MA 38 21.71 43.70 -13.07
N UNK MA 39 22.41 43.04 -12.16
CA UNK MA 39 22.81 43.69 -10.92
C UNK MA 39 23.74 44.84 -11.24
N UNK MA 40 24.42 44.77 -12.35
CA UNK MA 40 25.16 45.95 -12.70
C UNK MA 40 24.10 47.07 -12.83
N UNK MA 41 22.84 46.68 -13.01
CA UNK MA 41 21.75 47.64 -13.21
C UNK MA 41 21.53 48.61 -12.10
N UNK MA 42 21.48 48.11 -10.88
CA UNK MA 42 21.31 49.00 -9.76
C UNK MA 42 22.58 49.83 -9.71
N UNK MA 43 23.67 49.17 -10.00
CA UNK MA 43 24.95 49.84 -9.99
C UNK MA 43 24.87 50.91 -11.01
N UNK MA 44 24.21 50.59 -12.09
CA UNK MA 44 24.08 51.54 -13.16
C UNK MA 44 23.31 52.75 -12.70
N UNK MA 45 22.16 52.50 -12.12
CA UNK MA 45 21.32 53.56 -11.64
C UNK MA 45 22.15 54.44 -10.73
N UNK MA 46 23.26 53.91 -10.23
CA UNK MA 46 24.09 54.67 -9.32
C UNK MA 46 25.05 55.56 -10.10
N UNK MA 47 24.51 56.60 -10.73
CA UNK MA 47 25.33 57.52 -11.49
C UNK MA 47 26.36 58.32 -10.68
N UNK MA 48 26.01 58.99 -9.58
CA UNK MA 48 24.67 59.25 -9.03
C UNK MA 48 23.81 58.09 -8.58
N UNK MA 49 23.71 57.87 -7.28
CA UNK MA 49 22.90 56.78 -6.77
C UNK MA 49 21.91 57.23 -5.70
N UNK MA 50 20.78 56.53 -5.63
CA UNK MA 50 19.72 56.81 -4.67
C UNK MA 50 19.49 55.53 -3.89
N UNK MA 51 20.47 55.18 -3.03
CA UNK MA 51 20.51 53.98 -2.15
C UNK MA 51 19.15 53.67 -1.58
N UNK MA 52 18.84 52.43 -1.11
CA UNK MA 52 17.44 52.27 -0.70
C UNK MA 52 16.98 50.98 0.01
N UNK MA 53 15.83 51.12 0.68
CA UNK MA 53 15.25 50.06 1.47
C UNK MA 53 13.74 50.06 1.33
N UNK MA 54 13.23 49.15 0.52
CA UNK MA 54 11.79 49.02 0.34
C UNK MA 54 11.45 47.73 1.03
N UNK MA 55 10.56 47.79 2.01
CA UNK MA 55 10.21 46.60 2.75
C UNK MA 55 8.95 45.91 2.25
N UNK MA 56 8.42 45.02 3.08
CA UNK MA 56 7.20 44.28 2.77
C UNK MA 56 7.22 43.31 3.93
N UNK MA 57 6.11 42.68 4.32
CA UNK MA 57 6.35 41.84 5.45
C UNK MA 57 5.74 40.51 4.98
N UNK MA 58 4.53 40.06 5.36
CA UNK MA 58 3.65 40.68 6.34
C UNK MA 58 4.42 40.15 7.51
N UNK MA 59 5.28 41.05 7.98
CA UNK MA 59 6.23 40.72 9.04
C UNK MA 59 5.60 40.08 10.28
N UNK MA 60 5.33 40.93 11.26
CA UNK MA 60 4.77 40.59 12.57
C UNK MA 60 5.22 41.65 13.58
N UNK MA 61 4.48 41.81 14.66
CA UNK MA 61 4.89 42.82 15.64
C UNK MA 61 4.51 42.43 17.06
N UNK MA 62 5.42 42.64 17.98
CA UNK MA 62 5.17 42.28 19.37
C UNK MA 62 4.93 43.60 20.05
N UNK MA 63 4.18 43.61 21.14
CA UNK MA 63 3.94 44.88 21.81
C UNK MA 63 5.32 45.40 22.19
N UNK MA 64 5.60 46.65 21.83
CA UNK MA 64 6.90 47.23 22.11
C UNK MA 64 7.65 47.37 20.80
N UNK MA 65 7.30 46.54 19.83
CA UNK MA 65 7.97 46.67 18.54
C UNK MA 65 7.21 46.05 17.39
N UNK MA 66 7.55 46.54 16.20
CA UNK MA 66 7.01 46.05 14.96
C UNK MA 66 8.28 45.68 14.22
N UNK MA 67 8.35 44.47 13.70
CA UNK MA 67 9.53 44.01 12.93
C UNK MA 67 9.12 43.41 11.60
N UNK MA 68 9.60 43.96 10.50
CA UNK MA 68 9.25 43.44 9.17
C UNK MA 68 10.40 43.38 8.16
N UNK MA 69 10.58 42.22 7.53
CA UNK MA 69 11.60 42.03 6.50
C UNK MA 69 10.93 41.37 5.29
N UNK MA 70 11.00 41.98 4.11
CA UNK MA 70 11.68 43.25 3.80
C UNK MA 70 13.18 43.18 3.50
N UNK MA 71 13.57 43.83 2.40
CA UNK MA 71 14.95 43.88 1.95
C UNK MA 71 15.31 45.30 1.50
N UNK MA 72 16.60 45.61 1.48
CA UNK MA 72 17.06 46.94 1.07
C UNK MA 72 18.46 46.86 0.48
N UNK MA 73 18.86 47.87 -0.28
CA UNK MA 73 20.19 47.84 -0.87
C UNK MA 73 20.92 49.17 -0.70
N UNK MA 74 22.18 49.12 -0.29
CA UNK MA 74 22.93 50.37 -0.13
C UNK MA 74 24.05 50.53 -1.14
N UNK MA 75 24.00 51.64 -1.86
CA UNK MA 75 25.00 51.94 -2.90
C UNK MA 75 26.42 52.13 -2.39
N UNK MA 76 26.57 52.82 -1.27
CA UNK MA 76 27.90 53.08 -0.74
C UNK MA 76 28.64 51.81 -0.38
N UNK MA 77 27.93 50.88 0.25
CA UNK MA 77 28.53 49.62 0.63
C UNK MA 77 27.77 48.43 0.12
N UNK MA 78 26.46 48.43 0.34
CA UNK MA 78 25.63 47.33 -0.08
C UNK MA 78 25.54 47.09 -1.58
N UNK MA 79 25.43 48.17 -2.34
CA UNK MA 79 25.29 48.05 -3.79
C UNK MA 79 26.43 47.38 -4.52
N UNK MA 80 27.65 47.70 -4.12
CA UNK MA 80 28.83 47.13 -4.79
C UNK MA 80 29.14 45.67 -4.51
N UNK MA 81 29.08 45.22 -3.26
CA UNK MA 81 29.41 43.83 -2.96
C UNK MA 81 28.66 42.88 -3.89
N UNK MA 82 27.40 43.15 -4.16
CA UNK MA 82 26.60 42.20 -4.90
C UNK MA 82 27.17 41.98 -6.27
N UNK MA 83 27.53 43.07 -6.93
CA UNK MA 83 28.00 42.95 -8.30
C UNK MA 83 29.27 42.15 -8.36
N UNK MA 84 30.20 42.45 -7.48
CA UNK MA 84 31.49 41.80 -7.54
C UNK MA 84 31.22 40.34 -7.32
N UNK MA 85 30.34 40.10 -6.36
CA UNK MA 85 30.13 38.77 -5.89
C UNK MA 85 29.65 37.91 -7.04
N UNK MA 86 28.62 38.39 -7.73
CA UNK MA 86 27.95 37.56 -8.70
C UNK MA 86 28.99 37.22 -9.72
N UNK MA 87 29.83 38.15 -10.11
CA UNK MA 87 30.72 37.77 -11.20
C UNK MA 87 31.52 36.55 -10.78
N UNK MA 88 32.02 36.58 -9.55
CA UNK MA 88 32.90 35.52 -9.10
C UNK MA 88 32.11 34.26 -9.19
N UNK MA 89 30.84 34.37 -8.81
CA UNK MA 89 29.97 33.22 -8.87
C UNK MA 89 29.94 32.81 -10.32
N UNK MA 90 29.90 33.79 -11.21
CA UNK MA 90 29.67 33.47 -12.59
C UNK MA 90 30.77 32.57 -13.07
N UNK MA 91 32.01 32.92 -12.75
CA UNK MA 91 33.11 32.08 -13.18
C UNK MA 91 33.16 30.73 -12.50
N UNK MA 92 32.97 30.70 -11.20
CA UNK MA 92 33.28 29.49 -10.47
C UNK MA 92 32.48 28.33 -11.00
N UNK MA 93 31.22 28.58 -11.32
CA UNK MA 93 30.35 27.49 -11.70
C UNK MA 93 30.93 26.79 -12.91
N UNK MA 94 31.47 27.57 -13.84
CA UNK MA 94 31.97 26.98 -15.05
C UNK MA 94 33.12 26.05 -14.74
N UNK MA 95 34.02 26.48 -13.87
CA UNK MA 95 35.19 25.68 -13.54
C UNK MA 95 34.72 24.41 -12.88
N UNK MA 96 33.61 24.57 -12.20
CA UNK MA 96 33.01 23.52 -11.45
C UNK MA 96 32.60 22.37 -12.32
N UNK MA 97 32.00 22.64 -13.48
CA UNK MA 97 31.37 21.57 -14.18
C UNK MA 97 32.47 20.59 -14.57
N UNK MA 98 33.53 21.06 -15.18
CA UNK MA 98 34.50 20.07 -15.56
C UNK MA 98 35.07 19.31 -14.38
N UNK MA 99 35.48 20.01 -13.34
CA UNK MA 99 36.11 19.34 -12.20
C UNK MA 99 35.24 18.35 -11.47
N UNK MA 100 33.98 18.69 -11.45
CA UNK MA 100 32.89 18.01 -10.82
C UNK MA 100 32.23 17.10 -11.82
N UNK MA 101 32.57 17.27 -13.10
CA UNK MA 101 31.99 16.43 -14.14
C UNK MA 101 32.34 15.02 -13.72
N UNK MA 102 31.39 14.13 -13.91
CA UNK MA 102 31.50 12.76 -13.46
C UNK MA 102 31.04 12.72 -12.03
N UNK MA 103 30.69 13.87 -11.44
CA UNK MA 103 30.19 13.76 -10.06
C UNK MA 103 28.87 13.00 -10.09
N UNK MA 104 28.84 11.83 -9.47
CA UNK MA 104 27.65 11.02 -9.56
C UNK MA 104 26.44 11.77 -9.10
N UNK MA 105 26.59 12.55 -8.06
CA UNK MA 105 25.47 13.33 -7.60
C UNK MA 105 25.63 14.73 -8.13
N UNK MA 106 26.44 14.88 -9.17
CA UNK MA 106 26.75 16.22 -9.63
C UNK MA 106 25.57 17.08 -9.96
N UNK MA 107 24.59 16.54 -10.67
CA UNK MA 107 23.43 17.33 -10.98
C UNK MA 107 22.88 17.85 -9.67
N UNK MA 108 22.74 16.96 -8.71
CA UNK MA 108 22.22 17.33 -7.44
C UNK MA 108 23.13 18.35 -6.85
N UNK MA 109 24.39 18.13 -7.02
CA UNK MA 109 25.27 19.06 -6.33
C UNK MA 109 24.85 20.49 -6.54
N UNK MA 110 24.61 20.88 -7.77
CA UNK MA 110 24.67 22.28 -8.05
C UNK MA 110 23.67 22.94 -7.13
N UNK MA 111 22.56 22.28 -6.86
CA UNK MA 111 21.49 22.95 -6.17
C UNK MA 111 21.98 23.46 -4.84
N UNK MA 112 22.75 22.65 -4.13
CA UNK MA 112 23.19 23.09 -2.81
C UNK MA 112 24.01 24.35 -2.97
N UNK MA 113 24.87 24.37 -3.99
CA UNK MA 113 25.75 25.52 -4.19
C UNK MA 113 24.98 26.79 -4.52
N UNK MA 114 23.98 26.66 -5.36
CA UNK MA 114 23.21 27.82 -5.74
C UNK MA 114 22.53 28.33 -4.51
N UNK MA 115 22.03 27.43 -3.69
CA UNK MA 115 21.33 27.86 -2.50
C UNK MA 115 22.30 28.62 -1.60
N UNK MA 116 23.50 28.09 -1.45
CA UNK MA 116 24.44 28.70 -0.52
C UNK MA 116 24.69 30.09 -1.02
N UNK MA 117 24.71 30.31 -2.32
CA UNK MA 117 24.91 31.69 -2.74
C UNK MA 117 23.77 32.56 -2.19
N UNK MA 118 22.57 32.01 -2.20
CA UNK MA 118 21.39 32.80 -1.83
C UNK MA 118 21.54 33.28 -0.42
N UNK MA 119 22.03 32.42 0.44
CA UNK MA 119 22.17 32.80 1.82
C UNK MA 119 23.02 34.03 1.96
N UNK MA 120 24.21 33.96 1.39
CA UNK MA 120 25.15 35.05 1.57
C UNK MA 120 24.49 36.29 1.04
N UNK MA 121 23.84 36.17 -0.11
CA UNK MA 121 23.30 37.37 -0.71
C UNK MA 121 22.35 37.91 0.33
N UNK MA 122 21.61 37.00 0.95
CA UNK MA 122 20.72 37.37 2.03
C UNK MA 122 21.63 37.94 3.09
N UNK MA 123 22.79 37.33 3.26
CA UNK MA 123 23.67 37.73 4.32
C UNK MA 123 24.08 39.18 4.13
N UNK MA 124 24.43 39.54 2.91
CA UNK MA 124 24.83 40.91 2.61
C UNK MA 124 23.70 41.90 2.76
N UNK MA 125 22.53 41.51 2.30
CA UNK MA 125 21.45 42.45 2.10
C UNK MA 125 20.88 43.17 3.32
N UNK MA 126 20.79 42.47 4.45
CA UNK MA 126 19.70 42.69 5.41
C UNK MA 126 19.54 44.06 6.08
N UNK MA 127 18.30 44.57 6.00
CA UNK MA 127 17.88 45.79 6.68
C UNK MA 127 17.79 45.71 8.19
N UNK MA 128 17.25 44.61 8.69
CA UNK MA 128 16.95 44.49 10.12
C UNK MA 128 17.66 43.28 10.66
N UNK MA 129 18.11 43.37 11.91
CA UNK MA 129 19.18 42.53 12.38
C UNK MA 129 18.76 41.10 12.20
N UNK MA 130 17.50 40.83 12.50
CA UNK MA 130 17.01 39.47 12.56
C UNK MA 130 17.23 38.91 11.19
N UNK MA 131 16.99 39.74 10.20
CA UNK MA 131 17.20 39.32 8.84
C UNK MA 131 18.67 38.97 8.76
N UNK MA 132 19.48 39.76 9.43
CA UNK MA 132 20.90 39.51 9.40
C UNK MA 132 21.13 38.16 10.02
N UNK MA 133 20.44 37.88 11.10
CA UNK MA 133 20.76 36.69 11.84
C UNK MA 133 20.51 35.53 10.92
N UNK MA 134 19.39 35.61 10.20
CA UNK MA 134 19.03 34.60 9.23
C UNK MA 134 20.25 34.42 8.38
N UNK MA 135 20.90 35.52 8.05
CA UNK MA 135 22.10 35.45 7.24
C UNK MA 135 23.36 34.80 7.83
N UNK MA 136 23.74 35.14 9.05
CA UNK MA 136 24.97 34.57 9.61
C UNK MA 136 24.90 33.07 9.80
N UNK MA 137 23.80 32.61 10.38
CA UNK MA 137 23.63 31.19 10.60
C UNK MA 137 23.50 30.46 9.28
N UNK MA 138 22.78 31.08 8.36
CA UNK MA 138 22.51 30.48 7.07
C UNK MA 138 23.71 30.18 6.20
N UNK MA 139 24.65 31.11 6.12
CA UNK MA 139 25.79 30.87 5.26
C UNK MA 139 26.56 29.64 5.73
N UNK MA 140 26.78 29.56 7.02
CA UNK MA 140 27.53 28.45 7.58
C UNK MA 140 26.92 27.07 7.45
N UNK MA 141 25.62 26.95 7.66
CA UNK MA 141 25.00 25.64 7.64
C UNK MA 141 25.27 24.97 6.32
N UNK MA 142 25.15 25.72 5.25
CA UNK MA 142 25.41 25.15 3.95
C UNK MA 142 26.83 24.62 3.96
N UNK MA 143 27.68 25.32 4.70
CA UNK MA 143 29.08 24.94 4.77
C UNK MA 143 29.20 23.55 5.37
N UNK MA 144 28.44 23.31 6.43
CA UNK MA 144 28.53 22.07 7.15
C UNK MA 144 28.12 21.00 6.21
N UNK MA 145 27.08 21.26 5.43
CA UNK MA 145 26.68 20.25 4.46
C UNK MA 145 27.72 19.96 3.37
N UNK MA 146 28.05 21.03 2.65
CA UNK MA 146 28.98 21.02 1.56
C UNK MA 146 30.31 20.65 2.14
N UNK MA 147 30.55 21.13 3.36
CA UNK MA 147 31.88 21.21 3.92
C UNK MA 147 32.43 19.82 3.87
N UNK MA 148 31.57 18.85 4.09
CA UNK MA 148 31.95 17.49 3.84
C UNK MA 148 31.47 17.14 2.45
N UNK MA 149 30.52 16.20 2.39
CA UNK MA 149 30.07 15.57 1.17
C UNK MA 149 31.01 14.35 1.29
N UNK MA 150 30.96 13.37 0.39
CA UNK MA 150 31.88 12.22 0.53
C UNK MA 150 31.70 11.57 1.89
N UNK MA 151 30.64 10.79 2.10
CA UNK MA 151 30.42 10.30 3.45
C UNK MA 151 31.66 9.65 4.06
N UNK MA 152 32.45 8.99 3.23
CA UNK MA 152 33.66 8.35 3.72
C UNK MA 152 34.73 9.35 4.08
N UNK MA 153 35.63 8.93 4.97
CA UNK MA 153 36.75 9.75 5.38
C UNK MA 153 37.87 9.72 4.33
N UNK MA 154 38.77 10.68 4.46
CA UNK MA 154 38.59 11.60 5.57
C UNK MA 154 37.22 12.12 5.34
N UNK MA 155 36.39 11.99 6.35
CA UNK MA 155 35.03 12.42 6.22
C UNK MA 155 35.03 13.88 5.80
N UNK MA 156 35.92 14.66 6.41
CA UNK MA 156 36.03 16.10 6.19
C UNK MA 156 34.67 16.58 6.65
N UNK MA 157 34.10 15.74 7.51
CA UNK MA 157 32.77 15.91 8.06
C UNK MA 157 33.03 16.20 9.53
N UNK MA 158 33.90 15.39 10.12
CA UNK MA 158 34.21 15.61 11.52
C UNK MA 158 34.80 17.00 11.54
N UNK MA 159 35.64 17.26 10.55
CA UNK MA 159 36.23 18.58 10.42
C UNK MA 159 35.05 19.49 10.17
N UNK MA 160 34.12 19.00 9.38
CA UNK MA 160 32.94 19.77 9.09
C UNK MA 160 32.26 20.04 10.41
N UNK MA 161 32.08 19.01 11.21
CA UNK MA 161 31.41 19.21 12.47
C UNK MA 161 32.22 20.24 13.21
N UNK MA 162 33.53 20.14 13.01
CA UNK MA 162 34.44 21.06 13.62
C UNK MA 162 34.08 22.43 13.13
N UNK MA 163 33.82 22.57 11.83
CA UNK MA 163 33.54 23.89 11.30
C UNK MA 163 32.28 24.39 11.95
N UNK MA 164 31.30 23.53 12.01
CA UNK MA 164 30.04 23.92 12.60
C UNK MA 164 30.36 24.26 14.04
N UNK MA 165 31.24 23.48 14.65
CA UNK MA 165 31.52 23.67 16.06
C UNK MA 165 32.08 25.05 16.35
N UNK MA 166 33.03 25.51 15.56
CA UNK MA 166 33.54 26.85 15.77
C UNK MA 166 32.47 27.88 15.45
N UNK MA 167 31.80 27.70 14.33
CA UNK MA 167 30.96 28.78 13.85
C UNK MA 167 29.91 29.09 14.87
N UNK MA 168 29.32 28.08 15.47
CA UNK MA 168 28.28 28.30 16.46
C UNK MA 168 28.81 29.04 17.67
N UNK MA 169 30.03 28.73 18.08
CA UNK MA 169 30.58 29.34 19.28
C UNK MA 169 30.74 30.83 19.10
N UNK MA 170 31.29 31.22 17.96
CA UNK MA 170 31.47 32.63 17.63
C UNK MA 170 30.07 33.22 17.52
N UNK MA 171 29.17 32.32 17.17
CA UNK MA 171 27.79 32.66 16.97
C UNK MA 171 27.20 33.19 18.25
N UNK MA 172 27.60 32.61 19.38
CA UNK MA 172 26.90 32.87 20.62
C UNK MA 172 26.98 34.36 20.88
N UNK MA 173 28.13 34.96 20.73
CA UNK MA 173 28.11 36.37 21.03
C UNK MA 173 26.94 36.91 20.24
N UNK MA 174 27.06 36.68 18.95
CA UNK MA 174 26.22 37.40 18.03
C UNK MA 174 24.88 37.46 18.70
N UNK MA 175 24.46 36.35 19.30
CA UNK MA 175 23.20 36.33 20.02
C UNK MA 175 23.18 37.51 20.98
N UNK MA 176 24.31 37.76 21.63
CA UNK MA 176 24.39 38.87 22.56
C UNK MA 176 24.13 40.10 21.73
N UNK MA 177 24.75 40.10 20.57
CA UNK MA 177 24.57 41.18 19.65
C UNK MA 177 23.09 41.15 19.29
N UNK MA 178 22.57 39.93 19.15
CA UNK MA 178 21.19 39.76 18.78
C UNK MA 178 20.31 40.42 19.82
N UNK MA 179 20.66 40.27 21.09
CA UNK MA 179 19.90 40.90 22.15
C UNK MA 179 20.44 42.29 22.43
N UNK MA 180 21.49 42.65 21.71
CA UNK MA 180 22.13 43.92 21.91
C UNK MA 180 21.17 45.07 21.69
N UNK MA 181 20.41 44.98 20.61
CA UNK MA 181 19.47 46.05 20.31
C UNK MA 181 18.41 46.16 21.38
N UNK MA 182 17.88 45.03 21.82
CA UNK MA 182 16.83 45.06 22.81
C UNK MA 182 17.38 45.74 24.04
N UNK MA 183 18.61 45.42 24.37
CA UNK MA 183 19.26 46.03 25.50
C UNK MA 183 19.32 47.51 25.22
N UNK MA 184 18.73 48.34 26.06
CA UNK MA 184 18.76 49.77 25.81
C UNK MA 184 17.81 50.02 24.64
N UNK MA 185 18.33 50.55 23.52
CA UNK MA 185 17.55 50.82 22.32
C UNK MA 185 16.37 49.87 22.09
N UNK MA 186 16.59 48.56 21.86
CA UNK MA 186 15.43 47.71 21.65
C UNK MA 186 14.62 48.29 20.52
N UNK MA 187 15.25 48.67 19.43
CA UNK MA 187 14.52 49.19 18.29
C UNK MA 187 14.57 48.10 17.22
N UNK MA 188 15.73 47.47 17.13
CA UNK MA 188 15.95 46.39 16.18
C UNK MA 188 16.02 46.96 14.79
N UNK MA 189 16.17 48.27 14.70
CA UNK MA 189 16.25 48.92 13.41
C UNK MA 189 17.63 49.48 13.15
N UNK MA 190 18.27 49.03 12.08
CA UNK MA 190 19.60 49.52 11.75
C UNK MA 190 19.50 51.00 11.48
N UNK MA 191 18.49 51.39 10.73
CA UNK MA 191 18.32 52.80 10.44
C UNK MA 191 18.02 53.47 11.77
N UNK MA 192 17.11 52.87 12.53
CA UNK MA 192 16.75 53.39 13.83
C UNK MA 192 17.91 53.32 14.79
N UNK MA 193 18.63 52.21 14.73
CA UNK MA 193 19.75 51.99 15.62
C UNK MA 193 20.79 53.05 15.39
N UNK MA 194 20.82 53.62 14.22
CA UNK MA 194 21.87 54.60 13.95
C UNK MA 194 22.21 55.61 15.07
N UNK MA 195 21.25 56.21 15.76
CA UNK MA 195 21.61 57.16 16.81
C UNK MA 195 20.97 56.90 18.17
N UNK MA 196 21.76 56.72 19.23
CA UNK MA 196 23.23 56.68 19.27
C UNK MA 196 23.58 55.62 20.30
N UNK MA 197 24.73 54.96 20.22
CA UNK MA 197 24.99 53.92 21.20
C UNK MA 197 25.48 54.41 22.56
N UNK MA 198 26.43 55.34 22.57
CA UNK MA 198 27.07 55.75 23.80
C UNK MA 198 27.70 54.56 24.55
N UNK MA 199 28.21 53.65 23.74
CA UNK MA 199 28.82 52.41 24.13
C UNK MA 199 30.12 52.53 24.93
N UNK MA 200 30.35 51.67 25.92
CA UNK MA 200 29.43 50.62 26.33
C UNK MA 200 29.20 49.79 25.09
N UNK MA 201 30.27 49.61 24.33
CA UNK MA 201 30.18 48.93 23.07
C UNK MA 201 29.62 47.55 23.27
N UNK MA 202 30.00 46.97 24.41
CA UNK MA 202 29.64 45.62 24.88
C UNK MA 202 28.94 44.83 23.82
N UNK MA 203 27.61 44.95 23.76
CA UNK MA 203 26.94 44.23 22.70
C UNK MA 203 27.75 44.50 21.44
N UNK MA 204 28.17 45.74 21.27
CA UNK MA 204 28.98 46.15 20.12
C UNK MA 204 30.31 45.42 20.18
N UNK MA 205 30.88 45.34 21.39
CA UNK MA 205 32.12 44.61 21.63
C UNK MA 205 31.71 43.20 21.31
N UNK MA 206 30.49 42.88 21.75
CA UNK MA 206 29.87 41.60 21.47
C UNK MA 206 29.84 41.23 20.00
N UNK MA 207 29.54 42.20 19.15
CA UNK MA 207 29.42 41.89 17.74
C UNK MA 207 30.75 41.34 17.30
N UNK MA 208 31.75 41.94 17.88
CA UNK MA 208 33.14 41.68 17.62
C UNK MA 208 33.53 40.25 17.84
N UNK MA 209 32.95 39.54 18.80
CA UNK MA 209 33.39 38.15 18.98
C UNK MA 209 33.10 37.25 17.77
N UNK MA 210 31.86 37.26 17.29
CA UNK MA 210 31.50 36.44 16.13
C UNK MA 210 32.16 36.90 14.84
N UNK MA 211 32.17 38.23 14.70
CA UNK MA 211 32.74 38.88 13.53
C UNK MA 211 34.22 38.56 13.50
N UNK MA 212 34.85 38.55 14.66
CA UNK MA 212 36.26 38.23 14.75
C UNK MA 212 36.42 36.79 14.27
N UNK MA 213 35.50 35.93 14.68
CA UNK MA 213 35.53 34.53 14.31
C UNK MA 213 35.38 34.35 12.80
N UNK MA 214 34.48 35.13 12.20
CA UNK MA 214 34.25 35.07 10.76
C UNK MA 214 35.51 35.52 10.03
N UNK MA 215 36.14 36.55 10.57
CA UNK MA 215 37.35 37.12 10.02
C UNK MA 215 38.48 36.11 10.08
N UNK MA 216 38.46 35.32 11.15
CA UNK MA 216 39.46 34.31 11.43
C UNK MA 216 40.65 34.95 12.11
N UNK MA 217 40.49 36.22 12.47
CA UNK MA 217 41.53 36.97 13.15
C UNK MA 217 41.63 36.40 14.56
N UNK MA 218 42.84 36.36 15.11
CA UNK MA 218 43.01 35.83 16.45
C UNK MA 218 42.53 34.38 16.54
N UNK MA 219 41.67 34.12 17.51
CA UNK MA 219 41.14 32.78 17.76
C UNK MA 219 40.09 32.31 16.73
N UNK MA 220 40.56 32.10 15.49
CA UNK MA 220 39.75 31.59 14.35
C UNK MA 220 40.36 30.45 13.43
N UNK MA 221 41.45 29.83 13.89
CA UNK MA 221 42.15 28.81 13.08
C UNK MA 221 41.35 27.56 12.66
N UNK MA 222 40.54 27.05 13.58
CA UNK MA 222 39.76 25.88 13.25
C UNK MA 222 38.81 26.21 12.11
N UNK MA 223 38.19 27.38 12.19
CA UNK MA 223 37.23 27.81 11.18
C UNK MA 223 37.96 27.87 9.87
N UNK MA 224 39.19 28.35 9.91
CA UNK MA 224 39.98 28.39 8.69
C UNK MA 224 40.33 27.04 8.02
N UNK MA 225 40.70 25.99 8.77
CA UNK MA 225 41.10 24.72 8.11
C UNK MA 225 40.16 23.76 7.26
N UNK MA 226 38.97 23.49 7.77
CA UNK MA 226 37.93 22.61 7.27
C UNK MA 226 37.53 23.13 5.91
N UNK MA 227 37.69 24.43 5.71
CA UNK MA 227 37.37 25.04 4.43
C UNK MA 227 38.32 24.44 3.40
N UNK MA 228 39.57 24.27 3.80
CA UNK MA 228 40.56 23.73 2.89
C UNK MA 228 40.14 22.36 2.45
N UNK MA 229 39.58 21.62 3.39
CA UNK MA 229 39.14 20.26 3.09
C UNK MA 229 38.04 19.89 2.07
N UNK MA 230 36.92 20.62 1.93
CA UNK MA 230 35.81 20.07 0.91
C UNK MA 230 35.91 19.93 -0.72
N UNK MA 231 35.21 19.05 -1.52
CA UNK MA 231 35.56 19.20 -2.92
C UNK MA 231 36.00 20.63 -3.22
N UNK MA 232 37.00 20.76 -4.08
CA UNK MA 232 37.87 21.92 -4.12
C UNK MA 232 37.20 23.25 -4.44
N UNK MA 233 36.33 23.25 -5.44
CA UNK MA 233 35.72 24.47 -5.88
C UNK MA 233 35.00 25.02 -4.67
N UNK MA 234 34.38 24.13 -3.92
CA UNK MA 234 33.63 24.54 -2.74
C UNK MA 234 34.63 25.24 -1.85
N UNK MA 235 35.84 24.73 -1.86
CA UNK MA 235 36.90 25.34 -1.11
C UNK MA 235 37.05 26.73 -1.67
N UNK MA 236 36.90 26.85 -2.98
CA UNK MA 236 37.12 28.14 -3.58
C UNK MA 236 36.12 29.14 -3.01
N UNK MA 237 34.86 28.75 -2.94
CA UNK MA 237 33.86 29.67 -2.45
C UNK MA 237 34.19 30.02 -1.01
N UNK MA 238 34.30 28.99 -0.17
CA UNK MA 238 34.38 29.21 1.25
C UNK MA 238 35.66 29.96 1.54
N UNK MA 239 36.72 29.53 0.88
CA UNK MA 239 38.00 30.14 1.08
C UNK MA 239 38.07 31.57 0.59
N UNK MA 240 37.53 31.82 -0.60
CA UNK MA 240 37.72 33.11 -1.22
C UNK MA 240 36.50 33.96 -1.07
N UNK MA 241 35.39 33.23 -1.05
CA UNK MA 241 34.06 33.81 -1.00
C UNK MA 241 33.42 33.56 0.33
N UNK MA 242 33.41 32.32 0.82
CA UNK MA 242 32.80 32.08 2.11
C UNK MA 242 33.63 32.72 3.23
N UNK MA 243 34.94 32.47 3.18
CA UNK MA 243 35.85 33.00 4.20
C UNK MA 243 35.93 34.52 4.16
N UNK MA 244 36.18 35.10 2.99
CA UNK MA 244 36.26 36.56 2.90
C UNK MA 244 34.94 37.34 3.04
N UNK MA 245 33.92 36.86 2.34
CA UNK MA 245 32.60 37.51 2.33
C UNK MA 245 31.92 37.53 3.70
N UNK MA 246 31.96 36.49 4.52
CA UNK MA 246 31.20 36.72 5.76
C UNK MA 246 31.62 37.72 6.88
N UNK MA 247 32.86 37.62 7.37
CA UNK MA 247 33.26 38.46 8.51
C UNK MA 247 33.46 39.98 8.44
N UNK MA 248 34.22 40.46 7.47
CA UNK MA 248 34.45 41.88 7.39
C UNK MA 248 33.15 42.57 7.10
N UNK MA 249 32.41 41.98 6.18
CA UNK MA 249 31.15 42.54 5.78
C UNK MA 249 30.20 42.59 6.97
N UNK MA 250 30.18 41.51 7.76
CA UNK MA 250 29.26 41.55 8.90
C UNK MA 250 29.69 42.67 9.84
N UNK MA 251 30.97 42.72 10.13
CA UNK MA 251 31.53 43.73 11.00
C UNK MA 251 31.56 45.15 10.47
N UNK MA 252 31.91 45.28 9.21
CA UNK MA 252 32.08 46.56 8.57
C UNK MA 252 30.75 47.28 8.60
N UNK MA 253 29.67 46.53 8.55
CA UNK MA 253 28.36 47.12 8.36
C UNK MA 253 28.09 48.08 9.48
N UNK MA 254 28.47 47.74 10.69
CA UNK MA 254 28.24 48.62 11.81
C UNK MA 254 28.98 49.94 11.63
N UNK MA 255 30.17 49.87 11.05
CA UNK MA 255 30.97 51.03 10.71
C UNK MA 255 30.63 52.34 11.42
N UNK MA 256 29.38 52.73 11.35
CA UNK MA 256 28.97 53.98 11.97
C UNK MA 256 29.17 53.97 13.46
N UNK MA 257 28.86 52.84 14.08
CA UNK MA 257 28.94 52.72 15.52
C UNK MA 257 30.41 52.74 15.91
N UNK MA 258 31.22 52.09 15.08
CA UNK MA 258 32.58 51.79 15.44
C UNK MA 258 33.39 53.02 15.72
N UNK MA 259 33.18 54.07 14.94
CA UNK MA 259 34.12 55.17 14.94
C UNK MA 259 34.18 55.71 16.34
N UNK MA 260 33.04 55.88 16.98
CA UNK MA 260 33.04 56.31 18.37
C UNK MA 260 33.47 55.14 19.22
N UNK MA 261 33.79 55.39 20.48
CA UNK MA 261 34.21 54.33 21.41
C UNK MA 261 35.42 53.57 20.90
N UNK MA 262 36.43 54.32 20.51
CA UNK MA 262 37.55 53.80 19.77
C UNK MA 262 38.24 52.67 20.52
N UNK MA 263 38.24 52.74 21.84
CA UNK MA 263 39.14 51.91 22.62
C UNK MA 263 38.83 50.49 22.28
N UNK MA 264 37.55 50.20 22.16
CA UNK MA 264 37.13 48.87 21.83
C UNK MA 264 37.74 48.50 20.49
N UNK MA 265 37.79 49.47 19.59
CA UNK MA 265 38.28 49.23 18.26
C UNK MA 265 39.74 48.84 18.38
N UNK MA 266 40.46 49.40 19.34
CA UNK MA 266 41.86 49.00 19.45
C UNK MA 266 41.93 47.51 19.72
N UNK MA 267 41.03 47.04 20.57
CA UNK MA 267 41.08 45.67 21.02
C UNK MA 267 40.97 44.82 19.79
N UNK MA 268 40.08 45.22 18.91
CA UNK MA 268 39.89 44.48 17.69
C UNK MA 268 41.21 44.53 16.96
N UNK MA 269 41.83 45.70 17.03
CA UNK MA 269 42.95 45.97 16.17
C UNK MA 269 43.99 44.94 16.42
N UNK MA 270 44.26 44.62 17.67
CA UNK MA 270 45.31 43.66 17.97
C UNK MA 270 44.93 42.34 17.35
N UNK MA 271 43.64 42.03 17.51
CA UNK MA 271 43.05 40.80 17.05
C UNK MA 271 43.56 40.50 15.67
N UNK MA 272 43.50 41.52 14.84
CA UNK MA 272 43.95 41.39 13.46
C UNK MA 272 45.43 41.05 13.50
N UNK MA 273 46.18 41.63 14.41
CA UNK MA 273 47.62 41.35 14.44
C UNK MA 273 48.03 39.89 14.67
N UNK MA 274 47.39 39.21 15.62
CA UNK MA 274 47.74 37.82 15.90
C UNK MA 274 47.48 36.88 14.73
N UNK MA 275 46.33 37.06 14.09
CA UNK MA 275 46.00 36.21 12.96
C UNK MA 275 47.01 36.42 11.85
N UNK MA 276 47.30 37.68 11.57
CA UNK MA 276 48.23 38.02 10.51
C UNK MA 276 49.57 37.37 10.80
N UNK MA 277 49.98 37.42 12.06
CA UNK MA 277 51.26 36.81 12.45
C UNK MA 277 51.26 35.29 12.23
N UNK MA 278 50.15 34.64 12.58
CA UNK MA 278 50.03 33.18 12.46
C UNK MA 278 50.07 32.58 11.03
N UNK MA 279 49.40 33.25 10.10
CA UNK MA 279 49.29 32.81 8.73
C UNK MA 279 50.69 32.69 8.22
N UNK MA 280 51.55 33.58 8.66
CA UNK MA 280 52.93 33.51 8.25
C UNK MA 280 53.46 32.17 8.68
N UNK MA 281 53.10 31.76 9.89
CA UNK MA 281 53.69 30.57 10.43
C UNK MA 281 53.35 29.40 9.53
N UNK MA 282 52.14 29.38 9.01
CA UNK MA 282 51.73 28.30 8.12
C UNK MA 282 52.30 28.42 6.71
N UNK MA 283 52.93 29.56 6.39
CA UNK MA 283 53.43 29.73 5.03
C UNK MA 283 54.50 28.72 4.63
N UNK MA 284 55.46 28.50 5.50
CA UNK MA 284 56.53 27.56 5.22
C UNK MA 284 56.10 26.09 5.19
N UNK MA 285 55.19 25.75 6.08
CA UNK MA 285 54.74 24.37 6.32
C UNK MA 285 54.09 23.53 5.23
N UNK MA 286 53.23 24.10 4.39
CA UNK MA 286 52.58 23.27 3.38
C UNK MA 286 53.61 22.56 2.51
N UNK MA 287 53.41 21.26 2.32
CA UNK MA 287 54.30 20.44 1.50
C UNK MA 287 53.56 19.86 0.30
N UNK MA 288 52.25 20.08 0.30
CA UNK MA 288 51.36 19.65 -0.78
C UNK MA 288 50.81 20.97 -1.24
N UNK MA 289 49.81 20.99 -2.14
CA UNK MA 289 49.33 22.32 -2.54
C UNK MA 289 48.07 22.83 -1.89
N UNK MA 290 47.05 22.01 -1.77
CA UNK MA 290 45.72 22.56 -1.55
C UNK MA 290 45.69 23.34 -0.27
N UNK MA 291 46.23 22.76 0.78
CA UNK MA 291 46.27 23.45 2.04
C UNK MA 291 47.12 24.67 1.80
N UNK MA 292 48.24 24.43 1.11
CA UNK MA 292 49.24 25.45 0.83
C UNK MA 292 48.60 26.75 0.50
N UNK MA 293 47.67 26.74 -0.45
CA UNK MA 293 46.98 27.99 -0.75
C UNK MA 293 46.13 28.54 0.39
N UNK MA 294 45.40 27.65 1.04
CA UNK MA 294 44.36 28.08 1.96
C UNK MA 294 44.97 28.83 3.10
N UNK MA 295 46.12 28.35 3.52
CA UNK MA 295 46.81 28.98 4.61
C UNK MA 295 47.12 30.38 4.13
N UNK MA 296 47.46 30.49 2.86
CA UNK MA 296 47.83 31.78 2.34
C UNK MA 296 46.67 32.74 2.43
N UNK MA 297 45.51 32.25 2.05
CA UNK MA 297 44.35 33.10 2.03
C UNK MA 297 44.13 33.60 3.44
N UNK MA 298 44.27 32.74 4.43
CA UNK MA 298 43.83 33.15 5.74
C UNK MA 298 44.61 34.36 6.10
N UNK MA 299 45.90 34.33 5.78
CA UNK MA 299 46.76 35.39 6.24
C UNK MA 299 46.23 36.67 5.67
N UNK MA 300 45.80 36.63 4.42
CA UNK MA 300 45.29 37.82 3.79
C UNK MA 300 44.07 38.30 4.55
N UNK MA 301 43.23 37.35 4.95
CA UNK MA 301 41.96 37.71 5.54
C UNK MA 301 42.27 38.48 6.77
N UNK MA 302 43.28 37.99 7.47
CA UNK MA 302 43.70 38.60 8.70
C UNK MA 302 44.13 39.99 8.31
N UNK MA 303 44.81 40.07 7.18
CA UNK MA 303 45.26 41.36 6.67
C UNK MA 303 43.99 42.16 6.47
N UNK MA 304 42.97 41.47 6.02
CA UNK MA 304 41.70 42.13 5.82
C UNK MA 304 41.27 42.64 7.18
N UNK MA 305 41.49 41.85 8.21
CA UNK MA 305 40.99 42.22 9.51
C UNK MA 305 41.61 43.51 9.94
N UNK MA 306 42.94 43.60 9.84
CA UNK MA 306 43.67 44.64 10.55
C UNK MA 306 43.23 46.02 10.10
N UNK MA 307 43.02 46.17 8.81
CA UNK MA 307 42.55 47.43 8.26
C UNK MA 307 41.20 47.70 8.89
N UNK MA 308 40.54 46.63 9.28
CA UNK MA 308 39.22 46.77 9.87
C UNK MA 308 39.42 47.66 11.07
N UNK MA 309 40.52 47.46 11.76
CA UNK MA 309 40.91 48.34 12.82
C UNK MA 309 41.10 49.69 12.18
N UNK MA 310 41.60 49.69 10.96
CA UNK MA 310 41.94 50.95 10.34
C UNK MA 310 40.71 51.84 10.24
N UNK MA 311 39.57 51.37 9.76
CA UNK MA 311 38.44 52.33 9.71
C UNK MA 311 37.97 52.98 8.38
N UNK MA 312 38.49 52.57 7.23
CA UNK MA 312 38.01 53.13 5.95
C UNK MA 312 36.98 52.16 5.39
N UNK MA 313 35.71 52.48 5.56
CA UNK MA 313 34.62 51.63 5.14
C UNK MA 313 34.65 51.33 3.66
N UNK MA 314 34.90 52.41 2.94
CA UNK MA 314 35.37 52.27 1.60
C UNK MA 314 36.65 51.47 1.76
N UNK MA 315 37.42 51.77 2.81
CA UNK MA 315 38.70 51.10 2.95
C UNK MA 315 38.45 49.61 3.03
N UNK MA 316 37.50 49.24 3.85
CA UNK MA 316 37.26 47.83 4.06
C UNK MA 316 36.81 47.12 2.80
N UNK MA 317 35.89 47.73 2.07
CA UNK MA 317 35.36 47.09 0.87
C UNK MA 317 36.50 46.93 -0.11
N UNK MA 318 37.36 47.94 -0.21
CA UNK MA 318 38.44 47.91 -1.16
C UNK MA 318 39.38 46.75 -0.84
N UNK MA 319 39.75 46.60 0.43
CA UNK MA 319 40.64 45.48 0.75
C UNK MA 319 39.91 44.18 0.48
N UNK MA 320 38.67 44.12 0.94
CA UNK MA 320 37.87 42.94 0.76
C UNK MA 320 37.64 42.74 -0.72
N UNK MA 321 37.34 43.82 -1.41
CA UNK MA 321 36.92 43.68 -2.79
C UNK MA 321 38.04 43.06 -3.58
N UNK MA 322 39.25 43.53 -3.36
CA UNK MA 322 40.38 42.93 -4.04
C UNK MA 322 40.72 41.50 -3.61
N UNK MA 323 40.71 41.25 -2.32
CA UNK MA 323 41.28 40.02 -1.78
C UNK MA 323 40.57 38.82 -2.35
N UNK MA 324 39.26 38.92 -2.49
CA UNK MA 324 38.52 37.80 -3.00
C UNK MA 324 38.99 37.49 -4.42
N UNK MA 325 39.23 38.51 -5.22
CA UNK MA 325 39.57 38.25 -6.60
C UNK MA 325 40.87 37.45 -6.64
N UNK MA 326 41.93 37.91 -5.99
CA UNK MA 326 43.18 37.22 -6.28
C UNK MA 326 43.14 35.76 -5.82
N UNK MA 327 42.71 35.58 -4.59
CA UNK MA 327 42.74 34.27 -3.99
C UNK MA 327 41.81 33.40 -4.79
N UNK MA 328 40.67 33.96 -5.15
CA UNK MA 328 39.67 33.17 -5.82
C UNK MA 328 40.25 32.67 -7.11
N UNK MA 329 40.92 33.55 -7.84
CA UNK MA 329 41.42 33.13 -9.13
C UNK MA 329 42.44 32.02 -8.96
N UNK MA 330 43.42 32.21 -8.09
CA UNK MA 330 44.50 31.25 -8.05
C UNK MA 330 43.94 29.90 -7.69
N UNK MA 331 43.11 29.90 -6.66
CA UNK MA 331 42.48 28.70 -6.16
C UNK MA 331 41.93 27.93 -7.33
N UNK MA 332 41.31 28.64 -8.26
CA UNK MA 332 40.76 27.98 -9.42
C UNK MA 332 41.91 27.33 -10.18
N UNK MA 333 43.02 28.03 -10.26
CA UNK MA 333 44.18 27.52 -10.98
C UNK MA 333 44.80 26.27 -10.37
N UNK MA 334 44.87 26.22 -9.04
CA UNK MA 334 45.49 25.09 -8.36
C UNK MA 334 44.81 23.79 -8.70
N UNK MA 335 43.48 23.90 -8.67
CA UNK MA 335 42.54 22.84 -8.96
C UNK MA 335 42.73 22.44 -10.40
N UNK MA 336 42.98 23.42 -11.26
CA UNK MA 336 43.22 23.10 -12.66
C UNK MA 336 44.51 22.28 -12.69
N UNK MA 337 45.50 22.75 -11.92
CA UNK MA 337 46.80 22.09 -11.81
C UNK MA 337 46.70 20.71 -11.18
N UNK MA 338 45.90 20.60 -10.12
CA UNK MA 338 45.70 19.33 -9.44
C UNK MA 338 45.06 18.39 -10.43
N UNK MA 339 44.15 18.97 -11.22
CA UNK MA 339 43.44 18.26 -12.25
C UNK MA 339 44.52 17.82 -13.20
N UNK MA 340 45.48 18.69 -13.46
CA UNK MA 340 46.55 18.24 -14.33
C UNK MA 340 47.54 17.30 -13.65
N UNK MA 341 47.06 16.70 -12.56
CA UNK MA 341 47.80 15.74 -11.76
C UNK MA 341 47.09 14.40 -11.58
N UNK MA 342 45.79 14.35 -11.89
CA UNK MA 342 44.99 13.11 -11.77
C UNK MA 342 44.96 12.38 -10.40
N UNK MA 343 44.75 13.13 -9.31
CA UNK MA 343 44.75 12.61 -7.95
C UNK MA 343 46.03 12.68 -7.08
N UNK MA 344 46.81 13.75 -7.19
CA UNK MA 344 48.05 13.81 -6.40
C UNK MA 344 48.07 14.87 -5.30
N UNK MA 345 47.98 16.13 -5.69
CA UNK MA 345 47.95 17.22 -4.71
C UNK MA 345 49.13 17.31 -3.72
N UNK MA 346 50.36 17.18 -4.18
CA UNK MA 346 51.46 17.43 -3.27
C UNK MA 346 52.45 18.45 -3.82
N UNK MA 347 52.95 19.34 -2.97
CA UNK MA 347 53.94 20.29 -3.42
C UNK MA 347 55.12 19.41 -3.83
N UNK MA 348 55.36 18.35 -3.06
CA UNK MA 348 56.46 17.46 -3.37
C UNK MA 348 56.25 16.90 -4.77
N UNK MA 349 55.01 16.56 -5.09
CA UNK MA 349 54.72 16.07 -6.42
C UNK MA 349 53.86 17.08 -7.17
N UNK MA 350 55.20 21.35 -14.88
CA UNK MA 350 55.87 22.61 -14.57
C UNK MA 350 55.42 23.69 -15.53
N UNK MA 351 56.20 23.94 -16.58
CA UNK MA 351 55.92 24.98 -17.56
C UNK MA 351 54.77 24.62 -18.48
N UNK MA 352 54.34 23.38 -18.44
CA UNK MA 352 53.39 22.84 -19.41
C UNK MA 352 52.02 23.51 -19.45
N UNK MA 353 51.38 23.68 -18.30
CA UNK MA 353 49.97 24.02 -18.29
C UNK MA 353 49.84 25.49 -18.48
N UNK MA 354 50.15 25.94 -19.68
CA UNK MA 354 50.70 27.24 -19.91
C UNK MA 354 49.76 28.28 -19.39
N UNK MA 355 48.45 28.08 -19.57
CA UNK MA 355 47.52 29.05 -19.04
C UNK MA 355 47.67 29.06 -17.54
N UNK MA 356 47.80 27.88 -16.96
CA UNK MA 356 47.89 27.79 -15.51
C UNK MA 356 49.14 28.50 -15.05
N UNK MA 357 50.21 28.25 -15.79
CA UNK MA 357 51.53 28.68 -15.42
C UNK MA 357 51.46 30.17 -15.39
N UNK MA 358 50.87 30.71 -16.45
CA UNK MA 358 50.63 32.13 -16.50
C UNK MA 358 49.66 32.40 -15.39
N UNK MA 359 48.70 31.49 -15.25
CA UNK MA 359 47.60 31.75 -14.35
C UNK MA 359 48.20 31.91 -12.98
N UNK MA 360 49.10 31.00 -12.64
CA UNK MA 360 49.72 31.07 -11.34
C UNK MA 360 50.47 32.38 -11.32
N UNK MA 361 51.06 32.71 -12.46
CA UNK MA 361 52.00 33.80 -12.50
C UNK MA 361 51.29 35.06 -12.04
N UNK MA 362 50.05 35.20 -12.46
CA UNK MA 362 49.33 36.43 -12.19
C UNK MA 362 49.18 36.58 -10.69
N UNK MA 363 48.86 35.49 -10.06
CA UNK MA 363 48.69 35.57 -8.65
C UNK MA 363 49.89 36.30 -8.21
N UNK MA 364 50.99 35.59 -8.33
CA UNK MA 364 52.21 35.96 -7.65
C UNK MA 364 52.32 37.46 -7.75
N UNK MA 365 51.86 37.99 -8.87
CA UNK MA 365 51.71 39.43 -8.95
C UNK MA 365 50.70 39.81 -7.88
N UNK MA 366 49.66 39.00 -7.76
CA UNK MA 366 48.54 39.36 -6.91
C UNK MA 366 48.94 39.51 -5.45
N UNK MA 367 49.71 38.56 -4.94
CA UNK MA 367 50.20 38.66 -3.58
C UNK MA 367 51.09 39.87 -3.55
N UNK MA 368 51.76 40.10 -4.67
CA UNK MA 368 52.61 41.28 -4.81
C UNK MA 368 51.72 42.49 -5.02
N UNK MA 369 52.31 43.68 -4.99
CA UNK MA 369 51.56 44.90 -5.19
C UNK MA 369 52.12 45.85 -6.25
N UNK MA 370 51.30 46.21 -7.21
CA UNK MA 370 51.68 47.14 -8.25
C UNK MA 370 50.56 48.15 -8.24
N UNK MA 371 50.84 49.40 -8.58
CA UNK MA 371 49.79 50.39 -8.55
C UNK MA 371 48.70 49.95 -9.52
N UNK MA 372 49.12 49.56 -10.72
CA UNK MA 372 48.20 49.11 -11.76
C UNK MA 372 47.42 47.82 -11.47
N UNK MA 373 48.08 46.86 -10.83
CA UNK MA 373 47.50 45.53 -10.53
C UNK MA 373 46.24 45.43 -9.65
N UNK MA 374 46.15 46.28 -8.63
CA UNK MA 374 45.04 46.34 -7.66
C UNK MA 374 45.33 45.61 -6.33
N UNK MA 375 46.35 44.76 -6.32
CA UNK MA 375 46.78 44.13 -5.09
C UNK MA 375 47.60 45.18 -4.37
N UNK MA 376 48.20 46.09 -5.14
CA UNK MA 376 48.92 47.20 -4.54
C UNK MA 376 47.87 48.23 -4.11
N UNK MA 377 46.66 48.12 -4.66
CA UNK MA 377 45.61 49.04 -4.28
C UNK MA 377 45.16 48.66 -2.89
N UNK MA 378 45.29 47.38 -2.53
CA UNK MA 378 44.89 46.99 -1.19
C UNK MA 378 46.02 47.13 -0.17
N UNK MA 379 47.18 46.60 -0.48
CA UNK MA 379 48.26 46.59 0.48
C UNK MA 379 48.76 47.99 0.80
N UNK MA 380 48.88 48.78 -0.26
CA UNK MA 380 49.37 50.16 -0.14
C UNK MA 380 48.40 51.03 0.64
N UNK MA 381 47.12 50.87 0.38
CA UNK MA 381 46.13 51.65 1.08
C UNK MA 381 46.26 51.24 2.52
N UNK MA 382 46.47 49.95 2.72
CA UNK MA 382 46.55 49.38 4.06
C UNK MA 382 47.71 50.00 4.82
N UNK MA 383 48.86 49.89 4.17
CA UNK MA 383 50.11 50.32 4.73
C UNK MA 383 49.98 51.80 4.91
N UNK MA 384 49.31 52.44 3.98
CA UNK MA 384 49.24 53.88 3.98
C UNK MA 384 48.61 54.25 5.30
N UNK MA 385 47.61 53.49 5.70
CA UNK MA 385 46.98 53.71 6.98
C UNK MA 385 48.04 53.49 8.03
N UNK MA 386 48.89 52.50 7.82
CA UNK MA 386 49.80 52.10 8.87
C UNK MA 386 50.64 53.32 9.18
N UNK MA 387 51.07 54.00 8.14
CA UNK MA 387 51.69 55.28 8.30
C UNK MA 387 50.69 56.27 8.84
N UNK MA 388 52.13 45.45 18.20
CA UNK MA 388 51.72 46.80 17.82
C UNK MA 388 51.86 47.02 16.32
N UNK MA 389 52.06 48.27 15.92
CA UNK MA 389 52.21 48.61 14.51
C UNK MA 389 53.44 47.93 13.90
N UNK MA 390 54.54 47.91 14.67
CA UNK MA 390 55.77 47.29 14.21
C UNK MA 390 55.59 45.81 13.95
N UNK MA 391 54.85 45.14 14.84
CA UNK MA 391 54.59 43.71 14.71
C UNK MA 391 53.76 43.41 13.48
N UNK MA 392 52.88 44.34 13.12
CA UNK MA 392 52.02 44.17 11.97
C UNK MA 392 52.74 44.08 10.62
N UNK MA 393 53.76 44.90 10.42
CA UNK MA 393 54.49 44.89 9.15
C UNK MA 393 55.26 43.62 8.75
N UNK MA 394 55.93 43.02 9.73
CA UNK MA 394 56.79 41.88 9.53
C UNK MA 394 55.97 40.86 8.80
N UNK MA 395 54.69 40.80 9.14
CA UNK MA 395 53.77 39.88 8.50
C UNK MA 395 53.66 40.19 7.01
N UNK MA 396 53.61 41.48 6.67
CA UNK MA 396 53.42 41.83 5.30
C UNK MA 396 54.62 41.28 4.55
N UNK MA 397 55.81 41.56 5.04
CA UNK MA 397 57.00 41.06 4.37
C UNK MA 397 56.99 39.53 4.27
N UNK MA 398 56.56 38.90 5.36
CA UNK MA 398 56.61 37.45 5.47
C UNK MA 398 55.75 36.83 4.38
N UNK MA 399 54.63 37.49 4.09
CA UNK MA 399 53.61 36.93 3.23
C UNK MA 399 54.16 36.68 1.84
N UNK MA 400 54.97 37.59 1.35
CA UNK MA 400 55.52 37.46 0.01
C UNK MA 400 56.30 36.16 0.02
N UNK MA 401 56.95 35.91 1.15
CA UNK MA 401 57.66 34.69 1.34
C UNK MA 401 56.64 33.59 1.22
N UNK MA 402 55.43 33.89 1.68
CA UNK MA 402 54.33 32.97 1.51
C UNK MA 402 54.17 32.87 0.02
N UNK MA 403 54.21 33.99 -0.70
CA UNK MA 403 54.13 33.85 -2.15
C UNK MA 403 55.34 33.06 -2.64
N UNK MA 404 56.50 33.40 -2.08
CA UNK MA 404 57.76 32.87 -2.55
C UNK MA 404 57.90 31.37 -2.41
N UNK MA 405 57.48 30.84 -1.26
CA UNK MA 405 57.64 29.40 -1.05
C UNK MA 405 56.82 28.63 -2.06
N UNK MA 406 55.59 29.08 -2.27
CA UNK MA 406 54.71 28.39 -3.17
C UNK MA 406 55.34 28.44 -4.54
N UNK MA 407 55.84 29.61 -4.92
CA UNK MA 407 56.37 29.76 -6.25
C UNK MA 407 57.54 28.80 -6.47
N UNK MA 408 58.42 28.71 -5.47
CA UNK MA 408 59.57 27.83 -5.59
C UNK MA 408 59.22 26.34 -5.66
N UNK MA 409 58.28 25.92 -4.82
CA UNK MA 409 57.95 24.50 -4.71
C UNK MA 409 57.37 23.94 -6.00
N UNK MA 410 56.58 24.81 -6.63
CA UNK MA 410 55.47 24.51 -7.49
C UNK MA 410 55.79 24.56 -8.97
N UNK MA 411 56.50 25.58 -9.39
CA UNK MA 411 56.72 25.78 -10.82
C UNK MA 411 58.18 25.78 -11.25
N UNK MA 412 58.44 25.04 -12.32
CA UNK MA 412 59.74 24.99 -12.97
C UNK MA 412 60.71 23.95 -12.45
N UNK MA 413 61.63 23.54 -13.32
CA UNK MA 413 62.70 22.62 -12.98
C UNK MA 413 62.34 21.16 -12.70
N UNK MA 414 61.47 20.93 -11.72
CA UNK MA 414 61.16 19.56 -11.36
C UNK MA 414 60.34 18.87 -12.42
N UNK MA 415 60.43 17.56 -12.43
CA UNK MA 415 59.51 16.73 -13.17
C UNK MA 415 59.05 15.58 -12.28
N UNK MA 416 58.16 15.85 -11.35
CA UNK MA 416 57.66 14.77 -10.50
C UNK MA 416 56.27 14.35 -10.98
N UNK MA 417 56.15 13.10 -11.40
CA UNK MA 417 54.87 12.48 -11.63
C UNK MA 417 55.10 10.99 -11.71
N UNK MA 418 54.04 10.21 -11.54
CA UNK MA 418 54.02 8.85 -12.06
C UNK MA 418 53.70 9.08 -13.53
N UNK MA 419 53.82 8.07 -14.39
CA UNK MA 419 53.62 8.34 -15.82
C UNK MA 419 52.24 8.94 -15.99
N UNK MA 420 52.19 10.10 -16.64
CA UNK MA 420 50.96 10.89 -16.64
C UNK MA 420 50.57 11.43 -17.99
N UNK MA 421 49.30 11.27 -18.34
CA UNK MA 421 48.77 11.77 -19.61
C UNK MA 421 47.81 12.96 -19.48
N UNK MA 422 47.75 13.62 -18.34
CA UNK MA 422 46.77 14.71 -18.18
C UNK MA 422 47.05 15.97 -19.02
N UNK MA 423 46.01 16.52 -19.65
CA UNK MA 423 46.17 17.71 -20.48
C UNK MA 423 44.93 18.58 -20.62
N UNK MA 424 45.15 19.84 -21.00
CA UNK MA 424 44.10 20.86 -21.09
C UNK MA 424 43.03 20.67 -22.16
N UNK MA 425 41.81 21.05 -21.82
CA UNK MA 425 40.65 20.94 -22.70
C UNK MA 425 39.98 22.30 -22.90
N UNK MA 426 38.71 22.26 -23.30
CA UNK MA 426 37.92 23.48 -23.51
C UNK MA 426 37.66 24.35 -22.27
N UNK MA 427 37.62 23.70 -21.11
CA UNK MA 427 37.44 24.36 -19.83
C UNK MA 427 38.60 25.31 -19.60
N UNK MA 428 39.72 25.05 -20.27
CA UNK MA 428 40.91 25.89 -20.18
C UNK MA 428 40.56 27.31 -20.64
N UNK MA 429 39.51 27.45 -21.44
CA UNK MA 429 39.01 28.78 -21.77
C UNK MA 429 38.56 29.47 -20.47
N UNK MA 430 37.96 28.69 -19.58
CA UNK MA 430 37.53 29.16 -18.27
C UNK MA 430 38.74 29.66 -17.50
N UNK MA 431 39.87 28.99 -17.71
CA UNK MA 431 41.14 29.41 -17.16
C UNK MA 431 41.48 30.79 -17.71
N UNK MA 432 41.12 31.05 -18.96
CA UNK MA 432 41.17 32.41 -19.50
C UNK MA 432 40.18 33.29 -18.73
N UNK MA 433 38.91 32.48 -18.34
CA UNK MA 433 37.94 33.39 -17.75
C UNK MA 433 38.47 34.03 -16.48
N UNK MA 434 39.19 33.27 -15.67
CA UNK MA 434 39.76 33.82 -14.44
C UNK MA 434 40.77 34.92 -14.77
N UNK MA 435 41.58 34.70 -15.81
CA UNK MA 435 42.53 35.70 -16.26
C UNK MA 435 41.81 36.95 -16.75
N UNK MA 436 40.70 36.73 -17.45
CA UNK MA 436 39.90 37.86 -17.94
C UNK MA 436 39.37 38.67 -16.75
N UNK MA 437 38.94 37.94 -15.72
CA UNK MA 437 38.43 38.56 -14.50
C UNK MA 437 39.51 39.38 -13.80
N UNK MA 438 40.74 38.86 -13.78
CA UNK MA 438 41.85 39.60 -13.20
C UNK MA 438 42.11 40.88 -13.98
N UNK MA 439 42.01 40.78 -15.30
CA UNK MA 439 42.17 41.95 -16.16
C UNK MA 439 41.10 42.99 -15.85
N UNK MA 440 39.87 42.52 -15.65
CA UNK MA 440 38.77 43.41 -15.30
C UNK MA 440 39.02 44.09 -13.97
N UNK MA 441 39.64 43.33 -13.07
CA UNK MA 441 39.64 43.60 -11.64
C UNK MA 441 40.26 44.94 -11.24
N UNK MA 442 41.35 45.33 -11.90
CA UNK MA 442 41.94 46.61 -11.60
C UNK MA 442 40.92 47.68 -11.90
N UNK MA 443 40.22 47.50 -13.03
CA UNK MA 443 39.17 48.43 -13.44
C UNK MA 443 38.04 48.43 -12.41
N UNK MA 444 37.70 47.26 -11.89
CA UNK MA 444 36.64 47.14 -10.90
C UNK MA 444 37.00 47.93 -9.65
N UNK MA 445 38.27 47.84 -9.24
CA UNK MA 445 38.76 48.65 -8.14
C UNK MA 445 38.68 50.10 -8.58
N UNK MA 446 39.00 50.32 -9.85
CA UNK MA 446 38.94 51.63 -10.47
C UNK MA 446 37.52 52.17 -10.51
N UNK MA 447 36.59 51.30 -10.91
CA UNK MA 447 35.17 51.67 -10.98
C UNK MA 447 34.66 51.95 -9.58
N UNK MA 448 35.07 51.10 -8.65
CA UNK MA 448 34.66 51.24 -7.27
C UNK MA 448 35.20 52.57 -6.75
N UNK MA 449 36.45 52.87 -7.10
CA UNK MA 449 37.08 54.09 -6.63
C UNK MA 449 36.33 55.30 -7.18
N UNK MA 450 35.94 55.22 -8.44
CA UNK MA 450 35.21 56.30 -9.08
C UNK MA 450 33.87 56.53 -8.41
N UNK MA 451 33.17 55.45 -8.08
CA UNK MA 451 31.90 55.60 -7.38
C UNK MA 451 32.13 56.23 -6.02
N UNK MA 452 33.18 55.74 -5.36
CA UNK MA 452 33.59 56.18 -4.05
C UNK MA 452 34.09 57.62 -4.02
N UNK MA 453 34.85 58.02 -5.03
CA UNK MA 453 35.45 59.35 -4.95
C UNK MA 453 35.11 60.02 -3.61
N UNK MA 454 33.87 59.86 -3.18
CA UNK MA 454 33.43 60.38 -1.88
C UNK MA 454 34.19 59.69 -0.76
N UNK MA 455 34.40 58.38 -0.92
CA UNK MA 455 35.18 57.63 0.06
C UNK MA 455 36.61 58.17 0.15
N UNK MA 456 37.19 58.50 -0.99
CA UNK MA 456 38.52 59.08 -1.09
C UNK MA 456 38.58 60.45 -0.40
N UNK MA 457 37.52 61.23 -0.58
CA UNK MA 457 37.39 62.54 0.05
C UNK MA 457 37.40 62.37 1.56
N UNK MA 458 36.64 61.23 1.93
CA UNK MA 458 36.47 60.91 3.35
C UNK MA 458 37.71 60.19 3.86
N UNK MA 459 38.75 60.20 3.01
CA UNK MA 459 39.82 59.23 2.98
C UNK MA 459 40.96 59.77 2.12
N UNK MA 460 40.60 60.39 1.00
CA UNK MA 460 41.56 61.00 0.09
C UNK MA 460 42.30 62.13 0.79
N UNK MA 461 41.57 62.92 1.58
CA UNK MA 461 42.18 64.00 2.33
C UNK MA 461 43.19 63.44 3.33
N UNK MA 462 42.83 62.34 3.97
CA UNK MA 462 43.71 61.68 4.92
C UNK MA 462 44.97 61.20 4.22
N UNK MA 463 44.81 60.66 3.02
CA UNK MA 463 45.94 60.19 2.22
C UNK MA 463 46.85 61.36 1.87
N UNK MA 464 46.25 62.49 1.54
CA UNK MA 464 47.01 63.70 1.21
C UNK MA 464 47.81 64.14 2.43
N UNK MA 465 47.19 64.05 3.60
CA UNK MA 465 47.86 64.39 4.85
C UNK MA 465 49.06 63.46 5.07
N UNK MA 466 48.86 62.19 4.75
CA UNK MA 466 49.91 61.17 4.91
C UNK MA 466 51.00 61.38 3.86
N UNK MA 467 54.16 63.49 4.45
CA UNK MA 467 53.83 62.08 4.34
C UNK MA 467 55.03 61.34 3.82
N UNK MA 468 55.97 62.08 3.23
CA UNK MA 468 56.93 61.51 2.31
C UNK MA 468 57.88 60.45 2.85
N UNK MA 469 58.60 60.67 3.94
CA UNK MA 469 59.57 59.62 4.16
C UNK MA 469 58.85 58.29 4.36
N UNK MA 470 57.82 58.33 5.18
CA UNK MA 470 57.15 57.13 5.64
C UNK MA 470 56.41 56.33 4.57
N UNK MA 471 55.65 57.02 3.72
CA UNK MA 471 54.83 56.32 2.74
C UNK MA 471 55.67 55.57 1.73
N UNK MA 472 56.62 56.27 1.12
CA UNK MA 472 57.32 55.62 0.03
C UNK MA 472 58.03 54.42 0.60
N UNK MA 473 58.64 54.63 1.75
CA UNK MA 473 59.49 53.62 2.33
C UNK MA 473 58.63 52.40 2.59
N UNK MA 474 57.43 52.61 3.11
CA UNK MA 474 56.60 51.48 3.46
C UNK MA 474 56.25 50.63 2.24
N UNK MA 475 55.85 51.28 1.15
CA UNK MA 475 55.47 50.51 -0.02
C UNK MA 475 56.69 49.77 -0.51
N UNK MA 476 57.80 50.48 -0.65
CA UNK MA 476 58.97 49.88 -1.25
C UNK MA 476 59.43 48.72 -0.39
N UNK MA 477 59.35 48.90 0.92
CA UNK MA 477 59.75 47.87 1.89
C UNK MA 477 59.39 46.46 1.44
N UNK MA 478 58.14 46.29 1.02
CA UNK MA 478 57.63 45.01 0.54
C UNK MA 478 58.36 44.55 -0.71
N UNK MA 479 58.62 45.49 -1.62
CA UNK MA 479 59.31 45.18 -2.87
C UNK MA 479 60.69 44.67 -2.55
N UNK MA 480 61.34 45.30 -1.58
CA UNK MA 480 62.67 44.90 -1.15
C UNK MA 480 62.57 43.49 -0.57
N UNK MA 481 61.46 43.25 0.12
CA UNK MA 481 61.16 41.97 0.76
C UNK MA 481 61.07 40.80 -0.21
N UNK MA 482 60.53 41.06 -1.39
CA UNK MA 482 60.39 40.01 -2.40
C UNK MA 482 61.77 39.45 -2.72
N UNK MA 483 62.76 40.32 -2.80
CA UNK MA 483 64.12 39.89 -3.09
C UNK MA 483 64.60 38.95 -1.97
N UNK MA 484 64.30 39.32 -0.73
CA UNK MA 484 64.69 38.49 0.42
C UNK MA 484 63.98 37.15 0.32
N UNK MA 485 62.71 37.20 -0.06
CA UNK MA 485 61.88 36.02 -0.23
C UNK MA 485 62.46 35.32 -1.44
N UNK MA 486 62.82 36.12 -2.43
CA UNK MA 486 63.42 35.57 -3.64
C UNK MA 486 64.80 35.03 -3.30
N UNK MA 487 65.52 35.77 -2.46
CA UNK MA 487 66.84 35.35 -1.99
C UNK MA 487 66.75 34.04 -1.22
N UNK MA 488 65.71 33.92 -0.40
CA UNK MA 488 65.45 32.69 0.35
C UNK MA 488 65.17 31.53 -0.59
N UNK MA 489 64.43 31.81 -1.65
CA UNK MA 489 64.14 30.82 -2.68
C UNK MA 489 65.44 30.35 -3.33
N UNK MA 490 66.33 31.30 -3.59
CA UNK MA 490 67.65 30.98 -4.16
C UNK MA 490 68.43 30.11 -3.20
N UNK MA 491 68.32 30.43 -1.91
CA UNK MA 491 68.99 29.71 -0.84
C UNK MA 491 68.52 28.26 -0.81
N UNK MA 492 67.24 28.05 -1.07
CA UNK MA 492 66.71 26.70 -1.08
C UNK MA 492 67.44 25.90 -2.16
N UNK MA 493 67.67 26.54 -3.29
CA UNK MA 493 68.51 26.00 -4.35
C UNK MA 493 69.51 24.97 -3.82
N UNK NA 1 -19.42 20.08 21.69
CA UNK NA 1 -18.25 20.63 21.04
C UNK NA 1 -17.59 19.59 20.15
N UNK NA 2 -16.41 19.92 19.62
CA UNK NA 2 -15.71 18.98 18.77
C UNK NA 2 -15.45 17.77 19.61
N UNK NA 3 -15.15 18.02 20.88
CA UNK NA 3 -14.88 16.96 21.83
C UNK NA 3 -16.13 16.12 21.90
N UNK NA 4 -17.27 16.78 21.86
CA UNK NA 4 -18.53 16.08 21.95
C UNK NA 4 -18.56 15.12 20.79
N UNK NA 5 -18.08 15.56 19.64
CA UNK NA 5 -18.06 14.70 18.47
C UNK NA 5 -16.98 13.65 18.53
N UNK NA 6 -15.83 13.99 19.11
CA UNK NA 6 -14.75 13.03 19.16
C UNK NA 6 -15.24 11.72 19.70
N UNK NA 7 -16.11 11.81 20.71
CA UNK NA 7 -16.44 10.65 21.50
C UNK NA 7 -17.00 9.60 20.59
N UNK NA 8 -17.78 10.05 19.63
CA UNK NA 8 -18.48 9.15 18.74
C UNK NA 8 -17.42 8.34 18.03
N UNK NA 9 -16.21 8.87 17.95
CA UNK NA 9 -15.16 8.21 17.23
C UNK NA 9 -14.99 6.83 17.84
N UNK NA 10 -15.14 6.73 19.15
CA UNK NA 10 -14.89 5.46 19.82
C UNK NA 10 -15.83 4.39 19.30
N UNK NA 11 -17.10 4.71 19.14
CA UNK NA 11 -17.99 3.67 18.71
C UNK NA 11 -17.53 3.22 17.35
N UNK NA 12 -17.18 4.17 16.52
CA UNK NA 12 -16.92 3.87 15.12
C UNK NA 12 -15.76 2.92 14.96
N UNK NA 13 -14.67 3.17 15.64
CA UNK NA 13 -13.60 2.27 15.45
C UNK NA 13 -14.10 0.91 15.83
N UNK NA 14 -14.71 0.83 16.99
CA UNK NA 14 -15.13 -0.46 17.49
C UNK NA 14 -16.05 -1.20 16.52
N UNK NA 15 -17.04 -0.45 16.04
CA UNK NA 15 -18.19 -0.99 15.33
C UNK NA 15 -17.95 -1.67 13.99
N UNK NA 16 -17.00 -1.20 13.20
CA UNK NA 16 -16.96 -1.64 11.81
C UNK NA 16 -16.75 -3.14 11.58
N UNK NA 17 -15.82 -3.74 12.30
CA UNK NA 17 -15.59 -5.19 12.28
C UNK NA 17 -15.01 -5.71 10.96
N UNK NA 18 -15.76 -5.51 9.89
CA UNK NA 18 -15.29 -5.81 8.55
C UNK NA 18 -14.66 -4.49 8.16
N UNK NA 19 -14.09 -4.39 6.96
CA UNK NA 19 -13.47 -3.14 6.47
C UNK NA 19 -12.10 -3.00 7.08
N UNK NA 20 -11.72 -4.06 7.78
CA UNK NA 20 -10.45 -4.16 8.45
C UNK NA 20 -9.51 -3.27 7.67
N UNK NA 21 -8.86 -2.38 8.40
CA UNK NA 21 -9.09 -2.31 9.84
C UNK NA 21 -8.53 -1.01 10.39
N UNK NA 22 -9.18 -0.44 11.39
CA UNK NA 22 -8.60 0.70 12.04
C UNK NA 22 -8.64 1.85 11.04
N UNK NA 23 -8.02 1.64 9.90
CA UNK NA 23 -7.65 2.76 9.06
C UNK NA 23 -8.86 3.55 8.66
N UNK NA 24 -9.93 2.88 8.28
CA UNK NA 24 -11.08 3.62 7.83
C UNK NA 24 -11.41 4.52 8.99
N UNK NA 25 -11.27 3.98 10.17
CA UNK NA 25 -11.36 4.88 11.26
C UNK NA 25 -10.34 5.93 10.85
N UNK NA 26 -9.11 5.48 10.88
CA UNK NA 26 -7.99 6.42 10.94
C UNK NA 26 -8.17 7.61 10.05
N UNK NA 27 -8.53 7.37 8.81
CA UNK NA 27 -8.74 8.47 7.88
C UNK NA 27 -9.91 9.26 8.40
N UNK NA 28 -10.95 8.62 8.93
CA UNK NA 28 -12.10 9.41 9.34
C UNK NA 28 -11.71 10.41 10.41
N UNK NA 29 -10.91 9.96 11.37
CA UNK NA 29 -10.55 10.79 12.50
C UNK NA 29 -9.81 12.00 11.98
N UNK NA 30 -9.03 11.81 10.95
CA UNK NA 30 -8.42 12.97 10.43
C UNK NA 30 -9.69 13.72 10.24
N UNK NA 31 -10.48 13.21 9.32
CA UNK NA 31 -11.53 14.01 8.73
C UNK NA 31 -12.10 14.94 9.77
N UNK NA 32 -12.29 14.44 10.97
CA UNK NA 32 -12.76 15.27 12.06
C UNK NA 32 -11.80 16.38 12.47
N UNK NA 33 -10.54 16.07 12.61
CA UNK NA 33 -9.66 17.05 13.19
C UNK NA 33 -9.62 18.29 12.34
N UNK NA 34 -9.53 18.11 11.02
CA UNK NA 34 -9.17 19.23 10.19
C UNK NA 34 -10.19 20.32 10.34
N UNK NA 35 -11.45 19.94 10.37
CA UNK NA 35 -12.49 20.92 10.52
C UNK NA 35 -12.31 21.59 11.87
N UNK NA 36 -12.18 20.83 12.93
CA UNK NA 36 -12.31 21.50 14.22
C UNK NA 36 -11.23 22.54 14.52
N UNK NA 37 -10.00 22.14 14.25
CA UNK NA 37 -8.89 22.86 14.78
C UNK NA 37 -8.96 24.24 14.21
N UNK NA 38 -9.29 24.31 12.93
CA UNK NA 38 -9.38 25.60 12.30
C UNK NA 38 -10.46 26.35 13.02
N UNK NA 39 -11.50 25.63 13.40
CA UNK NA 39 -12.68 26.28 13.91
C UNK NA 39 -12.30 27.09 15.12
N UNK NA 40 -11.49 26.52 16.00
CA UNK NA 40 -11.13 27.28 17.21
C UNK NA 40 -10.36 28.58 16.96
N UNK NA 41 -9.49 28.61 15.96
CA UNK NA 41 -8.49 29.66 15.95
C UNK NA 41 -9.20 31.01 15.99
N UNK NA 42 -10.47 31.00 15.63
CA UNK NA 42 -11.22 32.21 15.34
C UNK NA 42 -11.28 33.21 16.48
N UNK NA 43 -11.37 32.73 17.70
CA UNK NA 43 -11.70 33.63 18.79
C UNK NA 43 -10.73 34.78 18.85
N UNK NA 44 -11.30 35.98 18.84
CA UNK NA 44 -10.59 37.23 18.84
C UNK NA 44 -10.31 37.69 20.27
N UNK NA 45 -10.39 39.01 20.44
CA UNK NA 45 -10.11 39.71 21.68
C UNK NA 45 -11.14 39.60 22.78
N UNK NA 46 -10.67 39.71 24.02
CA UNK NA 46 -11.54 39.64 25.18
C UNK NA 46 -12.14 38.26 25.22
N UNK NA 47 -11.45 37.28 24.62
CA UNK NA 47 -11.97 35.94 24.64
C UNK NA 47 -11.31 35.22 25.79
N UNK NA 48 -12.04 34.36 26.50
CA UNK NA 48 -13.48 34.08 26.34
C UNK NA 48 -13.79 33.06 25.25
N UNK NA 49 -14.98 32.48 25.34
CA UNK NA 49 -15.43 31.48 24.39
C UNK NA 49 -16.68 30.77 24.90
N UNK NA 50 -17.11 29.74 24.19
CA UNK NA 50 -18.27 28.96 24.57
C UNK NA 50 -17.93 27.47 24.45
N UNK NA 51 -18.50 26.65 25.32
CA UNK NA 51 -19.40 27.08 26.38
C UNK NA 51 -18.84 26.98 27.78
N UNK NA 52 -19.63 27.44 28.73
CA UNK NA 52 -19.30 27.45 30.14
C UNK NA 52 -20.29 26.76 31.04
N UNK NA 53 -19.84 25.91 31.94
CA UNK NA 53 -18.44 25.63 32.05
C UNK NA 53 -18.17 24.30 31.37
N UNK NA 54 -16.93 24.04 30.99
CA UNK NA 54 -15.84 25.01 31.09
C UNK NA 54 -15.13 24.96 29.75
N UNK NA 55 -14.95 26.12 29.15
CA UNK NA 55 -14.29 26.17 27.85
C UNK NA 55 -13.70 27.54 27.62
N UNK NA 56 -12.82 27.63 26.63
CA UNK NA 56 -12.20 28.89 26.28
C UNK NA 56 -11.11 29.14 27.28
N UNK NA 57 -9.89 29.23 26.78
CA UNK NA 57 -9.62 28.97 25.38
C UNK NA 57 -9.87 30.25 24.59
N UNK NA 58 -9.17 30.46 23.47
CA UNK NA 58 -8.13 29.56 23.02
C UNK NA 58 -6.83 30.22 23.42
N UNK NA 59 -6.16 29.58 24.36
CA UNK NA 59 -4.90 30.03 24.93
C UNK NA 59 -4.15 28.71 25.10
N UNK NA 60 -3.47 28.24 24.07
CA UNK NA 60 -3.26 29.00 22.85
C UNK NA 60 -4.54 29.42 22.17
N UNK NA 61 -5.50 28.52 22.02
CA UNK NA 61 -5.39 27.14 22.41
C UNK NA 61 -4.94 26.35 21.19
N UNK NA 62 -4.34 27.05 20.24
CA UNK NA 62 -3.85 26.45 19.02
C UNK NA 62 -2.90 25.39 19.48
N UNK NA 63 -2.18 25.66 20.56
CA UNK NA 63 -1.25 24.68 21.10
C UNK NA 63 -2.12 23.48 21.43
N UNK NA 64 -3.29 23.75 21.99
CA UNK NA 64 -4.22 22.68 22.28
C UNK NA 64 -4.63 22.10 20.94
N UNK NA 65 -4.86 22.99 19.99
CA UNK NA 65 -5.27 22.59 18.65
C UNK NA 65 -4.41 21.45 18.15
N UNK NA 66 -3.10 21.60 18.28
CA UNK NA 66 -2.22 20.54 17.83
C UNK NA 66 -2.64 19.17 18.33
N UNK NA 67 -2.94 19.04 19.60
CA UNK NA 67 -3.33 17.75 20.06
C UNK NA 67 -4.00 17.06 18.91
N UNK NA 68 -4.90 17.76 18.24
CA UNK NA 68 -5.69 17.10 17.24
C UNK NA 68 -4.79 16.65 16.10
N UNK NA 69 -3.88 17.51 15.65
CA UNK NA 69 -3.08 17.14 14.50
C UNK NA 69 -2.29 15.91 14.88
N UNK NA 70 -1.76 15.87 16.08
CA UNK NA 70 -1.02 14.69 16.43
C UNK NA 70 -1.85 13.44 16.37
N UNK NA 71 -3.11 13.52 16.79
CA UNK NA 71 -3.89 12.31 17.00
C UNK NA 71 -4.12 11.48 15.75
N UNK NA 72 -4.49 12.11 14.65
CA UNK NA 72 -4.71 11.33 13.44
C UNK NA 72 -3.41 10.73 12.98
N UNK NA 73 -2.31 11.43 12.97
CA UNK NA 73 -1.06 10.79 12.49
C UNK NA 73 -0.52 9.60 13.32
N UNK NA 74 -0.56 9.76 14.64
CA UNK NA 74 0.11 8.85 15.52
C UNK NA 74 -0.49 7.49 15.25
N UNK NA 75 -1.78 7.49 15.02
CA UNK NA 75 -2.46 6.26 14.70
C UNK NA 75 -1.81 5.74 13.43
N UNK NA 76 -1.48 6.66 12.54
CA UNK NA 76 -1.07 6.27 11.22
C UNK NA 76 0.14 5.38 11.36
N UNK NA 77 1.10 5.79 12.14
CA UNK NA 77 2.31 5.01 12.25
C UNK NA 77 1.97 3.66 12.85
N UNK NA 78 1.06 3.67 13.80
CA UNK NA 78 0.82 2.47 14.57
C UNK NA 78 0.31 1.28 13.75
N UNK NA 79 -0.42 1.48 12.68
CA UNK NA 79 -1.05 0.32 12.09
C UNK NA 79 0.02 -0.72 11.76
N UNK NA 80 1.16 -0.31 11.23
CA UNK NA 80 2.23 -1.27 10.96
C UNK NA 80 2.87 -1.96 12.17
N UNK NA 81 3.16 -1.21 13.22
CA UNK NA 81 3.94 -1.73 14.35
C UNK NA 81 3.26 -2.84 15.13
N UNK NA 82 1.95 -2.72 15.31
CA UNK NA 82 1.19 -3.69 16.07
C UNK NA 82 1.29 -5.08 15.43
N UNK NA 83 1.34 -5.11 14.10
CA UNK NA 83 1.44 -6.37 13.36
C UNK NA 83 0.08 -7.06 13.24
N UNK NA 84 0.05 -8.18 12.55
CA UNK NA 84 -1.17 -8.96 12.39
C UNK NA 84 -1.63 -9.51 13.73
N UNK NA 85 -0.66 -9.89 14.54
CA UNK NA 85 -0.96 -10.39 15.86
C UNK NA 85 0.17 -10.00 16.80
N UNK NA 86 -0.05 -10.16 18.08
CA UNK NA 86 -1.30 -10.73 18.55
C UNK NA 86 -2.28 -9.75 19.17
N UNK NA 87 -3.54 -9.82 18.77
CA UNK NA 87 -4.01 -10.72 17.73
C UNK NA 87 -5.33 -10.13 17.36
N UNK NA 88 -6.31 -10.43 18.20
CA UNK NA 88 -7.66 -9.89 18.01
C UNK NA 88 -7.94 -8.50 18.61
N UNK NA 89 -7.27 -8.31 19.74
CA UNK NA 89 -7.30 -7.19 20.65
C UNK NA 89 -6.71 -5.93 20.10
N UNK NA 90 -6.07 -6.06 18.94
CA UNK NA 90 -5.39 -4.95 18.27
C UNK NA 90 -6.45 -3.90 18.05
N UNK NA 91 -7.66 -4.35 17.79
CA UNK NA 91 -8.77 -3.44 17.60
C UNK NA 91 -8.86 -2.66 18.91
N UNK NA 92 -8.61 -3.36 20.02
CA UNK NA 92 -8.66 -2.73 21.30
C UNK NA 92 -7.50 -1.78 21.36
N UNK NA 93 -6.40 -2.20 20.78
CA UNK NA 93 -5.30 -1.27 20.96
C UNK NA 93 -5.73 0.02 20.37
N UNK NA 94 -6.48 -0.04 19.30
CA UNK NA 94 -6.94 1.18 18.69
C UNK NA 94 -7.77 1.87 19.72
N UNK NA 95 -8.49 1.08 20.49
CA UNK NA 95 -9.35 1.65 21.49
C UNK NA 95 -8.64 2.46 22.49
N UNK NA 96 -7.53 1.96 22.97
CA UNK NA 96 -6.81 2.63 24.02
C UNK NA 96 -6.29 4.04 23.83
N UNK NA 97 -5.99 4.34 22.55
CA UNK NA 97 -5.53 5.64 22.07
C UNK NA 97 -6.63 6.70 22.14
N UNK NA 98 -7.85 6.28 21.83
CA UNK NA 98 -9.02 7.16 21.79
C UNK NA 98 -9.30 7.79 23.14
N UNK NA 99 -9.11 7.02 24.20
CA UNK NA 99 -9.33 7.51 25.54
C UNK NA 99 -8.36 8.67 25.72
N UNK NA 100 -7.18 8.51 25.13
CA UNK NA 100 -6.12 9.51 25.21
C UNK NA 100 -6.50 10.88 24.61
N UNK NA 101 -7.18 10.90 23.47
CA UNK NA 101 -7.52 12.19 22.91
C UNK NA 101 -8.70 12.76 23.65
N UNK NA 102 -9.66 11.90 24.00
CA UNK NA 102 -10.84 12.39 24.68
C UNK NA 102 -10.44 13.03 25.98
N UNK NA 103 -9.62 12.35 26.76
CA UNK NA 103 -9.16 12.96 28.00
C UNK NA 103 -8.33 14.15 27.55
N UNK NA 104 -7.55 13.90 26.51
CA UNK NA 104 -6.69 14.91 25.92
C UNK NA 104 -7.50 16.07 25.37
N UNK NA 105 -8.65 15.77 24.78
CA UNK NA 105 -9.45 16.83 24.18
C UNK NA 105 -9.74 17.82 25.27
N UNK NA 106 -9.97 17.30 26.46
CA UNK NA 106 -10.23 18.14 27.60
C UNK NA 106 -8.91 18.42 28.29
N UNK NA 107 -7.81 17.93 27.75
CA UNK NA 107 -6.53 18.12 28.38
C UNK NA 107 -6.17 19.59 28.54
N UNK NA 108 -6.46 20.38 27.52
CA UNK NA 108 -6.28 21.83 27.60
C UNK NA 108 -7.70 22.38 27.51
N UNK NA 109 -8.66 21.62 28.05
CA UNK NA 109 -10.06 21.92 27.97
C UNK NA 109 -10.58 23.18 28.60
N UNK NA 110 -10.10 23.49 29.82
CA UNK NA 110 -10.41 24.71 30.62
C UNK NA 110 -10.54 24.55 32.12
N UNK NA 111 -9.92 25.47 32.86
CA UNK NA 111 -9.99 25.45 34.32
C UNK NA 111 -10.61 26.74 34.88
N UNK NA 112 -11.62 26.62 35.74
CA UNK NA 112 -12.14 25.32 36.16
C UNK NA 112 -11.02 24.55 36.81
N UNK NA 113 -10.20 25.26 37.60
CA UNK NA 113 -9.10 24.61 38.28
C UNK NA 113 -9.72 23.58 39.19
N UNK NA 114 -9.08 22.42 39.25
CA UNK NA 114 -9.47 21.23 40.01
C UNK NA 114 -10.21 20.33 39.03
N UNK NA 115 -10.84 20.94 38.04
CA UNK NA 115 -11.47 20.16 37.00
C UNK NA 115 -10.29 19.51 36.31
N UNK NA 116 -9.23 20.30 36.12
CA UNK NA 116 -8.01 19.86 35.49
C UNK NA 116 -7.35 18.80 36.35
N UNK NA 117 -7.11 19.10 37.63
CA UNK NA 117 -6.45 18.09 38.46
C UNK NA 117 -7.08 16.72 38.36
N UNK NA 118 -8.40 16.68 38.42
CA UNK NA 118 -9.08 15.43 38.22
C UNK NA 118 -8.80 15.05 36.79
N UNK NA 119 -8.88 16.03 35.92
CA UNK NA 119 -8.62 15.77 34.52
C UNK NA 119 -7.21 15.26 34.29
N UNK NA 120 -6.26 15.97 34.91
CA UNK NA 120 -4.84 15.80 34.63
C UNK NA 120 -4.33 14.48 35.10
N UNK NA 121 -4.94 13.98 36.16
CA UNK NA 121 -4.55 12.67 36.67
C UNK NA 121 -4.87 11.79 35.49
N UNK NA 122 -5.97 12.13 34.82
CA UNK NA 122 -6.63 11.24 33.88
C UNK NA 122 -5.65 10.84 32.81
N UNK NA 123 -4.69 11.71 32.54
CA UNK NA 123 -3.71 11.36 31.55
C UNK NA 123 -3.07 10.11 32.08
N UNK NA 124 -2.90 10.03 33.39
CA UNK NA 124 -2.13 8.94 33.95
C UNK NA 124 -2.73 7.58 33.61
N UNK NA 125 -4.04 7.42 33.69
CA UNK NA 125 -4.61 6.10 33.43
C UNK NA 125 -4.37 5.67 32.00
N UNK NA 126 -4.76 6.47 31.05
CA UNK NA 126 -4.65 5.95 29.71
C UNK NA 126 -3.18 5.70 29.54
N UNK NA 127 -2.37 6.63 30.01
CA UNK NA 127 -0.97 6.57 29.71
C UNK NA 127 -0.40 5.30 30.29
N UNK NA 128 -0.80 4.98 31.50
CA UNK NA 128 -0.22 3.83 32.16
C UNK NA 128 -0.59 2.64 31.34
N UNK NA 129 -1.85 2.51 30.96
CA UNK NA 129 -2.23 1.27 30.33
C UNK NA 129 -1.46 1.05 29.04
N UNK NA 130 -1.40 2.04 28.16
CA UNK NA 130 -0.96 1.70 26.83
C UNK NA 130 0.44 1.11 26.86
N UNK NA 131 1.31 1.73 27.65
CA UNK NA 131 2.69 1.28 27.80
C UNK NA 131 2.87 -0.24 28.01
N UNK NA 132 2.37 -0.78 29.10
CA UNK NA 132 2.58 -2.19 29.37
C UNK NA 132 2.05 -3.13 28.27
N UNK NA 133 0.89 -2.86 27.70
CA UNK NA 133 0.37 -3.73 26.65
C UNK NA 133 1.31 -3.76 25.46
N UNK NA 134 1.83 -2.58 25.10
CA UNK NA 134 2.74 -2.49 23.96
C UNK NA 134 3.98 -3.33 24.24
N UNK NA 135 4.45 -3.26 25.48
CA UNK NA 135 5.61 -4.04 25.91
C UNK NA 135 6.86 -3.76 25.09
N UNK NA 136 7.43 -4.85 24.56
CA UNK NA 136 8.63 -4.80 23.75
C UNK NA 136 9.74 -5.07 24.73
N UNK NA 137 10.90 -5.50 24.23
CA UNK NA 137 12.00 -5.77 25.14
C UNK NA 137 12.43 -4.41 25.68
N UNK NA 138 12.46 -4.28 26.99
CA UNK NA 138 12.06 -5.35 27.88
C UNK NA 138 11.99 -4.74 29.27
N UNK NA 139 11.42 -5.47 30.20
CA UNK NA 139 11.40 -5.00 31.57
C UNK NA 139 10.67 -3.68 31.57
N UNK NA 140 9.91 -3.47 30.51
CA UNK NA 140 9.29 -2.18 30.35
C UNK NA 140 8.33 -2.01 31.49
N UNK NA 141 7.58 -3.07 31.76
CA UNK NA 141 6.50 -2.98 32.70
C UNK NA 141 7.09 -2.60 34.04
N UNK NA 142 8.21 -3.21 34.38
CA UNK NA 142 8.77 -2.94 35.68
C UNK NA 142 9.09 -1.47 35.73
N UNK NA 143 9.64 -0.96 34.64
CA UNK NA 143 10.06 0.42 34.66
C UNK NA 143 8.90 1.35 34.82
N UNK NA 144 7.77 1.02 34.23
CA UNK NA 144 6.66 1.96 34.18
C UNK NA 144 6.22 2.33 35.58
N UNK NA 145 6.39 1.40 36.49
CA UNK NA 145 5.89 1.57 37.84
C UNK NA 145 6.51 2.85 38.37
N UNK NA 146 7.68 3.20 37.86
CA UNK NA 146 8.24 4.49 38.15
C UNK NA 146 7.24 5.51 37.64
N UNK NA 147 6.62 5.24 36.49
CA UNK NA 147 5.68 6.20 35.94
C UNK NA 147 4.50 6.39 36.86
N UNK NA 148 3.89 5.31 37.32
CA UNK NA 148 2.68 5.52 38.10
C UNK NA 148 2.90 6.25 39.42
N UNK NA 149 3.91 5.82 40.17
CA UNK NA 149 4.13 6.43 41.47
C UNK NA 149 4.56 7.90 41.38
N UNK NA 150 5.56 8.21 40.58
CA UNK NA 150 6.10 9.56 40.63
C UNK NA 150 5.03 10.53 40.21
N UNK NA 151 4.31 10.20 39.15
CA UNK NA 151 3.32 11.14 38.66
C UNK NA 151 2.27 11.32 39.69
N UNK NA 152 1.70 10.21 40.14
CA UNK NA 152 0.54 10.27 41.01
C UNK NA 152 0.85 10.93 42.33
N UNK NA 153 2.01 10.61 42.88
CA UNK NA 153 2.40 11.15 44.17
C UNK NA 153 2.45 12.64 44.02
N UNK NA 154 2.90 13.06 42.85
CA UNK NA 154 3.13 14.46 42.65
C UNK NA 154 1.83 15.18 42.88
N UNK NA 155 0.76 14.66 42.29
CA UNK NA 155 -0.51 15.33 42.28
C UNK NA 155 -0.98 15.43 43.70
N UNK NA 156 -0.57 14.47 44.51
CA UNK NA 156 -1.19 14.23 45.79
C UNK NA 156 -1.07 15.51 46.55
N UNK NA 157 0.06 16.17 46.41
CA UNK NA 157 0.16 17.47 47.03
C UNK NA 157 -0.86 18.41 46.40
N UNK NA 158 -0.86 18.49 45.09
CA UNK NA 158 -1.61 19.56 44.48
C UNK NA 158 -3.03 19.40 44.90
N UNK NA 159 -3.49 18.15 44.91
CA UNK NA 159 -4.91 17.90 45.03
C UNK NA 159 -5.32 18.50 46.34
N UNK NA 160 -4.48 18.37 47.35
CA UNK NA 160 -4.82 18.99 48.61
C UNK NA 160 -4.86 20.49 48.42
N UNK NA 161 -3.76 21.01 47.93
CA UNK NA 161 -3.52 22.40 48.08
C UNK NA 161 -4.60 23.16 47.41
N UNK NA 162 -4.98 22.72 46.23
CA UNK NA 162 -5.89 23.51 45.43
C UNK NA 162 -7.15 23.64 46.24
N UNK NA 163 -7.53 22.56 46.88
CA UNK NA 163 -8.79 22.57 47.61
C UNK NA 163 -8.74 23.66 48.64
N UNK NA 164 -7.65 23.73 49.38
CA UNK NA 164 -7.55 24.76 50.38
C UNK NA 164 -7.73 26.08 49.68
N UNK NA 165 -7.24 26.12 48.44
CA UNK NA 165 -7.36 27.34 47.68
C UNK NA 165 -8.80 27.72 47.44
N UNK NA 166 -9.65 26.76 47.10
CA UNK NA 166 -11.03 27.12 46.80
C UNK NA 166 -11.74 27.76 47.97
N UNK NA 167 -11.64 27.16 49.15
CA UNK NA 167 -12.27 27.76 50.31
C UNK NA 167 -11.53 29.04 50.63
N UNK NA 168 -10.20 28.95 50.59
CA UNK NA 168 -9.30 30.06 50.90
C UNK NA 168 -9.35 31.21 49.91
N UNK NA 169 -9.43 30.87 48.63
CA UNK NA 169 -9.45 31.85 47.56
C UNK NA 169 -10.76 32.59 47.54
N UNK NA 170 -11.67 32.16 48.40
CA UNK NA 170 -12.97 32.78 48.41
C UNK NA 170 -13.57 32.52 47.04
N UNK NA 171 -13.27 31.32 46.55
CA UNK NA 171 -13.73 30.83 45.27
C UNK NA 171 -12.82 29.70 44.84
N UNK NA 172 -13.44 28.58 44.46
CA UNK NA 172 -12.75 27.41 43.95
C UNK NA 172 -12.61 27.86 42.51
N UNK NA 173 -12.37 26.94 41.58
CA UNK NA 173 -12.29 27.30 40.17
C UNK NA 173 -13.58 28.04 39.87
N UNK NA 174 -13.41 29.21 39.28
CA UNK NA 174 -14.48 30.17 38.98
C UNK NA 174 -15.73 29.85 38.16
N UNK NA 175 -15.52 29.16 37.04
CA UNK NA 175 -14.17 28.76 36.66
C UNK NA 175 -13.43 29.80 35.80
N UNK NA 176 -12.16 30.01 36.09
CA UNK NA 176 -11.37 30.94 35.32
C UNK NA 176 -11.73 32.38 35.61
N UNK NA 177 -12.87 32.65 36.22
CA UNK NA 177 -13.18 34.04 36.38
C UNK NA 177 -12.12 34.89 37.06
N UNK NA 178 -11.62 34.53 38.25
CA UNK NA 178 -10.55 35.33 38.92
C UNK NA 178 -10.96 36.78 38.84
N UNK NA 179 -10.05 37.60 38.30
CA UNK NA 179 -10.41 39.02 37.98
C UNK NA 179 -11.21 39.44 39.17
N UNK NA 180 -10.66 38.99 40.28
CA UNK NA 180 -11.19 38.82 41.63
C UNK NA 180 -10.03 38.33 42.52
N UNK NA 181 -9.03 37.70 41.93
CA UNK NA 181 -7.88 37.21 42.69
C UNK NA 181 -7.15 38.28 43.48
N UNK NA 182 -6.69 37.94 44.67
CA UNK NA 182 -5.99 38.92 45.50
C UNK NA 182 -4.58 38.49 45.87
N UNK NA 183 -3.65 39.45 45.91
CA UNK NA 183 -2.26 39.18 46.24
C UNK NA 183 -2.13 38.68 47.67
N UNK NA 184 -1.21 37.75 47.90
CA UNK NA 184 -1.00 37.20 49.23
C UNK NA 184 0.44 37.45 49.68
N UNK NA 185 0.65 38.05 50.86
CA UNK NA 185 2.03 38.34 51.27
C UNK NA 185 2.59 37.57 52.48
N UNK NA 186 3.70 36.86 52.24
CA UNK NA 186 4.38 36.11 53.28
C UNK NA 186 3.51 34.93 53.69
N UNK NA 187 3.90 34.14 54.69
CA UNK NA 187 5.17 34.25 55.40
C UNK NA 187 5.60 32.86 55.81
N UNK NA 188 5.39 31.88 54.92
CA UNK NA 188 5.75 30.52 55.26
C UNK NA 188 4.99 30.15 56.53
N UNK NA 189 3.67 30.08 56.45
CA UNK NA 189 2.88 30.25 55.22
C UNK NA 189 2.68 31.68 54.80
N UNK NA 190 2.20 31.86 53.57
CA UNK NA 190 1.89 30.73 52.71
C UNK NA 190 3.06 30.42 51.80
N UNK NA 191 4.26 30.55 52.33
CA UNK NA 191 5.43 30.32 51.52
C UNK NA 191 5.45 28.91 51.02
N UNK NA 192 5.14 27.98 51.90
CA UNK NA 192 5.12 26.59 51.55
C UNK NA 192 4.06 26.34 50.50
N UNK NA 193 2.93 26.99 50.63
CA UNK NA 193 1.85 26.74 49.69
C UNK NA 193 2.17 27.04 48.25
N UNK NA 194 2.75 28.20 47.98
CA UNK NA 194 3.06 28.54 46.60
C UNK NA 194 4.08 27.59 46.01
N UNK NA 195 5.10 27.29 46.80
CA UNK NA 195 6.13 26.42 46.31
C UNK NA 195 5.50 25.09 46.02
N UNK NA 196 4.62 24.66 46.90
CA UNK NA 196 4.00 23.37 46.71
C UNK NA 196 3.17 23.33 45.45
N UNK NA 197 2.39 24.36 45.22
CA UNK NA 197 1.54 24.37 44.06
C UNK NA 197 2.42 24.28 42.84
N UNK NA 198 3.51 25.04 42.83
CA UNK NA 198 4.39 24.99 41.67
C UNK NA 198 5.10 23.66 41.47
N UNK NA 199 5.58 23.06 42.55
CA UNK NA 199 6.38 21.84 42.46
C UNK NA 199 5.72 20.61 41.89
N UNK NA 200 4.51 20.30 42.33
CA UNK NA 200 3.89 19.12 41.76
C UNK NA 200 3.74 19.23 40.26
N UNK NA 201 3.18 20.33 39.79
CA UNK NA 201 2.91 20.43 38.37
C UNK NA 201 4.25 20.32 37.71
N UNK NA 202 5.26 20.92 38.33
CA UNK NA 202 6.57 20.96 37.74
C UNK NA 202 7.04 19.54 37.52
N UNK NA 203 6.67 18.66 38.44
CA UNK NA 203 7.33 17.38 38.52
C UNK NA 203 7.21 16.65 37.20
N UNK NA 204 6.08 16.76 36.53
CA UNK NA 204 5.94 16.12 35.24
C UNK NA 204 6.92 16.71 34.22
N UNK NA 205 6.98 18.04 34.21
CA UNK NA 205 7.78 18.79 33.25
C UNK NA 205 9.23 18.39 33.12
N UNK NA 206 9.91 18.22 34.23
CA UNK NA 206 11.30 17.85 34.20
C UNK NA 206 12.05 19.15 34.36
N UNK NA 207 12.54 19.39 35.57
CA UNK NA 207 13.27 20.61 35.86
C UNK NA 207 14.53 20.32 36.61
N UNK NA 208 15.61 21.01 36.25
CA UNK NA 208 16.93 20.84 36.86
C UNK NA 208 17.20 19.36 37.10
N UNK NA 209 16.80 18.56 36.13
CA UNK NA 209 16.89 17.12 36.24
C UNK NA 209 15.84 16.75 37.27
N UNK NA 210 16.19 15.90 38.23
CA UNK NA 210 15.22 15.54 39.25
C UNK NA 210 13.97 15.03 38.57
N UNK NA 211 14.15 14.26 37.51
CA UNK NA 211 13.02 13.72 36.77
C UNK NA 211 13.51 12.60 35.88
N UNK NA 212 14.66 12.04 36.24
CA UNK NA 212 15.29 10.98 35.50
C UNK NA 212 14.24 9.94 35.18
N UNK NA 213 13.33 9.72 36.11
CA UNK NA 213 12.41 8.61 35.93
C UNK NA 213 11.53 8.71 34.68
N UNK NA 214 10.79 9.80 34.55
CA UNK NA 214 9.85 9.85 33.45
C UNK NA 214 10.62 9.79 32.13
N UNK NA 215 11.68 10.56 32.01
CA UNK NA 215 12.42 10.56 30.76
C UNK NA 215 12.98 9.19 30.54
N UNK NA 216 13.47 8.60 31.61
CA UNK NA 216 14.08 7.29 31.52
C UNK NA 216 13.07 6.26 31.04
N UNK NA 217 11.83 6.35 31.55
CA UNK NA 217 10.78 5.42 31.13
C UNK NA 217 10.43 5.52 29.64
N UNK NA 218 10.37 6.73 29.13
CA UNK NA 218 10.02 6.93 27.72
C UNK NA 218 11.07 6.18 26.93
N UNK NA 219 12.29 6.20 27.47
CA UNK NA 219 13.42 5.61 26.81
C UNK NA 219 13.05 4.17 26.59
N UNK NA 220 12.47 3.56 27.62
CA UNK NA 220 12.05 2.17 27.55
C UNK NA 220 10.90 2.04 26.56
N UNK NA 221 10.16 3.14 26.48
CA UNK NA 221 9.09 3.33 25.52
C UNK NA 221 8.32 2.09 25.30
N UNK NA 222 7.35 1.90 26.16
CA UNK NA 222 6.49 0.75 26.11
C UNK NA 222 5.84 0.82 24.75
N UNK NA 223 5.49 2.04 24.36
CA UNK NA 223 4.88 2.28 23.09
C UNK NA 223 5.78 3.20 22.32
N UNK NA 224 6.77 2.66 21.65
CA UNK NA 224 7.62 3.49 20.84
C UNK NA 224 6.84 4.00 19.63
N UNK NA 225 5.65 3.43 19.43
CA UNK NA 225 4.82 3.74 18.27
C UNK NA 225 4.29 5.15 17.95
N UNK NA 226 3.70 5.94 18.86
CA UNK NA 226 3.42 5.74 20.27
C UNK NA 226 4.42 6.50 21.10
N UNK NA 227 5.56 6.82 20.52
CA UNK NA 227 6.57 7.59 21.22
C UNK NA 227 6.12 9.01 21.49
N UNK NA 228 5.45 9.59 20.51
CA UNK NA 228 5.01 10.99 20.54
C UNK NA 228 4.06 11.45 21.64
N UNK NA 229 3.08 10.62 21.98
CA UNK NA 229 2.14 11.02 23.00
C UNK NA 229 2.93 11.30 24.25
N UNK NA 230 3.91 10.44 24.50
CA UNK NA 230 4.76 10.61 25.66
C UNK NA 230 5.32 12.03 25.63
N UNK NA 231 5.52 12.56 24.43
CA UNK NA 231 6.06 13.90 24.35
C UNK NA 231 4.95 14.94 24.36
N UNK NA 232 3.93 14.69 23.55
CA UNK NA 232 2.86 15.67 23.53
C UNK NA 232 2.22 15.82 24.90
N UNK NA 233 2.06 14.73 25.64
CA UNK NA 233 1.48 14.87 26.96
C UNK NA 233 2.31 15.76 27.86
N UNK NA 234 3.61 15.60 27.78
CA UNK NA 234 4.49 16.37 28.63
C UNK NA 234 4.24 17.81 28.38
N UNK NA 235 4.04 18.17 27.12
CA UNK NA 235 3.81 19.55 26.80
C UNK NA 235 2.57 19.97 27.57
N UNK NA 236 1.65 19.04 27.62
CA UNK NA 236 0.39 19.31 28.26
C UNK NA 236 0.55 19.68 29.68
N UNK NA 237 1.33 18.88 30.35
CA UNK NA 237 1.54 19.11 31.74
C UNK NA 237 2.17 20.47 31.89
N UNK NA 238 3.10 20.75 31.02
CA UNK NA 238 3.83 21.97 31.15
C UNK NA 238 2.92 23.16 31.18
N UNK NA 239 1.88 23.20 30.35
CA UNK NA 239 1.06 24.42 30.41
C UNK NA 239 0.56 24.69 31.80
N UNK NA 240 0.03 23.65 32.42
CA UNK NA 240 -0.53 23.86 33.73
C UNK NA 240 0.31 24.87 34.44
N UNK NA 241 1.63 24.79 34.28
CA UNK NA 241 2.49 25.67 35.02
C UNK NA 241 2.11 27.06 34.60
N UNK NA 242 1.96 27.24 33.30
CA UNK NA 242 1.78 28.57 32.80
C UNK NA 242 0.51 29.14 33.40
N UNK NA 243 -0.60 28.44 33.30
CA UNK NA 243 -1.81 29.04 33.80
C UNK NA 243 -1.71 29.25 35.28
N UNK NA 244 -1.17 28.28 35.98
CA UNK NA 244 -1.22 28.29 37.42
C UNK NA 244 -0.48 29.47 38.01
N UNK NA 245 0.64 29.83 37.42
CA UNK NA 245 1.55 30.72 38.11
C UNK NA 245 0.87 32.02 38.43
N UNK NA 246 0.07 32.56 37.51
CA UNK NA 246 -0.49 33.87 37.79
C UNK NA 246 -1.36 33.86 39.03
N UNK NA 247 -2.20 32.86 39.16
CA UNK NA 247 -3.01 32.66 40.35
C UNK NA 247 -2.17 32.32 41.58
N UNK NA 248 -1.12 31.55 41.34
CA UNK NA 248 -0.41 30.78 42.36
C UNK NA 248 0.12 31.68 43.44
N UNK NA 249 0.58 32.82 42.98
CA UNK NA 249 1.08 33.85 43.86
C UNK NA 249 1.25 35.17 43.12
N UNK NA 250 2.49 35.42 42.71
CA UNK NA 250 2.93 36.68 42.12
C UNK NA 250 3.32 37.62 43.23
N UNK NA 251 3.12 37.15 44.44
CA UNK NA 251 3.57 37.90 45.56
C UNK NA 251 4.90 37.24 45.99
N UNK NA 252 5.28 36.13 45.36
CA UNK NA 252 6.53 35.47 45.72
C UNK NA 252 7.42 34.99 44.59
N UNK NA 253 8.63 35.53 44.52
CA UNK NA 253 9.55 35.12 43.51
C UNK NA 253 10.69 34.35 44.15
N UNK NA 254 10.74 34.36 45.48
CA UNK NA 254 11.91 33.84 46.15
C UNK NA 254 12.12 32.37 45.86
N UNK NA 255 11.07 31.58 45.87
CA UNK NA 255 11.25 30.18 45.57
C UNK NA 255 11.93 30.15 44.21
N UNK NA 256 11.57 31.11 43.37
CA UNK NA 256 11.92 31.06 41.98
C UNK NA 256 13.43 31.00 41.85
N UNK NA 257 14.13 31.76 42.69
CA UNK NA 257 15.56 31.81 42.51
C UNK NA 257 16.08 30.42 42.69
N UNK NA 258 15.63 29.75 43.74
CA UNK NA 258 16.05 28.41 43.96
C UNK NA 258 15.72 27.62 42.69
N UNK NA 259 14.44 27.47 42.40
CA UNK NA 259 14.02 26.71 41.23
C UNK NA 259 14.52 27.29 39.91
N UNK NA 260 14.42 28.59 39.72
CA UNK NA 260 14.86 29.17 38.46
C UNK NA 260 16.34 28.95 38.28
N UNK NA 261 17.09 29.16 39.34
CA UNK NA 261 18.50 28.97 39.26
C UNK NA 261 18.76 27.52 38.93
N UNK NA 262 17.98 26.64 39.53
CA UNK NA 262 18.16 25.22 39.33
C UNK NA 262 18.01 24.82 37.87
N UNK NA 263 17.04 25.40 37.19
CA UNK NA 263 16.82 25.04 35.79
C UNK NA 263 17.99 25.34 34.85
N UNK NA 264 18.60 26.49 35.00
CA UNK NA 264 19.70 26.85 34.12
C UNK NA 264 20.85 25.89 34.27
N UNK NA 265 21.15 25.51 35.52
CA UNK NA 265 22.27 24.62 35.78
C UNK NA 265 22.09 23.26 35.13
N UNK NA 266 20.88 22.72 35.17
CA UNK NA 266 20.61 21.41 34.58
C UNK NA 266 20.79 21.40 33.07
N UNK NA 267 20.40 22.50 32.41
CA UNK NA 267 20.54 22.59 30.98
C UNK NA 267 21.97 22.27 30.67
N UNK NA 268 22.85 22.80 31.50
CA UNK NA 268 24.25 22.67 31.19
C UNK NA 268 24.62 21.22 31.16
N UNK NA 269 24.18 20.46 32.15
CA UNK NA 269 24.46 19.02 32.10
C UNK NA 269 23.74 18.34 30.95
N UNK NA 270 22.48 18.71 30.78
CA UNK NA 270 21.60 17.82 30.10
C UNK NA 270 22.28 17.56 28.79
N UNK NA 271 22.83 18.60 28.20
CA UNK NA 271 23.43 18.44 26.89
C UNK NA 271 24.52 17.42 27.01
N UNK NA 272 25.29 17.49 28.09
CA UNK NA 272 26.44 16.64 28.19
C UNK NA 272 25.94 15.22 28.13
N UNK NA 273 24.83 14.95 28.79
CA UNK NA 273 24.30 13.62 28.63
C UNK NA 273 23.94 13.48 27.18
N UNK NA 274 23.33 14.51 26.60
CA UNK NA 274 22.83 14.43 25.22
C UNK NA 274 23.88 14.26 24.13
N UNK NA 275 24.94 15.05 24.20
CA UNK NA 275 26.14 14.84 23.40
C UNK NA 275 26.81 13.57 23.86
N UNK NA 276 26.43 13.18 25.05
CA UNK NA 276 27.05 12.08 25.77
C UNK NA 276 26.96 10.72 25.10
N UNK NA 277 25.77 10.35 24.65
CA UNK NA 277 25.51 9.03 24.09
C UNK NA 277 24.81 8.24 25.20
N UNK NA 278 24.56 6.93 25.00
CA UNK NA 278 24.91 6.23 23.78
C UNK NA 278 23.75 5.55 23.05
N UNK NA 279 22.52 5.74 23.49
CA UNK NA 279 21.40 5.07 22.79
C UNK NA 279 20.38 5.99 22.09
N UNK NA 280 20.09 5.67 20.84
CA UNK NA 280 19.38 6.55 19.92
C UNK NA 280 18.02 6.91 20.43
N UNK NA 281 17.28 5.95 20.96
CA UNK NA 281 16.05 6.29 21.66
C UNK NA 281 16.51 7.14 22.82
N UNK NA 282 17.63 6.75 23.41
CA UNK NA 282 18.20 7.52 24.47
C UNK NA 282 18.49 8.88 23.88
N UNK NA 283 18.98 8.86 22.66
CA UNK NA 283 19.45 10.09 22.09
C UNK NA 283 18.33 11.09 22.03
N UNK NA 284 17.26 10.73 21.36
CA UNK NA 284 16.27 11.73 21.15
C UNK NA 284 15.77 12.12 22.51
N UNK NA 285 15.47 11.11 23.31
CA UNK NA 285 14.63 11.37 24.44
C UNK NA 285 15.30 12.36 25.37
N UNK NA 286 16.54 12.10 25.74
CA UNK NA 286 17.10 12.94 26.77
C UNK NA 286 17.03 14.33 26.23
N UNK NA 287 17.27 14.46 24.93
CA UNK NA 287 17.41 15.76 24.33
C UNK NA 287 16.14 16.50 24.57
N UNK NA 288 15.02 15.79 24.46
CA UNK NA 288 13.75 16.47 24.66
C UNK NA 288 13.72 16.99 26.08
N UNK NA 289 14.20 16.18 27.01
CA UNK NA 289 14.07 16.57 28.40
C UNK NA 289 14.81 17.86 28.57
N UNK NA 290 16.02 17.92 28.03
CA UNK NA 290 16.79 19.14 28.22
C UNK NA 290 16.14 20.36 27.56
N UNK NA 291 15.75 20.23 26.29
CA UNK NA 291 15.31 21.44 25.60
C UNK NA 291 14.06 21.90 26.29
N UNK NA 292 13.20 20.97 26.64
CA UNK NA 292 11.94 21.40 27.22
C UNK NA 292 12.31 22.23 28.42
N UNK NA 293 13.42 21.89 29.05
CA UNK NA 293 13.79 22.51 30.30
C UNK NA 293 13.98 24.02 30.20
N UNK NA 294 14.56 24.50 29.10
CA UNK NA 294 14.89 25.91 29.02
C UNK NA 294 13.59 26.67 29.19
N UNK NA 295 12.51 26.07 28.72
CA UNK NA 295 11.20 26.69 28.80
C UNK NA 295 10.89 26.92 30.25
N UNK NA 296 11.29 25.95 31.07
CA UNK NA 296 11.03 26.00 32.49
C UNK NA 296 11.57 27.27 33.10
N UNK NA 297 12.74 27.69 32.63
CA UNK NA 297 13.34 28.89 33.19
C UNK NA 297 12.55 30.12 32.82
N UNK NA 298 12.12 30.18 31.57
CA UNK NA 298 11.41 31.35 31.14
C UNK NA 298 10.14 31.43 31.94
N UNK NA 299 9.45 30.31 32.07
CA UNK NA 299 8.14 30.35 32.70
C UNK NA 299 8.27 30.87 34.11
N UNK NA 300 9.30 30.44 34.81
CA UNK NA 300 9.48 30.88 36.17
C UNK NA 300 9.69 32.39 36.25
N UNK NA 301 10.50 32.91 35.33
CA UNK NA 301 10.84 34.33 35.27
C UNK NA 301 9.69 35.31 35.31
N UNK NA 302 8.64 35.00 34.57
CA UNK NA 302 7.46 35.85 34.53
C UNK NA 302 7.63 37.07 33.63
N UNK NA 303 8.70 37.13 32.85
CA UNK NA 303 8.89 38.28 31.98
C UNK NA 303 7.73 38.32 31.00
N UNK NA 304 7.10 39.48 30.87
CA UNK NA 304 5.95 39.59 29.98
C UNK NA 304 6.30 39.30 28.53
N UNK NA 305 7.39 39.88 28.05
CA UNK NA 305 7.78 39.63 26.69
C UNK NA 305 8.14 38.18 26.58
N UNK NA 306 8.80 37.69 27.62
CA UNK NA 306 9.30 36.33 27.66
C UNK NA 306 8.29 35.19 27.58
N UNK NA 307 7.20 35.28 28.32
CA UNK NA 307 6.23 34.20 28.34
C UNK NA 307 5.86 33.70 26.96
N UNK NA 308 5.59 34.66 26.10
CA UNK NA 308 5.14 34.40 24.73
C UNK NA 308 6.12 33.41 24.16
N UNK NA 309 7.38 33.60 24.52
CA UNK NA 309 8.41 32.76 24.02
C UNK NA 309 8.08 31.36 24.46
N UNK NA 310 7.65 31.24 25.71
CA UNK NA 310 7.47 29.92 26.25
C UNK NA 310 6.42 29.23 25.43
N UNK NA 311 5.35 29.97 25.16
CA UNK NA 311 4.23 29.33 24.50
C UNK NA 311 4.73 28.84 23.16
N UNK NA 312 5.47 29.66 22.43
CA UNK NA 312 5.91 29.22 21.14
C UNK NA 312 6.80 28.00 21.27
N UNK NA 313 7.72 28.04 22.22
CA UNK NA 313 8.74 27.03 22.25
C UNK NA 313 8.05 25.73 22.44
N UNK NA 314 7.06 25.69 23.30
CA UNK NA 314 6.52 24.39 23.61
C UNK NA 314 5.98 23.72 22.36
N UNK NA 315 5.20 24.45 21.57
CA UNK NA 315 4.53 23.78 20.47
C UNK NA 315 5.60 23.26 19.57
N UNK NA 316 6.57 24.11 19.26
CA UNK NA 316 7.58 23.71 18.30
C UNK NA 316 8.40 22.54 18.81
N UNK NA 317 8.79 22.59 20.09
CA UNK NA 317 9.70 21.58 20.56
C UNK NA 317 8.99 20.29 20.45
N UNK NA 318 7.74 20.28 20.88
CA UNK NA 318 7.02 19.03 20.89
C UNK NA 318 6.87 18.51 19.46
N UNK NA 319 6.41 19.37 18.56
CA UNK NA 319 6.10 18.90 17.24
C UNK NA 319 7.38 18.38 16.69
N UNK NA 320 8.45 19.11 16.94
CA UNK NA 320 9.72 18.73 16.37
C UNK NA 320 10.04 17.37 16.90
N UNK NA 321 9.69 17.13 18.14
CA UNK NA 321 10.08 15.88 18.75
C UNK NA 321 9.53 14.72 17.96
N UNK NA 322 8.29 14.84 17.50
CA UNK NA 322 7.63 13.66 16.97
C UNK NA 322 8.42 13.12 15.82
N UNK NA 323 8.84 14.00 14.92
CA UNK NA 323 9.47 13.50 13.72
C UNK NA 323 10.70 12.77 14.14
N UNK NA 324 11.47 13.36 15.04
CA UNK NA 324 12.76 12.77 15.33
C UNK NA 324 12.52 11.41 15.90
N UNK NA 325 11.84 11.35 17.03
CA UNK NA 325 11.77 10.08 17.68
C UNK NA 325 11.06 9.21 16.68
N UNK NA 326 10.01 9.74 16.11
CA UNK NA 326 9.17 8.92 15.30
C UNK NA 326 9.99 8.41 14.16
N UNK NA 327 10.83 9.22 13.56
CA UNK NA 327 11.60 8.66 12.47
C UNK NA 327 12.38 7.50 13.06
N UNK NA 328 12.82 7.71 14.29
CA UNK NA 328 13.73 6.78 14.91
C UNK NA 328 13.04 5.44 14.97
N UNK NA 329 11.74 5.45 15.20
CA UNK NA 329 11.03 4.19 15.29
C UNK NA 329 11.12 3.46 13.96
N UNK NA 330 11.01 4.18 12.86
CA UNK NA 330 11.08 3.53 11.57
C UNK NA 330 12.45 2.89 11.43
N UNK NA 331 13.48 3.63 11.82
CA UNK NA 331 14.81 3.09 11.67
C UNK NA 331 14.90 1.81 12.47
N UNK NA 332 14.38 1.84 13.68
CA UNK NA 332 14.45 0.67 14.56
C UNK NA 332 13.70 -0.54 14.03
N UNK NA 333 12.52 -0.32 13.51
CA UNK NA 333 11.72 -1.42 13.01
C UNK NA 333 12.47 -2.06 11.88
N UNK NA 334 13.09 -1.20 11.07
CA UNK NA 334 13.82 -1.69 9.92
C UNK NA 334 15.02 -2.57 10.32
N UNK NA 335 15.76 -2.09 11.32
CA UNK NA 335 16.99 -2.74 11.78
C UNK NA 335 16.89 -3.63 12.99
N UNK NA 336 15.69 -3.69 13.56
CA UNK NA 336 15.38 -4.57 14.70
C UNK NA 336 16.02 -4.25 16.05
N UNK NA 337 16.57 -3.05 16.23
CA UNK NA 337 17.18 -2.74 17.52
C UNK NA 337 17.42 -1.27 17.84
N UNK NA 338 17.66 -1.01 19.11
CA UNK NA 338 18.00 0.31 19.62
C UNK NA 338 19.44 0.67 19.26
N UNK NA 339 20.28 -0.33 19.36
CA UNK NA 339 21.74 -0.23 19.23
C UNK NA 339 22.33 0.86 18.34
N UNK NA 340 22.09 2.11 18.69
CA UNK NA 340 22.55 3.18 17.85
C UNK NA 340 24.02 2.90 17.87
N UNK NA 341 24.74 3.38 16.87
CA UNK NA 341 26.12 2.96 16.72
C UNK NA 341 26.17 1.66 15.95
N UNK NA 342 25.02 1.17 15.54
CA UNK NA 342 25.00 -0.03 14.74
C UNK NA 342 25.19 0.56 13.35
N UNK NA 343 26.20 1.42 13.26
CA UNK NA 343 26.68 2.09 12.05
C UNK NA 343 25.67 2.92 11.26
N UNK NA 344 25.59 2.65 9.96
CA UNK NA 344 24.71 3.31 9.00
C UNK NA 344 25.42 4.41 8.25
N UNK NA 345 24.91 4.64 7.05
CA UNK NA 345 25.38 5.61 6.09
C UNK NA 345 24.22 6.01 5.20
N UNK NA 346 23.75 7.24 5.38
CA UNK NA 346 22.57 7.69 4.65
C UNK NA 346 22.73 7.72 3.14
N UNK NA 347 23.82 8.28 2.63
CA UNK NA 347 24.01 8.31 1.19
C UNK NA 347 24.08 6.86 0.79
N UNK NA 348 24.88 6.15 1.54
CA UNK NA 348 25.02 4.73 1.35
C UNK NA 348 23.70 4.13 1.76
N UNK NA 349 23.10 4.73 2.79
CA UNK NA 349 21.87 4.22 3.38
C UNK NA 349 20.66 4.15 2.47
N UNK NA 350 20.52 5.17 1.64
CA UNK NA 350 19.43 5.31 0.67
C UNK NA 350 19.24 6.81 0.62
N UNK NA 351 19.07 7.36 -0.58
CA UNK NA 351 18.95 8.81 -0.74
C UNK NA 351 17.75 9.57 -0.17
N UNK NA 352 16.56 9.04 -0.34
CA UNK NA 352 15.36 9.72 0.11
C UNK NA 352 15.24 9.94 1.62
N UNK NA 353 15.59 8.91 2.39
CA UNK NA 353 15.47 8.99 3.83
C UNK NA 353 16.32 10.03 4.52
N UNK NA 354 17.56 10.19 4.09
CA UNK NA 354 18.45 11.12 4.77
C UNK NA 354 18.04 12.58 4.78
N UNK NA 355 17.58 13.08 3.63
CA UNK NA 355 17.20 14.49 3.59
C UNK NA 355 16.06 14.69 4.56
N UNK NA 356 15.12 13.76 4.57
CA UNK NA 356 14.01 13.88 5.48
C UNK NA 356 14.62 13.82 6.87
N UNK NA 357 15.59 12.93 7.08
CA UNK NA 357 16.24 12.83 8.38
C UNK NA 357 16.85 14.19 8.59
N UNK NA 358 17.85 14.51 7.78
CA UNK NA 358 18.44 15.81 7.88
C UNK NA 358 17.66 17.07 8.09
N UNK NA 359 16.57 17.24 7.36
CA UNK NA 359 15.83 18.49 7.46
C UNK NA 359 15.39 18.61 8.89
N UNK NA 360 14.88 17.51 9.42
CA UNK NA 360 14.36 17.55 10.77
C UNK NA 360 15.50 17.87 11.66
N UNK NA 361 16.63 17.24 11.37
CA UNK NA 361 17.72 17.26 12.30
C UNK NA 361 18.11 18.69 12.50
N UNK NA 362 18.06 19.46 11.43
CA UNK NA 362 18.37 20.86 11.53
C UNK NA 362 17.37 21.47 12.49
N UNK NA 363 16.13 21.01 12.42
CA UNK NA 363 15.10 21.61 13.23
C UNK NA 363 15.52 21.44 14.67
N UNK NA 364 16.08 20.29 15.00
CA UNK NA 364 16.60 20.10 16.34
C UNK NA 364 17.69 21.13 16.50
N UNK NA 365 18.40 21.37 15.40
CA UNK NA 365 19.61 22.17 15.38
C UNK NA 365 19.31 23.56 15.84
N UNK NA 366 18.16 24.06 15.42
CA UNK NA 366 17.77 25.43 15.70
C UNK NA 366 18.55 26.30 14.73
N UNK NA 367 17.85 26.84 13.73
CA UNK NA 367 18.41 27.67 12.67
C UNK NA 367 17.52 28.86 12.34
N UNK NA 368 18.04 29.84 11.61
CA UNK NA 368 17.22 30.98 11.27
C UNK NA 368 15.94 30.49 10.62
N UNK NA 369 14.94 31.36 10.51
CA UNK NA 369 13.67 31.02 9.92
C UNK NA 369 13.21 29.75 10.58
N UNK NA 370 13.53 29.55 11.86
CA UNK NA 370 13.04 28.35 12.54
C UNK NA 370 11.94 28.73 13.50
N UNK NA 371 10.77 28.12 13.32
CA UNK NA 371 9.67 28.44 14.20
C UNK NA 371 10.12 28.03 15.59
N UNK NA 372 10.72 26.86 15.69
CA UNK NA 372 11.21 26.43 16.99
C UNK NA 372 12.31 27.38 17.41
N UNK NA 373 13.20 27.69 16.47
CA UNK NA 373 14.30 28.60 16.76
C UNK NA 373 13.86 30.04 17.01
N UNK NA 374 12.90 30.50 16.22
CA UNK NA 374 12.48 31.88 16.36
C UNK NA 374 11.97 32.18 17.74
N UNK NA 375 11.13 31.31 18.28
CA UNK NA 375 10.64 31.53 19.62
C UNK NA 375 11.86 31.44 20.52
N UNK NA 376 12.69 30.44 20.21
CA UNK NA 376 13.88 30.20 20.99
C UNK NA 376 14.79 31.39 20.94
N UNK NA 377 14.97 31.95 19.75
CA UNK NA 377 15.82 33.09 19.61
C UNK NA 377 15.11 34.28 20.22
N UNK NA 378 14.07 34.01 21.00
CA UNK NA 378 13.33 35.10 21.58
C UNK NA 378 13.30 35.01 23.08
N UNK NA 379 13.05 33.81 23.56
CA UNK NA 379 12.99 33.63 24.98
C UNK NA 379 14.31 34.07 25.55
N UNK NA 380 15.38 33.80 24.84
CA UNK NA 380 16.62 34.21 25.42
C UNK NA 380 16.69 35.70 25.63
N UNK NA 381 16.17 36.45 24.68
CA UNK NA 381 16.27 37.90 24.72
C UNK NA 381 15.71 38.33 26.02
N UNK NA 382 14.68 37.65 26.45
CA UNK NA 382 14.11 37.94 27.73
C UNK NA 382 15.12 37.57 28.77
N UNK NA 383 15.82 36.49 28.52
CA UNK NA 383 16.74 35.98 29.48
C UNK NA 383 17.73 37.06 29.80
N UNK NA 384 17.79 38.09 28.95
CA UNK NA 384 18.69 39.23 29.21
C UNK NA 384 18.17 40.32 30.16
N UNK NA 385 17.01 40.16 30.80
CA UNK NA 385 16.53 41.18 31.71
C UNK NA 385 16.34 40.83 33.18
N UNK NA 386 16.39 39.55 33.56
CA UNK NA 386 16.16 39.16 34.96
C UNK NA 386 17.34 38.98 35.91
N UNK NA 387 18.55 39.45 35.57
CA UNK NA 387 18.86 40.27 34.40
C UNK NA 387 19.83 39.78 33.33
N UNK NA 388 20.31 40.71 32.53
CA UNK NA 388 21.17 40.39 31.40
C UNK NA 388 22.45 39.64 31.72
N UNK NA 389 23.11 39.94 32.82
CA UNK NA 389 24.37 39.28 33.10
C UNK NA 389 24.18 37.77 33.04
N UNK NA 390 25.18 37.07 32.50
CA UNK NA 390 25.13 35.65 32.35
C UNK NA 390 24.47 35.09 31.11
N UNK NA 391 24.30 35.89 30.05
CA UNK NA 391 23.69 35.38 28.83
C UNK NA 391 24.62 34.28 28.45
N UNK NA 392 25.83 34.52 28.88
CA UNK NA 392 26.90 33.59 28.68
C UNK NA 392 26.36 32.21 28.93
N UNK NA 393 25.49 32.08 29.92
CA UNK NA 393 25.09 30.74 30.34
C UNK NA 393 24.38 29.92 29.28
N UNK NA 394 23.35 30.44 28.62
CA UNK NA 394 22.57 29.61 27.69
C UNK NA 394 23.32 29.09 26.47
N UNK NA 395 24.13 29.96 25.90
CA UNK NA 395 24.77 29.70 24.62
C UNK NA 395 25.69 28.51 24.73
N UNK NA 396 26.16 28.24 25.93
CA UNK NA 396 26.94 27.04 26.12
C UNK NA 396 26.01 25.90 25.80
N UNK NA 397 24.76 26.05 26.21
CA UNK NA 397 23.75 25.04 25.92
C UNK NA 397 23.55 24.94 24.42
N UNK NA 398 23.42 26.08 23.76
CA UNK NA 398 23.14 26.07 22.33
C UNK NA 398 24.30 25.44 21.58
N UNK NA 399 25.50 25.86 21.91
CA UNK NA 399 26.64 25.35 21.21
C UNK NA 399 26.71 23.89 21.49
N UNK NA 400 26.51 23.53 22.74
CA UNK NA 400 26.61 22.14 23.11
C UNK NA 400 25.53 21.44 22.35
N UNK NA 401 24.36 22.07 22.29
CA UNK NA 401 23.18 21.40 21.82
C UNK NA 401 23.46 20.97 20.41
N UNK NA 402 24.10 21.86 19.68
CA UNK NA 402 24.33 21.66 18.27
C UNK NA 402 25.15 20.43 18.15
N UNK NA 403 26.07 20.26 19.09
CA UNK NA 403 27.00 19.16 19.02
C UNK NA 403 26.17 17.90 18.97
N UNK NA 404 25.08 17.89 19.73
CA UNK NA 404 24.26 16.69 19.78
C UNK NA 404 23.80 16.43 18.36
N UNK NA 405 23.26 17.44 17.71
CA UNK NA 405 22.58 17.17 16.48
C UNK NA 405 23.60 16.57 15.57
N UNK NA 406 24.80 17.10 15.61
CA UNK NA 406 25.81 16.63 14.69
C UNK NA 406 26.05 15.15 14.93
N UNK NA 407 26.13 14.78 16.20
CA UNK NA 407 26.61 13.47 16.54
C UNK NA 407 25.69 12.46 15.93
N UNK NA 408 24.39 12.66 16.05
CA UNK NA 408 23.48 11.68 15.48
C UNK NA 408 23.66 11.69 13.98
N UNK NA 409 23.64 12.88 13.41
CA UNK NA 409 23.61 12.94 11.98
C UNK NA 409 24.89 12.33 11.47
N UNK NA 410 26.00 12.72 12.06
CA UNK NA 410 27.27 12.26 11.53
C UNK NA 410 27.39 10.76 11.67
N UNK NA 411 27.03 10.26 12.85
CA UNK NA 411 27.03 8.83 13.05
C UNK NA 411 25.92 8.27 12.17
N UNK NA 412 24.93 9.10 11.87
CA UNK NA 412 23.80 8.72 11.03
C UNK NA 412 24.25 8.38 9.61
N UNK NA 413 25.22 9.14 9.10
CA UNK NA 413 25.72 8.93 7.76
C UNK NA 413 27.06 9.62 7.55
N UNK NA 414 7.41 1.06 2.35
CA UNK NA 414 8.09 2.21 2.92
C UNK NA 414 7.33 3.48 2.59
N UNK NA 415 6.36 3.39 1.70
CA UNK NA 415 5.70 4.58 1.22
C UNK NA 415 5.06 5.31 2.40
N UNK NA 416 4.44 4.55 3.28
CA UNK NA 416 3.76 5.17 4.40
C UNK NA 416 4.79 5.90 5.24
N UNK NA 417 5.95 5.29 5.43
CA UNK NA 417 6.96 5.89 6.27
C UNK NA 417 7.41 7.20 5.67
N UNK NA 418 7.47 7.32 4.37
CA UNK NA 418 7.75 8.64 3.83
C UNK NA 418 6.64 9.57 4.31
N UNK NA 419 5.47 8.98 4.52
CA UNK NA 419 4.28 9.76 4.83
C UNK NA 419 4.44 10.56 6.10
N UNK NA 420 5.06 9.97 7.11
CA UNK NA 420 5.18 10.67 8.37
C UNK NA 420 5.99 11.89 8.09
N UNK NA 421 7.04 11.72 7.30
CA UNK NA 421 7.93 12.82 7.05
C UNK NA 421 7.24 13.95 6.33
N UNK NA 422 6.45 13.64 5.32
CA UNK NA 422 5.84 14.74 4.64
C UNK NA 422 4.94 15.48 5.60
N UNK NA 423 4.13 14.75 6.34
CA UNK NA 423 3.14 15.43 7.15
C UNK NA 423 3.79 16.26 8.23
N UNK NA 424 4.73 15.68 8.95
CA UNK NA 424 5.33 16.39 10.07
C UNK NA 424 6.09 17.61 9.59
N UNK NA 425 6.85 17.46 8.52
CA UNK NA 425 7.62 18.57 8.02
C UNK NA 425 6.72 19.69 7.54
N UNK NA 426 5.67 19.30 6.83
CA UNK NA 426 4.82 20.27 6.16
C UNK NA 426 4.13 21.20 7.13
N UNK NA 427 3.57 20.66 8.19
CA UNK NA 427 2.97 21.51 9.19
C UNK NA 427 4.10 22.31 9.79
N UNK NA 428 5.22 21.63 10.04
CA UNK NA 428 6.33 22.28 10.68
C UNK NA 428 6.83 23.39 9.79
N UNK NA 429 7.01 23.06 8.52
CA UNK NA 429 7.52 24.02 7.58
C UNK NA 429 6.54 25.16 7.38
N UNK NA 430 5.27 24.81 7.31
CA UNK NA 430 4.26 25.76 6.89
C UNK NA 430 4.32 26.91 7.86
N UNK NA 431 4.48 26.57 9.13
CA UNK NA 431 4.29 27.49 10.24
C UNK NA 431 5.24 28.63 10.10
N UNK NA 432 6.42 28.31 9.61
CA UNK NA 432 7.44 29.33 9.43
C UNK NA 432 6.85 30.35 8.50
N UNK NA 433 5.97 29.92 7.62
CA UNK NA 433 5.41 30.87 6.69
C UNK NA 433 4.75 31.98 7.48
N UNK NA 434 4.00 31.62 8.51
CA UNK NA 434 3.40 32.62 9.38
C UNK NA 434 3.76 32.30 10.81
N UNK NA 435 4.02 33.31 11.61
CA UNK NA 435 4.23 33.04 13.02
C UNK NA 435 2.96 33.34 13.79
N UNK NA 436 1.98 33.92 13.13
CA UNK NA 436 0.94 34.60 13.87
C UNK NA 436 0.18 33.70 14.82
N UNK NA 437 -0.27 32.55 14.35
CA UNK NA 437 -1.08 31.70 15.20
C UNK NA 437 -0.26 31.24 16.38
N UNK NA 438 0.97 30.87 16.10
CA UNK NA 438 1.83 30.28 17.11
C UNK NA 438 2.07 31.28 18.21
N UNK NA 439 2.23 32.54 17.82
CA UNK NA 439 2.56 33.56 18.81
C UNK NA 439 1.65 33.48 20.02
N UNK OA 1 -22.28 -1.02 -0.37
CA UNK OA 1 -23.36 -0.85 0.61
C UNK OA 1 -22.94 -1.36 1.98
N UNK OA 2 -22.03 -2.33 1.99
CA UNK OA 2 -21.55 -2.91 3.24
C UNK OA 2 -20.82 -1.87 4.09
N UNK OA 3 -20.03 -1.01 3.43
CA UNK OA 3 -19.32 0.03 4.15
C UNK OA 3 -20.13 1.30 4.16
N UNK OA 4 -20.65 1.64 5.33
CA UNK OA 4 -21.50 2.80 5.44
C UNK OA 4 -21.73 3.25 6.87
N UNK OA 5 -21.75 2.30 7.79
CA UNK OA 5 -22.03 2.63 9.17
C UNK OA 5 -21.02 3.65 9.67
N UNK OA 6 -19.77 3.50 9.28
CA UNK OA 6 -18.73 4.41 9.72
C UNK OA 6 -18.96 5.82 9.19
N UNK OA 7 -19.37 5.92 7.94
CA UNK OA 7 -19.58 7.19 7.26
C UNK OA 7 -20.65 8.08 7.91
N UNK OA 8 -21.75 7.49 8.35
CA UNK OA 8 -22.80 8.26 8.97
C UNK OA 8 -22.49 8.76 10.36
N UNK OA 9 -21.90 7.90 11.19
CA UNK OA 9 -21.61 8.32 12.55
C UNK OA 9 -20.63 9.48 12.63
N UNK OA 10 -19.55 9.41 11.84
CA UNK OA 10 -18.54 10.46 11.91
C UNK OA 10 -19.13 11.80 11.55
N UNK OA 11 -19.91 11.83 10.49
CA UNK OA 11 -20.53 13.08 10.09
C UNK OA 11 -21.55 13.56 11.11
N UNK OA 12 -22.36 12.61 11.60
CA UNK OA 12 -23.44 12.85 12.54
C UNK OA 12 -23.03 13.43 13.89
N UNK OA 13 -21.89 13.02 14.42
CA UNK OA 13 -21.45 13.50 15.72
C UNK OA 13 -21.29 15.02 15.69
N UNK OA 14 -20.76 15.56 14.60
CA UNK OA 14 -20.57 17.00 14.47
C UNK OA 14 -21.93 17.69 14.50
N UNK OA 15 -22.92 17.09 13.83
CA UNK OA 15 -24.26 17.63 13.78
C UNK OA 15 -24.88 17.65 15.17
N UNK OA 16 -24.64 16.58 15.92
CA UNK OA 16 -25.15 16.47 17.28
C UNK OA 16 -24.53 17.57 18.14
N UNK OA 17 -23.25 17.82 17.94
CA UNK OA 17 -22.60 18.86 18.70
C UNK OA 17 -23.28 20.17 18.38
N UNK OA 18 -23.46 20.40 17.10
CA UNK OA 18 -24.07 21.64 16.65
C UNK OA 18 -25.43 21.84 17.30
N UNK OA 19 -26.21 20.77 17.32
CA UNK OA 19 -27.55 20.81 17.89
C UNK OA 19 -27.42 21.15 19.36
N UNK OA 20 -26.46 20.53 20.04
CA UNK OA 20 -26.23 20.83 21.43
C UNK OA 20 -25.70 22.26 21.53
N UNK OA 21 -24.76 22.59 20.64
CA UNK OA 21 -24.15 23.92 20.62
C UNK OA 21 -25.13 25.03 20.31
N UNK OA 22 -25.96 24.85 19.29
CA UNK OA 22 -26.93 25.88 18.96
C UNK OA 22 -27.84 25.93 20.18
N UNK OA 23 -28.23 24.75 20.62
CA UNK OA 23 -29.09 24.59 21.80
C UNK OA 23 -28.35 25.07 23.03
N UNK OA 24 -27.05 24.78 23.07
CA UNK OA 24 -26.20 25.16 24.18
C UNK OA 24 -26.20 26.68 24.28
N UNK OA 25 -26.20 27.34 23.12
CA UNK OA 25 -26.23 28.79 23.07
C UNK OA 25 -27.53 29.27 23.70
N UNK OA 26 -28.62 28.56 23.42
CA UNK OA 26 -29.92 28.93 23.97
C UNK OA 26 -29.88 28.81 25.50
N UNK OA 27 -29.28 27.73 25.98
CA UNK OA 27 -29.15 27.53 27.43
C UNK OA 27 -28.25 28.66 27.91
N UNK OA 28 -27.33 29.04 27.04
CA UNK OA 28 -26.46 30.18 27.27
C UNK OA 28 -27.28 31.46 27.10
N UNK OA 29 -28.52 31.31 26.65
CA UNK OA 29 -29.44 32.41 26.38
C UNK OA 29 -29.68 33.34 27.57
N UNK OA 30 -29.83 34.62 27.25
CA UNK OA 30 -29.99 35.67 28.25
C UNK OA 30 -28.83 36.66 28.27
N UNK PA 1 -4.64 -0.56 -0.02
CA UNK PA 1 -4.56 0.78 -0.60
C UNK PA 1 -5.12 1.83 0.35
N UNK PA 2 -4.74 1.82 1.61
CA UNK PA 2 -5.16 2.91 2.51
C UNK PA 2 -4.44 4.19 2.07
N UNK PA 3 -3.36 4.00 1.32
CA UNK PA 3 -2.51 5.08 0.85
C UNK PA 3 -3.26 6.09 0.04
N UNK PA 4 -4.20 5.63 -0.78
CA UNK PA 4 -4.97 6.57 -1.57
C UNK PA 4 -5.68 7.45 -0.56
N UNK PA 5 -6.10 6.83 0.53
CA UNK PA 5 -6.79 7.53 1.59
C UNK PA 5 -5.99 8.60 2.32
N UNK PA 6 -4.73 8.31 2.64
CA UNK PA 6 -3.94 9.28 3.39
C UNK PA 6 -3.69 10.62 2.70
N UNK PA 7 -3.36 10.58 1.42
CA UNK PA 7 -3.08 11.78 0.63
C UNK PA 7 -4.25 12.76 0.42
N UNK PA 8 -5.45 12.24 0.20
CA UNK PA 8 -6.62 13.10 0.00
C UNK PA 8 -6.90 13.90 1.27
N UNK PA 9 -6.77 13.22 2.40
CA UNK PA 9 -6.95 13.83 3.71
C UNK PA 9 -5.85 14.87 3.91
N UNK PA 10 -4.68 14.52 3.40
CA UNK PA 10 -3.45 15.32 3.43
C UNK PA 10 -3.70 16.64 2.73
N UNK PA 11 -4.49 16.61 1.67
CA UNK PA 11 -4.79 17.84 0.95
C UNK PA 11 -5.42 18.78 1.97
N UNK PA 12 -6.30 18.24 2.79
CA UNK PA 12 -6.90 19.06 3.84
C UNK PA 12 -5.83 20.03 4.33
N UNK PA 13 -4.61 19.54 4.41
CA UNK PA 13 -3.52 20.39 4.87
C UNK PA 13 -3.33 21.58 3.95
N UNK PA 14 -3.37 21.34 2.64
CA UNK PA 14 -3.21 22.42 1.67
C UNK PA 14 -4.37 23.39 1.78
N UNK PA 15 -5.55 22.82 1.97
CA UNK PA 15 -6.79 23.57 2.07
C UNK PA 15 -6.73 24.51 3.24
N UNK PA 16 -5.98 24.12 4.26
CA UNK PA 16 -5.89 24.94 5.46
C UNK PA 16 -5.36 26.32 5.13
N UNK PA 17 -4.34 26.43 4.31
CA UNK PA 17 -3.87 27.77 4.01
C UNK PA 17 -5.12 28.59 3.78
N UNK PA 18 -6.11 27.97 3.16
CA UNK PA 18 -7.34 28.65 2.89
C UNK PA 18 -7.96 29.05 4.22
N UNK PA 19 -7.86 28.15 5.20
CA UNK PA 19 -8.43 28.41 6.52
C UNK PA 19 -7.75 29.60 7.17
N UNK PA 20 -6.45 29.69 6.98
CA UNK PA 20 -5.62 30.74 7.52
C UNK PA 20 -5.91 32.13 6.99
N UNK PA 21 -6.48 32.26 5.81
CA UNK PA 21 -6.65 33.61 5.27
C UNK PA 21 -7.76 34.36 6.01
N UNK PA 22 -8.21 33.81 7.14
CA UNK PA 22 -9.28 34.40 7.94
C UNK PA 22 -9.16 35.91 8.05
N UNK QA 1 -12.00 42.84 -5.88
CA UNK QA 1 -12.49 42.44 -7.19
C UNK QA 1 -13.11 41.04 -7.15
N UNK QA 2 -14.43 40.99 -7.27
CA UNK QA 2 -15.12 39.73 -7.24
C UNK QA 2 -14.55 38.93 -8.39
N UNK QA 3 -14.28 39.64 -9.48
CA UNK QA 3 -13.73 39.02 -10.68
C UNK QA 3 -12.37 38.40 -10.39
N UNK QA 4 -11.58 39.08 -9.54
CA UNK QA 4 -10.23 38.65 -9.16
C UNK QA 4 -10.08 37.38 -8.30
N UNK QA 5 -11.01 37.20 -7.36
CA UNK QA 5 -10.96 36.08 -6.43
C UNK QA 5 -11.00 34.71 -7.08
N UNK QA 6 -11.84 34.53 -8.09
CA UNK QA 6 -11.93 33.24 -8.73
C UNK QA 6 -10.57 32.89 -9.31
N UNK QA 7 -9.92 33.87 -9.93
CA UNK QA 7 -8.60 33.65 -10.50
C UNK QA 7 -7.55 33.35 -9.44
N UNK QA 8 -7.57 34.08 -8.34
CA UNK QA 8 -6.60 33.87 -7.25
C UNK QA 8 -6.68 32.53 -6.54
N UNK QA 9 -7.91 32.09 -6.29
CA UNK QA 9 -8.25 30.87 -5.59
C UNK QA 9 -8.61 29.75 -6.57
N UNK QA 10 -9.25 30.13 -7.67
CA UNK QA 10 -9.66 29.16 -8.66
C UNK QA 10 -8.42 28.42 -9.08
N UNK QA 11 -7.32 29.14 -9.11
CA UNK QA 11 -6.06 28.57 -9.47
C UNK QA 11 -5.81 27.44 -8.48
N UNK QA 12 -6.44 27.62 -7.32
CA UNK QA 12 -6.38 26.75 -6.16
C UNK QA 12 -6.90 25.37 -6.45
N UNK QA 13 -7.91 25.27 -7.29
CA UNK QA 13 -8.46 23.97 -7.61
C UNK QA 13 -7.34 23.14 -8.18
N UNK QA 14 -6.50 23.77 -8.98
CA UNK QA 14 -5.36 23.06 -9.55
C UNK QA 14 -4.55 22.59 -8.37
N UNK QA 15 -4.53 23.42 -7.32
CA UNK QA 15 -3.77 23.16 -6.11
C UNK QA 15 -4.15 21.86 -5.40
N UNK QA 16 -5.44 21.54 -5.39
CA UNK QA 16 -5.85 20.30 -4.74
C UNK QA 16 -5.16 19.19 -5.51
N UNK QA 17 -5.18 19.31 -6.84
CA UNK QA 17 -4.51 18.36 -7.72
C UNK QA 17 -3.01 18.44 -7.51
N UNK QA 18 -2.52 19.67 -7.35
CA UNK QA 18 -1.10 19.94 -7.14
C UNK QA 18 -0.58 19.31 -5.84
N UNK QA 19 -1.39 19.37 -4.80
CA UNK QA 19 -1.00 18.80 -3.52
C UNK QA 19 -0.79 17.30 -3.69
N UNK QA 20 -1.66 16.69 -4.48
CA UNK QA 20 -1.55 15.25 -4.75
C UNK QA 20 -0.25 14.93 -5.47
N UNK QA 21 0.13 15.80 -6.40
CA UNK QA 21 1.37 15.59 -7.15
C UNK QA 21 2.56 15.26 -6.25
N UNK QA 22 2.61 15.88 -5.08
CA UNK QA 22 3.70 15.67 -4.14
C UNK QA 22 3.74 14.20 -3.76
N UNK QA 23 2.56 13.59 -3.61
CA UNK QA 23 2.46 12.17 -3.25
C UNK QA 23 2.98 11.29 -4.37
N UNK QA 24 2.71 11.68 -5.62
CA UNK QA 24 3.15 10.92 -6.78
C UNK QA 24 4.67 10.85 -6.85
N UNK QA 25 5.32 11.96 -6.51
CA UNK QA 25 6.78 12.05 -6.52
C UNK QA 25 7.51 11.18 -5.52
N UNK QA 26 6.96 10.99 -4.34
CA UNK QA 26 7.62 10.17 -3.34
C UNK QA 26 7.76 8.76 -3.90
N UNK QA 27 6.76 8.35 -4.68
CA UNK QA 27 6.72 7.01 -5.27
C UNK QA 27 7.89 6.78 -6.20
N UNK QA 28 8.52 7.85 -6.66
CA UNK QA 28 9.64 7.73 -7.57
C UNK QA 28 10.76 6.94 -6.92
N UNK QA 29 10.78 6.89 -5.60
CA UNK QA 29 11.80 6.15 -4.88
C UNK QA 29 11.97 4.74 -5.44
N UNK QA 30 10.90 3.95 -5.39
CA UNK QA 30 10.95 2.58 -5.88
C UNK QA 30 10.21 2.43 -7.21
N UNK RA 1 23.37 25.31 -40.22
CA UNK RA 1 24.57 25.79 -40.90
C UNK RA 1 25.19 26.51 -39.71
N UNK RA 2 25.38 27.82 -39.82
CA UNK RA 2 25.71 28.54 -38.63
C UNK RA 2 24.55 28.14 -37.73
N UNK RA 3 24.82 27.98 -36.44
CA UNK RA 3 23.90 27.30 -35.53
C UNK RA 3 23.05 28.23 -34.68
N UNK RA 4 23.03 29.50 -35.10
CA UNK RA 4 22.39 30.61 -34.38
C UNK RA 4 20.89 30.62 -34.08
N UNK RA 5 20.05 30.15 -34.97
CA UNK RA 5 18.61 30.21 -34.71
C UNK RA 5 18.18 29.44 -33.45
N UNK RA 6 18.68 28.22 -33.28
CA UNK RA 6 18.32 27.42 -32.11
C UNK RA 6 18.77 28.10 -30.82
N UNK RA 7 19.99 28.63 -30.85
CA UNK RA 7 20.55 29.31 -29.68
C UNK RA 7 19.71 30.53 -29.35
N UNK RA 8 19.30 31.27 -30.38
CA UNK RA 8 18.51 32.47 -30.15
C UNK RA 8 17.17 32.17 -29.49
N UNK RA 9 16.52 31.10 -29.94
CA UNK RA 9 15.23 30.71 -29.38
C UNK RA 9 15.37 30.33 -27.91
N UNK RA 10 16.42 29.58 -27.58
CA UNK RA 10 16.64 29.16 -26.20
C UNK RA 10 16.88 30.37 -25.31
N UNK RA 11 17.65 31.33 -25.81
CA UNK RA 11 17.95 32.54 -25.06
C UNK RA 11 16.66 33.31 -24.82
N UNK RA 12 15.81 33.37 -25.85
CA UNK RA 12 14.56 34.09 -25.73
C UNK RA 12 13.69 33.43 -24.68
N UNK RA 13 13.68 32.09 -24.68
CA UNK RA 13 12.90 31.34 -23.71
C UNK RA 13 13.38 31.63 -22.30
N UNK RA 14 14.70 31.69 -22.13
CA UNK RA 14 15.26 31.96 -20.80
C UNK RA 14 14.83 33.35 -20.35
N UNK RA 15 14.90 34.28 -21.31
CA UNK RA 15 14.56 35.69 -21.14
C UNK RA 15 13.08 35.96 -20.87
N UNK RA 16 12.23 35.02 -21.27
CA UNK RA 16 10.78 35.15 -21.10
C UNK RA 16 10.47 35.32 -19.62
N UNK RA 17 11.29 34.71 -18.79
CA UNK RA 17 11.17 34.76 -17.33
C UNK RA 17 11.30 36.20 -16.86
N UNK RA 18 12.08 36.98 -17.58
CA UNK RA 18 12.30 38.39 -17.24
C UNK RA 18 10.97 39.12 -17.23
N UNK RA 19 10.08 38.76 -18.16
CA UNK RA 19 8.77 39.38 -18.23
C UNK RA 19 8.00 39.05 -16.94
N UNK RA 20 8.16 37.82 -16.47
CA UNK RA 20 7.51 37.36 -15.25
C UNK RA 20 8.02 38.16 -14.05
N UNK RA 21 9.33 38.41 -14.03
CA UNK RA 21 9.94 39.19 -12.97
C UNK RA 21 9.39 40.61 -13.00
N UNK RA 22 9.20 41.11 -14.21
CA UNK RA 22 8.67 42.44 -14.45
C UNK RA 22 7.25 42.55 -13.91
N UNK RA 23 6.58 41.42 -13.79
CA UNK RA 23 5.25 41.44 -13.21
C UNK RA 23 5.38 42.16 -11.87
N UNK RA 24 6.58 42.17 -11.30
CA UNK RA 24 6.88 42.87 -10.06
C UNK RA 24 6.64 44.37 -10.30
N UNK RA 25 6.62 44.73 -11.58
CA UNK RA 25 6.26 46.08 -12.00
C UNK RA 25 4.80 46.19 -11.57
N UNK RA 26 4.06 45.10 -11.80
CA UNK RA 26 2.67 44.93 -11.41
C UNK RA 26 2.66 44.99 -9.89
N UNK RA 27 3.76 44.55 -9.28
CA UNK RA 27 3.92 44.58 -7.84
C UNK RA 27 3.78 46.04 -7.48
N UNK RA 28 4.27 46.90 -8.35
CA UNK RA 28 4.12 48.32 -8.11
C UNK RA 28 2.62 48.36 -8.15
N UNK RA 29 2.02 49.38 -7.54
CA UNK RA 29 0.58 49.53 -7.44
C UNK RA 29 0.06 48.89 -6.16
N UNK RA 30 0.97 48.46 -5.29
CA UNK RA 30 0.52 47.88 -4.02
C UNK RA 30 1.71 47.58 -3.09
N UNK SA 1 47.24 23.22 -28.59
CA UNK SA 1 48.22 23.97 -27.84
C UNK SA 1 48.46 25.33 -28.46
N UNK SA 2 48.24 25.41 -29.78
CA UNK SA 2 48.46 26.66 -30.50
C UNK SA 2 47.53 27.72 -29.94
N UNK SA 3 46.34 27.36 -29.49
CA UNK SA 3 45.48 28.35 -28.82
C UNK SA 3 46.14 28.86 -27.51
N UNK SA 4 46.78 27.91 -26.84
CA UNK SA 4 47.38 28.14 -25.53
C UNK SA 4 48.41 29.24 -25.69
N UNK SA 5 49.09 29.26 -26.83
CA UNK SA 5 50.09 30.28 -27.08
C UNK SA 5 49.45 31.67 -27.06
N UNK SA 6 48.28 31.83 -27.67
CA UNK SA 6 47.59 33.11 -27.67
C UNK SA 6 47.19 33.52 -26.25
N UNK SA 7 46.75 32.52 -25.50
CA UNK SA 7 46.40 32.80 -24.11
C UNK SA 7 47.61 33.30 -23.32
N UNK SA 8 48.76 32.65 -23.53
CA UNK SA 8 49.99 33.01 -22.84
C UNK SA 8 50.34 34.42 -23.24
N UNK SA 9 50.09 34.67 -24.51
CA UNK SA 9 50.39 35.90 -25.21
C UNK SA 9 49.72 37.09 -24.58
N UNK SA 10 48.46 36.92 -24.24
CA UNK SA 10 47.68 38.00 -23.68
C UNK SA 10 48.34 38.40 -22.39
N UNK SA 11 48.93 37.42 -21.74
CA UNK SA 11 49.56 37.63 -20.46
C UNK SA 11 50.54 38.76 -20.64
N UNK SA 12 51.08 38.85 -21.84
CA UNK SA 12 52.01 39.91 -22.12
C UNK SA 12 51.30 41.22 -21.86
N UNK SA 13 50.02 41.28 -22.19
CA UNK SA 13 49.33 42.55 -22.02
C UNK SA 13 49.41 43.07 -20.62
N UNK SA 14 49.13 42.25 -19.62
CA UNK SA 14 49.23 42.84 -18.29
C UNK SA 14 50.40 43.80 -18.21
N UNK SA 15 51.55 43.37 -18.69
CA UNK SA 15 52.72 44.20 -18.59
C UNK SA 15 52.42 45.43 -19.41
N UNK SA 16 51.72 45.21 -20.51
CA UNK SA 16 51.33 46.31 -21.36
C UNK SA 16 50.51 47.24 -20.48
N UNK SA 17 49.79 46.64 -19.54
CA UNK SA 17 48.95 47.39 -18.60
C UNK SA 17 49.84 48.32 -17.81
N UNK SA 18 50.96 47.76 -17.37
CA UNK SA 18 51.87 48.45 -16.48
C UNK SA 18 52.53 49.65 -17.11
N UNK SA 19 53.01 49.46 -18.33
CA UNK SA 19 53.75 50.53 -18.98
C UNK SA 19 52.86 51.73 -19.23
N UNK SA 20 51.65 51.47 -19.72
CA UNK SA 20 50.74 52.55 -19.98
C UNK SA 20 50.45 53.18 -18.64
N UNK SA 21 50.37 52.30 -17.64
CA UNK SA 21 50.00 52.70 -16.29
C UNK SA 21 51.00 53.67 -15.72
N UNK SA 22 52.28 53.41 -16.00
CA UNK SA 22 53.36 54.26 -15.51
C UNK SA 22 52.82 55.59 -14.97
N UNK SA 23 53.29 56.70 -15.55
CA UNK SA 23 52.96 58.09 -15.17
C UNK SA 23 52.16 58.27 -13.88
N UNK SA 24 50.83 58.21 -13.99
CA UNK SA 24 49.96 58.39 -12.84
C UNK SA 24 50.19 57.32 -11.79
N UNK SA 25 50.36 56.07 -12.25
CA UNK SA 25 50.62 54.96 -11.35
C UNK SA 25 51.95 55.18 -10.61
N UNK SA 26 52.95 55.67 -11.33
CA UNK SA 26 54.25 55.95 -10.73
C UNK SA 26 54.11 57.05 -9.67
N UNK SA 27 53.30 58.05 -9.98
CA UNK SA 27 53.05 59.14 -9.04
C UNK SA 27 52.38 58.60 -7.77
N UNK SA 28 51.45 57.68 -7.96
CA UNK SA 28 50.75 57.06 -6.84
C UNK SA 28 51.73 56.26 -5.98
N UNK TA 1 64.07 29.38 -14.95
CA UNK TA 1 64.26 30.81 -15.17
C UNK TA 1 63.47 31.65 -14.17
N UNK TA 2 64.10 31.88 -13.02
CA UNK TA 2 63.52 32.59 -11.88
C UNK TA 2 63.16 34.04 -12.16
N UNK TA 3 63.44 34.46 -13.39
CA UNK TA 3 63.18 35.81 -13.83
C UNK TA 3 61.71 36.20 -13.76
N UNK TA 4 60.80 35.27 -14.04
CA UNK TA 4 59.39 35.61 -13.99
C UNK TA 4 59.20 36.74 -14.97
N UNK TA 5 59.83 36.56 -16.12
CA UNK TA 5 59.83 37.52 -17.18
C UNK TA 5 58.76 37.21 -18.22
N UNK TA 6 57.68 36.56 -17.82
CA UNK TA 6 56.70 36.02 -18.77
C UNK TA 6 56.29 36.84 -20.01
N UNK TA 7 56.00 38.12 -19.91
CA UNK TA 7 55.66 38.87 -21.13
C UNK TA 7 56.99 39.39 -21.68
N UNK TA 8 57.20 39.19 -22.96
CA UNK TA 8 58.37 39.62 -23.64
C UNK TA 8 58.05 41.05 -23.96
N UNK TA 9 58.90 41.57 -24.84
CA UNK TA 9 58.95 42.96 -25.25
C UNK TA 9 57.85 43.56 -26.09
N UNK TA 10 56.97 42.78 -26.67
CA UNK TA 10 55.95 43.36 -27.54
C UNK TA 10 55.20 44.40 -26.72
N UNK TA 11 54.90 44.04 -25.49
CA UNK TA 11 54.18 44.96 -24.64
C UNK TA 11 55.02 46.22 -24.46
N UNK TA 12 56.31 46.05 -24.22
CA UNK TA 12 57.20 47.19 -24.01
C UNK TA 12 57.32 48.05 -25.27
N UNK TA 13 57.50 47.40 -26.41
CA UNK TA 13 57.62 48.11 -27.67
C UNK TA 13 56.29 48.80 -27.98
N UNK TA 14 55.22 48.07 -27.76
CA UNK TA 14 53.88 48.57 -28.01
C UNK TA 14 53.61 49.74 -27.09
N UNK TA 15 54.02 49.63 -25.84
CA UNK TA 15 53.81 50.69 -24.87
C UNK TA 15 54.58 51.94 -25.30
N UNK TA 16 55.80 51.74 -25.78
CA UNK TA 16 56.62 52.85 -26.22
C UNK TA 16 55.96 53.55 -27.40
N UNK TA 17 55.41 52.77 -28.31
CA UNK TA 17 54.74 53.31 -29.48
C UNK TA 17 53.50 54.10 -29.07
N UNK TA 18 52.79 53.56 -28.09
CA UNK TA 18 51.59 54.20 -27.57
C UNK TA 18 52.00 55.53 -26.96
N UNK TA 19 53.12 55.52 -26.23
CA UNK TA 19 53.63 56.75 -25.63
C UNK TA 19 54.04 57.67 -26.78
N UNK TA 20 54.68 57.07 -27.78
CA UNK TA 20 55.12 57.79 -28.97
C UNK TA 20 53.91 58.33 -29.72
N UNK TA 21 52.86 57.51 -29.73
CA UNK TA 21 51.61 57.86 -30.36
C UNK TA 21 51.03 59.05 -29.59
N UNK TA 22 51.18 59.01 -28.28
CA UNK TA 22 50.66 60.08 -27.44
C UNK TA 22 51.37 61.38 -27.79
N UNK TA 23 52.68 61.30 -27.98
CA UNK TA 23 53.47 62.47 -28.33
C UNK TA 23 53.04 63.00 -29.69
N UNK TA 24 52.79 62.09 -30.62
CA UNK TA 24 52.40 62.46 -31.97
C UNK TA 24 51.10 63.21 -31.87
N UNK TA 25 50.23 62.74 -30.99
CA UNK TA 25 48.95 63.40 -30.80
C UNK TA 25 49.22 64.79 -30.24
N UNK TA 26 50.42 64.98 -29.71
CA UNK TA 26 50.84 66.27 -29.13
C UNK TA 26 50.88 67.40 -30.15
N UNK TA 27 51.32 67.10 -31.36
CA UNK TA 27 51.42 68.11 -32.41
C UNK TA 27 50.06 68.69 -32.72
N UNK TA 28 49.04 67.83 -32.74
CA UNK TA 28 47.68 68.27 -33.02
C UNK TA 28 46.85 68.40 -31.75
N UNK UA 1 54.62 32.69 24.33
CA UNK UA 1 55.58 33.76 24.10
C UNK UA 1 55.01 34.77 23.11
N UNK UA 2 54.21 34.29 22.16
CA UNK UA 2 53.53 35.19 21.27
C UNK UA 2 52.64 36.05 22.16
N UNK UA 3 52.06 35.39 23.16
CA UNK UA 3 51.19 36.08 24.10
C UNK UA 3 51.92 37.16 24.90
N UNK UA 4 53.15 36.87 25.29
CA UNK UA 4 54.04 37.80 25.97
C UNK UA 4 54.37 38.99 25.10
N UNK UA 5 54.41 38.76 23.79
CA UNK UA 5 54.45 39.85 22.83
C UNK UA 5 53.17 40.63 23.04
N UNK UA 6 52.11 39.87 23.34
CA UNK UA 6 50.80 40.44 23.59
C UNK UA 6 50.95 41.39 24.77
N UNK UA 7 51.81 41.04 25.71
CA UNK UA 7 52.11 41.92 26.83
C UNK UA 7 52.73 43.24 26.35
N UNK UA 8 53.58 43.15 25.34
CA UNK UA 8 54.18 44.33 24.74
C UNK UA 8 53.10 45.22 24.12
N UNK UA 9 52.12 44.58 23.48
CA UNK UA 9 50.98 45.30 22.93
C UNK UA 9 50.17 45.96 24.03
N UNK UA 10 50.13 45.26 25.17
CA UNK UA 10 49.44 45.72 26.38
C UNK UA 10 50.04 47.03 26.79
N UNK UA 11 51.36 47.12 26.67
CA UNK UA 11 52.01 48.36 26.99
C UNK UA 11 52.03 49.02 25.63
N UNK UA 12 51.34 50.15 25.52
CA UNK UA 12 51.27 50.87 24.26
C UNK UA 12 51.50 52.36 24.43
N UNK UA 13 51.91 53.02 23.35
CA UNK UA 13 52.14 54.46 23.40
C UNK UA 13 52.94 54.86 24.63
N UNK VA 1 46.25 -3.26 -17.77
CA UNK VA 1 46.75 -4.05 -18.90
C UNK VA 1 48.23 -4.37 -18.73
N UNK VA 2 48.67 -5.36 -19.50
CA UNK VA 2 49.98 -5.99 -19.37
C UNK VA 2 51.10 -5.00 -19.62
N UNK VA 3 50.77 -3.90 -20.29
CA UNK VA 3 51.76 -2.90 -20.62
C UNK VA 3 52.35 -2.45 -19.29
N UNK VA 4 51.51 -2.44 -18.26
CA UNK VA 4 52.00 -2.10 -16.93
C UNK VA 4 53.09 -3.10 -16.60
N UNK VA 5 52.86 -4.37 -16.92
CA UNK VA 5 53.96 -5.32 -16.88
C UNK VA 5 55.18 -4.71 -17.56
N UNK VA 6 54.93 -4.05 -18.68
CA UNK VA 6 56.00 -3.41 -19.43
C UNK VA 6 56.66 -2.32 -18.61
N UNK VA 7 55.86 -1.54 -17.90
CA UNK VA 7 56.39 -0.48 -17.08
C UNK VA 7 57.29 -1.06 -15.99
N UNK VA 8 56.81 -2.13 -15.39
CA UNK VA 8 57.54 -2.72 -14.30
C UNK VA 8 58.86 -3.17 -14.86
N UNK VA 9 58.82 -3.74 -16.06
CA UNK VA 9 60.02 -4.25 -16.71
C UNK VA 9 61.03 -3.15 -17.00
N UNK VA 10 60.55 -2.01 -17.48
CA UNK VA 10 61.45 -0.91 -17.76
C UNK VA 10 62.13 -0.48 -16.47
N UNK VA 11 61.34 -0.41 -15.40
CA UNK VA 11 61.89 0.00 -14.12
C UNK VA 11 62.96 -0.98 -13.61
N UNK VA 12 62.67 -2.26 -13.76
CA UNK VA 12 63.58 -3.29 -13.31
C UNK VA 12 64.88 -3.18 -14.08
N UNK VA 13 64.74 -2.89 -15.37
CA UNK VA 13 65.89 -2.79 -16.23
C UNK VA 13 66.77 -1.67 -15.75
N UNK VA 14 66.20 -0.48 -15.60
CA UNK VA 14 67.03 0.68 -15.31
C UNK VA 14 67.80 0.56 -14.01
N UNK VA 15 67.13 0.10 -12.97
CA UNK VA 15 67.75 -0.02 -11.65
C UNK VA 15 68.92 -0.99 -11.59
N UNK VA 16 68.78 -2.15 -12.22
CA UNK VA 16 69.85 -3.09 -12.16
C UNK VA 16 69.75 -3.68 -10.75
N UNK VA 17 70.71 -4.51 -10.35
CA UNK VA 17 71.82 -4.86 -11.21
C UNK VA 17 71.41 -6.03 -12.11
N UNK VA 18 70.15 -6.45 -11.97
CA UNK VA 18 69.64 -7.58 -12.71
C UNK VA 18 69.76 -7.42 -14.23
N UNK VA 19 70.13 -8.53 -14.85
CA UNK VA 19 70.33 -8.61 -16.30
C UNK VA 19 69.20 -7.89 -17.01
N UNK VA 20 69.52 -7.22 -18.10
CA UNK VA 20 68.53 -6.45 -18.83
C UNK VA 20 67.30 -7.25 -19.29
N UNK VA 21 67.50 -8.47 -19.76
CA UNK VA 21 66.40 -9.31 -20.22
C UNK VA 21 66.23 -10.51 -19.32
N UNK VA 22 66.72 -10.37 -18.10
CA UNK VA 22 66.73 -11.46 -17.12
C UNK VA 22 65.45 -12.16 -16.63
N UNK VA 23 64.38 -11.43 -16.37
CA UNK VA 23 63.15 -12.06 -15.87
C UNK VA 23 61.92 -11.59 -16.61
N UNK VA 24 61.06 -12.51 -17.01
CA UNK VA 24 59.85 -12.08 -17.71
C UNK VA 24 58.56 -12.83 -17.36
N UNK VA 25 58.08 -12.73 -16.13
CA UNK VA 25 58.72 -12.03 -15.03
C UNK VA 25 58.92 -13.04 -13.91
N UNK VA 26 59.04 -14.32 -14.31
CA UNK VA 26 59.16 -15.45 -13.41
C UNK VA 26 60.40 -15.47 -12.51
N UNK VA 27 61.45 -14.76 -12.92
CA UNK VA 27 62.66 -14.78 -12.14
C UNK VA 27 62.55 -14.24 -10.71
N UNK VA 28 63.23 -14.96 -9.83
CA UNK VA 28 63.41 -14.74 -8.41
C UNK VA 28 63.87 -13.31 -8.19
N UNK VA 29 63.26 -12.65 -7.20
CA UNK VA 29 63.51 -11.28 -6.99
C UNK VA 29 64.76 -11.20 -6.20
N UNK VA 30 64.87 -12.08 -5.23
CA UNK VA 30 66.08 -12.16 -4.50
C UNK VA 30 66.92 -12.93 -5.47
N UNK VA 31 66.47 -14.16 -5.62
CA UNK VA 31 67.23 -15.25 -6.18
C UNK VA 31 67.83 -14.92 -7.51
N UNK VA 32 66.95 -14.65 -8.46
CA UNK VA 32 67.39 -14.66 -9.81
C UNK VA 32 68.03 -13.38 -10.24
N UNK VA 33 68.46 -12.56 -9.30
CA UNK VA 33 69.03 -11.29 -9.67
C UNK VA 33 69.99 -10.81 -8.62
N UNK VA 34 70.16 -11.65 -7.64
CA UNK VA 34 71.17 -11.34 -6.67
C UNK VA 34 70.72 -10.12 -5.91
N UNK VA 35 69.45 -10.14 -5.55
CA UNK VA 35 68.88 -9.04 -4.82
C UNK VA 35 69.42 -8.96 -3.41
N UNK VA 36 69.42 -7.77 -2.82
CA UNK VA 36 69.86 -7.62 -1.44
C UNK VA 36 68.59 -7.43 -0.64
N UNK VA 37 68.56 -7.93 0.58
CA UNK VA 37 67.36 -7.79 1.39
C UNK VA 37 67.14 -6.30 1.53
N UNK VA 38 68.22 -5.58 1.78
CA UNK VA 38 68.13 -4.14 1.86
C UNK VA 38 67.71 -3.70 0.48
N UNK VA 39 68.28 -4.36 -0.52
CA UNK VA 39 67.99 -4.07 -1.91
C UNK VA 39 66.55 -4.32 -2.25
N UNK VA 40 65.98 -5.38 -1.69
CA UNK VA 40 64.61 -5.71 -1.99
C UNK VA 40 63.76 -4.52 -1.59
N UNK VA 41 64.10 -3.90 -0.48
CA UNK VA 41 63.34 -2.78 -0.01
C UNK VA 41 63.39 -1.68 -1.07
N UNK VA 42 64.56 -1.47 -1.64
CA UNK VA 42 64.66 -0.44 -2.66
C UNK VA 42 63.73 -0.84 -3.77
N UNK VA 43 63.68 -2.13 -4.06
CA UNK VA 43 62.83 -2.60 -5.11
C UNK VA 43 61.43 -2.20 -4.76
N UNK VA 44 61.08 -2.40 -3.49
CA UNK VA 44 59.74 -2.03 -3.07
C UNK VA 44 59.67 -0.53 -3.26
N UNK VA 45 60.74 0.16 -2.90
CA UNK VA 45 60.81 1.60 -3.05
C UNK VA 45 60.51 1.88 -4.50
N UNK VA 46 61.25 1.21 -5.36
CA UNK VA 46 61.04 1.39 -6.80
C UNK VA 46 59.59 1.14 -7.24
N UNK VA 47 58.99 0.11 -6.67
CA UNK VA 47 57.59 -0.17 -6.95
C UNK VA 47 56.82 1.05 -6.48
N UNK VA 48 57.27 1.61 -5.36
CA UNK VA 48 56.71 2.82 -4.78
C UNK VA 48 56.86 4.06 -5.67
N UNK VA 49 58.00 4.18 -6.33
CA UNK VA 49 58.20 5.25 -7.29
C UNK VA 49 57.19 5.07 -8.40
N UNK VA 50 56.98 3.83 -8.82
CA UNK VA 50 56.00 3.58 -9.88
C UNK VA 50 54.64 4.05 -9.41
N UNK VA 51 54.30 3.69 -8.18
CA UNK VA 51 52.98 4.02 -7.67
C UNK VA 51 52.96 4.53 -6.23
N UNK VA 52 52.02 5.42 -5.95
CA UNK VA 52 51.75 5.92 -4.61
C UNK VA 52 51.27 4.83 -3.68
N UNK VA 53 50.46 3.92 -4.22
CA UNK VA 53 49.73 2.97 -3.40
C UNK VA 53 50.66 2.09 -2.57
N UNK VA 54 51.74 1.60 -3.17
CA UNK VA 54 52.68 0.77 -2.44
C UNK VA 54 51.96 -0.43 -1.84
N UNK VA 55 52.26 -0.68 -0.57
CA UNK VA 55 51.59 -1.74 0.13
C UNK VA 55 51.74 -1.49 1.60
N UNK VA 56 50.95 -2.23 2.36
CA UNK VA 56 51.14 -2.31 3.77
C UNK VA 56 52.42 -3.12 3.86
N UNK VA 57 52.98 -3.29 5.04
CA UNK VA 57 54.23 -4.04 5.14
C UNK VA 57 54.01 -5.45 4.63
N UNK VA 58 52.85 -6.00 4.94
CA UNK VA 58 52.57 -7.39 4.62
C UNK VA 58 52.65 -7.64 3.13
N UNK VA 59 52.16 -6.69 2.32
CA UNK VA 59 52.21 -6.87 0.89
C UNK VA 59 53.65 -6.96 0.39
N UNK VA 60 54.51 -6.11 0.95
CA UNK VA 60 55.91 -6.11 0.56
C UNK VA 60 56.53 -7.46 0.92
N UNK VA 61 56.20 -7.95 2.09
CA UNK VA 61 56.74 -9.24 2.53
C UNK VA 61 56.29 -10.35 1.57
N UNK VA 62 55.04 -10.28 1.15
CA UNK VA 62 54.48 -11.25 0.22
C UNK VA 62 55.17 -11.24 -1.13
N UNK VA 63 55.50 -10.06 -1.65
CA UNK VA 63 56.08 -9.97 -2.99
C UNK VA 63 57.44 -10.68 -3.08
N UNK VA 64 57.72 -11.39 -4.18
CA UNK VA 64 58.89 -12.21 -4.26
C UNK VA 64 59.19 -12.32 -5.75
N UNK VA 65 58.09 -12.22 -6.51
CA UNK VA 65 58.06 -12.34 -7.97
C UNK VA 65 57.42 -11.12 -8.62
N UNK VA 66 58.06 -10.65 -9.69
CA UNK VA 66 57.63 -9.47 -10.39
C UNK VA 66 56.22 -9.65 -10.98
N UNK VA 67 55.95 -10.84 -11.49
CA UNK VA 67 54.63 -11.09 -12.06
C UNK VA 67 53.61 -10.94 -10.93
N UNK VA 68 53.97 -11.43 -9.76
CA UNK VA 68 53.09 -11.36 -8.60
C UNK VA 68 52.80 -9.92 -8.21
N UNK VA 69 53.84 -9.09 -8.23
CA UNK VA 69 53.65 -7.68 -7.90
C UNK VA 69 52.73 -7.03 -8.91
N UNK VA 70 52.89 -7.37 -10.18
CA UNK VA 70 52.06 -6.80 -11.21
C UNK VA 70 50.61 -7.19 -10.97
N UNK VA 71 50.41 -8.42 -10.53
CA UNK VA 71 49.09 -8.92 -10.17
C UNK VA 71 48.42 -8.06 -9.09
N UNK VA 72 49.03 -8.05 -7.90
CA UNK VA 72 48.45 -7.36 -6.76
C UNK VA 72 48.33 -5.89 -7.08
N UNK VA 73 49.32 -5.37 -7.79
CA UNK VA 73 49.26 -4.00 -8.26
C UNK VA 73 48.05 -3.90 -9.15
N UNK VA 74 47.80 -4.95 -9.92
CA UNK VA 74 46.69 -4.94 -10.85
C UNK VA 74 45.38 -4.76 -10.10
N UNK VA 75 45.25 -5.47 -8.99
CA UNK VA 75 44.07 -5.35 -8.16
C UNK VA 75 42.79 -5.36 -8.97
N UNK WA 1 53.36 13.88 5.50
CA UNK WA 1 54.41 14.29 4.58
C UNK WA 1 54.89 15.69 4.94
N UNK WA 2 54.63 16.03 6.19
CA UNK WA 2 55.24 17.17 6.86
C UNK WA 2 56.22 16.66 7.89
N UNK WA 3 56.61 15.42 7.75
CA UNK WA 3 57.26 14.74 8.85
C UNK WA 3 58.62 15.33 9.19
N UNK WA 4 59.11 15.00 10.38
CA UNK WA 4 60.44 15.32 10.84
C UNK WA 4 61.15 14.11 11.50
N UNK WA 5 62.49 14.12 11.46
CA UNK WA 5 63.33 13.06 12.03
C UNK WA 5 63.42 12.83 13.54
N UNK WA 6 63.53 13.90 14.32
CA UNK WA 6 64.01 13.64 15.69
C UNK WA 6 63.26 12.49 16.34
N UNK WA 7 61.96 12.43 16.13
CA UNK WA 7 61.16 11.33 16.66
C UNK WA 7 61.71 10.07 16.01
N UNK WA 8 62.33 10.19 14.85
CA UNK WA 8 63.08 9.08 14.21
C UNK WA 8 64.39 8.50 14.82
N UNK WA 9 65.27 9.36 15.31
CA UNK WA 9 66.66 9.00 15.67
C UNK WA 9 66.88 8.00 16.81
N UNK WA 10 65.91 7.89 17.69
CA UNK WA 10 65.97 6.86 18.71
C UNK WA 10 65.99 5.52 17.99
N UNK WA 11 65.45 5.52 16.78
CA UNK WA 11 65.53 4.33 15.95
C UNK WA 11 67.02 4.00 15.82
N UNK WA 12 67.86 4.95 16.18
CA UNK WA 12 69.28 4.69 16.35
C UNK WA 12 69.42 3.67 17.48
N UNK WA 13 68.56 3.84 18.47
CA UNK WA 13 68.55 2.98 19.65
C UNK WA 13 68.27 1.54 19.27
N UNK WA 14 67.40 1.35 18.28
CA UNK WA 14 67.09 0.01 17.81
C UNK WA 14 68.33 -0.65 17.23
N UNK WA 15 69.11 0.10 16.46
CA UNK WA 15 70.35 -0.40 15.89
C UNK WA 15 71.31 -0.75 17.01
N UNK WA 16 71.31 0.09 18.03
CA UNK WA 16 72.14 -0.12 19.22
C UNK WA 16 71.80 -1.40 19.97
N UNK WA 17 70.53 -1.82 19.94
CA UNK WA 17 70.10 -3.00 20.70
C UNK WA 17 70.82 -4.34 20.42
N UNK WA 18 71.03 -4.64 19.14
CA UNK WA 18 71.62 -5.91 18.72
C UNK WA 18 73.09 -6.16 19.05
N UNK WA 19 73.36 -7.40 19.49
CA UNK WA 19 74.70 -7.86 19.80
C UNK WA 19 75.20 -8.74 18.65
N UNK WA 20 74.39 -8.80 17.59
CA UNK WA 20 74.70 -9.57 16.39
C UNK WA 20 75.81 -8.90 15.60
N UNK WA 21 76.37 -9.63 14.65
CA UNK WA 21 77.45 -9.11 13.83
C UNK WA 21 77.27 -9.34 12.34
N UNK WA 22 78.02 -8.62 11.52
CA UNK WA 22 77.93 -8.78 10.06
C UNK WA 22 76.98 -7.86 9.28
N UNK WA 23 76.23 -7.00 9.95
CA UNK WA 23 75.35 -6.14 9.17
C UNK WA 23 76.07 -4.82 8.97
N UNK WA 24 76.12 -4.04 10.04
CA UNK WA 24 76.84 -2.77 10.08
C UNK WA 24 76.57 -1.69 9.04
N UNK WA 25 77.69 -1.17 8.54
CA UNK WA 25 77.82 -0.06 7.62
C UNK WA 25 76.96 -0.14 6.36
N UNK WA 26 76.73 -1.31 5.81
CA UNK WA 26 75.95 -1.36 4.59
C UNK WA 26 74.71 -0.47 4.74
N UNK WA 27 74.11 -0.44 5.91
CA UNK WA 27 72.95 0.42 6.12
C UNK WA 27 73.29 1.92 5.97
N UNK WA 28 74.46 2.31 6.48
CA UNK WA 28 74.93 3.69 6.47
C UNK WA 28 75.28 4.05 5.04
N UNK WA 29 75.90 3.11 4.33
CA UNK WA 29 76.30 3.36 2.96
C UNK WA 29 75.08 3.61 2.07
N UNK WA 30 74.04 2.82 2.28
CA UNK WA 30 72.83 2.97 1.49
C UNK WA 30 72.23 4.32 1.76
N UNK WA 31 72.18 4.70 3.04
CA UNK WA 31 71.57 5.98 3.40
C UNK WA 31 72.34 7.16 2.81
N UNK WA 32 73.66 7.10 2.90
CA UNK WA 32 74.48 8.17 2.36
C UNK WA 32 74.33 8.25 0.85
N UNK WA 33 74.35 7.08 0.21
CA UNK WA 33 74.24 7.01 -1.24
C UNK WA 33 72.90 7.54 -1.69
N UNK WA 34 71.85 7.16 -0.98
CA UNK WA 34 70.50 7.58 -1.33
C UNK WA 34 70.43 9.08 -1.18
N UNK WA 35 71.00 9.62 -0.12
CA UNK WA 35 70.90 11.06 0.12
C UNK WA 35 71.50 11.94 -0.97
N UNK WA 36 72.69 11.58 -1.41
CA UNK WA 36 73.36 12.34 -2.44
C UNK WA 36 72.58 12.29 -3.73
N UNK WA 37 72.05 11.12 -4.03
CA UNK WA 37 71.32 10.88 -5.27
C UNK WA 37 70.07 11.70 -5.52
N UNK WA 38 69.33 11.94 -4.43
CA UNK WA 38 68.10 12.69 -4.44
C UNK WA 38 68.30 14.12 -4.87
N UNK WA 39 67.39 14.61 -5.70
CA UNK WA 39 67.45 15.99 -6.16
C UNK WA 39 66.16 16.75 -5.81
N UNK WA 40 66.27 17.70 -4.88
CA UNK WA 40 65.15 18.55 -4.45
C UNK WA 40 64.18 17.84 -3.52
N UNK WA 41 63.23 18.61 -2.98
CA UNK WA 41 62.22 18.03 -2.12
C UNK WA 41 62.70 17.19 -0.93
N UNK WA 42 63.57 17.74 -0.10
CA UNK WA 42 64.07 16.95 1.01
C UNK WA 42 62.89 16.50 1.86
N UNK WA 43 62.97 15.26 2.32
CA UNK WA 43 61.95 14.56 3.12
C UNK WA 43 62.04 13.12 2.68
N UNK WA 44 62.32 12.95 1.39
CA UNK WA 44 62.46 11.64 0.83
C UNK WA 44 63.22 10.92 1.92
N UNK WA 45 64.16 11.62 2.56
CA UNK WA 45 64.85 10.92 3.59
C UNK WA 45 63.82 10.36 4.53
N UNK WA 46 62.86 11.20 4.91
CA UNK WA 46 61.93 10.79 5.93
C UNK WA 46 61.16 9.63 5.37
N UNK WA 47 60.74 9.79 4.14
CA UNK WA 47 59.99 8.75 3.47
C UNK WA 47 60.85 7.53 3.29
N UNK WA 48 62.05 7.74 2.80
CA UNK WA 48 62.92 6.63 2.53
C UNK WA 48 63.15 5.98 3.85
N UNK WA 49 63.37 6.83 4.84
CA UNK WA 49 63.93 6.41 6.07
C UNK WA 49 63.02 5.39 6.64
N UNK WA 50 61.72 5.63 6.55
CA UNK WA 50 60.80 4.74 7.23
C UNK WA 50 61.00 3.38 6.62
N UNK WA 51 61.09 3.41 5.31
CA UNK WA 51 61.17 2.19 4.57
C UNK WA 51 62.21 1.33 5.26
N UNK WA 52 63.34 1.92 5.58
CA UNK WA 52 64.41 1.15 6.18
C UNK WA 52 64.04 0.63 7.56
N UNK WA 53 63.49 1.49 8.40
CA UNK WA 53 63.31 1.10 9.79
C UNK WA 53 62.34 -0.04 9.75
N UNK WA 54 61.30 0.19 8.98
CA UNK WA 54 60.38 -0.86 8.67
C UNK WA 54 61.23 -2.03 8.28
N UNK WA 55 62.22 -1.76 7.46
CA UNK WA 55 62.97 -2.86 6.91
C UNK WA 55 63.60 -3.62 8.05
N UNK WA 56 64.17 -2.87 8.98
CA UNK WA 56 64.90 -3.39 10.12
C UNK WA 56 64.08 -4.34 10.95
N UNK WA 57 62.79 -4.12 11.01
CA UNK WA 57 61.94 -5.00 11.78
C UNK WA 57 62.16 -6.39 11.19
N UNK WA 58 62.06 -7.41 12.05
CA UNK WA 58 62.31 -8.78 11.67
C UNK WA 58 63.82 -8.97 11.64
N UNK WA 59 64.55 -8.22 10.82
CA UNK WA 59 66.00 -8.39 10.87
C UNK WA 59 66.72 -7.05 10.91
N UNK XA 1 48.92 -21.38 -0.14
CA UNK XA 1 48.27 -20.09 0.02
C UNK XA 1 48.32 -19.29 -1.28
N UNK XA 2 49.48 -19.31 -1.93
CA UNK XA 2 49.66 -18.57 -3.16
C UNK XA 2 48.71 -19.10 -4.23
N UNK XA 3 48.57 -20.42 -4.28
CA UNK XA 3 47.68 -21.05 -5.25
C UNK XA 3 46.23 -20.64 -5.02
N UNK XA 4 45.82 -20.62 -3.76
CA UNK XA 4 44.47 -20.20 -3.41
C UNK XA 4 44.25 -18.77 -3.83
N UNK XA 5 45.26 -17.94 -3.60
CA UNK XA 5 45.18 -16.52 -3.96
C UNK XA 5 45.00 -16.40 -5.47
N UNK XA 6 45.74 -17.21 -6.21
CA UNK XA 6 45.68 -17.20 -7.66
C UNK XA 6 44.28 -17.57 -8.14
N UNK XA 7 43.68 -18.57 -7.49
CA UNK XA 7 42.33 -18.98 -7.86
C UNK XA 7 41.37 -17.83 -7.59
N UNK XA 8 41.56 -17.16 -6.45
CA UNK XA 8 40.73 -16.03 -6.07
C UNK XA 8 40.89 -14.91 -7.08
N UNK XA 9 42.13 -14.69 -7.51
CA UNK XA 9 42.43 -13.65 -8.48
C UNK XA 9 41.71 -13.96 -9.79
N UNK XA 10 41.71 -15.23 -10.18
CA UNK XA 10 41.06 -15.67 -11.40
C UNK XA 10 39.56 -15.43 -11.30
N UNK XA 11 39.00 -15.71 -10.13
CA UNK XA 11 37.58 -15.50 -9.89
C UNK XA 11 37.25 -14.03 -10.02
N UNK XA 12 38.13 -13.19 -9.48
CA UNK XA 12 37.96 -11.74 -9.53
C UNK XA 12 37.99 -11.26 -10.98
N UNK XA 13 38.88 -11.84 -11.77
CA UNK XA 13 39.00 -11.42 -13.18
C UNK XA 13 37.69 -11.68 -13.92
N UNK XA 14 37.09 -12.84 -13.67
CA UNK XA 14 35.83 -13.17 -14.32
C UNK XA 14 34.74 -12.19 -13.87
N UNK XA 15 34.74 -11.88 -12.57
CA UNK XA 15 33.76 -10.96 -12.01
C UNK XA 15 33.92 -9.56 -12.62
N UNK XA 16 35.15 -9.09 -12.73
CA UNK XA 16 35.30 -7.76 -13.27
C UNK XA 16 34.80 -7.64 -14.71
N UNK XA 17 35.17 -8.60 -15.56
CA UNK XA 17 34.73 -8.54 -16.94
C UNK XA 17 33.23 -8.63 -16.96
N UNK XA 18 32.73 -9.56 -16.16
CA UNK XA 18 31.31 -9.79 -16.07
C UNK XA 18 30.62 -8.56 -15.53
N UNK XA 19 31.29 -7.88 -14.62
CA UNK XA 19 30.68 -6.73 -13.96
C UNK XA 19 30.23 -5.59 -14.86
N UNK XA 20 31.04 -5.23 -15.86
CA UNK XA 20 30.65 -4.17 -16.77
C UNK XA 20 30.00 -4.80 -17.99
N UNK XA 21 29.69 -3.97 -18.98
CA UNK XA 21 29.06 -4.47 -20.20
C UNK XA 21 27.72 -5.09 -19.89
N UNK YA 1 10.19 -2.99 -9.86
CA UNK YA 1 11.19 -3.81 -10.51
C UNK YA 1 11.40 -3.38 -11.95
N UNK YA 2 12.60 -2.90 -12.24
CA UNK YA 2 12.94 -2.41 -13.56
C UNK YA 2 14.02 -3.29 -14.15
N UNK YA 3 14.12 -3.36 -15.47
CA UNK YA 3 15.12 -4.22 -16.07
C UNK YA 3 16.11 -3.61 -17.04
N UNK YA 4 17.38 -3.85 -16.79
CA UNK YA 4 18.48 -3.39 -17.62
C UNK YA 4 18.98 -4.54 -18.50
N UNK YA 5 18.21 -5.62 -18.54
CA UNK YA 5 18.47 -6.76 -19.42
C UNK YA 5 19.48 -7.82 -19.00
N UNK YA 6 20.28 -7.53 -17.98
CA UNK YA 6 21.31 -8.46 -17.55
C UNK YA 6 21.22 -8.93 -16.10
N UNK YA 7 20.19 -8.50 -15.38
CA UNK YA 7 20.07 -8.84 -13.97
C UNK YA 7 19.99 -10.34 -13.79
N UNK YA 8 19.25 -10.99 -14.68
CA UNK YA 8 19.14 -12.43 -14.58
C UNK YA 8 20.54 -12.96 -14.78
N UNK YA 9 21.32 -12.33 -15.64
CA UNK YA 9 22.66 -12.81 -15.91
C UNK YA 9 23.40 -12.97 -14.60
N UNK YA 10 23.09 -12.10 -13.66
CA UNK YA 10 23.73 -12.15 -12.36
C UNK YA 10 23.48 -13.44 -11.55
N UNK YA 11 22.27 -13.99 -11.62
CA UNK YA 11 21.95 -15.14 -10.80
C UNK YA 11 22.85 -16.37 -10.98
N UNK YA 12 23.14 -16.75 -12.22
CA UNK YA 12 24.04 -17.87 -12.39
C UNK YA 12 25.17 -17.64 -11.42
N UNK YA 13 25.59 -16.40 -11.31
CA UNK YA 13 26.69 -16.08 -10.44
C UNK YA 13 26.29 -16.49 -9.04
N UNK YA 14 25.03 -16.19 -8.73
CA UNK YA 14 24.45 -16.51 -7.44
C UNK YA 14 24.37 -18.01 -7.24
N UNK YA 15 23.99 -18.74 -8.29
CA UNK YA 15 23.85 -20.18 -8.17
C UNK YA 15 25.14 -20.85 -7.78
N UNK YA 16 26.24 -20.42 -8.39
CA UNK YA 16 27.53 -21.02 -8.08
C UNK YA 16 27.87 -20.74 -6.64
N UNK YA 17 27.60 -19.52 -6.22
CA UNK YA 17 27.92 -19.12 -4.87
C UNK YA 17 27.15 -19.99 -3.91
N UNK YA 18 25.95 -20.43 -4.19
CA UNK YA 18 25.41 -21.31 -3.13
C UNK YA 18 26.20 -22.65 -2.92
N UNK YA 19 26.51 -23.29 -4.04
CA UNK YA 19 27.19 -24.58 -4.04
C UNK YA 19 28.58 -24.54 -3.42
N UNK YA 20 29.31 -23.48 -3.70
CA UNK YA 20 30.66 -23.31 -3.17
C UNK YA 20 30.57 -23.22 -1.65
N UNK YA 21 29.56 -22.51 -1.18
CA UNK YA 21 29.34 -22.34 0.25
C UNK YA 21 29.09 -23.67 0.92
N UNK YA 22 28.41 -24.62 0.27
CA UNK YA 22 28.22 -25.93 0.91
C UNK YA 22 29.58 -26.66 1.07
N UNK YA 23 30.37 -26.58 0.00
CA UNK YA 23 31.70 -27.18 -0.08
C UNK YA 23 32.58 -26.49 0.93
N UNK YA 24 32.28 -25.22 1.14
CA UNK YA 24 32.98 -24.41 2.10
C UNK YA 24 32.66 -25.02 3.46
N UNK YA 25 31.43 -25.49 3.63
CA UNK YA 25 31.00 -26.11 4.86
C UNK YA 25 31.83 -27.35 5.07
N UNK YA 26 32.03 -28.06 3.96
CA UNK YA 26 32.81 -29.28 3.90
C UNK YA 26 34.25 -29.04 4.32
N UNK YA 27 34.78 -27.88 3.98
CA UNK YA 27 36.15 -27.53 4.34
C UNK YA 27 36.23 -27.63 5.85
N UNK YA 28 35.15 -27.25 6.53
CA UNK YA 28 35.11 -27.36 7.95
C UNK YA 28 34.69 -28.73 8.50
N UNK ZA 1 -22.67 26.78 64.90
CA UNK ZA 1 -23.50 26.75 63.70
C UNK ZA 1 -23.23 27.95 62.81
N UNK ZA 2 -22.94 29.06 63.46
CA UNK ZA 2 -22.68 30.29 62.76
C UNK ZA 2 -21.48 30.02 61.89
N UNK ZA 3 -20.52 29.30 62.44
CA UNK ZA 3 -19.31 29.06 61.68
C UNK ZA 3 -19.69 28.31 60.43
N UNK ZA 4 -20.54 27.30 60.55
CA UNK ZA 4 -20.92 26.53 59.36
C UNK ZA 4 -21.69 27.33 58.33
N UNK ZA 5 -22.67 28.07 58.81
CA UNK ZA 5 -23.54 28.78 57.88
C UNK ZA 5 -22.74 29.77 57.08
N UNK ZA 6 -21.83 30.45 57.75
CA UNK ZA 6 -21.15 31.54 57.13
C UNK ZA 6 -20.39 31.03 55.93
N UNK ZA 7 -19.78 29.86 56.06
CA UNK ZA 7 -18.85 29.41 55.04
C UNK ZA 7 -19.62 29.34 53.75
N UNK ZA 8 -20.87 28.94 53.89
CA UNK ZA 8 -21.77 28.75 52.78
C UNK ZA 8 -22.01 30.05 52.03
N UNK ZA 9 -22.12 31.17 52.73
CA UNK ZA 9 -22.45 32.41 52.05
C UNK ZA 9 -21.38 32.64 51.02
N UNK ZA 10 -20.13 32.44 51.40
CA UNK ZA 10 -19.06 32.75 50.47
C UNK ZA 10 -19.27 31.89 49.24
N UNK ZA 11 -19.55 30.61 49.47
CA UNK ZA 11 -19.64 29.69 48.36
C UNK ZA 11 -20.76 30.06 47.43
N UNK ZA 12 -21.91 30.40 47.98
CA UNK ZA 12 -23.07 30.71 47.17
C UNK ZA 12 -22.78 31.96 46.36
N UNK ZA 13 -22.01 32.83 46.99
CA UNK ZA 13 -21.56 34.02 46.35
C UNK ZA 13 -20.84 33.51 45.13
N UNK ZA 14 -20.16 32.39 45.25
CA UNK ZA 14 -19.35 31.91 44.15
C UNK ZA 14 -20.24 31.72 42.93
N UNK ZA 15 -21.23 30.89 43.15
CA UNK ZA 15 -22.03 30.33 42.09
C UNK ZA 15 -22.69 31.50 41.46
N UNK ZA 16 -23.12 32.45 42.27
CA UNK ZA 16 -23.65 33.67 41.72
C UNK ZA 16 -22.50 34.29 40.96
N UNK ZA 17 -21.33 34.23 41.57
CA UNK ZA 17 -20.20 34.90 40.98
C UNK ZA 17 -19.98 34.27 39.63
N UNK ZA 18 -19.87 32.95 39.58
CA UNK ZA 18 -19.63 32.35 38.28
C UNK ZA 18 -20.77 32.54 37.29
N UNK ZA 19 -22.00 32.34 37.76
CA UNK ZA 19 -23.07 32.21 36.80
C UNK ZA 19 -23.18 33.49 36.03
N UNK ZA 20 -23.16 34.61 36.73
CA UNK ZA 20 -23.36 35.86 36.04
C UNK ZA 20 -22.25 36.10 35.05
N UNK ZA 21 -21.02 35.89 35.48
CA UNK ZA 21 -19.90 36.28 34.65
C UNK ZA 21 -19.98 35.48 33.39
N UNK ZA 22 -20.28 34.20 33.52
CA UNK ZA 22 -20.07 33.35 32.39
C UNK ZA 22 -20.96 33.90 31.32
N UNK ZA 23 -22.16 34.28 31.71
CA UNK ZA 23 -23.09 34.73 30.71
C UNK ZA 23 -22.57 35.98 30.03
N UNK ZA 24 -22.07 36.92 30.81
CA UNK ZA 24 -21.96 38.27 30.33
C UNK ZA 24 -21.05 38.29 29.13
N UNK ZA 25 -19.95 37.59 29.29
CA UNK ZA 25 -18.90 37.49 28.31
C UNK ZA 25 -19.48 36.84 27.08
N UNK ZA 26 -20.64 36.22 27.22
CA UNK ZA 26 -21.27 35.57 26.12
C UNK ZA 26 -21.41 36.60 25.01
N UNK ZA 27 -21.69 37.86 25.33
CA UNK ZA 27 -21.78 38.75 24.17
C UNK ZA 27 -20.88 38.36 22.99
N UNK ZA 28 -19.62 38.11 23.25
CA UNK ZA 28 -18.74 37.59 22.23
C UNK ZA 28 -18.89 36.09 22.26
N UNK AB 1 2.95 50.46 32.11
CA UNK AB 1 2.50 50.85 30.79
C UNK AB 1 2.66 52.35 30.58
N UNK AB 2 2.20 53.13 31.55
CA UNK AB 2 2.31 54.57 31.42
C UNK AB 2 3.71 55.00 31.06
N UNK AB 3 4.63 54.83 32.00
CA UNK AB 3 5.92 55.49 31.96
C UNK AB 3 6.42 55.36 30.55
N UNK AB 4 6.30 54.16 30.01
CA UNK AB 4 6.66 53.95 28.62
C UNK AB 4 5.91 54.97 27.81
N UNK AB 5 4.65 55.18 28.17
CA UNK AB 5 3.77 55.95 27.34
C UNK AB 5 4.40 57.32 27.24
N UNK AB 6 4.95 57.78 28.33
CA UNK AB 6 5.62 59.05 28.31
C UNK AB 6 6.78 58.92 27.35
N UNK AB 7 7.49 57.81 27.44
CA UNK AB 7 8.71 57.72 26.69
C UNK AB 7 8.40 58.16 25.29
N UNK AB 8 7.21 57.82 24.81
CA UNK AB 8 6.90 58.02 23.42
C UNK AB 8 7.05 59.49 23.08
N UNK AB 9 6.61 60.34 23.99
CA UNK AB 9 6.72 61.76 23.72
C UNK AB 9 8.19 62.08 23.55
N UNK AB 10 9.03 61.50 24.38
CA UNK AB 10 10.44 61.81 24.27
C UNK AB 10 10.81 61.46 22.85
N UNK AB 11 10.22 60.38 22.36
CA UNK AB 11 10.46 59.98 21.00
C UNK AB 11 10.01 61.14 20.15
N UNK AB 12 8.93 61.76 20.56
CA UNK AB 12 8.33 62.77 19.71
C UNK AB 12 9.32 63.86 19.43
N UNK AB 13 10.02 64.36 20.44
CA UNK AB 13 10.97 65.45 20.14
C UNK AB 13 12.22 65.16 19.25
N UNK AB 14 12.94 64.09 19.60
CA UNK AB 14 14.01 63.42 18.88
C UNK AB 14 13.65 63.40 17.41
N UNK AB 15 12.36 63.23 17.15
CA UNK AB 15 11.75 63.18 15.84
C UNK AB 15 12.04 64.47 15.08
N UNK AB 16 12.04 65.60 15.75
CA UNK AB 16 12.60 66.80 15.08
C UNK AB 16 14.05 66.46 14.73
N UNK AB 17 14.55 66.67 13.53
CA UNK AB 17 15.93 66.21 13.37
C UNK AB 17 16.91 66.76 12.32
N UNK AB 18 18.18 66.60 12.64
CA UNK AB 18 19.29 67.00 11.79
C UNK AB 18 20.08 65.72 11.64
N UNK AB 19 20.47 65.41 10.42
CA UNK AB 19 21.19 64.17 10.17
C UNK AB 19 21.31 63.95 8.68
N UNK AB 20 21.42 62.71 8.25
CA UNK AB 20 21.58 62.48 6.82
C UNK AB 20 20.37 63.10 6.15
N UNK AB 21 19.20 62.92 6.77
CA UNK AB 21 17.98 63.52 6.30
C UNK AB 21 17.22 62.54 5.45
N UNK AB 22 15.94 62.83 5.35
CA UNK AB 22 14.99 62.05 4.55
C UNK AB 22 15.14 60.53 4.45
N UNK AB 23 16.30 60.05 4.01
CA UNK AB 23 16.48 58.61 3.79
C UNK AB 23 16.33 57.85 5.10
N UNK AB 24 16.90 58.41 6.15
CA UNK AB 24 16.80 57.80 7.46
C UNK AB 24 15.72 58.53 8.24
N UNK AB 25 15.00 59.42 7.55
CA UNK AB 25 13.97 60.21 8.22
C UNK AB 25 12.67 59.42 8.40
N UNK AB 26 12.35 58.62 7.39
CA UNK AB 26 11.14 57.81 7.37
C UNK AB 26 11.16 56.83 8.54
N UNK AB 27 12.35 56.35 8.88
CA UNK AB 27 12.49 55.38 9.96
C UNK AB 27 12.02 55.91 11.31
N UNK AB 28 12.29 57.17 11.64
CA UNK AB 28 11.83 57.67 12.91
C UNK AB 28 10.32 57.73 12.83
N UNK AB 29 9.82 58.20 11.70
CA UNK AB 29 8.40 58.39 11.58
C UNK AB 29 7.74 57.05 11.82
N UNK AB 30 8.34 56.01 11.28
CA UNK AB 30 7.69 54.72 11.34
C UNK AB 30 7.50 54.36 12.79
N UNK AB 31 8.55 54.54 13.59
CA UNK AB 31 8.45 54.16 14.98
C UNK AB 31 7.38 55.05 15.56
N UNK AB 32 7.43 56.30 15.16
CA UNK AB 32 6.48 57.25 15.68
C UNK AB 32 5.08 56.72 15.55
N UNK AB 33 4.77 56.12 14.39
CA UNK AB 33 3.45 55.54 14.26
C UNK AB 33 3.34 54.43 15.27
N UNK AB 34 4.37 53.61 15.37
CA UNK AB 34 4.26 52.42 16.18
C UNK AB 34 4.03 52.79 17.63
N UNK AB 35 4.80 53.74 18.15
CA UNK AB 35 4.45 54.16 19.50
C UNK AB 35 2.96 54.35 19.48
N UNK AB 36 2.47 54.84 18.36
CA UNK AB 36 1.05 54.99 18.26
C UNK AB 36 0.47 53.60 18.38
N UNK AB 37 1.07 52.60 17.79
CA UNK AB 37 0.41 51.30 17.82
C UNK AB 37 0.20 50.73 19.22
N UNK AB 38 1.25 50.79 20.01
CA UNK AB 38 1.24 50.12 21.29
C UNK AB 38 0.18 50.71 22.16
N UNK AB 39 0.10 52.03 22.14
CA UNK AB 39 -0.82 52.69 23.02
C UNK AB 39 -2.19 52.21 22.65
N UNK AB 40 -2.46 52.14 21.35
CA UNK AB 40 -3.79 51.83 20.94
C UNK AB 40 -4.15 50.47 21.48
N UNK AB 41 -3.25 49.50 21.29
CA UNK AB 41 -3.61 48.15 21.72
C UNK AB 41 -3.82 48.07 23.23
N UNK AB 42 -2.90 48.65 23.97
CA UNK AB 42 -2.95 48.47 25.40
C UNK AB 42 -4.24 49.09 25.87
N UNK AB 43 -4.55 50.25 25.29
CA UNK AB 43 -5.69 51.02 25.72
C UNK AB 43 -6.97 50.27 25.46
N UNK AB 44 -7.07 49.66 24.29
CA UNK AB 44 -8.29 48.97 23.94
C UNK AB 44 -8.47 47.90 24.97
N UNK AB 45 -7.35 47.24 25.29
CA UNK AB 45 -7.43 46.17 26.26
C UNK AB 45 -7.86 46.61 27.65
N UNK AB 46 -7.29 47.69 28.15
CA UNK AB 46 -7.64 48.11 29.49
C UNK AB 46 -9.12 48.44 29.46
N UNK AB 47 -9.59 49.07 28.39
CA UNK AB 47 -10.98 49.45 28.31
C UNK AB 47 -11.93 48.26 28.31
N UNK AB 48 -11.59 47.22 27.57
CA UNK AB 48 -12.43 46.04 27.53
C UNK AB 48 -12.46 45.44 28.91
N UNK AB 49 -11.30 45.45 29.55
CA UNK AB 49 -11.19 44.86 30.86
C UNK AB 49 -12.11 45.60 31.78
N UNK AB 50 -12.13 46.91 31.63
CA UNK AB 50 -12.96 47.76 32.48
C UNK AB 50 -14.44 47.45 32.29
N UNK AB 51 -14.86 47.27 31.04
CA UNK AB 51 -16.26 47.00 30.81
C UNK AB 51 -16.59 45.71 31.50
N UNK AB 52 -15.70 44.73 31.36
CA UNK AB 52 -15.97 43.43 31.93
C UNK AB 52 -16.08 43.51 33.43
N UNK AB 53 -15.23 44.33 34.02
CA UNK AB 53 -15.03 44.30 35.44
C UNK AB 53 -16.33 44.58 36.15
N UNK AB 54 -17.11 45.53 35.65
CA UNK AB 54 -18.36 45.77 36.35
C UNK AB 54 -19.13 44.51 36.69
N UNK AB 55 -19.11 43.52 35.81
CA UNK AB 55 -20.10 42.46 35.89
C UNK AB 55 -20.01 41.80 37.23
N UNK AB 56 -18.82 41.50 37.71
CA UNK AB 56 -18.67 41.43 39.16
C UNK AB 56 -17.95 42.63 39.73
N UNK AB 57 -17.94 42.72 41.07
CA UNK AB 57 -17.19 43.76 41.77
C UNK AB 57 -16.31 43.19 42.88
N UNK BB 1 29.18 58.25 -17.89
CA UNK BB 1 28.56 59.50 -18.28
C UNK BB 1 29.34 60.68 -17.72
N UNK BB 2 28.71 61.85 -17.74
CA UNK BB 2 29.34 63.07 -17.23
C UNK BB 2 29.21 63.12 -15.72
N UNK BB 3 30.25 63.57 -15.03
CA UNK BB 3 30.19 63.62 -13.59
C UNK BB 3 29.38 64.74 -13.09
N UNK BB 4 28.59 64.42 -12.10
CA UNK BB 4 27.90 65.42 -11.31
C UNK BB 4 28.95 65.85 -10.23
N UNK BB 5 30.15 65.34 -10.48
CA UNK BB 5 31.32 65.56 -9.68
C UNK BB 5 31.60 67.04 -9.71
N UNK BB 6 30.96 67.79 -10.58
CA UNK BB 6 31.13 69.24 -10.60
C UNK BB 6 30.72 69.68 -9.20
N UNK BB 7 29.72 68.99 -8.66
CA UNK BB 7 29.24 69.18 -7.32
C UNK BB 7 30.43 68.83 -6.42
N UNK BB 8 31.21 67.83 -6.84
CA UNK BB 8 32.40 67.38 -6.10
C UNK BB 8 33.47 68.47 -6.00
N UNK BB 9 33.64 69.22 -7.09
CA UNK BB 9 34.57 70.32 -7.19
C UNK BB 9 34.07 71.40 -6.26
N UNK BB 10 32.76 71.55 -6.23
CA UNK BB 10 32.14 72.53 -5.37
C UNK BB 10 32.51 72.13 -3.95
N UNK BB 11 32.46 70.83 -3.69
CA UNK BB 11 32.78 70.24 -2.39
C UNK BB 11 34.22 70.47 -1.99
N UNK BB 12 35.12 70.43 -2.97
CA UNK BB 12 36.52 70.66 -2.71
C UNK BB 12 36.61 72.10 -2.24
N UNK BB 13 35.77 72.94 -2.84
CA UNK BB 13 35.72 74.35 -2.50
C UNK BB 13 35.29 74.46 -1.05
N UNK BB 14 34.43 73.55 -0.63
CA UNK BB 14 33.91 73.55 0.73
C UNK BB 14 35.00 73.41 1.78
N UNK BB 15 35.99 72.55 1.54
CA UNK BB 15 37.07 72.38 2.50
C UNK BB 15 36.56 72.23 3.94
N UNK CB 1 63.48 77.99 28.59
CA UNK CB 1 62.26 77.50 29.22
C UNK CB 1 61.11 77.44 28.21
N UNK CB 2 60.66 78.63 27.86
CA UNK CB 2 59.47 78.89 27.07
C UNK CB 2 59.67 78.31 25.68
N UNK CB 3 60.90 77.96 25.36
CA UNK CB 3 61.24 77.62 24.02
C UNK CB 3 60.48 76.40 23.54
N UNK CB 4 60.07 75.52 24.44
CA UNK CB 4 59.23 74.46 23.90
C UNK CB 4 58.20 75.08 22.98
N UNK CB 5 57.95 76.34 23.25
CA UNK CB 5 56.85 77.04 22.68
C UNK CB 5 57.02 76.92 21.20
N UNK CB 6 58.25 76.96 20.71
CA UNK CB 6 58.46 76.81 19.28
C UNK CB 6 58.09 75.45 18.70
N UNK CB 7 58.51 74.36 19.34
CA UNK CB 7 58.28 73.06 18.71
C UNK CB 7 56.79 72.79 18.62
N UNK CB 8 56.09 73.02 19.72
CA UNK CB 8 54.65 72.81 19.77
C UNK CB 8 53.96 73.79 18.84
N UNK CB 9 54.42 75.03 18.87
CA UNK CB 9 53.75 76.10 18.18
C UNK CB 9 53.77 75.70 16.72
N UNK CB 10 54.90 75.10 16.38
CA UNK CB 10 55.23 74.61 15.07
C UNK CB 10 54.33 73.50 14.63
N UNK CB 11 53.98 72.60 15.55
CA UNK CB 11 53.28 71.41 15.15
C UNK CB 11 52.00 71.82 14.47
N UNK CB 12 51.41 72.89 14.98
CA UNK CB 12 50.18 73.39 14.43
C UNK CB 12 50.52 73.73 13.01
N UNK CB 13 51.72 74.25 12.79
CA UNK CB 13 52.10 74.68 11.45
C UNK CB 13 52.10 73.52 10.46
N UNK CB 14 52.64 72.37 10.85
CA UNK CB 14 52.73 71.26 9.91
C UNK CB 14 51.33 70.85 9.52
N UNK CB 15 50.46 70.84 10.53
CA UNK CB 15 49.04 70.52 10.40
C UNK CB 15 48.39 71.57 9.54
N UNK CB 16 48.75 72.83 9.75
CA UNK CB 16 48.22 73.90 8.91
C UNK CB 16 48.72 73.57 7.51
N UNK CB 17 49.97 73.09 7.48
CA UNK CB 17 50.60 72.67 6.27
C UNK CB 17 49.75 71.53 5.77
N UNK CB 18 49.23 70.72 6.69
CA UNK CB 18 48.41 69.58 6.31
C UNK CB 18 47.15 69.99 5.57
N UNK CB 19 46.49 71.03 6.07
CA UNK CB 19 45.29 71.54 5.48
C UNK CB 19 45.64 72.05 4.11
N UNK CB 20 46.80 72.67 4.01
CA UNK CB 20 47.24 73.17 2.72
C UNK CB 20 47.43 72.04 1.72
N UNK CB 21 48.06 70.96 2.18
CA UNK CB 21 48.31 69.84 1.31
C UNK CB 21 46.96 69.36 0.85
N UNK CB 22 46.03 69.35 1.81
CA UNK CB 22 44.66 68.95 1.55
C UNK CB 22 44.18 69.96 0.55
N UNK CB 23 44.53 71.22 0.80
CA UNK CB 23 44.10 72.26 -0.11
C UNK CB 23 44.69 71.87 -1.43
N UNK CB 24 45.93 71.41 -1.38
CA UNK CB 24 46.60 70.99 -2.60
C UNK CB 24 45.80 69.84 -3.17
N UNK CB 25 45.33 68.96 -2.28
CA UNK CB 25 44.57 67.81 -2.72
C UNK CB 25 43.27 68.23 -3.40
N UNK CB 26 42.57 69.18 -2.82
CA UNK CB 26 41.33 69.63 -3.39
C UNK CB 26 41.60 70.22 -4.75
N UNK CB 27 42.72 70.92 -4.88
CA UNK CB 27 43.09 71.55 -6.14
C UNK CB 27 43.36 70.53 -7.24
N UNK CB 28 44.24 69.59 -6.93
CA UNK CB 28 44.60 68.55 -7.89
C UNK CB 28 43.33 67.82 -8.21
N UNK CB 29 42.46 67.70 -7.22
CA UNK CB 29 41.19 67.05 -7.38
C UNK CB 29 40.40 67.83 -8.42
N UNK CB 30 40.50 69.15 -8.35
CA UNK CB 30 39.80 70.03 -9.27
C UNK CB 30 40.31 69.81 -10.69
N UNK CB 31 41.62 69.67 -10.81
CA UNK CB 31 42.26 69.44 -12.10
C UNK CB 31 41.75 68.14 -12.68
N UNK CB 32 41.62 67.14 -11.80
CA UNK CB 32 41.13 65.84 -12.19
C UNK CB 32 39.62 65.88 -12.19
N UNK DB 1 -16.44 48.02 -10.88
CA UNK DB 1 -15.90 46.81 -10.27
C UNK DB 1 -14.66 46.34 -11.01
N UNK DB 2 -14.78 46.28 -12.33
CA UNK DB 2 -13.75 45.76 -13.22
C UNK DB 2 -12.62 46.72 -13.46
N UNK DB 3 -12.61 47.83 -12.74
CA UNK DB 3 -11.56 48.80 -12.93
C UNK DB 3 -10.23 48.09 -12.70
N UNK DB 4 -10.13 47.26 -11.67
CA UNK DB 4 -8.88 46.54 -11.52
C UNK DB 4 -8.36 45.98 -12.83
N UNK DB 5 -9.26 45.48 -13.67
CA UNK DB 5 -8.84 44.93 -14.95
C UNK DB 5 -8.17 46.07 -15.67
N UNK DB 6 -8.76 47.25 -15.51
CA UNK DB 6 -8.23 48.45 -16.12
C UNK DB 6 -6.83 48.61 -15.61
N UNK DB 7 -6.66 48.30 -14.33
CA UNK DB 7 -5.35 48.41 -13.72
C UNK DB 7 -4.39 47.46 -14.39
N UNK DB 8 -4.84 46.25 -14.68
CA UNK DB 8 -3.96 45.29 -15.30
C UNK DB 8 -3.51 45.83 -16.64
N UNK DB 9 -4.45 46.37 -17.40
CA UNK DB 9 -4.10 46.89 -18.70
C UNK DB 9 -3.09 48.02 -18.60
N UNK DB 10 -3.29 48.95 -17.68
CA UNK DB 10 -2.32 50.03 -17.58
C UNK DB 10 -0.93 49.52 -17.17
N UNK DB 11 -0.93 48.59 -16.23
CA UNK DB 11 0.33 48.05 -15.72
C UNK DB 11 1.16 47.32 -16.77
N UNK DB 12 0.49 46.54 -17.60
CA UNK DB 12 1.20 45.80 -18.63
C UNK DB 12 1.85 46.76 -19.60
N UNK DB 13 1.10 47.78 -19.98
CA UNK DB 13 1.61 48.76 -20.91
C UNK DB 13 2.81 49.40 -20.30
N UNK DB 14 2.82 49.60 -18.99
CA UNK DB 14 4.00 50.21 -18.36
C UNK DB 14 5.30 49.43 -18.54
N UNK DB 15 5.21 48.10 -18.47
CA UNK DB 15 6.37 47.19 -18.59
C UNK DB 15 7.63 47.60 -19.39
N UNK DB 16 7.64 47.31 -20.69
CA UNK DB 16 8.79 47.59 -21.55
C UNK DB 16 9.03 49.03 -21.95
N UNK DB 17 7.96 49.76 -22.25
CA UNK DB 17 8.12 51.16 -22.62
C UNK DB 17 8.82 51.85 -21.47
N UNK DB 18 8.44 51.49 -20.24
CA UNK DB 18 9.08 52.06 -19.06
C UNK DB 18 10.54 51.61 -19.10
N UNK DB 19 10.73 50.36 -19.52
CA UNK DB 19 12.05 49.76 -19.65
C UNK DB 19 12.85 50.53 -20.69
N UNK DB 20 12.19 50.91 -21.78
CA UNK DB 20 12.83 51.66 -22.84
C UNK DB 20 13.28 53.02 -22.30
N UNK DB 21 12.50 53.60 -21.41
CA UNK DB 21 12.85 54.88 -20.82
C UNK DB 21 14.18 54.77 -20.09
N UNK DB 22 14.40 53.64 -19.43
CA UNK DB 22 15.64 53.40 -18.69
C UNK DB 22 16.86 53.43 -19.60
N UNK DB 23 16.73 52.87 -20.81
CA UNK DB 23 17.83 52.85 -21.75
C UNK DB 23 18.23 54.27 -22.15
N UNK DB 24 17.23 55.11 -22.39
CA UNK DB 24 17.47 56.51 -22.74
C UNK DB 24 18.15 57.20 -21.56
N UNK DB 25 17.67 56.83 -20.38
CA UNK DB 25 18.17 57.35 -19.11
C UNK DB 25 19.62 56.98 -18.82
N UNK DB 26 20.08 56.00 -19.58
CA UNK DB 26 21.40 55.41 -19.49
C UNK DB 26 22.49 56.27 -20.11
N UNK DB 27 22.23 57.55 -20.30
CA UNK DB 27 23.23 58.41 -20.90
C UNK DB 27 24.47 58.18 -20.06
N UNK EB 1 -6.70 38.60 14.92
CA UNK EB 1 -7.66 39.63 15.29
C UNK EB 1 -6.96 40.97 15.54
N UNK EB 2 -5.88 40.94 16.30
CA UNK EB 2 -5.11 42.16 16.62
C UNK EB 2 -4.64 42.83 15.32
N UNK EB 3 -4.10 41.99 14.47
CA UNK EB 3 -3.57 42.42 13.16
C UNK EB 3 -4.68 43.10 12.34
N UNK EB 4 -5.81 42.43 12.33
CA UNK EB 4 -7.01 42.91 11.61
C UNK EB 4 -7.41 44.29 12.12
N UNK EB 5 -7.44 44.39 13.44
CA UNK EB 5 -7.79 45.64 14.13
C UNK EB 5 -6.86 46.77 13.70
N UNK EB 6 -5.58 46.44 13.71
CA UNK EB 6 -4.51 47.37 13.32
C UNK EB 6 -4.74 47.88 11.90
N UNK EB 7 -5.09 48.42 11.25
CA UNK EB 7 -5.31 49.50 10.27
C UNK EB 7 -6.30 50.53 10.83
N UNK EB 8 -7.38 49.99 11.35
CA UNK EB 8 -8.45 50.79 11.96
C UNK EB 8 -7.90 51.68 13.08
N UNK EB 9 -7.11 51.04 13.92
CA UNK EB 9 -6.47 51.68 15.07
C UNK EB 9 -5.61 52.85 14.60
N UNK EB 10 -4.83 52.56 13.57
CA UNK EB 10 -3.91 53.54 12.96
C UNK EB 10 -4.71 54.76 12.47
N UNK EB 11 -5.79 54.46 11.78
CA UNK EB 11 -6.69 55.47 11.23
C UNK EB 11 -7.22 56.38 12.35
N UNK EB 12 -7.65 55.73 13.41
CA UNK EB 12 -8.18 56.40 14.60
C UNK EB 12 -7.15 57.37 15.17
N UNK EB 13 -5.94 56.85 15.28
CA UNK EB 13 -4.79 57.61 15.81
C UNK EB 13 -4.56 58.86 14.96
N UNK EB 14 -4.58 58.65 13.67
CA UNK EB 14 -4.38 59.72 12.68
C UNK EB 14 -5.42 60.81 12.87
N UNK EB 15 -6.66 60.35 13.00
CA UNK EB 15 -7.82 61.25 13.21
C UNK EB 15 -7.62 62.10 14.45
N UNK EB 16 -7.20 61.43 15.50
CA UNK EB 16 -6.94 62.07 16.80
C UNK EB 16 -5.89 63.17 16.65
N UNK EB 17 -4.84 62.81 15.95
CA UNK EB 17 -3.71 63.72 15.68
C UNK EB 17 -4.20 64.97 14.95
N UNK EB 18 -5.02 64.72 13.95
CA UNK EB 18 -5.62 65.78 13.12
C UNK EB 18 -6.42 66.74 14.00
N UNK EB 19 -7.23 66.14 14.86
CA UNK EB 19 -8.08 66.87 15.79
C UNK EB 19 -7.24 67.78 16.68
N UNK EB 20 -6.18 67.20 17.19
CA UNK EB 20 -5.22 67.89 18.07
C UNK EB 20 -4.65 69.11 17.36
N UNK EB 21 9.43 63.56 45.21
CA UNK EB 21 9.84 62.46 44.34
C UNK EB 21 9.28 61.12 44.83
N UNK EB 22 9.66 60.73 46.04
CA UNK EB 22 9.20 59.48 46.62
C UNK EB 22 7.71 59.31 46.43
N UNK EB 23 6.93 60.28 46.90
CA UNK EB 23 5.48 60.23 46.79
C UNK EB 23 5.05 59.94 45.36
N UNK EB 24 5.59 60.72 44.42
CA UNK EB 24 5.27 60.55 43.00
C UNK EB 24 5.50 59.12 42.55
N UNK EB 25 6.66 58.57 42.88
CA UNK EB 25 7.00 57.20 42.52
C UNK EB 25 5.95 56.22 43.02
N UNK EB 26 5.60 56.34 44.30
CA UNK EB 26 4.60 55.47 44.91
C UNK EB 26 3.28 55.52 44.13
N UNK EB 27 2.85 56.72 43.80
CA UNK EB 27 1.60 56.92 43.07
C UNK EB 27 1.65 56.19 41.73
N UNK EB 28 2.75 56.33 41.01
CA UNK EB 28 2.92 55.69 39.72
C UNK EB 28 2.81 54.17 39.83
N UNK EB 29 3.46 53.63 40.86
CA UNK EB 29 3.44 52.19 41.10
C UNK EB 29 2.02 51.69 41.34
N UNK EB 30 1.26 52.44 42.13
CA UNK EB 30 -0.12 52.07 42.43
C UNK EB 30 -0.98 52.06 41.18
N UNK EB 31 -0.77 53.05 40.31
CA UNK EB 31 -1.53 53.15 39.08
C UNK EB 31 -1.25 51.96 38.16
N UNK EB 32 0.02 51.56 38.10
CA UNK EB 32 0.42 50.44 37.27
C UNK EB 32 -0.20 49.14 37.75
N UNK EB 33 -0.27 48.97 39.07
CA UNK EB 33 -0.84 47.77 39.67
C UNK EB 33 -2.34 47.68 39.39
N UNK EB 34 -3.01 48.82 39.42
CA UNK EB 34 -4.45 48.88 39.17
C UNK EB 34 -4.77 48.52 37.72
N UNK EB 35 -3.89 48.93 36.81
CA UNK EB 35 -4.08 48.66 35.39
C UNK EB 35 -3.80 47.19 35.07
N UNK EB 36 -2.96 46.56 35.89
CA UNK EB 36 -2.60 45.16 35.70
C UNK EB 36 -3.74 44.25 36.14
N UNK EB 37 59.11 62.31 -15.62
CA UNK EB 37 59.23 61.83 -17.00
C UNK EB 37 60.58 61.13 -17.20
N UNK EB 38 61.60 61.81 -16.72
CA UNK EB 38 62.99 61.32 -16.81
C UNK EB 38 63.11 59.96 -16.12
N UNK EB 39 62.53 59.90 -14.94
CA UNK EB 39 62.53 58.69 -14.10
C UNK EB 39 61.88 57.53 -14.87
N UNK EB 40 60.74 57.85 -15.46
CA UNK EB 40 59.95 56.90 -16.25
C UNK EB 40 60.80 56.33 -17.40
N UNK EB 41 61.46 57.25 -18.07
CA UNK EB 41 62.33 56.93 -19.21
C UNK EB 41 63.42 55.96 -18.77
N UNK EB 42 64.02 56.30 -17.65
CA UNK EB 42 65.11 55.50 -17.05
C UNK EB 42 64.62 54.08 -16.79
N UNK EB 43 63.44 54.01 -16.19
CA UNK EB 43 62.79 52.73 -15.85
C UNK EB 43 62.60 51.89 -17.10
N UNK EB 44 62.10 52.54 -18.13
CA UNK EB 44 61.84 51.92 -19.43
C UNK EB 44 63.14 51.32 -19.99
N UNK EB 45 64.18 52.13 -19.93
CA UNK EB 45 65.52 51.75 -20.40
C UNK EB 45 65.98 50.49 -19.68
N UNK EB 46 65.82 50.52 -18.37
CA UNK EB 46 66.21 49.41 -17.48
C UNK EB 46 65.49 48.13 -17.90
N UNK EB 47 64.19 48.28 -18.13
CA UNK EB 47 63.32 47.17 -18.54
C UNK EB 47 63.83 46.56 -19.84
N UNK EB 48 64.14 47.44 -20.76
CA UNK EB 48 64.65 47.08 -22.09
C UNK EB 48 65.93 46.25 -21.95
N UNK EB 49 66.80 46.76 -21.11
CA UNK EB 49 68.10 46.13 -20.82
C UNK EB 49 67.88 44.71 -20.29
N UNK EB 50 66.96 44.61 -19.35
CA UNK EB 50 66.60 43.34 -18.71
C UNK EB 50 66.13 42.33 -19.77
N UNK EB 51 65.27 42.83 -20.63
CA UNK EB 51 64.69 42.03 -21.73
C UNK EB 51 65.81 41.48 -22.62
N UNK EB 52 66.76 42.34 -22.97
CA UNK EB 52 67.87 41.94 -23.82
C UNK EB 52 68.66 40.80 -23.18
N UNK EB 53 68.97 40.95 -21.90
CA UNK EB 53 69.71 39.93 -21.17
C UNK EB 53 69.00 38.57 -21.22
N UNK EB 54 40.90 2.91 -28.01
CA UNK EB 54 41.51 2.38 -26.79
C UNK EB 54 42.71 1.49 -27.14
N UNK EB 55 42.47 0.62 -28.10
CA UNK EB 55 43.48 -0.32 -28.61
C UNK EB 55 44.71 0.45 -29.11
N UNK EB 56 44.42 1.47 -29.90
CA UNK EB 56 45.44 2.33 -30.49
C UNK EB 56 46.30 2.97 -29.39
N UNK EB 57 45.60 3.48 -28.39
CA UNK EB 57 46.23 4.12 -27.23
C UNK EB 57 47.19 3.15 -26.55
N UNK EB 58 46.69 1.95 -26.34
CA UNK EB 58 47.44 0.87 -25.70
C UNK EB 58 48.73 0.59 -26.48
N UNK EB 59 48.55 0.49 -27.78
CA UNK EB 59 49.66 0.23 -28.71
C UNK EB 59 50.73 1.31 -28.57
N UNK EB 60 50.26 2.54 -28.55
CA UNK EB 60 51.11 3.73 -28.42
C UNK EB 60 51.94 3.64 -27.13
N UNK EB 61 51.32 3.12 -26.08
CA UNK EB 61 51.93 3.07 -24.76
C UNK EB 61 53.26 2.30 -24.79
N UNK EB 62 53.33 1.23 -25.59
CA UNK EB 62 54.56 0.48 -25.76
C UNK EB 62 55.62 1.43 -26.33
N UNK EB 63 55.18 2.32 -27.20
CA UNK EB 63 56.04 3.37 -27.74
C UNK EB 63 56.51 4.26 -26.60
N UNK EB 64 55.63 4.51 -25.64
CA UNK EB 64 55.97 5.28 -24.44
C UNK EB 64 57.07 4.60 -23.62
N UNK EB 65 56.99 3.28 -23.51
CA UNK EB 65 58.01 2.47 -22.87
C UNK EB 65 59.34 2.56 -23.62
N UNK EB 66 59.27 2.58 -24.94
CA UNK EB 66 60.46 2.77 -25.77
C UNK EB 66 61.07 4.14 -25.49
N UNK EB 67 60.21 5.14 -25.31
CA UNK EB 67 60.62 6.49 -24.95
C UNK EB 67 61.32 6.51 -23.59
N UNK EB 68 60.80 5.71 -22.66
CA UNK EB 68 61.41 5.53 -21.35
C UNK EB 68 62.80 4.91 -21.45
N UNK EB 69 62.79 3.74 -22.10
CA UNK EB 69 63.97 2.94 -22.38
C UNK EB 69 64.91 3.53 -23.42
N UNK EB 70 64.35 3.98 -24.54
CA UNK EB 70 65.10 4.86 -25.41
C UNK EB 70 65.16 6.18 -24.69
N UNK EB 71 63.98 6.59 -24.20
CA UNK EB 71 63.85 7.82 -23.44
C UNK EB 71 64.58 7.67 -22.14
N UNK EB 72 64.45 6.50 -21.52
CA UNK EB 72 65.12 6.22 -20.26
C UNK EB 72 66.61 6.27 -20.46
N UNK EB 73 67.08 5.71 -21.57
CA UNK EB 73 68.50 5.67 -21.86
C UNK EB 73 69.01 7.08 -22.05
N UNK EB 74 68.21 7.88 -22.74
CA UNK EB 74 68.61 9.25 -23.02
C UNK EB 74 68.72 9.98 -21.71
N UNK EB 75 67.76 9.76 -20.81
CA UNK EB 75 67.74 10.43 -19.52
C UNK EB 75 68.95 10.03 -18.70
N UNK EB 76 69.29 8.75 -18.78
CA UNK EB 76 70.43 8.22 -18.05
C UNK EB 76 71.73 8.84 -18.52
N UNK EB 77 71.94 8.91 -19.83
CA UNK EB 77 73.16 9.55 -20.31
C UNK EB 77 73.18 11.04 -19.97
N UNK EB 78 72.06 11.72 -20.22
CA UNK EB 78 71.94 13.14 -19.91
C UNK EB 78 71.90 13.48 -18.41
N UNK EB 79 71.12 12.71 -17.66
CA UNK EB 79 70.87 12.99 -16.25
C UNK EB 79 72.11 12.90 -15.36
N UNK EB 80 72.91 11.87 -15.60
CA UNK EB 80 74.05 11.55 -14.76
C UNK EB 80 75.14 12.61 -14.73
N UNK EB 81 75.42 13.21 -15.88
CA UNK EB 81 76.65 13.97 -16.06
C UNK EB 81 76.90 14.77 -14.78
N UNK EB 82 75.98 15.70 -14.50
CA UNK EB 82 75.89 16.31 -13.19
C UNK EB 82 75.54 15.18 -12.25
N UNK EB 83 74.68 14.30 -12.74
CA UNK EB 83 74.30 13.10 -12.02
C UNK EB 83 75.50 12.19 -11.79
N UNK EB 84 76.39 12.04 -12.78
CA UNK EB 84 77.59 11.23 -12.53
C UNK EB 84 78.38 11.86 -11.43
N UNK EB 85 78.51 13.19 -11.46
CA UNK EB 85 79.31 13.82 -10.42
C UNK EB 85 78.71 13.54 -9.06
N UNK EB 86 77.39 13.69 -8.96
CA UNK EB 86 76.73 13.51 -7.67
C UNK EB 86 76.89 12.08 -7.18
N UNK EB 87 76.75 11.15 -8.12
CA UNK EB 87 76.81 9.74 -7.83
C UNK EB 87 78.20 9.40 -7.34
N UNK EB 88 79.21 9.95 -7.99
CA UNK EB 88 80.59 9.66 -7.63
C UNK EB 88 80.82 10.18 -6.23
N UNK EB 89 80.28 11.37 -5.95
CA UNK EB 89 80.47 11.96 -4.64
C UNK EB 89 79.86 11.09 -3.57
N UNK EB 90 78.66 10.58 -3.81
CA UNK EB 90 78.05 9.69 -2.82
C UNK EB 90 78.84 8.39 -2.68
N UNK EB 91 79.20 7.83 -3.82
CA UNK EB 91 79.91 6.57 -3.93
C UNK EB 91 81.31 6.62 -3.37
N UNK EB 92 82.04 7.70 -3.64
CA UNK EB 92 83.41 7.76 -3.18
C UNK EB 92 84.21 6.55 -3.66
N UNK EB 93 71.89 1.66 -8.38
CA UNK EB 93 70.48 1.47 -8.03
C UNK EB 93 69.74 2.81 -8.06
N UNK EB 94 70.21 3.76 -7.26
CA UNK EB 94 69.61 5.08 -7.20
C UNK EB 94 69.68 5.82 -8.53
N UNK EB 95 70.82 5.68 -9.21
CA UNK EB 95 71.00 6.33 -10.50
C UNK EB 95 70.03 5.81 -11.56
N UNK EB 96 69.87 4.49 -11.65
CA UNK EB 96 68.91 3.96 -12.61
C UNK EB 96 67.56 4.49 -12.17
N UNK EB 97 67.38 4.45 -10.86
CA UNK EB 97 66.13 4.66 -10.17
C UNK EB 97 65.59 6.01 -10.55
N UNK EB 98 66.49 6.96 -10.79
CA UNK EB 98 66.17 8.10 -11.63
C UNK EB 98 67.40 8.41 -12.46
N UNK EB 99 67.43 8.14 -13.76
CA UNK EB 99 66.34 7.76 -14.66
C UNK EB 99 64.90 7.78 -14.17
N UNK EB 100 64.45 6.66 -13.64
CA UNK EB 100 63.06 6.50 -13.20
C UNK EB 100 62.62 7.64 -12.29
N UNK EB 101 65.84 10.83 -14.91
CA UNK EB 101 65.98 10.95 -16.37
C UNK EB 101 64.81 11.76 -16.95
N UNK EB 102 63.63 11.39 -16.49
CA UNK EB 102 62.37 12.04 -16.90
C UNK EB 102 62.43 13.54 -16.59
N UNK EB 103 62.86 13.82 -15.38
CA UNK EB 103 62.99 15.19 -14.88
C UNK EB 103 63.92 16.00 -15.78
N UNK EB 104 65.05 15.38 -16.08
CA UNK EB 104 66.08 15.96 -16.95
C UNK EB 104 65.50 16.33 -18.31
N UNK EB 105 64.77 15.36 -18.85
CA UNK EB 105 64.10 15.50 -20.15
C UNK EB 105 63.17 16.70 -20.15
N UNK EB 106 62.39 16.77 -19.08
CA UNK EB 106 61.41 17.84 -18.87
C UNK EB 106 62.12 19.21 -18.87
N UNK EB 107 63.20 19.25 -18.14
CA UNK EB 107 64.04 20.45 -18.01
C UNK EB 107 64.52 20.90 -19.38
N UNK EB 108 65.01 19.94 -20.13
CA UNK EB 108 65.53 20.14 -21.48
C UNK EB 108 64.45 20.77 -22.38
N UNK EB 109 24.50 66.80 13.79
CA UNK EB 109 25.24 67.22 12.60
C UNK EB 109 25.47 68.74 12.64
N UNK EB 110 24.39 69.44 12.93
CA UNK EB 110 24.38 70.91 13.02
C UNK EB 110 25.40 71.37 14.05
N UNK EB 111 25.36 70.71 15.20
CA UNK EB 111 26.25 71.00 16.32
C UNK EB 111 27.72 70.85 15.89
N UNK EB 112 27.96 69.74 15.20
CA UNK EB 112 29.30 69.40 14.69
C UNK EB 112 29.80 70.51 13.76
N UNK EB 113 28.90 70.91 12.88
CA UNK EB 113 29.18 71.97 11.88
C UNK EB 113 29.59 73.26 12.61
N UNK EB 114 28.79 73.59 13.61
CA UNK EB 114 29.00 74.79 14.43
C UNK EB 114 30.40 74.76 15.06
N UNK EB 115 30.71 73.60 15.61
CA UNK EB 115 32.00 73.35 16.28
C UNK EB 115 33.15 73.60 15.30
N UNK EB 116 32.97 73.03 14.11
CA UNK EB 116 33.95 73.14 13.02
C UNK EB 116 34.20 74.61 12.68
N UNK EB 117 33.10 75.32 12.56
CA UNK EB 117 33.10 76.76 12.24
C UNK EB 117 33.91 77.53 13.29
N UNK EB 118 33.10 79.70 20.73
CA UNK EB 118 32.69 78.42 21.32
C UNK EB 118 31.38 78.58 22.09
N UNK EB 119 31.35 79.63 22.89
CA UNK EB 119 30.19 79.98 23.72
C UNK EB 119 28.96 80.16 22.84
N UNK EB 120 29.17 80.92 21.78
CA UNK EB 120 28.11 81.24 20.80
C UNK EB 120 27.54 79.95 20.21
N UNK EB 121 28.46 79.08 19.83
CA UNK EB 121 28.14 77.77 19.24
C UNK EB 121 27.26 76.96 20.20
N UNK EB 122 27.70 76.96 21.45
CA UNK EB 122 27.01 76.25 22.53
C UNK EB 122 25.57 76.75 22.66
N UNK EB 123 25.47 78.07 22.66
CA UNK EB 123 24.18 78.77 22.77
C UNK EB 123 23.24 78.34 21.64
N UNK EB 124 23.81 78.33 20.45
CA UNK EB 124 23.10 77.95 19.23
C UNK EB 124 22.55 76.53 19.36
N UNK EB 125 23.42 75.66 19.84
CA UNK EB 125 23.10 74.23 20.05
C UNK EB 125 21.92 74.10 21.00
N UNK EB 126 22.02 74.85 22.08
CA UNK EB 126 20.99 74.88 23.13
C UNK EB 126 19.64 75.29 22.54
N UNK EB 127 71.21 52.38 -12.63
CA UNK EB 127 72.17 52.70 -13.68
C UNK EB 127 73.42 51.82 -13.56
N UNK EB 128 73.95 51.73 -12.34
CA UNK EB 128 75.14 50.91 -12.10
C UNK EB 128 74.93 49.47 -12.52
N UNK EB 129 73.80 48.90 -12.12
CA UNK EB 129 73.47 47.51 -12.46
C UNK EB 129 73.47 47.32 -13.98
N UNK EB 130 72.80 48.26 -14.63
CA UNK EB 130 72.67 48.28 -16.10
C UNK EB 130 74.05 48.31 -16.74
N UNK EB 131 74.88 49.20 -16.21
CA UNK EB 131 76.26 49.39 -16.68
C UNK EB 131 77.03 48.08 -16.58
N UNK EB 132 76.89 47.46 -15.43
CA UNK EB 132 77.55 46.18 -15.12
C UNK EB 132 77.15 45.13 -16.15
N UNK EB 133 75.85 45.07 -16.39
CA UNK EB 133 75.26 44.13 -17.35
C UNK EB 133 75.86 44.32 -18.74
N UNK EB 134 75.94 45.60 -19.12
CA UNK EB 134 76.50 46.00 -20.41
C UNK EB 134 77.93 45.51 -20.55
N UNK EB 135 78.69 45.74 -19.49
CA UNK EB 135 80.10 45.35 -19.40
C UNK EB 135 80.24 43.84 -19.61
N UNK EB 136 79.38 43.12 -18.91
CA UNK EB 136 79.34 41.64 -18.97
C UNK EB 136 79.11 41.19 -20.40
N UNK EB 137 78.13 41.82 -21.02
CA UNK EB 137 77.74 41.54 -22.41
C UNK EB 137 78.93 41.72 -23.34
N UNK EB 138 79.60 42.84 -23.14
CA UNK EB 138 80.79 43.22 -23.92
C UNK EB 138 81.86 42.14 -23.81
N UNK EB 139 82.08 41.73 -22.57
CA UNK EB 139 83.07 40.69 -22.23
C UNK EB 139 82.75 39.40 -22.98
N UNK EB 140 81.48 39.04 -22.92
CA UNK EB 140 80.96 37.83 -23.58
C UNK EB 140 81.25 37.89 -25.07
N UNK EB 141 80.95 39.04 -25.65
CA UNK EB 141 81.15 39.30 -27.08
C UNK EB 141 82.62 39.09 -27.45
N UNK EB 142 83.47 39.67 -26.62
CA UNK EB 142 84.92 39.60 -26.79
C UNK EB 142 85.38 38.14 -26.80
N UNK EB 143 84.86 37.40 -25.84
CA UNK EB 143 85.16 35.97 -25.66
C UNK EB 143 84.79 35.20 -26.93
N UNK EB 144 83.59 35.50 -27.40
CA UNK EB 144 83.04 34.88 -28.62
C UNK EB 144 83.97 35.12 -29.81
N UNK EB 145 84.37 36.38 -29.93
CA UNK EB 145 85.28 36.83 -31.00
C UNK EB 145 86.58 36.03 -30.96
N UNK EB 146 87.11 35.92 -29.75
CA UNK EB 146 88.36 35.19 -29.49
C UNK EB 146 88.23 33.74 -29.96
N UNK FB 1 35.24 -34.80 86.59
CA UNK FB 1 34.49 -36.00 86.95
C UNK FB 1 33.74 -35.81 88.26
N UNK FB 2 33.98 -34.69 88.94
CA UNK FB 2 33.35 -34.42 90.21
C UNK FB 2 31.85 -34.34 90.02
N UNK FB 3 31.46 -33.85 88.86
CA UNK FB 3 30.06 -33.72 88.53
C UNK FB 3 29.50 -35.13 88.61
N UNK FB 4 30.31 -36.09 88.19
CA UNK FB 4 29.87 -37.46 88.17
C UNK FB 4 29.50 -37.80 89.60
N UNK FB 5 30.28 -37.30 90.54
CA UNK FB 5 29.99 -37.60 91.93
C UNK FB 5 28.61 -37.08 92.29
N UNK FB 6 28.31 -35.87 91.86
CA UNK FB 6 27.03 -35.29 92.23
C UNK FB 6 25.88 -36.10 91.66
N UNK FB 7 26.04 -36.51 90.41
CA UNK FB 7 24.96 -37.23 89.77
C UNK FB 7 24.74 -38.52 90.51
N UNK FB 8 25.84 -39.13 90.94
CA UNK FB 8 25.77 -40.34 91.72
C UNK FB 8 25.05 -40.02 93.02
N UNK FB 9 25.12 -38.77 93.44
CA UNK FB 9 24.48 -38.35 94.68
C UNK FB 9 22.97 -38.51 94.67
N UNK FB 10 22.32 -38.13 93.60
CA UNK FB 10 20.87 -38.24 93.54
C UNK FB 10 20.49 -39.70 93.69
N UNK FB 11 21.26 -40.56 93.04
CA UNK FB 11 21.00 -41.99 93.06
C UNK FB 11 21.07 -42.58 94.46
N UNK FB 12 21.97 -42.07 95.28
CA UNK FB 12 22.12 -42.63 96.61
C UNK FB 12 20.80 -42.53 97.35
N UNK FB 13 20.12 -41.41 97.21
CA UNK FB 13 18.86 -41.23 97.89
C UNK FB 13 17.86 -42.27 97.42
N UNK FB 14 17.89 -42.56 96.13
CA UNK FB 14 16.95 -43.50 95.55
C UNK FB 14 17.03 -44.92 96.07
N UNK FB 15 18.25 -45.43 96.31
CA UNK FB 15 18.37 -46.79 96.77
C UNK FB 15 17.63 -46.92 98.08
N UNK FB 16 17.80 -45.91 98.92
CA UNK FB 16 17.15 -45.91 100.22
C UNK FB 16 15.69 -46.27 100.19
N UNK FB 17 14.98 -45.96 99.11
CA UNK FB 17 13.57 -46.26 99.10
C UNK FB 17 13.22 -47.61 98.54
N UNK FB 18 13.83 -47.97 97.42
CA UNK FB 18 13.41 -49.17 96.74
C UNK FB 18 13.64 -50.35 97.67
N UNK FB 19 14.79 -50.35 98.31
CA UNK FB 19 15.17 -51.51 99.11
C UNK FB 19 13.97 -51.97 99.92
N UNK FB 20 12.84 -52.04 111.04
CA UNK FB 20 13.25 -50.84 111.78
C UNK FB 20 13.13 -49.58 110.92
N UNK FB 21 11.95 -49.38 110.34
CA UNK FB 21 11.72 -48.22 109.50
C UNK FB 21 11.94 -46.99 110.35
N UNK FB 22 11.50 -47.05 111.59
CA UNK FB 22 11.70 -45.93 112.49
C UNK FB 22 13.20 -45.82 112.60
N UNK FB 23 13.83 -46.99 112.79
CA UNK FB 23 15.27 -47.05 112.84
C UNK FB 23 15.68 -46.63 111.44
N UNK FB 24 14.92 -47.13 110.46
CA UNK FB 24 15.13 -46.80 109.05
C UNK FB 24 14.89 -45.32 108.84
N UNK FB 25 13.88 -44.79 109.52
CA UNK FB 25 13.57 -43.39 109.36
C UNK FB 25 14.80 -42.64 109.81
N UNK FB 26 15.37 -43.07 110.92
CA UNK FB 26 16.57 -42.45 111.41
C UNK FB 26 17.60 -42.81 110.37
N UNK FB 27 17.58 -44.06 109.96
CA UNK FB 27 18.51 -44.48 108.92
C UNK FB 27 18.17 -43.58 107.77
N UNK FB 28 16.87 -43.41 107.55
CA UNK FB 28 16.40 -42.52 106.52
C UNK FB 28 16.90 -41.16 106.98
N UNK FB 29 16.76 -40.92 108.29
CA UNK FB 29 17.24 -39.69 108.87
C UNK FB 29 18.72 -39.61 108.55
N UNK FB 30 19.38 -40.76 108.52
CA UNK FB 30 20.76 -40.77 108.19
C UNK FB 30 20.71 -40.43 106.73
N UNK FB 31 20.19 -41.40 106.03
CA UNK FB 31 20.36 -41.48 104.61
C UNK FB 31 20.16 -40.11 104.00
N UNK FB 32 19.10 -39.45 104.41
CA UNK FB 32 18.78 -38.20 103.78
C UNK FB 32 19.92 -37.28 104.07
N UNK FB 33 20.39 -37.32 105.29
CA UNK FB 33 21.40 -36.38 105.70
C UNK FB 33 22.71 -36.46 104.92
N UNK FB 34 23.25 -37.65 104.73
CA UNK FB 34 24.59 -37.77 104.17
C UNK FB 34 24.60 -37.21 102.76
N UNK FB 35 23.47 -37.38 102.09
CA UNK FB 35 23.33 -36.92 100.73
C UNK FB 35 23.51 -35.41 100.75
N UNK FB 36 23.03 -34.77 101.81
CA UNK FB 36 23.17 -33.32 101.96
C UNK FB 36 24.63 -32.93 102.05
N UNK FB 37 25.38 -33.68 102.83
CA UNK FB 37 26.79 -33.40 102.96
C UNK FB 37 27.39 -33.53 101.59
N UNK FB 38 27.00 -34.59 100.89
CA UNK FB 38 27.55 -34.86 99.57
C UNK FB 38 27.23 -33.79 98.52
N UNK FB 39 25.98 -33.38 98.48
CA UNK FB 39 25.54 -32.43 97.47
C UNK FB 39 26.26 -31.12 97.67
N UNK FB 40 26.71 -30.86 98.87
CA UNK FB 40 27.53 -29.69 98.99
C UNK FB 40 28.74 -29.96 98.07
N UNK FB 41 28.98 -31.23 97.73
CA UNK FB 41 30.11 -31.63 96.91
C UNK FB 41 30.17 -31.03 95.54
N UNK FB 42 29.07 -31.08 94.84
CA UNK FB 42 29.05 -30.48 93.52
C UNK FB 42 29.21 -28.99 93.75
N UNK FB 43 28.58 -28.53 94.81
CA UNK FB 43 28.65 -27.14 95.15
C UNK FB 43 30.09 -26.83 95.39
N UNK FB 44 30.75 -27.78 96.01
CA UNK FB 44 32.12 -27.60 96.32
C UNK FB 44 32.95 -27.46 95.07
N UNK FB 45 32.76 -28.40 94.16
CA UNK FB 45 33.48 -28.39 92.91
C UNK FB 45 33.26 -27.03 92.26
N UNK FB 46 32.22 -26.33 92.68
CA UNK FB 46 31.93 -25.03 92.10
C UNK FB 46 32.75 -23.93 92.75
N UNK FB 47 34.07 -23.95 92.50
CA UNK FB 47 34.94 -22.95 93.07
C UNK FB 47 34.68 -21.50 92.63
N UNK FB 48 34.57 -21.16 91.34
CA UNK FB 48 34.83 -21.99 90.14
C UNK FB 48 33.98 -23.22 89.89
N UNK FB 49 33.04 -23.14 88.96
CA UNK FB 49 32.20 -24.28 88.66
C UNK FB 49 32.16 -24.60 87.17
N UNK FB 50 31.95 -25.88 86.87
CA UNK FB 50 31.89 -26.37 85.50
C UNK FB 50 30.55 -27.08 85.36
N UNK FB 51 29.46 -26.28 85.36
CA UNK FB 51 28.03 -26.72 85.26
C UNK FB 51 27.88 -27.87 84.28
N UNK FB 52 26.79 -28.69 84.33
CA UNK FB 52 26.87 -29.82 83.40
C UNK FB 52 25.64 -30.74 83.19
N UNK FB 53 25.67 -31.44 82.06
CA UNK FB 53 24.61 -32.32 81.65
C UNK FB 53 25.16 -33.57 80.99
N UNK FB 54 25.18 -34.66 81.74
CA UNK FB 54 25.65 -35.92 81.21
C UNK FB 54 24.40 -36.76 81.09
N UNK FB 55 24.10 -37.23 79.89
CA UNK FB 55 22.90 -38.00 79.68
C UNK FB 55 23.11 -39.50 79.74
N UNK FB 56 22.13 -40.23 79.24
CA UNK FB 56 22.17 -41.70 79.19
C UNK FB 56 20.74 -41.96 78.78
N UNK FB 57 20.39 -43.11 78.19
CA UNK FB 57 19.02 -43.13 77.85
C UNK FB 57 18.56 -44.46 78.47
N UNK FB 58 18.37 -45.59 77.77
CA UNK FB 58 18.48 -45.74 76.34
C UNK FB 58 17.11 -45.16 76.08
N UNK FB 59 17.19 -43.87 75.76
CA UNK FB 59 16.00 -43.06 75.60
C UNK FB 59 14.95 -43.63 74.65
N UNK FB 60 15.01 -43.18 73.40
CA UNK FB 60 14.12 -43.53 72.30
C UNK FB 60 14.10 -42.36 71.31
N UNK FB 61 13.77 -42.61 70.06
CA UNK FB 61 13.73 -41.53 69.10
C UNK FB 61 12.69 -41.74 68.02
N UNK FB 62 11.97 -40.68 67.69
CA UNK FB 62 10.92 -40.79 66.69
C UNK FB 62 11.51 -40.10 65.49
N UNK FB 63 11.06 -40.46 64.29
CA UNK FB 63 11.61 -39.81 63.11
C UNK FB 63 11.31 -38.33 63.29
N UNK FB 64 12.34 -37.50 63.15
CA UNK FB 64 12.17 -36.06 63.35
C UNK FB 64 12.87 -35.67 64.64
N UNK FB 65 13.00 -36.63 65.55
CA UNK FB 65 13.68 -36.30 66.78
C UNK FB 65 14.21 -37.50 67.54
N UNK FB 66 15.20 -37.22 68.37
CA UNK FB 66 15.80 -38.20 69.24
C UNK FB 66 15.62 -37.53 70.59
N UNK FB 67 15.05 -38.26 71.56
CA UNK FB 67 14.85 -37.73 72.91
C UNK FB 67 15.39 -38.68 73.96
N UNK FB 68 16.33 -38.23 74.79
CA UNK FB 68 16.90 -39.09 75.82
C UNK FB 68 17.13 -38.42 77.18
N UNK FB 69 16.66 -39.06 78.24
CA UNK FB 69 16.86 -38.56 79.60
C UNK FB 69 17.36 -39.73 80.47
N UNK FB 70 18.51 -39.60 81.12
CA UNK FB 70 19.40 -38.41 81.12
C UNK FB 70 19.07 -37.31 82.13
N UNK FB 71 20.10 -36.89 82.85
CA UNK FB 71 20.00 -35.84 83.87
C UNK FB 71 21.18 -34.88 83.75
N UNK FB 72 21.01 -33.67 84.28
CA UNK FB 72 22.07 -32.65 84.23
C UNK FB 72 21.95 -31.70 85.40
N UNK FB 73 23.03 -30.99 85.73
CA UNK FB 73 22.97 -30.06 86.85
C UNK FB 73 23.57 -28.72 86.50
N UNK FB 74 22.89 -27.63 86.86
CA UNK FB 74 23.45 -26.31 86.55
C UNK FB 74 23.84 -25.53 87.79
N UNK FB 75 25.11 -25.12 87.83
CA UNK FB 75 25.66 -24.38 88.96
C UNK FB 75 25.03 -23.02 89.22
N UNK FB 76 24.77 -22.27 88.16
CA UNK FB 76 24.22 -20.93 88.32
C UNK FB 76 22.85 -20.96 88.98
N UNK FB 77 22.02 -21.90 88.56
CA UNK FB 77 20.68 -22.03 89.13
C UNK FB 77 20.40 -23.41 89.66
N UNK FB 78 20.67 -24.41 88.84
CA UNK FB 78 20.41 -25.79 89.22
C UNK FB 78 21.21 -26.31 90.40
N UNK FB 79 22.49 -25.98 90.44
CA UNK FB 79 23.36 -26.49 91.49
C UNK FB 79 23.00 -26.08 92.91
N UNK FB 80 22.59 -24.84 93.08
CA UNK FB 80 22.24 -24.34 94.40
C UNK FB 80 20.93 -24.83 95.02
N UNK FB 81 19.84 -24.86 94.24
CA UNK FB 81 18.57 -25.28 94.80
C UNK FB 81 18.70 -26.60 95.54
N UNK FB 82 19.46 -27.54 94.98
CA UNK FB 82 19.50 -28.87 95.54
C UNK FB 82 20.03 -28.82 96.96
N UNK FB 83 21.10 -28.09 97.15
CA UNK FB 83 21.74 -28.08 98.45
C UNK FB 83 20.82 -27.50 99.50
N UNK FB 84 20.19 -26.39 99.17
CA UNK FB 84 19.36 -25.73 100.15
C UNK FB 84 18.27 -26.69 100.49
N UNK FB 85 17.77 -27.32 99.44
CA UNK FB 85 16.59 -28.12 99.57
C UNK FB 85 16.85 -29.22 100.56
N UNK FB 86 17.94 -29.95 100.35
CA UNK FB 86 18.18 -31.16 101.10
C UNK FB 86 18.27 -30.73 102.53
N UNK FB 87 18.90 -29.62 102.84
CA UNK FB 87 19.05 -29.36 104.26
C UNK FB 87 17.65 -29.28 104.89
N UNK FB 88 16.75 -28.60 104.22
CA UNK FB 88 15.44 -28.36 104.79
C UNK FB 88 14.85 -29.73 105.01
N UNK FB 89 15.08 -30.60 104.05
CA UNK FB 89 14.57 -31.95 104.16
C UNK FB 89 15.20 -32.52 105.39
N UNK FB 90 16.46 -32.19 105.61
CA UNK FB 90 17.18 -32.87 106.67
C UNK FB 90 16.50 -32.57 107.97
N UNK FB 91 16.17 -31.32 108.19
CA UNK FB 91 15.49 -30.97 109.43
C UNK FB 91 14.09 -31.53 109.55
N UNK FB 92 13.31 -31.42 108.51
CA UNK FB 92 11.89 -31.67 108.66
C UNK FB 92 11.65 -33.07 109.15
N UNK FB 93 12.43 -34.02 108.66
CA UNK FB 93 12.16 -35.40 108.98
C UNK FB 93 12.24 -35.58 110.49
N UNK FB 94 13.22 -34.92 111.09
CA UNK FB 94 13.41 -35.11 112.51
C UNK FB 94 12.19 -34.63 113.26
N UNK FB 95 11.67 -33.47 112.88
CA UNK FB 95 10.52 -32.89 113.56
C UNK FB 95 9.36 -33.82 113.40
N UNK FB 96 9.39 -34.48 112.26
CA UNK FB 96 8.34 -35.37 111.87
C UNK FB 96 8.21 -36.53 112.82
N UNK FB 97 9.32 -37.10 113.26
CA UNK FB 97 9.20 -38.37 113.95
C UNK FB 97 8.40 -38.10 115.21
N UNK FB 98 8.79 -37.12 115.99
CA UNK FB 98 8.02 -36.96 117.19
C UNK FB 98 6.58 -36.66 116.94
N UNK FB 99 6.27 -35.72 116.06
CA UNK FB 99 4.89 -35.32 115.81
C UNK FB 99 4.00 -36.40 115.29
N UNK FB 100 4.62 -37.23 114.49
CA UNK FB 100 4.07 -38.35 113.77
C UNK FB 100 4.26 -39.59 114.59
N UNK FB 101 5.08 -39.52 115.63
CA UNK FB 101 5.32 -40.68 116.49
C UNK FB 101 3.95 -41.07 116.96
N UNK FB 102 3.73 -42.37 117.03
CA UNK FB 102 2.44 -42.93 117.35
C UNK FB 102 1.64 -43.00 116.06
N UNK FB 103 2.20 -42.54 114.96
CA UNK FB 103 1.42 -42.69 113.72
C UNK FB 103 1.30 -44.17 113.42
N UNK FB 104 0.09 -44.71 113.45
CA UNK FB 104 -0.07 -46.13 113.29
C UNK FB 104 0.57 -46.59 112.01
N UNK FB 105 0.42 -45.83 110.96
CA UNK FB 105 1.02 -46.20 109.70
C UNK FB 105 2.30 -45.41 109.57
N UNK FB 106 2.82 -44.90 110.68
CA UNK FB 106 3.96 -44.02 110.60
C UNK FB 106 5.14 -44.58 109.87
N UNK FB 107 5.51 -45.82 110.14
CA UNK FB 107 6.63 -46.39 109.44
C UNK FB 107 6.35 -46.26 107.95
N UNK FB 108 5.15 -46.65 107.56
CA UNK FB 108 4.77 -46.59 106.19
C UNK FB 108 4.84 -45.17 105.76
N UNK FB 109 4.40 -44.31 106.62
CA UNK FB 109 4.36 -42.94 106.14
C UNK FB 109 5.64 -42.53 105.46
N UNK FB 110 6.77 -42.78 106.08
CA UNK FB 110 7.92 -42.03 105.70
C UNK FB 110 8.12 -42.28 104.23
N UNK FB 111 7.83 -43.48 103.76
CA UNK FB 111 8.20 -43.82 102.41
C UNK FB 111 7.57 -42.85 101.43
N UNK FB 112 6.31 -42.53 101.65
CA UNK FB 112 5.65 -41.65 100.70
C UNK FB 112 6.40 -40.31 100.68
N UNK FB 113 6.79 -39.83 101.85
CA UNK FB 113 7.46 -38.53 101.95
C UNK FB 113 8.79 -38.54 101.25
N UNK FB 114 9.55 -39.61 101.43
CA UNK FB 114 10.86 -39.67 100.81
C UNK FB 114 10.66 -39.67 99.31
N UNK FB 115 9.65 -40.39 98.86
CA UNK FB 115 9.43 -40.45 97.43
C UNK FB 115 9.10 -39.05 96.92
N UNK FB 116 8.25 -38.34 97.64
CA UNK FB 116 7.81 -37.05 97.15
C UNK FB 116 9.03 -36.20 97.04
N UNK FB 117 10.00 -36.34 97.92
CA UNK FB 117 11.19 -35.51 97.73
C UNK FB 117 11.81 -35.84 96.36
N UNK FB 118 11.80 -37.11 96.00
CA UNK FB 118 12.50 -37.54 94.81
C UNK FB 118 11.90 -36.86 93.61
N UNK FB 119 10.60 -36.74 93.60
CA UNK FB 119 9.95 -36.12 92.46
C UNK FB 119 10.47 -34.73 92.25
N UNK FB 120 10.42 -33.92 93.29
CA UNK FB 120 10.78 -32.53 93.16
C UNK FB 120 12.20 -32.50 92.67
N UNK FB 121 13.05 -33.34 93.25
CA UNK FB 121 14.46 -33.25 92.90
C UNK FB 121 14.48 -33.50 91.41
N UNK FB 122 13.66 -34.45 90.98
CA UNK FB 122 13.52 -34.73 89.58
C UNK FB 122 12.99 -33.46 88.98
N UNK FB 123 12.08 -32.82 89.71
CA UNK FB 123 11.42 -31.66 89.19
C UNK FB 123 12.44 -30.57 88.89
N UNK FB 124 13.35 -30.36 89.82
CA UNK FB 124 14.39 -29.36 89.65
C UNK FB 124 15.36 -29.68 88.53
N UNK FB 125 15.73 -30.94 88.45
CA UNK FB 125 16.87 -31.35 87.64
C UNK FB 125 16.78 -31.14 86.14
N UNK FB 126 15.61 -31.36 85.55
CA UNK FB 126 15.50 -31.90 84.20
C UNK FB 126 16.10 -31.13 83.01
N UNK FB 127 16.88 -31.87 82.23
CA UNK FB 127 17.46 -31.39 80.97
C UNK FB 127 16.48 -31.17 79.84
N UNK FB 128 15.55 -32.11 79.67
CA UNK FB 128 14.66 -32.09 78.52
C UNK FB 128 13.23 -32.06 79.01
N UNK FB 129 12.37 -31.38 78.26
CA UNK FB 129 11.14 -30.88 78.82
C UNK FB 129 10.37 -32.03 79.37
N UNK FB 130 10.38 -33.13 78.63
CA UNK FB 130 9.52 -34.26 78.94
C UNK FB 130 9.93 -34.69 80.32
N UNK FB 131 11.23 -34.65 80.58
CA UNK FB 131 11.72 -35.01 81.88
C UNK FB 131 11.05 -34.04 82.83
N UNK FB 132 10.94 -32.80 82.38
CA UNK FB 132 10.34 -31.80 83.23
C UNK FB 132 8.93 -32.22 83.48
N UNK FB 133 8.25 -32.68 82.45
CA UNK FB 133 6.84 -32.92 82.59
C UNK FB 133 6.67 -33.96 83.66
N UNK FB 134 7.54 -34.97 83.60
CA UNK FB 134 7.55 -36.04 84.58
C UNK FB 134 7.56 -35.34 85.91
N UNK FB 135 8.35 -34.28 85.99
CA UNK FB 135 8.44 -33.53 87.23
C UNK FB 135 7.22 -32.75 87.71
N UNK FB 136 6.57 -31.97 86.84
CA UNK FB 136 5.43 -31.17 87.30
C UNK FB 136 4.27 -32.00 87.77
N UNK FB 137 3.91 -33.02 87.00
CA UNK FB 137 2.82 -33.89 87.37
C UNK FB 137 3.17 -34.69 88.62
N UNK FB 138 4.41 -35.12 88.66
CA UNK FB 138 4.90 -35.96 89.74
C UNK FB 138 4.85 -35.35 91.13
N UNK FB 139 5.27 -34.10 91.26
CA UNK FB 139 5.28 -33.50 92.58
C UNK FB 139 3.88 -33.44 93.15
N UNK FB 140 2.93 -33.02 92.33
CA UNK FB 140 1.57 -32.90 92.79
C UNK FB 140 0.85 -34.19 93.19
N UNK FB 141 1.04 -35.25 92.43
CA UNK FB 141 0.31 -36.47 92.70
C UNK FB 141 0.58 -36.91 94.12
N UNK FB 142 1.83 -36.84 94.54
CA UNK FB 142 2.16 -37.22 95.88
C UNK FB 142 1.34 -36.36 96.82
N UNK FB 143 1.10 -35.14 96.38
CA UNK FB 143 0.35 -34.20 97.20
C UNK FB 143 -1.05 -34.73 97.42
N UNK FB 144 -1.65 -35.23 96.36
CA UNK FB 144 -3.01 -35.69 96.41
C UNK FB 144 -3.05 -36.82 97.38
N UNK FB 145 -2.05 -37.69 97.33
CA UNK FB 145 -2.04 -38.77 98.29
C UNK FB 145 -1.88 -38.33 99.76
N UNK FB 146 -0.77 -37.64 99.98
CA UNK FB 146 -0.38 -37.13 101.26
C UNK FB 146 -1.41 -36.13 101.66
N UNK FB 147 -1.91 -35.41 100.67
CA UNK FB 147 -2.63 -34.17 100.89
C UNK FB 147 -3.76 -34.50 101.81
N UNK FB 148 -4.32 -35.68 101.64
CA UNK FB 148 -5.25 -36.17 102.61
C UNK FB 148 -4.47 -37.05 103.57
N UNK FB 149 -4.80 -38.34 103.55
CA UNK FB 149 -4.35 -39.32 104.51
C UNK FB 149 -5.58 -39.21 105.43
N UNK FB 150 -5.69 -39.99 106.50
CA UNK FB 150 -6.89 -39.85 107.36
C UNK FB 150 -8.15 -40.04 106.54
N UNK FB 151 -8.51 -41.28 106.20
CA UNK FB 151 -9.64 -41.43 105.31
C UNK FB 151 -10.88 -40.66 105.76
N UNK FB 152 -11.07 -40.57 107.06
CA UNK FB 152 -12.21 -39.83 107.60
C UNK FB 152 -12.06 -38.33 107.42
N UNK FB 153 -13.18 -37.64 107.40
CA UNK FB 153 -13.22 -36.19 107.28
C UNK FB 153 -12.92 -35.54 108.64
N UNK FB 154 -12.61 -34.26 108.58
CA UNK FB 154 -12.59 -33.65 107.25
C UNK FB 154 -11.66 -34.53 106.52
N UNK FB 155 -12.13 -35.05 105.40
CA UNK FB 155 -11.31 -35.93 104.61
C UNK FB 155 -10.01 -35.23 104.29
N UNK FB 156 -10.12 -33.95 103.94
CA UNK FB 156 -8.99 -33.12 103.53
C UNK FB 156 -8.52 -33.85 102.29
N UNK FB 157 -9.47 -34.58 101.73
CA UNK FB 157 -9.29 -35.45 100.58
C UNK FB 157 -10.08 -34.75 99.50
N UNK FB 158 -11.31 -34.37 99.85
CA UNK FB 158 -12.13 -33.68 98.87
C UNK FB 158 -11.33 -32.44 98.54
N UNK FB 159 -10.79 -31.83 99.57
CA UNK FB 159 -9.95 -30.67 99.39
C UNK FB 159 -8.78 -31.18 98.58
N UNK FB 160 -8.34 -32.38 98.91
CA UNK FB 160 -7.24 -32.96 98.20
C UNK FB 160 -7.66 -33.07 96.75
N UNK FB 161 -8.85 -33.61 96.53
CA UNK FB 161 -9.30 -33.76 95.17
C UNK FB 161 -9.28 -32.38 94.56
N UNK FB 162 -9.63 -31.43 95.41
CA UNK FB 162 -9.66 -30.06 95.01
C UNK FB 162 -8.25 -29.69 94.59
N UNK FB 163 -7.26 -30.11 95.37
CA UNK FB 163 -5.91 -29.73 95.04
C UNK FB 163 -5.55 -30.33 93.70
N UNK FB 164 -5.91 -31.59 93.54
CA UNK FB 164 -5.61 -32.25 92.30
C UNK FB 164 -6.37 -31.50 91.24
N UNK FB 165 -7.57 -31.08 91.58
CA UNK FB 165 -8.42 -30.44 90.59
C UNK FB 165 -7.80 -29.16 90.03
N UNK FB 166 -7.27 -28.33 90.90
CA UNK FB 166 -6.61 -27.12 90.41
C UNK FB 166 -5.35 -27.50 89.65
N UNK FB 167 -4.55 -28.38 90.23
CA UNK FB 167 -3.23 -28.58 89.70
C UNK FB 167 -3.32 -29.03 88.26
N UNK FB 168 -4.24 -29.93 87.98
CA UNK FB 168 -4.37 -30.42 86.62
C UNK FB 168 -4.77 -29.32 85.66
N UNK FB 169 -5.64 -28.42 86.10
CA UNK FB 169 -6.13 -27.38 85.22
C UNK FB 169 -5.01 -26.48 84.78
N UNK FB 170 -4.18 -26.07 85.72
CA UNK FB 170 -3.03 -25.23 85.44
C UNK FB 170 -2.10 -26.04 84.56
N UNK FB 171 -2.24 -27.34 84.77
CA UNK FB 171 -1.45 -28.32 84.07
C UNK FB 171 -1.69 -28.22 82.58
N UNK FB 172 -2.93 -27.98 82.21
CA UNK FB 172 -3.31 -28.12 80.82
C UNK FB 172 -2.45 -27.19 80.01
N UNK FB 173 -2.29 -25.96 80.43
CA UNK FB 173 -1.47 -25.14 79.57
C UNK FB 173 -0.22 -25.96 79.35
N UNK FB 174 0.39 -26.27 80.46
CA UNK FB 174 1.74 -26.76 80.41
C UNK FB 174 1.78 -27.66 79.21
N UNK FB 175 0.73 -28.47 79.04
CA UNK FB 175 0.67 -29.35 77.88
C UNK FB 175 0.92 -28.51 76.64
N UNK FB 176 0.33 -27.31 76.61
CA UNK FB 176 0.51 -26.43 75.47
C UNK FB 176 1.98 -26.16 75.42
N UNK FB 177 2.52 -25.91 76.59
CA UNK FB 177 3.93 -25.68 76.70
C UNK FB 177 4.58 -26.95 76.25
N UNK FB 178 3.97 -28.07 76.62
CA UNK FB 178 4.51 -29.36 76.28
C UNK FB 178 4.61 -29.48 74.78
N UNK FB 179 3.59 -28.99 74.08
CA UNK FB 179 3.59 -29.04 72.63
C UNK FB 179 4.25 -27.78 72.08
N UNK FB 180 4.62 -26.89 72.98
CA UNK FB 180 5.20 -25.63 72.59
C UNK FB 180 6.46 -25.83 71.78
N UNK FB 181 7.32 -26.72 72.23
CA UNK FB 181 8.56 -26.97 71.52
C UNK FB 181 8.30 -27.53 70.14
N UNK FB 182 7.37 -28.47 70.04
CA UNK FB 182 7.10 -29.08 68.77
C UNK FB 182 6.64 -28.00 67.83
N UNK FB 183 5.82 -27.10 68.34
CA UNK FB 183 5.33 -26.00 67.55
C UNK FB 183 6.55 -25.21 67.15
N UNK FB 184 6.79 -25.04 65.85
CA UNK FB 184 7.96 -24.28 65.42
C UNK FB 184 9.17 -25.18 65.71
N UNK FB 185 10.08 -24.72 66.56
CA UNK FB 185 11.28 -25.46 66.96
C UNK FB 185 11.12 -26.98 66.96
N UNK FB 186 10.25 -27.57 67.81
CA UNK FB 186 10.15 -29.01 67.77
C UNK FB 186 11.53 -29.60 67.93
N UNK FB 187 12.29 -29.13 68.89
CA UNK FB 187 13.60 -29.68 69.14
C UNK FB 187 13.49 -30.47 70.44
N UNK FB 188 12.73 -29.91 71.38
CA UNK FB 188 12.50 -30.53 72.67
C UNK FB 188 13.76 -30.47 73.49
N UNK FB 189 14.69 -29.64 73.06
CA UNK FB 189 15.95 -29.51 73.78
C UNK FB 189 16.09 -28.14 74.40
N UNK FB 190 16.24 -28.11 75.72
CA UNK FB 190 16.38 -26.85 76.42
C UNK FB 190 17.63 -26.17 75.91
N UNK FB 191 18.71 -26.94 75.80
CA UNK FB 191 19.94 -26.36 75.30
C UNK FB 191 19.67 -25.95 73.87
N UNK FB 192 19.05 -26.83 73.12
CA UNK FB 192 18.72 -26.56 71.74
C UNK FB 192 17.70 -25.45 71.63
N UNK FB 193 16.71 -25.50 72.53
CA UNK FB 193 15.65 -24.51 72.53
C UNK FB 193 16.23 -23.15 72.75
N UNK FB 194 17.37 -23.06 73.39
CA UNK FB 194 17.90 -21.74 73.68
C UNK FB 194 17.82 -20.67 72.58
N UNK FB 195 18.10 -20.97 71.32
CA UNK FB 195 18.00 -19.92 70.30
C UNK FB 195 17.15 -20.28 69.09
N UNK FB 196 16.11 -19.51 68.76
CA UNK FB 196 15.62 -18.34 69.49
C UNK FB 196 14.10 -18.41 69.36
N UNK FB 197 13.31 -17.86 70.30
CA UNK FB 197 11.88 -17.99 70.15
C UNK FB 197 11.22 -17.03 69.18
N UNK FB 198 11.58 -15.77 69.24
CA UNK FB 198 10.89 -14.74 68.45
C UNK FB 198 9.39 -14.73 68.74
N UNK FB 199 9.09 -15.00 70.00
CA UNK FB 199 7.76 -15.09 70.55
C UNK FB 199 6.95 -13.80 70.57
N UNK FB 200 5.63 -13.86 70.32
CA UNK FB 200 4.92 -15.10 70.03
C UNK FB 200 5.17 -16.01 71.20
N UNK FB 201 5.20 -15.41 72.37
CA UNK FB 201 5.54 -16.14 73.58
C UNK FB 201 4.61 -17.30 73.75
N UNK FB 202 3.35 -17.07 73.36
CA UNK FB 202 2.21 -17.98 73.40
C UNK FB 202 2.53 -19.22 74.19
N UNK FB 203 3.07 -20.24 73.52
CA UNK FB 203 3.43 -21.41 74.28
C UNK FB 203 4.17 -20.89 75.52
N UNK FB 204 5.03 -19.90 75.30
CA UNK FB 204 5.79 -19.27 76.38
C UNK FB 204 4.82 -18.59 77.32
N UNK FB 205 3.83 -17.90 76.74
CA UNK FB 205 2.77 -17.25 77.51
C UNK FB 205 2.09 -18.43 78.16
N UNK FB 206 1.97 -19.50 77.37
CA UNK FB 206 1.42 -20.76 77.83
C UNK FB 206 2.10 -21.31 79.07
N UNK FB 207 3.42 -21.21 79.13
CA UNK FB 207 4.12 -21.77 80.26
C UNK FB 207 3.60 -21.11 81.49
N UNK FB 208 3.35 -19.83 81.30
CA UNK FB 208 2.91 -18.92 82.29
C UNK FB 208 1.62 -19.33 82.96
N UNK FB 209 0.69 -19.99 82.26
CA UNK FB 209 -0.55 -20.36 82.96
C UNK FB 209 -0.33 -21.35 84.12
N UNK FB 210 0.36 -22.45 83.85
CA UNK FB 210 0.62 -23.45 84.89
C UNK FB 210 1.55 -22.94 85.97
N UNK FB 211 2.59 -22.24 85.51
CA UNK FB 211 3.61 -21.67 86.37
C UNK FB 211 2.94 -20.66 87.28
N UNK FB 212 2.01 -19.90 86.74
CA UNK FB 212 1.29 -18.92 87.52
C UNK FB 212 0.51 -19.68 88.60
N UNK FB 213 -0.07 -20.81 88.20
CA UNK FB 213 -0.84 -21.64 89.12
C UNK FB 213 0.03 -22.19 90.24
N UNK FB 214 1.23 -22.62 89.89
CA UNK FB 214 2.17 -23.15 90.87
C UNK FB 214 2.56 -22.05 91.86
N UNK FB 215 2.76 -20.86 91.31
CA UNK FB 215 3.14 -19.68 92.07
C UNK FB 215 2.03 -19.32 93.05
N UNK FB 216 0.80 -19.52 92.59
CA UNK FB 216 -0.41 -19.23 93.33
C UNK FB 216 -0.75 -17.76 93.13
N UNK FB 217 -0.02 -17.11 92.24
CA UNK FB 217 -0.25 -15.72 91.92
C UNK FB 217 -1.57 -15.64 91.17
N UNK FB 218 -2.32 -14.56 91.38
CA UNK FB 218 -3.60 -14.42 90.70
C UNK FB 218 -4.53 -15.58 91.03
N UNK FB 219 -5.07 -16.20 89.99
CA UNK FB 219 -6.01 -17.31 90.14
C UNK FB 219 -5.37 -18.63 90.58
N UNK FB 220 -4.88 -18.65 91.84
CA UNK FB 220 -4.27 -19.83 92.50
C UNK FB 220 -4.70 -20.16 93.99
N UNK FB 221 -5.76 -19.53 94.47
CA UNK FB 221 -6.20 -19.70 95.87
C UNK FB 221 -6.58 -21.12 96.34
N UNK FB 222 -7.26 -21.85 95.47
CA UNK FB 222 -7.65 -23.19 95.84
C UNK FB 222 -6.40 -24.04 96.06
N UNK FB 223 -5.41 -23.88 95.18
CA UNK FB 223 -4.18 -24.63 95.26
C UNK FB 223 -3.54 -24.31 96.58
N UNK FB 224 -3.61 -23.04 96.95
CA UNK FB 224 -3.05 -22.65 98.24
C UNK FB 224 -3.69 -23.26 99.51
N UNK FB 225 -5.02 -23.36 99.59
CA UNK FB 225 -5.65 -23.88 100.85
C UNK FB 225 -5.50 -25.35 101.44
N UNK FB 226 -5.64 -26.35 100.58
CA UNK FB 226 -5.63 -27.78 100.80
C UNK FB 226 -4.27 -28.12 101.39
N UNK FB 227 -3.28 -27.32 101.04
CA UNK FB 227 -1.94 -27.53 101.58
C UNK FB 227 -2.01 -27.31 103.07
N UNK FB 228 -2.78 -26.32 103.49
CA UNK FB 228 -2.89 -26.00 104.90
C UNK FB 228 -3.45 -27.20 105.61
N UNK FB 229 -4.40 -27.84 104.97
CA UNK FB 229 -5.05 -29.01 105.56
C UNK FB 229 -4.31 -30.33 105.93
N UNK FB 230 -3.36 -30.87 105.15
CA UNK FB 230 -2.78 -32.28 105.60
C UNK FB 230 -1.86 -32.63 106.92
N UNK FB 231 -1.78 -33.86 107.56
CA UNK FB 231 -0.89 -33.81 108.70
C UNK FB 231 0.18 -32.74 108.52
N UNK FB 232 0.50 -32.05 109.60
CA UNK FB 232 1.08 -30.72 109.55
C UNK FB 232 2.45 -30.59 108.88
N UNK FB 233 3.33 -31.51 109.18
CA UNK FB 233 4.67 -31.44 108.66
C UNK FB 233 4.53 -31.45 107.16
N UNK FB 234 3.61 -32.27 106.69
CA UNK FB 234 3.39 -32.39 105.25
C UNK FB 234 3.01 -31.00 104.78
N UNK FB 235 2.28 -30.31 105.63
CA UNK FB 235 1.91 -28.96 105.34
C UNK FB 235 3.20 -28.19 105.21
N UNK FB 236 4.17 -28.54 106.04
CA UNK FB 236 5.40 -27.79 106.03
C UNK FB 236 6.06 -27.92 104.68
N UNK FB 237 6.12 -29.14 104.17
CA UNK FB 237 6.78 -29.34 102.89
C UNK FB 237 6.03 -28.56 101.83
N UNK FB 238 4.74 -28.85 101.72
CA UNK FB 238 3.97 -28.35 100.59
C UNK FB 238 3.93 -26.85 100.70
N UNK FB 239 3.69 -26.37 101.91
CA UNK FB 239 3.60 -24.96 102.14
C UNK FB 239 4.91 -24.22 101.90
N UNK FB 240 6.00 -24.79 102.40
CA UNK FB 240 7.26 -24.06 102.40
C UNK FB 240 8.15 -24.55 101.30
N UNK FB 241 7.96 -25.84 101.04
CA UNK FB 241 8.75 -26.58 100.09
C UNK FB 241 7.94 -26.95 98.89
N UNK FB 242 6.76 -27.52 99.07
CA UNK FB 242 5.95 -27.86 97.90
C UNK FB 242 5.44 -26.60 97.21
N UNK FB 243 4.89 -25.69 98.01
CA UNK FB 243 4.35 -24.43 97.48
C UNK FB 243 5.43 -23.55 96.87
N UNK FB 244 6.50 -23.30 97.61
CA UNK FB 244 7.57 -22.44 97.08
C UNK FB 244 8.44 -23.05 95.96
N UNK FB 245 8.87 -24.29 96.19
CA UNK FB 245 9.73 -25.00 95.25
C UNK FB 245 9.09 -25.23 93.87
N UNK FB 246 7.83 -25.59 93.74
CA UNK FB 246 7.46 -25.81 92.34
C UNK FB 246 7.33 -24.68 91.27
N UNK FB 247 6.56 -23.63 91.57
CA UNK FB 247 6.31 -22.59 90.56
C UNK FB 247 7.37 -21.62 90.04
N UNK FB 248 8.09 -20.95 90.93
CA UNK FB 248 9.08 -20.00 90.48
C UNK FB 248 10.16 -20.73 89.74
N UNK FB 249 10.55 -21.86 90.31
CA UNK FB 249 11.60 -22.66 89.73
C UNK FB 249 11.16 -23.14 88.36
N UNK FB 250 9.91 -23.58 88.23
CA UNK FB 250 9.50 -24.04 86.90
C UNK FB 250 9.59 -22.88 85.93
N UNK FB 251 9.03 -21.76 86.34
CA UNK FB 251 9.02 -20.55 85.52
C UNK FB 251 10.36 -19.86 85.30
N UNK FB 252 11.14 -19.79 86.37
CA UNK FB 252 12.40 -19.09 86.36
C UNK FB 252 13.31 -19.76 85.35
N UNK FB 253 13.14 -21.06 85.18
CA UNK FB 253 14.09 -21.83 84.41
C UNK FB 253 14.16 -21.28 83.01
N UNK FB 254 13.02 -20.90 82.46
CA UNK FB 254 13.02 -20.35 81.11
C UNK FB 254 13.84 -19.07 81.04
N UNK FB 255 13.78 -18.28 82.10
CA UNK FB 255 14.59 -17.07 82.24
C UNK FB 255 15.16 -16.47 80.97
N UNK FB 256 15.88 -17.28 80.21
CA UNK FB 256 16.51 -16.78 79.00
C UNK FB 256 15.48 -16.31 77.98
N UNK FB 257 14.40 -17.04 77.87
CA UNK FB 257 13.37 -16.72 76.90
C UNK FB 257 12.69 -15.44 77.34
N UNK FB 258 12.50 -15.33 78.64
CA UNK FB 258 11.63 -14.32 79.19
C UNK FB 258 12.09 -12.92 78.84
N UNK FB 259 13.39 -12.70 78.86
CA UNK FB 259 13.87 -11.33 78.84
C UNK FB 259 13.36 -10.67 77.59
N UNK FB 260 13.43 -11.36 76.47
CA UNK FB 260 12.86 -10.82 75.25
C UNK FB 260 11.35 -10.93 75.35
N UNK FB 261 10.64 -10.26 74.45
CA UNK FB 261 9.17 -10.30 74.45
C UNK FB 261 8.58 -9.84 75.76
N UNK FB 262 9.04 -8.69 76.23
CA UNK FB 262 8.79 -8.24 77.59
C UNK FB 262 7.30 -8.15 77.87
N UNK FB 263 6.52 -7.81 76.85
CA UNK FB 263 5.16 -7.36 77.09
C UNK FB 263 4.46 -8.48 77.80
N UNK FB 264 4.73 -9.70 77.39
CA UNK FB 264 4.11 -10.84 78.01
C UNK FB 264 4.51 -10.84 79.48
N UNK FB 265 5.75 -10.46 79.73
CA UNK FB 265 6.26 -10.50 81.08
C UNK FB 265 5.46 -9.50 81.89
N UNK FB 266 5.03 -8.40 81.29
CA UNK FB 266 4.24 -7.47 82.08
C UNK FB 266 2.98 -8.17 82.59
N UNK FB 267 2.40 -8.97 81.71
CA UNK FB 267 1.13 -9.57 82.00
C UNK FB 267 1.33 -10.40 83.24
N UNK FB 268 2.45 -11.10 83.27
CA UNK FB 268 2.75 -11.92 84.41
C UNK FB 268 2.83 -10.99 85.59
N UNK FB 269 3.42 -9.84 85.33
CA UNK FB 269 3.81 -8.98 86.42
C UNK FB 269 2.59 -8.64 87.21
N UNK FB 270 1.49 -8.32 86.55
CA UNK FB 270 0.30 -7.92 87.28
C UNK FB 270 -0.13 -9.11 88.13
N UNK FB 271 -0.05 -10.27 87.49
CA UNK FB 271 -0.46 -11.53 88.09
C UNK FB 271 0.04 -11.59 89.50
N UNK FB 272 1.31 -11.26 89.65
CA UNK FB 272 1.95 -11.27 90.95
C UNK FB 272 1.23 -10.26 91.82
N UNK FB 273 0.82 -9.13 91.26
CA UNK FB 273 0.16 -8.12 92.08
C UNK FB 273 -1.15 -8.53 92.77
N UNK FB 274 -2.03 -9.21 92.03
CA UNK FB 274 -3.31 -9.63 92.61
C UNK FB 274 -3.15 -10.61 93.77
N UNK FB 275 -2.27 -11.59 93.59
CA UNK FB 275 -2.05 -12.57 94.63
C UNK FB 275 -1.52 -11.88 95.88
N UNK FB 276 -0.54 -11.01 95.68
CA UNK FB 276 0.08 -10.32 96.78
C UNK FB 276 -0.97 -9.52 97.52
N UNK FB 277 -1.88 -8.89 96.77
CA UNK FB 277 -2.94 -8.11 97.39
C UNK FB 277 -3.89 -8.99 98.22
N UNK FB 278 -4.23 -10.16 97.69
CA UNK FB 278 -5.15 -11.09 98.37
C UNK FB 278 -4.68 -11.69 99.71
N UNK FB 279 -3.42 -12.06 99.78
CA UNK FB 279 -2.84 -12.71 100.93
C UNK FB 279 -3.03 -11.75 102.08
N UNK FB 280 -2.94 -10.47 101.78
CA UNK FB 280 -3.15 -9.48 102.81
C UNK FB 280 -4.55 -9.71 103.35
N UNK FB 281 -5.48 -9.94 102.45
CA UNK FB 281 -6.86 -10.01 102.87
C UNK FB 281 -7.02 -11.12 103.88
N UNK FB 282 -6.33 -12.22 103.66
CA UNK FB 282 -6.41 -13.34 104.60
C UNK FB 282 -5.61 -13.12 105.88
N UNK FB 283 -4.79 -12.06 105.93
CA UNK FB 283 -3.97 -11.86 107.12
C UNK FB 283 -4.77 -11.65 108.40
N UNK FB 284 -5.77 -10.79 108.33
CA UNK FB 284 -6.60 -10.51 109.49
C UNK FB 284 -7.49 -11.67 109.95
N UNK FB 285 -8.02 -12.39 108.97
CA UNK FB 285 -9.00 -13.46 109.17
C UNK FB 285 -8.71 -14.68 110.03
N UNK FB 286 -7.51 -15.25 109.98
CA UNK FB 286 -7.27 -16.46 110.76
C UNK FB 286 -7.54 -16.21 112.25
N UNK FB 287 -8.28 -17.12 112.86
CA UNK FB 287 -8.62 -17.02 114.28
C UNK FB 287 -8.05 -18.21 115.05
N UNK FB 288 -7.48 -19.15 114.30
CA UNK FB 288 -6.84 -20.34 114.85
C UNK FB 288 -5.44 -20.16 114.33
N UNK FB 289 -4.54 -21.14 114.48
CA UNK FB 289 -3.20 -20.90 113.97
C UNK FB 289 -2.85 -21.49 112.61
N UNK FB 290 -3.20 -22.74 112.37
CA UNK FB 290 -2.53 -23.47 111.30
C UNK FB 290 -2.77 -22.77 109.99
N UNK FB 291 -4.01 -22.44 109.74
CA UNK FB 291 -4.32 -21.74 108.51
C UNK FB 291 -3.57 -20.44 108.59
N UNK FB 292 -3.66 -19.82 109.77
CA UNK FB 292 -3.07 -18.51 110.03
C UNK FB 292 -1.72 -18.39 109.38
N UNK FB 293 -0.85 -19.36 109.62
CA UNK FB 293 0.45 -19.29 108.96
C UNK FB 293 0.37 -19.42 107.43
N UNK FB 294 -0.43 -20.36 106.98
CA UNK FB 294 -0.39 -20.77 105.58
C UNK FB 294 -0.76 -19.60 104.71
N UNK FB 295 -1.74 -18.85 105.18
CA UNK FB 295 -2.18 -17.71 104.44
C UNK FB 295 -0.98 -16.80 104.33
N UNK FB 296 -0.20 -16.73 105.40
CA UNK FB 296 0.93 -15.85 105.42
C UNK FB 296 1.91 -16.24 104.33
N UNK FB 297 2.16 -17.54 104.25
CA UNK FB 297 3.14 -18.00 103.31
C UNK FB 297 2.67 -17.60 101.93
N UNK FB 298 1.40 -17.74 101.65
CA UNK FB 298 0.99 -17.59 100.28
C UNK FB 298 1.38 -16.20 99.86
N UNK FB 299 1.17 -15.26 100.75
CA UNK FB 299 1.37 -13.88 100.39
C UNK FB 299 2.81 -13.73 99.97
N UNK FB 300 3.69 -14.38 100.71
CA UNK FB 300 5.10 -14.27 100.39
C UNK FB 300 5.32 -14.83 99.00
N UNK FB 301 4.67 -15.94 98.71
CA UNK FB 301 4.95 -16.64 97.48
C UNK FB 301 4.63 -15.69 96.37
N UNK FB 302 3.52 -14.99 96.57
CA UNK FB 302 3.04 -14.05 95.61
C UNK FB 302 4.15 -13.03 95.50
N UNK FB 303 4.71 -12.68 96.64
CA UNK FB 303 5.80 -11.73 96.67
C UNK FB 303 6.90 -12.35 95.84
N UNK FB 304 7.01 -13.66 95.96
CA UNK FB 304 7.99 -14.36 95.18
C UNK FB 304 7.64 -14.12 93.73
N UNK FB 305 6.35 -14.16 93.43
CA UNK FB 305 5.95 -14.08 92.05
C UNK FB 305 6.41 -12.77 91.47
N UNK FB 306 6.11 -11.68 92.16
CA UNK FB 306 6.19 -10.36 91.54
C UNK FB 306 7.59 -10.05 91.05
N UNK FB 307 8.58 -10.43 91.84
CA UNK FB 307 9.96 -10.24 91.46
C UNK FB 307 10.17 -11.03 90.19
N UNK FB 308 9.37 -12.07 90.04
CA UNK FB 308 9.51 -12.92 88.89
C UNK FB 308 9.34 -12.03 87.70
N UNK FB 309 8.41 -11.09 87.84
CA UNK FB 309 8.24 -10.06 86.84
C UNK FB 309 9.55 -9.31 86.82
N UNK FB 310 10.17 -9.16 87.97
CA UNK FB 310 11.34 -8.34 88.05
C UNK FB 310 12.42 -8.86 87.13
N UNK FB 311 12.75 -10.14 87.12
CA UNK FB 311 13.80 -10.54 86.17
C UNK FB 311 15.25 -10.87 86.63
N UNK FB 312 15.52 -10.93 87.93
CA UNK FB 312 16.88 -11.29 88.38
C UNK FB 312 16.86 -12.77 88.72
N UNK FB 313 17.38 -13.58 87.81
CA UNK FB 313 17.38 -15.02 87.95
C UNK FB 313 18.10 -15.48 89.21
N UNK FB 314 19.24 -14.85 89.39
CA UNK FB 314 19.84 -14.85 90.68
C UNK FB 314 18.77 -14.20 91.55
N UNK FB 315 18.07 -13.20 91.03
CA UNK FB 315 17.12 -12.50 91.86
C UNK FB 315 16.08 -13.50 92.33
N UNK FB 316 15.59 -14.29 91.41
CA UNK FB 316 14.54 -15.22 91.75
C UNK FB 316 14.97 -16.25 92.78
N UNK FB 317 16.15 -16.81 92.60
CA UNK FB 317 16.62 -17.84 93.50
C UNK FB 317 16.76 -17.23 94.88
N UNK FB 318 17.28 -16.01 94.93
CA UNK FB 318 17.52 -15.35 96.20
C UNK FB 318 16.20 -15.16 96.93
N UNK FB 319 15.18 -14.67 96.25
CA UNK FB 319 13.91 -14.51 96.94
C UNK FB 319 13.38 -15.86 97.36
N UNK FB 320 13.42 -16.78 96.41
CA UNK FB 320 12.95 -18.12 96.67
C UNK FB 320 13.81 -18.74 97.74
N UNK FB 321 15.11 -18.54 97.64
CA UNK FB 321 16.01 -19.26 98.51
C UNK FB 321 15.72 -18.88 99.94
N UNK FB 322 15.54 -17.59 100.18
CA UNK FB 322 15.18 -17.17 101.50
C UNK FB 322 13.80 -17.58 101.98
N UNK FB 323 12.81 -17.43 101.13
CA UNK FB 323 11.42 -17.53 101.56
C UNK FB 323 11.15 -18.88 102.16
N UNK FB 324 11.71 -19.92 101.57
CA UNK FB 324 11.47 -21.25 102.06
C UNK FB 324 11.99 -21.35 103.48
N UNK FB 325 13.15 -20.77 103.75
CA UNK FB 325 13.73 -20.94 105.07
C UNK FB 325 12.78 -20.34 106.10
N UNK FB 326 12.37 -19.09 105.95
CA UNK FB 326 11.66 -18.52 107.09
C UNK FB 326 10.37 -19.24 107.38
N UNK FB 327 9.58 -19.43 106.32
CA UNK FB 327 8.27 -19.99 106.48
C UNK FB 327 8.44 -21.40 106.98
N UNK FB 328 9.42 -22.08 106.44
CA UNK FB 328 9.59 -23.47 106.77
C UNK FB 328 9.87 -23.57 108.25
N UNK FB 329 10.75 -22.71 108.74
CA UNK FB 329 11.11 -22.80 110.13
C UNK FB 329 9.90 -22.55 111.01
N UNK FB 330 9.18 -21.48 110.77
CA UNK FB 330 8.14 -21.11 111.71
C UNK FB 330 7.12 -22.23 111.75
N UNK FB 331 6.73 -22.67 110.56
CA UNK FB 331 5.75 -23.74 110.40
C UNK FB 331 6.12 -24.86 111.34
N UNK FB 332 7.40 -25.17 111.41
CA UNK FB 332 7.83 -26.22 112.28
C UNK FB 332 7.48 -25.83 113.71
N UNK FB 333 7.70 -24.56 114.02
CA UNK FB 333 7.43 -24.06 115.36
C UNK FB 333 5.96 -24.11 115.79
N UNK FB 334 5.07 -23.80 114.85
CA UNK FB 334 3.65 -23.75 115.15
C UNK FB 334 3.14 -25.10 115.63
N UNK FB 335 3.61 -26.10 114.89
CA UNK FB 335 3.33 -27.51 115.10
C UNK FB 335 3.91 -27.88 116.44
N UNK FB 336 5.06 -27.34 116.79
CA UNK FB 336 5.64 -27.63 118.09
C UNK FB 336 4.67 -27.04 119.12
N UNK FB 337 4.21 -25.82 118.83
CA UNK FB 337 3.28 -25.11 119.69
C UNK FB 337 1.92 -25.80 119.79
N UNK FB 338 1.43 -26.28 118.64
CA UNK FB 338 0.16 -26.98 118.59
C UNK FB 338 0.33 -28.23 119.43
N UNK FB 339 1.50 -28.82 119.29
CA UNK FB 339 1.87 -30.01 120.02
C UNK FB 339 1.82 -29.60 121.46
N UNK FB 340 2.31 -28.40 121.75
CA UNK FB 340 2.20 -27.97 123.14
C UNK FB 340 0.80 -27.54 123.54
N UNK FB 341 -0.17 -28.02 122.75
CA UNK FB 341 -1.58 -27.77 122.96
C UNK FB 341 -2.43 -29.04 123.04
N UNK FB 342 -1.86 -30.19 122.66
CA UNK FB 342 -2.58 -31.48 122.70
C UNK FB 342 -3.95 -31.59 122.00
N UNK FB 343 -4.03 -31.13 120.75
CA UNK FB 343 -5.27 -31.11 119.97
C UNK FB 343 -6.15 -29.85 119.93
N UNK FB 344 -5.58 -28.65 119.93
CA UNK FB 344 -6.41 -27.45 119.94
C UNK FB 344 -6.36 -26.61 118.66
N UNK FB 345 -5.19 -26.08 118.35
CA UNK FB 345 -5.02 -25.29 117.14
C UNK FB 345 -5.95 -24.07 116.95
N UNK FB 346 -6.13 -23.24 117.96
CA UNK FB 346 -6.87 -22.01 117.73
C UNK FB 346 -6.11 -20.78 118.18
N UNK FB 347 -6.18 -19.70 117.41
CA UNK FB 347 -5.51 -18.48 117.82
C UNK FB 347 -6.24 -18.10 119.10
N UNK FB 348 -7.57 -18.32 119.12
CA UNK FB 348 -8.34 -17.99 120.30
C UNK FB 348 -7.79 -18.77 121.47
N UNK FB 349 -7.45 -20.04 121.25
CA UNK FB 349 -6.87 -20.83 122.31
C UNK FB 349 -5.42 -21.13 121.99
N UNK FB 350 2.07 -19.40 126.52
CA UNK FB 350 2.56 -18.11 126.08
C UNK FB 350 4.09 -18.09 126.08
N UNK FB 351 4.67 -17.56 127.16
CA UNK FB 351 6.11 -17.42 127.27
C UNK FB 351 6.80 -18.76 127.54
N UNK FB 352 6.01 -19.78 127.85
CA UNK FB 352 6.55 -21.05 128.32
C UNK FB 352 7.48 -21.80 127.37
N UNK FB 353 7.07 -21.96 126.12
CA UNK FB 353 7.75 -22.92 125.26
C UNK FB 353 8.95 -22.26 124.68
N UNK FB 354 9.93 -22.03 125.54
CA UNK FB 354 10.83 -20.92 125.41
C UNK FB 354 11.53 -21.00 124.08
N UNK FB 355 11.91 -22.19 123.66
CA UNK FB 355 12.56 -22.31 122.37
C UNK FB 355 11.57 -21.84 121.32
N UNK FB 356 10.31 -22.26 121.47
CA UNK FB 356 9.33 -21.91 120.48
C UNK FB 356 9.15 -20.42 120.46
N UNK FB 357 9.10 -19.86 121.65
CA UNK FB 357 8.76 -18.47 121.85
C UNK FB 357 9.83 -17.71 121.13
N UNK FB 358 11.06 -18.11 121.39
CA UNK FB 358 12.19 -17.55 120.69
C UNK FB 358 11.97 -17.94 119.25
N UNK FB 359 11.54 -19.18 119.07
CA UNK FB 359 11.49 -19.72 117.73
C UNK FB 359 10.56 -18.86 116.94
N UNK FB 360 9.42 -18.55 117.54
CA UNK FB 360 8.46 -17.72 116.86
C UNK FB 360 9.13 -16.39 116.64
N UNK FB 361 9.91 -15.99 117.63
CA UNK FB 361 10.43 -14.64 117.66
C UNK FB 361 11.24 -14.42 116.41
N UNK FB 362 12.00 -15.44 116.04
CA UNK FB 362 12.91 -15.29 114.93
C UNK FB 362 12.13 -15.00 113.67
N UNK FB 363 11.05 -15.71 113.52
CA UNK FB 363 10.27 -15.51 112.36
C UNK FB 363 10.15 -14.03 112.31
N UNK FB 364 9.38 -13.56 113.26
CA UNK FB 364 8.83 -12.22 113.21
C UNK FB 364 9.93 -11.34 112.68
N UNK FB 365 11.15 -11.66 113.05
CA UNK FB 365 12.28 -11.02 112.40
C UNK FB 365 12.19 -11.39 110.93
N UNK FB 366 11.85 -12.65 110.67
CA UNK FB 366 11.92 -13.16 109.31
C UNK FB 366 10.98 -12.43 108.36
N UNK FB 367 9.74 -12.22 108.79
CA UNK FB 367 8.81 -11.48 107.97
C UNK FB 367 9.38 -10.08 107.86
N UNK FB 368 10.03 -9.66 108.93
CA UNK FB 368 10.70 -8.37 108.96
C UNK FB 368 11.97 -8.46 108.12
N UNK FB 369 12.61 -7.33 107.88
CA UNK FB 369 13.84 -7.31 107.10
C UNK FB 369 15.01 -6.57 107.76
N UNK FB 370 16.14 -7.26 107.90
CA UNK FB 370 17.34 -6.66 108.46
C UNK FB 370 18.39 -7.00 107.45
N UNK FB 371 19.40 -6.17 107.30
CA UNK FB 371 20.42 -6.47 106.30
C UNK FB 371 21.05 -7.80 106.67
N UNK FB 372 21.40 -7.95 107.94
CA UNK FB 372 22.02 -9.16 108.47
C UNK FB 372 21.17 -10.44 108.41
N UNK FB 373 19.88 -10.29 108.69
CA UNK FB 373 18.92 -11.41 108.76
C UNK FB 373 18.68 -12.30 107.52
N UNK FB 374 18.67 -11.67 106.35
CA UNK FB 374 18.45 -12.33 105.03
C UNK FB 374 17.00 -12.20 104.52
N UNK FB 375 16.07 -11.83 105.39
CA UNK FB 375 14.72 -11.57 104.98
C UNK FB 375 14.76 -10.17 104.39
N UNK FB 376 15.70 -9.35 104.87
CA UNK FB 376 15.89 -8.04 104.29
C UNK FB 376 16.68 -8.22 102.99
N UNK FB 377 17.32 -9.38 102.83
CA UNK FB 377 18.07 -9.64 101.63
C UNK FB 377 17.05 -9.90 100.52
N UNK FB 378 15.88 -10.41 100.89
CA UNK FB 378 14.88 -10.66 99.86
C UNK FB 378 13.99 -9.46 99.60
N UNK FB 379 13.45 -8.87 100.66
CA UNK FB 379 12.49 -7.79 100.49
C UNK FB 379 13.13 -6.56 99.89
N UNK FB 380 14.33 -6.25 100.38
CA UNK FB 380 15.08 -5.09 99.93
C UNK FB 380 15.51 -5.21 98.47
N UNK FB 381 15.96 -6.40 98.11
CA UNK FB 381 16.38 -6.62 96.74
C UNK FB 381 15.13 -6.42 95.91
N UNK FB 382 14.02 -6.91 96.44
CA UNK FB 382 12.76 -6.86 95.74
C UNK FB 382 12.35 -5.42 95.48
N UNK FB 383 12.33 -4.69 96.58
CA UNK FB 383 11.89 -3.33 96.61
C UNK FB 383 12.86 -2.58 95.76
N UNK FB 384 14.13 -2.98 95.84
CA UNK FB 384 15.17 -2.25 95.16
C UNK FB 384 14.80 -2.25 93.70
N UNK FB 385 14.32 -3.39 93.24
CA UNK FB 385 13.87 -3.50 91.87
C UNK FB 385 12.70 -2.54 91.71
N UNK FB 386 11.87 -2.44 92.73
CA UNK FB 386 10.65 -1.68 92.59
C UNK FB 386 11.05 -0.27 92.23
N UNK FB 387 12.06 0.22 92.93
CA UNK FB 387 12.68 1.45 92.56
C UNK FB 387 13.35 1.30 91.22
N UNK FB 388 -0.69 -1.40 89.75
CA UNK FB 388 0.63 -1.07 89.23
C UNK FB 388 1.69 -1.18 90.31
N UNK FB 389 2.77 -0.41 90.17
CA UNK FB 389 3.85 -0.41 91.14
C UNK FB 389 3.37 0.07 92.51
N UNK FB 390 2.53 1.11 92.49
CA UNK FB 390 2.01 1.67 93.73
C UNK FB 390 1.16 0.64 94.49
N UNK FB 391 0.36 -0.11 93.75
CA UNK FB 391 -0.50 -1.13 94.34
C UNK FB 391 0.32 -2.25 94.97
N UNK FB 392 1.49 -2.52 94.39
CA UNK FB 392 2.37 -3.56 94.89
C UNK FB 392 2.92 -3.32 96.30
N UNK FB 393 3.31 -2.10 96.60
CA UNK FB 393 3.88 -1.80 97.90
C UNK FB 393 2.98 -1.95 99.15
N UNK FB 394 1.73 -1.53 99.03
CA UNK FB 394 0.79 -1.51 100.11
C UNK FB 394 0.78 -2.89 100.69
N UNK FB 395 0.91 -3.88 99.81
CA UNK FB 395 0.96 -5.26 100.25
C UNK FB 395 2.15 -5.51 101.15
N UNK FB 396 3.28 -4.92 100.81
CA UNK FB 396 4.47 -5.17 101.59
C UNK FB 396 4.17 -4.68 102.98
N UNK FB 397 3.68 -3.45 103.09
CA UNK FB 397 3.39 -2.92 104.41
C UNK FB 397 2.37 -3.79 105.16
N UNK FB 398 1.36 -4.25 104.42
CA UNK FB 398 0.25 -4.98 104.99
C UNK FB 398 0.77 -6.24 105.63
N UNK FB 399 1.77 -6.85 105.00
CA UNK FB 399 2.23 -8.17 105.38
C UNK FB 399 2.75 -8.17 106.81
N UNK FB 400 3.46 -7.12 107.17
CA UNK FB 400 4.03 -7.05 108.50
C UNK FB 400 2.87 -7.13 109.45
N UNK FB 401 1.78 -6.49 109.05
CA UNK FB 401 0.56 -6.53 109.81
C UNK FB 401 0.18 -7.99 109.87
N UNK FB 402 0.48 -8.70 108.79
CA UNK FB 402 0.27 -10.14 108.77
C UNK FB 402 1.19 -10.64 109.83
N UNK FB 403 2.43 -10.16 109.90
CA UNK FB 403 3.26 -10.62 111.00
C UNK FB 403 2.64 -10.18 112.33
N UNK FB 404 2.17 -8.95 112.34
CA UNK FB 404 1.70 -8.31 113.55
C UNK FB 404 0.50 -9.00 114.18
N UNK FB 405 -0.48 -9.37 113.35
CA UNK FB 405 -1.68 -9.98 113.90
C UNK FB 405 -1.34 -11.29 114.58
N UNK FB 406 -0.50 -12.08 113.92
CA UNK FB 406 -0.16 -13.37 114.46
C UNK FB 406 0.55 -13.13 115.77
N UNK FB 407 1.46 -12.17 115.78
CA UNK FB 407 2.24 -11.96 116.99
C UNK FB 407 1.34 -11.58 118.15
N UNK FB 408 0.37 -10.71 117.90
CA UNK FB 408 -0.54 -10.28 118.95
C UNK FB 408 -1.44 -11.40 119.47
N UNK FB 409 -1.98 -12.20 118.57
CA UNK FB 409 -2.95 -13.21 118.95
C UNK FB 409 -2.36 -14.28 119.86
N UNK FB 410 -1.11 -14.59 119.54
CA UNK FB 410 -0.42 -15.84 119.75
C UNK FB 410 0.45 -15.89 121.01
N UNK FB 411 1.22 -14.82 121.22
CA UNK FB 411 2.18 -14.86 122.30
C UNK FB 411 2.01 -13.77 123.36
N UNK FB 412 2.08 -14.21 124.62
CA UNK FB 412 2.04 -13.33 125.78
C UNK FB 412 0.67 -13.00 126.34
N UNK FB 413 0.65 -12.68 127.62
CA UNK FB 413 -0.56 -12.25 128.31
C UNK FB 413 -1.66 -13.27 128.56
N UNK FB 414 -2.17 -13.88 127.50
CA UNK FB 414 -3.28 -14.80 127.69
C UNK FB 414 -2.85 -16.07 128.36
N UNK FB 415 -3.80 -16.72 128.99
CA UNK FB 415 -3.64 -18.08 129.44
C UNK FB 415 -4.87 -18.88 129.06
N UNK FB 416 -4.99 -19.26 127.79
CA UNK FB 416 -6.14 -20.07 127.39
C UNK FB 416 -5.70 -21.52 127.23
N UNK FB 417 -6.28 -22.39 128.04
CA UNK FB 417 -6.19 -23.82 127.84
C UNK FB 417 -7.26 -24.47 128.68
N UNK FB 418 -7.60 -25.71 128.37
CA UNK FB 418 -8.23 -26.59 129.34
C UNK FB 418 -7.05 -27.05 130.17
N UNK FB 419 -7.25 -27.69 131.31
CA UNK FB 419 -6.10 -28.02 132.16
C UNK FB 419 -5.13 -28.83 131.33
N UNK FB 420 -3.88 -28.39 131.27
CA UNK FB 420 -2.93 -28.94 130.31
C UNK FB 420 -1.57 -29.26 130.88
N UNK FB 421 -1.08 -30.45 130.58
CA UNK FB 421 0.24 -30.89 131.03
C UNK FB 421 1.31 -30.99 129.93
N UNK FB 422 1.07 -30.42 128.75
CA UNK FB 422 2.06 -30.57 127.67
C UNK FB 422 3.39 -29.85 127.87
N UNK FB 423 4.50 -30.52 127.57
CA UNK FB 423 5.81 -29.92 127.76
C UNK FB 423 6.91 -30.47 126.86
N UNK FB 424 7.98 -29.70 126.71
CA UNK FB 424 9.08 -30.00 125.79
C UNK FB 424 9.96 -31.20 126.13
N UNK FB 425 10.40 -31.90 125.10
CA UNK FB 425 11.24 -33.09 125.22
C UNK FB 425 12.54 -32.94 124.43
N UNK FB 426 13.16 -34.06 124.11
CA UNK FB 426 14.40 -34.09 123.33
C UNK FB 426 14.32 -33.55 121.90
N UNK FB 427 13.14 -33.68 121.31
CA UNK FB 427 12.86 -33.19 119.97
C UNK FB 427 13.02 -31.67 119.95
N UNK FB 428 12.91 -31.07 121.13
CA UNK FB 428 13.09 -29.62 121.29
C UNK FB 428 14.49 -29.23 120.82
N UNK FB 429 15.42 -30.18 120.85
CA UNK FB 429 16.73 -29.92 120.24
C UNK FB 429 16.55 -29.62 118.75
N UNK FB 430 15.61 -30.34 118.13
CA UNK FB 430 15.26 -30.14 116.73
C UNK FB 430 14.75 -28.71 116.55
N UNK FB 431 14.05 -28.22 117.57
CA UNK FB 431 13.62 -26.84 117.60
C UNK FB 431 14.84 -25.93 117.57
N UNK FB 432 15.92 -26.35 118.21
CA UNK FB 432 17.21 -25.69 118.04
C UNK FB 432 17.66 -25.83 116.59
N UNK FB 433 17.23 -27.22 116.03
CA UNK FB 433 17.80 -27.37 114.69
C UNK FB 433 17.30 -26.32 113.72
N UNK FB 434 16.01 -25.97 113.82
CA UNK FB 434 15.46 -24.94 112.96
C UNK FB 434 16.14 -23.59 113.21
N UNK FB 435 16.38 -23.30 114.49
CA UNK FB 435 17.09 -22.07 114.87
C UNK FB 435 18.50 -22.08 114.31
N UNK FB 436 19.15 -23.25 114.38
CA UNK FB 436 20.49 -23.39 113.85
C UNK FB 436 20.49 -23.11 112.34
N UNK FB 437 19.46 -23.62 111.68
CA UNK FB 437 19.28 -23.42 110.24
C UNK FB 437 19.10 -21.96 109.91
N UNK FB 438 18.33 -21.24 110.73
CA UNK FB 438 18.14 -19.82 110.54
C UNK FB 438 19.46 -19.07 110.68
N UNK FB 439 20.26 -19.51 111.66
CA UNK FB 439 21.57 -18.92 111.86
C UNK FB 439 22.45 -19.14 110.64
N UNK FB 440 22.37 -20.34 110.06
CA UNK FB 440 23.14 -20.69 108.87
C UNK FB 440 22.70 -19.80 107.70
N UNK FB 441 21.39 -19.52 107.67
CA UNK FB 441 20.69 -19.06 106.50
C UNK FB 441 21.20 -17.75 105.92
N UNK FB 442 21.55 -16.80 106.79
CA UNK FB 442 22.09 -15.54 106.29
C UNK FB 442 23.37 -15.85 105.53
N UNK FB 443 24.16 -16.76 106.11
CA UNK FB 443 25.40 -17.19 105.47
C UNK FB 443 25.11 -17.88 104.14
N UNK FB 444 24.05 -18.67 104.10
CA UNK FB 444 23.68 -19.37 102.88
C UNK FB 444 23.34 -18.37 101.79
N UNK FB 445 22.62 -17.31 102.15
CA UNK FB 445 22.34 -16.23 101.23
C UNK FB 445 23.69 -15.61 100.88
N UNK FB 446 24.53 -15.50 101.89
CA UNK FB 446 25.88 -14.97 101.74
C UNK FB 446 26.72 -15.83 100.82
N UNK FB 447 26.65 -17.15 101.03
CA UNK FB 447 27.40 -18.10 100.21
C UNK FB 447 26.88 -18.05 98.78
N UNK FB 448 25.56 -17.99 98.66
CA UNK FB 448 24.92 -17.93 97.37
C UNK FB 448 25.36 -16.66 96.68
N UNK FB 449 25.41 -15.56 97.44
CA UNK FB 449 25.79 -14.27 96.87
C UNK FB 449 27.22 -14.34 96.36
N UNK FB 450 28.09 -14.98 97.14
CA UNK FB 450 29.49 -15.10 96.77
C UNK FB 450 29.63 -15.92 95.50
N UNK FB 451 28.88 -17.00 95.37
CA UNK FB 451 28.95 -17.79 94.16
C UNK FB 451 28.46 -16.96 92.98
N UNK FB 452 27.37 -16.25 93.24
CA UNK FB 452 26.73 -15.38 92.27
C UNK FB 452 27.58 -14.18 91.86
N UNK FB 453 28.27 -13.56 92.82
CA UNK FB 453 28.98 -12.33 92.48
C UNK FB 453 28.71 -11.95 91.02
N UNK FB 454 28.71 -12.94 90.14
CA UNK FB 454 28.40 -12.72 88.73
C UNK FB 454 26.97 -12.24 88.58
N UNK FB 455 26.08 -12.82 89.38
CA UNK FB 455 24.68 -12.40 89.37
C UNK FB 455 24.56 -10.93 89.79
N UNK FB 456 25.34 -10.53 90.79
CA UNK FB 456 25.39 -9.16 91.25
C UNK FB 456 25.92 -8.22 90.17
N UNK FB 457 26.91 -8.68 89.43
CA UNK FB 457 27.49 -7.93 88.33
C UNK FB 457 26.41 -7.68 87.29
N UNK FB 458 25.60 -8.83 87.13
CA UNK FB 458 24.53 -8.83 86.12
C UNK FB 458 23.31 -8.12 86.70
N UNK FB 459 23.54 -7.46 87.83
CA UNK FB 459 22.53 -7.13 88.83
C UNK FB 459 23.10 -6.11 89.81
N UNK FB 460 24.36 -6.31 90.17
CA UNK FB 460 25.06 -5.40 91.06
C UNK FB 460 25.20 -4.02 90.42
N UNK FB 461 25.49 -4.00 89.13
CA UNK FB 461 25.59 -2.75 88.39
C UNK FB 461 24.25 -2.03 88.39
N UNK FB 462 23.18 -2.80 88.22
CA UNK FB 462 21.83 -2.23 88.25
C UNK FB 462 21.54 -1.63 89.61
N UNK FB 463 21.97 -2.32 90.66
CA UNK FB 463 21.79 -1.85 92.03
C UNK FB 463 22.55 -0.54 92.23
N UNK FB 464 23.75 -0.48 91.68
CA UNK FB 464 24.58 0.73 91.77
C UNK FB 464 23.89 1.89 91.07
N UNK FB 465 23.28 1.60 89.94
CA UNK FB 465 22.52 2.61 89.20
C UNK FB 465 21.35 3.09 90.04
N UNK FB 466 20.70 2.17 90.74
CA UNK FB 466 19.55 2.50 91.59
C UNK FB 466 20.03 3.26 92.83
N UNK FB 467 20.18 7.10 93.04
CA UNK FB 467 19.34 6.04 93.58
C UNK FB 467 18.77 6.48 94.91
N UNK FB 468 19.37 7.51 95.48
CA UNK FB 468 19.25 7.78 96.91
C UNK FB 468 17.87 8.10 97.44
N UNK FB 469 17.11 9.03 96.91
CA UNK FB 469 15.92 9.29 97.69
C UNK FB 469 15.08 8.01 97.77
N UNK FB 470 14.91 7.38 96.61
CA UNK FB 470 13.97 6.29 96.47
C UNK FB 470 14.31 5.01 97.24
N UNK FB 471 15.57 4.60 97.19
CA UNK FB 471 15.94 3.33 97.82
C UNK FB 471 15.79 3.39 99.32
N UNK FB 472 16.37 4.39 99.95
CA UNK FB 472 16.37 4.36 101.39
C UNK FB 472 14.95 4.41 101.85
N UNK FB 473 14.18 5.26 101.20
CA UNK FB 473 12.83 5.51 101.64
C UNK FB 473 12.07 4.22 101.57
N UNK FB 474 12.27 3.48 100.49
CA UNK FB 474 11.50 2.27 100.30
C UNK FB 474 11.77 1.25 101.41
N UNK FB 475 13.04 1.04 101.73
CA UNK FB 475 13.36 0.06 102.75
C UNK FB 475 12.75 0.53 104.06
N UNK FB 476 13.01 1.78 104.40
CA UNK FB 476 12.60 2.26 105.71
C UNK FB 476 11.09 2.18 105.81
N UNK FB 477 10.41 2.51 104.70
CA UNK FB 477 8.95 2.48 104.65
C UNK FB 477 8.33 1.32 105.41
N UNK FB 478 8.88 0.13 105.18
CA UNK FB 478 8.42 -1.09 105.84
C UNK FB 478 8.66 -1.03 107.35
N UNK FB 479 9.82 -0.51 107.73
CA UNK FB 479 10.17 -0.39 109.15
C UNK FB 479 9.17 0.52 109.83
N UNK FB 480 8.81 1.60 109.15
CA UNK FB 480 7.84 2.55 109.67
C UNK FB 480 6.51 1.82 109.83
N UNK FB 481 6.24 0.95 108.86
CA UNK FB 481 5.01 0.14 108.79
C UNK FB 481 4.82 -0.78 109.98
N UNK FB 482 5.93 -1.33 110.47
CA UNK FB 482 5.86 -2.25 111.61
C UNK FB 482 5.24 -1.51 112.80
N UNK FB 483 5.60 -0.25 112.97
CA UNK FB 483 5.04 0.54 114.06
C UNK FB 483 3.53 0.67 113.89
N UNK FB 484 3.09 0.89 112.64
CA UNK FB 484 1.67 1.01 112.35
C UNK FB 484 0.99 -0.32 112.65
N UNK FB 485 1.67 -1.40 112.28
CA UNK FB 485 1.19 -2.75 112.51
C UNK FB 485 1.27 -2.93 114.00
N UNK FB 486 2.36 -2.42 114.58
CA UNK FB 486 2.55 -2.51 116.01
C UNK FB 486 1.52 -1.61 116.69
N UNK FB 487 1.28 -0.45 116.11
CA UNK FB 487 0.29 0.49 116.61
C UNK FB 487 -1.11 -0.12 116.56
N UNK FB 488 -1.39 -0.85 115.49
CA UNK FB 488 -2.66 -1.57 115.34
C UNK FB 488 -2.80 -2.64 116.41
N UNK FB 489 -1.69 -3.31 116.71
CA UNK FB 489 -1.68 -4.32 117.76
C UNK FB 489 -2.00 -3.68 119.10
N UNK FB 490 -1.44 -2.48 119.32
CA UNK FB 490 -1.71 -1.73 120.55
C UNK FB 490 -3.18 -1.36 120.61
N UNK FB 491 -3.73 -0.99 119.45
CA UNK FB 491 -5.13 -0.61 119.32
C UNK FB 491 -6.02 -1.77 119.69
N UNK FB 492 -5.62 -2.98 119.33
CA UNK FB 492 -6.40 -4.15 119.68
C UNK FB 492 -6.52 -4.23 121.19
N UNK FB 493 -5.43 -3.94 121.87
CA UNK FB 493 -5.40 -3.80 123.32
C UNK FB 493 -6.78 -3.44 123.87
N UNK GB 1 1.32 -72.28 62.40
CA UNK GB 1 1.75 -71.17 63.23
C UNK GB 1 1.37 -71.40 64.68
N UNK GB 2 1.57 -70.40 65.52
CA UNK GB 2 1.23 -70.53 66.93
C UNK GB 2 -0.26 -70.80 66.96
N UNK GB 3 -0.97 -70.14 66.05
CA UNK GB 3 -2.40 -70.30 65.95
C UNK GB 3 -2.66 -71.75 65.63
N UNK GB 4 -1.80 -72.31 64.80
CA UNK GB 4 -1.97 -73.68 64.42
C UNK GB 4 -1.91 -74.51 65.69
N UNK GB 5 -1.03 -74.12 66.59
CA UNK GB 5 -0.90 -74.84 67.84
C UNK GB 5 -2.03 -74.53 68.81
N UNK GB 6 -2.52 -73.29 68.81
CA UNK GB 6 -3.56 -72.93 69.74
C UNK GB 6 -4.68 -73.93 69.66
N UNK GB 7 -4.97 -74.35 68.45
CA UNK GB 7 -6.20 -75.08 68.19
C UNK GB 7 -6.20 -76.31 69.05
N UNK GB 8 -5.03 -76.90 69.17
CA UNK GB 8 -4.90 -78.16 69.89
C UNK GB 8 -5.35 -77.90 71.31
N UNK GB 9 -5.30 -76.65 71.73
CA UNK GB 9 -5.64 -76.33 73.10
C UNK GB 9 -7.05 -76.81 73.32
N UNK GB 10 -7.91 -76.69 72.31
CA UNK GB 10 -9.31 -77.04 72.51
C UNK GB 10 -9.45 -78.51 72.89
N UNK GB 11 -8.73 -79.38 72.23
CA UNK GB 11 -8.93 -80.77 72.56
C UNK GB 11 -8.54 -80.96 74.01
N UNK GB 12 -7.44 -80.32 74.38
CA UNK GB 12 -6.85 -80.58 75.68
C UNK GB 12 -7.79 -80.20 76.80
N UNK GB 13 -8.37 -79.04 76.73
CA UNK GB 13 -9.23 -78.71 77.81
C UNK GB 13 -10.28 -79.78 77.87
N UNK GB 14 -10.89 -80.07 76.74
CA UNK GB 14 -11.98 -81.00 76.73
C UNK GB 14 -11.61 -82.35 77.31
N UNK GB 15 -10.47 -82.85 76.85
CA UNK GB 15 -10.05 -84.24 77.03
C UNK GB 15 -9.77 -84.70 78.45
N UNK GB 16 -9.23 -83.85 79.31
CA UNK GB 16 -8.67 -84.36 80.57
C UNK GB 16 -9.65 -85.07 81.50
N UNK GB 17 -10.83 -84.49 81.68
CA UNK GB 17 -11.92 -85.11 82.46
C UNK GB 17 -11.64 -85.21 83.96
N UNK GB 18 -10.58 -85.94 84.29
CA UNK GB 18 -10.10 -86.02 85.65
C UNK GB 18 -9.11 -84.87 85.67
N UNK GB 19 -8.47 -84.63 86.82
CA UNK GB 19 -7.46 -83.55 86.94
C UNK GB 19 -8.17 -82.23 87.12
N UNK GB 20 -9.47 -82.35 87.24
CA UNK GB 20 -10.37 -81.24 87.43
C UNK GB 20 -9.54 -80.16 88.10
N UNK GB 21 -9.57 -78.99 87.49
CA UNK GB 21 -10.36 -78.81 86.27
C UNK GB 21 -9.94 -77.54 85.57
N UNK GB 22 -9.98 -77.52 84.25
CA UNK GB 22 -9.74 -76.29 83.56
C UNK GB 22 -8.29 -75.92 83.77
N UNK GB 23 -7.92 -75.78 85.03
CA UNK GB 23 -6.71 -75.05 85.34
C UNK GB 23 -5.51 -75.68 84.68
N UNK GB 24 -5.41 -76.99 84.72
CA UNK GB 24 -4.25 -77.62 84.16
C UNK GB 24 -4.24 -77.13 82.72
N UNK GB 25 -5.41 -77.06 82.15
CA UNK GB 25 -5.43 -76.40 80.91
C UNK GB 25 -4.74 -75.09 81.26
N UNK GB 26 -5.46 -74.33 82.04
CA UNK GB 26 -5.18 -72.91 82.15
C UNK GB 26 -3.71 -72.60 82.20
N UNK GB 27 -2.99 -73.29 83.06
CA UNK GB 27 -1.56 -73.07 83.15
C UNK GB 27 -0.96 -73.45 81.82
N UNK GB 28 -1.42 -74.53 81.20
CA UNK GB 28 -0.77 -74.94 79.97
C UNK GB 28 -0.85 -73.84 78.92
N UNK GB 29 -2.02 -73.24 78.81
CA UNK GB 29 -2.25 -72.23 77.79
C UNK GB 29 -1.30 -71.09 78.00
N UNK GB 30 -1.04 -70.78 79.26
CA UNK GB 30 -0.07 -69.77 79.43
C UNK GB 30 0.99 -70.42 78.61
N UNK GB 31 1.45 -71.54 79.12
CA UNK GB 31 2.71 -72.09 78.67
C UNK GB 31 2.90 -71.81 77.21
N UNK GB 32 1.84 -71.98 76.45
CA UNK GB 32 1.89 -71.65 75.03
C UNK GB 32 2.13 -70.19 74.71
N UNK GB 33 1.42 -69.30 75.39
CA UNK GB 33 1.48 -67.94 74.97
C UNK GB 33 2.89 -67.41 75.07
N UNK GB 34 3.56 -67.73 76.16
CA UNK GB 34 4.77 -67.00 76.49
C UNK GB 34 5.76 -67.20 75.38
N UNK GB 35 5.87 -68.42 74.90
CA UNK GB 35 6.80 -68.68 73.83
C UNK GB 35 6.36 -67.88 72.62
N UNK GB 36 5.12 -67.95 72.22
CA UNK GB 36 4.82 -67.40 70.90
C UNK GB 36 5.03 -65.90 70.76
N UNK GB 37 4.54 -65.19 71.75
CA UNK GB 37 4.37 -63.77 71.60
C UNK GB 37 5.74 -63.21 71.39
N UNK GB 38 6.69 -63.71 72.15
CA UNK GB 38 8.04 -63.22 72.00
C UNK GB 38 8.45 -63.52 70.59
N UNK GB 39 8.02 -64.67 70.10
CA UNK GB 39 8.54 -65.15 68.85
C UNK GB 39 8.22 -64.14 67.78
N UNK GB 40 7.02 -63.59 67.78
CA UNK GB 40 6.68 -62.63 66.72
C UNK GB 40 7.53 -61.34 66.73
N UNK GB 41 7.90 -60.85 67.88
CA UNK GB 41 8.35 -59.48 67.94
C UNK GB 41 9.49 -59.30 66.96
N UNK GB 42 10.12 -60.40 66.60
CA UNK GB 42 11.39 -60.41 65.90
C UNK GB 42 11.41 -59.67 64.59
N UNK GB 43 10.31 -59.72 63.84
CA UNK GB 43 10.38 -59.26 62.47
C UNK GB 43 10.86 -57.83 62.41
N UNK GB 44 11.89 -57.64 61.60
CA UNK GB 44 12.56 -56.38 61.40
C UNK GB 44 11.90 -55.59 60.27
N UNK GB 45 12.75 -54.89 59.53
CA UNK GB 45 12.39 -54.00 58.43
C UNK GB 45 11.94 -54.67 57.14
N UNK GB 46 11.09 -53.95 56.42
CA UNK GB 46 10.57 -54.43 55.15
C UNK GB 46 9.74 -55.67 55.42
N UNK GB 47 9.22 -55.78 56.64
CA UNK GB 47 8.41 -56.93 56.96
C UNK GB 47 6.96 -56.54 56.76
N UNK GB 48 6.14 -57.43 56.23
CA UNK GB 48 6.49 -58.79 55.76
C UNK GB 48 6.54 -59.83 56.86
N UNK GB 49 6.45 -61.09 56.45
CA UNK GB 49 6.48 -62.22 57.38
C UNK GB 49 6.04 -63.50 56.68
N UNK GB 50 5.89 -64.57 57.45
CA UNK GB 50 5.45 -65.85 56.92
C UNK GB 50 4.37 -66.42 57.84
N UNK GB 51 3.40 -67.14 57.27
CA UNK GB 51 3.33 -67.40 55.84
C UNK GB 51 2.19 -66.69 55.13
N UNK GB 52 2.18 -66.87 53.81
CA UNK GB 52 1.19 -66.27 52.93
C UNK GB 52 0.43 -67.27 52.07
N UNK GB 53 -0.87 -67.15 51.99
CA UNK GB 53 -1.58 -66.16 52.74
C UNK GB 53 -2.18 -66.83 53.96
N UNK GB 54 -2.50 -66.05 54.98
CA UNK GB 54 -2.22 -64.63 55.03
C UNK GB 54 -1.64 -64.37 56.40
N UNK GB 55 -0.49 -63.72 56.44
CA UNK GB 55 0.16 -63.44 57.70
C UNK GB 55 1.10 -62.27 57.58
N UNK GB 56 1.51 -61.73 58.72
CA UNK GB 56 2.43 -60.61 58.73
C UNK GB 56 1.65 -59.37 58.42
N UNK GB 57 1.65 -58.46 59.37
CA UNK GB 57 2.26 -58.69 60.66
C UNK GB 57 3.75 -58.36 60.55
N UNK GB 58 4.38 -57.93 61.65
CA UNK GB 58 3.70 -57.67 62.91
C UNK GB 58 3.51 -56.18 62.97
N UNK GB 59 2.26 -55.79 62.88
CA UNK GB 59 1.83 -54.39 62.89
C UNK GB 59 0.55 -54.48 63.73
N UNK GB 60 0.66 -54.40 65.04
CA UNK GB 60 1.89 -54.09 65.73
C UNK GB 60 3.03 -55.04 65.39
N UNK GB 61 2.78 -56.34 65.42
CA UNK GB 61 1.51 -56.93 65.79
C UNK GB 61 1.59 -57.28 67.28
N UNK GB 62 2.50 -56.61 67.98
CA UNK GB 62 2.69 -56.81 69.39
C UNK GB 62 1.34 -56.52 70.00
N UNK GB 63 0.63 -55.55 69.43
CA UNK GB 63 -0.69 -55.23 69.93
C UNK GB 63 -1.48 -56.51 69.78
N UNK GB 64 -1.29 -57.18 68.66
CA UNK GB 64 -1.94 -58.45 68.45
C UNK GB 64 -1.38 -59.39 69.51
N UNK GB 65 -0.06 -59.31 69.70
CA UNK GB 65 0.62 -60.15 70.66
C UNK GB 65 -0.14 -60.19 71.96
N UNK GB 66 -0.53 -59.03 72.45
CA UNK GB 66 -1.28 -59.00 73.71
C UNK GB 66 -2.43 -59.97 73.73
N UNK GB 67 -3.23 -60.01 72.68
CA UNK GB 67 -4.33 -60.92 72.72
C UNK GB 67 -3.88 -62.10 73.54
N UNK GB 68 -2.68 -62.59 73.27
CA UNK GB 68 -2.26 -63.80 73.92
C UNK GB 68 -2.16 -63.58 75.42
N UNK GB 69 -1.54 -62.48 75.83
CA UNK GB 69 -1.33 -62.28 77.25
C UNK GB 69 -2.69 -62.24 77.91
N UNK GB 70 -3.63 -61.57 77.30
CA UNK GB 70 -4.93 -61.52 77.93
C UNK GB 70 -5.52 -62.92 78.11
N UNK GB 71 -5.34 -63.79 77.12
CA UNK GB 71 -6.09 -65.04 77.11
C UNK GB 71 -5.81 -65.95 78.29
N UNK GB 72 -4.56 -66.15 78.64
CA UNK GB 72 -4.28 -67.02 79.77
C UNK GB 72 -4.83 -66.40 81.04
N UNK GB 73 -4.66 -65.12 81.30
CA UNK GB 73 -5.20 -64.57 82.55
C UNK GB 73 -6.75 -64.61 82.73
N UNK GB 74 -7.44 -64.27 81.66
CA UNK GB 74 -8.86 -64.02 81.75
C UNK GB 74 -9.47 -65.30 82.24
N UNK GB 75 -8.92 -66.40 81.77
CA UNK GB 75 -9.39 -67.70 82.21
C UNK GB 75 -9.16 -67.74 83.70
N UNK GB 76 -8.04 -67.17 84.13
CA UNK GB 76 -7.61 -67.34 85.50
C UNK GB 76 -8.70 -66.83 86.38
N UNK GB 77 -9.21 -65.65 86.10
CA UNK GB 77 -10.21 -65.08 86.97
C UNK GB 77 -11.43 -65.95 86.95
N UNK GB 78 -11.75 -66.47 85.78
CA UNK GB 78 -13.02 -67.16 85.61
C UNK GB 78 -13.19 -68.40 86.49
N UNK GB 79 -12.14 -69.12 86.82
CA UNK GB 79 -12.40 -70.39 87.47
C UNK GB 79 -13.26 -70.17 88.71
N UNK GB 80 -12.99 -69.14 89.50
CA UNK GB 80 -13.83 -68.86 90.66
C UNK GB 80 -15.29 -68.47 90.39
N UNK GB 81 -15.51 -67.59 89.42
CA UNK GB 81 -16.83 -66.99 89.21
C UNK GB 81 -17.90 -67.98 88.77
N UNK GB 82 -17.52 -68.92 87.92
CA UNK GB 82 -18.47 -69.90 87.41
C UNK GB 82 -19.07 -70.73 88.53
N UNK GB 83 -18.28 -71.01 89.57
CA UNK GB 83 -18.72 -71.77 90.72
C UNK GB 83 -18.73 -73.27 90.43
N UNK GB 84 -19.07 -74.06 91.43
CA UNK GB 84 -19.15 -75.51 91.28
C UNK GB 84 -20.25 -75.88 90.29
N UNK GB 85 -21.33 -75.13 90.34
CA UNK GB 85 -22.42 -75.36 89.42
C UNK GB 85 -23.08 -74.02 89.13
N UNK GB 86 -23.95 -74.01 88.13
CA UNK GB 86 -24.26 -75.22 87.41
C UNK GB 86 -23.65 -75.34 86.01
N UNK GB 87 -23.04 -76.48 85.71
CA UNK GB 87 -22.89 -77.59 86.66
C UNK GB 87 -21.83 -78.41 86.00
N UNK GB 88 -22.27 -79.19 85.02
CA UNK GB 88 -21.34 -80.02 84.24
C UNK GB 88 -20.64 -79.36 83.05
N UNK GB 89 -21.43 -78.46 82.46
CA UNK GB 89 -21.19 -77.67 81.27
C UNK GB 89 -20.13 -76.62 81.43
N UNK GB 90 -19.70 -76.42 82.66
CA UNK GB 90 -18.69 -75.43 83.02
C UNK GB 90 -17.48 -75.74 82.19
N UNK GB 91 -17.25 -77.04 81.97
CA UNK GB 91 -16.14 -77.47 81.15
C UNK GB 91 -16.39 -76.83 79.78
N UNK GB 92 -17.67 -76.78 79.39
CA UNK GB 92 -18.01 -76.17 78.14
C UNK GB 92 -17.73 -74.71 78.25
N UNK GB 93 -18.02 -74.18 79.43
CA UNK GB 93 -17.81 -72.74 79.44
C UNK GB 93 -16.38 -72.50 79.08
N UNK GB 94 -15.51 -73.38 79.54
CA UNK GB 94 -14.11 -73.22 79.23
C UNK GB 94 -14.02 -73.29 77.74
N UNK GB 95 -14.85 -74.13 77.15
CA UNK GB 95 -14.79 -74.30 75.72
C UNK GB 95 -15.08 -73.05 74.97
N UNK GB 96 -16.09 -72.34 75.40
CA UNK GB 96 -16.49 -71.15 74.68
C UNK GB 96 -15.52 -70.01 74.47
N UNK GB 97 -14.60 -69.88 75.42
CA UNK GB 97 -13.52 -68.89 75.45
C UNK GB 97 -12.45 -69.19 74.38
N UNK GB 98 -12.19 -70.48 74.18
CA UNK GB 98 -11.17 -70.95 73.24
C UNK GB 98 -11.48 -70.53 71.82
N UNK GB 99 -12.77 -70.57 71.47
CA UNK GB 99 -13.19 -70.17 70.14
C UNK GB 99 -12.78 -68.71 69.99
N UNK GB 100 -12.89 -67.98 71.09
CA UNK GB 100 -12.56 -66.56 71.11
C UNK GB 100 -11.09 -66.25 70.77
N UNK GB 101 -10.14 -67.04 71.27
CA UNK GB 101 -8.77 -66.73 70.95
C UNK GB 101 -8.46 -67.21 69.54
N UNK GB 102 -8.99 -68.37 69.19
CA UNK GB 102 -8.71 -68.91 67.88
C UNK GB 102 -9.20 -67.95 66.81
N UNK GB 103 -10.43 -67.48 66.95
CA UNK GB 103 -10.92 -66.52 65.99
C UNK GB 103 -10.05 -65.29 66.21
N UNK GB 104 -9.81 -65.02 67.49
CA UNK GB 104 -8.99 -63.91 67.91
C UNK GB 104 -7.57 -64.04 67.41
N UNK GB 105 -7.05 -65.25 67.40
CA UNK GB 105 -5.67 -65.46 66.97
C UNK GB 105 -5.56 -64.92 65.59
N UNK GB 106 -6.62 -65.13 64.82
CA UNK GB 106 -6.66 -64.63 63.47
C UNK GB 106 -7.30 -63.25 63.49
N UNK GB 107 -7.65 -62.75 64.67
CA UNK GB 107 -8.31 -61.47 64.76
C UNK GB 107 -7.47 -60.35 64.16
N UNK GB 108 -6.18 -60.36 64.43
CA UNK GB 108 -5.27 -59.41 63.82
C UNK GB 108 -4.37 -60.28 62.94
N UNK GB 109 -4.95 -61.35 62.39
CA UNK GB 109 -4.25 -62.34 61.61
C UNK GB 109 -3.60 -61.92 60.32
N UNK GB 110 -4.29 -61.10 59.52
CA UNK GB 110 -3.82 -60.49 58.24
C UNK GB 110 -4.85 -60.36 57.12
N UNK GB 111 -4.86 -59.21 56.48
CA UNK GB 111 -5.77 -58.96 55.37
C UNK GB 111 -5.01 -58.62 54.07
N UNK GB 112 -5.33 -59.31 52.97
CA UNK GB 112 -6.34 -60.34 52.97
C UNK GB 112 -7.66 -59.72 53.39
N UNK GB 113 -7.91 -58.50 52.91
CA UNK GB 113 -9.14 -57.82 53.23
C UNK GB 113 -10.25 -58.69 52.70
N UNK GB 114 -11.32 -58.79 53.49
CA UNK GB 114 -12.52 -59.59 53.26
C UNK GB 114 -12.31 -60.88 54.00
N UNK GB 115 -11.06 -61.29 54.17
CA UNK GB 115 -10.76 -62.44 54.96
C UNK GB 115 -11.15 -62.00 56.36
N UNK GB 116 -10.80 -60.75 56.68
CA UNK GB 116 -11.10 -60.15 57.96
C UNK GB 116 -12.59 -60.01 58.11
N UNK GB 117 -13.26 -59.37 57.15
CA UNK GB 117 -14.71 -59.22 57.31
C UNK GB 117 -15.42 -60.49 57.66
N UNK GB 118 -15.08 -61.57 56.97
CA UNK GB 118 -15.63 -62.85 57.34
C UNK GB 118 -15.09 -63.14 58.71
N UNK GB 119 -13.82 -62.87 58.89
CA UNK GB 119 -13.21 -63.09 60.17
C UNK GB 119 -13.85 -62.29 61.27
N UNK GB 120 -14.04 -61.00 60.98
CA UNK GB 120 -14.42 -60.00 61.97
C UNK GB 120 -15.83 -60.22 62.46
N UNK GB 121 -16.66 -60.75 61.59
CA UNK GB 121 -18.03 -61.04 61.99
C UNK GB 121 -17.80 -62.05 63.08
N UNK GB 122 -16.80 -62.89 62.88
CA UNK GB 122 -16.63 -64.11 63.64
C UNK GB 122 -16.56 -63.78 65.10
N UNK GB 123 -16.06 -62.59 65.41
CA UNK GB 123 -16.00 -62.20 66.79
C UNK GB 123 -17.42 -62.26 67.27
N UNK GB 124 -18.36 -61.88 66.41
CA UNK GB 124 -19.72 -61.73 66.86
C UNK GB 124 -20.28 -63.03 67.42
N UNK GB 125 -20.06 -64.16 66.76
CA UNK GB 125 -20.64 -65.40 67.25
C UNK GB 125 -20.12 -65.76 68.63
N UNK GB 126 -18.82 -65.84 68.79
CA UNK GB 126 -18.39 -66.34 70.07
C UNK GB 126 -18.92 -65.33 71.04
N UNK GB 127 -18.79 -64.06 70.69
CA UNK GB 127 -19.10 -63.02 71.65
C UNK GB 127 -20.53 -63.14 72.05
N UNK GB 128 -21.41 -63.36 71.09
CA UNK GB 128 -22.82 -63.38 71.42
C UNK GB 128 -23.03 -64.52 72.36
N UNK GB 129 -22.49 -65.68 72.06
CA UNK GB 129 -22.86 -66.82 72.89
C UNK GB 129 -22.44 -66.60 74.33
N UNK GB 130 -21.20 -66.19 74.57
CA UNK GB 130 -20.74 -66.32 75.94
C UNK GB 130 -21.61 -65.51 76.88
N UNK GB 131 -21.94 -64.29 76.46
CA UNK GB 131 -22.79 -63.39 77.23
C UNK GB 131 -24.05 -64.02 77.84
N UNK GB 132 -24.97 -64.49 77.01
CA UNK GB 132 -26.21 -65.04 77.54
C UNK GB 132 -26.03 -66.22 78.50
N UNK GB 133 -25.10 -67.13 78.23
CA UNK GB 133 -24.90 -68.26 79.13
C UNK GB 133 -24.46 -67.78 80.50
N UNK GB 134 -23.56 -66.79 80.52
CA UNK GB 134 -23.06 -66.25 81.79
C UNK GB 134 -24.22 -65.66 82.55
N UNK GB 135 -25.10 -64.98 81.84
CA UNK GB 135 -26.28 -64.37 82.45
C UNK GB 135 -25.96 -63.38 83.56
N UNK GB 136 -26.57 -63.63 84.72
CA UNK GB 136 -26.41 -62.82 85.90
C UNK GB 136 -27.55 -61.85 85.86
N UNK GB 137 -27.91 -61.26 87.01
CA UNK GB 137 -29.01 -60.33 86.99
C UNK GB 137 -28.53 -59.11 86.22
N UNK GB 138 -29.28 -58.74 85.19
CA UNK GB 138 -30.46 -59.45 84.80
C UNK GB 138 -30.88 -58.86 83.47
N UNK GB 139 -31.82 -59.52 82.79
CA UNK GB 139 -32.33 -58.97 81.57
C UNK GB 139 -31.16 -58.83 80.62
N UNK GB 140 -30.11 -59.57 80.93
CA UNK GB 140 -28.90 -59.40 80.17
C UNK GB 140 -29.21 -59.83 78.77
N UNK GB 141 -29.89 -60.95 78.67
CA UNK GB 141 -30.09 -61.56 77.37
C UNK GB 141 -30.85 -60.60 76.50
N UNK GB 142 -31.84 -59.94 77.07
CA UNK GB 142 -32.65 -59.06 76.27
C UNK GB 142 -31.73 -57.99 75.75
N UNK GB 143 -30.86 -57.50 76.61
CA UNK GB 143 -30.02 -56.41 76.21
C UNK GB 143 -29.09 -56.80 75.09
N UNK GB 144 -28.59 -58.01 75.12
CA UNK GB 144 -27.56 -58.41 74.17
C UNK GB 144 -28.04 -58.26 72.75
N UNK GB 145 -29.34 -58.43 72.57
CA UNK GB 145 -29.90 -58.44 71.23
C UNK GB 145 -29.52 -57.13 70.60
N UNK GB 146 -29.31 -56.09 71.41
CA UNK GB 146 -28.75 -54.88 70.90
C UNK GB 146 -27.38 -55.24 70.33
N UNK GB 147 -26.67 -56.14 71.00
CA UNK GB 147 -25.35 -56.49 70.50
C UNK GB 147 -25.43 -57.13 69.14
N UNK GB 148 -26.29 -58.12 68.97
CA UNK GB 148 -26.26 -58.81 67.68
C UNK GB 148 -26.65 -57.95 66.51
N UNK GB 149 -27.74 -57.19 66.63
CA UNK GB 149 -28.18 -56.40 65.51
C UNK GB 149 -27.22 -55.27 65.14
N UNK GB 150 -26.81 -54.46 66.11
CA UNK GB 150 -26.05 -53.28 65.75
C UNK GB 150 -24.76 -53.69 65.10
N UNK GB 151 -24.10 -54.70 65.66
CA UNK GB 151 -22.82 -55.09 65.13
C UNK GB 151 -23.01 -55.60 63.75
N UNK GB 152 -23.91 -56.57 63.62
CA UNK GB 152 -24.06 -57.30 62.36
C UNK GB 152 -24.51 -56.39 61.25
N UNK GB 153 -25.45 -55.50 61.56
CA UNK GB 153 -26.00 -54.62 60.55
C UNK GB 153 -24.86 -53.80 60.04
N UNK GB 154 -23.97 -53.45 60.94
CA UNK GB 154 -22.91 -52.55 60.60
C UNK GB 154 -22.14 -53.16 59.44
N UNK GB 155 -21.80 -54.42 59.59
CA UNK GB 155 -20.92 -55.09 58.66
C UNK GB 155 -21.61 -55.09 57.32
N UNK GB 156 -22.92 -55.12 57.35
CA UNK GB 156 -23.71 -55.46 56.19
C UNK GB 156 -23.31 -54.51 55.12
N UNK GB 157 -23.12 -53.26 55.50
CA UNK GB 157 -22.61 -52.32 54.52
C UNK GB 157 -21.23 -52.77 54.06
N UNK GB 158 -20.34 -53.02 55.01
CA UNK GB 158 -18.97 -53.17 54.60
C UNK GB 158 -18.90 -54.32 53.66
N UNK GB 159 -19.65 -55.36 53.96
CA UNK GB 159 -19.47 -56.62 53.27
C UNK GB 159 -19.74 -56.34 51.82
N UNK GB 160 -20.73 -55.51 51.55
CA UNK GB 160 -20.98 -55.16 50.18
C UNK GB 160 -19.78 -54.42 49.64
N UNK GB 161 -19.44 -53.35 50.33
CA UNK GB 161 -18.63 -52.36 49.72
C UNK GB 161 -17.32 -52.97 49.33
N UNK GB 162 -16.77 -53.79 50.22
CA UNK GB 162 -15.42 -54.25 50.01
C UNK GB 162 -15.45 -55.02 48.71
N UNK GB 163 -16.51 -55.79 48.52
CA UNK GB 163 -16.57 -56.63 47.36
C UNK GB 163 -16.46 -55.77 46.13
N UNK GB 164 -17.21 -54.69 46.09
CA UNK GB 164 -17.15 -53.81 44.93
C UNK GB 164 -15.70 -53.41 44.80
N UNK GB 165 -15.04 -53.26 45.94
CA UNK GB 165 -13.67 -52.85 45.91
C UNK GB 165 -12.80 -53.86 45.21
N UNK GB 166 -13.01 -55.14 45.46
CA UNK GB 166 -12.13 -56.12 44.83
C UNK GB 166 -12.19 -56.09 43.32
N UNK GB 167 -13.39 -56.07 42.75
CA UNK GB 167 -13.49 -56.00 41.31
C UNK GB 167 -13.02 -54.62 40.87
N UNK GB 168 -13.48 -53.61 41.60
CA UNK GB 168 -13.16 -52.21 41.35
C UNK GB 168 -11.70 -51.85 41.55
N UNK GB 169 -11.12 -52.38 42.61
CA UNK GB 169 -9.73 -52.09 42.97
C UNK GB 169 -8.80 -52.74 42.00
N UNK GB 170 -9.35 -53.53 41.10
CA UNK GB 170 -8.50 -54.23 40.15
C UNK GB 170 -7.65 -55.16 40.99
N UNK GB 171 -8.29 -55.69 42.03
CA UNK GB 171 -7.68 -56.61 42.97
C UNK GB 171 -8.50 -56.59 44.24
N UNK GB 172 -8.87 -57.77 44.71
CA UNK GB 172 -9.58 -57.98 45.95
C UNK GB 172 -8.40 -57.94 46.90
N UNK GB 173 -8.55 -58.46 48.11
CA UNK GB 173 -7.42 -58.51 49.05
C UNK GB 173 -6.30 -59.20 48.30
N UNK GB 174 -5.15 -58.55 48.30
CA UNK GB 174 -3.95 -58.96 47.57
C UNK GB 174 -3.28 -60.32 47.70
N UNK GB 175 -3.12 -60.77 48.93
CA UNK GB 175 -3.59 -59.99 50.07
C UNK GB 175 -2.53 -59.02 50.63
N UNK GB 176 -2.97 -57.81 50.96
CA UNK GB 176 -2.06 -56.83 51.51
C UNK GB 176 -1.10 -56.26 50.48
N UNK GB 177 -0.95 -56.90 49.33
CA UNK GB 177 0.05 -56.36 48.45
C UNK GB 177 -0.12 -54.88 48.11
N UNK GB 178 -1.28 -54.41 47.62
CA UNK GB 178 -1.47 -52.97 47.32
C UNK GB 178 -0.26 -52.52 46.53
N UNK GB 179 0.38 -51.47 47.02
CA UNK GB 179 1.70 -51.04 46.47
C UNK GB 179 1.51 -51.20 44.98
N UNK GB 180 0.32 -50.76 44.63
CA UNK GB 180 -0.50 -50.99 43.43
C UNK GB 180 -1.76 -50.12 43.57
N UNK GB 181 -2.15 -49.79 44.79
CA UNK GB 181 -3.34 -48.95 45.01
C UNK GB 181 -3.30 -47.61 44.33
N UNK GB 182 -4.43 -47.16 43.82
CA UNK GB 182 -4.48 -45.88 43.12
C UNK GB 182 -5.46 -44.89 43.74
N UNK GB 183 -5.08 -43.62 43.75
CA UNK GB 183 -5.92 -42.57 44.33
C UNK GB 183 -7.22 -42.41 43.56
N UNK GB 184 -8.31 -42.13 44.26
CA UNK GB 184 -9.61 -41.96 43.60
C UNK GB 184 -10.16 -40.57 43.89
N UNK GB 185 -10.54 -39.82 42.86
CA UNK GB 185 -11.03 -38.45 43.11
C UNK GB 185 -12.50 -38.15 42.83
N UNK GB 186 -13.21 -37.71 43.87
CA UNK GB 186 -14.62 -37.34 43.77
C UNK GB 186 -15.43 -38.60 43.56
N UNK GB 187 -16.75 -38.48 43.36
CA UNK GB 187 -17.51 -37.24 43.41
C UNK GB 187 -18.91 -37.58 43.94
N UNK GB 188 -18.96 -38.47 44.92
CA UNK GB 188 -20.25 -38.86 45.45
C UNK GB 188 -21.09 -39.39 44.30
N UNK GB 189 -20.67 -40.52 43.71
CA UNK GB 189 -19.54 -41.33 44.16
C UNK GB 189 -18.19 -40.80 43.75
N UNK GB 190 -17.14 -41.36 44.33
CA UNK GB 190 -17.30 -42.42 45.31
C UNK GB 190 -17.31 -41.84 46.71
N UNK GB 191 -17.92 -40.68 46.87
CA UNK GB 191 -17.94 -40.04 48.16
C UNK GB 191 -18.63 -40.92 49.17
N UNK GB 192 -19.75 -41.49 48.77
CA UNK GB 192 -20.52 -42.33 49.63
C UNK GB 192 -19.71 -43.55 49.99
N UNK GB 193 -18.97 -44.09 49.03
CA UNK GB 193 -18.23 -45.31 49.30
C UNK GB 193 -17.19 -45.20 50.40
N UNK GB 194 -16.39 -44.15 50.39
CA UNK GB 194 -15.37 -44.02 51.42
C UNK GB 194 -15.99 -43.85 52.79
N UNK GB 195 -17.02 -43.01 52.84
CA UNK GB 195 -17.65 -42.76 54.10
C UNK GB 195 -18.21 -44.06 54.59
N UNK GB 196 -18.81 -44.82 53.70
CA UNK GB 196 -19.40 -46.07 54.09
C UNK GB 196 -18.39 -47.04 54.63
N UNK GB 197 -17.27 -47.15 53.95
CA UNK GB 197 -16.26 -48.09 54.38
C UNK GB 197 -15.83 -47.69 55.77
N UNK GB 198 -15.62 -46.41 55.99
CA UNK GB 198 -15.20 -45.97 57.31
C UNK GB 198 -16.24 -46.17 58.42
N UNK GB 199 -17.50 -45.87 58.11
CA UNK GB 199 -18.55 -45.92 59.11
C UNK GB 199 -18.86 -47.26 59.75
N UNK GB 200 -18.99 -48.31 58.96
CA UNK GB 200 -19.27 -49.58 59.59
C UNK GB 200 -18.21 -49.97 60.57
N UNK GB 201 -16.96 -49.92 60.17
CA UNK GB 201 -15.90 -50.39 61.04
C UNK GB 201 -15.98 -49.52 62.26
N UNK GB 202 -16.26 -48.25 62.03
CA UNK GB 202 -16.26 -47.29 63.12
C UNK GB 202 -17.28 -47.74 64.14
N UNK GB 203 -18.37 -48.31 63.66
CA UNK GB 203 -19.53 -48.46 64.50
C UNK GB 203 -19.19 -49.25 65.74
N UNK GB 204 -18.34 -50.25 65.61
CA UNK GB 204 -17.93 -51.00 66.79
C UNK GB 204 -17.17 -50.11 67.77
N UNK GB 205 -16.25 -49.32 67.23
CA UNK GB 205 -15.35 -48.49 68.03
C UNK GB 205 -16.01 -47.56 69.02
N UNK GB 206 -17.05 -46.87 68.60
CA UNK GB 206 -17.71 -45.95 69.49
C UNK GB 206 -17.12 -44.60 69.17
N UNK GB 207 -17.87 -43.81 68.41
CA UNK GB 207 -17.41 -42.49 68.03
C UNK GB 207 -18.48 -41.47 68.23
N UNK GB 208 -18.09 -40.29 68.75
CA UNK GB 208 -19.01 -39.19 69.02
C UNK GB 208 -20.30 -39.73 69.63
N UNK GB 209 -20.13 -40.71 70.50
CA UNK GB 209 -21.25 -41.40 71.11
C UNK GB 209 -21.85 -42.21 69.97
N UNK GB 210 -23.16 -42.19 69.80
CA UNK GB 210 -23.77 -42.94 68.72
C UNK GB 210 -23.31 -44.38 68.82
N UNK GB 211 -23.24 -44.89 70.04
CA UNK GB 211 -22.80 -46.27 70.27
C UNK GB 211 -23.19 -46.68 71.67
N UNK GB 212 -24.17 -45.97 72.22
CA UNK GB 212 -24.66 -46.21 73.55
C UNK GB 212 -24.87 -47.70 73.72
N UNK GB 213 -25.33 -48.36 72.67
CA UNK GB 213 -25.73 -49.74 72.83
C UNK GB 213 -24.59 -50.67 73.28
N UNK GB 214 -23.50 -50.70 72.53
CA UNK GB 214 -22.48 -51.67 72.85
C UNK GB 214 -21.94 -51.38 74.24
N UNK GB 215 -21.64 -50.13 74.53
CA UNK GB 215 -21.08 -49.80 75.83
C UNK GB 215 -22.09 -50.16 76.87
N UNK GB 216 -23.33 -49.84 76.58
CA UNK GB 216 -24.40 -50.08 77.53
C UNK GB 216 -24.52 -51.57 77.83
N UNK GB 217 -24.38 -52.41 76.80
CA UNK GB 217 -24.45 -53.86 76.99
C UNK GB 217 -23.34 -54.43 77.87
N UNK GB 218 -22.14 -53.92 77.70
CA UNK GB 218 -21.00 -54.39 78.48
C UNK GB 218 -21.36 -54.13 79.92
N UNK GB 219 -22.06 -53.02 80.13
CA UNK GB 219 -22.42 -52.58 81.45
C UNK GB 219 -23.19 -53.70 82.07
N UNK GB 220 -24.10 -54.29 81.28
CA UNK GB 220 -24.91 -55.41 81.73
C UNK GB 220 -24.02 -56.63 81.95
N UNK GB 221 -22.96 -56.63 81.15
CA UNK GB 221 -21.88 -57.60 81.25
C UNK GB 221 -22.39 -58.96 81.57
N UNK GB 222 -22.77 -59.65 80.52
CA UNK GB 222 -23.27 -60.99 80.62
C UNK GB 222 -22.16 -61.78 81.29
N UNK GB 223 -20.95 -61.47 80.86
CA UNK GB 223 -19.78 -62.11 81.39
C UNK GB 223 -18.92 -61.05 82.01
N UNK GB 224 -19.19 -60.70 83.25
CA UNK GB 224 -18.35 -59.72 83.91
C UNK GB 224 -16.99 -60.36 84.20
N UNK GB 225 -16.90 -61.67 84.00
CA UNK GB 225 -15.69 -62.42 84.32
C UNK GB 225 -14.33 -62.15 83.66
N UNK GB 226 -14.15 -61.99 82.35
CA UNK GB 226 -15.09 -62.01 81.23
C UNK GB 226 -15.38 -60.61 80.78
N UNK GB 227 -15.14 -59.65 81.65
CA UNK GB 227 -15.36 -58.26 81.30
C UNK GB 227 -14.38 -57.78 80.24
N UNK GB 228 -13.14 -58.22 80.38
CA UNK GB 228 -12.02 -57.80 79.52
C UNK GB 228 -12.10 -58.08 78.03
N UNK GB 229 -12.60 -59.24 77.64
CA UNK GB 229 -12.66 -59.55 76.23
C UNK GB 229 -13.50 -58.49 75.59
N UNK GB 230 -14.57 -58.11 76.26
CA UNK GB 230 -15.44 -57.08 75.75
C UNK GB 230 -14.60 -55.86 75.44
N UNK GB 231 -13.52 -55.67 76.19
CA UNK GB 231 -12.68 -54.52 75.94
C UNK GB 231 -11.61 -54.84 74.92
N UNK GB 232 -10.96 -55.98 75.12
CA UNK GB 232 -9.90 -56.31 74.15
C UNK GB 232 -10.47 -56.45 72.75
N UNK GB 233 -11.66 -57.00 72.60
CA UNK GB 233 -12.22 -57.11 71.26
C UNK GB 233 -12.41 -55.75 70.62
N UNK GB 234 -12.88 -54.81 71.40
CA UNK GB 234 -13.14 -53.49 70.88
C UNK GB 234 -11.87 -52.95 70.30
N UNK GB 235 -10.76 -53.20 70.98
CA UNK GB 235 -9.50 -52.70 70.49
C UNK GB 235 -9.30 -53.29 69.11
N UNK GB 236 -9.72 -54.54 69.02
CA UNK GB 236 -9.54 -55.27 67.80
C UNK GB 236 -10.22 -54.62 66.65
N UNK GB 237 -11.46 -54.28 66.89
CA UNK GB 237 -12.23 -53.68 65.86
C UNK GB 237 -11.56 -52.40 65.47
N UNK GB 238 -11.11 -51.68 66.46
CA UNK GB 238 -10.53 -50.40 66.20
C UNK GB 238 -9.43 -50.46 65.19
N UNK GB 239 -8.56 -51.47 65.27
CA UNK GB 239 -7.46 -51.45 64.28
C UNK GB 239 -8.00 -51.41 62.89
N UNK GB 240 -8.96 -52.26 62.60
CA UNK GB 240 -9.48 -52.31 61.25
C UNK GB 240 -9.46 -50.92 60.70
N UNK GB 241 -9.82 -49.94 61.53
CA UNK GB 241 -9.93 -48.60 61.01
C UNK GB 241 -8.55 -48.24 60.53
N UNK GB 242 -7.57 -48.55 61.34
CA UNK GB 242 -6.24 -48.08 61.03
C UNK GB 242 -5.83 -48.65 59.70
N UNK GB 243 -5.93 -49.96 59.53
CA UNK GB 243 -5.43 -50.49 58.28
C UNK GB 243 -6.24 -49.97 57.13
N UNK GB 244 -7.55 -49.91 57.32
CA UNK GB 244 -8.42 -49.63 56.21
C UNK GB 244 -8.18 -48.25 55.62
N UNK GB 245 -7.91 -47.28 56.47
CA UNK GB 245 -7.99 -45.91 56.02
C UNK GB 245 -7.06 -45.68 54.87
N UNK GB 246 -5.85 -46.22 54.92
CA UNK GB 246 -4.91 -45.90 53.85
C UNK GB 246 -5.44 -46.33 52.49
N UNK GB 247 -5.97 -47.53 52.42
CA UNK GB 247 -6.62 -48.03 51.20
C UNK GB 247 -7.89 -47.28 50.87
N UNK GB 248 -8.61 -46.90 51.91
CA UNK GB 248 -10.02 -46.53 51.84
C UNK GB 248 -10.23 -45.37 50.91
N UNK GB 249 -9.26 -44.47 50.98
CA UNK GB 249 -9.25 -43.31 50.13
C UNK GB 249 -7.90 -42.61 50.18
N UNK GB 250 -7.84 -41.56 51.00
CA UNK GB 250 -6.71 -40.65 51.10
C UNK GB 250 -6.87 -39.56 50.06
N UNK GB 251 -7.90 -39.73 49.26
CA UNK GB 251 -8.23 -38.71 48.33
C UNK GB 251 -9.37 -37.90 48.96
N UNK GB 252 -9.88 -38.34 50.11
CA UNK GB 252 -10.96 -37.61 50.76
C UNK GB 252 -10.87 -37.41 52.26
N UNK GB 253 -10.81 -36.16 52.68
CA UNK GB 253 -10.77 -35.86 54.09
C UNK GB 253 -12.07 -35.22 54.51
N UNK GB 254 -12.91 -34.88 53.54
CA UNK GB 254 -14.07 -34.07 53.86
C UNK GB 254 -15.00 -34.77 54.84
N UNK GB 255 -15.23 -36.05 54.65
CA UNK GB 255 -16.10 -36.73 55.57
C UNK GB 255 -15.47 -36.50 56.95
N UNK GB 256 -14.15 -36.46 56.97
CA UNK GB 256 -13.42 -36.50 58.20
C UNK GB 256 -13.85 -35.34 59.07
N UNK GB 257 -14.06 -34.18 58.47
CA UNK GB 257 -14.35 -33.03 59.29
C UNK GB 257 -15.63 -33.34 60.04
N UNK GB 258 -16.61 -33.84 59.33
CA UNK GB 258 -17.84 -34.19 59.97
C UNK GB 258 -17.50 -35.16 61.09
N UNK GB 259 -17.02 -36.34 60.72
CA UNK GB 259 -16.70 -37.36 61.73
C UNK GB 259 -15.60 -36.94 62.72
N UNK GB 260 -14.53 -36.34 62.22
CA UNK GB 260 -13.46 -35.94 63.12
C UNK GB 260 -13.96 -34.91 64.10
N UNK GB 261 -14.70 -33.96 63.59
CA UNK GB 261 -15.23 -32.93 64.45
C UNK GB 261 -16.14 -33.60 65.46
N UNK GB 262 -16.90 -34.57 65.00
CA UNK GB 262 -17.84 -35.25 65.89
C UNK GB 262 -17.16 -35.91 67.06
N UNK GB 263 -16.01 -36.52 66.83
CA UNK GB 263 -15.33 -37.20 67.91
C UNK GB 263 -14.88 -36.32 69.07
N UNK GB 264 -14.34 -35.15 68.75
CA UNK GB 264 -13.87 -34.26 69.80
C UNK GB 264 -15.02 -33.83 70.70
N UNK GB 265 -16.16 -33.52 70.08
CA UNK GB 265 -17.31 -33.04 70.85
C UNK GB 265 -17.82 -34.07 71.84
N UNK GB 266 -17.83 -35.34 71.44
CA UNK GB 266 -18.32 -36.40 72.32
C UNK GB 266 -17.43 -36.59 73.54
N UNK GB 267 -16.12 -36.46 73.34
CA UNK GB 267 -15.19 -36.61 74.44
C UNK GB 267 -15.67 -35.70 75.53
N UNK GB 268 -16.08 -34.51 75.13
CA UNK GB 268 -16.41 -33.51 76.12
C UNK GB 268 -17.54 -34.02 76.97
N UNK GB 269 -18.58 -34.58 76.34
CA UNK GB 269 -19.65 -35.14 77.15
C UNK GB 269 -19.18 -36.36 77.94
N UNK GB 270 -18.42 -37.21 77.28
CA UNK GB 270 -18.35 -38.56 77.73
C UNK GB 270 -17.93 -38.45 79.17
N UNK GB 271 -16.98 -37.56 79.42
CA UNK GB 271 -16.46 -37.45 80.76
C UNK GB 271 -17.59 -37.10 81.67
N UNK GB 272 -18.46 -36.21 81.22
CA UNK GB 272 -19.50 -35.73 82.10
C UNK GB 272 -20.31 -36.92 82.52
N UNK GB 273 -20.57 -37.82 81.59
CA UNK GB 273 -21.25 -39.01 82.02
C UNK GB 273 -20.33 -39.69 83.00
N UNK GB 274 -19.05 -39.75 82.66
CA UNK GB 274 -18.08 -40.50 83.47
C UNK GB 274 -17.84 -39.98 84.88
N UNK GB 275 -17.64 -38.69 85.01
CA UNK GB 275 -17.66 -38.00 86.32
C UNK GB 275 -19.06 -38.06 86.86
N UNK GB 276 -19.98 -38.32 85.95
CA UNK GB 276 -21.41 -38.26 86.22
C UNK GB 276 -21.92 -39.22 87.28
N UNK GB 277 -21.53 -40.49 87.17
CA UNK GB 277 -22.03 -41.55 88.04
C UNK GB 277 -23.07 -42.30 87.21
N UNK GB 278 -23.80 -43.25 87.80
CA UNK GB 278 -23.64 -43.63 89.20
C UNK GB 278 -23.30 -45.10 89.47
N UNK GB 279 -23.05 -45.90 88.43
CA UNK GB 279 -22.74 -47.33 88.68
C UNK GB 279 -21.34 -47.79 88.28
N UNK GB 280 -20.69 -48.48 89.22
CA UNK GB 280 -19.25 -48.77 89.16
C UNK GB 280 -18.89 -49.56 87.93
N UNK GB 281 -19.69 -50.56 87.60
CA UNK GB 281 -19.51 -51.22 86.30
C UNK GB 281 -19.77 -50.12 85.29
N UNK GB 282 -20.77 -49.31 85.59
CA UNK GB 282 -21.07 -48.19 84.75
C UNK GB 282 -19.83 -47.33 84.74
N UNK GB 283 -19.22 -47.22 85.90
CA UNK GB 283 -18.13 -46.29 86.01
C UNK GB 283 -17.03 -46.66 85.06
N UNK GB 284 -16.53 -47.88 85.18
CA UNK GB 284 -15.39 -48.16 84.40
C UNK GB 284 -15.80 -48.06 82.95
N UNK GB 285 -16.93 -48.67 82.66
CA UNK GB 285 -17.20 -48.96 81.27
C UNK GB 285 -17.30 -47.68 80.50
N UNK GB 286 -18.08 -46.74 80.95
CA UNK GB 286 -18.32 -45.60 80.11
C UNK GB 286 -16.96 -45.01 79.85
N UNK GB 287 -16.14 -45.04 80.88
CA UNK GB 287 -14.88 -44.33 80.83
C UNK GB 287 -14.11 -44.91 79.68
N UNK GB 288 -14.19 -46.22 79.51
CA UNK GB 288 -13.44 -46.83 78.44
C UNK GB 288 -13.96 -46.26 77.13
N UNK GB 289 -15.27 -46.11 77.02
CA UNK GB 289 -15.83 -45.70 75.77
C UNK GB 289 -15.25 -44.36 75.44
N UNK GB 290 -15.23 -43.46 76.42
CA UNK GB 290 -14.73 -42.13 76.12
C UNK GB 290 -13.25 -42.15 75.76
N UNK GB 291 -12.41 -42.80 76.57
CA UNK GB 291 -10.99 -42.65 76.33
C UNK GB 291 -10.71 -43.24 74.98
N UNK GB 292 -11.31 -44.37 74.69
CA UNK GB 292 -11.00 -45.02 73.46
C UNK GB 292 -11.26 -44.01 72.37
N UNK GB 293 -12.25 -43.15 72.61
CA UNK GB 293 -12.72 -42.24 71.60
C UNK GB 293 -11.64 -41.29 71.10
N UNK GB 294 -10.79 -40.80 71.99
CA UNK GB 294 -9.83 -39.78 71.60
C UNK GB 294 -8.99 -40.37 70.48
N UNK GB 295 -8.79 -41.68 70.56
CA UNK GB 295 -7.99 -42.38 69.58
C UNK GB 295 -8.64 -42.19 68.24
N UNK GB 296 -9.97 -42.21 68.25
CA UNK GB 296 -10.75 -42.07 67.04
C UNK GB 296 -10.40 -40.82 66.30
N UNK GB 297 -10.18 -39.75 67.04
CA UNK GB 297 -9.86 -38.48 66.41
C UNK GB 297 -8.50 -38.53 65.75
N UNK GB 298 -7.55 -39.11 66.44
CA UNK GB 298 -6.21 -39.14 65.89
C UNK GB 298 -6.28 -39.95 64.62
N UNK GB 299 -6.93 -41.09 64.66
CA UNK GB 299 -6.89 -41.99 63.52
C UNK GB 299 -7.46 -41.29 62.31
N UNK GB 300 -8.52 -40.53 62.50
CA UNK GB 300 -9.13 -39.85 61.37
C UNK GB 300 -8.16 -38.84 60.76
N UNK GB 301 -7.46 -38.10 61.62
CA UNK GB 301 -6.52 -37.05 61.21
C UNK GB 301 -5.49 -37.44 60.17
N UNK GB 302 -4.92 -38.62 60.32
CA UNK GB 302 -3.93 -39.11 59.39
C UNK GB 302 -2.55 -38.51 59.61
N UNK GB 303 -2.34 -37.78 60.70
CA UNK GB 303 -1.03 -37.19 60.94
C UNK GB 303 -0.03 -38.32 61.07
N UNK GB 304 1.08 -38.22 60.34
CA UNK GB 304 2.07 -39.29 60.38
C UNK GB 304 2.67 -39.48 61.75
N UNK GB 305 3.04 -38.39 62.40
CA UNK GB 305 3.61 -38.51 63.73
C UNK GB 305 2.53 -39.04 64.64
N UNK GB 306 1.32 -38.54 64.40
CA UNK GB 306 0.17 -38.89 65.22
C UNK GB 306 -0.28 -40.34 65.28
N UNK GB 307 -0.34 -41.01 64.13
CA UNK GB 307 -0.81 -42.38 64.10
C UNK GB 307 -0.18 -43.24 65.17
N UNK GB 308 1.13 -43.13 65.25
CA UNK GB 308 1.94 -43.93 66.15
C UNK GB 308 1.29 -43.82 67.52
N UNK GB 309 0.81 -42.62 67.78
CA UNK GB 309 0.21 -42.36 69.05
C UNK GB 309 -0.97 -43.29 69.17
N UNK GB 310 -1.71 -43.43 68.08
CA UNK GB 310 -2.93 -44.19 68.18
C UNK GB 310 -2.57 -45.59 68.55
N UNK GB 311 -1.55 -46.11 67.91
CA UNK GB 311 -1.24 -47.50 68.11
C UNK GB 311 -0.90 -47.66 69.57
N UNK GB 312 -0.08 -46.78 70.12
CA UNK GB 312 0.28 -46.96 71.50
C UNK GB 312 -0.94 -46.87 72.38
N UNK GB 313 -1.80 -45.90 72.12
CA UNK GB 313 -2.85 -45.61 73.06
C UNK GB 313 -3.69 -46.84 73.15
N UNK GB 314 -3.95 -47.47 72.02
CA UNK GB 314 -4.90 -48.56 72.09
C UNK GB 314 -4.42 -49.64 73.04
N UNK GB 315 -3.15 -50.04 72.93
CA UNK GB 315 -2.73 -51.18 73.70
C UNK GB 315 -2.87 -50.81 75.15
N UNK GB 316 -2.37 -49.64 75.48
CA UNK GB 316 -2.36 -49.25 76.88
C UNK GB 316 -3.77 -49.11 77.41
N UNK GB 317 -4.66 -48.49 76.66
CA UNK GB 317 -5.97 -48.20 77.20
C UNK GB 317 -6.60 -49.51 77.49
N UNK GB 318 -6.48 -50.42 76.54
CA UNK GB 318 -7.15 -51.69 76.73
C UNK GB 318 -6.58 -52.42 77.94
N UNK GB 319 -5.26 -52.51 78.01
CA UNK GB 319 -4.65 -53.32 79.05
C UNK GB 319 -5.08 -52.69 80.33
N UNK GB 320 -5.05 -51.37 80.35
CA UNK GB 320 -5.35 -50.68 81.58
C UNK GB 320 -6.76 -51.04 81.94
N UNK GB 321 -7.60 -51.19 80.95
CA UNK GB 321 -8.99 -51.41 81.26
C UNK GB 321 -9.15 -52.68 82.07
N UNK GB 322 -8.40 -53.71 81.74
CA UNK GB 322 -8.69 -55.00 82.31
C UNK GB 322 -8.59 -54.92 83.81
N UNK GB 323 -7.54 -54.29 84.30
CA UNK GB 323 -7.32 -54.32 85.73
C UNK GB 323 -8.49 -53.64 86.37
N UNK GB 324 -8.88 -52.49 85.82
CA UNK GB 324 -9.88 -51.71 86.50
C UNK GB 324 -11.14 -52.53 86.56
N UNK GB 325 -11.68 -52.86 85.41
CA UNK GB 325 -12.97 -53.47 85.45
C UNK GB 325 -12.74 -54.73 86.22
N UNK GB 326 -11.67 -55.42 85.88
CA UNK GB 326 -11.49 -56.72 86.42
C UNK GB 326 -11.38 -56.59 87.91
N UNK GB 327 -10.68 -55.59 88.42
CA UNK GB 327 -10.64 -55.53 89.87
C UNK GB 327 -12.09 -55.41 90.33
N UNK GB 328 -12.84 -54.66 89.54
CA UNK GB 328 -14.18 -54.31 89.94
C UNK GB 328 -14.95 -55.58 90.14
N UNK GB 329 -14.69 -56.57 89.32
CA UNK GB 329 -15.41 -57.82 89.45
C UNK GB 329 -15.13 -58.44 90.80
N UNK GB 330 -13.88 -58.37 91.26
CA UNK GB 330 -13.56 -58.96 92.54
C UNK GB 330 -14.35 -58.24 93.61
N UNK GB 331 -14.40 -56.92 93.50
CA UNK GB 331 -15.10 -56.18 94.53
C UNK GB 331 -16.54 -56.63 94.53
N UNK GB 332 -17.13 -56.75 93.36
CA UNK GB 332 -18.52 -57.14 93.25
C UNK GB 332 -18.83 -58.53 93.81
N UNK GB 333 -17.96 -59.48 93.51
CA UNK GB 333 -18.19 -60.84 93.96
C UNK GB 333 -18.16 -60.82 95.46
N UNK GB 334 -17.24 -60.05 96.00
CA UNK GB 334 -17.10 -59.96 97.43
C UNK GB 334 -18.33 -59.40 98.12
N UNK GB 335 -18.85 -58.31 97.55
CA UNK GB 335 -19.99 -57.57 98.11
C UNK GB 335 -21.36 -57.89 97.54
N UNK GB 336 -21.39 -58.77 96.55
CA UNK GB 336 -22.63 -59.24 95.94
C UNK GB 336 -23.45 -58.25 95.11
N UNK GB 337 -22.89 -57.11 94.72
CA UNK GB 337 -23.67 -56.17 93.93
C UNK GB 337 -22.90 -55.08 93.17
N UNK GB 338 -23.60 -54.47 92.22
CA UNK GB 338 -23.08 -53.37 91.43
C UNK GB 338 -23.03 -52.09 92.26
N UNK GB 339 -24.08 -51.94 93.05
CA UNK GB 339 -24.38 -50.74 93.84
C UNK GB 339 -23.23 -49.85 94.32
N UNK GB 340 -22.49 -49.28 93.39
CA UNK GB 340 -21.34 -48.51 93.77
C UNK GB 340 -22.01 -47.47 94.62
N UNK GB 341 -21.26 -46.85 95.51
CA UNK GB 341 -21.89 -45.99 96.50
C UNK GB 341 -22.34 -46.84 97.66
N UNK GB 342 -22.07 -48.13 97.62
CA UNK GB 342 -22.42 -48.97 98.74
C UNK GB 342 -21.18 -48.82 99.60
N UNK GB 343 -20.83 -47.54 99.80
CA UNK GB 343 -19.74 -47.05 100.64
C UNK GB 343 -18.34 -47.59 100.35
N UNK GB 344 -17.68 -48.09 101.40
CA UNK GB 344 -16.34 -48.64 101.39
C UNK GB 344 -15.29 -47.63 101.83
N UNK GB 345 -14.21 -48.19 102.35
CA UNK GB 345 -13.07 -47.48 102.87
C UNK GB 345 -11.86 -48.40 102.78
N UNK GB 346 -10.96 -48.07 101.87
CA UNK GB 346 -9.81 -48.92 101.63
C UNK GB 346 -8.89 -49.12 102.81
N UNK GB 347 -8.51 -48.04 103.50
CA UNK GB 347 -7.64 -48.20 104.64
C UNK GB 347 -8.43 -49.01 105.62
N UNK GB 348 -9.67 -48.59 105.77
CA UNK GB 348 -10.60 -49.30 106.60
C UNK GB 348 -10.87 -50.60 105.90
N UNK GB 349 -10.91 -50.53 104.57
CA UNK GB 349 -11.25 -51.67 103.74
C UNK GB 349 -10.36 -52.88 103.85
N UNK GB 350 -9.07 -52.63 103.95
CA UNK GB 350 -8.03 -53.64 104.06
C UNK GB 350 -6.86 -52.99 103.33
N UNK GB 351 -5.66 -53.09 103.90
CA UNK GB 351 -4.49 -52.43 103.32
C UNK GB 351 -3.93 -52.84 101.96
N UNK GB 352 -3.84 -54.14 101.72
CA UNK GB 352 -3.27 -54.63 100.48
C UNK GB 352 -4.02 -54.28 99.21
N UNK GB 353 -5.34 -54.39 99.26
CA UNK GB 353 -6.17 -54.13 98.09
C UNK GB 353 -6.13 -52.71 97.55
N UNK GB 354 -6.13 -51.72 98.42
CA UNK GB 354 -6.17 -50.35 97.95
C UNK GB 354 -5.00 -49.88 97.10
N UNK GB 355 -3.79 -50.22 97.49
CA UNK GB 355 -2.64 -49.77 96.73
C UNK GB 355 -2.76 -50.36 95.34
N UNK GB 356 -3.13 -51.63 95.27
CA UNK GB 356 -3.27 -52.26 93.98
C UNK GB 356 -4.38 -51.49 93.28
N UNK GB 357 -5.45 -51.17 94.00
CA UNK GB 357 -6.54 -50.41 93.41
C UNK GB 357 -5.89 -49.12 92.95
N UNK GB 358 -5.47 -48.32 93.92
CA UNK GB 358 -4.79 -47.11 93.57
C UNK GB 358 -3.78 -46.99 92.46
N UNK GB 359 -2.86 -47.95 92.38
CA UNK GB 359 -1.81 -47.83 91.38
C UNK GB 359 -2.49 -47.82 90.05
N UNK GB 360 -3.45 -48.70 89.89
CA UNK GB 360 -4.11 -48.81 88.60
C UNK GB 360 -4.80 -47.51 88.37
N UNK GB 361 -5.41 -47.01 89.43
CA UNK GB 361 -6.32 -45.92 89.28
C UNK GB 361 -5.55 -44.77 88.69
N UNK GB 362 -4.31 -44.62 89.13
CA UNK GB 362 -3.47 -43.59 88.59
C UNK GB 362 -3.34 -43.85 87.11
N UNK GB 363 -3.24 -45.12 86.75
CA UNK GB 363 -3.00 -45.44 85.36
C UNK GB 363 -4.16 -44.87 84.57
N UNK GB 364 -5.36 -44.99 85.11
CA UNK GB 364 -6.49 -44.37 84.45
C UNK GB 364 -6.21 -42.89 84.44
N UNK GB 365 -5.56 -42.43 85.50
CA UNK GB 365 -5.37 -41.02 85.77
C UNK GB 365 -4.57 -40.39 84.67
N UNK GB 366 -3.59 -41.15 84.18
CA UNK GB 366 -2.66 -40.66 83.17
C UNK GB 366 -1.68 -39.76 83.90
N UNK GB 367 -0.45 -40.26 84.06
CA UNK GB 367 0.63 -39.57 84.77
C UNK GB 367 1.96 -39.72 84.04
N UNK GB 368 2.96 -38.91 84.41
CA UNK GB 368 4.25 -39.02 83.75
C UNK GB 368 4.71 -40.48 83.80
N UNK GB 369 5.70 -40.82 83.00
CA UNK GB 369 6.23 -42.17 82.96
C UNK GB 369 5.04 -43.09 82.79
N UNK GB 370 4.00 -42.65 82.09
CA UNK GB 370 2.87 -43.57 81.86
C UNK GB 370 2.87 -44.04 80.42
N UNK GB 371 2.92 -45.35 80.24
CA UNK GB 371 2.93 -45.88 78.89
C UNK GB 371 1.63 -45.42 78.27
N UNK GB 372 0.54 -45.56 79.01
CA UNK GB 372 -0.73 -45.11 78.48
C UNK GB 372 -0.67 -43.60 78.30
N UNK GB 373 -0.13 -42.93 79.31
CA UNK GB 373 -0.01 -41.48 79.25
C UNK GB 373 1.00 -40.99 78.21
N UNK GB 374 2.12 -41.69 78.10
CA UNK GB 374 3.15 -41.25 77.18
C UNK GB 374 2.65 -41.18 75.77
N UNK GB 375 1.95 -42.21 75.33
CA UNK GB 375 1.41 -42.19 73.98
C UNK GB 375 0.40 -41.06 73.98
N UNK GB 376 -0.37 -41.01 75.05
CA UNK GB 376 -1.41 -40.02 75.18
C UNK GB 376 -0.81 -38.63 75.15
N UNK GB 377 0.28 -38.46 75.88
CA UNK GB 377 0.91 -37.16 75.90
C UNK GB 377 1.60 -36.95 74.58
N UNK GB 378 1.24 -37.76 73.59
CA UNK GB 378 1.88 -37.63 72.31
C UNK GB 378 0.88 -37.39 71.22
N UNK GB 379 -0.20 -38.13 71.26
CA UNK GB 379 -1.20 -37.98 70.25
C UNK GB 379 -1.66 -36.55 70.30
N UNK GB 380 -1.75 -35.98 71.49
CA UNK GB 380 -2.21 -34.63 71.50
C UNK GB 380 -1.29 -33.70 70.71
N UNK GB 381 0.01 -33.93 70.83
CA UNK GB 381 0.98 -33.05 70.22
C UNK GB 381 0.64 -32.96 68.78
N UNK GB 382 0.21 -34.07 68.24
CA UNK GB 382 -0.22 -34.10 66.88
C UNK GB 382 -1.45 -33.26 66.77
N UNK GB 383 -2.28 -33.35 67.78
CA UNK GB 383 -3.53 -32.67 67.76
C UNK GB 383 -3.27 -31.21 67.53
N UNK GB 384 -2.03 -30.78 67.74
CA UNK GB 384 -1.66 -29.38 67.50
C UNK GB 384 -1.33 -28.98 66.05
N UNK GB 385 -1.47 -29.87 65.07
CA UNK GB 385 -1.18 -29.49 63.70
C UNK GB 385 -2.30 -29.52 62.66
N UNK GB 386 -3.46 -30.10 62.96
CA UNK GB 386 -4.55 -30.18 61.99
C UNK GB 386 -5.64 -29.12 61.95
N UNK GB 387 -5.46 -27.97 62.60
CA UNK GB 387 -4.24 -27.53 63.26
C UNK GB 387 -4.22 -27.25 64.77
N UNK GB 388 -3.20 -26.53 65.20
CA UNK GB 388 -2.99 -26.25 66.60
C UNK GB 388 -4.13 -25.56 67.34
N UNK GB 389 -4.81 -24.62 66.72
CA UNK GB 389 -5.85 -23.91 67.43
C UNK GB 389 -6.83 -24.90 68.04
N UNK GB 390 -7.29 -24.60 69.25
CA UNK GB 390 -8.19 -25.46 69.97
C UNK GB 390 -7.60 -26.56 70.80
N UNK GB 391 -6.32 -26.49 71.16
CA UNK GB 391 -5.71 -27.53 71.99
C UNK GB 391 -6.54 -27.47 73.22
N UNK GB 392 -7.02 -26.26 73.40
CA UNK GB 392 -7.88 -25.96 74.51
C UNK GB 392 -8.86 -27.10 74.65
N UNK GB 393 -9.31 -27.65 73.53
CA UNK GB 393 -10.40 -28.61 73.61
C UNK GB 393 -10.09 -29.88 74.41
N UNK GB 394 -8.99 -30.57 74.15
CA UNK GB 394 -8.75 -31.85 74.82
C UNK GB 394 -8.59 -31.80 76.34
N UNK GB 395 -7.86 -30.79 76.78
CA UNK GB 395 -7.43 -30.71 78.17
C UNK GB 395 -8.63 -30.58 79.08
N UNK GB 396 -9.74 -30.08 78.53
CA UNK GB 396 -10.96 -30.07 79.31
C UNK GB 396 -11.27 -31.53 79.59
N UNK GB 397 -11.04 -32.36 78.59
CA UNK GB 397 -11.25 -33.79 78.74
C UNK GB 397 -10.32 -34.34 79.79
N UNK GB 398 -9.04 -33.96 79.72
CA UNK GB 398 -8.07 -34.50 80.65
C UNK GB 398 -8.41 -34.08 82.07
N UNK GB 399 -8.69 -32.80 82.24
CA UNK GB 399 -8.96 -32.32 83.56
C UNK GB 399 -10.20 -33.02 84.04
N UNK GB 400 -11.19 -33.09 83.15
CA UNK GB 400 -12.43 -33.69 83.54
C UNK GB 400 -12.11 -35.12 83.88
N UNK GB 401 -11.27 -35.72 83.06
CA UNK GB 401 -11.08 -37.14 83.10
C UNK GB 401 -10.59 -37.46 84.49
N UNK GB 402 -9.68 -36.63 84.96
CA UNK GB 402 -9.01 -36.85 86.21
C UNK GB 402 -10.08 -36.89 87.26
N UNK GB 403 -11.07 -36.05 87.09
CA UNK GB 403 -12.09 -35.91 88.09
C UNK GB 403 -12.70 -37.28 88.27
N UNK GB 404 -12.84 -38.00 87.16
CA UNK GB 404 -13.46 -39.30 87.24
C UNK GB 404 -12.63 -40.14 88.19
N UNK GB 405 -11.34 -40.15 87.95
CA UNK GB 405 -10.53 -41.12 88.64
C UNK GB 405 -10.70 -40.83 90.10
N UNK GB 406 -10.73 -39.56 90.44
CA UNK GB 406 -10.80 -39.21 91.83
C UNK GB 406 -12.07 -39.77 92.44
N UNK GB 407 -13.16 -39.63 91.68
CA UNK GB 407 -14.45 -39.89 92.25
C UNK GB 407 -14.51 -41.32 92.69
N UNK GB 408 -14.03 -42.23 91.86
CA UNK GB 408 -14.08 -43.62 92.26
C UNK GB 408 -13.19 -43.80 93.46
N UNK GB 409 -11.98 -43.30 93.35
CA UNK GB 409 -11.02 -43.60 94.38
C UNK GB 409 -11.53 -43.01 95.66
N UNK GB 410 -11.97 -41.76 95.61
CA UNK GB 410 -12.36 -41.11 96.85
C UNK GB 410 -13.55 -41.81 97.45
N UNK GB 411 -14.54 -42.12 96.62
CA UNK GB 411 -15.69 -42.85 97.11
C UNK GB 411 -15.18 -44.25 97.45
N UNK GB 412 -14.09 -44.66 96.82
CA UNK GB 412 -13.49 -45.97 97.05
C UNK GB 412 -12.98 -46.10 98.47
N UNK GB 413 -12.41 -45.02 98.99
CA UNK GB 413 -11.87 -45.02 100.35
C UNK GB 413 -11.66 -43.61 100.87
N UNK GB 414 -8.37 -65.30 98.64
CA UNK GB 414 -8.12 -63.99 98.05
C UNK GB 414 -6.76 -63.98 97.36
N UNK GB 415 -5.98 -65.02 97.58
CA UNK GB 415 -4.62 -65.00 97.07
C UNK GB 415 -4.65 -64.85 95.56
N UNK GB 416 -5.54 -65.58 94.92
CA UNK GB 416 -5.60 -65.54 93.47
C UNK GB 416 -5.93 -64.14 93.04
N UNK GB 417 -6.84 -63.50 93.75
CA UNK GB 417 -7.25 -62.16 93.37
C UNK GB 417 -6.09 -61.21 93.46
N UNK GB 418 -5.20 -61.38 94.41
CA UNK GB 418 -4.01 -60.55 94.38
C UNK GB 418 -3.32 -60.83 93.05
N UNK GB 419 -3.49 -62.05 92.57
CA UNK GB 419 -2.77 -62.52 91.40
C UNK GB 419 -3.05 -61.66 90.18
N UNK GB 420 -4.30 -61.27 89.99
CA UNK GB 420 -4.63 -60.51 88.81
C UNK GB 420 -3.83 -59.25 88.88
N UNK GB 421 -3.79 -58.67 90.07
CA UNK GB 421 -3.12 -57.40 90.22
C UNK GB 421 -1.65 -57.50 89.92
N UNK GB 422 -0.99 -58.53 90.40
CA UNK GB 422 0.41 -58.57 90.12
C UNK GB 422 0.61 -58.67 88.63
N UNK GB 423 -0.12 -59.58 87.99
CA UNK GB 423 0.15 -59.82 86.59
C UNK GB 423 -0.14 -58.60 85.75
N UNK GB 424 -1.30 -58.00 85.94
CA UNK GB 424 -1.68 -56.89 85.10
C UNK GB 424 -0.75 -55.70 85.30
N UNK GB 425 -0.41 -55.41 86.55
CA UNK GB 425 0.45 -54.29 86.81
C UNK GB 425 1.82 -54.51 86.22
N UNK GB 426 2.33 -55.73 86.39
CA UNK GB 426 3.70 -56.02 86.05
C UNK GB 426 3.97 -55.85 84.57
N UNK GB 427 3.09 -56.38 83.73
CA UNK GB 427 3.25 -56.18 82.31
C UNK GB 427 3.08 -54.69 82.08
N UNK GB 428 2.10 -54.11 82.75
CA UNK GB 428 1.80 -52.71 82.55
C UNK GB 428 3.01 -51.91 82.97
N UNK GB 429 3.51 -52.21 84.15
CA UNK GB 429 4.63 -51.48 84.70
C UNK GB 429 5.87 -51.68 83.85
N UNK GB 430 6.06 -52.92 83.41
CA UNK GB 430 7.32 -53.32 82.80
C UNK GB 430 7.51 -52.43 81.60
N UNK GB 431 6.42 -52.19 80.89
CA UNK GB 431 6.42 -51.61 79.56
C UNK GB 431 7.03 -50.24 79.64
N UNK GB 432 6.75 -49.56 80.74
CA UNK GB 432 7.26 -48.23 80.94
C UNK GB 432 8.76 -48.35 80.88
N UNK GB 433 9.28 -49.50 81.28
CA UNK GB 433 10.72 -49.63 81.29
C UNK GB 433 11.22 -49.38 79.87
N UNK GB 434 10.54 -49.95 78.89
CA UNK GB 434 10.89 -49.70 77.50
C UNK GB 434 9.66 -49.26 76.76
N UNK GB 435 9.78 -48.32 75.85
CA UNK GB 435 8.65 -48.00 75.02
C UNK GB 435 8.77 -48.69 73.67
N UNK GB 436 9.90 -49.32 73.42
CA UNK GB 436 10.23 -49.60 72.05
C UNK GB 436 9.24 -50.52 71.36
N UNK GB 437 8.86 -51.61 71.99
CA UNK GB 437 7.97 -52.54 71.32
C UNK GB 437 6.63 -51.88 71.05
N UNK GB 438 6.16 -51.14 72.05
CA UNK GB 438 4.85 -50.55 71.98
C UNK GB 438 4.79 -49.56 70.85
N UNK GB 439 5.88 -48.83 70.66
CA UNK GB 439 5.88 -47.79 69.65
C UNK GB 439 5.34 -48.30 68.32
N UNK HB 1 1.11 -91.00 86.67
CA UNK HB 1 0.95 -91.56 85.34
C UNK HB 1 -0.41 -91.20 84.75
N UNK HB 2 -1.40 -90.99 85.62
CA UNK HB 2 -2.75 -90.65 85.19
C UNK HB 2 -2.76 -89.31 84.47
N UNK HB 3 -1.98 -88.36 84.97
CA UNK HB 3 -1.92 -87.04 84.34
C UNK HB 3 -0.77 -87.00 83.36
N UNK HB 4 -1.11 -86.98 82.08
CA UNK HB 4 -0.08 -87.00 81.06
C UNK HB 4 -0.59 -86.62 79.68
N UNK HB 5 -1.84 -86.96 79.41
CA UNK HB 5 -2.38 -86.70 78.09
C UNK HB 5 -2.29 -85.22 77.78
N UNK HB 6 -2.54 -84.38 78.76
CA UNK HB 6 -2.50 -82.95 78.56
C UNK HB 6 -1.09 -82.46 78.21
N UNK HB 7 -0.12 -83.03 78.90
CA UNK HB 7 1.30 -82.65 78.74
C UNK HB 7 1.85 -82.87 77.32
N UNK HB 8 1.50 -84.00 76.71
CA UNK HB 8 1.98 -84.28 75.38
C UNK HB 8 1.35 -83.45 74.28
N UNK HB 9 0.05 -83.26 74.34
CA UNK HB 9 -0.60 -82.50 73.29
C UNK HB 9 -0.14 -81.05 73.22
N UNK HB 10 -0.03 -80.39 74.37
CA UNK HB 10 0.36 -78.99 74.35
C UNK HB 10 1.72 -78.81 73.75
N UNK HB 11 2.66 -79.65 74.13
CA UNK HB 11 3.98 -79.55 73.56
C UNK HB 11 4.01 -79.90 72.07
N UNK HB 12 3.27 -80.96 71.73
CA UNK HB 12 3.19 -81.50 70.38
C UNK HB 12 2.62 -80.56 69.32
N UNK HB 13 1.64 -79.73 69.69
CA UNK HB 13 1.04 -78.83 68.72
C UNK HB 13 2.08 -77.88 68.15
N UNK HB 14 2.98 -77.39 69.00
CA UNK HB 14 4.03 -76.49 68.55
C UNK HB 14 4.92 -77.20 67.54
N UNK HB 15 5.23 -78.47 67.83
CA UNK HB 15 6.07 -79.27 66.93
C UNK HB 15 5.39 -79.46 65.58
N UNK HB 16 4.08 -79.67 65.61
CA UNK HB 16 3.30 -79.85 64.39
C UNK HB 16 3.35 -78.57 63.58
N UNK HB 17 3.27 -77.44 64.26
CA UNK HB 17 3.31 -76.17 63.56
C UNK HB 17 4.66 -76.07 62.89
N UNK HB 18 5.69 -76.37 63.65
CA UNK HB 18 7.05 -76.28 63.13
C UNK HB 18 7.21 -77.13 61.88
N UNK HB 19 6.66 -78.34 61.93
CA UNK HB 19 6.75 -79.27 60.82
C UNK HB 19 6.03 -78.66 59.65
N UNK HB 20 4.86 -78.09 59.91
CA UNK HB 20 4.13 -77.42 58.84
C UNK HB 20 4.92 -76.19 58.41
N UNK HB 21 5.42 -75.45 59.40
CA UNK HB 21 6.18 -74.23 59.13
C UNK HB 21 7.48 -74.47 58.39
N UNK HB 22 8.25 -75.47 58.81
CA UNK HB 22 9.49 -75.75 58.10
C UNK HB 22 9.04 -76.20 56.72
N UNK HB 23 8.04 -77.07 56.71
CA UNK HB 23 7.46 -77.59 55.48
C UNK HB 23 6.79 -76.45 54.72
N UNK HB 24 6.15 -75.56 55.47
CA UNK HB 24 5.46 -74.42 54.90
C UNK HB 24 6.49 -73.57 54.16
N UNK HB 25 7.68 -73.46 54.74
CA UNK HB 25 8.75 -72.69 54.12
C UNK HB 25 9.10 -73.34 52.78
N UNK HB 26 9.12 -74.67 52.76
CA UNK HB 26 9.43 -75.40 51.52
C UNK HB 26 8.37 -75.09 50.48
N UNK HB 27 7.11 -75.10 50.88
CA UNK HB 27 6.02 -74.78 49.97
C UNK HB 27 6.24 -73.34 49.56
N UNK HB 28 6.77 -72.57 50.50
CA UNK HB 28 7.16 -71.20 50.28
C UNK HB 28 8.44 -71.19 49.42
N UNK HB 29 8.99 -72.38 49.19
CA UNK HB 29 10.24 -72.57 48.46
C UNK HB 29 10.22 -71.99 47.04
N UNK HB 30 11.39 -71.48 46.63
CA UNK HB 30 11.54 -70.82 45.35
C UNK HB 30 11.88 -69.34 45.48
N UNK IB 1 -4.27 -76.44 95.08
CA UNK IB 1 -2.98 -75.77 94.96
C UNK IB 1 -2.65 -75.44 93.51
N UNK IB 2 -3.58 -74.85 92.76
CA UNK IB 2 -3.25 -74.40 91.41
C UNK IB 2 -2.28 -73.21 91.52
N UNK IB 3 -2.27 -72.62 92.70
CA UNK IB 3 -1.48 -71.43 93.02
C UNK IB 3 -0.01 -71.68 92.78
N UNK IB 4 0.47 -72.85 93.13
CA UNK IB 4 1.88 -73.13 92.92
C UNK IB 4 2.09 -73.00 91.42
N UNK IB 5 1.10 -73.45 90.67
CA UNK IB 5 1.14 -73.39 89.23
C UNK IB 5 1.18 -71.99 88.62
N UNK IB 6 0.37 -71.07 89.14
CA UNK IB 6 0.36 -69.74 88.55
C UNK IB 6 1.67 -68.94 88.60
N UNK IB 7 2.34 -68.97 89.73
CA UNK IB 7 3.61 -68.27 89.94
C UNK IB 7 4.80 -68.72 89.08
N UNK IB 8 4.94 -70.03 88.86
CA UNK IB 8 6.05 -70.55 88.05
C UNK IB 8 5.90 -70.05 86.61
N UNK IB 9 4.66 -70.07 86.13
CA UNK IB 9 4.32 -69.59 84.79
C UNK IB 9 4.60 -68.09 84.74
N UNK IB 10 4.31 -67.45 85.87
CA UNK IB 10 4.47 -66.02 86.10
C UNK IB 10 5.93 -65.65 85.92
N UNK IB 11 6.82 -66.54 86.32
CA UNK IB 11 8.25 -66.26 86.17
C UNK IB 11 8.47 -66.03 84.68
N UNK IB 12 7.84 -66.86 83.85
CA UNK IB 12 7.95 -66.67 82.42
C UNK IB 12 8.00 -65.17 82.17
N UNK IB 13 7.22 -64.42 82.94
CA UNK IB 13 7.18 -62.97 82.77
C UNK IB 13 8.56 -62.37 83.03
N UNK IB 14 9.23 -62.82 84.08
CA UNK IB 14 10.56 -62.32 84.40
C UNK IB 14 11.55 -62.70 83.33
N UNK IB 15 11.39 -63.92 82.83
CA UNK IB 15 12.23 -64.49 81.81
C UNK IB 15 12.15 -63.67 80.55
N UNK IB 16 10.99 -63.06 80.34
CA UNK IB 16 10.79 -62.28 79.14
C UNK IB 16 11.81 -61.16 79.03
N UNK IB 17 12.09 -60.46 80.11
CA UNK IB 17 13.09 -59.41 79.98
C UNK IB 17 14.21 -60.01 79.16
N UNK IB 18 14.46 -61.28 79.40
CA UNK IB 18 15.50 -61.97 78.68
C UNK IB 18 15.14 -61.96 77.21
N UNK IB 19 13.86 -62.15 76.92
CA UNK IB 19 13.38 -62.18 75.54
C UNK IB 19 13.61 -60.83 74.87
N UNK IB 20 13.39 -59.79 75.63
CA UNK IB 20 13.53 -58.42 75.18
C UNK IB 20 14.95 -58.00 74.81
N UNK IB 21 15.97 -58.66 75.35
CA UNK IB 21 17.32 -58.17 75.07
C UNK IB 21 17.73 -58.48 73.63
N UNK IB 22 16.76 -58.91 72.81
CA UNK IB 22 17.01 -59.27 71.42
C UNK IB 22 17.98 -58.32 70.73
N UNK JB 1 32.57 -59.89 76.63
CA UNK JB 1 33.26 -60.79 77.54
C UNK JB 1 32.44 -62.04 77.81
N UNK JB 2 32.89 -63.16 77.25
CA UNK JB 2 32.18 -64.41 77.43
C UNK JB 2 32.18 -64.64 78.93
N UNK JB 3 33.27 -64.27 79.57
CA UNK JB 3 33.43 -64.42 81.00
C UNK JB 3 32.38 -63.60 81.74
N UNK JB 4 32.08 -62.42 81.22
CA UNK JB 4 31.11 -61.47 81.79
C UNK JB 4 29.62 -61.86 81.79
N UNK JB 5 29.19 -62.51 80.70
CA UNK JB 5 27.78 -62.86 80.53
C UNK JB 5 27.23 -63.81 81.59
N UNK JB 6 28.02 -64.80 82.00
CA UNK JB 6 27.52 -65.72 83.01
C UNK JB 6 27.21 -64.95 84.28
N UNK JB 7 28.10 -64.01 84.63
CA UNK JB 7 27.89 -63.20 85.82
C UNK JB 7 26.67 -62.28 85.69
N UNK JB 8 26.52 -61.65 84.53
CA UNK JB 8 25.38 -60.74 84.30
C UNK JB 8 23.99 -61.38 84.33
N UNK JB 9 23.91 -62.56 83.72
CA UNK JB 9 22.71 -63.36 83.56
C UNK JB 9 22.65 -64.46 84.60
N UNK JB 10 23.80 -65.01 84.93
CA UNK JB 10 23.87 -66.11 85.89
C UNK JB 10 23.22 -65.60 87.15
N UNK JB 11 23.41 -64.32 87.41
CA UNK JB 11 22.84 -63.69 88.57
C UNK JB 11 21.33 -63.90 88.45
N UNK JB 12 20.93 -64.05 87.19
CA UNK JB 12 19.56 -64.23 86.74
C UNK JB 12 18.92 -65.47 87.31
N UNK JB 13 19.70 -66.53 87.47
CA UNK JB 13 19.14 -67.75 87.99
C UNK JB 13 18.56 -67.42 89.35
N UNK JB 14 19.25 -66.58 90.09
CA UNK JB 14 18.75 -66.17 91.40
C UNK JB 14 17.42 -65.52 91.13
N UNK JB 15 17.36 -64.81 90.00
CA UNK JB 15 16.17 -64.08 89.60
C UNK JB 15 14.92 -64.94 89.44
N UNK JB 16 15.08 -66.16 88.93
CA UNK JB 16 13.92 -67.02 88.80
C UNK JB 16 13.40 -67.23 90.20
N UNK JB 17 14.33 -67.47 91.12
CA UNK JB 17 14.00 -67.66 92.53
C UNK JB 17 13.45 -66.35 93.09
N UNK JB 18 14.07 -65.25 92.68
CA UNK JB 18 13.69 -63.92 93.12
C UNK JB 18 12.27 -63.55 92.70
N UNK JB 19 11.90 -63.95 91.48
CA UNK JB 19 10.57 -63.67 90.97
C UNK JB 19 9.54 -64.35 91.87
N UNK JB 20 9.87 -65.56 92.29
CA UNK JB 20 8.99 -66.32 93.17
C UNK JB 20 8.81 -65.60 94.49
N UNK JB 21 9.90 -65.03 95.02
CA UNK JB 21 9.84 -64.30 96.29
C UNK JB 21 8.67 -63.33 96.35
N UNK JB 22 8.36 -62.69 95.22
CA UNK JB 22 7.26 -61.72 95.17
C UNK JB 22 5.97 -62.41 95.56
N UNK JB 23 5.81 -63.66 95.13
CA UNK JB 23 4.61 -64.44 95.43
C UNK JB 23 4.53 -64.76 96.92
N UNK JB 24 5.68 -65.03 97.54
CA UNK JB 24 5.73 -65.35 98.95
C UNK JB 24 5.26 -64.18 99.80
N UNK JB 25 5.62 -62.97 99.38
CA UNK JB 25 5.26 -61.74 100.09
C UNK JB 25 3.77 -61.41 100.10
N UNK JB 26 3.06 -61.70 99.02
CA UNK JB 26 1.65 -61.39 98.96
C UNK JB 26 0.95 -62.18 100.07
N UNK JB 27 1.45 -63.37 100.33
CA UNK JB 27 0.89 -64.27 101.35
C UNK JB 27 0.94 -63.66 102.74
N UNK JB 28 1.79 -62.67 102.91
CA UNK JB 28 1.93 -62.03 104.21
C UNK JB 28 0.63 -61.42 104.64
N UNK JB 29 -0.25 -61.14 103.68
CA UNK JB 29 -1.55 -60.57 103.98
C UNK JB 29 -2.26 -61.32 105.10
N UNK JB 30 -2.51 -62.61 104.88
CA UNK JB 30 -3.20 -63.42 105.88
C UNK JB 30 -2.23 -64.40 106.56
N UNK KB 1 30.76 -48.50 127.66
CA UNK KB 1 31.15 -47.42 128.56
C UNK KB 1 30.73 -46.26 127.67
N UNK KB 2 31.67 -45.42 127.27
CA UNK KB 2 31.33 -44.49 126.22
C UNK KB 2 30.84 -45.45 125.15
N UNK KB 3 29.83 -45.04 124.40
CA UNK KB 3 29.06 -45.96 123.55
C UNK KB 3 29.45 -45.94 122.09
N UNK KB 4 30.62 -45.35 121.83
CA UNK KB 4 31.15 -45.10 120.49
C UNK KB 4 31.43 -46.24 119.51
N UNK KB 5 31.93 -47.38 119.96
CA UNK KB 5 32.26 -48.45 119.01
C UNK KB 5 31.05 -48.94 118.20
N UNK KB 6 29.92 -49.16 118.86
CA UNK KB 6 28.73 -49.64 118.16
C UNK KB 6 28.25 -48.62 117.13
N UNK KB 7 28.26 -47.35 117.53
CA UNK KB 7 27.84 -46.28 116.64
C UNK KB 7 28.76 -46.20 115.43
N UNK KB 8 30.06 -46.35 115.67
CA UNK KB 8 31.02 -46.28 114.57
C UNK KB 8 30.80 -47.39 113.54
N UNK KB 9 30.52 -48.59 114.02
CA UNK KB 9 30.29 -49.73 113.13
C UNK KB 9 29.06 -49.51 112.26
N UNK KB 10 27.99 -48.98 112.88
CA UNK KB 10 26.76 -48.73 112.15
C UNK KB 10 26.98 -47.69 111.07
N UNK KB 11 27.73 -46.65 111.41
CA UNK KB 11 28.02 -45.59 110.47
C UNK KB 11 28.83 -46.15 109.30
N UNK KB 12 29.78 -47.02 109.62
CA UNK KB 12 30.61 -47.62 108.59
C UNK KB 12 29.74 -48.45 107.66
N UNK KB 13 28.80 -49.18 108.24
CA UNK KB 13 27.90 -50.02 107.46
C UNK KB 13 27.06 -49.16 106.53
N UNK KB 14 26.58 -48.02 107.04
CA UNK KB 14 25.77 -47.13 106.21
C UNK KB 14 26.61 -46.62 105.04
N UNK KB 15 27.85 -46.25 105.38
CA UNK KB 15 28.86 -45.72 104.45
C UNK KB 15 29.33 -46.71 103.40
N UNK KB 16 29.18 -48.00 103.68
CA UNK KB 16 29.62 -49.07 102.77
C UNK KB 16 28.90 -48.90 101.44
N UNK KB 17 27.67 -48.38 101.51
CA UNK KB 17 26.84 -48.14 100.34
C UNK KB 17 27.53 -47.14 99.41
N UNK KB 18 28.30 -46.23 100.00
CA UNK KB 18 29.01 -45.21 99.24
C UNK KB 18 29.94 -45.89 98.23
N UNK KB 19 30.55 -46.99 98.64
CA UNK KB 19 31.44 -47.73 97.76
C UNK KB 19 30.63 -48.25 96.56
N UNK KB 20 29.40 -48.70 96.84
CA UNK KB 20 28.52 -49.21 95.80
C UNK KB 20 28.17 -48.09 94.81
N UNK KB 21 27.94 -46.90 95.34
CA UNK KB 21 27.62 -45.74 94.52
C UNK KB 21 28.82 -45.42 93.64
N UNK KB 22 30.01 -45.56 94.23
CA UNK KB 22 31.27 -45.31 93.56
C UNK KB 22 31.44 -46.27 92.39
N UNK KB 23 30.77 -47.41 92.47
CA UNK KB 23 30.83 -48.36 91.36
C UNK KB 23 30.46 -47.55 90.10
N UNK KB 24 29.74 -46.45 90.29
CA UNK KB 24 29.35 -45.55 89.19
C UNK KB 24 30.66 -44.98 88.59
N UNK KB 25 31.72 -45.08 89.38
CA UNK KB 25 33.05 -44.71 88.92
C UNK KB 25 33.33 -45.74 87.82
N UNK KB 26 32.91 -46.99 88.10
CA UNK KB 26 32.99 -48.11 87.18
C UNK KB 26 32.08 -47.75 86.02
N UNK KB 27 31.04 -46.97 86.31
CA UNK KB 27 30.10 -46.52 85.31
C UNK KB 27 30.95 -45.75 84.33
N UNK KB 28 31.96 -45.08 84.84
CA UNK KB 28 32.87 -44.36 83.96
C UNK KB 28 33.38 -45.56 83.22
N UNK KB 29 33.92 -45.35 82.02
CA UNK KB 29 34.40 -46.41 81.15
C UNK KB 29 33.30 -46.91 80.23
N UNK KB 30 32.17 -46.21 80.22
CA UNK KB 30 31.09 -46.61 79.30
C UNK KB 30 29.93 -45.62 79.34
N UNK LB 1 14.52 -27.83 131.92
CA UNK LB 1 14.27 -26.45 131.50
C UNK LB 1 15.57 -25.65 131.50
N UNK LB 2 16.52 -26.07 132.32
CA UNK LB 2 17.79 -25.38 132.43
C UNK LB 2 18.48 -25.43 131.07
N UNK LB 3 18.32 -26.49 130.30
CA UNK LB 3 18.86 -26.48 128.92
C UNK LB 3 18.19 -25.39 128.07
N UNK LB 4 16.89 -25.25 128.30
CA UNK LB 4 16.06 -24.35 127.53
C UNK LB 4 16.61 -22.95 127.68
N UNK LB 5 17.12 -22.64 128.87
CA UNK LB 5 17.70 -21.33 129.10
C UNK LB 5 18.88 -21.06 128.16
N UNK LB 6 19.73 -22.06 127.95
CA UNK LB 6 20.86 -21.92 127.04
C UNK LB 6 20.39 -21.70 125.61
N UNK LB 7 19.33 -22.44 125.26
CA UNK LB 7 18.77 -22.27 123.93
C UNK LB 7 18.25 -20.84 123.74
N UNK LB 8 17.56 -20.31 124.74
CA UNK LB 8 17.00 -18.98 124.69
C UNK LB 8 18.16 -18.01 124.55
N UNK LB 9 19.21 -18.36 125.26
CA UNK LB 9 20.42 -17.58 125.39
C UNK LB 9 21.08 -17.34 124.05
N UNK LB 10 21.14 -18.38 123.24
CA UNK LB 10 21.80 -18.29 121.96
C UNK LB 10 21.07 -17.26 121.16
N UNK LB 11 19.77 -17.17 121.40
CA UNK LB 11 18.92 -16.27 120.67
C UNK LB 11 19.54 -14.90 120.81
N UNK LB 12 20.18 -14.67 121.92
CA UNK LB 12 20.82 -13.41 122.13
C UNK LB 12 21.82 -13.20 121.01
N UNK LB 13 22.47 -14.26 120.57
CA UNK LB 13 23.47 -14.10 119.56
C UNK LB 13 22.94 -13.44 118.33
N UNK LB 14 21.80 -13.90 117.79
CA UNK LB 14 21.36 -13.20 116.59
C UNK LB 14 21.63 -11.70 116.70
N UNK LB 15 21.28 -11.13 117.83
CA UNK LB 15 21.44 -9.70 117.98
C UNK LB 15 22.92 -9.46 117.89
N UNK LB 16 23.67 -10.38 118.46
CA UNK LB 16 25.11 -10.28 118.40
C UNK LB 16 25.47 -10.24 116.93
N UNK LB 17 24.69 -10.95 116.13
CA UNK LB 17 24.88 -11.00 114.69
C UNK LB 17 24.77 -9.60 114.13
N UNK LB 18 23.74 -8.91 114.61
CA UNK LB 18 23.38 -7.60 114.10
C UNK LB 18 24.43 -6.54 114.39
N UNK LB 19 24.93 -6.53 115.61
CA UNK LB 19 25.85 -5.49 115.99
C UNK LB 19 27.14 -5.62 115.20
N UNK LB 20 27.64 -6.83 115.08
CA UNK LB 20 28.87 -7.04 114.33
C UNK LB 20 28.55 -6.63 112.91
N UNK LB 21 27.33 -6.95 112.51
CA UNK LB 21 26.87 -6.74 111.16
C UNK LB 21 26.89 -5.27 110.81
N UNK LB 22 26.48 -4.44 111.77
CA UNK LB 22 26.44 -3.00 111.57
C UNK LB 22 27.22 -2.59 110.32
N UNK LB 23 28.23 -1.72 110.49
CA UNK LB 23 29.07 -1.15 109.43
C UNK LB 23 28.64 -1.41 107.98
N UNK LB 24 29.08 -2.54 107.43
CA UNK LB 24 28.76 -2.89 106.05
C UNK LB 24 27.26 -3.07 105.87
N UNK LB 25 26.62 -3.70 106.85
CA UNK LB 25 25.17 -3.90 106.79
C UNK LB 25 24.45 -2.57 106.80
N UNK LB 26 24.93 -1.64 107.63
CA UNK LB 26 24.36 -0.30 107.71
C UNK LB 26 24.51 0.42 106.37
N UNK LB 27 25.67 0.24 105.74
CA UNK LB 27 25.92 0.85 104.45
C UNK LB 27 24.95 0.30 103.41
N UNK LB 28 24.71 -1.01 103.48
CA UNK LB 28 23.78 -1.67 102.58
C UNK LB 28 22.37 -1.13 102.77
N UNK MB 1 5.06 -7.86 127.49
CA UNK MB 1 6.16 -6.98 127.12
C UNK MB 1 6.38 -6.92 125.61
N UNK MB 2 5.63 -6.05 124.96
CA UNK MB 2 5.58 -5.88 123.50
C UNK MB 2 6.91 -5.44 122.90
N UNK MB 3 7.89 -5.24 123.77
CA UNK MB 3 9.22 -4.81 123.38
C UNK MB 3 9.91 -5.77 122.42
N UNK MB 4 9.70 -7.08 122.58
CA UNK MB 4 10.35 -8.02 121.68
C UNK MB 4 11.83 -7.77 121.82
N UNK MB 5 12.23 -7.61 123.06
CA UNK MB 5 13.59 -7.32 123.44
C UNK MB 5 14.35 -8.58 123.81
N UNK MB 6 13.98 -9.73 123.26
CA UNK MB 6 14.49 -11.02 123.71
C UNK MB 6 15.98 -11.17 124.07
N UNK MB 7 16.93 -10.68 123.28
CA UNK MB 7 18.34 -10.81 123.68
C UNK MB 7 18.64 -9.57 124.52
N UNK MB 8 19.23 -9.80 125.68
CA UNK MB 8 19.60 -8.76 126.58
C UNK MB 8 20.92 -8.32 126.03
N UNK MB 9 21.58 -7.54 126.88
CA UNK MB 9 22.81 -6.82 126.61
C UNK MB 9 24.12 -7.57 126.41
N UNK MB 10 24.20 -8.84 126.75
CA UNK MB 10 25.48 -9.53 126.62
C UNK MB 10 25.93 -9.39 125.19
N UNK MB 11 24.99 -9.55 124.27
CA UNK MB 11 25.33 -9.44 122.88
C UNK MB 11 25.86 -8.03 122.61
N UNK MB 12 25.17 -7.03 123.14
CA UNK MB 12 25.58 -5.65 122.93
C UNK MB 12 26.94 -5.35 123.56
N UNK MB 13 27.15 -5.81 124.79
CA UNK MB 13 28.42 -5.60 125.46
C UNK MB 13 29.51 -6.36 124.73
N UNK MB 14 29.18 -7.59 124.35
CA UNK MB 14 30.12 -8.45 123.64
C UNK MB 14 30.46 -7.82 122.30
N UNK MB 15 29.46 -7.28 121.62
CA UNK MB 15 29.67 -6.65 120.34
C UNK MB 15 30.59 -5.44 120.49
N UNK MB 16 30.37 -4.67 121.54
CA UNK MB 16 31.18 -3.50 121.80
C UNK MB 16 32.63 -3.91 122.03
N UNK MB 17 32.82 -4.97 122.80
CA UNK MB 17 34.15 -5.47 123.08
C UNK MB 17 34.85 -5.95 121.81
N UNK MB 18 34.06 -6.60 120.96
CA UNK MB 18 34.55 -7.11 119.69
C UNK MB 18 34.99 -5.92 118.86
N UNK MB 19 34.18 -4.86 118.87
CA UNK MB 19 34.52 -3.64 118.15
C UNK MB 19 35.76 -3.07 118.80
N UNK MB 20 35.77 -3.10 120.12
CA UNK MB 20 36.89 -2.61 120.92
C UNK MB 20 38.12 -3.45 120.63
N UNK MB 21 37.88 -4.74 120.47
CA UNK MB 21 38.91 -5.70 120.15
C UNK MB 21 39.46 -5.35 118.78
N UNK MB 22 38.56 -4.97 117.89
CA UNK MB 22 38.95 -4.62 116.53
C UNK MB 22 39.87 -3.40 116.58
N UNK MB 23 39.53 -2.43 117.41
CA UNK MB 23 40.34 -1.24 117.55
C UNK MB 23 41.70 -1.59 118.12
N UNK MB 24 41.72 -2.50 119.09
CA UNK MB 24 42.95 -2.91 119.73
C UNK MB 24 43.83 -3.51 118.67
N UNK MB 25 43.21 -4.29 117.78
CA UNK MB 25 43.95 -4.92 116.71
C UNK MB 25 44.51 -3.81 115.81
N UNK MB 26 43.93 -2.61 115.94
CA UNK MB 26 44.35 -1.46 115.16
C UNK MB 26 45.79 -1.03 115.43
N UNK MB 27 46.21 -1.09 116.69
CA UNK MB 27 47.56 -0.69 117.07
C UNK MB 27 48.58 -1.54 116.36
N UNK MB 28 48.31 -2.83 116.25
CA UNK MB 28 49.21 -3.75 115.58
C UNK MB 28 48.75 -4.07 114.16
N UNK NB 1 -14.41 -5.03 92.04
CA UNK NB 1 -13.80 -3.72 92.24
C UNK NB 1 -12.28 -3.85 92.23
N UNK NB 2 -11.78 -4.96 92.76
CA UNK NB 2 -10.36 -5.22 92.68
C UNK NB 2 -10.04 -5.27 91.19
N UNK NB 3 -10.95 -5.87 90.44
CA UNK NB 3 -10.79 -5.99 89.00
C UNK NB 3 -10.75 -4.64 88.30
N UNK NB 4 -11.59 -3.72 88.77
CA UNK NB 4 -11.63 -2.35 88.28
C UNK NB 4 -10.33 -1.62 88.58
N UNK NB 5 -9.69 -1.99 89.68
CA UNK NB 5 -8.31 -1.57 89.93
C UNK NB 5 -7.49 -2.14 88.79
N UNK NB 6 -7.89 -3.33 88.37
CA UNK NB 6 -7.25 -4.03 87.28
C UNK NB 6 -7.35 -3.14 86.06
N UNK NB 7 -8.46 -2.42 85.93
CA UNK NB 7 -8.64 -1.45 84.86
C UNK NB 7 -7.59 -0.33 84.95
N UNK NB 8 -7.28 0.08 86.17
CA UNK NB 8 -6.25 1.08 86.40
C UNK NB 8 -4.90 0.55 85.92
N UNK NB 9 -4.64 -0.72 86.19
CA UNK NB 9 -3.42 -1.38 85.71
C UNK NB 9 -3.40 -1.42 84.19
N UNK NB 10 -4.59 -1.58 83.63
CA UNK NB 10 -4.82 -1.63 82.19
C UNK NB 10 -4.34 -0.32 81.60
N UNK NB 11 -4.60 0.75 82.31
CA UNK NB 11 -4.13 2.02 81.86
C UNK NB 11 -2.81 2.11 82.58
N UNK NB 12 -1.72 2.14 81.82
CA UNK NB 12 -0.40 2.22 82.42
C UNK NB 12 0.49 3.25 81.74
N UNK NB 13 1.52 3.71 82.46
CA UNK NB 13 2.43 4.69 81.92
C UNK NB 13 1.69 5.83 81.22
N UNK OB 1 -10.83 -40.75 135.01
CA UNK OB 1 -10.83 -41.03 136.45
C UNK OB 1 -11.62 -39.97 137.21
N UNK OB 2 -11.98 -40.33 138.45
CA UNK OB 2 -12.91 -39.60 139.29
C UNK OB 2 -12.41 -38.20 139.60
N UNK OB 3 -11.10 -38.00 139.45
CA UNK OB 3 -10.48 -36.73 139.74
C UNK OB 3 -11.19 -35.72 138.85
N UNK OB 4 -11.57 -36.17 137.66
CA UNK OB 4 -12.32 -35.29 136.77
C UNK OB 4 -13.58 -34.89 137.51
N UNK OB 5 -14.20 -35.84 138.20
CA UNK OB 5 -15.25 -35.47 139.13
C UNK OB 5 -14.76 -34.30 139.97
N UNK OB 6 -13.52 -34.37 140.41
CA UNK OB 6 -12.92 -33.33 141.21
C UNK OB 6 -12.86 -32.02 140.46
N UNK OB 7 -12.52 -32.09 139.19
CA UNK OB 7 -12.44 -30.89 138.37
C UNK OB 7 -13.81 -30.25 138.26
N UNK OB 8 -14.80 -31.09 138.05
CA UNK OB 8 -16.14 -30.59 137.87
C UNK OB 8 -16.52 -29.88 139.15
N UNK OB 9 -16.15 -30.49 140.27
CA UNK OB 9 -16.48 -29.95 141.58
C UNK OB 9 -15.83 -28.59 141.81
N UNK OB 10 -14.57 -28.46 141.42
CA UNK OB 10 -13.89 -27.19 141.61
C UNK OB 10 -14.61 -26.13 140.80
N UNK OB 11 -14.99 -26.50 139.57
CA UNK OB 11 -15.68 -25.54 138.71
C UNK OB 11 -17.02 -25.11 139.30
N UNK OB 12 -17.75 -26.07 139.83
CA UNK OB 12 -19.05 -25.80 140.40
C UNK OB 12 -18.89 -24.86 141.59
N UNK OB 13 -17.82 -25.10 142.36
CA UNK OB 13 -17.57 -24.31 143.53
C UNK OB 13 -17.34 -22.87 143.11
N UNK OB 14 -16.43 -22.65 142.19
CA UNK OB 14 -16.03 -21.28 141.89
C UNK OB 14 -17.18 -20.44 141.35
N UNK OB 15 -17.96 -21.01 140.45
CA UNK OB 15 -19.06 -20.28 139.83
C UNK OB 15 -20.16 -19.85 140.80
N UNK OB 16 -20.54 -20.74 141.70
CA UNK OB 16 -21.59 -20.38 142.61
C UNK OB 16 -22.86 -20.47 141.78
N UNK OB 17 -23.98 -20.06 142.33
CA UNK OB 17 -24.05 -19.55 143.68
C UNK OB 17 -24.19 -20.72 144.64
N UNK OB 18 -24.18 -21.93 144.11
CA UNK OB 18 -24.36 -23.13 144.90
C UNK OB 18 -23.33 -23.27 146.02
N UNK OB 19 -23.83 -23.73 147.16
CA UNK OB 19 -23.05 -23.93 148.36
C UNK OB 19 -21.73 -24.60 148.00
N UNK OB 20 -20.68 -24.22 148.69
CA UNK OB 20 -19.35 -24.75 148.40
C UNK OB 20 -19.26 -26.28 148.47
N UNK OB 21 -19.88 -26.89 149.47
CA UNK OB 21 -19.84 -28.35 149.62
C UNK OB 21 -21.22 -28.94 149.40
N UNK OB 22 -22.04 -28.21 148.66
CA UNK OB 22 -23.43 -28.57 148.43
C UNK OB 22 -23.84 -29.88 147.73
N UNK OB 23 -23.14 -30.30 146.67
CA UNK OB 23 -23.53 -31.52 145.97
C UNK OB 23 -22.35 -32.41 145.68
N UNK OB 24 -22.48 -33.71 145.96
CA UNK OB 24 -21.36 -34.60 145.68
C UNK OB 24 -21.71 -35.97 145.11
N UNK OB 25 -22.27 -36.03 143.91
CA UNK OB 25 -22.66 -34.89 143.10
C UNK OB 25 -24.16 -35.04 142.81
N UNK OB 26 -24.84 -35.73 143.73
CA UNK OB 26 -26.27 -36.05 143.62
C UNK OB 26 -27.22 -34.87 143.59
N UNK OB 27 -26.79 -33.72 144.11
CA UNK OB 27 -27.67 -32.57 144.14
C UNK OB 27 -28.15 -32.06 142.78
N UNK OB 28 -29.43 -31.72 142.79
CA UNK OB 28 -30.23 -31.14 141.72
C UNK OB 28 -29.50 -29.94 141.15
N UNK OB 29 -29.45 -29.84 139.83
CA UNK OB 29 -28.70 -28.85 139.18
C UNK OB 29 -29.52 -27.62 139.20
N UNK OB 30 -30.79 -27.80 138.92
CA UNK OB 30 -31.69 -26.71 139.03
C UNK OB 30 -31.89 -26.66 140.50
N UNK OB 31 -32.52 -27.74 140.93
CA UNK OB 31 -33.18 -27.84 142.20
C UNK OB 31 -32.29 -27.48 143.35
N UNK OB 32 -31.24 -28.24 143.50
CA UNK OB 32 -30.52 -28.19 144.73
C UNK OB 32 -29.55 -27.06 144.80
N UNK OB 33 -29.69 -26.05 143.96
CA UNK OB 33 -28.73 -24.99 143.96
C UNK OB 33 -29.34 -23.72 143.45
N UNK OB 34 -30.61 -23.83 143.18
CA UNK OB 34 -31.32 -22.62 142.83
C UNK OB 34 -30.80 -22.15 141.50
N UNK OB 35 -30.64 -23.12 140.60
CA UNK OB 35 -30.14 -22.81 139.29
C UNK OB 35 -31.13 -22.02 138.47
N UNK OB 36 -30.66 -21.24 137.51
CA UNK OB 36 -31.56 -20.49 136.64
C UNK OB 36 -31.54 -21.23 135.32
N UNK OB 37 -32.66 -21.26 134.61
CA UNK OB 37 -32.69 -21.98 133.35
C UNK OB 37 -31.64 -21.31 132.49
N UNK OB 38 -31.63 -19.99 132.52
CA UNK OB 38 -30.63 -19.26 131.77
C UNK OB 38 -29.32 -19.66 132.41
N UNK OB 39 -29.34 -19.78 133.73
CA UNK OB 39 -28.16 -20.15 134.49
C UNK OB 39 -27.68 -21.54 134.12
N UNK OB 40 -28.61 -22.45 133.89
CA UNK OB 40 -28.22 -23.81 133.56
C UNK OB 40 -27.36 -23.75 132.33
N UNK OB 41 -27.74 -22.88 131.40
CA UNK OB 41 -26.99 -22.79 130.17
C UNK OB 41 -25.57 -22.39 130.50
N UNK OB 42 -25.41 -21.45 131.41
CA UNK OB 42 -24.07 -21.02 131.78
C UNK OB 42 -23.36 -22.24 132.31
N UNK OB 43 -24.09 -23.04 133.06
CA UNK OB 43 -23.49 -24.23 133.63
C UNK OB 43 -23.01 -25.06 132.48
N UNK OB 44 -23.83 -25.18 131.45
CA UNK OB 44 -23.42 -25.95 130.30
C UNK OB 44 -22.21 -25.24 129.75
N UNK OB 45 -22.28 -23.91 129.72
CA UNK OB 45 -21.18 -23.10 129.23
C UNK OB 45 -19.97 -23.50 130.03
N UNK OB 46 -20.13 -23.47 131.34
CA UNK OB 46 -19.04 -23.86 132.23
C UNK OB 46 -18.49 -25.26 131.94
N UNK OB 47 -19.39 -26.18 131.66
CA UNK OB 47 -18.98 -27.52 131.30
C UNK OB 47 -18.16 -27.38 130.02
N UNK OB 48 -18.61 -26.47 129.18
CA UNK OB 48 -17.94 -26.12 127.92
C UNK OB 48 -16.55 -25.52 128.12
N UNK OB 49 -16.40 -24.68 129.12
CA UNK OB 49 -15.10 -24.13 129.46
C UNK OB 49 -14.20 -25.29 129.87
N UNK OB 50 -14.76 -26.24 130.61
CA UNK OB 50 -13.97 -27.39 131.02
C UNK OB 50 -13.50 -28.14 129.78
N UNK OB 51 -14.43 -28.34 128.86
CA UNK OB 51 -14.11 -29.11 127.67
C UNK OB 51 -14.66 -28.53 126.37
N UNK OB 52 -13.91 -28.74 125.29
CA UNK OB 52 -14.31 -28.39 123.94
C UNK OB 52 -15.52 -29.18 123.49
N UNK OB 53 -15.58 -30.44 123.89
CA UNK OB 53 -16.54 -31.36 123.33
C UNK OB 53 -17.97 -30.92 123.57
N UNK OB 54 -18.28 -30.45 124.77
CA UNK OB 54 -19.62 -29.98 125.06
C UNK OB 54 -20.64 -31.09 124.77
N UNK OB 55 -21.70 -30.71 124.10
CA UNK OB 55 -22.70 -31.68 123.71
C UNK OB 55 -23.49 -31.09 122.58
N UNK OB 56 -24.24 -31.96 121.94
CA UNK OB 56 -25.26 -31.55 121.02
C UNK OB 56 -26.28 -30.94 121.96
N UNK OB 57 -27.32 -30.32 121.44
CA UNK OB 57 -28.31 -29.70 122.32
C UNK OB 57 -28.92 -30.76 123.21
N UNK OB 58 -29.15 -31.93 122.63
CA UNK OB 58 -29.84 -32.99 123.34
C UNK OB 58 -29.11 -33.38 124.60
N UNK OB 59 -27.78 -33.44 124.54
CA UNK OB 59 -27.00 -33.82 125.71
C UNK OB 59 -27.21 -32.81 126.84
N UNK OB 60 -27.23 -31.53 126.49
CA UNK OB 60 -27.42 -30.48 127.48
C UNK OB 60 -28.79 -30.65 128.11
N UNK OB 61 -29.79 -30.92 127.29
CA UNK OB 61 -31.13 -31.10 127.82
C UNK OB 61 -31.19 -32.28 128.78
N UNK OB 62 -30.47 -33.35 128.43
CA UNK OB 62 -30.41 -34.53 129.28
C UNK OB 62 -29.77 -34.27 130.63
N UNK OB 63 -28.69 -33.47 130.65
CA UNK OB 63 -27.98 -33.24 131.92
C UNK OB 63 -28.85 -32.55 132.97
N UNK OB 64 -28.74 -32.97 134.24
CA UNK OB 64 -29.63 -32.48 135.25
C UNK OB 64 -28.88 -32.64 136.56
N UNK OB 65 -27.98 -33.63 136.53
CA UNK OB 65 -27.14 -34.04 137.65
C UNK OB 65 -25.66 -34.03 137.28
N UNK OB 66 -24.86 -33.49 138.19
CA UNK OB 66 -23.43 -33.35 137.97
C UNK OB 66 -22.76 -34.71 137.79
N UNK OB 67 -23.19 -35.70 138.56
CA UNK OB 67 -22.61 -37.02 138.42
C UNK OB 67 -22.89 -37.52 137.01
N UNK OB 68 -24.09 -37.23 136.53
CA UNK OB 68 -24.49 -37.65 135.19
C UNK OB 68 -23.61 -37.01 134.12
N UNK OB 69 -23.35 -35.72 134.29
CA UNK OB 69 -22.49 -35.03 133.33
C UNK OB 69 -21.11 -35.65 133.33
N UNK OB 70 -20.60 -35.97 134.52
CA UNK OB 70 -19.28 -36.56 134.61
C UNK OB 70 -19.26 -37.89 133.88
N UNK OB 71 -20.36 -38.63 133.99
CA UNK OB 71 -20.53 -39.89 133.28
C UNK OB 71 -20.39 -39.71 131.76
N UNK OB 72 -21.31 -38.96 131.18
CA UNK OB 72 -21.37 -38.80 129.73
C UNK OB 72 -20.09 -38.16 129.26
N UNK OB 73 -19.57 -37.24 130.06
CA UNK OB 73 -18.29 -36.64 129.77
C UNK OB 73 -17.27 -37.76 129.79
N UNK OB 74 -17.45 -38.70 130.70
CA UNK OB 74 -16.51 -39.79 130.83
C UNK OB 74 -16.45 -40.59 129.55
N UNK OB 75 -17.62 -40.84 128.96
CA UNK OB 75 -17.70 -41.54 127.68
C UNK OB 75 -16.79 -42.76 127.65
N UNK PB 1 -15.52 -20.49 113.72
CA UNK PB 1 -14.97 -19.63 114.74
C UNK PB 1 -14.36 -18.39 114.11
N UNK PB 2 -14.82 -18.15 112.89
CA UNK PB 2 -14.63 -16.88 112.20
C UNK PB 2 -15.94 -16.14 112.14
N UNK PB 3 -16.85 -16.54 113.00
CA UNK PB 3 -18.24 -16.15 112.81
C UNK PB 3 -18.45 -14.65 112.97
N UNK PB 4 -19.59 -14.19 112.47
CA UNK PB 4 -20.07 -12.82 112.66
C UNK PB 4 -21.56 -12.76 113.06
N UNK PB 5 -21.95 -11.69 113.75
CA UNK PB 5 -23.32 -11.47 114.22
C UNK PB 5 -24.47 -11.18 113.24
N UNK PB 6 -24.23 -10.33 112.25
CA UNK PB 6 -25.42 -9.80 111.59
C UNK PB 6 -26.43 -10.89 111.23
N UNK PB 7 -25.93 -12.02 110.75
CA UNK PB 7 -26.79 -13.15 110.44
C UNK PB 7 -27.45 -13.54 111.75
N UNK PB 8 -26.82 -13.22 112.89
CA UNK PB 8 -27.45 -13.36 114.23
C UNK PB 8 -28.66 -12.50 114.69
N UNK PB 9 -28.62 -11.21 114.39
CA UNK PB 9 -29.53 -10.21 114.97
C UNK PB 9 -31.03 -10.33 114.68
N UNK PB 10 -31.36 -10.97 113.57
CA UNK PB 10 -32.76 -11.27 113.30
C UNK PB 10 -33.26 -12.14 114.45
N UNK PB 11 -32.34 -12.85 115.08
CA UNK PB 11 -32.69 -13.62 116.26
C UNK PB 11 -33.31 -12.63 117.24
N UNK PB 12 -33.11 -11.34 116.98
CA UNK PB 12 -33.85 -10.30 117.68
C UNK PB 12 -35.32 -10.50 117.36
N UNK PB 13 -35.57 -10.88 116.11
CA UNK PB 13 -36.91 -11.09 115.60
C UNK PB 13 -37.60 -12.20 116.39
N UNK PB 14 -36.85 -13.23 116.76
CA UNK PB 14 -37.41 -14.32 117.55
C UNK PB 14 -37.91 -13.80 118.90
N UNK PB 15 -37.12 -12.93 119.53
CA UNK PB 15 -37.50 -12.33 120.80
C UNK PB 15 -38.76 -11.50 120.60
N UNK PB 16 -38.81 -10.81 119.47
CA UNK PB 16 -39.96 -10.00 119.10
C UNK PB 16 -41.25 -10.81 118.93
N UNK PB 17 -41.13 -12.06 118.51
CA UNK PB 17 -42.32 -12.90 118.25
C UNK PB 17 -43.31 -13.11 119.40
N UNK PB 18 -42.78 -13.38 120.59
CA UNK PB 18 -43.60 -13.69 121.75
C UNK PB 18 -44.46 -12.59 122.37
N UNK PB 19 -45.68 -12.95 122.71
CA UNK PB 19 -46.62 -12.05 123.37
C UNK PB 19 -46.69 -12.39 124.86
N UNK PB 20 -45.82 -13.29 125.27
CA UNK PB 20 -45.70 -13.74 126.65
C UNK PB 20 -45.06 -12.64 127.49
N UNK PB 21 -45.16 -12.80 128.81
CA UNK PB 21 -44.61 -11.81 129.74
C UNK PB 21 -43.78 -12.43 130.85
N UNK PB 22 -42.98 -11.60 131.53
CA UNK PB 22 -42.15 -12.08 132.64
C UNK PB 22 -40.72 -12.52 132.33
N UNK PB 23 -40.29 -12.51 131.08
CA UNK PB 23 -38.90 -12.92 130.85
C UNK PB 23 -38.06 -11.65 130.77
N UNK PB 24 -38.21 -10.95 129.66
CA UNK PB 24 -37.55 -9.67 129.43
C UNK PB 24 -36.03 -9.52 129.59
N UNK PB 25 -35.70 -8.44 130.29
CA UNK PB 25 -34.37 -7.93 130.56
C UNK PB 25 -33.38 -8.94 131.09
N UNK PB 26 -33.79 -9.90 131.90
CA UNK PB 26 -32.80 -10.82 132.45
C UNK PB 26 -31.89 -11.31 131.33
N UNK PB 27 -32.42 -11.52 130.14
CA UNK PB 27 -31.57 -11.94 129.01
C UNK PB 27 -30.52 -10.87 128.64
N UNK PB 28 -30.92 -9.59 128.66
CA UNK PB 28 -30.09 -8.47 128.32
C UNK PB 28 -29.04 -8.30 129.39
N UNK PB 29 -29.45 -8.47 130.64
CA UNK PB 29 -28.53 -8.31 131.76
C UNK PB 29 -27.42 -9.36 131.70
N UNK PB 30 -27.78 -10.58 131.38
CA UNK PB 30 -26.81 -11.65 131.28
C UNK PB 30 -25.83 -11.33 130.17
N UNK PB 31 -26.34 -10.89 129.04
CA UNK PB 31 -25.48 -10.60 127.91
C UNK PB 31 -24.50 -9.46 128.21
N UNK PB 32 -25.01 -8.40 128.84
CA UNK PB 32 -24.16 -7.27 129.17
C UNK PB 32 -23.11 -7.69 130.19
N UNK PB 33 -23.55 -8.45 131.19
CA UNK PB 33 -22.65 -8.89 132.24
C UNK PB 33 -21.56 -9.79 131.67
N UNK PB 34 -21.96 -10.69 130.79
CA UNK PB 34 -21.03 -11.62 130.19
C UNK PB 34 -20.02 -10.82 129.38
N UNK PB 35 -20.49 -9.83 128.64
CA UNK PB 35 -19.59 -9.08 127.78
C UNK PB 35 -18.47 -8.35 128.50
N UNK PB 36 -18.82 -7.69 129.58
CA UNK PB 36 -17.83 -6.95 130.35
C UNK PB 36 -16.80 -7.89 130.95
N UNK PB 37 -17.29 -9.04 131.41
CA UNK PB 37 -16.45 -10.02 132.07
C UNK PB 37 -15.31 -10.64 131.27
N UNK PB 38 -15.61 -10.86 129.99
CA UNK PB 38 -14.68 -11.45 129.03
C UNK PB 38 -13.45 -10.60 128.83
N UNK PB 39 -12.30 -11.25 128.78
CA UNK PB 39 -11.05 -10.55 128.54
C UNK PB 39 -10.33 -11.08 127.31
N UNK PB 40 -10.27 -10.27 126.25
CA UNK PB 40 -9.59 -10.62 124.99
C UNK PB 40 -10.37 -11.58 124.12
N UNK PB 41 -9.88 -11.81 122.90
CA UNK PB 41 -10.52 -12.76 122.01
C UNK PB 41 -12.01 -12.57 121.74
N UNK PB 42 -12.43 -11.39 121.31
CA UNK PB 42 -13.85 -11.17 121.08
C UNK PB 42 -14.32 -12.18 120.06
N UNK PB 43 -15.52 -12.70 120.30
CA UNK PB 43 -16.20 -13.71 119.51
C UNK PB 43 -16.98 -14.53 120.51
N UNK PB 44 -16.37 -14.68 121.68
CA UNK PB 44 -17.00 -15.41 122.75
C UNK PB 44 -18.43 -14.95 122.63
N UNK PB 45 -18.62 -13.67 122.32
CA UNK PB 45 -20.00 -13.27 122.21
C UNK PB 45 -20.66 -14.21 121.25
N UNK PB 46 -20.00 -14.43 120.11
CA UNK PB 46 -20.65 -15.19 119.06
C UNK PB 46 -20.88 -16.55 119.60
N UNK PB 47 -19.86 -17.09 120.24
CA UNK PB 47 -19.95 -18.41 120.82
C UNK PB 47 -20.97 -18.42 121.92
N UNK PB 48 -20.88 -17.44 122.79
CA UNK PB 48 -21.77 -17.42 123.92
C UNK PB 48 -23.14 -17.29 123.34
N UNK PB 49 -23.22 -16.43 122.34
CA UNK PB 49 -24.48 -15.93 121.88
C UNK PB 49 -25.28 -17.11 121.46
N UNK PB 50 -24.65 -18.04 120.77
CA UNK PB 50 -25.42 -19.13 120.20
C UNK PB 50 -26.06 -19.84 121.33
N UNK PB 51 -25.24 -20.04 122.34
CA UNK PB 51 -25.69 -20.81 123.48
C UNK PB 51 -27.05 -20.30 123.87
N UNK PB 52 -27.18 -18.98 123.93
CA UNK PB 52 -28.44 -18.41 124.36
C UNK PB 52 -29.57 -18.69 123.39
N UNK PB 53 -29.32 -18.47 122.11
CA UNK PB 53 -30.41 -18.53 121.16
C UNK PB 53 -30.89 -19.94 121.20
N UNK PB 54 -29.91 -20.83 121.14
CA UNK PB 54 -30.18 -22.22 121.38
C UNK PB 54 -31.03 -22.26 122.60
N UNK PB 55 -30.63 -21.49 123.60
CA UNK PB 55 -31.31 -21.61 124.86
C UNK PB 55 -32.75 -21.27 124.67
N UNK PB 56 -32.98 -20.20 123.93
CA UNK PB 56 -34.30 -19.63 123.68
C UNK PB 56 -35.25 -20.63 123.08
N UNK PB 57 -34.72 -21.55 122.28
CA UNK PB 57 -35.57 -22.54 121.67
C UNK PB 57 -36.26 -23.26 122.82
N UNK PB 58 -37.49 -23.70 122.58
CA UNK PB 58 -38.31 -24.34 123.60
C UNK PB 58 -38.90 -23.23 124.46
N UNK PB 59 -38.07 -22.41 125.12
CA UNK PB 59 -38.68 -21.32 125.88
C UNK PB 59 -37.97 -20.00 125.62
N UNK QB 1 -35.67 -44.65 131.22
CA UNK QB 1 -34.64 -44.43 130.20
C UNK QB 1 -33.27 -44.23 130.84
N UNK QB 2 -33.24 -43.46 131.92
CA UNK QB 2 -31.98 -43.17 132.61
C UNK QB 2 -31.40 -44.47 133.15
N UNK QB 3 -32.26 -45.33 133.70
CA UNK QB 3 -31.82 -46.60 134.25
C UNK QB 3 -31.22 -47.49 133.18
N UNK QB 4 -31.87 -47.51 132.02
CA UNK QB 4 -31.38 -48.32 130.90
C UNK QB 4 -30.02 -47.80 130.46
N UNK QB 5 -29.89 -46.48 130.44
CA UNK QB 5 -28.63 -45.85 130.05
C UNK QB 5 -27.53 -46.25 131.01
N UNK QB 6 -27.87 -46.26 132.30
CA UNK QB 6 -26.93 -46.63 133.35
C UNK QB 6 -26.46 -48.07 133.16
N UNK QB 7 -27.39 -48.96 132.82
CA UNK QB 7 -27.04 -50.35 132.60
C UNK QB 7 -26.08 -50.44 131.40
N UNK QB 8 -26.39 -49.66 130.37
CA UNK QB 8 -25.57 -49.63 129.16
C UNK QB 8 -24.19 -49.11 129.50
N UNK QB 9 -24.14 -48.08 130.35
CA UNK QB 9 -22.88 -47.49 130.77
C UNK QB 9 -22.06 -48.53 131.51
N UNK QB 10 -22.72 -49.30 132.37
CA UNK QB 10 -22.06 -50.34 133.14
C UNK QB 10 -21.48 -51.40 132.20
N UNK QB 11 -22.25 -51.74 131.17
CA UNK QB 11 -21.80 -52.73 130.20
C UNK QB 11 -20.56 -52.21 129.47
N UNK QB 12 -20.59 -50.92 129.14
CA UNK QB 12 -19.47 -50.28 128.46
C UNK QB 12 -18.23 -50.30 129.34
N UNK QB 13 -18.41 -50.09 130.64
CA UNK QB 13 -17.28 -50.06 131.55
C UNK QB 13 -16.58 -51.42 131.56
N UNK QB 14 -17.37 -52.49 131.58
CA UNK QB 14 -16.80 -53.83 131.58
C UNK QB 14 -16.06 -54.07 130.28
N UNK QB 15 -16.65 -53.62 129.16
CA UNK QB 15 -16.04 -53.79 127.86
C UNK QB 15 -14.73 -53.02 127.77
N UNK QB 16 -14.70 -51.80 128.27
CA UNK QB 16 -13.46 -51.06 128.16
C UNK QB 16 -12.31 -51.72 128.92
N UNK QB 17 -12.57 -52.14 130.16
CA UNK QB 17 -11.51 -52.76 130.94
C UNK QB 17 -11.11 -54.03 130.25
N UNK QB 18 -12.11 -54.77 129.81
CA UNK QB 18 -11.89 -56.01 129.13
C UNK QB 18 -11.15 -55.78 127.84
N UNK QB 19 -11.44 -54.66 127.19
CA UNK QB 19 -10.86 -54.37 125.90
C UNK QB 19 -9.33 -54.31 125.84
N UNK QB 20 -8.71 -53.69 126.83
CA UNK QB 20 -7.26 -53.62 126.85
C UNK QB 20 -6.73 -54.76 127.69
N UNK QB 21 -5.42 -54.77 127.92
CA UNK QB 21 -4.81 -55.81 128.72
C UNK QB 21 -5.03 -57.18 128.09
N UNK RB 1 -4.41 -67.97 110.91
CA UNK RB 1 -4.90 -67.75 112.26
C UNK RB 1 -3.74 -67.66 113.25
N UNK RB 2 -3.60 -66.49 113.86
CA UNK RB 2 -2.51 -66.24 114.79
C UNK RB 2 -3.11 -65.98 116.15
N UNK RB 3 -2.35 -66.23 117.21
CA UNK RB 3 -2.91 -66.03 118.55
C UNK RB 3 -2.16 -65.12 119.50
N UNK RB 4 -2.90 -64.16 120.06
CA UNK RB 4 -2.38 -63.20 121.02
C UNK RB 4 -2.79 -63.62 122.43
N UNK RB 5 -3.30 -64.85 122.55
CA UNK RB 5 -3.64 -65.45 123.84
C UNK RB 5 -4.97 -65.13 124.51
N UNK RB 6 -5.65 -64.10 124.02
CA UNK RB 6 -6.92 -63.68 124.62
C UNK RB 6 -8.14 -63.70 123.71
N UNK RB 7 -7.96 -64.13 122.46
CA UNK RB 7 -9.05 -64.11 121.50
C UNK RB 7 -10.20 -64.95 121.99
N UNK RB 8 -9.88 -66.11 122.57
CA UNK RB 8 -10.93 -66.96 123.08
C UNK RB 8 -11.62 -66.15 124.16
N UNK RB 9 -10.86 -65.37 124.91
CA UNK RB 9 -11.46 -64.62 126.00
C UNK RB 9 -12.62 -63.82 125.46
N UNK RB 10 -12.50 -63.38 124.22
CA UNK RB 10 -13.56 -62.61 123.60
C UNK RB 10 -14.90 -63.34 123.44
N UNK RB 11 -14.87 -64.63 123.13
CA UNK RB 11 -16.12 -65.34 122.87
C UNK RB 11 -17.15 -65.33 124.00
N UNK RB 12 -16.73 -65.58 125.22
CA UNK RB 12 -17.70 -65.50 126.30
C UNK RB 12 -18.50 -64.25 126.05
N UNK RB 13 -17.82 -63.20 125.63
CA UNK RB 13 -18.48 -61.95 125.39
C UNK RB 13 -19.53 -62.20 124.33
N UNK RB 14 -19.12 -62.97 123.33
CA UNK RB 14 -19.98 -63.34 122.23
C UNK RB 14 -21.14 -64.18 122.69
N UNK RB 15 -20.88 -65.11 123.60
CA UNK RB 15 -21.94 -65.99 124.07
C UNK RB 15 -23.07 -65.23 124.74
N UNK RB 16 -22.71 -64.24 125.55
CA UNK RB 16 -23.74 -63.47 126.22
C UNK RB 16 -24.56 -62.72 125.20
N UNK RB 17 -23.88 -62.17 124.21
CA UNK RB 17 -24.54 -61.39 123.20
C UNK RB 17 -25.52 -62.27 122.48
N UNK RB 18 -25.29 -63.55 122.27
CA UNK RB 18 -26.41 -64.24 121.61
C UNK RB 18 -27.74 -64.29 122.44
N UNK RB 19 -27.59 -64.64 123.72
CA UNK RB 19 -28.72 -64.79 124.62
C UNK RB 19 -29.51 -63.52 124.84
N UNK RB 20 -28.80 -62.40 124.96
CA UNK RB 20 -29.45 -61.11 125.15
C UNK RB 20 -30.30 -60.80 123.94
N UNK RB 21 -29.79 -61.13 122.77
CA UNK RB 21 -30.50 -60.88 121.52
C UNK RB 21 -31.79 -61.67 121.48
N UNK RB 22 -31.84 -62.88 122.03
CA UNK RB 22 -33.13 -63.61 122.05
C UNK RB 22 -34.15 -62.89 122.93
N UNK RB 23 -33.69 -62.44 124.09
CA UNK RB 23 -34.47 -61.71 125.08
C UNK RB 23 -34.89 -60.40 124.47
N UNK RB 24 -34.02 -59.89 123.61
CA UNK RB 24 -34.27 -58.68 122.88
C UNK RB 24 -35.47 -58.97 121.97
N UNK RB 25 -35.52 -60.19 121.45
CA UNK RB 25 -36.60 -60.60 120.57
C UNK RB 25 -37.88 -60.56 121.39
N UNK RB 26 -37.74 -61.03 122.62
CA UNK RB 26 -38.81 -61.09 123.60
C UNK RB 26 -39.36 -59.70 123.91
N UNK RB 27 -38.48 -58.71 123.91
CA UNK RB 27 -38.88 -57.35 124.18
C UNK RB 27 -39.94 -57.01 123.14
N UNK RB 28 -39.76 -57.51 121.93
CA UNK RB 28 -40.72 -57.28 120.89
C UNK RB 28 -41.90 -58.26 120.88
N UNK SB 1 -20.16 -61.72 25.66
CA UNK SB 1 -19.17 -62.67 26.14
C UNK SB 1 -17.84 -61.99 26.42
N UNK SB 2 -17.55 -61.00 25.59
CA UNK SB 2 -16.31 -60.28 25.70
C UNK SB 2 -16.33 -59.65 27.07
N UNK SB 3 -17.49 -59.14 27.46
CA UNK SB 3 -17.55 -58.47 28.73
C UNK SB 3 -17.17 -59.46 29.81
N UNK SB 4 -17.71 -60.67 29.74
CA UNK SB 4 -17.38 -61.66 30.77
C UNK SB 4 -15.93 -62.07 30.80
N UNK SB 5 -15.39 -62.35 29.62
CA UNK SB 5 -14.05 -62.87 29.57
C UNK SB 5 -13.08 -61.86 30.12
N UNK SB 6 -13.30 -60.61 29.78
CA UNK SB 6 -12.34 -59.59 30.11
C UNK SB 6 -12.20 -59.52 31.60
N UNK SB 7 -13.29 -59.64 32.33
CA UNK SB 7 -13.25 -59.36 33.75
C UNK SB 7 -12.26 -60.31 34.36
N UNK SB 8 -12.25 -61.51 33.81
CA UNK SB 8 -11.39 -62.59 34.26
C UNK SB 8 -9.92 -62.23 34.13
N UNK SB 9 -9.54 -61.54 33.06
CA UNK SB 9 -8.13 -61.29 32.85
C UNK SB 9 -7.64 -60.52 34.05
N UNK SB 10 -8.42 -59.54 34.49
CA UNK SB 10 -7.95 -58.72 35.58
C UNK SB 10 -7.71 -59.62 36.77
N UNK SB 11 -8.67 -60.50 37.01
CA UNK SB 11 -8.60 -61.31 38.21
C UNK SB 11 -7.40 -62.22 38.17
N UNK SB 12 -7.15 -62.85 37.04
CA UNK SB 12 -6.05 -63.79 36.92
C UNK SB 12 -4.76 -63.06 37.11
N UNK SB 13 -4.77 -61.82 36.65
CA UNK SB 13 -3.65 -60.94 36.83
C UNK SB 13 -3.47 -60.91 38.33
N UNK SB 14 -4.56 -60.95 39.08
CA UNK SB 14 -4.45 -60.79 40.50
C UNK SB 14 -3.56 -61.88 41.05
N UNK SB 15 -3.96 -63.10 40.75
CA UNK SB 15 -3.45 -64.28 41.38
C UNK SB 15 -2.01 -64.31 41.01
N UNK SB 16 -1.72 -63.95 39.77
CA UNK SB 16 -0.33 -63.83 39.37
C UNK SB 16 0.22 -62.74 40.25
N UNK SB 17 -0.57 -61.69 40.41
CA UNK SB 17 -0.07 -60.55 41.13
C UNK SB 17 0.26 -61.01 42.52
N UNK SB 18 -0.67 -61.66 43.19
CA UNK SB 18 -0.35 -62.07 44.55
C UNK SB 18 0.76 -63.11 44.62
N UNK SB 19 0.70 -64.11 43.75
CA UNK SB 19 1.54 -65.25 43.98
C UNK SB 19 2.98 -64.81 43.93
N UNK SB 20 3.32 -64.02 42.93
CA UNK SB 20 4.71 -63.66 42.79
C UNK SB 20 5.16 -62.84 43.97
N UNK SB 21 4.35 -61.87 44.36
CA UNK SB 21 4.81 -60.94 45.38
C UNK SB 21 5.06 -61.72 46.63
N UNK SB 22 4.16 -62.63 46.94
CA UNK SB 22 4.20 -63.19 48.26
C UNK SB 22 5.54 -63.82 48.38
N UNK SB 23 5.94 -64.50 47.31
CA UNK SB 23 7.18 -65.23 47.39
C UNK SB 23 8.34 -64.27 47.61
N UNK SB 24 8.35 -63.18 46.86
CA UNK SB 24 9.59 -62.46 46.69
C UNK SB 24 10.08 -61.98 48.02
N UNK SB 25 9.13 -61.43 48.76
CA UNK SB 25 9.37 -60.86 50.07
C UNK SB 25 9.85 -61.96 50.98
N UNK SB 26 9.69 -63.20 50.56
CA UNK SB 26 10.11 -64.31 51.36
C UNK SB 26 11.59 -64.10 51.66
N UNK SB 27 12.36 -63.56 50.72
CA UNK SB 27 13.76 -63.40 51.15
C UNK SB 27 13.94 -63.15 52.64
N UNK SB 28 13.21 -62.22 53.20
CA UNK SB 28 13.21 -62.01 54.63
C UNK SB 28 12.18 -62.96 55.19
N UNK TB 1 9.39 -35.28 52.49
CA UNK TB 1 10.65 -35.71 53.08
C UNK TB 1 11.79 -34.81 52.66
N UNK TB 2 11.87 -34.55 51.36
CA UNK TB 2 12.95 -33.71 50.87
C UNK TB 2 13.05 -32.41 51.67
N UNK TB 3 12.05 -31.56 51.50
CA UNK TB 3 12.14 -30.17 51.88
C UNK TB 3 12.78 -30.15 53.24
N UNK TB 4 12.30 -31.01 54.11
CA UNK TB 4 12.92 -31.14 55.41
C UNK TB 4 14.39 -31.37 55.20
N UNK TB 5 14.70 -32.19 54.21
CA UNK TB 5 16.05 -32.66 54.03
C UNK TB 5 16.88 -31.43 53.83
N UNK TB 6 16.36 -30.49 53.09
CA UNK TB 6 17.07 -29.26 52.88
C UNK TB 6 17.22 -28.60 54.24
N UNK TB 7 16.15 -28.61 55.01
CA UNK TB 7 16.19 -27.85 56.22
C UNK TB 7 17.49 -28.17 56.91
N UNK TB 8 17.90 -29.43 56.82
CA UNK TB 8 19.02 -29.86 57.62
C UNK TB 8 20.22 -29.01 57.29
N UNK TB 9 20.40 -28.70 56.01
CA UNK TB 9 21.55 -27.89 55.65
C UNK TB 9 21.42 -26.56 56.38
N UNK TB 10 20.22 -26.02 56.43
CA UNK TB 10 20.07 -24.75 57.10
C UNK TB 10 20.61 -24.96 58.48
N UNK TB 11 20.33 -26.12 59.03
CA UNK TB 11 20.83 -26.44 60.34
C UNK TB 11 22.34 -26.36 60.25
N UNK TB 12 22.86 -26.80 59.11
CA UNK TB 12 24.29 -26.93 59.01
C UNK TB 12 24.94 -25.59 59.23
N UNK TB 13 24.42 -24.53 58.61
CA UNK TB 13 25.11 -23.23 58.82
C UNK TB 13 25.07 -22.59 60.25
N UNK TB 14 23.87 -22.51 60.82
CA UNK TB 14 23.52 -22.17 62.19
C UNK TB 14 24.54 -22.79 63.12
N UNK TB 15 24.98 -23.98 62.72
CA UNK TB 15 25.96 -24.79 63.42
C UNK TB 15 27.26 -24.03 63.56
N UNK TB 16 27.65 -23.25 62.56
CA UNK TB 16 28.75 -22.29 62.82
C UNK TB 16 28.27 -21.38 63.95
N UNK TB 17 29.03 -21.13 65.01
CA UNK TB 17 28.37 -20.30 66.04
C UNK TB 17 29.12 -19.44 67.04
N UNK TB 18 28.41 -18.43 67.53
CA UNK TB 18 28.89 -17.50 68.53
C UNK TB 18 27.83 -17.60 69.60
N UNK TB 19 28.25 -17.73 70.85
CA UNK TB 19 27.30 -17.88 71.94
C UNK TB 19 28.05 -18.22 73.21
N UNK TB 20 27.41 -18.92 74.14
CA UNK TB 20 28.10 -19.23 75.38
C UNK TB 20 29.34 -20.01 74.98
N UNK TB 21 29.17 -20.93 74.03
CA UNK TB 21 30.28 -21.68 73.50
C UNK TB 21 30.36 -23.01 74.19
N UNK TB 22 31.02 -23.91 73.50
CA UNK TB 22 31.26 -25.28 73.94
C UNK TB 22 30.20 -26.02 74.77
N UNK TB 23 29.78 -25.44 75.89
CA UNK TB 23 28.84 -26.12 76.77
C UNK TB 23 27.52 -26.38 76.07
N UNK TB 24 27.07 -25.38 75.31
CA UNK TB 24 25.85 -25.50 74.56
C UNK TB 24 26.22 -25.81 73.12
N UNK TB 25 27.50 -26.06 72.88
CA UNK TB 25 27.96 -26.32 71.51
C UNK TB 25 27.70 -27.75 71.08
N UNK TB 26 27.86 -28.67 72.03
CA UNK TB 26 27.67 -30.09 71.78
C UNK TB 26 26.23 -30.36 71.35
N UNK TB 27 25.30 -29.59 71.91
CA UNK TB 27 23.89 -29.76 71.60
C UNK TB 27 23.56 -29.56 70.13
N UNK TB 28 24.17 -28.58 69.47
CA UNK TB 28 23.87 -28.38 68.06
C UNK TB 28 24.43 -29.59 67.34
N UNK TB 29 25.63 -30.00 67.73
CA UNK TB 29 26.28 -31.06 67.02
C UNK TB 29 25.38 -32.27 67.10
N UNK TB 30 24.80 -32.47 68.27
CA UNK TB 30 24.05 -33.69 68.45
C UNK TB 30 22.93 -33.72 67.44
N UNK TB 31 22.22 -32.61 67.29
CA UNK TB 31 21.11 -32.59 66.38
C UNK TB 31 21.71 -32.84 65.02
N UNK TB 32 22.84 -32.20 64.78
CA UNK TB 32 23.48 -32.33 63.50
C UNK TB 32 23.62 -33.79 63.14
N UNK TB 33 24.02 -34.61 64.09
CA UNK TB 33 24.11 -36.03 63.79
C UNK TB 33 22.71 -36.50 63.46
N UNK TB 34 21.75 -36.09 64.28
CA UNK TB 34 20.42 -36.65 64.14
C UNK TB 34 19.84 -36.32 62.79
N UNK TB 35 19.95 -35.07 62.37
CA UNK TB 35 19.50 -34.83 61.00
C UNK TB 35 20.12 -35.93 60.19
N UNK TB 36 21.32 -36.29 60.56
CA UNK TB 36 21.94 -37.38 59.85
C UNK TB 36 21.05 -38.59 60.08
N UNK TB 37 20.52 -38.78 61.27
CA UNK TB 37 19.78 -40.03 61.49
C UNK TB 37 18.57 -40.19 60.59
N UNK TB 38 17.78 -39.13 60.51
CA UNK TB 38 16.50 -39.22 59.85
C UNK TB 38 16.70 -39.57 58.41
N UNK TB 39 17.68 -38.92 57.79
CA UNK TB 39 17.88 -39.10 56.38
C UNK TB 39 18.20 -40.57 56.18
N UNK TB 40 19.05 -41.10 57.04
CA UNK TB 40 19.51 -42.43 56.81
C UNK TB 40 18.30 -43.34 56.83
N UNK TB 41 17.46 -43.19 57.85
CA UNK TB 41 16.34 -44.13 57.96
C UNK TB 41 15.39 -44.02 56.76
N UNK TB 42 15.06 -42.79 56.41
CA UNK TB 42 14.04 -42.61 55.40
C UNK TB 42 14.59 -43.21 54.14
N UNK TB 43 15.86 -42.96 53.90
CA UNK TB 43 16.50 -43.37 52.67
C UNK TB 43 16.54 -44.87 52.55
N UNK TB 44 16.86 -45.53 53.64
CA UNK TB 44 16.98 -46.97 53.59
C UNK TB 44 15.61 -47.47 53.21
N UNK TB 45 14.61 -46.87 53.81
CA UNK TB 45 13.25 -47.30 53.53
C UNK TB 45 12.82 -47.10 52.08
N UNK TB 46 13.11 -45.93 51.51
CA UNK TB 46 12.67 -45.70 50.15
C UNK TB 46 13.38 -46.72 49.29
N UNK TB 47 14.64 -46.98 49.58
CA UNK TB 47 15.40 -47.92 48.77
C UNK TB 47 14.84 -49.34 48.82
N UNK TB 48 14.47 -49.79 50.01
CA UNK TB 48 13.91 -51.13 50.13
C UNK TB 48 12.63 -51.18 49.35
N UNK TB 49 11.88 -50.09 49.45
CA UNK TB 49 10.60 -50.04 48.79
C UNK TB 49 10.83 -50.18 47.32
N UNK TB 50 11.85 -49.50 46.83
CA UNK TB 50 12.18 -49.53 45.42
C UNK TB 50 12.54 -50.92 44.96
N UNK TB 51 13.33 -51.63 45.75
CA UNK TB 51 13.72 -52.97 45.33
C UNK TB 51 12.47 -53.80 45.24
N UNK TB 52 11.59 -53.65 46.21
CA UNK TB 52 10.39 -54.45 46.22
C UNK TB 52 9.54 -54.15 45.02
N UNK TB 53 9.48 -52.89 44.65
CA UNK TB 53 8.49 -52.44 43.70
C UNK TB 53 8.65 -53.18 42.40
N UNK TB 54 9.89 -53.40 41.97
CA UNK TB 54 10.02 -54.12 40.71
C UNK TB 54 9.14 -55.35 40.61
N UNK TB 55 8.98 -56.07 41.73
CA UNK TB 55 8.49 -57.43 41.63
C UNK TB 55 7.14 -57.44 40.97
N UNK TB 56 6.26 -56.52 41.35
CA UNK TB 56 5.25 -56.14 40.38
C UNK TB 56 5.51 -54.77 39.78
N UNK TB 57 4.73 -54.41 38.75
CA UNK TB 57 4.79 -53.09 38.15
C UNK TB 57 3.42 -52.43 38.01
N UNK UB 1 38.30 -20.85 99.44
CA UNK UB 1 39.63 -20.75 98.87
C UNK UB 1 39.87 -19.36 98.33
N UNK UB 2 40.92 -19.22 97.52
CA UNK UB 2 41.27 -17.93 96.91
C UNK UB 2 40.38 -17.67 95.69
N UNK UB 3 39.94 -16.43 95.51
CA UNK UB 3 39.09 -16.15 94.40
C UNK UB 3 39.83 -16.08 93.11
N UNK UB 4 39.21 -16.67 92.12
CA UNK UB 4 39.65 -16.51 90.75
C UNK UB 4 38.95 -15.18 90.28
N UNK UB 5 38.37 -14.55 91.29
CA UNK UB 5 37.65 -13.31 91.20
C UNK UB 5 38.63 -12.28 90.70
N UNK UB 6 39.92 -12.58 90.70
CA UNK UB 6 40.92 -11.66 90.16
C UNK UB 6 40.47 -11.43 88.71
N UNK UB 7 39.95 -12.50 88.12
CA UNK UB 7 39.39 -12.48 86.79
C UNK UB 7 38.21 -11.52 86.88
N UNK UB 8 37.51 -11.53 88.03
CA UNK UB 8 36.37 -10.65 88.26
C UNK UB 8 36.73 -9.17 88.25
N UNK UB 9 37.90 -8.86 88.81
CA UNK UB 9 38.47 -7.52 88.87
C UNK UB 9 38.79 -7.13 87.45
N UNK UB 10 39.29 -8.11 86.70
CA UNK UB 10 39.64 -7.88 85.32
C UNK UB 10 38.35 -7.49 84.62
N UNK UB 11 37.27 -8.18 84.98
CA UNK UB 11 35.94 -7.97 84.43
C UNK UB 11 35.39 -6.59 84.75
N UNK UB 12 35.71 -6.11 85.95
CA UNK UB 12 35.28 -4.79 86.37
C UNK UB 12 35.97 -3.82 85.43
N UNK UB 13 37.21 -4.17 85.08
CA UNK UB 13 38.02 -3.36 84.18
C UNK UB 13 37.30 -3.32 82.84
N UNK UB 14 36.67 -4.43 82.49
CA UNK UB 14 35.98 -4.55 81.22
C UNK UB 14 34.88 -3.51 81.05
N UNK UB 15 34.11 -3.24 82.10
CA UNK UB 15 33.03 -2.25 82.00
C UNK UB 15 32.18 -2.43 80.74
N UNK VB 1 12.37 27.88 73.37
CA UNK VB 1 12.00 26.76 72.52
C UNK VB 1 12.95 25.59 72.71
N UNK VB 2 14.16 25.80 72.22
CA UNK VB 2 15.21 24.80 72.10
C UNK VB 2 15.62 24.34 73.47
N UNK VB 3 15.18 25.07 74.48
CA UNK VB 3 15.68 24.86 75.82
C UNK VB 3 15.35 23.47 76.33
N UNK VB 4 14.29 22.86 75.85
CA UNK VB 4 14.15 21.49 76.29
C UNK VB 4 15.47 20.79 76.18
N UNK VB 5 16.28 21.34 75.30
CA UNK VB 5 17.48 20.71 74.86
C UNK VB 5 18.27 20.45 76.12
N UNK VB 6 18.23 21.36 77.06
CA UNK VB 6 18.96 21.13 78.30
C UNK VB 6 18.48 19.95 79.15
N UNK VB 7 17.17 19.83 79.37
CA UNK VB 7 16.71 18.81 80.28
C UNK VB 7 17.04 17.43 79.72
N UNK VB 8 16.72 17.25 78.46
CA UNK VB 8 17.00 15.98 77.80
C UNK VB 8 18.48 15.75 77.70
N UNK VB 9 19.21 16.81 77.36
CA UNK VB 9 20.62 16.70 77.08
C UNK VB 9 21.24 16.17 78.34
N UNK VB 10 20.67 16.68 79.43
CA UNK VB 10 21.05 16.39 80.78
C UNK VB 10 20.81 14.96 81.15
N UNK VB 11 19.72 14.39 80.68
CA UNK VB 11 19.33 13.08 81.17
C UNK VB 11 20.46 12.12 80.84
N UNK VB 12 21.07 12.34 79.69
CA UNK VB 12 22.16 11.51 79.27
C UNK VB 12 23.20 11.66 80.35
N UNK VB 13 23.34 12.85 80.88
CA UNK VB 13 24.36 13.09 81.88
C UNK VB 13 24.16 12.26 83.13
N UNK VB 14 22.93 12.14 83.61
CA UNK VB 14 22.69 11.40 84.84
C UNK VB 14 23.09 9.96 84.62
N UNK VB 15 22.72 9.48 83.44
CA UNK VB 15 23.01 8.14 82.96
C UNK VB 15 24.51 8.00 82.81
N UNK VB 16 25.17 9.02 82.28
CA UNK VB 16 26.61 8.99 82.16
C UNK VB 16 27.09 8.90 83.60
N UNK VB 17 26.40 9.64 84.45
CA UNK VB 17 26.66 9.66 85.86
C UNK VB 17 26.43 8.24 86.32
N UNK VB 18 25.44 7.58 85.73
CA UNK VB 18 25.12 6.20 86.10
C UNK VB 18 26.27 5.24 85.83
N UNK VB 19 26.89 5.40 84.68
CA UNK VB 19 28.01 4.58 84.28
C UNK VB 19 29.13 4.83 85.26
N UNK VB 20 29.26 6.09 85.64
CA UNK VB 20 30.31 6.44 86.60
C UNK VB 20 30.08 5.76 87.94
N UNK VB 21 28.82 5.76 88.38
CA UNK VB 21 28.49 5.17 89.66
C UNK VB 21 28.85 3.71 89.53
N UNK VB 22 28.52 3.16 88.36
CA UNK VB 22 28.84 1.79 88.04
C UNK VB 22 30.34 1.74 88.09
N UNK VB 23 30.97 2.75 87.53
CA UNK VB 23 32.41 2.78 87.53
C UNK VB 23 32.79 2.76 88.98
N UNK VB 24 32.05 3.52 89.78
CA UNK VB 24 32.30 3.56 91.20
C UNK VB 24 32.10 2.15 91.73
N UNK VB 25 31.06 1.49 91.23
CA UNK VB 25 30.76 0.14 91.67
C UNK VB 25 31.88 -0.83 91.35
N UNK VB 26 32.40 -0.73 90.13
CA UNK VB 26 33.47 -1.61 89.73
C UNK VB 26 34.67 -1.37 90.64
N UNK VB 27 34.90 -0.12 90.98
CA UNK VB 27 36.03 0.25 91.83
C UNK VB 27 35.91 -0.33 93.23
N UNK VB 28 34.78 -0.07 93.86
CA UNK VB 28 34.53 -0.56 95.21
C UNK VB 28 34.61 -2.06 95.13
N UNK VB 29 34.15 -2.60 94.00
CA UNK VB 29 34.19 -4.03 93.78
C UNK VB 29 35.65 -4.46 93.82
N UNK VB 30 36.51 -3.64 93.22
CA UNK VB 30 37.94 -3.93 93.18
C UNK VB 30 38.52 -3.95 94.58
N UNK VB 31 38.09 -2.99 95.39
CA UNK VB 31 38.55 -2.89 96.77
C UNK VB 31 38.13 -4.13 97.53
N UNK VB 32 36.93 -4.60 97.24
CA UNK VB 32 36.39 -5.78 97.86
C UNK VB 32 36.89 -6.99 97.08
N UNK WB 1 40.79 -61.73 75.83
CA UNK WB 1 39.39 -61.82 76.18
C UNK WB 1 39.12 -61.25 77.57
N UNK WB 2 39.95 -61.66 78.52
CA UNK WB 2 39.82 -61.32 79.92
C UNK WB 2 40.30 -59.92 80.24
N UNK WB 3 40.63 -59.15 79.22
CA UNK WB 3 41.12 -57.80 79.46
C UNK WB 3 40.05 -57.08 80.28
N UNK WB 4 38.79 -57.23 79.92
CA UNK WB 4 37.78 -56.58 80.76
C UNK WB 4 38.06 -56.76 82.25
N UNK WB 5 38.51 -57.94 82.64
CA UNK WB 5 38.79 -58.18 84.04
C UNK WB 5 39.85 -57.18 84.40
N UNK WB 6 40.78 -56.98 83.47
CA UNK WB 6 41.86 -56.03 83.66
C UNK WB 6 41.20 -54.69 83.92
N UNK WB 7 40.13 -54.44 83.19
CA UNK WB 7 39.41 -53.20 83.34
C UNK WB 7 38.86 -53.09 84.74
N UNK WB 8 38.33 -54.18 85.27
CA UNK WB 8 37.76 -54.13 86.59
C UNK WB 8 38.84 -53.76 87.57
N UNK WB 9 39.99 -54.39 87.43
CA UNK WB 9 41.08 -54.10 88.35
C UNK WB 9 41.50 -52.65 88.28
N UNK WB 10 41.66 -52.11 87.08
CA UNK WB 10 42.06 -50.71 87.02
C UNK WB 10 41.00 -49.78 87.64
N UNK WB 11 39.74 -50.07 87.35
CA UNK WB 11 38.65 -49.25 87.84
C UNK WB 11 38.53 -49.21 89.35
N UNK WB 12 38.71 -50.36 89.99
CA UNK WB 12 38.61 -50.42 91.43
C UNK WB 12 39.71 -49.58 92.07
N UNK WB 13 40.91 -49.71 91.51
CA UNK WB 13 42.03 -48.98 92.04
C UNK WB 13 41.72 -47.50 91.91
N UNK WB 14 41.04 -47.10 90.85
CA UNK WB 14 40.72 -45.68 90.69
C UNK WB 14 39.87 -45.10 91.83
N UNK WB 15 38.90 -45.87 92.32
CA UNK WB 15 37.97 -45.48 93.39
C UNK WB 15 38.38 -44.41 94.44
N UNK WB 16 38.99 -44.84 95.54
CA UNK WB 16 39.37 -43.94 96.63
C UNK WB 16 40.57 -43.06 96.41
N UNK WB 17 41.61 -43.58 95.77
CA UNK WB 17 42.80 -42.78 95.52
C UNK WB 17 42.34 -41.57 94.70
N UNK WB 18 41.43 -41.81 93.76
CA UNK WB 18 40.88 -40.73 92.96
C UNK WB 18 40.14 -39.80 93.90
N UNK WB 19 39.45 -40.42 94.87
CA UNK WB 19 38.70 -39.71 95.89
C UNK WB 19 39.66 -38.87 96.74
N UNK WB 20 40.82 -39.43 97.04
CA UNK WB 20 41.83 -38.74 97.82
C UNK WB 20 42.30 -37.51 97.05
N UNK WB 21 42.40 -37.64 95.74
CA UNK WB 21 42.84 -36.52 94.92
C UNK WB 21 41.87 -35.34 95.08
N UNK WB 22 40.58 -35.64 95.21
CA UNK WB 22 39.56 -34.62 95.39
C UNK WB 22 39.78 -33.81 96.66
N UNK WB 23 40.19 -34.49 97.74
CA UNK WB 23 40.42 -33.82 99.01
C UNK WB 23 41.56 -32.81 98.88
N UNK WB 24 42.63 -33.20 98.18
CA UNK WB 24 43.76 -32.31 97.95
C UNK WB 24 43.30 -31.14 97.11
N UNK WB 25 42.45 -31.46 96.15
CA UNK WB 25 41.86 -30.50 95.22
C UNK WB 25 40.97 -29.47 95.90
N UNK WB 26 40.60 -29.81 97.13
CA UNK WB 26 39.72 -29.03 97.97
C UNK WB 26 40.37 -27.82 98.61
N UNK WB 27 41.48 -27.38 98.05
CA UNK WB 27 42.16 -26.23 98.63
C UNK WB 27 41.09 -25.16 98.73
N UNK XB 1 14.79 -53.35 65.66
CA UNK XB 1 15.59 -53.47 64.45
C UNK XB 1 16.17 -52.13 64.03
N UNK XB 2 15.33 -51.11 64.02
CA UNK XB 2 15.76 -49.75 63.63
C UNK XB 2 16.90 -49.29 64.54
N UNK XB 3 16.69 -49.49 65.82
CA UNK XB 3 17.65 -49.12 66.87
C UNK XB 3 18.98 -49.82 66.62
N UNK XB 4 18.87 -51.11 66.35
CA UNK XB 4 20.03 -51.97 66.08
C UNK XB 4 20.83 -51.42 64.89
N UNK XB 5 20.08 -51.10 63.85
CA UNK XB 5 20.64 -50.55 62.60
C UNK XB 5 21.42 -49.27 62.90
N UNK XB 6 20.79 -48.42 63.68
CA UNK XB 6 21.36 -47.13 64.09
C UNK XB 6 22.69 -47.35 64.82
N UNK XB 7 23.60 -47.48 64.88
CA UNK XB 7 25.04 -47.28 65.03
C UNK XB 7 25.73 -47.40 63.67
N UNK XB 8 25.35 -48.44 62.96
CA UNK XB 8 25.89 -48.74 61.63
C UNK XB 8 25.63 -47.56 60.68
N UNK XB 9 24.39 -47.09 60.73
CA UNK XB 9 23.93 -45.96 59.90
C UNK XB 9 24.80 -44.73 60.18
N UNK XB 10 24.99 -44.48 61.46
CA UNK XB 10 25.79 -43.35 61.94
C UNK XB 10 27.21 -43.42 61.38
N UNK XB 11 27.76 -44.63 61.47
CA UNK XB 11 29.12 -44.92 60.99
C UNK XB 11 29.22 -44.60 59.50
N UNK XB 12 28.21 -45.06 58.77
CA UNK XB 12 28.12 -44.86 57.32
C UNK XB 12 28.12 -43.38 57.00
N UNK XB 13 27.31 -42.65 57.74
CA UNK XB 13 27.16 -41.20 57.59
C UNK XB 13 28.52 -40.51 57.79
N UNK XB 14 29.19 -40.92 58.84
CA UNK XB 14 30.51 -40.40 59.20
C UNK XB 14 31.50 -40.61 58.05
N UNK XB 15 31.47 -41.82 57.53
CA UNK XB 15 32.33 -42.23 56.41
C UNK XB 15 32.09 -41.31 55.20
N UNK XB 16 30.82 -41.12 54.92
CA UNK XB 16 30.37 -40.27 53.81
C UNK XB 16 30.93 -38.86 53.97
N UNK XB 17 30.79 -38.36 55.17
CA UNK XB 17 31.25 -37.01 55.54
C UNK XB 17 32.75 -36.89 55.28
N UNK XB 18 33.46 -37.90 55.73
CA UNK XB 18 34.93 -37.98 55.59
C UNK XB 18 35.30 -37.91 54.10
N UNK XB 19 34.59 -38.70 53.32
CA UNK XB 19 34.78 -38.79 51.88
C UNK XB 19 34.61 -37.41 51.24
N UNK XB 20 33.54 -36.76 51.64
CA UNK XB 20 33.18 -35.41 51.16
C UNK XB 20 34.33 -34.45 51.45
N UNK XB 21 8.43 -19.99 40.24
CA UNK XB 21 8.07 -20.46 41.57
C UNK XB 21 6.99 -21.53 41.50
N UNK XB 22 5.83 -21.17 40.98
CA UNK XB 22 4.72 -22.10 40.86
C UNK XB 22 5.18 -23.45 40.33
N UNK XB 23 5.80 -23.43 39.16
CA UNK XB 23 6.30 -24.66 38.53
C UNK XB 23 7.14 -25.47 39.51
N UNK XB 24 8.11 -24.82 40.14
CA UNK XB 24 8.98 -25.48 41.11
C UNK XB 24 8.17 -26.19 42.18
N UNK XB 25 7.21 -25.47 42.77
CA UNK XB 25 6.36 -26.03 43.81
C UNK XB 25 5.67 -27.30 43.34
N UNK XB 26 5.07 -27.24 42.16
CA UNK XB 26 4.38 -28.40 41.60
C UNK XB 26 5.30 -29.59 41.49
N UNK XB 27 6.51 -29.36 40.98
CA UNK XB 27 7.49 -30.42 40.81
C UNK XB 27 7.81 -31.08 42.15
N UNK XB 28 8.02 -30.26 43.18
CA UNK XB 28 8.33 -30.77 44.51
C UNK XB 28 7.20 -31.66 45.04
N UNK XB 29 5.97 -31.21 44.85
CA UNK XB 29 4.81 -31.96 45.29
C UNK XB 29 4.73 -33.33 44.62
N UNK XB 30 5.01 -33.36 43.32
CA UNK XB 30 4.97 -34.60 42.56
C UNK XB 30 6.03 -35.58 43.07
N UNK XB 31 7.22 -35.06 43.38
CA UNK XB 31 8.31 -35.89 43.87
C UNK XB 31 7.95 -36.51 45.22
N UNK XB 32 7.31 -35.73 46.08
CA UNK XB 32 6.91 -36.21 47.40
C UNK XB 32 5.87 -37.32 47.30
N UNK XB 33 4.94 -37.16 46.36
CA UNK XB 33 3.89 -38.16 46.15
C UNK XB 33 4.47 -39.48 45.65
N UNK XB 34 5.48 -39.38 44.78
CA UNK XB 34 6.11 -40.56 44.22
C UNK XB 34 6.87 -41.34 45.30
N UNK XB 35 7.47 -40.61 46.23
CA UNK XB 35 8.22 -41.22 47.31
C UNK XB 35 7.30 -41.87 48.34
N UNK XB 36 6.08 -41.36 48.43
CA UNK XB 36 5.09 -41.88 49.37
C UNK XB 36 4.51 -43.20 48.87
N UNK XB 37 30.45 6.03 111.00
CA UNK XB 37 30.95 5.56 112.29
C UNK XB 37 30.16 6.22 113.42
N UNK XB 38 30.02 7.52 113.29
CA UNK XB 38 29.29 8.36 114.26
C UNK XB 38 27.86 7.85 114.41
N UNK XB 39 27.24 7.62 113.26
CA UNK XB 39 25.86 7.14 113.19
C UNK XB 39 25.73 5.81 113.93
N UNK XB 40 26.68 4.94 113.66
CA UNK XB 40 26.74 3.60 114.27
C UNK XB 40 26.80 3.73 115.80
N UNK XB 41 27.67 4.61 116.22
CA UNK XB 41 27.89 4.90 117.65
C UNK XB 41 26.59 5.34 118.30
N UNK XB 42 25.92 6.26 117.62
CA UNK XB 42 24.64 6.82 118.06
C UNK XB 42 23.61 5.70 118.26
N UNK XB 43 23.56 4.86 117.25
CA UNK XB 43 22.64 3.70 117.22
C UNK XB 43 22.89 2.81 118.43
N UNK XB 44 24.16 2.54 118.66
CA UNK XB 44 24.62 1.70 119.78
C UNK XB 44 24.14 2.29 121.11
N UNK XB 45 24.35 3.59 121.22
CA UNK XB 45 23.96 4.36 122.41
C UNK XB 45 22.46 4.20 122.68
N UNK XB 46 21.72 4.38 121.60
CA UNK XB 46 20.25 4.28 121.62
C UNK XB 46 19.83 2.91 122.14
N UNK XB 47 20.47 1.90 121.59
CA UNK XB 47 20.22 0.49 121.95
C UNK XB 47 20.44 0.29 123.44
N UNK XB 48 21.56 0.82 123.90
CA UNK XB 48 21.98 0.73 125.30
C UNK XB 48 20.90 1.34 126.21
N UNK XB 49 20.46 2.51 125.79
CA UNK XB 49 19.43 3.28 126.50
C UNK XB 49 18.14 2.43 126.63
N UNK XB 50 17.77 1.85 125.50
CA UNK XB 50 16.58 0.99 125.40
C UNK XB 50 16.68 -0.16 126.40
N UNK XB 51 17.85 -0.78 126.39
CA UNK XB 51 18.15 -1.91 127.27
C UNK XB 51 17.96 -1.51 128.74
N UNK XB 52 18.52 -0.36 129.10
CA UNK XB 52 18.42 0.14 130.46
C UNK XB 52 16.95 0.29 130.90
N UNK XB 53 16.15 0.90 130.03
CA UNK XB 53 14.73 1.10 130.31
C UNK XB 53 14.03 -0.22 130.58
N UNK XB 54 1.67 -43.94 137.24
CA UNK XB 54 0.34 -43.47 136.86
C UNK XB 54 -0.44 -43.06 138.12
N UNK XB 55 -0.37 -43.95 139.10
CA UNK XB 55 -1.04 -43.75 140.39
C UNK XB 55 -0.56 -42.46 141.05
N UNK XB 56 0.75 -42.31 141.03
CA UNK XB 56 1.43 -41.14 141.61
C UNK XB 56 0.92 -39.86 140.95
N UNK XB 57 0.86 -39.92 139.63
CA UNK XB 57 0.40 -38.80 138.79
C UNK XB 57 -1.02 -38.41 139.20
N UNK XB 58 -1.85 -39.43 139.32
CA UNK XB 58 -3.26 -39.28 139.69
C UNK XB 58 -3.37 -38.56 141.04
N UNK XB 59 -2.57 -39.03 141.97
CA UNK XB 59 -2.50 -38.49 143.33
C UNK XB 59 -2.16 -37.00 143.30
N UNK XB 60 -1.16 -36.71 142.50
CA UNK XB 60 -0.65 -35.34 142.31
C UNK XB 60 -1.79 -34.45 141.80
N UNK XB 61 -2.63 -35.00 140.95
CA UNK XB 61 -3.69 -34.24 140.29
C UNK XB 61 -4.63 -33.60 141.32
N UNK XB 62 -4.89 -34.30 142.41
CA UNK XB 62 -5.71 -33.75 143.49
C UNK XB 62 -5.01 -32.50 144.04
N UNK XB 63 -3.69 -32.56 144.06
CA UNK XB 63 -2.87 -31.41 144.43
C UNK XB 63 -3.10 -30.29 143.42
N UNK XB 64 -3.26 -30.66 142.16
CA UNK XB 64 -3.57 -29.69 141.10
C UNK XB 64 -4.91 -29.00 141.34
N UNK XB 65 -5.89 -29.77 141.80
CA UNK XB 65 -7.19 -29.24 142.20
C UNK XB 65 -7.07 -28.28 143.38
N UNK XB 66 -6.19 -28.63 144.32
CA UNK XB 66 -5.90 -27.74 145.45
C UNK XB 66 -5.30 -26.44 144.94
N UNK XB 67 -4.44 -26.55 143.94
CA UNK XB 67 -3.83 -25.40 143.28
C UNK XB 67 -4.89 -24.52 142.61
N UNK XB 68 -5.89 -25.18 142.01
CA UNK XB 68 -7.03 -24.49 141.42
C UNK XB 68 -7.84 -23.73 142.46
N UNK XB 69 -8.25 -24.52 143.47
CA UNK XB 69 -9.02 -24.08 144.61
C UNK XB 69 -8.23 -23.22 145.60
N UNK XB 70 -7.03 -23.66 145.96
CA UNK XB 70 -6.09 -22.78 146.59
C UNK XB 70 -5.63 -21.84 145.49
N UNK XB 71 -5.27 -22.46 144.38
CA UNK XB 71 -4.84 -21.73 143.19
C UNK XB 71 -6.00 -20.93 142.66
N UNK XB 72 -7.17 -21.54 142.65
CA UNK XB 72 -8.38 -20.88 142.16
C UNK XB 72 -8.68 -19.69 143.05
N UNK XB 73 -8.53 -19.87 144.36
CA UNK XB 73 -8.82 -18.81 145.31
C UNK XB 73 -7.86 -17.66 145.07
N UNK XB 74 -6.60 -18.01 144.84
CA UNK XB 74 -5.57 -17.01 144.64
C UNK XB 74 -5.92 -16.23 143.39
N UNK XB 75 -6.34 -16.93 142.35
CA UNK XB 75 -6.66 -16.29 141.07
C UNK XB 75 -7.84 -15.36 141.26
N UNK XB 76 -8.81 -15.80 142.04
CA UNK XB 76 -10.01 -15.01 142.30
C UNK XB 76 -9.67 -13.72 143.04
N UNK XB 77 -8.87 -13.80 144.09
CA UNK XB 77 -8.48 -12.58 144.78
C UNK XB 77 -7.65 -11.67 143.88
N UNK XB 78 -6.65 -12.25 143.20
CA UNK XB 78 -5.81 -11.51 142.27
C UNK XB 78 -6.49 -11.02 141.00
N UNK XB 79 -7.28 -11.91 140.39
CA UNK XB 79 -7.88 -11.64 139.09
C UNK XB 79 -8.90 -10.50 139.09
N UNK XB 80 -9.73 -10.47 140.13
CA UNK XB 80 -10.84 -9.54 140.21
C UNK XB 80 -10.43 -8.07 140.27
N UNK XB 81 -9.37 -7.78 141.01
CA UNK XB 81 -9.10 -6.39 141.42
C UNK XB 81 -9.41 -5.48 140.24
N UNK XB 82 -8.65 -5.65 139.17
CA UNK XB 82 -9.00 -5.10 137.87
C UNK XB 82 -10.30 -5.80 137.49
N UNK XB 83 -10.35 -7.09 137.81
CA UNK XB 83 -11.54 -7.89 137.61
C UNK XB 83 -12.70 -7.37 138.46
N UNK XB 84 -12.46 -6.94 139.70
CA UNK XB 84 -13.57 -6.37 140.48
C UNK XB 84 -14.06 -5.14 139.77
N UNK XB 85 -13.14 -4.31 139.27
CA UNK XB 85 -13.58 -3.09 138.63
C UNK XB 85 -14.46 -3.42 137.43
N UNK XB 86 -14.01 -4.40 136.62
CA UNK XB 86 -14.74 -4.74 135.41
C UNK XB 86 -16.12 -5.29 135.77
N UNK XB 87 -16.13 -6.13 136.80
CA UNK XB 87 -17.35 -6.78 137.23
C UNK XB 87 -18.34 -5.74 137.72
N UNK XB 88 -17.84 -4.76 138.47
CA UNK XB 88 -18.71 -3.73 139.02
C UNK XB 88 -19.29 -2.95 137.86
N UNK XB 89 -18.46 -2.67 136.87
CA UNK XB 89 -18.91 -1.90 135.73
C UNK XB 89 -20.03 -2.64 135.00
N UNK XB 90 -19.86 -3.95 134.80
CA UNK XB 90 -20.93 -4.71 134.15
C UNK XB 90 -22.19 -4.75 135.00
N UNK XB 91 -21.98 -5.02 136.29
CA UNK XB 91 -23.03 -5.15 137.29
C UNK XB 91 -23.79 -3.88 137.56
N UNK XB 92 -23.06 -2.77 137.64
CA UNK XB 92 -23.75 -1.52 137.96
C UNK XB 92 -24.55 -1.64 139.25
N UNK XB 93 -21.23 -15.30 138.74
CA UNK XB 93 -21.14 -16.46 137.85
C UNK XB 93 -19.94 -16.34 136.91
N UNK XB 94 -19.90 -15.25 136.14
CA UNK XB 94 -18.82 -15.01 135.20
C UNK XB 94 -17.48 -14.84 135.91
N UNK XB 95 -17.51 -14.14 137.05
CA UNK XB 95 -16.29 -13.92 137.81
C UNK XB 95 -15.69 -15.22 138.34
N UNK XB 96 -16.52 -16.10 138.91
CA UNK XB 96 -15.99 -17.38 139.38
C UNK XB 96 -15.47 -18.08 138.14
N UNK XB 97 -16.27 -17.95 137.08
CA UNK XB 97 -16.17 -18.70 135.85
C UNK XB 97 -14.79 -18.47 135.27
N UNK XB 98 -14.25 -17.27 135.49
CA UNK XB 98 -12.80 -17.10 135.44
C UNK XB 98 -12.45 -16.12 136.53
N UNK XB 99 -11.83 -16.53 137.65
CA UNK XB 99 -11.20 -17.82 137.93
C UNK XB 99 -11.04 -18.86 136.83
N UNK XB 100 -12.04 -19.73 136.71
CA UNK XB 100 -11.99 -20.83 135.77
C UNK XB 100 -11.62 -20.37 134.36
N UNK XB 101 -8.69 -16.59 136.51
CA UNK XB 101 -7.74 -16.74 137.62
C UNK XB 101 -6.43 -17.36 137.10
N UNK XB 102 -6.61 -18.42 136.33
CA UNK XB 102 -5.50 -19.16 135.73
C UNK XB 102 -4.65 -18.23 134.86
N UNK XB 103 -5.34 -17.47 134.05
CA UNK XB 103 -4.73 -16.50 133.14
C UNK XB 103 -3.87 -15.50 133.92
N UNK XB 104 -4.48 -15.00 135.00
CA UNK XB 104 -3.85 -14.03 135.89
C UNK XB 104 -2.55 -14.61 136.46
N UNK XB 105 -2.66 -15.84 136.91
CA UNK XB 105 -1.54 -16.59 137.50
C UNK XB 105 -0.39 -16.68 136.49
N UNK XB 106 -0.77 -17.04 135.27
CA UNK XB 106 0.16 -17.20 134.15
C UNK XB 106 0.92 -15.88 133.91
N UNK XB 107 0.14 -14.81 133.89
CA UNK XB 107 0.65 -13.46 133.68
C UNK XB 107 1.69 -13.12 134.75
N UNK XB 108 1.32 -13.42 135.97
CA UNK XB 108 2.17 -13.18 137.16
C UNK XB 108 3.51 -13.92 136.99
N UNK XB 109 25.86 -12.97 69.74
CA UNK XB 109 26.69 -12.39 70.82
C UNK XB 109 27.67 -11.38 70.25
N UNK XB 110 28.31 -11.81 69.17
CA UNK XB 110 29.30 -10.99 68.46
C UNK XB 110 28.67 -9.67 67.99
N UNK XB 111 27.50 -9.82 67.41
CA UNK XB 111 26.71 -8.70 66.90
C UNK XB 111 26.42 -7.70 68.03
N UNK XB 112 25.99 -8.25 69.13
CA UNK XB 112 25.66 -7.49 70.34
C UNK XB 112 26.87 -6.67 70.80
N UNK XB 113 28.00 -7.36 70.83
CA UNK XB 113 29.28 -6.78 71.24
C UNK XB 113 29.63 -5.59 70.35
N UNK XB 114 29.47 -5.82 69.06
CA UNK XB 114 29.74 -4.82 68.02
C UNK XB 114 28.88 -3.57 68.26
N UNK XB 115 27.62 -3.83 68.52
CA UNK XB 115 26.63 -2.78 68.78
C UNK XB 115 27.05 -1.93 69.98
N UNK XB 116 27.46 -2.64 71.02
CA UNK XB 116 27.91 -2.04 72.27
C UNK XB 116 29.10 -1.10 72.00
N UNK XB 117 30.03 -1.63 71.22
CA UNK XB 117 31.25 -0.91 70.84
C UNK XB 117 30.88 0.39 70.13
N UNK XB 118 27.99 2.56 63.22
CA UNK XB 118 26.83 1.66 63.14
C UNK XB 118 26.87 0.87 61.84
N UNK XB 119 27.12 1.60 60.77
CA UNK XB 119 27.20 1.03 59.41
C UNK XB 119 28.27 -0.06 59.37
N UNK XB 120 29.42 0.29 59.93
CA UNK XB 120 30.58 -0.60 59.99
C UNK XB 120 30.21 -1.90 60.72
N UNK XB 121 29.55 -1.72 61.84
CA UNK XB 121 29.10 -2.83 62.69
C UNK XB 121 28.19 -3.76 61.89
N UNK XB 122 27.26 -3.13 61.18
CA UNK XB 122 26.29 -3.85 60.34
C UNK XB 122 27.01 -4.70 59.30
N UNK XB 123 27.98 -4.05 58.67
CA UNK XB 123 28.81 -4.69 57.63
C UNK XB 123 29.50 -5.93 58.20
N UNK XB 124 30.08 -5.74 59.37
CA UNK XB 124 30.80 -6.80 60.09
C UNK XB 124 29.87 -7.99 60.33
N UNK XB 125 28.69 -7.66 60.81
CA UNK XB 125 27.64 -8.65 61.12
C UNK XB 125 27.31 -9.47 59.87
N UNK XB 126 27.13 -8.74 58.78
CA UNK XB 126 26.81 -9.32 57.47
C UNK XB 126 27.89 -10.32 57.05
N UNK XB 127 17.73 11.01 119.21
CA UNK XB 127 18.33 11.73 120.34
C UNK XB 127 17.25 12.28 121.26
N UNK XB 128 16.24 12.92 120.67
CA UNK XB 128 15.14 13.50 121.44
C UNK XB 128 14.45 12.44 122.28
N UNK XB 129 14.15 11.31 121.67
CA UNK XB 129 13.47 10.20 122.37
C UNK XB 129 14.30 9.77 123.58
N UNK XB 130 15.58 9.60 123.32
CA UNK XB 130 16.56 9.19 124.34
C UNK XB 130 16.56 10.17 125.50
N UNK XB 131 16.60 11.45 125.13
CA UNK XB 131 16.60 12.55 126.08
C UNK XB 131 15.36 12.48 126.98
N UNK XB 132 14.24 12.28 126.32
CA UNK XB 132 12.93 12.18 126.99
C UNK XB 132 12.96 11.05 128.01
N UNK XB 133 13.48 9.92 127.57
CA UNK XB 133 13.59 8.71 128.40
C UNK XB 133 14.42 9.01 129.65
N UNK XB 134 15.54 9.68 129.41
CA UNK XB 134 16.48 10.06 130.47
C UNK XB 134 15.76 10.93 131.51
N UNK XB 135 15.02 11.90 130.99
CA UNK XB 135 14.25 12.85 131.81
C UNK XB 135 13.26 12.08 132.70
N UNK XB 136 12.57 11.15 132.07
CA UNK XB 136 11.57 10.29 132.74
C UNK XB 136 12.23 9.54 133.89
N UNK XB 137 13.37 8.96 133.59
CA UNK XB 137 14.16 8.19 134.54
C UNK XB 137 14.52 9.05 135.76
N UNK XB 138 14.98 10.24 135.45
CA UNK XB 138 15.37 11.24 136.47
C UNK XB 138 14.19 11.53 137.39
N UNK XB 139 13.06 11.76 136.76
CA UNK XB 139 11.80 12.07 137.46
C UNK XB 139 11.46 10.93 138.43
N UNK XB 140 11.55 9.73 137.91
CA UNK XB 140 11.27 8.50 138.66
C UNK XB 140 12.16 8.44 139.90
N UNK XB 141 13.43 8.69 139.67
CA UNK XB 141 14.46 8.68 140.73
C UNK XB 141 14.08 9.67 141.83
N UNK XB 142 13.71 10.86 141.38
CA UNK XB 142 13.32 11.96 142.27
C UNK XB 142 12.14 11.52 143.15
N UNK XB 143 11.17 10.92 142.50
CA UNK XB 143 9.96 10.41 143.15
C UNK XB 143 10.33 9.42 144.24
N UNK XB 144 11.20 8.51 143.87
CA UNK XB 144 11.70 7.45 144.77
C UNK XB 144 12.33 8.08 146.01
N UNK XB 145 13.17 9.07 145.75
CA UNK XB 145 13.89 9.80 146.80
C UNK XB 145 12.89 10.43 147.77
N UNK XB 146 11.88 11.06 147.19
CA UNK XB 146 10.81 11.73 147.94
C UNK XB 146 10.12 10.73 148.87
N UNK YB 1 86.39 -68.89 41.61
CA UNK YB 1 85.19 -68.95 40.79
C UNK YB 1 84.16 -67.93 41.25
N UNK YB 2 84.43 -67.26 42.36
CA UNK YB 2 83.50 -66.27 42.91
C UNK YB 2 83.33 -65.15 41.92
N UNK YB 3 84.40 -64.87 41.19
CA UNK YB 3 84.38 -63.81 40.21
C UNK YB 3 83.29 -64.22 39.23
N UNK YB 4 83.19 -65.52 38.99
CA UNK YB 4 82.23 -66.01 38.04
C UNK YB 4 80.87 -65.56 38.53
N UNK YB 5 80.69 -65.60 39.84
CA UNK YB 5 79.41 -65.21 40.38
C UNK YB 5 79.13 -63.76 40.03
N UNK YB 6 80.13 -62.90 40.16
CA UNK YB 6 79.92 -61.50 39.90
C UNK YB 6 79.53 -61.27 38.45
N UNK YB 7 80.24 -61.97 37.57
CA UNK YB 7 79.99 -61.75 36.17
C UNK YB 7 78.57 -62.18 35.86
N UNK YB 8 78.15 -63.26 36.50
CA UNK YB 8 76.78 -63.72 36.34
C UNK YB 8 75.84 -62.64 36.88
N UNK YB 9 76.36 -61.83 37.79
CA UNK YB 9 75.56 -60.78 38.39
C UNK YB 9 75.07 -59.74 37.39
N UNK YB 10 75.95 -59.30 36.51
CA UNK YB 10 75.55 -58.29 35.55
C UNK YB 10 74.44 -58.84 34.69
N UNK YB 11 74.56 -60.10 34.32
CA UNK YB 11 73.58 -60.76 33.47
C UNK YB 11 72.19 -60.80 34.10
N UNK YB 12 72.14 -60.96 35.42
CA UNK YB 12 70.85 -61.06 36.06
C UNK YB 12 70.04 -59.81 35.78
N UNK YB 13 70.68 -58.66 35.82
CA UNK YB 13 69.98 -57.41 35.58
C UNK YB 13 69.41 -57.41 34.16
N UNK YB 14 70.19 -57.94 33.24
CA UNK YB 14 69.80 -57.97 31.83
C UNK YB 14 68.54 -58.74 31.52
N UNK YB 15 68.35 -59.89 32.14
CA UNK YB 15 67.17 -60.69 31.85
C UNK YB 15 65.94 -59.87 32.16
N UNK YB 16 66.01 -59.16 33.27
CA UNK YB 16 64.90 -58.34 33.70
C UNK YB 16 64.32 -57.46 32.61
N UNK YB 17 65.14 -57.02 31.66
CA UNK YB 17 64.61 -56.12 30.65
C UNK YB 17 64.08 -56.83 29.42
N UNK YB 18 64.83 -57.80 28.92
CA UNK YB 18 64.47 -58.38 27.65
C UNK YB 18 63.11 -59.02 27.79
N UNK YB 19 62.90 -59.72 28.88
CA UNK YB 19 61.69 -60.50 29.05
C UNK YB 19 60.50 -59.64 28.61
N UNK YB 20 52.01 -55.92 34.83
CA UNK YB 20 52.31 -55.32 36.13
C UNK YB 20 53.72 -54.69 36.14
N UNK YB 21 53.98 -53.84 35.16
CA UNK YB 21 55.27 -53.19 35.06
C UNK YB 21 55.47 -52.39 36.33
N UNK YB 22 54.41 -51.76 36.82
CA UNK YB 22 54.52 -51.01 38.05
C UNK YB 22 54.87 -52.05 39.07
N UNK YB 23 54.15 -53.17 39.01
CA UNK YB 23 54.43 -54.29 39.87
C UNK YB 23 55.83 -54.71 39.45
N UNK YB 24 56.05 -54.70 38.14
CA UNK YB 24 57.33 -55.03 37.55
C UNK YB 24 58.37 -54.02 38.00
N UNK YB 25 57.95 -52.76 38.07
CA UNK YB 25 58.88 -51.72 38.48
C UNK YB 25 59.33 -52.08 39.86
N UNK YB 26 58.37 -52.46 40.69
CA UNK YB 26 58.70 -52.87 42.04
C UNK YB 26 59.50 -54.14 41.83
N UNK YB 27 59.00 -54.99 40.94
CA UNK YB 27 59.73 -56.21 40.66
C UNK YB 27 61.07 -55.72 40.17
N UNK YB 28 61.02 -54.69 39.33
CA UNK YB 28 62.22 -54.07 38.85
C UNK YB 28 62.85 -53.51 40.09
N UNK YB 29 62.02 -52.93 40.95
CA UNK YB 29 62.47 -52.39 42.21
C UNK YB 29 63.14 -53.54 42.93
N UNK YB 30 62.59 -54.74 42.75
CA UNK YB 30 63.17 -55.88 43.39
C UNK YB 30 64.44 -56.03 42.62
N UNK YB 31 64.22 -56.38 41.38
CA UNK YB 31 65.26 -56.94 40.55
C UNK YB 31 66.51 -56.12 40.73
N UNK YB 32 66.36 -54.81 40.67
CA UNK YB 32 67.55 -53.99 40.69
C UNK YB 32 68.20 -54.23 42.02
N UNK YB 33 67.38 -54.27 43.05
CA UNK YB 33 67.92 -54.37 44.37
C UNK YB 33 68.78 -55.62 44.64
N UNK YB 34 68.30 -56.79 44.26
CA UNK YB 34 68.97 -58.02 44.67
C UNK YB 34 70.35 -58.06 44.07
N UNK YB 35 70.47 -57.49 42.88
CA UNK YB 35 71.72 -57.46 42.18
C UNK YB 35 72.70 -56.68 43.04
N UNK YB 36 72.20 -55.65 43.71
CA UNK YB 36 73.04 -54.85 44.61
C UNK YB 36 73.59 -55.70 45.74
N UNK YB 37 72.73 -56.52 46.31
CA UNK YB 37 73.16 -57.37 47.40
C UNK YB 37 74.22 -58.26 46.84
N UNK YB 38 73.97 -58.79 45.64
CA UNK YB 38 74.92 -59.72 45.03
C UNK YB 38 76.29 -59.11 44.70
N UNK YB 39 76.25 -57.92 44.11
CA UNK YB 39 77.48 -57.29 43.68
C UNK YB 39 78.35 -56.99 44.87
N UNK YB 40 77.74 -56.85 46.03
CA UNK YB 40 78.60 -56.74 47.18
C UNK YB 40 79.41 -58.06 47.20
N UNK YB 41 78.91 -59.08 46.51
CA UNK YB 41 79.54 -60.40 46.50
C UNK YB 41 80.94 -60.45 45.97
N UNK YB 42 81.16 -59.82 44.84
CA UNK YB 42 82.50 -59.79 44.30
C UNK YB 42 83.30 -58.96 45.27
N UNK YB 43 82.66 -57.93 45.78
CA UNK YB 43 83.30 -57.06 46.72
C UNK YB 43 83.68 -57.89 47.89
N UNK YB 44 82.79 -58.81 48.21
CA UNK YB 44 83.01 -59.66 49.33
C UNK YB 44 84.24 -60.51 49.11
N UNK YB 45 84.25 -61.18 47.97
CA UNK YB 45 85.36 -62.04 47.64
C UNK YB 45 86.64 -61.23 47.76
N UNK YB 46 86.52 -59.91 47.74
CA UNK YB 46 87.69 -59.07 47.83
C UNK YB 46 88.11 -58.86 49.27
N UNK YB 47 88.61 -59.93 49.91
CA UNK YB 47 89.03 -59.83 51.30
C UNK YB 47 90.21 -58.88 51.57
N UNK YB 48 91.34 -58.94 50.86
CA UNK YB 48 91.76 -59.94 49.86
C UNK YB 48 90.97 -60.11 48.59
N UNK YB 49 91.47 -59.59 47.48
CA UNK YB 49 90.76 -59.72 46.21
C UNK YB 49 91.64 -60.27 45.10
N UNK YB 50 91.02 -60.97 44.16
CA UNK YB 50 91.70 -61.56 43.02
C UNK YB 50 91.01 -61.03 41.77
N UNK YB 51 91.25 -59.72 41.51
CA UNK YB 51 90.69 -58.93 40.36
C UNK YB 51 90.65 -59.77 39.09
N UNK YB 52 89.83 -59.42 38.06
CA UNK YB 52 89.81 -60.41 36.96
C UNK YB 52 89.08 -60.09 35.65
N UNK YB 53 89.48 -60.83 34.61
CA UNK YB 53 88.96 -60.65 33.27
C UNK YB 53 88.79 -62.00 32.60
N UNK YB 54 87.55 -62.48 32.53
CA UNK YB 54 87.27 -63.74 31.87
C UNK YB 54 86.52 -63.32 30.63
N UNK YB 55 87.03 -63.69 29.46
CA UNK YB 55 86.40 -63.31 28.23
C UNK YB 55 85.47 -64.36 27.65
N UNK YB 56 85.13 -64.18 26.39
CA UNK YB 56 84.25 -65.10 25.66
C UNK YB 56 84.04 -64.29 24.41
N UNK YB 57 83.66 -64.88 23.27
CA UNK YB 57 83.57 -63.94 22.20
C UNK YB 57 82.14 -64.23 21.66
N UNK YB 58 81.90 -64.94 20.55
CA UNK YB 58 82.89 -65.49 19.65
C UNK YB 58 83.11 -64.18 18.95
N UNK YB 59 84.18 -63.55 19.44
CA UNK YB 59 84.50 -62.20 19.00
C UNK YB 59 84.59 -62.01 17.49
N UNK YB 60 85.81 -62.10 16.97
CA UNK YB 60 86.18 -61.93 15.57
C UNK YB 60 87.63 -61.48 15.52
N UNK YB 61 88.30 -61.71 14.40
CA UNK YB 61 89.69 -61.29 14.31
C UNK YB 61 90.09 -60.90 12.90
N UNK YB 62 90.82 -59.81 12.77
CA UNK YB 62 91.24 -59.34 11.46
C UNK YB 62 92.70 -59.69 11.40
N UNK YB 63 93.24 -59.88 10.21
CA UNK YB 63 94.66 -60.21 10.13
C UNK YB 63 95.39 -59.05 10.78
N UNK YB 64 96.26 -59.37 11.72
CA UNK YB 64 96.99 -58.32 12.43
C UNK YB 64 96.46 -58.27 13.86
N UNK YB 65 95.22 -58.70 14.06
CA UNK YB 65 94.69 -58.71 15.40
C UNK YB 65 93.50 -59.63 15.60
N UNK YB 66 93.30 -59.98 16.86
CA UNK YB 66 92.20 -60.81 17.29
C UNK YB 66 91.59 -59.91 18.35
N UNK YB 67 90.28 -59.67 18.26
CA UNK YB 67 89.57 -58.83 19.24
C UNK YB 67 88.31 -59.54 19.76
N UNK YB 68 88.24 -59.77 21.06
CA UNK YB 68 87.07 -60.44 21.63
C UNK YB 68 86.56 -59.86 22.96
N UNK YB 69 85.26 -59.60 23.02
CA UNK YB 69 84.61 -59.10 24.23
C UNK YB 69 83.37 -59.95 24.50
N UNK YB 70 83.26 -60.58 25.68
CA UNK YB 70 84.22 -60.53 26.80
C UNK YB 70 84.10 -59.36 27.76
N UNK YB 71 84.08 -59.69 29.06
CA UNK YB 71 83.97 -58.73 30.14
C UNK YB 71 84.96 -59.06 31.26
N UNK YB 72 85.29 -58.07 32.08
CA UNK YB 72 86.23 -58.27 33.18
C UNK YB 72 85.93 -57.30 34.32
N UNK YB 73 86.42 -57.60 35.53
CA UNK YB 73 86.17 -56.70 36.64
C UNK YB 73 87.41 -56.44 37.45
N UNK YB 74 87.67 -55.18 37.79
CA UNK YB 74 88.87 -54.88 38.59
C UNK YB 74 88.54 -54.39 39.99
N UNK YB 75 89.09 -55.09 40.97
CA UNK YB 75 88.86 -54.77 42.38
C UNK YB 75 89.37 -53.41 42.83
N UNK YB 76 90.56 -53.04 42.37
CA UNK YB 76 91.15 -51.78 42.79
C UNK YB 76 90.31 -50.58 42.36
N UNK YB 77 89.82 -50.63 41.14
CA UNK YB 77 89.00 -49.55 40.62
C UNK YB 77 87.66 -50.03 40.10
N UNK YB 78 87.70 -51.05 39.26
CA UNK YB 78 86.49 -51.58 38.66
C UNK YB 78 85.48 -52.20 39.63
N UNK YB 79 85.98 -52.95 40.60
CA UNK YB 79 85.11 -53.63 41.53
C UNK YB 79 84.23 -52.74 42.39
N UNK YB 80 84.79 -51.64 42.87
CA UNK YB 80 84.03 -50.74 43.73
C UNK YB 80 82.95 -49.88 43.06
N UNK YB 81 83.24 -49.28 41.91
CA UNK YB 81 82.25 -48.43 41.28
C UNK YB 81 80.90 -49.12 41.17
N UNK YB 82 80.91 -50.41 40.83
CA UNK YB 82 79.66 -51.09 40.55
C UNK YB 82 78.78 -51.09 41.78
N UNK YB 83 79.38 -51.41 42.91
CA UNK YB 83 78.58 -51.55 44.11
C UNK YB 83 77.95 -50.22 44.49
N UNK YB 84 78.73 -49.17 44.44
CA UNK YB 84 78.22 -47.89 44.89
C UNK YB 84 77.11 -47.55 43.96
N UNK YB 85 77.35 -47.82 42.70
CA UNK YB 85 76.45 -47.39 41.67
C UNK YB 85 75.09 -47.99 41.91
N UNK YB 86 75.07 -49.30 42.08
CA UNK YB 86 73.81 -50.00 42.10
C UNK YB 86 73.05 -49.44 43.26
N UNK YB 87 73.68 -49.17 44.38
CA UNK YB 87 72.83 -48.76 45.49
C UNK YB 87 72.08 -47.50 45.07
N UNK YB 88 72.78 -46.57 44.44
CA UNK YB 88 72.19 -45.29 44.11
C UNK YB 88 71.03 -45.61 43.22
N UNK YB 89 71.23 -46.57 42.33
CA UNK YB 89 70.17 -46.96 41.43
C UNK YB 89 69.05 -47.45 42.32
N UNK YB 90 69.42 -48.16 43.37
CA UNK YB 90 68.39 -48.82 44.14
C UNK YB 90 67.45 -47.79 44.68
N UNK YB 91 68.00 -46.73 45.23
CA UNK YB 91 67.13 -45.69 45.77
C UNK YB 91 66.35 -44.93 44.72
N UNK YB 92 66.99 -44.55 43.64
CA UNK YB 92 66.38 -43.59 42.75
C UNK YB 92 65.07 -44.12 42.23
N UNK YB 93 65.03 -45.41 41.93
CA UNK YB 93 63.85 -45.95 41.28
C UNK YB 93 62.66 -45.73 42.19
N UNK YB 94 62.87 -45.91 43.48
CA UNK YB 94 61.76 -45.78 44.40
C UNK YB 94 61.20 -44.38 44.36
N UNK YB 95 62.08 -43.39 44.37
CA UNK YB 95 61.66 -42.00 44.39
C UNK YB 95 60.91 -41.73 43.13
N UNK YB 96 61.34 -42.44 42.11
CA UNK YB 96 60.80 -42.29 40.79
C UNK YB 96 59.34 -42.63 40.74
N UNK YB 97 58.93 -43.71 41.40
CA UNK YB 97 57.60 -44.19 41.14
C UNK YB 97 56.64 -43.10 41.58
N UNK YB 98 56.78 -42.60 42.78
CA UNK YB 98 55.80 -41.61 43.15
C UNK YB 98 55.82 -40.39 42.26
N UNK YB 99 56.98 -39.84 41.99
CA UNK YB 99 57.08 -38.62 41.18
C UNK YB 99 56.56 -38.74 39.78
N UNK YB 100 56.77 -39.91 39.26
CA UNK YB 100 56.47 -40.35 37.93
C UNK YB 100 55.14 -41.03 37.94
N UNK YB 101 54.61 -41.33 39.12
CA UNK YB 101 53.31 -41.98 39.24
C UNK YB 101 52.37 -41.06 38.50
N UNK YB 102 51.46 -41.66 37.78
CA UNK YB 102 50.54 -40.94 36.93
C UNK YB 102 51.24 -40.72 35.60
N UNK YB 103 52.50 -41.16 35.48
CA UNK YB 103 53.11 -40.97 34.15
C UNK YB 103 52.36 -41.85 33.16
N UNK YB 104 51.71 -41.26 32.19
CA UNK YB 104 50.89 -42.04 31.30
C UNK YB 104 51.70 -43.13 30.65
N UNK YB 105 52.92 -42.83 30.28
CA UNK YB 105 53.75 -43.84 29.69
C UNK YB 105 54.66 -44.37 30.76
N UNK YB 106 54.29 -44.16 32.01
CA UNK YB 106 55.19 -44.51 33.09
C UNK YB 106 55.68 -45.93 33.08
N UNK YB 107 54.78 -46.89 32.86
CA UNK YB 107 55.21 -48.27 32.83
C UNK YB 107 56.31 -48.36 31.80
N UNK YB 108 56.06 -47.79 30.63
CA UNK YB 108 57.01 -47.83 29.58
C UNK YB 108 58.24 -47.14 30.04
N UNK YB 109 58.05 -46.07 30.74
CA UNK YB 109 59.26 -45.34 31.08
C UNK YB 109 60.33 -46.24 31.63
N UNK YB 110 59.99 -47.07 32.58
CA UNK YB 110 61.03 -47.59 33.42
C UNK YB 110 62.01 -48.28 32.49
N UNK YB 111 61.52 -48.90 31.44
CA UNK YB 111 62.39 -49.75 30.66
C UNK YB 111 63.56 -48.94 30.13
N UNK YB 112 63.30 -47.74 29.66
CA UNK YB 112 64.39 -46.96 29.11
C UNK YB 112 65.43 -46.73 30.19
N UNK YB 113 64.96 -46.42 31.40
CA UNK YB 113 65.88 -46.13 32.50
C UNK YB 113 66.73 -47.32 32.87
N UNK YB 114 66.10 -48.49 32.93
CA UNK YB 114 66.85 -49.67 33.30
C UNK YB 114 67.89 -49.91 32.25
N UNK YB 115 67.53 -49.71 31.00
CA UNK YB 115 68.48 -49.95 29.94
C UNK YB 115 69.66 -49.00 30.10
N UNK YB 116 69.37 -47.74 30.38
CA UNK YB 116 70.43 -46.76 30.45
C UNK YB 116 71.36 -47.20 31.54
N UNK YB 117 70.85 -47.79 32.60
CA UNK YB 117 71.81 -48.23 33.61
C UNK YB 117 72.77 -49.25 32.98
N UNK YB 118 72.23 -50.11 32.12
CA UNK YB 118 73.00 -51.21 31.58
C UNK YB 118 74.18 -50.66 30.81
N UNK YB 119 73.93 -49.61 30.07
CA UNK YB 119 74.99 -49.04 29.27
C UNK YB 119 76.17 -48.66 30.14
N UNK YB 120 75.89 -47.85 31.15
CA UNK YB 120 76.95 -47.33 31.97
C UNK YB 120 77.67 -48.52 32.55
N UNK YB 121 76.94 -49.51 33.01
CA UNK YB 121 77.60 -50.61 33.69
C UNK YB 121 78.54 -51.15 32.65
N UNK YB 122 78.05 -51.24 31.42
CA UNK YB 122 78.88 -51.66 30.32
C UNK YB 122 79.98 -50.64 30.24
N UNK YB 123 79.63 -49.39 30.46
CA UNK YB 123 80.59 -48.33 30.31
C UNK YB 123 81.74 -48.53 31.27
N UNK YB 124 81.41 -48.84 32.51
CA UNK YB 124 82.44 -49.07 33.53
C UNK YB 124 83.29 -50.29 33.25
N UNK YB 125 82.64 -51.35 32.82
CA UNK YB 125 83.26 -52.66 32.80
C UNK YB 125 84.48 -52.87 31.90
N UNK YB 126 84.48 -52.27 30.72
CA UNK YB 126 85.10 -52.87 29.54
C UNK YB 126 86.61 -53.16 29.54
N UNK YB 127 86.92 -54.41 29.17
CA UNK YB 127 88.28 -54.89 28.97
C UNK YB 127 89.02 -54.31 27.78
N UNK YB 128 88.31 -54.22 26.65
CA UNK YB 128 88.94 -53.83 25.39
C UNK YB 128 88.25 -52.61 24.85
N UNK YB 129 89.02 -51.74 24.19
CA UNK YB 129 88.63 -50.37 24.05
C UNK YB 129 87.31 -50.33 23.35
N UNK YB 130 87.16 -51.20 22.36
CA UNK YB 130 86.01 -51.16 21.48
C UNK YB 130 84.82 -51.36 22.36
N UNK YB 131 84.98 -52.23 23.33
CA UNK YB 131 83.91 -52.48 24.27
C UNK YB 131 83.67 -51.15 24.95
N UNK YB 132 84.75 -50.44 25.21
CA UNK YB 132 84.61 -49.16 25.86
C UNK YB 132 83.81 -48.28 24.95
N UNK YB 133 84.11 -48.32 23.67
CA UNK YB 133 83.51 -47.36 22.78
C UNK YB 133 82.03 -47.58 22.84
N UNK YB 134 81.65 -48.86 22.83
CA UNK YB 134 80.26 -49.24 22.92
C UNK YB 134 79.71 -48.49 24.11
N UNK YB 135 80.52 -48.43 25.16
CA UNK YB 135 80.11 -47.72 26.36
C UNK YB 135 79.95 -46.20 26.30
N UNK YB 136 80.91 -45.48 25.73
CA UNK YB 136 80.80 -44.01 25.72
C UNK YB 136 79.63 -43.51 24.91
N UNK YB 137 79.47 -44.06 23.71
CA UNK YB 137 78.38 -43.66 22.86
C UNK YB 137 77.05 -44.07 23.45
N UNK YB 138 77.05 -45.26 24.02
CA UNK YB 138 75.85 -45.84 24.59
C UNK YB 138 75.20 -45.08 25.72
N UNK YB 139 76.00 -44.61 26.66
CA UNK YB 139 75.42 -43.92 27.79
C UNK YB 139 74.68 -42.67 27.33
N UNK YB 140 75.31 -41.93 26.45
CA UNK YB 140 74.72 -40.70 25.96
C UNK YB 140 73.44 -40.82 25.14
N UNK YB 141 73.37 -41.81 24.26
CA UNK YB 141 72.21 -41.91 23.39
C UNK YB 141 70.96 -42.01 24.23
N UNK YB 142 71.01 -42.81 25.28
CA UNK YB 142 69.85 -42.94 26.14
C UNK YB 142 69.51 -41.54 26.64
N UNK YB 143 70.54 -40.74 26.83
CA UNK YB 143 70.35 -39.41 27.34
C UNK YB 143 69.50 -38.61 26.37
N UNK YB 144 69.83 -38.73 25.09
CA UNK YB 144 69.16 -37.97 24.08
C UNK YB 144 67.73 -38.36 24.11
N UNK YB 145 67.46 -39.65 24.25
CA UNK YB 145 66.07 -40.06 24.33
C UNK YB 145 65.32 -39.53 25.56
N UNK YB 146 65.86 -39.88 26.71
CA UNK YB 146 65.33 -39.54 28.00
C UNK YB 146 65.41 -38.05 28.12
N UNK YB 147 66.48 -37.50 27.54
CA UNK YB 147 66.93 -36.17 27.85
C UNK YB 147 65.76 -35.27 27.58
N UNK YB 148 65.00 -35.60 26.56
CA UNK YB 148 63.75 -34.94 26.35
C UNK YB 148 62.68 -35.81 27.00
N UNK YB 149 61.80 -36.35 26.15
CA UNK YB 149 60.58 -37.02 26.54
C UNK YB 149 59.67 -35.78 26.42
N UNK YB 150 58.37 -35.88 26.65
CA UNK YB 150 57.52 -34.67 26.54
C UNK YB 150 57.69 -34.04 25.15
N UNK YB 151 57.08 -34.61 24.11
CA UNK YB 151 57.36 -34.08 22.79
C UNK YB 151 57.21 -32.56 22.71
N UNK YB 152 56.27 -32.02 23.45
CA UNK YB 152 56.06 -30.58 23.45
C UNK YB 152 57.16 -29.84 24.17
N UNK YB 153 57.34 -28.57 23.81
CA UNK YB 153 58.33 -27.72 24.43
C UNK YB 153 57.81 -27.18 25.76
N UNK YB 154 58.76 -26.68 26.56
CA UNK YB 154 60.11 -26.67 26.03
C UNK YB 154 60.34 -28.09 25.71
N UNK YB 155 60.71 -28.34 24.48
CA UNK YB 155 60.92 -29.70 24.05
C UNK YB 155 61.93 -30.34 24.98
N UNK YB 156 62.97 -29.58 25.32
CA UNK YB 156 64.07 -30.04 26.16
C UNK YB 156 64.64 -31.16 25.31
N UNK YB 157 64.35 -31.03 24.02
CA UNK YB 157 64.70 -31.98 22.98
C UNK YB 157 65.73 -31.25 22.17
N UNK YB 158 65.42 -30.00 21.83
CA UNK YB 158 66.37 -29.23 21.05
C UNK YB 158 67.59 -29.17 21.94
N UNK YB 159 67.35 -28.95 23.22
CA UNK YB 159 68.43 -28.93 24.18
C UNK YB 159 68.99 -30.33 24.14
N UNK YB 160 68.09 -31.29 24.03
CA UNK YB 160 68.52 -32.66 23.96
C UNK YB 160 69.41 -32.79 22.75
N UNK YB 161 68.94 -32.28 21.62
CA UNK YB 161 69.74 -32.38 20.42
C UNK YB 161 71.06 -31.73 20.73
N UNK YB 162 70.95 -30.67 21.52
CA UNK YB 162 72.11 -29.93 21.93
C UNK YB 162 72.98 -30.89 22.69
N UNK YB 163 72.39 -31.67 23.58
CA UNK YB 163 73.22 -32.56 24.38
C UNK YB 163 73.91 -33.54 23.47
N UNK YB 164 73.14 -34.07 22.53
CA UNK YB 164 73.71 -35.02 21.61
C UNK YB 164 74.77 -34.27 20.86
N UNK YB 165 74.50 -33.02 20.54
CA UNK YB 165 75.42 -32.25 19.73
C UNK YB 165 76.78 -32.09 20.38
N UNK YB 166 76.81 -31.77 21.66
CA UNK YB 166 78.08 -31.68 22.34
C UNK YB 166 78.72 -33.05 22.46
N UNK YB 167 77.94 -34.03 22.85
CA UNK YB 167 78.53 -35.29 23.24
C UNK YB 167 79.28 -35.86 22.06
N UNK YB 168 78.70 -35.79 20.89
CA UNK YB 168 79.35 -36.34 19.71
C UNK YB 168 80.65 -35.63 19.40
N UNK YB 169 80.67 -34.32 19.60
CA UNK YB 169 81.86 -33.55 19.25
C UNK YB 169 83.04 -33.98 20.11
N UNK YB 170 82.80 -34.10 21.41
CA UNK YB 170 83.82 -34.54 22.33
C UNK YB 170 84.19 -35.96 21.95
N UNK YB 171 83.18 -36.59 21.36
CA UNK YB 171 83.26 -37.96 20.92
C UNK YB 171 84.37 -38.10 19.89
N UNK YB 172 84.49 -37.11 19.02
CA UNK YB 172 85.33 -37.27 17.86
C UNK YB 172 86.73 -37.58 18.34
N UNK YB 173 87.23 -36.86 19.29
CA UNK YB 173 88.58 -37.20 19.67
C UNK YB 173 88.54 -38.69 19.88
N UNK YB 174 87.67 -39.06 20.79
CA UNK YB 174 87.75 -40.39 21.34
C UNK YB 174 88.06 -41.27 20.18
N UNK YB 175 87.42 -41.02 19.03
CA UNK YB 175 87.69 -41.80 17.84
C UNK YB 175 89.20 -41.79 17.63
N UNK YB 176 89.83 -40.64 17.84
CA UNK YB 176 91.27 -40.55 17.66
C UNK YB 176 91.84 -41.51 18.65
N UNK YB 177 91.27 -41.46 19.84
CA UNK YB 177 91.69 -42.35 20.89
C UNK YB 177 91.38 -43.73 20.37
N UNK YB 178 90.25 -43.85 19.68
CA UNK YB 178 89.81 -45.12 19.17
C UNK YB 178 90.87 -45.65 18.22
N UNK YB 179 91.43 -44.78 17.40
CA UNK YB 179 92.48 -45.20 16.49
C UNK YB 179 93.83 -45.07 17.16
N UNK YB 180 93.82 -44.59 18.39
CA UNK YB 180 95.05 -44.37 19.11
C UNK YB 180 95.83 -45.65 19.27
N UNK YB 181 95.15 -46.72 19.64
CA UNK YB 181 95.83 -47.98 19.82
C UNK YB 181 96.42 -48.49 18.52
N UNK YB 182 95.66 -48.39 17.44
CA UNK YB 182 96.16 -48.88 16.18
C UNK YB 182 97.42 -48.13 15.84
N UNK YB 183 97.40 -46.83 16.11
CA UNK YB 183 98.55 -46.00 15.86
C UNK YB 183 99.66 -46.55 16.74
N UNK YB 184 100.78 -46.98 16.15
CA UNK YB 184 101.86 -47.53 16.96
C UNK YB 184 101.38 -48.90 17.44
N UNK YB 185 101.27 -49.08 18.75
CA UNK YB 185 100.81 -50.32 19.36
C UNK YB 185 99.80 -51.12 18.52
N UNK YB 186 98.59 -50.60 18.24
CA UNK YB 186 97.69 -51.40 17.43
C UNK YB 186 97.54 -52.76 18.09
N UNK YB 187 97.31 -52.78 19.39
CA UNK YB 187 97.10 -54.05 20.07
C UNK YB 187 95.62 -54.10 20.43
N UNK YB 188 95.11 -52.93 20.83
CA UNK YB 188 93.71 -52.80 21.18
C UNK YB 188 93.45 -53.50 22.50
N UNK YB 189 94.52 -53.82 23.21
CA UNK YB 189 94.39 -54.50 24.48
C UNK YB 189 94.82 -53.62 25.63
N UNK YB 190 93.91 -53.38 26.56
CA UNK YB 190 94.23 -52.54 27.69
C UNK YB 190 95.34 -53.21 28.48
N UNK YB 191 95.20 -54.50 28.68
CA UNK YB 191 96.24 -55.22 29.40
C UNK YB 191 97.49 -55.14 28.55
N UNK YB 192 97.32 -55.40 27.25
CA UNK YB 192 98.44 -55.35 26.33
C UNK YB 192 98.96 -53.94 26.18
N UNK YB 193 98.03 -52.99 26.13
CA UNK YB 193 98.40 -51.60 25.96
C UNK YB 193 99.23 -51.16 27.13
N UNK YB 194 99.09 -51.79 28.26
CA UNK YB 194 99.84 -51.33 29.41
C UNK YB 194 101.31 -50.91 29.19
N UNK YB 195 102.12 -51.64 28.43
CA UNK YB 195 103.50 -51.20 28.25
C UNK YB 195 103.96 -51.09 26.80
N UNK YB 196 104.43 -49.93 26.35
CA UNK YB 196 104.50 -48.66 27.08
C UNK YB 196 104.19 -47.58 26.03
N UNK YB 197 103.65 -46.43 26.41
CA UNK YB 197 103.31 -45.46 25.39
C UNK YB 197 104.48 -44.64 24.83
N UNK YB 198 105.32 -44.13 25.72
CA UNK YB 198 106.38 -43.20 25.32
C UNK YB 198 105.80 -41.98 24.58
N UNK YB 199 104.63 -41.58 25.06
CA UNK YB 199 103.83 -40.50 24.56
C UNK YB 199 104.43 -39.10 24.71
N UNK YB 200 104.25 -38.22 23.72
CA UNK YB 200 103.51 -38.50 22.49
C UNK YB 200 102.14 -38.93 22.93
N UNK YB 201 101.67 -38.28 23.98
CA UNK YB 201 100.40 -38.65 24.58
C UNK YB 201 99.31 -38.60 23.56
N UNK YB 202 99.45 -37.62 22.66
CA UNK YB 202 98.54 -37.29 21.55
C UNK YB 202 97.26 -38.07 21.62
N UNK YB 203 97.25 -39.27 21.04
CA UNK YB 203 96.04 -40.05 21.16
C UNK YB 203 95.64 -39.97 22.64
N UNK YB 204 96.64 -40.08 23.52
CA UNK YB 204 96.42 -40.00 24.95
C UNK YB 204 95.91 -38.60 25.28
N UNK YB 205 96.53 -37.60 24.66
CA UNK YB 205 96.12 -36.21 24.81
C UNK YB 205 94.72 -36.23 24.24
N UNK YB 206 94.61 -36.98 23.14
CA UNK YB 206 93.34 -37.21 22.48
C UNK YB 206 92.25 -37.72 23.40
N UNK YB 207 92.60 -38.65 24.28
CA UNK YB 207 91.59 -39.23 25.14
C UNK YB 207 90.96 -38.10 25.92
N UNK YB 208 91.85 -37.20 26.26
CA UNK YB 208 91.59 -36.05 27.07
C UNK YB 208 90.51 -35.16 26.50
N UNK YB 209 90.39 -35.03 25.18
CA UNK YB 209 89.33 -34.14 24.68
C UNK YB 209 87.91 -34.59 25.05
N UNK YB 210 87.59 -35.85 24.77
CA UNK YB 210 86.25 -36.37 25.09
C UNK YB 210 86.01 -36.49 26.57
N UNK YB 211 87.05 -36.96 27.25
CA UNK YB 211 87.03 -37.16 28.70
C UNK YB 211 86.83 -35.82 29.36
N UNK YB 212 87.48 -34.80 28.82
CA UNK YB 212 87.34 -33.47 29.35
C UNK YB 212 85.88 -33.06 29.18
N UNK YB 213 85.31 -33.40 28.02
CA UNK YB 213 83.93 -33.07 27.73
C UNK YB 213 82.97 -33.76 28.68
N UNK YB 214 83.24 -35.03 28.99
CA UNK YB 214 82.43 -35.79 29.91
C UNK YB 214 82.49 -35.17 31.30
N UNK YB 215 83.70 -34.75 31.66
CA UNK YB 215 83.97 -34.12 32.95
C UNK YB 215 83.21 -32.81 33.06
N UNK YB 216 83.11 -32.13 31.93
CA UNK YB 216 82.46 -30.84 31.80
C UNK YB 216 83.45 -29.75 32.18
N UNK YB 217 84.70 -30.15 32.39
CA UNK YB 217 85.75 -29.22 32.74
C UNK YB 217 86.03 -28.38 31.51
N UNK YB 218 86.36 -27.11 31.71
CA UNK YB 218 86.64 -26.23 30.59
C UNK YB 218 85.43 -26.14 29.65
N UNK YB 219 85.67 -26.39 28.37
CA UNK YB 219 84.64 -26.30 27.34
C UNK YB 219 83.63 -27.46 27.36
N UNK YB 220 82.82 -27.52 28.43
CA UNK YB 220 81.73 -28.50 28.64
C UNK YB 220 80.32 -28.00 29.15
N UNK YB 221 80.11 -26.69 29.11
CA UNK YB 221 78.86 -26.10 29.64
C UNK YB 221 77.52 -26.54 29.00
N UNK YB 222 77.54 -26.69 27.69
CA UNK YB 222 76.32 -27.10 27.02
C UNK YB 222 75.94 -28.50 27.51
N UNK YB 223 76.93 -29.37 27.63
CA UNK YB 223 76.70 -30.75 28.07
C UNK YB 223 76.10 -30.69 29.43
N UNK YB 224 76.61 -29.77 30.25
CA UNK YB 224 76.04 -29.62 31.59
C UNK YB 224 74.56 -29.16 31.69
N UNK YB 225 74.11 -28.20 30.88
CA UNK YB 225 72.71 -27.72 31.03
C UNK YB 225 71.38 -28.55 30.77
N UNK YB 226 71.34 -29.28 29.66
CA UNK YB 226 70.28 -30.09 29.11
C UNK YB 226 69.97 -31.16 30.14
N UNK YB 227 70.97 -31.52 30.91
CA UNK YB 227 70.78 -32.51 31.96
C UNK YB 227 69.79 -31.94 32.97
N UNK YB 228 69.93 -30.65 33.24
CA UNK YB 228 69.07 -30.01 34.20
C UNK YB 228 67.65 -30.12 33.72
N UNK YB 229 67.48 -29.96 32.42
CA UNK YB 229 66.15 -30.02 31.84
C UNK YB 229 65.22 -31.27 31.86
N UNK YB 230 65.69 -32.51 31.70
CA UNK YB 230 64.61 -33.69 31.64
C UNK YB 230 63.65 -34.23 32.84
N UNK YB 231 62.42 -34.87 32.69
CA UNK YB 231 61.83 -35.21 33.97
C UNK YB 231 62.91 -35.42 35.02
N UNK YB 232 62.63 -34.96 36.24
CA UNK YB 232 63.65 -34.63 37.22
C UNK YB 232 64.56 -35.75 37.67
N UNK YB 233 63.97 -36.89 37.96
CA UNK YB 233 64.73 -38.00 38.49
C UNK YB 233 65.79 -38.29 37.45
N UNK YB 234 65.40 -38.22 36.19
CA UNK YB 234 66.32 -38.50 35.11
C UNK YB 234 67.45 -37.51 35.26
N UNK YB 235 67.09 -36.31 35.68
CA UNK YB 235 68.07 -35.29 35.95
C UNK YB 235 68.96 -35.85 37.02
N UNK YB 236 68.36 -36.57 37.96
CA UNK YB 236 69.15 -37.05 39.07
C UNK YB 236 70.22 -37.98 38.56
N UNK YB 237 69.85 -38.89 37.69
CA UNK YB 237 70.83 -39.84 37.19
C UNK YB 237 71.91 -39.09 36.44
N UNK YB 238 71.49 -38.32 35.46
CA UNK YB 238 72.44 -37.72 34.54
C UNK YB 238 73.30 -36.76 35.30
N UNK YB 239 72.65 -35.98 36.16
CA UNK YB 239 73.36 -35.01 36.94
C UNK YB 239 74.31 -35.61 37.94
N UNK YB 240 73.86 -36.65 38.64
CA UNK YB 240 74.63 -37.16 39.75
C UNK YB 240 75.35 -38.42 39.37
N UNK YB 241 74.68 -39.11 38.46
CA UNK YB 241 75.11 -40.40 37.99
C UNK YB 241 75.57 -40.34 36.56
N UNK YB 242 74.77 -39.74 35.68
CA UNK YB 242 75.22 -39.64 34.29
C UNK YB 242 76.40 -38.67 34.17
N UNK YB 243 76.25 -37.50 34.78
CA UNK YB 243 77.30 -36.48 34.73
C UNK YB 243 78.57 -36.91 35.45
N UNK YB 244 78.45 -37.37 36.68
CA UNK YB 244 79.64 -37.81 37.42
C UNK YB 244 80.29 -39.13 36.95
N UNK YB 245 79.45 -40.14 36.74
CA UNK YB 245 79.91 -41.46 36.33
C UNK YB 245 80.62 -41.49 34.98
N UNK YB 246 80.17 -40.78 33.95
CA UNK YB 246 80.98 -41.00 32.73
C UNK YB 246 82.44 -40.49 32.54
N UNK YB 247 82.69 -39.21 32.77
CA UNK YB 247 84.03 -38.67 32.50
C UNK YB 247 85.29 -39.02 33.30
N UNK YB 248 85.23 -38.92 34.63
CA UNK YB 248 86.41 -39.22 35.41
C UNK YB 248 86.76 -40.67 35.25
N UNK YB 249 85.72 -41.49 35.28
CA UNK YB 249 85.91 -42.92 35.15
C UNK YB 249 86.50 -43.23 33.81
N UNK YB 250 86.02 -42.59 32.75
CA UNK YB 250 86.60 -42.91 31.45
C UNK YB 250 88.06 -42.52 31.45
N UNK YB 251 88.34 -41.33 31.93
CA UNK YB 251 89.70 -40.81 32.00
C UNK YB 251 90.62 -41.46 33.01
N UNK YB 252 90.08 -41.73 34.18
CA UNK YB 252 90.84 -42.26 35.29
C UNK YB 252 91.38 -43.61 34.89
N UNK YB 253 90.64 -44.30 34.04
CA UNK YB 253 90.95 -45.69 33.75
C UNK YB 253 92.35 -45.79 33.19
N UNK YB 254 92.72 -44.83 32.35
CA UNK YB 254 94.06 -44.86 31.77
C UNK YB 254 95.12 -44.73 32.86
N UNK YB 255 94.82 -43.93 33.87
CA UNK YB 255 95.67 -43.77 35.04
C UNK YB 255 97.14 -44.17 34.89
N UNK YB 256 97.36 -45.41 34.46
CA UNK YB 256 98.72 -45.91 34.32
C UNK YB 256 99.51 -45.11 33.30
N UNK YB 257 98.87 -44.75 32.20
CA UNK YB 257 99.54 -44.04 31.13
C UNK YB 257 99.85 -42.65 31.63
N UNK YB 258 98.91 -42.10 32.38
CA UNK YB 258 98.93 -40.69 32.69
C UNK YB 258 100.18 -40.28 33.44
N UNK YB 259 100.63 -41.13 34.35
CA UNK YB 259 101.62 -40.68 35.29
C UNK YB 259 102.84 -40.22 34.52
N UNK YB 260 103.24 -40.98 33.52
CA UNK YB 260 104.34 -40.55 32.68
C UNK YB 260 103.82 -39.45 31.79
N UNK YB 261 104.73 -38.74 31.11
CA UNK YB 261 104.35 -37.66 30.20
C UNK YB 261 103.51 -36.59 30.89
N UNK YB 262 104.01 -36.13 32.02
CA UNK YB 262 103.25 -35.31 32.93
C UNK YB 262 102.73 -34.06 32.26
N UNK YB 263 103.49 -33.53 31.31
CA UNK YB 263 103.26 -32.18 30.85
C UNK YB 263 101.86 -32.13 30.32
N UNK YB 264 101.47 -33.18 29.63
CA UNK YB 264 100.13 -33.24 29.09
C UNK YB 264 99.16 -33.15 30.25
N UNK YB 265 99.51 -33.80 31.34
CA UNK YB 265 98.62 -33.84 32.49
C UNK YB 265 98.46 -32.43 32.98
N UNK YB 266 99.49 -31.60 32.89
CA UNK YB 266 99.30 -30.24 33.36
C UNK YB 266 98.17 -29.57 32.57
N UNK YB 267 98.17 -29.84 31.27
CA UNK YB 267 97.26 -29.17 30.39
C UNK YB 267 95.88 -29.50 30.87
N UNK YB 268 95.70 -30.75 31.23
CA UNK YB 268 94.42 -31.17 31.72
C UNK YB 268 94.15 -30.37 32.97
N UNK YB 269 95.20 -30.19 33.74
CA UNK YB 269 95.05 -29.69 35.07
C UNK YB 269 94.39 -28.35 34.99
N UNK YB 270 94.79 -27.50 34.07
CA UNK YB 270 94.21 -26.17 33.99
C UNK YB 270 92.74 -26.33 33.69
N UNK YB 271 92.49 -27.26 32.76
CA UNK YB 271 91.16 -27.56 32.27
C UNK YB 271 90.20 -27.60 33.42
N UNK YB 272 90.62 -28.32 34.45
CA UNK YB 272 89.81 -28.46 35.65
C UNK YB 272 89.63 -27.08 36.25
N UNK YB 273 90.66 -26.25 36.20
CA UNK YB 273 90.53 -24.92 36.82
C UNK YB 273 89.45 -24.00 36.24
N UNK YB 274 89.34 -23.94 34.92
CA UNK YB 274 88.33 -23.07 34.29
C UNK YB 274 86.90 -23.48 34.63
N UNK YB 275 86.63 -24.77 34.58
CA UNK YB 275 85.29 -25.26 34.88
C UNK YB 275 84.95 -24.92 36.32
N UNK YB 276 85.89 -25.19 37.21
CA UNK YB 276 85.67 -24.95 38.62
C UNK YB 276 85.36 -23.48 38.84
N UNK YB 277 86.09 -22.62 38.13
CA UNK YB 277 85.86 -21.18 38.25
C UNK YB 277 84.47 -20.78 37.77
N UNK YB 278 84.03 -21.37 36.65
CA UNK YB 278 82.73 -21.05 36.07
C UNK YB 278 81.47 -21.41 36.89
N UNK YB 279 81.50 -22.58 37.52
CA UNK YB 279 80.39 -23.10 38.27
C UNK YB 279 80.10 -22.08 39.35
N UNK YB 280 81.16 -21.45 39.84
CA UNK YB 280 80.96 -20.43 40.84
C UNK YB 280 80.08 -19.37 40.22
N UNK YB 281 80.35 -19.04 38.97
CA UNK YB 281 79.67 -17.93 38.37
C UNK YB 281 78.19 -18.21 38.36
N UNK YB 282 77.82 -19.45 38.10
CA UNK YB 282 76.41 -19.82 38.09
C UNK YB 282 75.81 -19.96 39.49
N UNK YB 283 76.62 -19.92 40.53
CA UNK YB 283 76.09 -20.11 41.87
C UNK YB 283 75.09 -19.04 42.29
N UNK YB 284 75.43 -17.79 42.06
CA UNK YB 284 74.54 -16.69 42.41
C UNK YB 284 73.27 -16.59 41.59
N UNK YB 285 73.40 -16.89 40.31
CA UNK YB 285 72.33 -16.73 39.31
C UNK YB 285 70.99 -17.47 39.42
N UNK YB 286 70.97 -18.73 39.84
CA UNK YB 286 69.69 -19.43 39.89
C UNK YB 286 68.70 -18.69 40.78
N UNK YB 287 67.49 -18.51 40.26
CA UNK YB 287 66.42 -17.82 40.99
C UNK YB 287 65.25 -18.77 41.24
N UNK YB 288 65.34 -19.96 40.66
CA UNK YB 288 64.34 -21.02 40.80
C UNK YB 288 65.19 -22.10 41.42
N UNK YB 289 64.68 -23.33 41.57
CA UNK YB 289 65.54 -24.33 42.18
C UNK YB 289 66.25 -25.31 41.26
N UNK YB 290 65.55 -25.85 40.28
CA UNK YB 290 66.05 -27.07 39.67
C UNK YB 290 67.38 -26.82 39.05
N UNK YB 291 67.48 -25.75 38.30
CA UNK YB 291 68.74 -25.42 37.68
C UNK YB 291 69.70 -25.18 38.82
N UNK YB 292 69.19 -24.44 39.81
CA UNK YB 292 69.97 -24.02 40.97
C UNK YB 292 70.86 -25.14 41.44
N UNK YB 293 70.29 -26.31 41.65
CA UNK YB 293 71.14 -27.43 42.05
C UNK YB 293 72.16 -27.85 40.99
N UNK YB 294 71.70 -27.93 39.76
CA UNK YB 294 72.49 -28.56 38.71
C UNK YB 294 73.77 -27.82 38.51
N UNK YB 295 73.66 -26.51 38.60
CA UNK YB 295 74.81 -25.68 38.42
C UNK YB 295 75.76 -26.06 39.52
N UNK YB 296 75.20 -26.33 40.69
CA UNK YB 296 76.04 -26.66 41.83
C UNK YB 296 76.82 -27.92 41.55
N UNK YB 297 76.13 -28.90 41.02
CA UNK YB 297 76.78 -30.17 40.79
C UNK YB 297 77.93 -29.93 39.85
N UNK YB 298 77.73 -29.13 38.83
CA UNK YB 298 78.74 -29.09 37.79
C UNK YB 298 80.01 -28.66 38.46
N UNK YB 299 79.89 -27.70 39.35
CA UNK YB 299 81.09 -27.12 39.91
C UNK YB 299 81.84 -28.22 40.60
N UNK YB 300 81.11 -29.09 41.28
CA UNK YB 300 81.76 -30.16 41.99
C UNK YB 300 82.49 -31.04 40.99
N UNK YB 301 81.83 -31.29 39.86
CA UNK YB 301 82.37 -32.24 38.92
C UNK YB 301 83.70 -31.72 38.50
N UNK YB 302 83.72 -30.42 38.29
CA UNK YB 302 84.92 -29.74 37.86
C UNK YB 302 85.91 -29.98 38.97
N UNK YB 303 85.42 -29.90 40.19
CA UNK YB 303 86.27 -30.14 41.35
C UNK YB 303 86.75 -31.57 41.18
N UNK YB 304 85.87 -32.41 40.70
CA UNK YB 304 86.24 -33.77 40.45
C UNK YB 304 87.38 -33.75 39.44
N UNK YB 305 87.26 -32.88 38.45
CA UNK YB 305 88.23 -32.89 37.39
C UNK YB 305 89.60 -32.59 37.95
N UNK YB 306 89.70 -31.53 38.74
CA UNK YB 306 91.00 -30.96 39.04
C UNK YB 306 91.91 -31.96 39.74
N UNK YB 307 91.33 -32.73 40.64
CA UNK YB 307 92.07 -33.76 41.34
C UNK YB 307 92.55 -34.74 40.29
N UNK YB 308 91.81 -34.79 39.20
CA UNK YB 308 92.16 -35.71 38.14
C UNK YB 308 93.56 -35.35 37.73
N UNK YB 309 93.82 -34.05 37.72
CA UNK YB 309 95.16 -33.57 37.50
C UNK YB 309 95.98 -34.11 38.65
N UNK YB 310 95.36 -34.19 39.81
CA UNK YB 310 96.11 -34.55 40.98
C UNK YB 310 96.74 -35.92 40.80
N UNK YB 311 96.01 -36.95 40.36
CA UNK YB 311 96.72 -38.23 40.21
C UNK YB 311 96.54 -39.40 41.23
N UNK YB 312 95.61 -39.30 42.18
CA UNK YB 312 95.39 -40.41 43.11
C UNK YB 312 94.18 -41.21 42.57
N UNK YB 313 94.49 -42.33 41.93
CA UNK YB 313 93.47 -43.16 41.31
C UNK YB 313 92.44 -43.64 42.30
N UNK YB 314 92.97 -44.08 43.41
CA UNK YB 314 92.18 -44.19 44.60
C UNK YB 314 91.67 -42.77 44.80
N UNK YB 315 92.53 -41.78 44.55
CA UNK YB 315 92.11 -40.42 44.83
C UNK YB 315 90.88 -40.11 44.01
N UNK YB 316 90.94 -40.47 42.74
CA UNK YB 316 89.84 -40.12 41.86
C UNK YB 316 88.54 -40.80 42.26
N UNK YB 317 88.62 -42.09 42.59
CA UNK YB 317 87.42 -42.82 42.94
C UNK YB 317 86.82 -42.20 44.18
N UNK YB 318 87.69 -41.85 45.12
CA UNK YB 318 87.22 -41.29 46.38
C UNK YB 318 86.48 -40.00 46.14
N UNK YB 319 87.04 -39.10 45.33
CA UNK YB 319 86.33 -37.87 45.07
C UNK YB 319 85.03 -38.17 44.34
N UNK YB 320 85.15 -39.01 43.33
CA UNK YB 320 84.01 -39.38 42.54
C UNK YB 320 83.04 -40.13 43.43
N UNK YB 321 83.57 -41.02 44.26
CA UNK YB 321 82.69 -41.90 45.00
C UNK YB 321 81.82 -41.08 45.90
N UNK YB 322 82.40 -40.11 46.57
CA UNK YB 322 81.61 -39.23 47.40
C UNK YB 322 80.64 -38.31 46.65
N UNK YB 323 81.12 -37.69 45.58
CA UNK YB 323 80.41 -36.59 44.96
C UNK YB 323 79.04 -37.04 44.51
N UNK YB 324 78.96 -38.25 43.98
CA UNK YB 324 77.70 -38.74 43.49
C UNK YB 324 76.71 -38.81 44.63
N UNK YB 325 77.17 -39.28 45.80
CA UNK YB 325 76.24 -39.47 46.89
C UNK YB 325 75.63 -38.13 47.25
N UNK YB 326 76.42 -37.10 47.52
CA UNK YB 326 75.77 -35.92 48.09
C UNK YB 326 74.78 -35.30 47.11
N UNK YB 327 75.25 -35.10 45.89
CA UNK YB 327 74.46 -34.41 44.92
C UNK YB 327 73.24 -35.25 44.65
N UNK YB 328 73.45 -36.55 44.57
CA UNK YB 328 72.37 -37.41 44.20
C UNK YB 328 71.29 -37.30 45.24
N UNK YB 329 71.69 -37.31 46.51
CA UNK YB 329 70.70 -37.28 47.55
C UNK YB 329 69.91 -35.99 47.49
N UNK YB 330 70.59 -34.85 47.43
CA UNK YB 330 69.87 -33.61 47.56
C UNK YB 330 68.88 -33.51 46.42
N UNK YB 331 69.38 -33.79 45.22
CA UNK YB 331 68.59 -33.73 44.01
C UNK YB 331 67.27 -34.42 44.27
N UNK YB 332 67.35 -35.57 44.94
CA UNK YB 332 66.14 -36.30 45.22
C UNK YB 332 65.26 -35.42 46.10
N UNK YB 333 65.89 -34.74 47.05
CA UNK YB 333 65.15 -33.89 47.97
C UNK YB 333 64.44 -32.70 47.30
N UNK YB 334 65.10 -32.08 46.34
CA UNK YB 334 64.56 -30.90 45.68
C UNK YB 334 63.24 -31.20 45.02
N UNK YB 335 63.26 -32.35 44.35
CA UNK YB 335 62.16 -32.94 43.63
C UNK YB 335 61.07 -33.24 44.62
N UNK YB 336 61.44 -33.70 45.81
CA UNK YB 336 60.45 -33.96 46.83
C UNK YB 336 59.83 -32.61 47.18
N UNK YB 337 60.69 -31.61 47.32
CA UNK YB 337 60.28 -30.25 47.63
C UNK YB 337 59.43 -29.62 46.52
N UNK YB 338 59.85 -29.83 45.28
CA UNK YB 338 59.14 -29.30 44.13
C UNK YB 338 57.77 -29.97 44.14
N UNK YB 339 57.79 -31.24 44.49
CA UNK YB 339 56.59 -32.05 44.58
C UNK YB 339 55.78 -31.38 45.65
N UNK YB 340 56.45 -30.95 46.72
CA UNK YB 340 55.67 -30.26 47.74
C UNK YB 340 55.29 -28.83 47.35
N UNK YB 341 55.34 -28.59 46.03
CA UNK YB 341 55.00 -27.32 45.42
C UNK YB 341 53.92 -27.42 44.34
N UNK YB 342 53.63 -28.65 43.87
CA UNK YB 342 52.59 -28.87 42.83
C UNK YB 342 52.70 -28.09 41.51
N UNK YB 343 53.89 -28.06 40.91
CA UNK YB 343 54.17 -27.32 39.67
C UNK YB 343 54.78 -25.92 39.73
N UNK YB 344 55.67 -25.62 40.67
CA UNK YB 344 56.22 -24.28 40.75
C UNK YB 344 57.70 -24.14 40.40
N UNK YB 345 58.56 -24.79 41.18
CA UNK YB 345 59.99 -24.76 40.92
C UNK YB 345 60.67 -23.38 40.83
N UNK YB 346 60.40 -22.47 41.75
CA UNK YB 346 61.17 -21.24 41.76
C UNK YB 346 61.80 -20.96 43.12
N UNK YB 347 63.03 -20.46 43.11
CA UNK YB 347 63.65 -20.12 44.38
C UNK YB 347 62.78 -19.00 44.92
N UNK YB 348 62.30 -18.13 44.01
CA UNK YB 348 61.45 -17.04 44.45
C UNK YB 348 60.22 -17.61 45.12
N UNK YB 349 59.69 -18.70 44.58
CA UNK YB 349 58.54 -19.33 45.20
C UNK YB 349 58.95 -20.69 45.73
N UNK YB 350 58.56 -24.11 53.96
CA UNK YB 350 59.82 -23.83 54.62
C UNK YB 350 60.21 -24.96 55.57
N UNK YB 351 59.90 -24.80 56.85
CA UNK YB 351 60.25 -25.78 57.86
C UNK YB 351 59.39 -27.03 57.80
N UNK YB 352 58.33 -26.97 57.01
CA UNK YB 352 57.30 -28.01 57.01
C UNK YB 352 57.76 -29.42 56.61
N UNK YB 353 58.47 -29.54 55.50
CA UNK YB 353 58.66 -30.85 54.89
C UNK YB 353 59.81 -31.52 55.61
N UNK YB 354 59.56 -31.88 56.84
CA UNK YB 354 60.58 -31.94 57.85
C UNK YB 354 61.68 -32.86 57.42
N UNK YB 355 61.33 -33.97 56.79
CA UNK YB 355 62.36 -34.87 56.31
C UNK YB 355 63.19 -34.13 55.29
N UNK YB 356 62.51 -33.39 54.43
CA UNK YB 356 63.21 -32.69 53.36
C UNK YB 356 64.12 -31.66 53.99
N UNK YB 357 63.59 -30.98 54.98
CA UNK YB 357 64.24 -29.83 55.58
C UNK YB 357 65.50 -30.37 56.14
N UNK YB 358 65.37 -31.47 56.86
CA UNK YB 358 66.51 -32.17 57.38
C UNK YB 358 67.28 -32.62 56.15
N UNK YB 359 66.53 -33.09 55.17
CA UNK YB 359 67.14 -33.73 54.05
C UNK YB 359 68.05 -32.71 53.40
N UNK YB 360 67.52 -31.51 53.24
CA UNK YB 360 68.30 -30.47 52.63
C UNK YB 360 69.46 -30.24 53.56
N UNK YB 361 69.19 -30.32 54.85
CA UNK YB 361 70.15 -29.88 55.83
C UNK YB 361 71.40 -30.70 55.66
N UNK YB 362 71.22 -31.98 55.40
CA UNK YB 362 72.36 -32.87 55.33
C UNK YB 362 73.27 -32.43 54.21
N UNK YB 363 72.66 -32.09 53.12
CA UNK YB 363 73.47 -31.69 52.01
C UNK YB 363 74.40 -30.71 52.63
N UNK YB 364 73.81 -29.59 52.98
CA UNK YB 364 74.54 -28.39 53.27
C UNK YB 364 75.77 -28.83 54.04
N UNK YB 365 75.60 -29.85 54.86
CA UNK YB 365 76.76 -30.48 55.45
C UNK YB 365 77.57 -31.03 54.30
N UNK YB 366 76.90 -31.60 53.31
CA UNK YB 366 77.59 -32.31 52.26
C UNK YB 366 78.51 -31.42 51.45
N UNK YB 367 78.03 -30.25 51.07
CA UNK YB 367 78.87 -29.31 50.35
C UNK YB 367 79.96 -28.92 51.32
N UNK YB 368 79.61 -28.88 52.59
CA UNK YB 368 80.57 -28.61 53.63
C UNK YB 368 81.43 -29.83 53.84
N UNK YB 369 82.50 -29.70 54.63
CA UNK YB 369 83.38 -30.83 54.90
C UNK YB 369 83.65 -31.10 56.39
N UNK YB 370 83.39 -32.31 56.83
CA UNK YB 370 83.66 -32.71 58.21
C UNK YB 370 84.44 -33.99 58.05
N UNK YB 371 85.33 -34.29 58.97
CA UNK YB 371 86.12 -35.49 58.81
C UNK YB 371 85.17 -36.68 58.79
N UNK YB 372 84.22 -36.69 59.71
CA UNK YB 372 83.23 -37.76 59.83
C UNK YB 372 82.25 -37.89 58.65
N UNK YB 373 81.82 -36.75 58.10
CA UNK YB 373 80.81 -36.69 57.02
C UNK YB 373 81.12 -37.36 55.67
N UNK YB 374 82.37 -37.30 55.22
CA UNK YB 374 82.86 -37.86 53.96
C UNK YB 374 82.97 -36.83 52.82
N UNK YB 375 82.33 -35.68 52.98
CA UNK YB 375 82.47 -34.60 52.03
C UNK YB 375 83.79 -33.95 52.37
N UNK YB 376 84.19 -34.04 53.64
CA UNK YB 376 85.50 -33.55 54.04
C UNK YB 376 86.53 -34.61 53.61
N UNK YB 377 86.07 -35.82 53.34
CA UNK YB 377 86.98 -36.86 52.91
C UNK YB 377 87.38 -36.54 51.48
N UNK YB 378 86.49 -35.86 50.73
CA UNK YB 378 86.83 -35.52 49.37
C UNK YB 378 87.57 -34.19 49.26
N UNK YB 379 87.04 -33.16 49.88
CA UNK YB 379 87.61 -31.83 49.72
C UNK YB 379 88.97 -31.74 50.34
N UNK YB 380 89.11 -32.32 51.52
CA UNK YB 380 90.36 -32.30 52.27
C UNK YB 380 91.45 -33.09 51.55
N UNK YB 381 91.09 -34.24 51.02
CA UNK YB 381 92.05 -35.04 50.31
C UNK YB 381 92.48 -34.20 49.14
N UNK YB 382 91.51 -33.52 48.55
CA UNK YB 382 91.75 -32.71 47.37
C UNK YB 382 92.75 -31.62 47.67
N UNK YB 383 92.39 -30.87 48.69
CA UNK YB 383 93.12 -29.71 49.12
C UNK YB 383 94.46 -30.22 49.55
N UNK YB 384 94.46 -31.39 50.17
CA UNK YB 384 95.68 -31.91 50.73
C UNK YB 384 96.66 -32.02 49.59
N UNK YB 385 96.16 -32.47 48.45
CA UNK YB 385 96.99 -32.54 47.27
C UNK YB 385 97.42 -31.13 46.94
N UNK YB 386 96.53 -30.18 47.12
CA UNK YB 386 96.81 -28.84 46.66
C UNK YB 386 98.06 -28.39 47.37
N UNK YB 387 98.11 -28.68 48.66
CA UNK YB 387 99.31 -28.49 49.41
C UNK YB 387 100.37 -29.45 48.90
N UNK YB 388 96.27 -20.86 38.13
CA UNK YB 388 97.19 -21.79 38.78
C UNK YB 388 96.59 -22.36 40.05
N UNK YB 389 97.45 -22.76 40.98
CA UNK YB 389 97.00 -23.33 42.25
C UNK YB 389 96.18 -22.31 43.05
N UNK YB 390 96.64 -21.06 43.04
CA UNK YB 390 95.95 -20.00 43.77
C UNK YB 390 94.55 -19.78 43.22
N UNK YB 391 94.41 -19.83 41.90
CA UNK YB 391 93.12 -19.63 41.26
C UNK YB 391 92.15 -20.76 41.59
N UNK YB 392 92.70 -21.95 41.81
CA UNK YB 392 91.89 -23.11 42.14
C UNK YB 392 91.14 -23.01 43.48
N UNK YB 393 91.80 -22.50 44.51
CA UNK YB 393 91.16 -22.41 45.81
C UNK YB 393 89.92 -21.50 45.97
N UNK YB 394 89.97 -20.33 45.34
CA UNK YB 394 88.96 -19.31 45.45
C UNK YB 394 87.66 -19.99 45.13
N UNK YB 395 87.71 -20.92 44.18
CA UNK YB 395 86.53 -21.66 43.80
C UNK YB 395 86.00 -22.48 44.97
N UNK YB 396 86.90 -23.07 45.74
CA UNK YB 396 86.46 -23.91 46.82
C UNK YB 396 85.67 -23.02 47.75
N UNK YB 397 86.24 -21.89 48.13
CA UNK YB 397 85.54 -21.01 49.03
C UNK YB 397 84.20 -20.56 48.45
N UNK YB 398 84.21 -20.27 47.15
CA UNK YB 398 83.04 -19.72 46.47
C UNK YB 398 81.90 -20.70 46.57
N UNK YB 399 82.22 -21.99 46.48
CA UNK YB 399 81.22 -23.03 46.36
C UNK YB 399 80.32 -23.04 47.56
N UNK YB 400 80.88 -22.86 48.74
CA UNK YB 400 80.09 -22.90 49.95
C UNK YB 400 79.05 -21.82 49.81
N UNK YB 401 79.48 -20.72 49.20
CA UNK YB 401 78.59 -19.63 48.92
C UNK YB 401 77.53 -20.20 48.01
N UNK YB 402 77.95 -21.13 47.16
CA UNK YB 402 77.02 -21.85 46.32
C UNK YB 402 76.13 -22.56 47.30
N UNK YB 403 76.71 -23.19 48.32
CA UNK YB 403 75.82 -23.81 49.29
C UNK YB 403 74.95 -22.73 49.96
N UNK YB 404 75.61 -21.63 50.29
CA UNK YB 404 75.00 -20.57 51.07
C UNK YB 404 73.81 -19.91 50.39
N UNK YB 405 73.94 -19.62 49.11
CA UNK YB 405 72.86 -18.93 48.42
C UNK YB 405 71.61 -19.80 48.41
N UNK YB 406 71.81 -21.08 48.12
CA UNK YB 406 70.68 -21.97 48.03
C UNK YB 406 70.04 -22.02 49.40
N UNK YB 407 70.87 -22.13 50.43
CA UNK YB 407 70.31 -22.27 51.77
C UNK YB 407 69.47 -21.06 52.12
N UNK YB 408 69.97 -19.87 51.81
CA UNK YB 408 69.24 -18.65 52.12
C UNK YB 408 67.92 -18.50 51.36
N UNK YB 409 67.94 -18.82 50.07
CA UNK YB 409 66.79 -18.59 49.21
C UNK YB 409 65.60 -19.44 49.63
N UNK YB 410 65.95 -20.65 50.04
CA UNK YB 410 65.16 -21.87 49.99
C UNK YB 410 64.43 -22.23 51.26
N UNK YB 411 65.13 -22.11 52.38
CA UNK YB 411 64.55 -22.59 53.63
C UNK YB 411 64.42 -21.52 54.71
N UNK YB 412 63.24 -21.50 55.33
CA UNK YB 412 62.94 -20.64 56.46
C UNK YB 412 62.39 -19.26 56.14
N UNK YB 413 61.65 -18.71 57.10
CA UNK YB 413 61.11 -17.36 57.00
C UNK YB 413 60.00 -17.08 55.99
N UNK YB 414 60.27 -17.34 54.71
CA UNK YB 414 59.29 -17.01 53.70
C UNK YB 414 58.09 -17.92 53.76
N UNK YB 415 56.98 -17.42 53.26
CA UNK YB 415 55.84 -18.25 52.98
C UNK YB 415 55.30 -17.90 51.60
N UNK YB 416 55.97 -18.36 50.55
CA UNK YB 416 55.48 -18.09 49.21
C UNK YB 416 54.77 -19.34 48.65
N UNK YB 417 53.49 -19.21 48.38
CA UNK YB 417 52.76 -20.20 47.61
C UNK YB 417 51.47 -19.55 47.16
N UNK YB 418 50.83 -20.12 46.16
CA UNK YB 418 49.41 -19.92 45.95
C UNK YB 418 48.80 -20.87 46.96
N UNK YB 419 47.50 -20.80 47.24
CA UNK YB 419 46.96 -21.65 48.30
C UNK YB 419 47.29 -23.09 47.97
N UNK YB 420 47.92 -23.78 48.90
CA UNK YB 420 48.51 -25.07 48.62
C UNK YB 420 48.22 -26.15 49.65
N UNK YB 421 47.83 -27.32 49.18
CA UNK YB 421 47.54 -28.45 50.04
C UNK YB 421 48.55 -29.61 49.95
N UNK YB 422 49.71 -29.39 49.36
CA UNK YB 422 50.67 -30.52 49.20
C UNK YB 422 51.30 -31.04 50.50
N UNK YB 423 51.36 -32.36 50.66
CA UNK YB 423 51.94 -32.94 51.87
C UNK YB 423 52.51 -34.34 51.69
N UNK YB 424 53.39 -34.72 52.62
CA UNK YB 424 54.14 -35.98 52.57
C UNK YB 424 53.35 -37.26 52.74
N UNK YB 425 53.77 -38.29 52.01
CA UNK YB 425 53.14 -39.61 52.01
C UNK YB 425 54.13 -40.70 52.39
N UNK YB 426 53.82 -41.93 52.00
CA UNK YB 426 54.68 -43.09 52.26
C UNK YB 426 56.06 -43.08 51.58
N UNK YB 427 56.12 -42.42 50.43
CA UNK YB 427 57.35 -42.26 49.66
C UNK YB 427 58.35 -41.48 50.50
N UNK YB 428 57.84 -40.73 51.47
CA UNK YB 428 58.68 -39.95 52.38
C UNK YB 428 59.61 -40.90 53.14
N UNK YB 429 59.23 -42.16 53.26
CA UNK YB 429 60.16 -43.15 53.80
C UNK YB 429 61.40 -43.22 52.89
N UNK YB 430 61.17 -43.11 51.59
CA UNK YB 430 62.24 -43.09 50.59
C UNK YB 430 63.15 -41.90 50.88
N UNK YB 431 62.54 -40.81 51.34
CA UNK YB 431 63.27 -39.64 51.76
C UNK YB 431 64.17 -40.02 52.93
N UNK YB 432 63.71 -40.93 53.78
CA UNK YB 432 64.58 -41.56 54.79
C UNK YB 432 65.67 -42.35 54.07
N UNK YB 433 65.09 -43.01 52.78
CA UNK YB 433 66.12 -43.89 52.22
C UNK YB 433 67.37 -43.12 51.83
N UNK YB 434 67.20 -41.93 51.28
CA UNK YB 434 68.34 -41.10 50.91
C UNK YB 434 69.17 -40.75 52.14
N UNK YB 435 68.49 -40.42 53.24
CA UNK YB 435 69.16 -40.11 54.50
C UNK YB 435 69.90 -41.34 55.01
N UNK YB 436 69.28 -42.50 54.87
CA UNK YB 436 69.92 -43.74 55.29
C UNK YB 436 71.19 -43.97 54.48
N UNK YB 437 71.11 -43.67 53.18
CA UNK YB 437 72.24 -43.80 52.27
C UNK YB 437 73.37 -42.86 52.67
N UNK YB 438 73.02 -41.64 53.07
CA UNK YB 438 74.02 -40.68 53.53
C UNK YB 438 74.71 -41.21 54.79
N UNK YB 439 73.92 -41.81 55.68
CA UNK YB 439 74.47 -42.39 56.90
C UNK YB 439 75.45 -43.51 56.55
N UNK YB 440 75.07 -44.33 55.56
CA UNK YB 440 75.93 -45.41 55.11
C UNK YB 440 77.24 -44.86 54.54
N UNK YB 441 77.12 -43.72 53.87
CA UNK YB 441 78.10 -43.21 52.93
C UNK YB 441 79.47 -42.96 53.53
N UNK YB 442 79.52 -42.43 54.74
CA UNK YB 442 80.81 -42.20 55.38
C UNK YB 442 81.48 -43.56 55.53
N UNK YB 443 80.70 -44.56 55.92
CA UNK YB 443 81.19 -45.92 56.07
C UNK YB 443 81.68 -46.46 54.72
N UNK YB 444 80.93 -46.15 53.67
CA UNK YB 444 81.30 -46.61 52.33
C UNK YB 444 82.65 -46.04 51.93
N UNK YB 445 82.87 -44.76 52.25
CA UNK YB 445 84.16 -44.15 52.04
C UNK YB 445 85.15 -44.87 52.93
N UNK YB 446 84.68 -45.18 54.13
CA UNK YB 446 85.46 -45.92 55.12
C UNK YB 446 85.80 -47.33 54.63
N UNK YB 447 84.80 -48.00 54.07
CA UNK YB 447 84.99 -49.35 53.55
C UNK YB 447 85.94 -49.30 52.36
N UNK YB 448 85.74 -48.30 51.53
CA UNK YB 448 86.57 -48.13 50.35
C UNK YB 448 87.99 -47.88 50.81
N UNK YB 449 88.13 -47.06 51.85
CA UNK YB 449 89.46 -46.72 52.35
C UNK YB 449 90.14 -47.97 52.88
N UNK YB 450 89.38 -48.81 53.58
CA UNK YB 450 89.92 -50.03 54.13
C UNK YB 450 90.38 -50.97 53.03
N UNK YB 451 89.60 -51.08 51.96
CA UNK YB 451 90.02 -51.94 50.85
C UNK YB 451 91.29 -51.37 50.24
N UNK YB 452 91.27 -50.05 50.08
CA UNK YB 452 92.38 -49.29 49.51
C UNK YB 452 93.64 -49.33 50.36
N UNK YB 453 93.50 -49.22 51.69
CA UNK YB 453 94.69 -49.11 52.49
C UNK YB 453 95.95 -49.06 51.62
N UNK YB 454 95.97 -49.89 50.58
CA UNK YB 454 97.06 -49.89 49.61
C UNK YB 454 97.13 -48.56 48.89
N UNK YB 455 95.95 -48.03 48.56
CA UNK YB 455 95.88 -46.72 47.92
C UNK YB 455 96.48 -45.63 48.82
N UNK YB 456 96.18 -45.73 50.11
CA UNK YB 456 96.71 -44.81 51.12
C UNK YB 456 98.23 -44.92 51.22
N UNK YB 457 98.73 -46.16 51.14
CA UNK YB 457 100.16 -46.43 51.16
C UNK YB 457 100.82 -45.74 49.98
N UNK YB 458 100.01 -45.85 48.82
CA UNK YB 458 100.48 -45.31 47.54
C UNK YB 458 100.21 -43.82 47.51
N UNK YB 459 99.84 -43.29 48.67
CA UNK YB 459 99.08 -42.07 48.85
C UNK YB 459 99.14 -41.63 50.31
N UNK YB 460 99.05 -42.61 51.21
CA UNK YB 460 99.15 -42.36 52.64
C UNK YB 460 100.52 -41.80 53.00
N UNK YB 461 101.56 -42.35 52.38
CA UNK YB 461 102.92 -41.87 52.59
C UNK YB 461 103.04 -40.42 52.13
N UNK YB 462 102.42 -40.11 51.00
CA UNK YB 462 102.42 -38.75 50.47
C UNK YB 462 101.72 -37.81 51.44
N UNK YB 463 100.61 -38.28 52.02
CA UNK YB 463 99.87 -37.50 53.00
C UNK YB 463 100.73 -37.23 54.23
N UNK YB 464 101.48 -38.25 54.64
CA UNK YB 464 102.37 -38.12 55.80
C UNK YB 464 103.45 -37.09 55.50
N UNK YB 465 103.95 -37.10 54.27
CA UNK YB 465 104.94 -36.11 53.85
C UNK YB 465 104.35 -34.72 53.91
N UNK YB 466 103.09 -34.60 53.50
CA UNK YB 466 102.38 -33.31 53.49
C UNK YB 466 102.07 -32.88 54.93
N UNK YB 467 104.38 -30.63 57.03
CA UNK YB 467 103.10 -30.50 56.35
C UNK YB 467 102.27 -29.46 57.04
N UNK YB 468 102.64 -29.14 58.28
CA UNK YB 468 101.73 -28.51 59.22
C UNK YB 468 101.19 -27.14 58.86
N UNK YB 469 101.99 -26.15 58.52
CA UNK YB 469 101.29 -24.88 58.42
C UNK YB 469 100.21 -25.00 57.33
N UNK YB 470 100.63 -25.55 56.20
CA UNK YB 470 99.81 -25.54 55.01
C UNK YB 470 98.53 -26.36 55.08
N UNK YB 471 98.61 -27.57 55.60
CA UNK YB 471 97.45 -28.45 55.60
C UNK YB 471 96.33 -27.90 56.47
N UNK YB 472 96.65 -27.57 57.71
CA UNK YB 472 95.57 -27.22 58.61
C UNK YB 472 94.90 -26.00 58.05
N UNK YB 473 95.73 -25.08 57.59
CA UNK YB 473 95.24 -23.78 57.17
C UNK YB 473 94.28 -24.01 56.03
N UNK YB 474 94.66 -24.89 55.11
CA UNK YB 474 93.84 -25.08 53.93
C UNK YB 474 92.46 -25.61 54.29
N UNK YB 475 92.40 -26.62 55.16
CA UNK YB 475 91.11 -27.17 55.51
C UNK YB 475 90.29 -26.09 56.19
N UNK YB 476 90.90 -25.44 57.17
CA UNK YB 476 90.13 -24.50 57.97
C UNK YB 476 89.64 -23.39 57.08
N UNK YB 477 90.49 -22.96 56.15
CA UNK YB 477 90.16 -21.89 55.20
C UNK YB 477 88.70 -21.93 54.74
N UNK YB 478 88.26 -23.12 54.34
CA UNK YB 478 86.89 -23.32 53.87
C UNK YB 478 85.88 -23.08 54.98
N UNK YB 479 86.22 -23.53 56.20
CA UNK YB 479 85.33 -23.37 57.34
C UNK YB 479 85.16 -21.87 57.61
N UNK YB 480 86.24 -21.13 57.50
CA UNK YB 480 86.22 -19.70 57.70
C UNK YB 480 85.32 -19.10 56.64
N UNK YB 481 85.42 -19.67 55.44
CA UNK YB 481 84.67 -19.24 54.26
C UNK YB 481 83.16 -19.34 54.44
N UNK YB 482 82.71 -20.38 55.15
CA UNK YB 482 81.29 -20.58 55.36
C UNK YB 482 80.73 -19.35 56.09
N UNK YB 483 81.49 -18.82 57.03
CA UNK YB 483 81.05 -17.64 57.76
C UNK YB 483 80.87 -16.47 56.79
N UNK YB 484 81.82 -16.33 55.86
CA UNK YB 484 81.76 -15.26 54.88
C UNK YB 484 80.53 -15.46 54.00
N UNK YB 485 80.29 -16.73 53.65
CA UNK YB 485 79.16 -17.12 52.85
C UNK YB 485 77.97 -16.90 53.73
N UNK YB 486 78.13 -17.26 55.00
CA UNK YB 486 77.07 -17.07 55.97
C UNK YB 486 76.87 -15.58 56.22
N UNK YB 487 77.98 -14.87 56.27
CA UNK YB 487 77.96 -13.42 56.44
C UNK YB 487 77.26 -12.74 55.26
N UNK YB 488 77.53 -13.24 54.06
CA UNK YB 488 76.87 -12.76 52.85
C UNK YB 488 75.37 -13.01 52.90
N UNK YB 489 74.99 -14.18 53.43
CA UNK YB 489 73.60 -14.52 53.62
C UNK YB 489 72.94 -13.54 54.57
N UNK YB 490 73.66 -13.19 55.64
CA UNK YB 490 73.18 -12.20 56.60
C UNK YB 490 73.00 -10.85 55.93
N UNK YB 491 73.94 -10.53 55.06
CA UNK YB 491 73.94 -9.28 54.31
C UNK YB 491 72.71 -9.20 53.43
N UNK YB 492 72.31 -10.33 52.85
CA UNK YB 492 71.12 -10.35 52.02
C UNK YB 492 69.92 -9.92 52.86
N UNK YB 493 69.89 -10.38 54.10
CA UNK YB 493 68.91 -9.94 55.08
C UNK YB 493 68.39 -8.53 54.76
N UNK ZB 1 72.14 -72.15 -12.49
CA UNK ZB 1 72.34 -71.58 -11.16
C UNK ZB 1 71.02 -71.06 -10.60
N UNK ZB 2 71.10 -70.38 -9.47
CA UNK ZB 2 69.90 -69.84 -8.87
C UNK ZB 2 69.34 -68.87 -9.88
N UNK ZB 3 70.24 -68.18 -10.54
CA UNK ZB 3 69.87 -67.22 -11.55
C UNK ZB 3 69.12 -67.97 -12.63
N UNK ZB 4 69.59 -69.17 -12.90
CA UNK ZB 4 68.96 -69.98 -13.92
C UNK ZB 4 67.52 -70.18 -13.50
N UNK ZB 5 67.32 -70.38 -12.20
CA UNK ZB 5 65.98 -70.58 -11.69
C UNK ZB 5 65.18 -69.29 -11.61
N UNK ZB 6 65.85 -68.18 -11.31
CA UNK ZB 6 65.14 -66.92 -11.19
C UNK ZB 6 64.29 -66.71 -12.41
N UNK ZB 7 64.83 -67.06 -13.56
CA UNK ZB 7 64.26 -66.63 -14.81
C UNK ZB 7 62.85 -67.15 -14.87
N UNK ZB 8 62.68 -68.36 -14.38
CA UNK ZB 8 61.39 -69.02 -14.47
C UNK ZB 8 60.40 -68.15 -13.74
N UNK ZB 9 60.88 -67.34 -12.82
CA UNK ZB 9 60.00 -66.53 -12.02
C UNK ZB 9 59.18 -65.68 -12.97
N UNK ZB 10 59.79 -65.23 -14.06
CA UNK ZB 10 59.08 -64.34 -14.97
C UNK ZB 10 57.84 -65.00 -15.53
N UNK ZB 11 57.94 -66.25 -15.94
CA UNK ZB 11 56.79 -66.85 -16.53
C UNK ZB 11 55.70 -66.88 -15.47
N UNK ZB 12 56.09 -67.23 -14.26
CA UNK ZB 12 55.12 -67.49 -13.22
C UNK ZB 12 54.30 -66.26 -12.90
N UNK ZB 13 54.95 -65.13 -12.74
CA UNK ZB 13 54.14 -64.01 -12.42
C UNK ZB 13 53.17 -63.84 -13.54
N UNK ZB 14 53.67 -63.86 -14.76
CA UNK ZB 14 52.81 -63.59 -15.89
C UNK ZB 14 51.63 -64.54 -15.97
N UNK ZB 15 51.94 -65.81 -15.81
CA UNK ZB 15 51.03 -66.91 -16.11
C UNK ZB 15 49.76 -67.03 -15.28
N UNK ZB 16 49.80 -66.70 -14.00
CA UNK ZB 16 48.69 -67.10 -13.13
C UNK ZB 16 47.32 -66.55 -13.49
N UNK ZB 17 47.26 -65.26 -13.80
CA UNK ZB 17 46.02 -64.60 -14.29
C UNK ZB 17 44.93 -64.49 -13.22
N UNK ZB 18 44.49 -65.64 -12.73
CA UNK ZB 18 43.55 -65.68 -11.63
C UNK ZB 18 44.51 -65.74 -10.44
N UNK ZB 19 43.98 -65.79 -9.23
CA UNK ZB 19 44.82 -65.86 -8.01
C UNK ZB 19 45.34 -64.48 -7.68
N UNK ZB 20 44.85 -63.53 -8.46
CA UNK ZB 20 45.20 -62.14 -8.34
C UNK ZB 20 45.59 -61.94 -6.89
N UNK ZB 21 46.78 -61.39 -6.71
CA UNK ZB 21 47.58 -61.00 -7.86
C UNK ZB 21 49.00 -60.73 -7.42
N UNK ZB 22 49.97 -61.04 -8.27
CA UNK ZB 22 51.32 -60.65 -7.95
C UNK ZB 22 51.77 -61.47 -6.76
N UNK ZB 23 51.02 -61.34 -5.67
CA UNK ZB 23 51.54 -61.74 -4.39
C UNK ZB 23 51.93 -63.20 -4.38
N UNK ZB 24 51.09 -64.05 -4.93
CA UNK ZB 24 51.40 -65.45 -4.89
C UNK ZB 24 52.76 -65.54 -5.54
N UNK ZB 25 52.94 -64.76 -6.57
CA UNK ZB 25 54.27 -64.67 -7.04
C UNK ZB 25 55.00 -64.32 -5.77
N UNK ZB 26 54.73 -63.11 -5.33
CA UNK ZB 26 55.62 -62.44 -4.40
C UNK ZB 26 56.14 -63.35 -3.32
N UNK ZB 27 55.25 -64.09 -2.70
CA UNK ZB 27 55.68 -65.00 -1.65
C UNK ZB 27 56.55 -66.03 -2.31
N UNK ZB 28 56.22 -66.49 -3.51
CA UNK ZB 28 57.03 -67.57 -4.08
C UNK ZB 28 58.47 -67.11 -4.24
N UNK ZB 29 58.64 -65.89 -4.72
CA UNK ZB 29 59.98 -65.39 -5.02
C UNK ZB 29 60.78 -65.36 -3.74
N UNK ZB 30 60.11 -65.05 -2.65
CA UNK ZB 30 60.86 -65.12 -1.46
C UNK ZB 30 61.32 -66.54 -1.65
N UNK ZB 31 60.34 -67.42 -1.60
CA UNK ZB 31 60.64 -68.82 -1.38
C UNK ZB 31 61.93 -69.18 -2.04
N UNK ZB 32 62.13 -68.67 -3.25
CA UNK ZB 32 63.40 -68.89 -3.95
C UNK ZB 32 64.61 -68.26 -3.27
N UNK ZB 33 64.50 -67.03 -2.86
CA UNK ZB 33 65.69 -66.36 -2.40
C UNK ZB 33 66.29 -67.09 -1.23
N UNK ZB 34 65.45 -67.49 -0.29
CA UNK ZB 34 65.98 -67.89 1.00
C UNK ZB 34 66.91 -69.05 0.82
N UNK ZB 35 66.52 -69.99 -0.02
CA UNK ZB 35 67.37 -71.13 -0.25
C UNK ZB 35 68.65 -70.64 -0.88
N UNK ZB 36 68.60 -69.84 -1.92
CA UNK ZB 36 69.84 -69.63 -2.66
C UNK ZB 36 70.94 -68.93 -1.88
N UNK ZB 37 70.54 -67.86 -1.21
CA UNK ZB 37 71.50 -66.93 -0.71
C UNK ZB 37 72.35 -67.67 0.26
N UNK ZB 38 71.71 -68.50 1.06
CA UNK ZB 38 72.46 -69.26 2.04
C UNK ZB 38 73.41 -70.11 1.26
N UNK ZB 39 72.94 -70.61 0.12
CA UNK ZB 39 73.69 -71.62 -0.58
C UNK ZB 39 75.03 -71.06 -0.94
N UNK ZB 40 75.07 -69.82 -1.40
CA UNK ZB 40 76.38 -69.26 -1.80
C UNK ZB 40 77.39 -69.12 -0.65
N UNK ZB 41 76.95 -68.81 0.54
CA UNK ZB 41 77.88 -68.31 1.53
C UNK ZB 41 79.00 -69.33 1.69
N UNK ZB 42 78.73 -70.55 1.30
CA UNK ZB 42 79.56 -71.70 1.63
C UNK ZB 42 80.99 -71.60 1.19
N UNK ZB 43 81.24 -71.01 0.03
CA UNK ZB 43 82.55 -71.14 -0.56
C UNK ZB 43 83.62 -70.66 0.40
N UNK ZB 44 84.59 -71.54 0.60
CA UNK ZB 44 85.69 -71.34 1.52
C UNK ZB 44 86.85 -70.67 0.79
N UNK ZB 45 88.06 -71.08 1.18
CA UNK ZB 45 89.33 -70.55 0.71
C UNK ZB 45 89.75 -70.95 -0.69
N UNK ZB 46 90.52 -70.07 -1.30
CA UNK ZB 46 91.02 -70.31 -2.65
C UNK ZB 46 89.84 -70.36 -3.59
N UNK ZB 47 88.75 -69.71 -3.20
CA UNK ZB 47 87.58 -69.70 -4.06
C UNK ZB 47 87.63 -68.43 -4.87
N UNK ZB 48 87.24 -68.49 -6.14
CA UNK ZB 48 86.82 -69.68 -6.88
C UNK ZB 48 85.36 -70.07 -6.67
N UNK ZB 49 84.84 -70.86 -7.61
CA UNK ZB 49 83.46 -71.31 -7.57
C UNK ZB 49 83.06 -71.94 -8.90
N UNK ZB 50 81.78 -72.25 -9.03
CA UNK ZB 50 81.25 -72.85 -10.26
C UNK ZB 50 79.95 -72.12 -10.62
N UNK ZB 51 79.68 -71.98 -11.92
CA UNK ZB 51 80.54 -72.45 -12.98
C UNK ZB 51 81.23 -71.36 -13.76
N UNK ZB 52 82.08 -71.79 -14.68
CA UNK ZB 52 82.85 -70.93 -15.54
C UNK ZB 52 82.69 -71.18 -17.02
N UNK ZB 53 82.49 -70.14 -17.82
CA UNK ZB 53 82.38 -68.82 -17.29
C UNK ZB 53 80.93 -68.44 -17.21
N UNK ZB 54 80.59 -67.45 -16.39
CA UNK ZB 54 81.52 -66.81 -15.50
C UNK ZB 54 80.82 -66.74 -14.16
N UNK ZB 55 81.48 -67.20 -13.11
CA UNK ZB 55 80.88 -67.20 -11.79
C UNK ZB 55 81.95 -67.23 -10.73
N UNK ZB 56 81.56 -66.92 -9.51
CA UNK ZB 56 82.48 -66.95 -8.39
C UNK ZB 56 83.31 -65.69 -8.45
N UNK ZB 57 83.17 -64.87 -7.41
CA UNK ZB 57 82.23 -65.15 -6.35
C UNK ZB 57 82.89 -66.10 -5.34
N UNK ZB 58 82.51 -66.03 -4.06
CA UNK ZB 58 81.57 -65.03 -3.57
C UNK ZB 58 82.43 -63.98 -2.90
N UNK ZB 59 82.42 -62.81 -3.53
CA UNK ZB 59 83.19 -61.65 -3.10
C UNK ZB 59 82.21 -60.52 -3.40
N UNK ZB 60 81.31 -60.21 -2.48
CA UNK ZB 60 81.32 -60.78 -1.15
C UNK ZB 60 81.24 -62.29 -1.13
N UNK ZB 61 80.34 -62.87 -1.89
CA UNK ZB 61 79.38 -62.18 -2.73
C UNK ZB 61 78.09 -62.05 -1.92
N UNK ZB 62 78.22 -62.15 -0.61
CA UNK ZB 62 77.10 -62.05 0.30
C UNK ZB 62 76.50 -60.70 0.01
N UNK ZB 63 77.36 -59.72 -0.31
CA UNK ZB 63 76.88 -58.41 -0.65
C UNK ZB 63 75.97 -58.62 -1.86
N UNK ZB 64 76.43 -59.46 -2.76
CA UNK ZB 64 75.62 -59.79 -3.91
C UNK ZB 64 74.39 -60.50 -3.38
N UNK ZB 65 74.62 -61.39 -2.41
CA UNK ZB 65 73.55 -62.16 -1.80
C UNK ZB 65 72.38 -61.27 -1.48
N UNK ZB 66 72.65 -60.15 -0.83
CA UNK ZB 66 71.57 -59.24 -0.49
C UNK ZB 66 70.65 -58.95 -1.65
N UNK ZB 67 71.20 -58.64 -2.80
CA UNK ZB 67 70.32 -58.35 -3.90
C UNK ZB 67 69.09 -59.18 -3.69
N UNK ZB 68 69.28 -60.45 -3.36
CA UNK ZB 68 68.14 -61.32 -3.32
C UNK ZB 68 67.20 -60.88 -2.20
N UNK ZB 69 67.74 -60.57 -1.03
CA UNK ZB 69 66.88 -60.24 0.09
C UNK ZB 69 66.09 -59.02 -0.30
N UNK ZB 70 66.73 -58.07 -0.94
CA UNK ZB 70 65.97 -56.90 -1.31
C UNK ZB 70 64.82 -57.24 -2.23
N UNK ZB 71 65.03 -58.15 -3.17
CA UNK ZB 71 64.07 -58.34 -4.24
C UNK ZB 71 62.70 -58.78 -3.79
N UNK ZB 72 62.61 -59.76 -2.90
CA UNK ZB 72 61.31 -60.20 -2.45
C UNK ZB 72 60.63 -59.09 -1.70
N UNK ZB 73 61.29 -58.38 -0.80
CA UNK ZB 73 60.57 -57.30 -0.08
C UNK ZB 73 60.04 -56.12 -0.92
N UNK ZB 74 60.87 -55.67 -1.85
CA UNK ZB 74 60.61 -54.43 -2.54
C UNK ZB 74 59.29 -54.61 -3.22
N UNK ZB 75 59.08 -55.81 -3.72
CA UNK ZB 75 57.83 -56.12 -4.37
C UNK ZB 75 56.76 -55.92 -3.31
N UNK ZB 76 57.08 -56.31 -2.09
CA UNK ZB 76 56.07 -56.38 -1.06
C UNK ZB 76 55.48 -55.01 -0.91
N UNK ZB 77 56.30 -54.00 -0.81
CA UNK ZB 77 55.77 -52.67 -0.61
C UNK ZB 77 54.93 -52.28 -1.79
N UNK ZB 78 55.38 -52.66 -2.97
CA UNK ZB 78 54.77 -52.16 -4.17
C UNK ZB 78 53.30 -52.54 -4.35
N UNK ZB 79 52.85 -53.68 -3.85
CA UNK ZB 79 51.50 -54.09 -4.22
C UNK ZB 79 50.52 -52.97 -3.86
N UNK ZB 80 50.66 -52.35 -2.71
CA UNK ZB 80 49.77 -51.25 -2.36
C UNK ZB 80 49.87 -49.98 -3.22
N UNK ZB 81 51.09 -49.53 -3.52
CA UNK ZB 81 51.29 -48.23 -4.17
C UNK ZB 81 50.73 -48.14 -5.58
N UNK ZB 82 50.83 -49.21 -6.34
CA UNK ZB 82 50.37 -49.22 -7.71
C UNK ZB 82 48.86 -48.97 -7.78
N UNK ZB 83 48.13 -49.47 -6.79
CA UNK ZB 83 46.69 -49.29 -6.72
C UNK ZB 83 45.96 -50.26 -7.64
N UNK ZB 84 44.64 -50.21 -7.61
CA UNK ZB 84 43.82 -51.06 -8.46
C UNK ZB 84 44.05 -50.72 -9.93
N UNK ZB 85 44.20 -49.43 -10.18
CA UNK ZB 85 44.46 -48.99 -11.53
C UNK ZB 85 45.36 -47.77 -11.47
N UNK ZB 86 45.89 -47.36 -12.61
CA UNK ZB 86 45.58 -48.05 -13.84
C UNK ZB 86 46.69 -48.95 -14.39
N UNK ZB 87 46.33 -50.17 -14.78
CA UNK ZB 87 44.98 -50.70 -14.65
C UNK ZB 87 45.20 -52.16 -14.80
N UNK ZB 88 45.33 -52.56 -16.06
CA UNK ZB 88 45.60 -53.96 -16.40
C UNK ZB 88 47.07 -54.41 -16.40
N UNK ZB 89 47.88 -53.43 -16.80
CA UNK ZB 89 49.31 -53.44 -17.01
C UNK ZB 89 50.12 -53.57 -15.75
N UNK ZB 90 49.44 -53.46 -14.63
CA UNK ZB 90 50.05 -53.52 -13.31
C UNK ZB 90 50.76 -54.86 -13.24
N UNK ZB 91 50.16 -55.86 -13.87
CA UNK ZB 91 50.77 -57.17 -13.93
C UNK ZB 91 52.11 -56.96 -14.61
N UNK ZB 92 52.12 -56.07 -15.61
CA UNK ZB 92 53.34 -55.77 -16.30
C UNK ZB 92 54.24 -55.06 -15.34
N UNK ZB 93 53.65 -54.23 -14.52
CA UNK ZB 93 54.60 -53.52 -13.68
C UNK ZB 93 55.36 -54.54 -12.92
N UNK ZB 94 54.68 -55.61 -12.53
CA UNK ZB 94 55.36 -56.65 -11.81
C UNK ZB 94 56.44 -57.16 -12.71
N UNK ZB 95 56.14 -57.19 -14.00
CA UNK ZB 95 57.09 -57.70 -14.93
C UNK ZB 95 58.36 -56.93 -14.97
N UNK ZB 96 58.25 -55.63 -14.96
CA UNK ZB 96 59.42 -54.80 -15.08
C UNK ZB 96 60.54 -54.89 -14.05
N UNK ZB 97 60.15 -55.26 -12.84
CA UNK ZB 97 61.02 -55.49 -11.69
C UNK ZB 97 61.88 -56.75 -11.86
N UNK ZB 98 61.27 -57.78 -12.44
CA UNK ZB 98 61.92 -59.08 -12.64
C UNK ZB 98 63.16 -58.95 -13.52
N UNK ZB 99 63.09 -58.11 -14.54
CA UNK ZB 99 64.20 -57.90 -15.44
C UNK ZB 99 65.32 -57.37 -14.57
N UNK ZB 100 64.96 -56.56 -13.58
CA UNK ZB 100 65.92 -55.95 -12.68
C UNK ZB 100 66.73 -56.95 -11.84
N UNK ZB 101 66.11 -58.02 -11.34
CA UNK ZB 101 66.87 -58.96 -10.55
C UNK ZB 101 67.68 -59.84 -11.48
N UNK ZB 102 67.07 -60.24 -12.60
CA UNK ZB 102 67.77 -61.12 -13.51
C UNK ZB 102 69.03 -60.45 -14.00
N UNK ZB 103 68.92 -59.20 -14.43
CA UNK ZB 103 70.12 -58.50 -14.86
C UNK ZB 103 70.94 -58.37 -13.58
N UNK ZB 104 70.23 -58.05 -12.50
CA UNK ZB 104 70.83 -57.88 -11.20
C UNK ZB 104 71.46 -59.17 -10.72
N UNK ZB 105 70.82 -60.30 -11.00
CA UNK ZB 105 71.35 -61.57 -10.53
C UNK ZB 105 72.75 -61.69 -11.07
N UNK ZB 106 72.92 -61.23 -12.29
CA UNK ZB 106 74.22 -61.24 -12.91
C UNK ZB 106 74.91 -59.93 -12.61
N UNK ZB 107 74.27 -59.06 -11.84
CA UNK ZB 107 74.85 -57.77 -11.57
C UNK ZB 107 76.20 -57.87 -10.87
N UNK ZB 108 76.31 -58.80 -9.94
CA UNK ZB 108 77.58 -59.07 -9.29
C UNK ZB 108 77.91 -60.51 -9.73
N UNK ZB 109 77.49 -60.84 -10.94
CA UNK ZB 109 77.62 -62.17 -11.50
C UNK ZB 109 79.00 -62.76 -11.69
N UNK ZB 110 79.94 -61.95 -12.21
CA UNK ZB 110 81.36 -62.27 -12.45
C UNK ZB 110 82.02 -61.71 -13.69
N UNK ZB 111 83.23 -61.18 -13.53
CA UNK ZB 111 83.97 -60.63 -14.65
C UNK ZB 111 85.32 -61.34 -14.84
N UNK ZB 112 85.61 -61.81 -16.05
CA UNK ZB 112 84.71 -61.66 -17.19
C UNK ZB 112 84.48 -60.18 -17.42
N UNK ZB 113 85.54 -59.39 -17.27
CA UNK ZB 113 85.42 -57.97 -17.48
C UNK ZB 113 85.00 -57.79 -18.92
N UNK ZB 114 84.09 -56.83 -19.12
CA UNK ZB 114 83.46 -56.47 -20.39
C UNK ZB 114 82.13 -57.21 -20.43
N UNK ZB 115 82.09 -58.35 -19.76
CA UNK ZB 115 80.84 -59.07 -19.66
C UNK ZB 115 79.99 -58.14 -18.80
N UNK ZB 116 80.64 -57.57 -17.78
CA UNK ZB 116 80.00 -56.66 -16.86
C UNK ZB 116 79.60 -55.39 -17.60
N UNK ZB 117 80.55 -54.76 -18.30
CA UNK ZB 117 80.17 -53.52 -19.00
C UNK ZB 117 78.93 -53.66 -19.83
N UNK ZB 118 78.84 -54.75 -20.60
CA UNK ZB 118 77.63 -55.01 -21.33
C UNK ZB 118 76.57 -55.23 -20.28
N UNK ZB 119 76.92 -55.98 -19.25
CA UNK ZB 119 75.99 -56.25 -18.21
C UNK ZB 119 75.53 -54.98 -17.51
N UNK ZB 120 76.51 -54.15 -17.18
CA UNK ZB 120 76.32 -53.00 -16.31
C UNK ZB 120 75.47 -51.93 -16.95
N UNK ZB 121 75.57 -51.86 -18.26
CA UNK ZB 121 74.76 -50.89 -18.99
C UNK ZB 121 73.37 -51.38 -18.66
N UNK ZB 122 73.23 -52.70 -18.59
CA UNK ZB 122 71.94 -53.36 -18.62
C UNK ZB 122 71.10 -52.83 -17.48
N UNK ZB 123 71.75 -52.42 -16.43
CA UNK ZB 123 71.00 -51.87 -15.32
C UNK ZB 123 70.26 -50.70 -15.92
N UNK ZB 124 70.90 -50.00 -16.84
CA UNK ZB 124 70.32 -48.76 -17.31
C UNK ZB 124 68.95 -48.96 -17.95
N UNK ZB 125 68.77 -49.99 -18.76
CA UNK ZB 125 67.49 -50.16 -19.43
C UNK ZB 125 66.39 -50.41 -18.43
N UNK ZB 126 66.53 -51.39 -17.57
CA UNK ZB 126 65.39 -51.69 -16.75
C UNK ZB 126 65.17 -50.42 -15.97
N UNK ZB 127 66.26 -49.85 -15.50
CA UNK ZB 127 66.14 -48.75 -14.57
C UNK ZB 127 65.41 -47.63 -15.25
N UNK ZB 128 65.77 -47.34 -16.49
CA UNK ZB 128 65.17 -46.22 -17.16
C UNK ZB 128 63.70 -46.48 -17.25
N UNK ZB 129 63.32 -47.67 -17.67
CA UNK ZB 129 61.91 -47.86 -17.94
C UNK ZB 129 61.09 -47.67 -16.68
N UNK ZB 130 61.47 -48.29 -15.57
CA UNK ZB 130 60.51 -48.36 -14.50
C UNK ZB 130 60.11 -46.97 -14.06
N UNK ZB 131 61.10 -46.11 -13.92
CA UNK ZB 131 60.89 -44.72 -13.50
C UNK ZB 131 59.73 -43.98 -14.20
N UNK ZB 132 59.82 -43.79 -15.51
CA UNK ZB 132 58.78 -43.05 -16.20
C UNK ZB 132 57.37 -43.64 -16.06
N UNK ZB 133 57.23 -44.95 -16.12
CA UNK ZB 133 55.91 -45.54 -15.99
C UNK ZB 133 55.31 -45.23 -14.63
N UNK ZB 134 56.14 -45.31 -13.59
CA UNK ZB 134 55.67 -45.04 -12.23
C UNK ZB 134 55.19 -43.60 -12.16
N UNK ZB 135 55.94 -42.71 -12.80
CA UNK ZB 135 55.58 -41.30 -12.84
C UNK ZB 135 55.46 -40.65 -11.46
N UNK ZB 136 54.30 -40.05 -11.25
CA UNK ZB 136 53.98 -39.37 -10.01
C UNK ZB 136 54.34 -37.93 -10.26
N UNK ZB 137 53.79 -37.01 -9.47
CA UNK ZB 137 54.11 -35.61 -9.69
C UNK ZB 137 55.57 -35.46 -9.28
N UNK ZB 138 56.37 -34.94 -10.19
CA UNK ZB 138 55.93 -34.57 -11.50
C UNK ZB 138 57.16 -34.24 -12.31
N UNK ZB 139 57.01 -34.11 -13.62
CA UNK ZB 139 58.14 -33.72 -14.43
C UNK ZB 139 59.21 -34.76 -14.24
N UNK ZB 140 58.78 -35.92 -13.77
CA UNK ZB 140 59.74 -36.93 -13.42
C UNK ZB 140 60.42 -37.33 -14.69
N UNK ZB 141 59.62 -37.51 -15.73
CA UNK ZB 141 60.13 -38.07 -16.95
C UNK ZB 141 61.19 -37.15 -17.48
N UNK ZB 142 60.94 -35.85 -17.41
CA UNK ZB 142 61.90 -34.92 -17.98
C UNK ZB 142 63.17 -35.11 -17.21
N UNK ZB 143 63.07 -35.24 -15.91
CA UNK ZB 143 64.27 -35.33 -15.10
C UNK ZB 143 65.07 -36.56 -15.44
N UNK ZB 144 64.40 -37.65 -15.72
CA UNK ZB 144 65.11 -38.92 -15.87
C UNK ZB 144 66.13 -38.83 -16.98
N UNK ZB 145 65.83 -38.01 -17.96
CA UNK ZB 145 66.67 -37.94 -19.15
C UNK ZB 145 68.06 -37.60 -18.67
N UNK ZB 146 68.16 -36.94 -17.53
CA UNK ZB 146 69.45 -36.76 -16.91
C UNK ZB 146 69.97 -38.16 -16.62
N UNK ZB 147 69.09 -39.06 -16.21
CA UNK ZB 147 69.56 -40.41 -15.88
C UNK ZB 147 70.13 -41.07 -17.10
N UNK ZB 148 69.43 -41.07 -18.21
CA UNK ZB 148 69.94 -41.85 -19.34
C UNK ZB 148 71.26 -41.35 -19.88
N UNK ZB 149 71.37 -40.04 -20.10
CA UNK ZB 149 72.59 -39.51 -20.67
C UNK ZB 149 73.81 -39.65 -19.77
N UNK ZB 150 73.71 -39.23 -18.52
CA UNK ZB 150 74.91 -39.19 -17.70
C UNK ZB 150 75.45 -40.58 -17.53
N UNK ZB 151 74.56 -41.53 -17.27
CA UNK ZB 151 75.02 -42.87 -17.02
C UNK ZB 151 75.67 -43.40 -18.26
N UNK ZB 152 74.93 -43.34 -19.36
CA UNK ZB 152 75.36 -43.99 -20.58
C UNK ZB 152 76.63 -43.40 -21.11
N UNK ZB 153 76.73 -42.08 -21.05
CA UNK ZB 153 77.90 -41.39 -21.58
C UNK ZB 153 79.08 -41.89 -20.81
N UNK ZB 154 78.85 -42.13 -19.53
CA UNK ZB 154 79.93 -42.46 -18.66
C UNK ZB 154 80.59 -43.71 -19.21
N UNK ZB 155 79.76 -44.69 -19.54
CA UNK ZB 155 80.24 -45.99 -19.91
C UNK ZB 155 81.06 -45.84 -21.16
N UNK ZB 156 80.69 -44.85 -21.96
CA UNK ZB 156 81.14 -44.76 -23.33
C UNK ZB 156 82.63 -44.78 -23.29
N UNK ZB 157 83.19 -44.08 -22.32
CA UNK ZB 157 84.62 -44.15 -22.16
C UNK ZB 157 85.00 -45.59 -21.83
N UNK ZB 158 84.38 -46.16 -20.83
CA UNK ZB 158 84.93 -47.39 -20.31
C UNK ZB 158 84.91 -48.37 -21.44
N UNK ZB 159 83.84 -48.36 -22.22
CA UNK ZB 159 83.60 -49.43 -23.15
C UNK ZB 159 84.77 -49.44 -24.07
N UNK ZB 160 85.26 -48.27 -24.44
CA UNK ZB 160 86.42 -48.23 -25.28
C UNK ZB 160 87.58 -48.83 -24.53
N UNK ZB 161 87.83 -48.28 -23.37
CA UNK ZB 161 89.11 -48.44 -22.77
C UNK ZB 161 89.33 -49.90 -22.51
N UNK ZB 162 88.30 -50.57 -22.02
CA UNK ZB 162 88.49 -51.93 -21.56
C UNK ZB 162 88.96 -52.71 -22.77
N UNK ZB 163 88.35 -52.41 -23.91
CA UNK ZB 163 88.66 -53.18 -25.08
C UNK ZB 163 90.13 -53.07 -25.37
N UNK ZB 164 90.66 -51.86 -25.32
CA UNK ZB 164 92.08 -51.69 -25.56
C UNK ZB 164 92.79 -52.57 -24.58
N UNK ZB 165 92.21 -52.67 -23.39
CA UNK ZB 165 92.83 -53.48 -22.37
C UNK ZB 165 92.93 -54.93 -22.78
N UNK ZB 166 91.89 -55.47 -23.38
CA UNK ZB 166 91.94 -56.89 -23.72
C UNK ZB 166 93.05 -57.22 -24.68
N UNK ZB 167 93.18 -56.45 -25.76
CA UNK ZB 167 94.27 -56.71 -26.68
C UNK ZB 167 95.57 -56.36 -26.00
N UNK ZB 168 95.55 -55.21 -25.32
CA UNK ZB 168 96.70 -54.68 -24.60
C UNK ZB 168 97.16 -55.51 -23.40
N UNK ZB 169 96.18 -55.99 -22.65
CA UNK ZB 169 96.44 -56.76 -21.44
C UNK ZB 169 96.97 -58.12 -21.80
N UNK ZB 170 97.01 -58.41 -23.10
CA UNK ZB 170 97.47 -59.72 -23.52
C UNK ZB 170 96.47 -60.70 -22.93
N UNK ZB 171 95.21 -60.26 -22.92
CA UNK ZB 171 94.09 -61.02 -22.42
C UNK ZB 171 92.96 -60.07 -22.11
N UNK ZB 172 91.79 -60.38 -22.62
CA UNK ZB 172 90.57 -59.64 -22.39
C UNK ZB 172 90.19 -60.25 -21.05
N UNK ZB 173 88.93 -60.14 -20.63
CA UNK ZB 173 88.49 -60.77 -19.40
C UNK ZB 173 88.89 -62.23 -19.52
N UNK ZB 174 89.57 -62.70 -18.51
CA UNK ZB 174 90.16 -64.05 -18.42
C UNK ZB 174 89.37 -65.34 -18.62
N UNK ZB 175 88.21 -65.41 -17.96
CA UNK ZB 175 87.76 -64.29 -17.15
C UNK ZB 175 88.21 -64.36 -15.69
N UNK ZB 176 88.63 -63.22 -15.15
CA UNK ZB 176 89.07 -63.16 -13.76
C UNK ZB 176 90.42 -63.82 -13.56
N UNK ZB 177 90.89 -64.61 -14.50
CA UNK ZB 177 92.14 -65.27 -14.18
C UNK ZB 177 93.28 -64.36 -13.77
N UNK ZB 178 93.64 -63.32 -14.55
CA UNK ZB 178 94.73 -62.39 -14.14
C UNK ZB 178 95.90 -63.24 -13.68
N UNK ZB 179 96.35 -62.96 -12.48
CA UNK ZB 179 97.37 -63.86 -11.81
C UNK ZB 179 98.31 -64.19 -12.93
N UNK ZB 180 98.54 -63.12 -13.65
CA UNK ZB 180 99.07 -62.94 -15.00
C UNK ZB 180 99.21 -61.44 -15.27
N UNK ZB 181 98.42 -60.62 -14.57
CA UNK ZB 181 98.50 -59.17 -14.74
C UNK ZB 181 99.85 -58.57 -14.49
N UNK ZB 182 100.24 -57.58 -15.29
CA UNK ZB 182 101.55 -56.96 -15.11
C UNK ZB 182 101.47 -55.46 -14.84
N UNK ZB 183 102.36 -54.97 -13.98
CA UNK ZB 183 102.40 -53.55 -13.62
C UNK ZB 183 102.74 -52.69 -14.82
N UNK ZB 184 102.13 -51.51 -14.90
CA UNK ZB 184 102.39 -50.60 -16.02
C UNK ZB 184 102.93 -49.27 -15.49
N UNK ZB 185 104.07 -48.80 -16.00
CA UNK ZB 185 104.63 -47.56 -15.46
C UNK ZB 185 104.65 -46.33 -16.38
N UNK ZB 186 103.99 -45.26 -15.94
CA UNK ZB 186 103.95 -44.00 -16.68
C UNK ZB 186 103.12 -44.20 -17.94
N UNK ZB 187 103.01 -43.19 -18.80
CA UNK ZB 187 103.56 -41.85 -18.62
C UNK ZB 187 102.62 -40.86 -19.30
N UNK ZB 188 101.32 -41.09 -19.16
CA UNK ZB 188 100.37 -40.22 -19.81
C UNK ZB 188 100.67 -40.21 -21.29
N UNK ZB 189 100.49 -41.36 -21.96
CA UNK ZB 189 99.94 -42.58 -21.39
C UNK ZB 189 100.91 -43.39 -20.57
N UNK ZB 190 100.39 -44.36 -19.84
CA UNK ZB 190 98.95 -44.62 -19.83
C UNK ZB 190 98.28 -43.90 -18.69
N UNK ZB 191 98.74 -42.71 -18.39
CA UNK ZB 191 98.20 -41.97 -17.29
C UNK ZB 191 96.74 -41.71 -17.50
N UNK ZB 192 96.40 -41.30 -18.72
CA UNK ZB 192 95.03 -41.01 -19.05
C UNK ZB 192 94.19 -42.26 -18.94
N UNK ZB 193 94.75 -43.39 -19.35
CA UNK ZB 193 93.97 -44.61 -19.32
C UNK ZB 193 93.47 -45.04 -17.96
N UNK ZB 194 94.36 -45.03 -16.96
CA UNK ZB 194 93.93 -45.44 -15.63
C UNK ZB 194 92.88 -44.51 -15.07
N UNK ZB 195 93.11 -43.22 -15.26
CA UNK ZB 195 92.18 -42.26 -14.72
C UNK ZB 195 90.87 -42.49 -15.40
N UNK ZB 196 90.91 -42.73 -16.70
CA UNK ZB 196 89.68 -42.92 -17.42
C UNK ZB 196 88.92 -44.14 -16.94
N UNK ZB 197 89.63 -45.23 -16.74
CA UNK ZB 197 88.95 -46.44 -16.32
C UNK ZB 197 88.30 -46.17 -15.00
N UNK ZB 198 89.00 -45.49 -14.11
CA UNK ZB 198 88.41 -45.20 -12.81
C UNK ZB 198 87.20 -44.25 -12.85
N UNK ZB 199 87.31 -43.19 -13.65
CA UNK ZB 199 86.29 -42.16 -13.69
C UNK ZB 199 84.90 -42.57 -14.13
N UNK ZB 200 84.78 -43.31 -15.22
CA UNK ZB 200 83.45 -43.69 -15.62
C UNK ZB 200 82.74 -44.47 -14.55
N UNK ZB 201 83.38 -45.49 -14.02
CA UNK ZB 201 82.71 -46.35 -13.08
C UNK ZB 201 82.35 -45.44 -11.93
N UNK ZB 202 83.23 -44.53 -11.62
CA UNK ZB 202 83.04 -43.66 -10.47
C UNK ZB 202 81.76 -42.90 -10.67
N UNK ZB 203 81.47 -42.55 -11.92
CA UNK ZB 203 80.47 -41.54 -12.17
C UNK ZB 203 79.16 -41.95 -11.57
N UNK ZB 204 78.83 -43.22 -11.62
CA UNK ZB 204 77.59 -43.68 -11.00
C UNK ZB 204 77.61 -43.46 -9.49
N UNK ZB 205 78.74 -43.82 -8.89
CA UNK ZB 205 78.91 -43.78 -7.44
C UNK ZB 205 78.59 -42.48 -6.76
N UNK ZB 206 79.08 -41.38 -7.31
CA UNK ZB 206 78.84 -40.10 -6.71
C UNK ZB 206 80.08 -39.81 -5.89
N UNK ZB 207 80.94 -38.97 -6.43
CA UNK ZB 207 82.18 -38.63 -5.74
C UNK ZB 207 82.41 -37.15 -5.76
N UNK ZB 208 82.86 -36.61 -4.64
CA UNK ZB 208 83.14 -35.17 -4.48
C UNK ZB 208 82.03 -34.36 -5.14
N UNK ZB 209 80.81 -34.85 -4.98
CA UNK ZB 209 79.66 -34.26 -5.62
C UNK ZB 209 79.83 -34.60 -7.09
N UNK ZB 210 79.64 -33.64 -7.98
CA UNK ZB 210 79.81 -33.92 -9.39
C UNK ZB 210 78.95 -35.10 -9.76
N UNK ZB 211 77.75 -35.14 -9.20
CA UNK ZB 211 76.82 -36.23 -9.48
C UNK ZB 211 75.43 -35.82 -9.03
N UNK ZB 212 75.22 -34.51 -8.94
CA UNK ZB 212 73.98 -33.94 -8.52
C UNK ZB 212 72.86 -34.62 -9.27
N UNK ZB 213 73.10 -34.96 -10.53
CA UNK ZB 213 72.02 -35.44 -11.35
C UNK ZB 213 71.39 -36.74 -10.83
N UNK ZB 214 72.19 -37.78 -10.66
CA UNK ZB 214 71.59 -39.05 -10.32
C UNK ZB 214 70.89 -38.92 -8.97
N UNK ZB 215 71.53 -38.31 -7.99
CA UNK ZB 215 70.93 -38.21 -6.68
C UNK ZB 215 69.68 -37.38 -6.82
N UNK ZB 216 69.79 -36.33 -7.60
CA UNK ZB 216 68.68 -35.42 -7.77
C UNK ZB 216 67.48 -36.16 -8.38
N UNK ZB 217 67.74 -37.02 -9.36
CA UNK ZB 217 66.67 -37.79 -10.00
C UNK ZB 217 65.94 -38.74 -9.04
N UNK ZB 218 66.69 -39.39 -8.17
CA UNK ZB 218 66.09 -40.33 -7.23
C UNK ZB 218 65.11 -39.52 -6.42
N UNK ZB 219 65.49 -38.27 -6.17
CA UNK ZB 219 64.70 -37.39 -5.33
C UNK ZB 219 63.35 -37.33 -5.98
N UNK ZB 220 63.35 -37.20 -7.31
CA UNK ZB 220 62.10 -37.14 -8.06
C UNK ZB 220 61.39 -38.49 -7.99
N UNK ZB 221 62.23 -39.50 -7.85
CA UNK ZB 221 61.83 -40.87 -7.61
C UNK ZB 221 60.60 -41.22 -8.37
N UNK ZB 222 60.84 -41.62 -9.60
CA UNK ZB 222 59.79 -42.01 -10.50
C UNK ZB 222 59.08 -43.15 -9.80
N UNK ZB 223 59.89 -44.00 -9.18
CA UNK ZB 223 59.38 -45.13 -8.45
C UNK ZB 223 59.81 -44.98 -7.02
N UNK ZB 224 59.05 -44.24 -6.24
CA UNK ZB 224 59.39 -44.10 -4.83
C UNK ZB 224 59.12 -45.43 -4.14
N UNK ZB 225 58.46 -46.35 -4.85
CA UNK ZB 225 58.05 -47.63 -4.29
C UNK ZB 225 59.03 -48.68 -3.74
N UNK ZB 226 60.15 -49.05 -4.38
CA UNK ZB 226 60.72 -48.64 -5.65
C UNK ZB 226 61.87 -47.70 -5.42
N UNK ZB 227 61.90 -47.07 -4.26
CA UNK ZB 227 62.97 -46.17 -3.93
C UNK ZB 227 64.30 -46.90 -3.76
N UNK ZB 228 64.22 -48.07 -3.14
CA UNK ZB 228 65.39 -48.88 -2.80
C UNK ZB 228 66.30 -49.39 -3.90
N UNK ZB 229 65.73 -49.80 -5.03
CA UNK ZB 229 66.55 -50.32 -6.10
C UNK ZB 229 67.49 -49.22 -6.49
N UNK ZB 230 66.96 -47.99 -6.53
CA UNK ZB 230 67.78 -46.85 -6.87
C UNK ZB 230 68.99 -46.85 -5.95
N UNK ZB 231 68.82 -47.34 -4.74
CA UNK ZB 231 69.94 -47.35 -3.82
C UNK ZB 231 70.75 -48.62 -3.97
N UNK ZB 232 70.05 -49.75 -4.01
CA UNK ZB 232 70.81 -50.99 -4.14
C UNK ZB 232 71.61 -51.01 -5.42
N UNK ZB 233 71.08 -50.49 -6.51
CA UNK ZB 233 71.86 -50.48 -7.74
C UNK ZB 233 73.15 -49.70 -7.58
N UNK ZB 234 73.04 -48.57 -6.92
CA UNK ZB 234 74.19 -47.72 -6.76
C UNK ZB 234 75.28 -48.50 -6.09
N UNK ZB 235 74.89 -49.30 -5.11
CA UNK ZB 235 75.88 -50.08 -4.41
C UNK ZB 235 76.56 -50.95 -5.44
N UNK ZB 236 75.74 -51.42 -6.37
CA UNK ZB 236 76.24 -52.31 -7.37
C UNK ZB 236 77.31 -51.71 -8.18
N UNK ZB 237 77.04 -50.50 -8.61
CA UNK ZB 237 77.98 -49.83 -9.44
C UNK ZB 237 79.25 -49.67 -8.64
N UNK ZB 238 79.08 -49.32 -7.40
CA UNK ZB 238 80.24 -49.05 -6.59
C UNK ZB 238 81.21 -50.20 -6.57
N UNK ZB 239 80.73 -51.43 -6.49
CA UNK ZB 239 81.74 -52.51 -6.44
C UNK ZB 239 82.65 -52.44 -7.61
N UNK ZB 240 82.09 -52.30 -8.79
CA UNK ZB 240 82.93 -52.29 -9.97
C UNK ZB 240 84.20 -51.61 -9.62
N UNK ZB 241 84.13 -50.54 -8.85
CA UNK ZB 241 85.33 -49.79 -8.58
C UNK ZB 241 86.25 -50.74 -7.88
N UNK ZB 242 85.70 -51.46 -6.91
CA UNK ZB 242 86.56 -52.25 -6.08
C UNK ZB 242 87.27 -53.25 -6.93
N UNK ZB 243 86.55 -54.02 -7.74
CA UNK ZB 243 87.26 -55.04 -8.48
C UNK ZB 243 88.23 -54.40 -9.44
N UNK ZB 244 87.81 -53.34 -10.08
CA UNK ZB 244 88.58 -52.80 -11.17
C UNK ZB 244 89.94 -52.31 -10.72
N UNK ZB 245 90.01 -51.72 -9.55
CA UNK ZB 245 91.17 -50.94 -9.21
C UNK ZB 245 92.40 -51.80 -9.25
N UNK ZB 246 92.32 -53.03 -8.75
CA UNK ZB 246 93.55 -53.83 -8.68
C UNK ZB 246 94.13 -54.04 -10.07
N UNK ZB 247 93.30 -54.39 -11.03
CA UNK ZB 247 93.71 -54.51 -12.42
C UNK ZB 247 94.13 -53.19 -13.04
N UNK ZB 248 93.42 -52.14 -12.64
CA UNK ZB 248 93.36 -50.88 -13.35
C UNK ZB 248 94.72 -50.27 -13.49
N UNK ZB 249 95.48 -50.43 -12.42
CA UNK ZB 249 96.84 -49.97 -12.38
C UNK ZB 249 97.58 -50.55 -11.18
N UNK ZB 250 97.65 -49.75 -10.12
CA UNK ZB 250 98.43 -50.03 -8.92
C UNK ZB 250 99.84 -49.54 -9.14
N UNK ZB 251 100.07 -49.06 -10.34
CA UNK ZB 251 101.32 -48.45 -10.62
C UNK ZB 251 101.08 -46.94 -10.52
N UNK ZB 252 99.84 -46.52 -10.33
CA UNK ZB 252 99.54 -45.09 -10.23
C UNK ZB 252 98.59 -44.64 -9.13
N UNK ZB 253 99.09 -43.82 -8.23
CA UNK ZB 253 98.25 -43.31 -7.17
C UNK ZB 253 98.03 -41.83 -7.38
N UNK ZB 254 98.74 -41.25 -8.34
CA UNK ZB 254 98.74 -39.80 -8.44
C UNK ZB 254 97.35 -39.27 -8.74
N UNK ZB 255 96.62 -39.91 -9.63
CA UNK ZB 255 95.30 -39.42 -9.91
C UNK ZB 255 94.59 -39.39 -8.56
N UNK ZB 256 94.92 -40.36 -7.72
CA UNK ZB 256 94.18 -40.61 -6.52
C UNK ZB 256 94.15 -39.37 -5.68
N UNK ZB 257 95.27 -38.67 -5.61
CA UNK ZB 257 95.33 -37.54 -4.70
C UNK ZB 257 94.26 -36.57 -5.17
N UNK ZB 258 94.23 -36.31 -6.46
CA UNK ZB 258 93.24 -35.43 -6.97
C UNK ZB 258 91.89 -35.98 -6.54
N UNK ZB 259 91.53 -37.15 -7.06
CA UNK ZB 259 90.23 -37.73 -6.73
C UNK ZB 259 90.04 -38.05 -5.25
N UNK ZB 260 91.04 -38.63 -4.60
CA UNK ZB 260 90.89 -38.97 -3.20
C UNK ZB 260 90.70 -37.71 -2.39
N UNK ZB 261 91.49 -36.71 -2.70
CA UNK ZB 261 91.38 -35.46 -1.97
C UNK ZB 261 90.00 -34.92 -2.22
N UNK ZB 262 89.52 -35.05 -3.44
CA UNK ZB 262 88.22 -34.51 -3.80
C UNK ZB 262 87.10 -35.11 -2.97
N UNK ZB 263 87.16 -36.41 -2.72
CA UNK ZB 263 86.11 -37.06 -1.96
C UNK ZB 263 85.93 -36.56 -0.53
N UNK ZB 264 87.03 -36.34 0.17
CA UNK ZB 264 86.94 -35.88 1.55
C UNK ZB 264 86.28 -34.52 1.62
N UNK ZB 265 86.64 -33.63 0.70
CA UNK ZB 265 86.09 -32.29 0.71
C UNK ZB 265 84.59 -32.27 0.52
N UNK ZB 266 84.08 -33.12 -0.36
CA UNK ZB 266 82.65 -33.15 -0.63
C UNK ZB 266 81.84 -33.63 0.58
N UNK ZB 267 82.40 -34.58 1.33
CA UNK ZB 267 81.73 -35.09 2.49
C UNK ZB 267 81.38 -33.90 3.33
N UNK ZB 268 82.33 -32.97 3.42
CA UNK ZB 268 82.15 -31.86 4.31
C UNK ZB 268 80.92 -31.09 3.91
N UNK ZB 269 80.77 -30.81 2.62
CA UNK ZB 269 79.55 -30.13 2.20
C UNK ZB 269 78.32 -31.00 2.38
N UNK ZB 270 78.46 -32.26 2.01
CA UNK ZB 270 77.29 -33.00 1.67
C UNK ZB 270 76.42 -32.88 2.89
N UNK ZB 271 77.03 -32.99 4.05
CA UNK ZB 271 76.23 -32.98 5.26
C UNK ZB 271 75.50 -31.66 5.32
N UNK ZB 272 76.18 -30.60 4.94
CA UNK ZB 272 75.59 -29.29 5.10
C UNK ZB 272 74.33 -29.29 4.29
N UNK ZB 273 74.37 -29.87 3.10
CA UNK ZB 273 73.14 -29.97 2.37
C UNK ZB 273 72.22 -30.82 3.21
N UNK ZB 274 72.74 -31.91 3.76
CA UNK ZB 274 71.92 -32.88 4.47
C UNK ZB 274 71.26 -32.38 5.77
N UNK ZB 275 72.04 -31.71 6.60
CA UNK ZB 275 71.50 -30.95 7.74
C UNK ZB 275 70.72 -29.78 7.20
N UNK ZB 276 71.00 -29.48 5.94
CA UNK ZB 276 70.49 -28.29 5.27
C UNK ZB 276 68.97 -28.21 5.15
N UNK ZB 277 68.35 -29.30 4.70
CA UNK ZB 277 66.92 -29.33 4.42
C UNK ZB 277 66.79 -29.21 2.89
N UNK ZB 278 65.57 -29.07 2.35
CA UNK ZB 278 64.36 -29.05 3.15
C UNK ZB 278 63.31 -30.12 2.80
N UNK ZB 279 63.63 -31.06 1.91
CA UNK ZB 279 62.62 -32.09 1.55
C UNK ZB 279 62.97 -33.54 1.93
N UNK ZB 280 62.01 -34.20 2.58
CA UNK ZB 280 62.22 -35.46 3.27
C UNK ZB 280 62.72 -36.54 2.33
N UNK ZB 281 62.14 -36.63 1.14
CA UNK ZB 281 62.71 -37.50 0.13
C UNK ZB 281 64.09 -36.90 -0.13
N UNK ZB 282 64.14 -35.58 -0.15
CA UNK ZB 282 65.39 -34.91 -0.31
C UNK ZB 282 66.24 -35.33 0.85
N UNK ZB 283 65.61 -35.42 2.00
CA UNK ZB 283 66.39 -35.65 3.20
C UNK ZB 283 67.11 -36.95 3.08
N UNK ZB 284 66.39 -38.03 2.86
CA UNK ZB 284 67.07 -39.27 2.93
C UNK ZB 284 68.08 -39.28 1.83
N UNK ZB 285 67.64 -38.87 0.66
CA UNK ZB 285 68.41 -39.20 -0.51
C UNK ZB 285 69.77 -38.56 -0.43
N UNK ZB 286 69.83 -37.28 -0.16
CA UNK ZB 286 71.11 -36.63 -0.28
C UNK ZB 286 72.00 -37.39 0.68
N UNK ZB 287 71.44 -37.74 1.82
CA UNK ZB 287 72.23 -38.29 2.89
C UNK ZB 287 72.91 -39.51 2.36
N UNK ZB 288 72.18 -40.28 1.56
CA UNK ZB 288 72.77 -41.50 1.04
C UNK ZB 288 73.96 -41.11 0.20
N UNK ZB 289 73.81 -40.06 -0.59
CA UNK ZB 289 74.86 -39.72 -1.52
C UNK ZB 289 76.09 -39.43 -0.72
N UNK ZB 290 75.94 -38.65 0.35
CA UNK ZB 290 77.11 -38.32 1.12
C UNK ZB 290 77.74 -39.53 1.79
N UNK ZB 291 76.95 -40.34 2.48
CA UNK ZB 291 77.56 -41.39 3.27
C UNK ZB 291 78.25 -42.32 2.30
N UNK ZB 292 77.60 -42.61 1.20
CA UNK ZB 292 78.18 -43.57 0.30
C UNK ZB 292 79.54 -43.04 -0.04
N UNK ZB 293 79.67 -41.72 -0.07
CA UNK ZB 293 80.87 -41.09 -0.54
C UNK ZB 293 82.10 -41.46 0.27
N UNK ZB 294 81.97 -41.57 1.59
CA UNK ZB 294 83.14 -41.78 2.42
C UNK ZB 294 83.78 -43.06 1.94
N UNK ZB 295 82.96 -43.99 1.47
CA UNK ZB 295 83.44 -45.26 1.00
C UNK ZB 295 84.38 -45.01 -0.14
N UNK ZB 296 84.03 -44.02 -0.95
CA UNK ZB 296 84.81 -43.67 -2.11
C UNK ZB 296 86.23 -43.36 -1.75
N UNK ZB 297 86.42 -42.70 -0.62
CA UNK ZB 297 87.77 -42.34 -0.20
C UNK ZB 297 88.55 -43.56 0.18
N UNK ZB 298 87.92 -44.46 0.91
CA UNK ZB 298 88.64 -45.63 1.35
C UNK ZB 298 89.04 -46.40 0.13
N UNK ZB 299 88.12 -46.57 -0.80
CA UNK ZB 299 88.41 -47.45 -1.92
C UNK ZB 299 89.60 -46.92 -2.69
N UNK ZB 300 89.68 -45.61 -2.84
CA UNK ZB 300 90.79 -45.04 -3.57
C UNK ZB 300 92.11 -45.31 -2.88
N UNK ZB 301 92.12 -45.18 -1.55
CA UNK ZB 301 93.31 -45.37 -0.72
C UNK ZB 301 94.09 -46.65 -0.94
N UNK ZB 302 93.36 -47.75 -1.08
CA UNK ZB 302 93.99 -49.05 -1.30
C UNK ZB 302 94.56 -49.67 -0.03
N UNK ZB 303 94.26 -49.09 1.14
CA UNK ZB 303 94.78 -49.67 2.37
C UNK ZB 303 94.22 -51.07 2.51
N UNK ZB 304 95.10 -52.04 2.78
CA UNK ZB 304 94.64 -53.41 2.87
C UNK ZB 304 93.65 -53.62 4.01
N UNK ZB 305 93.95 -53.08 5.17
CA UNK ZB 305 93.04 -53.22 6.29
C UNK ZB 305 91.79 -52.50 5.94
N UNK ZB 306 91.97 -51.35 5.31
CA UNK ZB 306 90.86 -50.47 4.95
C UNK ZB 306 89.80 -50.99 4.00
N UNK ZB 307 90.20 -51.64 2.91
CA UNK ZB 307 89.23 -52.11 1.94
C UNK ZB 307 88.06 -52.84 2.57
N UNK ZB 308 88.39 -53.73 3.47
CA UNK ZB 308 87.43 -54.59 4.14
C UNK ZB 308 86.34 -53.68 4.65
N UNK ZB 309 86.78 -52.53 5.10
CA UNK ZB 309 85.86 -51.58 5.67
C UNK ZB 309 84.89 -51.22 4.57
N UNK ZB 310 85.42 -51.04 3.37
CA UNK ZB 310 84.58 -50.54 2.31
C UNK ZB 310 83.50 -51.55 2.08
N UNK ZB 311 83.90 -52.81 2.04
CA UNK ZB 311 82.95 -53.83 1.68
C UNK ZB 311 81.86 -53.80 2.71
N UNK ZB 312 82.22 -53.73 3.98
CA UNK ZB 312 81.18 -53.76 4.99
C UNK ZB 312 80.27 -52.55 4.84
N UNK ZB 313 80.88 -51.39 4.63
CA UNK ZB 313 80.10 -50.18 4.71
C UNK ZB 313 79.06 -50.26 3.66
N UNK ZB 314 79.41 -50.73 2.48
CA UNK ZB 314 78.45 -50.65 1.42
C UNK ZB 314 77.18 -51.41 1.78
N UNK ZB 315 77.34 -52.64 2.28
CA UNK ZB 315 76.15 -53.44 2.46
C UNK ZB 315 75.29 -52.74 3.45
N UNK ZB 316 75.90 -52.31 4.55
CA UNK ZB 316 75.12 -51.73 5.61
C UNK ZB 316 74.46 -50.44 5.16
N UNK ZB 317 75.20 -49.59 4.45
CA UNK ZB 317 74.66 -48.29 4.14
C UNK ZB 317 73.46 -48.53 3.30
N UNK ZB 318 73.60 -49.42 2.33
CA UNK ZB 318 72.51 -49.62 1.41
C UNK ZB 318 71.31 -50.17 2.17
N UNK ZB 319 71.52 -51.21 2.97
CA UNK ZB 319 70.40 -51.87 3.58
C UNK ZB 319 69.75 -50.84 4.43
N UNK ZB 320 70.57 -50.05 5.11
CA UNK ZB 320 70.03 -49.10 6.03
C UNK ZB 320 69.19 -48.15 5.23
N UNK ZB 321 69.61 -47.87 4.02
CA UNK ZB 321 68.91 -46.88 3.26
C UNK ZB 321 67.46 -47.30 3.06
N UNK ZB 322 67.24 -48.59 2.80
CA UNK ZB 322 65.94 -48.98 2.35
C UNK ZB 322 64.91 -48.62 3.38
N UNK ZB 323 65.20 -48.91 4.64
CA UNK ZB 323 64.20 -48.71 5.65
C UNK ZB 323 63.87 -47.25 5.66
N UNK ZB 324 64.89 -46.41 5.65
CA UNK ZB 324 64.64 -45.00 5.86
C UNK ZB 324 63.77 -44.54 4.73
N UNK ZB 325 64.27 -44.63 3.51
CA UNK ZB 325 63.54 -44.00 2.45
C UNK ZB 325 62.23 -44.73 2.46
N UNK ZB 326 62.31 -46.04 2.56
CA UNK ZB 326 61.14 -46.83 2.38
C UNK ZB 326 60.15 -46.44 3.44
N UNK ZB 327 60.57 -46.23 4.66
CA UNK ZB 327 59.56 -45.85 5.62
C UNK ZB 327 58.94 -44.56 5.09
N UNK ZB 328 59.81 -43.75 4.51
CA UNK ZB 328 59.40 -42.43 4.12
C UNK ZB 328 58.26 -42.54 3.15
N UNK ZB 329 58.31 -43.56 2.31
CA UNK ZB 329 57.25 -43.72 1.34
C UNK ZB 329 55.92 -43.97 2.06
N UNK ZB 330 55.95 -44.74 3.13
CA UNK ZB 330 54.71 -45.01 3.83
C UNK ZB 330 54.19 -43.69 4.38
N UNK ZB 331 55.09 -42.90 4.93
CA UNK ZB 331 54.63 -41.65 5.52
C UNK ZB 331 53.98 -40.83 4.42
N UNK ZB 332 54.62 -40.78 3.27
CA UNK ZB 332 54.10 -39.97 2.16
C UNK ZB 332 52.74 -40.44 1.65
N UNK ZB 333 52.58 -41.74 1.52
CA UNK ZB 333 51.34 -42.27 0.99
C UNK ZB 333 50.26 -41.88 1.96
N UNK ZB 334 50.58 -41.97 3.24
CA UNK ZB 334 49.61 -41.66 4.26
C UNK ZB 334 49.15 -40.20 4.22
N UNK ZB 335 50.13 -39.30 4.07
CA UNK ZB 335 49.90 -37.85 4.10
C UNK ZB 335 49.79 -37.16 2.76
N UNK ZB 336 49.95 -37.93 1.68
CA UNK ZB 336 49.80 -37.44 0.32
C UNK ZB 336 50.83 -36.44 -0.22
N UNK ZB 337 51.97 -36.29 0.44
CA UNK ZB 337 52.95 -35.32 -0.05
C UNK ZB 337 54.39 -35.47 0.46
N UNK ZB 338 55.30 -34.81 -0.25
CA UNK ZB 338 56.71 -34.75 0.11
C UNK ZB 338 56.91 -33.80 1.27
N UNK ZB 339 56.16 -32.70 1.22
CA UNK ZB 339 56.28 -31.56 2.11
C UNK ZB 339 56.77 -31.77 3.54
N UNK ZB 340 57.99 -32.22 3.69
CA UNK ZB 340 58.48 -32.53 5.01
C UNK ZB 340 58.35 -31.18 5.64
N UNK ZB 341 58.27 -31.14 6.97
CA UNK ZB 341 57.93 -29.89 7.62
C UNK ZB 341 56.42 -29.75 7.64
N UNK ZB 342 55.72 -30.74 7.15
CA UNK ZB 342 54.28 -30.68 7.23
C UNK ZB 342 54.03 -31.30 8.60
N UNK ZB 343 54.79 -30.75 9.55
CA UNK ZB 343 54.75 -31.05 10.98
C UNK ZB 343 54.97 -32.51 11.40
N UNK ZB 344 54.04 -33.04 12.21
CA UNK ZB 344 54.03 -34.38 12.74
C UNK ZB 344 54.60 -34.45 14.15
N UNK ZB 345 54.14 -35.46 14.86
CA UNK ZB 345 54.48 -35.77 16.23
C UNK ZB 345 54.27 -37.25 16.45
N UNK ZB 346 55.38 -37.98 16.60
CA UNK ZB 346 55.29 -39.42 16.72
C UNK ZB 346 54.53 -39.93 17.93
N UNK ZB 347 54.80 -39.38 19.11
CA UNK ZB 347 54.08 -39.83 20.28
C UNK ZB 347 52.64 -39.46 20.00
N UNK ZB 348 52.49 -38.23 19.56
CA UNK ZB 348 51.21 -37.75 19.17
C UNK ZB 348 50.83 -38.50 17.93
N UNK ZB 349 51.84 -38.78 17.10
CA UNK ZB 349 51.65 -39.42 15.81
C UNK ZB 349 51.02 -40.80 15.83
N UNK ZB 350 51.44 -41.60 16.80
CA UNK ZB 350 50.97 -42.97 17.01
C UNK ZB 350 52.20 -43.64 17.59
N UNK ZB 351 52.02 -44.45 18.62
CA UNK ZB 351 53.15 -45.10 19.30
C UNK ZB 351 54.03 -46.13 18.58
N UNK ZB 352 53.40 -47.04 17.85
CA UNK ZB 352 54.15 -48.09 17.18
C UNK ZB 352 55.12 -47.64 16.09
N UNK ZB 353 54.68 -46.70 15.27
CA UNK ZB 353 55.50 -46.23 14.16
C UNK ZB 353 56.81 -45.54 14.55
N UNK ZB 354 56.79 -44.72 15.57
CA UNK ZB 354 58.00 -43.98 15.93
C UNK ZB 354 59.21 -44.81 16.34
N UNK ZB 355 59.00 -45.83 17.15
CA UNK ZB 355 60.13 -46.63 17.59
C UNK ZB 355 60.75 -47.26 16.37
N UNK ZB 356 59.92 -47.77 15.48
CA UNK ZB 356 60.43 -48.37 14.28
C UNK ZB 356 61.16 -47.26 13.54
N UNK ZB 357 60.56 -46.06 13.50
CA UNK ZB 357 61.21 -44.93 12.84
C UNK ZB 357 62.52 -44.76 13.58
N UNK ZB 358 62.42 -44.35 14.83
CA UNK ZB 358 63.60 -44.23 15.63
C UNK ZB 358 64.74 -45.21 15.60
N UNK ZB 359 64.43 -46.51 15.64
CA UNK ZB 359 65.48 -47.49 15.71
C UNK ZB 359 66.32 -47.32 14.47
N UNK ZB 360 65.64 -47.17 13.35
CA UNK ZB 360 66.35 -47.07 12.10
C UNK ZB 360 67.17 -45.83 12.17
N UNK ZB 361 66.56 -44.79 12.71
CA UNK ZB 361 67.13 -43.49 12.60
C UNK ZB 361 68.48 -43.53 13.25
N UNK ZB 362 68.55 -44.26 14.36
CA UNK ZB 362 69.82 -44.41 15.04
C UNK ZB 362 70.78 -45.06 14.06
N UNK ZB 363 70.26 -46.00 13.28
CA UNK ZB 363 71.13 -46.73 12.39
C UNK ZB 363 71.78 -45.73 11.47
N UNK ZB 364 71.02 -44.74 11.03
CA UNK ZB 364 71.61 -43.69 10.23
C UNK ZB 364 72.63 -43.02 11.12
N UNK ZB 365 72.29 -42.95 12.40
CA UNK ZB 365 73.03 -42.18 13.39
C UNK ZB 365 74.44 -42.70 13.48
N UNK ZB 366 74.56 -44.01 13.40
CA UNK ZB 366 75.86 -44.69 13.58
C UNK ZB 366 76.12 -44.70 15.08
N UNK ZB 367 75.99 -45.89 15.67
CA UNK ZB 367 76.17 -46.10 17.11
C UNK ZB 367 76.94 -47.38 17.39
N UNK ZB 368 77.42 -47.56 18.62
CA UNK ZB 368 78.16 -48.78 18.94
C UNK ZB 368 77.32 -49.97 18.54
N UNK ZB 369 77.93 -51.15 18.47
CA UNK ZB 369 77.25 -52.37 18.10
C UNK ZB 369 76.49 -52.07 16.83
N UNK ZB 370 77.03 -51.20 15.97
CA UNK ZB 370 76.34 -50.95 14.68
C UNK ZB 370 77.10 -51.62 13.57
N UNK ZB 371 76.42 -52.49 12.84
CA UNK ZB 371 77.08 -53.17 11.75
C UNK ZB 371 77.50 -52.08 10.79
N UNK ZB 372 76.60 -51.15 10.52
CA UNK ZB 372 76.96 -50.05 9.64
C UNK ZB 372 78.06 -49.25 10.31
N UNK ZB 373 77.88 -48.97 11.59
CA UNK ZB 373 78.87 -48.22 12.34
C UNK ZB 373 80.19 -48.95 12.53
N UNK ZB 374 80.11 -50.25 12.81
CA UNK ZB 374 81.31 -51.00 13.08
C UNK ZB 374 82.27 -50.96 11.91
N UNK ZB 375 81.77 -51.16 10.71
CA UNK ZB 375 82.63 -51.09 9.56
C UNK ZB 375 83.10 -49.65 9.49
N UNK ZB 376 82.15 -48.76 9.72
CA UNK ZB 376 82.43 -47.33 9.66
C UNK ZB 376 83.48 -46.97 10.69
N UNK ZB 377 83.32 -47.49 11.89
CA UNK ZB 377 84.28 -47.19 12.93
C UNK ZB 377 85.55 -47.93 12.61
N UNK ZB 378 85.67 -48.41 11.38
CA UNK ZB 378 86.87 -49.16 11.02
C UNK ZB 378 87.57 -48.53 9.86
N UNK ZB 379 86.80 -48.15 8.87
CA UNK ZB 379 87.40 -47.56 7.70
C UNK ZB 379 88.15 -46.35 8.16
N UNK ZB 380 87.62 -45.64 9.12
CA UNK ZB 380 88.35 -44.47 9.52
C UNK ZB 380 89.73 -44.80 10.04
N UNK ZB 381 89.82 -45.89 10.79
CA UNK ZB 381 91.07 -46.26 11.42
C UNK ZB 381 92.10 -46.34 10.36
N UNK ZB 382 91.69 -46.81 9.21
CA UNK ZB 382 92.56 -46.87 8.09
C UNK ZB 382 92.88 -45.45 7.69
N UNK ZB 383 91.86 -44.62 7.77
CA UNK ZB 383 92.02 -43.27 7.32
C UNK ZB 383 93.16 -42.64 8.06
N UNK ZB 384 93.58 -43.27 9.15
CA UNK ZB 384 94.73 -42.78 9.92
C UNK ZB 384 96.14 -43.17 9.41
N UNK ZB 385 96.25 -43.85 8.26
CA UNK ZB 385 97.58 -44.20 7.78
C UNK ZB 385 98.04 -43.65 6.43
N UNK ZB 386 97.17 -43.04 5.64
CA UNK ZB 386 97.57 -42.53 4.33
C UNK ZB 386 97.99 -41.07 4.16
N UNK ZB 387 98.28 -40.34 5.24
CA UNK ZB 387 98.38 -40.83 6.61
C UNK ZB 387 97.46 -40.28 7.70
N UNK ZB 388 97.85 -40.50 8.94
CA UNK ZB 388 97.03 -40.12 10.09
C UNK ZB 388 96.65 -38.66 10.19
N UNK ZB 389 97.53 -37.74 9.85
CA UNK ZB 389 97.20 -36.34 10.02
C UNK ZB 389 95.89 -36.04 9.32
N UNK ZB 390 95.08 -35.20 9.94
CA UNK ZB 390 93.78 -34.84 9.42
C UNK ZB 390 92.62 -35.73 9.76
N UNK ZB 391 92.71 -36.56 10.80
CA UNK ZB 391 91.60 -37.43 11.18
C UNK ZB 391 90.52 -36.44 11.46
N UNK ZB 392 91.04 -35.31 11.88
CA UNK ZB 392 90.20 -34.18 12.20
C UNK ZB 392 89.14 -34.10 11.13
N UNK ZB 393 89.50 -34.38 9.90
CA UNK ZB 393 88.57 -34.11 8.81
C UNK ZB 393 87.26 -34.90 8.87
N UNK ZB 394 87.28 -36.21 9.05
CA UNK ZB 394 86.04 -36.99 8.97
C UNK ZB 394 85.00 -36.68 10.05
N UNK ZB 395 85.49 -36.51 11.26
CA UNK ZB 395 84.63 -36.41 12.43
C UNK ZB 395 83.75 -35.20 12.33
N UNK ZB 396 84.18 -34.21 11.57
CA UNK ZB 396 83.32 -33.08 11.32
C UNK ZB 396 82.12 -33.64 10.59
N UNK ZB 397 82.38 -34.58 9.69
CA UNK ZB 397 81.32 -35.24 8.96
C UNK ZB 397 80.42 -36.00 9.91
N UNK ZB 398 81.03 -36.75 10.83
CA UNK ZB 398 80.24 -37.57 11.73
C UNK ZB 398 79.38 -36.70 12.63
N UNK ZB 399 80.00 -35.66 13.19
CA UNK ZB 399 79.26 -34.82 14.08
C UNK ZB 399 78.17 -34.17 13.29
N UNK ZB 400 78.53 -33.71 12.10
CA UNK ZB 400 77.56 -33.02 11.29
C UNK ZB 400 76.49 -34.04 11.00
N UNK ZB 401 76.92 -35.25 10.70
CA UNK ZB 401 76.03 -36.24 10.15
C UNK ZB 401 74.94 -36.45 11.15
N UNK ZB 402 75.34 -36.49 12.41
CA UNK ZB 402 74.44 -36.81 13.48
C UNK ZB 402 73.39 -35.75 13.48
N UNK ZB 403 73.80 -34.53 13.18
CA UNK ZB 403 72.89 -33.42 13.26
C UNK ZB 403 71.75 -33.74 12.32
N UNK ZB 404 72.07 -34.36 11.18
CA UNK ZB 404 71.04 -34.65 10.22
C UNK ZB 404 70.02 -35.53 10.92
N UNK ZB 405 70.51 -36.59 11.54
CA UNK ZB 405 69.59 -37.60 11.99
C UNK ZB 405 68.65 -36.92 12.94
N UNK ZB 406 69.21 -36.04 13.76
CA UNK ZB 406 68.38 -35.41 14.76
C UNK ZB 406 67.27 -34.62 14.08
N UNK ZB 407 67.65 -33.91 13.02
CA UNK ZB 407 66.75 -32.94 12.47
C UNK ZB 407 65.50 -33.65 12.02
N UNK ZB 408 65.66 -34.78 11.33
CA UNK ZB 408 64.47 -35.47 10.86
C UNK ZB 408 63.69 -35.93 12.07
N UNK ZB 409 64.39 -36.57 12.99
CA UNK ZB 409 63.68 -37.20 14.06
C UNK ZB 409 62.98 -36.13 14.84
N UNK ZB 410 63.70 -35.07 15.16
CA UNK ZB 410 63.10 -34.05 16.01
C UNK ZB 410 61.93 -33.41 15.32
N UNK ZB 411 62.11 -33.07 14.06
CA UNK ZB 411 60.99 -32.52 13.30
C UNK ZB 411 59.98 -33.65 13.14
N UNK ZB 412 60.47 -34.89 13.20
CA UNK ZB 412 59.62 -36.06 13.07
C UNK ZB 412 58.61 -36.16 14.20
N UNK ZB 413 59.05 -35.80 15.41
CA UNK ZB 413 58.19 -35.85 16.58
C UNK ZB 413 58.75 -35.03 17.74
N UNK ZB 414 47.51 -51.14 7.69
CA UNK ZB 414 48.82 -50.70 8.13
C UNK ZB 414 49.68 -51.89 8.52
N UNK ZB 415 49.06 -53.05 8.62
CA UNK ZB 415 49.78 -54.19 9.15
C UNK ZB 415 50.98 -54.48 8.26
N UNK ZB 416 50.77 -54.41 6.95
CA UNK ZB 416 51.85 -54.72 6.03
C UNK ZB 416 52.97 -53.74 6.25
N UNK ZB 417 52.62 -52.48 6.46
CA UNK ZB 417 53.64 -51.48 6.62
C UNK ZB 417 54.47 -51.75 7.86
N UNK ZB 418 53.88 -52.28 8.91
CA UNK ZB 418 54.72 -52.69 10.01
C UNK ZB 418 55.69 -53.73 9.47
N UNK ZB 419 55.23 -54.45 8.46
CA UNK ZB 419 55.97 -55.59 7.94
C UNK ZB 419 57.34 -55.18 7.42
N UNK ZB 420 57.42 -54.06 6.74
CA UNK ZB 420 58.68 -53.65 6.17
C UNK ZB 420 59.62 -53.48 7.32
N UNK ZB 421 59.12 -52.85 8.38
CA UNK ZB 421 59.98 -52.55 9.50
C UNK ZB 421 60.50 -53.80 10.15
N UNK ZB 422 59.65 -54.80 10.35
CA UNK ZB 422 60.18 -55.95 11.01
C UNK ZB 422 61.28 -56.55 10.14
N UNK ZB 423 60.99 -56.70 8.86
CA UNK ZB 423 61.93 -57.44 8.04
C UNK ZB 423 63.25 -56.70 7.93
N UNK ZB 424 63.20 -55.41 7.64
CA UNK ZB 424 64.43 -54.67 7.42
C UNK ZB 424 65.26 -54.61 8.69
N UNK ZB 425 64.60 -54.36 9.82
CA UNK ZB 425 65.33 -54.27 11.07
C UNK ZB 425 65.96 -55.60 11.42
N UNK ZB 426 65.20 -56.66 11.24
CA UNK ZB 426 65.60 -57.97 11.71
C UNK ZB 426 66.86 -58.46 11.03
N UNK ZB 427 66.92 -58.33 9.71
CA UNK ZB 427 68.14 -58.71 9.02
C UNK ZB 427 69.21 -57.74 9.50
N UNK ZB 428 68.84 -56.48 9.61
CA UNK ZB 428 69.80 -55.47 9.99
C UNK ZB 428 70.29 -55.78 11.39
N UNK ZB 429 69.35 -56.03 12.28
CA UNK ZB 429 69.70 -56.29 13.66
C UNK ZB 429 70.50 -57.59 13.78
N UNK ZB 430 70.09 -58.59 13.02
CA UNK ZB 430 70.60 -59.93 13.20
C UNK ZB 430 72.09 -59.85 13.01
N UNK ZB 431 72.48 -59.07 12.01
CA UNK ZB 431 73.83 -59.07 11.47
C UNK ZB 431 74.79 -58.69 12.56
N UNK ZB 432 74.34 -57.78 13.41
CA UNK ZB 432 75.16 -57.32 14.50
C UNK ZB 432 75.50 -58.53 15.31
N UNK ZB 433 74.60 -59.52 15.32
CA UNK ZB 433 74.87 -60.67 16.13
C UNK ZB 433 76.20 -61.27 15.67
N UNK ZB 434 76.39 -61.37 14.37
CA UNK ZB 434 77.67 -61.84 13.83
C UNK ZB 434 78.17 -60.84 12.83
N UNK ZB 435 79.46 -60.61 12.80
CA UNK ZB 435 80.00 -59.78 11.75
C UNK ZB 435 80.59 -60.63 10.65
N UNK ZB 436 80.66 -61.93 10.87
CA UNK ZB 436 81.56 -62.71 10.07
C UNK ZB 436 81.26 -62.70 8.59
N UNK ZB 437 80.00 -62.90 8.22
CA UNK ZB 437 79.69 -62.96 6.80
C UNK ZB 437 79.97 -61.63 6.16
N UNK ZB 438 79.59 -60.56 6.85
CA UNK ZB 438 79.69 -59.24 6.29
C UNK ZB 438 81.13 -58.90 6.04
N UNK ZB 439 82.00 -59.33 6.94
CA UNK ZB 439 83.40 -58.97 6.81
C UNK ZB 439 83.92 -59.23 5.41
N UNK AC 1 42.43 -76.88 -6.63
CA UNK AC 1 43.02 -77.44 -7.84
C UNK AC 1 43.35 -76.35 -8.86
N UNK AC 2 42.59 -75.26 -8.80
CA UNK AC 2 42.79 -74.14 -9.72
C UNK AC 2 44.16 -73.52 -9.52
N UNK AC 3 44.58 -73.40 -8.27
CA UNK AC 3 45.89 -72.82 -7.98
C UNK AC 3 46.92 -73.92 -7.87
N UNK AC 4 47.80 -73.99 -8.87
CA UNK AC 4 48.79 -75.05 -8.89
C UNK AC 4 49.91 -74.79 -9.89
N UNK AC 5 49.59 -74.13 -10.97
CA UNK AC 5 50.58 -73.90 -12.00
C UNK AC 5 51.78 -73.17 -11.41
N UNK AC 6 51.52 -72.22 -10.54
CA UNK AC 6 52.59 -71.44 -9.94
C UNK AC 6 53.49 -72.30 -9.06
N UNK AC 7 52.88 -73.21 -8.33
CA UNK AC 7 53.58 -74.08 -7.38
C UNK AC 7 54.61 -75.00 -8.03
N UNK AC 8 54.28 -75.58 -9.18
CA UNK AC 8 55.19 -76.46 -9.86
C UNK AC 8 56.36 -75.77 -10.51
N UNK AC 9 56.11 -74.65 -11.19
CA UNK AC 9 57.21 -73.98 -11.86
C UNK AC 9 58.30 -73.48 -10.92
N UNK AC 10 57.90 -72.87 -9.81
CA UNK AC 10 58.88 -72.32 -8.89
C UNK AC 10 59.78 -73.40 -8.36
N UNK AC 11 59.20 -74.52 -7.96
CA UNK AC 11 60.01 -75.61 -7.46
C UNK AC 11 60.89 -76.22 -8.55
N UNK AC 12 60.29 -76.40 -9.72
CA UNK AC 12 60.92 -77.01 -10.89
C UNK AC 12 62.15 -76.29 -11.43
N UNK AC 13 62.16 -74.96 -11.40
CA UNK AC 13 63.29 -74.22 -11.92
C UNK AC 13 64.57 -74.58 -11.18
N UNK AC 14 64.47 -74.74 -9.86
CA UNK AC 14 65.63 -75.11 -9.06
C UNK AC 14 66.15 -76.48 -9.50
N UNK AC 15 65.22 -77.40 -9.76
CA UNK AC 15 65.57 -78.75 -10.19
C UNK AC 15 66.28 -78.70 -11.55
N UNK AC 16 65.80 -77.84 -12.43
CA UNK AC 16 66.39 -77.68 -13.75
C UNK AC 16 67.81 -77.15 -13.60
N UNK AC 17 68.00 -76.22 -12.68
CA UNK AC 17 69.33 -75.68 -12.46
C UNK AC 17 70.22 -76.82 -12.01
N UNK AC 18 69.72 -77.58 -11.07
CA UNK AC 18 70.50 -78.68 -10.52
C UNK AC 18 70.93 -79.64 -11.62
N UNK AC 19 69.98 -79.94 -12.51
CA UNK AC 19 70.23 -80.86 -13.61
C UNK AC 19 71.30 -80.26 -14.48
N UNK AC 20 71.19 -78.96 -14.74
CA UNK AC 20 72.21 -78.29 -15.52
C UNK AC 20 73.50 -78.26 -14.71
N UNK AC 21 73.37 -77.93 -13.44
CA UNK AC 21 74.52 -77.84 -12.53
C UNK AC 21 75.24 -79.17 -12.33
N UNK AC 22 74.49 -80.24 -12.09
CA UNK AC 22 75.12 -81.54 -11.92
C UNK AC 22 75.76 -81.82 -13.26
N UNK AC 23 74.96 -81.60 -14.31
CA UNK AC 23 75.40 -81.78 -15.69
C UNK AC 23 76.51 -80.80 -16.01
N UNK AC 24 76.36 -79.59 -15.49
CA UNK AC 24 77.34 -78.53 -15.70
C UNK AC 24 78.66 -78.98 -15.13
N UNK AC 25 78.60 -79.67 -14.00
CA UNK AC 25 79.81 -80.18 -13.35
C UNK AC 25 80.46 -81.18 -14.29
N UNK AC 26 79.65 -82.00 -14.96
CA UNK AC 26 80.17 -82.99 -15.89
C UNK AC 26 80.88 -82.29 -17.04
N UNK AC 27 80.26 -81.23 -17.55
CA UNK AC 27 80.87 -80.46 -18.63
C UNK AC 27 82.13 -79.86 -18.04
N UNK AC 28 82.05 -79.56 -16.76
CA UNK AC 28 83.19 -79.09 -15.99
C UNK AC 28 84.13 -80.27 -15.75
N UNK AC 29 83.69 -81.47 -16.13
CA UNK AC 29 84.42 -82.71 -15.93
C UNK AC 29 85.82 -82.73 -16.54
N UNK AC 30 86.73 -83.40 -15.83
CA UNK AC 30 88.13 -83.46 -16.23
C UNK AC 30 89.05 -82.79 -15.21
N UNK BC 1 44.11 -61.86 2.49
CA UNK BC 1 44.94 -62.47 3.53
C UNK BC 1 46.29 -62.89 2.99
N UNK BC 2 46.98 -62.04 2.26
CA UNK BC 2 48.35 -62.37 1.83
C UNK BC 2 49.25 -62.36 3.07
N UNK BC 3 48.76 -61.69 4.11
CA UNK BC 3 49.48 -61.50 5.35
C UNK BC 3 49.86 -62.80 5.99
N UNK BC 4 48.98 -63.79 5.92
CA UNK BC 4 49.30 -65.09 6.51
C UNK BC 4 50.54 -65.55 5.76
N UNK BC 5 50.56 -65.27 4.47
CA UNK BC 5 51.67 -65.64 3.62
C UNK BC 5 53.01 -64.99 3.96
N UNK BC 6 53.01 -63.70 4.24
CA UNK BC 6 54.29 -63.03 4.52
C UNK BC 6 55.07 -63.54 5.73
N UNK BC 7 54.38 -63.77 6.83
CA UNK BC 7 54.99 -64.25 8.08
C UNK BC 7 55.63 -65.65 8.05
N UNK BC 8 55.00 -66.59 7.36
CA UNK BC 8 55.55 -67.95 7.26
C UNK BC 8 56.88 -67.92 6.52
N UNK BC 9 56.92 -67.12 5.46
CA UNK BC 9 58.12 -66.93 4.65
C UNK BC 9 59.17 -66.25 5.52
N UNK BC 10 58.67 -65.35 6.36
CA UNK BC 10 59.45 -64.55 7.31
C UNK BC 10 60.18 -65.47 8.26
N UNK BC 11 59.54 -66.58 8.62
CA UNK BC 11 60.18 -67.52 9.53
C UNK BC 11 61.47 -67.94 8.84
N UNK BC 12 61.40 -68.18 7.54
CA UNK BC 12 62.61 -68.53 6.80
C UNK BC 12 63.75 -67.73 7.41
N UNK BC 13 63.47 -66.49 7.78
CA UNK BC 13 64.49 -65.64 8.37
C UNK BC 13 65.03 -66.25 9.66
N UNK BC 14 64.13 -66.75 10.50
CA UNK BC 14 64.53 -67.37 11.76
C UNK BC 14 65.33 -68.63 11.50
N UNK BC 15 64.88 -69.37 10.49
CA UNK BC 15 65.49 -70.62 10.09
C UNK BC 15 66.90 -70.38 9.65
N UNK BC 16 67.16 -69.20 9.12
CA UNK BC 16 68.50 -68.89 8.63
C UNK BC 16 69.53 -69.03 9.73
N UNK BC 17 69.24 -68.52 10.92
CA UNK BC 17 70.25 -68.69 11.96
C UNK BC 17 70.74 -70.11 11.83
N UNK BC 18 69.83 -71.01 11.51
CA UNK BC 18 70.19 -72.39 11.35
C UNK BC 18 71.19 -72.49 10.22
N UNK BC 19 70.95 -71.72 9.17
CA UNK BC 19 71.84 -71.73 8.00
C UNK BC 19 73.24 -71.28 8.38
N UNK BC 20 73.28 -70.28 9.24
CA UNK BC 20 74.52 -69.69 9.72
C UNK BC 20 75.40 -70.61 10.55
N UNK BC 21 74.84 -71.62 11.18
CA UNK BC 21 75.69 -72.42 12.07
C UNK BC 21 76.64 -73.30 11.26
N UNK BC 22 76.74 -73.04 9.95
CA UNK BC 22 77.60 -73.81 9.06
C UNK BC 22 78.95 -74.16 9.68
N UNK CC 1 77.23 -84.56 21.46
CA UNK CC 1 76.16 -85.39 22.01
C UNK CC 1 74.97 -85.45 21.06
N UNK CC 2 74.78 -86.60 20.44
CA UNK CC 2 73.68 -86.78 19.51
C UNK CC 2 72.43 -86.53 20.33
N UNK CC 3 72.46 -86.96 21.58
CA UNK CC 3 71.36 -86.79 22.49
C UNK CC 3 71.07 -85.31 22.72
N UNK CC 4 72.14 -84.51 22.80
CA UNK CC 4 72.07 -83.06 23.03
C UNK CC 4 71.45 -82.17 21.93
N UNK CC 5 71.74 -82.51 20.68
CA UNK CC 5 71.29 -81.72 19.53
C UNK CC 5 69.79 -81.58 19.40
N UNK CC 6 69.05 -82.66 19.64
CA UNK CC 6 67.60 -82.58 19.52
C UNK CC 6 67.09 -81.55 20.51
N UNK CC 7 67.63 -81.57 21.72
CA UNK CC 7 67.23 -80.61 22.74
C UNK CC 7 67.60 -79.17 22.37
N UNK CC 8 68.81 -78.98 21.85
CA UNK CC 8 69.27 -77.64 21.49
C UNK CC 8 68.50 -76.97 20.33
N UNK CC 9 68.19 -77.78 19.33
CA UNK CC 9 67.50 -77.39 18.11
C UNK CC 9 66.02 -77.74 18.17
N UNK CC 10 65.72 -78.85 18.81
CA UNK CC 10 64.34 -79.30 18.91
C UNK CC 10 63.57 -78.18 19.56
N UNK CC 11 64.25 -77.49 20.46
CA UNK CC 11 63.64 -76.38 21.14
C UNK CC 11 63.22 -75.39 20.06
N UNK CC 12 63.95 -75.50 18.95
CA UNK CC 12 63.84 -74.70 17.75
C UNK CC 12 62.48 -74.81 17.11
N UNK CC 13 61.89 -75.99 17.17
CA UNK CC 13 60.59 -76.18 16.55
C UNK CC 13 59.66 -75.18 17.21
N UNK CC 14 59.81 -74.99 18.52
CA UNK CC 14 58.98 -74.03 19.22
C UNK CC 14 59.26 -72.71 18.56
N UNK CC 15 60.53 -72.53 18.16
CA UNK CC 15 61.00 -71.29 17.55
C UNK CC 15 60.25 -70.91 16.27
N UNK CC 16 59.90 -71.90 15.45
CA UNK CC 16 59.17 -71.58 14.24
C UNK CC 16 57.87 -70.95 14.70
N UNK CC 17 57.27 -71.55 15.72
CA UNK CC 17 56.04 -71.05 16.32
C UNK CC 17 56.31 -69.69 16.97
N UNK CC 18 57.47 -69.60 17.63
CA UNK CC 18 57.89 -68.41 18.32
C UNK CC 18 58.08 -67.23 17.38
N UNK CC 19 58.63 -67.51 16.20
CA UNK CC 19 58.86 -66.46 15.21
C UNK CC 19 57.52 -65.87 14.82
N UNK CC 20 56.52 -66.73 14.69
CA UNK CC 20 55.18 -66.30 14.32
C UNK CC 20 54.61 -65.37 15.40
N UNK CC 21 54.86 -65.71 16.67
CA UNK CC 21 54.37 -64.90 17.78
C UNK CC 21 54.64 -63.41 17.59
N UNK CC 22 55.79 -63.09 17.01
CA UNK CC 22 56.18 -61.69 16.78
C UNK CC 22 55.13 -61.03 15.90
N UNK CC 23 54.63 -61.77 14.92
CA UNK CC 23 53.63 -61.25 14.00
C UNK CC 23 52.31 -60.99 14.72
N UNK CC 24 51.97 -61.86 15.67
CA UNK CC 24 50.74 -61.73 16.43
C UNK CC 24 50.73 -60.44 17.24
N UNK CC 25 51.89 -60.10 17.80
CA UNK CC 25 52.06 -58.90 18.62
C UNK CC 25 51.89 -57.57 17.88
N UNK CC 26 52.33 -57.50 16.65
CA UNK CC 26 52.20 -56.26 15.89
C UNK CC 26 50.73 -55.92 15.79
N UNK CC 27 49.91 -56.95 15.67
CA UNK CC 27 48.45 -56.79 15.52
C UNK CC 27 47.83 -56.10 16.72
N UNK CC 28 48.54 -56.11 17.84
CA UNK CC 28 48.03 -55.49 19.03
C UNK CC 28 47.78 -54.02 18.82
N UNK CC 29 48.43 -53.45 17.83
CA UNK CC 29 48.25 -52.04 17.49
C UNK CC 29 46.78 -51.66 17.40
N UNK CC 30 46.06 -52.29 16.48
CA UNK CC 30 44.64 -52.01 16.29
C UNK CC 30 43.77 -53.15 16.82
N UNK DC 1 46.45 -62.97 57.85
CA UNK DC 1 46.57 -62.38 59.17
C UNK DC 1 47.84 -61.59 58.93
N UNK DC 2 48.90 -61.91 59.66
CA UNK DC 2 50.18 -61.36 59.26
C UNK DC 2 50.24 -61.85 57.81
N UNK DC 3 50.79 -61.03 56.93
CA UNK DC 3 50.65 -61.23 55.49
C UNK DC 3 51.84 -61.90 54.82
N UNK DC 4 52.68 -62.50 55.65
CA UNK DC 4 53.96 -63.10 55.26
C UNK DC 4 54.04 -64.25 54.26
N UNK DC 5 53.10 -65.20 54.28
CA UNK DC 5 53.21 -66.33 53.37
C UNK DC 5 53.19 -65.93 51.89
N UNK DC 6 52.28 -65.04 51.51
CA UNK DC 6 52.21 -64.61 50.11
C UNK DC 6 53.49 -63.90 49.68
N UNK DC 7 54.00 -63.04 50.56
CA UNK DC 7 55.22 -62.31 50.26
C UNK DC 7 56.39 -63.28 50.11
N UNK DC 8 56.44 -64.29 50.97
CA UNK DC 8 57.53 -65.26 50.91
C UNK DC 8 57.54 -66.03 49.58
N UNK DC 9 56.35 -66.42 49.13
CA UNK DC 9 56.24 -67.16 47.88
C UNK DC 9 56.71 -66.33 46.69
N UNK DC 10 56.32 -65.05 46.68
CA UNK DC 10 56.71 -64.15 45.60
C UNK DC 10 58.22 -63.97 45.57
N UNK DC 11 58.81 -63.83 46.75
CA UNK DC 11 60.25 -63.66 46.86
C UNK DC 11 60.95 -64.91 46.35
N UNK DC 12 60.40 -66.07 46.71
CA UNK DC 12 60.99 -67.33 46.26
C UNK DC 12 60.93 -67.41 44.75
N UNK DC 13 59.81 -67.00 44.18
CA UNK DC 13 59.63 -67.02 42.73
C UNK DC 13 60.65 -66.11 42.06
N UNK DC 14 60.88 -64.94 42.64
CA UNK DC 14 61.84 -64.01 42.08
C UNK DC 14 63.24 -64.63 42.11
N UNK DC 15 63.52 -65.26 43.24
CA UNK DC 15 64.79 -65.94 43.54
C UNK DC 15 65.06 -67.18 42.68
N UNK DC 16 63.99 -67.77 42.14
CA UNK DC 16 64.10 -68.97 41.32
C UNK DC 16 65.01 -68.68 40.13
N UNK DC 17 64.99 -67.43 39.67
CA UNK DC 17 65.80 -66.96 38.56
C UNK DC 17 67.28 -67.12 38.89
N UNK DC 18 67.60 -67.01 40.17
CA UNK DC 18 68.99 -67.13 40.63
C UNK DC 18 69.53 -68.49 40.23
N UNK DC 19 68.68 -69.52 40.32
CA UNK DC 19 69.08 -70.87 39.93
C UNK DC 19 69.43 -70.88 38.44
N UNK DC 20 68.65 -70.15 37.66
CA UNK DC 20 68.87 -70.05 36.22
C UNK DC 20 70.22 -69.38 35.94
N UNK DC 21 70.52 -68.35 36.72
CA UNK DC 21 71.78 -67.62 36.57
C UNK DC 21 72.93 -68.58 36.91
N UNK DC 22 72.70 -69.39 37.93
CA UNK DC 22 73.66 -70.38 38.40
C UNK DC 22 73.96 -71.39 37.30
N UNK DC 23 73.01 -71.55 36.38
CA UNK DC 23 73.25 -72.45 35.27
C UNK DC 23 74.59 -72.03 34.65
N UNK DC 24 74.97 -70.77 34.87
CA UNK DC 24 76.24 -70.23 34.39
C UNK DC 24 77.36 -71.02 35.08
N UNK DC 25 76.98 -71.68 36.18
CA UNK DC 25 77.88 -72.58 36.88
C UNK DC 25 78.11 -73.69 35.84
N UNK DC 26 77.01 -74.06 35.17
CA UNK DC 26 77.00 -75.03 34.09
C UNK DC 26 77.87 -74.43 32.98
N UNK DC 27 77.88 -73.10 32.91
CA UNK DC 27 78.68 -72.38 31.94
C UNK DC 27 80.09 -72.82 32.22
N UNK DC 28 80.39 -73.05 33.49
CA UNK DC 28 81.70 -73.53 33.83
C UNK DC 28 81.62 -74.84 33.10
N UNK DC 29 82.77 -75.42 32.78
CA UNK DC 29 82.86 -76.66 32.01
C UNK DC 29 82.95 -76.36 30.52
N UNK DC 30 83.12 -75.09 30.17
CA UNK DC 30 83.27 -74.76 28.75
C UNK DC 30 83.59 -73.27 28.55
N UNK EC 1 52.35 -37.17 60.77
CA UNK EC 1 53.46 -36.26 61.04
C UNK EC 1 54.29 -36.76 62.22
N UNK EC 2 53.65 -37.52 63.10
CA UNK EC 2 54.33 -38.03 64.28
C UNK EC 2 55.47 -38.93 63.83
N UNK EC 3 55.33 -39.65 62.72
CA UNK EC 3 56.47 -40.41 62.20
C UNK EC 3 57.63 -39.48 61.79
N UNK EC 4 57.23 -38.35 61.23
CA UNK EC 4 58.15 -37.38 60.67
C UNK EC 4 59.06 -36.92 61.79
N UNK EC 5 58.51 -36.82 62.99
CA UNK EC 5 59.31 -36.40 64.13
C UNK EC 5 60.46 -37.37 64.38
N UNK EC 6 60.19 -38.67 64.28
CA UNK EC 6 61.24 -39.69 64.47
C UNK EC 6 62.30 -39.57 63.39
N UNK EC 7 61.84 -39.31 62.17
CA UNK EC 7 62.78 -39.13 61.09
C UNK EC 7 63.70 -37.93 61.36
N UNK EC 8 63.12 -36.83 61.82
CA UNK EC 8 63.87 -35.61 62.10
C UNK EC 8 64.86 -35.94 63.19
N UNK EC 9 64.38 -36.76 64.10
CA UNK EC 9 65.07 -37.18 65.30
C UNK EC 9 66.37 -37.88 64.98
N UNK EC 10 66.33 -38.76 64.00
CA UNK EC 10 67.49 -39.54 63.65
C UNK EC 10 68.55 -38.58 63.21
N UNK EC 11 68.11 -37.49 62.62
CA UNK EC 11 69.00 -36.48 62.08
C UNK EC 11 69.92 -36.09 63.21
N UNK EC 12 69.41 -36.15 64.42
CA UNK EC 12 70.21 -35.82 65.55
C UNK EC 12 71.41 -36.74 65.56
N UNK EC 13 71.21 -37.98 65.16
CA UNK EC 13 72.31 -38.92 65.22
C UNK EC 13 73.50 -38.44 64.44
N UNK EC 14 73.33 -38.00 63.20
CA UNK EC 14 74.53 -37.55 62.53
C UNK EC 14 75.47 -36.83 63.48
N UNK EC 15 74.92 -35.92 64.26
CA UNK EC 15 75.75 -35.15 65.15
C UNK EC 15 76.34 -36.14 66.12
N UNK EC 16 75.51 -37.12 66.47
CA UNK EC 16 75.98 -38.16 67.36
C UNK EC 16 77.18 -38.79 66.68
N UNK EC 17 77.13 -38.83 65.36
CA UNK EC 17 78.20 -39.39 64.54
C UNK EC 17 79.47 -38.61 64.82
N UNK EC 18 79.30 -37.29 64.83
CA UNK EC 18 80.41 -36.37 64.94
C UNK EC 18 81.12 -36.45 66.27
N UNK EC 19 80.35 -36.49 67.34
CA UNK EC 19 80.95 -36.47 68.65
C UNK EC 19 81.79 -37.73 68.88
N UNK EC 20 81.23 -38.87 68.51
CA UNK EC 20 81.95 -40.11 68.69
C UNK EC 20 83.16 -40.00 67.81
N UNK EC 21 82.96 -39.38 66.66
CA UNK EC 21 83.98 -39.25 65.64
C UNK EC 21 85.16 -38.48 66.15
N UNK EC 22 84.88 -37.42 66.91
CA UNK EC 22 85.93 -36.58 67.48
C UNK EC 22 87.30 -37.24 67.36
N UNK EC 23 87.97 -37.45 68.51
CA UNK EC 23 89.32 -38.02 68.63
C UNK EC 23 90.11 -38.22 67.34
N UNK EC 24 89.91 -39.38 66.71
CA UNK EC 24 90.62 -39.71 65.48
C UNK EC 24 90.28 -38.73 64.37
N UNK EC 25 89.01 -38.37 64.28
CA UNK EC 25 88.55 -37.41 63.27
C UNK EC 25 89.21 -36.05 63.49
N UNK EC 26 89.31 -35.66 64.76
CA UNK EC 26 89.95 -34.40 65.11
C UNK EC 26 91.43 -34.43 64.72
N UNK EC 27 92.06 -35.57 64.95
CA UNK EC 27 93.47 -35.74 64.59
C UNK EC 27 93.63 -35.62 63.09
N UNK EC 28 92.70 -36.20 62.34
CA UNK EC 28 92.72 -36.12 60.89
C UNK EC 28 92.57 -34.68 60.42
N UNK FC 1 65.86 -19.19 62.05
CA UNK FC 1 66.97 -19.59 62.92
C UNK FC 1 68.17 -20.11 62.13
N UNK FC 2 69.02 -19.18 61.69
CA UNK FC 2 70.18 -19.43 60.85
C UNK FC 2 71.22 -20.33 61.49
N UNK FC 3 70.95 -20.72 62.73
CA UNK FC 3 71.84 -21.56 63.50
C UNK FC 3 72.11 -22.91 62.84
N UNK FC 4 71.12 -23.50 62.18
CA UNK FC 4 71.34 -24.80 61.56
C UNK FC 4 71.77 -25.73 62.67
N UNK FC 5 71.04 -25.60 63.76
CA UNK FC 5 71.30 -26.35 64.96
C UNK FC 5 70.42 -27.59 65.04
N UNK FC 6 70.00 -28.14 63.90
CA UNK FC 6 68.99 -29.20 63.87
C UNK FC 6 69.00 -30.31 64.92
N UNK FC 7 70.12 -30.93 65.24
CA UNK FC 7 70.09 -31.97 66.29
C UNK FC 7 70.32 -31.23 67.60
N UNK FC 8 69.48 -31.52 68.57
CA UNK FC 8 69.56 -30.94 69.87
C UNK FC 8 70.57 -31.82 70.55
N UNK FC 9 70.60 -31.62 71.86
CA UNK FC 9 71.56 -32.20 72.78
C UNK FC 9 71.56 -33.67 73.10
N UNK FC 10 70.52 -34.41 72.73
CA UNK FC 10 70.50 -35.82 73.08
C UNK FC 10 71.76 -36.46 72.53
N UNK FC 11 72.10 -36.09 71.31
CA UNK FC 11 73.28 -36.65 70.71
C UNK FC 11 74.49 -36.26 71.55
N UNK FC 12 74.56 -35.01 71.96
CA UNK FC 12 75.69 -34.54 72.76
C UNK FC 12 75.76 -35.23 74.12
N UNK FC 13 74.61 -35.34 74.78
CA UNK FC 13 74.56 -36.00 76.08
C UNK FC 13 74.88 -37.47 75.91
N UNK FC 14 74.31 -38.06 74.87
CA UNK FC 14 74.53 -39.46 74.57
C UNK FC 14 75.99 -39.70 74.25
N UNK FC 15 76.58 -38.79 73.49
CA UNK FC 15 77.97 -38.91 73.12
C UNK FC 15 78.84 -38.84 74.36
N UNK FC 16 78.50 -37.93 75.27
CA UNK FC 16 79.26 -37.77 76.49
C UNK FC 16 79.20 -39.05 77.32
N UNK FC 17 78.00 -39.64 77.38
CA UNK FC 17 77.81 -40.88 78.14
C UNK FC 17 78.61 -42.01 77.52
N UNK FC 18 78.63 -42.03 76.19
CA UNK FC 18 79.36 -43.04 75.45
C UNK FC 18 80.84 -42.87 75.78
N UNK FC 19 81.29 -41.62 75.82
CA UNK FC 19 82.68 -41.33 76.17
C UNK FC 19 82.88 -41.76 77.61
N UNK FC 20 81.88 -41.44 78.43
CA UNK FC 20 81.88 -41.78 79.85
C UNK FC 20 81.87 -43.29 80.00
N UNK FC 21 81.10 -43.92 79.13
CA UNK FC 21 81.00 -45.37 79.09
C UNK FC 21 82.36 -45.93 78.73
N UNK FC 22 83.03 -45.25 77.81
CA UNK FC 22 84.35 -45.69 77.38
C UNK FC 22 85.31 -45.64 78.56
N UNK FC 23 85.22 -44.59 79.34
CA UNK FC 23 86.08 -44.44 80.51
C UNK FC 23 85.78 -45.54 81.52
N UNK FC 24 84.49 -45.83 81.70
CA UNK FC 24 84.07 -46.84 82.65
C UNK FC 24 84.68 -48.16 82.21
N UNK FC 25 84.69 -48.38 80.91
CA UNK FC 25 85.27 -49.60 80.37
C UNK FC 25 86.76 -49.60 80.70
N UNK FC 26 87.28 -48.41 81.01
CA UNK FC 26 88.69 -48.23 81.35
C UNK FC 26 89.11 -48.98 82.60
N UNK FC 27 88.25 -49.01 83.60
CA UNK FC 27 88.55 -49.68 84.86
C UNK FC 27 88.79 -51.16 84.63
N UNK FC 28 87.99 -51.76 83.75
CA UNK FC 28 88.13 -53.18 83.44
C UNK FC 28 88.86 -53.39 82.12
N UNK GC 1 88.90 -12.08 29.45
CA UNK GC 1 89.73 -11.71 30.58
C UNK GC 1 90.04 -12.93 31.45
N UNK GC 2 89.07 -13.84 31.53
CA UNK GC 2 89.32 -15.07 32.22
C UNK GC 2 90.46 -15.74 31.46
N UNK GC 3 90.40 -15.61 30.14
CA UNK GC 3 91.43 -16.19 29.28
C UNK GC 3 92.81 -15.58 29.54
N UNK GC 4 92.84 -14.28 29.77
CA UNK GC 4 94.05 -13.55 30.11
C UNK GC 4 94.62 -14.01 31.44
N UNK GC 5 93.73 -14.43 32.33
CA UNK GC 5 94.14 -15.15 33.53
C UNK GC 5 94.83 -16.42 33.04
N UNK GC 6 94.29 -16.94 31.95
CA UNK GC 6 94.81 -18.14 31.32
C UNK GC 6 96.25 -17.84 30.92
N UNK GC 7 96.52 -16.60 30.53
CA UNK GC 7 97.88 -16.16 30.23
C UNK GC 7 98.77 -16.27 31.46
N UNK GC 8 98.21 -15.93 32.62
CA UNK GC 8 98.93 -16.04 33.88
C UNK GC 8 99.28 -17.50 34.14
N UNK GC 9 98.35 -18.40 33.85
CA UNK GC 9 98.58 -19.83 33.97
C UNK GC 9 99.68 -20.28 33.00
N UNK GC 10 99.69 -19.62 31.85
CA UNK GC 10 100.67 -19.86 30.79
C UNK GC 10 102.05 -19.59 31.35
N UNK GC 11 102.14 -18.56 32.16
CA UNK GC 11 103.39 -18.27 32.79
C UNK GC 11 103.23 -19.03 34.09
N UNK GC 12 104.09 -20.02 34.29
CA UNK GC 12 104.02 -20.83 35.51
C UNK GC 12 105.38 -21.05 36.13
N UNK GC 13 105.40 -21.36 37.42
CA UNK GC 13 106.65 -21.60 38.12
C UNK GC 13 107.70 -20.55 37.78
N UNK HC 1 35.65 -24.99 40.97
CA UNK HC 1 34.41 -24.77 41.73
C UNK HC 1 34.32 -23.34 42.25
N UNK HC 2 33.11 -22.97 42.63
CA UNK HC 2 32.73 -21.60 42.95
C UNK HC 2 33.51 -21.05 44.14
N UNK HC 3 34.06 -21.96 44.93
CA UNK HC 3 34.80 -21.59 46.11
C UNK HC 3 35.92 -20.68 45.62
N UNK HC 4 36.42 -20.97 44.43
CA UNK HC 4 37.44 -20.12 43.85
C UNK HC 4 36.84 -18.72 43.74
N UNK HC 5 35.58 -18.65 43.33
CA UNK HC 5 34.87 -17.39 43.45
C UNK HC 5 35.11 -16.83 44.85
N UNK HC 6 35.05 -17.71 45.84
CA UNK HC 6 35.26 -17.32 47.22
C UNK HC 6 36.66 -16.77 47.43
N UNK HC 7 37.64 -17.41 46.81
CA UNK HC 7 39.01 -16.97 46.93
C UNK HC 7 39.15 -15.57 46.35
N UNK HC 8 38.53 -15.38 45.19
CA UNK HC 8 38.66 -14.11 44.51
C UNK HC 8 38.06 -13.07 45.43
N UNK HC 9 36.95 -13.42 46.06
CA UNK HC 9 36.25 -12.50 46.94
C UNK HC 9 37.09 -12.11 48.15
N UNK HC 10 37.76 -13.09 48.74
CA UNK HC 10 38.60 -12.79 49.88
C UNK HC 10 39.69 -11.83 49.47
N UNK HC 11 40.27 -12.08 48.29
CA UNK HC 11 41.34 -11.21 47.81
C UNK HC 11 40.84 -9.78 47.57
N UNK HC 12 39.66 -9.67 46.99
CA UNK HC 12 39.09 -8.37 46.68
C UNK HC 12 38.85 -7.63 47.98
N UNK HC 13 38.41 -8.37 48.99
CA UNK HC 13 38.10 -7.78 50.27
C UNK HC 13 39.38 -7.20 50.84
N UNK HC 14 40.43 -8.00 50.93
CA UNK HC 14 41.60 -7.55 51.66
C UNK HC 14 42.24 -6.31 51.04
N UNK HC 15 42.36 -6.31 49.72
CA UNK HC 15 43.00 -5.20 49.02
C UNK HC 15 42.28 -3.86 49.16
N UNK HC 16 40.96 -3.87 49.07
CA UNK HC 16 40.26 -2.62 49.18
C UNK HC 16 40.50 -1.94 47.84
N UNK HC 17 40.08 -0.70 47.69
CA UNK HC 17 39.39 0.01 48.76
C UNK HC 17 37.91 -0.33 48.70
N UNK HC 18 37.55 -1.21 47.78
CA UNK HC 18 36.16 -1.59 47.57
C UNK HC 18 35.50 -2.16 48.82
N UNK HC 19 34.26 -1.74 49.00
CA UNK HC 19 33.44 -2.15 50.14
C UNK HC 19 33.59 -3.64 50.39
N UNK HC 20 33.60 -4.03 51.65
CA UNK HC 20 33.80 -5.42 52.01
C UNK HC 20 32.81 -6.39 51.36
N UNK HC 21 31.53 -6.03 51.31
CA UNK HC 21 30.52 -6.89 50.72
C UNK HC 21 29.97 -6.27 49.44
N UNK HC 22 30.76 -5.40 48.84
CA UNK HC 22 30.36 -4.63 47.67
C UNK HC 22 29.95 -5.29 46.34
N UNK HC 23 30.64 -6.34 45.91
CA UNK HC 23 30.29 -6.97 44.63
C UNK HC 23 30.23 -8.47 44.73
N UNK HC 24 29.18 -9.08 44.19
CA UNK HC 24 29.09 -10.54 44.26
C UNK HC 24 28.55 -11.24 43.02
N UNK HC 25 29.26 -11.18 41.89
CA UNK HC 25 30.48 -10.41 41.71
C UNK HC 25 30.23 -9.45 40.56
N UNK HC 26 28.95 -9.11 40.37
CA UNK HC 26 28.47 -8.25 39.28
C UNK HC 26 29.00 -6.82 39.26
N UNK HC 27 29.45 -6.33 40.41
CA UNK HC 27 29.95 -4.97 40.45
C UNK HC 27 31.15 -4.64 39.56
N UNK HC 28 31.04 -3.47 38.96
CA UNK HC 28 31.99 -2.80 38.09
C UNK HC 28 33.35 -2.78 38.78
N UNK HC 29 34.40 -3.09 38.01
CA UNK HC 29 35.68 -3.25 38.56
C UNK HC 29 36.25 -1.88 38.67
N UNK HC 30 36.02 -1.11 37.64
CA UNK HC 30 36.41 0.26 37.69
C UNK HC 30 35.30 0.82 38.51
N UNK HC 31 34.15 0.76 37.87
CA UNK HC 31 33.00 1.53 38.22
C UNK HC 31 32.59 1.39 39.66
N UNK HC 32 32.27 0.17 40.01
CA UNK HC 32 31.57 -0.02 41.24
C UNK HC 32 32.46 -0.06 42.44
N UNK HC 33 33.69 0.44 42.31
CA UNK HC 33 34.61 0.35 43.43
C UNK HC 33 35.63 1.44 43.35
N UNK HC 34 35.45 2.26 42.36
CA UNK HC 34 36.29 3.42 42.30
C UNK HC 34 37.69 2.97 42.02
N UNK HC 35 37.77 2.04 41.09
CA UNK HC 35 39.06 1.49 40.72
C UNK HC 35 39.93 2.51 39.99
N UNK HC 36 41.24 2.38 40.05
CA UNK HC 36 42.12 3.27 39.34
C UNK HC 36 42.63 2.46 38.16
N UNK HC 37 42.85 3.10 37.02
CA UNK HC 37 43.32 2.37 35.85
C UNK HC 37 44.63 1.75 36.28
N UNK HC 38 45.45 2.54 36.96
CA UNK HC 38 46.70 2.04 37.46
C UNK HC 38 46.31 0.97 38.45
N UNK HC 39 45.26 1.26 39.21
CA UNK HC 39 44.76 0.35 40.22
C UNK HC 39 44.27 -0.95 39.59
N UNK HC 40 43.64 -0.85 38.43
CA UNK HC 40 43.11 -2.05 37.81
C UNK HC 40 44.28 -2.99 37.58
N UNK HC 41 45.41 -2.43 37.19
CA UNK HC 41 46.56 -3.26 36.94
C UNK HC 41 46.92 -4.00 38.21
N UNK HC 42 46.88 -3.32 39.34
CA UNK HC 42 47.22 -3.97 40.58
C UNK HC 42 46.24 -5.10 40.75
N UNK HC 43 44.98 -4.84 40.38
CA UNK HC 43 43.97 -5.85 40.52
C UNK HC 43 44.40 -7.03 39.69
N UNK HC 44 44.88 -6.74 38.49
CA UNK HC 44 45.34 -7.82 37.64
C UNK HC 44 46.49 -8.45 38.38
N UNK HC 45 47.35 -7.61 38.96
CA UNK HC 45 48.49 -8.08 39.72
C UNK HC 45 47.94 -9.02 40.77
N UNK HC 46 46.95 -8.53 41.50
CA UNK HC 46 46.33 -9.36 42.52
C UNK HC 46 45.79 -10.70 42.00
N UNK HC 47 45.20 -10.64 40.82
CA UNK HC 47 44.72 -11.85 40.18
C UNK HC 47 45.94 -12.72 39.96
N UNK HC 48 47.04 -12.06 39.60
CA UNK HC 48 48.34 -12.68 39.39
C UNK HC 48 48.92 -13.32 40.66
N UNK HC 49 48.74 -12.66 41.79
CA UNK HC 49 49.16 -13.23 43.06
C UNK HC 49 48.36 -14.50 43.28
N UNK HC 50 47.08 -14.45 42.95
CA UNK HC 50 46.24 -15.62 43.12
C UNK HC 50 46.80 -16.75 42.27
N UNK HC 51 47.12 -16.42 41.02
CA UNK HC 51 47.59 -17.44 40.10
C UNK HC 51 48.79 -17.01 39.24
N UNK HC 52 49.61 -17.99 38.92
CA UNK HC 52 50.73 -17.83 38.00
C UNK HC 52 50.28 -17.51 36.59
N UNK HC 53 49.17 -18.12 36.19
CA UNK HC 53 48.76 -18.10 34.80
C UNK HC 53 48.51 -16.68 34.30
N UNK HC 54 47.85 -15.85 35.09
CA UNK HC 54 47.60 -14.48 34.69
C UNK HC 54 46.86 -14.45 33.35
N UNK HC 55 47.32 -13.60 32.47
CA UNK HC 55 46.76 -13.53 31.16
C UNK HC 55 47.76 -12.88 30.25
N UNK HC 56 47.49 -13.00 28.96
CA UNK HC 56 48.18 -12.22 27.97
C UNK HC 56 47.63 -10.84 28.24
N UNK HC 57 48.15 -9.81 27.59
CA UNK HC 57 47.65 -8.47 27.84
C UNK HC 57 46.16 -8.41 27.51
N UNK HC 58 45.79 -9.10 26.43
CA UNK HC 58 44.44 -9.02 25.93
C UNK HC 58 43.44 -9.49 26.98
N UNK HC 59 43.78 -10.54 27.72
CA UNK HC 59 42.87 -11.04 28.73
C UNK HC 59 42.63 -9.99 29.81
N UNK HC 60 43.69 -9.29 30.20
CA UNK HC 60 43.57 -8.26 31.22
C UNK HC 60 42.66 -7.17 30.71
N UNK HC 61 42.85 -6.79 29.45
CA UNK HC 61 42.02 -5.74 28.87
C UNK HC 61 40.56 -6.16 28.87
N UNK HC 62 40.31 -7.42 28.55
CA UNK HC 62 38.96 -7.97 28.54
C UNK HC 62 38.29 -7.94 29.91
N UNK HC 63 39.04 -8.26 30.97
CA UNK HC 63 38.43 -8.34 32.31
C UNK HC 63 37.87 -6.98 32.78
N UNK HC 64 36.71 -6.99 33.43
CA UNK HC 64 36.06 -5.75 33.76
C UNK HC 64 35.18 -6.07 34.95
N UNK HC 65 34.80 -7.36 35.00
CA UNK HC 65 33.93 -7.95 36.00
C UNK HC 65 34.56 -9.15 36.68
N UNK HC 66 34.44 -9.20 37.99
CA UNK HC 66 35.04 -10.24 38.80
C UNK HC 66 34.48 -11.62 38.43
N UNK HC 67 33.18 -11.68 38.16
CA UNK HC 67 32.59 -12.96 37.78
C UNK HC 67 33.24 -13.41 36.49
N UNK HC 68 33.48 -12.45 35.59
CA UNK HC 68 34.10 -12.76 34.31
C UNK HC 68 35.51 -13.31 34.48
N UNK HC 69 36.27 -12.70 35.38
CA UNK HC 69 37.61 -13.18 35.64
C UNK HC 69 37.57 -14.60 36.19
N UNK HC 70 36.62 -14.86 37.07
CA UNK HC 70 36.50 -16.19 37.64
C UNK HC 70 36.21 -17.20 36.54
N UNK HC 71 35.39 -16.78 35.59
CA UNK HC 71 35.07 -17.59 34.42
C UNK HC 71 36.33 -17.99 33.64
N UNK HC 72 37.01 -16.99 33.08
CA UNK HC 72 38.16 -17.24 32.23
C UNK HC 72 39.23 -17.95 33.02
N UNK HC 73 39.35 -17.57 34.29
CA UNK HC 73 40.27 -18.26 35.18
C UNK HC 73 39.79 -19.69 35.26
N UNK HC 74 38.48 -19.88 35.25
CA UNK HC 74 37.92 -21.21 35.37
C UNK HC 74 38.38 -22.07 34.22
N UNK HC 75 38.37 -21.50 33.02
CA UNK HC 75 38.85 -22.20 31.84
C UNK HC 75 38.32 -23.62 31.77
N UNK IC 1 62.93 -14.85 34.75
CA UNK IC 1 62.87 -14.48 36.15
C UNK IC 1 64.27 -14.36 36.72
N UNK IC 2 65.21 -14.19 35.81
CA UNK IC 2 66.55 -13.75 36.12
C UNK IC 2 66.74 -12.33 35.64
N UNK IC 3 65.63 -11.65 35.42
CA UNK IC 3 65.68 -10.42 34.66
C UNK IC 3 66.45 -9.32 35.37
N UNK IC 4 66.83 -8.31 34.59
CA UNK IC 4 67.44 -7.08 35.09
C UNK IC 4 66.81 -5.81 34.46
N UNK IC 5 66.87 -4.70 35.18
CA UNK IC 5 66.33 -3.40 34.75
C UNK IC 5 66.95 -2.63 33.58
N UNK IC 6 68.28 -2.55 33.51
CA UNK IC 6 68.81 -1.51 32.64
C UNK IC 6 68.14 -1.49 31.28
N UNK IC 7 67.89 -2.67 30.72
CA UNK IC 7 67.19 -2.79 29.45
C UNK IC 7 65.82 -2.18 29.68
N UNK IC 8 65.34 -2.17 30.92
CA UNK IC 8 64.11 -1.42 31.32
C UNK IC 8 64.01 0.13 31.29
N UNK IC 9 65.07 0.79 31.75
CA UNK IC 9 65.04 2.24 32.06
C UNK IC 9 64.82 3.22 30.91
N UNK IC 10 65.14 2.80 29.70
CA UNK IC 10 64.80 3.60 28.54
C UNK IC 10 63.30 3.75 28.52
N UNK IC 11 62.61 2.79 29.13
CA UNK IC 11 61.17 2.91 29.28
C UNK IC 11 60.91 4.23 30.01
N UNK IC 12 61.97 4.79 30.59
CA UNK IC 12 61.93 6.16 31.09
C UNK IC 12 61.67 7.06 29.89
N UNK IC 13 62.28 6.68 28.77
CA UNK IC 13 62.19 7.45 27.53
C UNK IC 13 60.75 7.51 27.06
N UNK IC 14 60.01 6.42 27.26
CA UNK IC 14 58.61 6.40 26.87
C UNK IC 14 57.81 7.43 27.67
N UNK IC 15 58.10 7.52 28.96
CA UNK IC 15 57.45 8.51 29.82
C UNK IC 15 57.80 9.91 29.34
N UNK IC 16 59.06 10.07 28.94
CA UNK IC 16 59.56 11.33 28.41
C UNK IC 16 58.86 11.76 27.12
N UNK IC 17 58.41 10.81 26.32
CA UNK IC 17 57.78 11.13 25.03
C UNK IC 17 56.55 12.06 25.04
N UNK IC 18 55.63 11.81 25.96
CA UNK IC 18 54.37 12.54 26.04
C UNK IC 18 54.41 14.02 26.45
N UNK IC 19 53.63 14.82 25.75
CA UNK IC 19 53.48 16.23 26.02
C UNK IC 19 52.16 16.47 26.76
N UNK IC 20 51.51 15.38 27.10
CA UNK IC 20 50.24 15.39 27.81
C UNK IC 20 50.46 15.79 29.26
N UNK IC 21 49.37 16.11 29.95
CA UNK IC 21 49.44 16.53 31.34
C UNK IC 21 48.45 15.83 32.24
N UNK IC 22 48.66 15.90 33.55
CA UNK IC 22 47.75 15.27 34.52
C UNK IC 22 48.06 13.84 34.99
N UNK IC 23 49.09 13.19 34.46
CA UNK IC 23 49.35 11.85 34.97
C UNK IC 23 50.41 11.96 36.04
N UNK IC 24 51.64 12.19 35.61
CA UNK IC 24 52.77 12.41 36.49
C UNK IC 24 53.12 11.39 37.59
N UNK IC 25 53.37 11.97 38.75
CA UNK IC 25 53.83 11.36 39.98
C UNK IC 25 53.04 10.13 40.42
N UNK IC 26 51.73 10.09 40.21
CA UNK IC 26 51.00 8.93 40.70
C UNK IC 26 51.74 7.64 40.32
N UNK IC 27 52.35 7.61 39.14
CA UNK IC 27 53.12 6.42 38.75
C UNK IC 27 54.34 6.18 39.68
N UNK IC 28 55.02 7.25 40.07
CA UNK IC 28 56.19 7.21 40.92
C UNK IC 28 55.77 6.79 42.31
N UNK IC 29 54.64 7.33 42.76
CA UNK IC 29 54.15 7.03 44.09
C UNK IC 29 53.80 5.55 44.22
N UNK IC 30 53.18 5.00 43.19
CA UNK IC 30 52.81 3.60 43.20
C UNK IC 30 54.07 2.75 43.26
N UNK IC 31 55.05 3.10 42.46
CA UNK IC 31 56.29 2.33 42.41
C UNK IC 31 57.02 2.36 43.76
N UNK IC 32 57.11 3.55 44.35
CA UNK IC 32 57.78 3.67 45.63
C UNK IC 32 57.03 2.90 46.71
N UNK IC 33 55.72 3.02 46.70
CA UNK IC 33 54.88 2.36 47.69
C UNK IC 33 55.00 0.85 47.54
N UNK IC 34 54.98 0.39 46.30
CA UNK IC 34 55.07 -1.04 46.05
C UNK IC 34 56.42 -1.53 46.54
N UNK IC 35 57.47 -0.78 46.28
CA UNK IC 35 58.80 -1.23 46.67
C UNK IC 35 59.01 -1.45 48.14
N UNK IC 36 58.55 -0.50 48.94
CA UNK IC 36 58.69 -0.60 50.38
C UNK IC 36 57.91 -1.79 50.91
N UNK IC 37 56.73 -1.99 50.34
CA UNK IC 37 55.82 -3.04 50.78
C UNK IC 37 56.31 -4.48 50.67
N UNK IC 38 57.03 -4.73 49.59
CA UNK IC 38 57.59 -6.03 49.27
C UNK IC 38 58.58 -6.50 50.30
N UNK IC 39 58.49 -7.77 50.65
CA UNK IC 39 59.43 -8.36 51.61
C UNK IC 39 60.17 -9.55 51.00
N UNK IC 40 61.47 -9.39 50.78
CA UNK IC 40 62.35 -10.43 50.25
C UNK IC 40 62.19 -10.65 48.73
N UNK IC 41 63.05 -11.48 48.17
CA UNK IC 41 62.96 -11.79 46.76
C UNK IC 41 62.91 -10.63 45.77
N UNK IC 42 63.88 -9.72 45.83
CA UNK IC 42 63.83 -8.58 44.94
C UNK IC 42 63.82 -9.09 43.51
N UNK IC 43 63.02 -8.43 42.68
CA UNK IC 43 62.80 -8.75 41.27
C UNK IC 43 61.35 -8.39 41.04
N UNK IC 44 60.53 -8.63 42.06
CA UNK IC 44 59.14 -8.32 41.98
C UNK IC 44 59.16 -6.98 41.27
N UNK IC 45 60.16 -6.15 41.59
CA UNK IC 45 60.14 -4.90 40.87
C UNK IC 45 60.10 -5.22 39.41
N UNK IC 46 60.96 -6.15 39.00
CA UNK IC 46 61.09 -6.39 37.57
C UNK IC 46 59.77 -6.89 37.09
N UNK IC 47 59.22 -7.81 37.85
CA UNK IC 47 57.93 -8.39 37.52
C UNK IC 47 56.87 -7.34 37.57
N UNK IC 48 56.86 -6.60 38.65
CA UNK IC 48 55.82 -5.60 38.83
C UNK IC 48 56.00 -4.65 37.70
N UNK IC 49 57.25 -4.33 37.44
CA UNK IC 49 57.60 -3.21 36.65
C UNK IC 49 56.97 -3.42 35.31
N UNK IC 50 57.04 -4.64 34.81
CA UNK IC 50 56.59 -4.85 33.44
C UNK IC 50 55.14 -4.50 33.43
N UNK IC 51 54.47 -4.97 34.45
CA UNK IC 51 53.05 -4.81 34.53
C UNK IC 51 52.75 -3.37 34.18
N UNK IC 52 53.50 -2.46 34.79
CA UNK IC 52 53.23 -1.06 34.56
C UNK IC 52 53.49 -0.63 33.14
N UNK IC 53 54.64 -1.02 32.60
CA UNK IC 53 55.03 -0.48 31.31
C UNK IC 53 53.99 -0.96 30.35
N UNK IC 54 53.71 -2.24 30.47
CA UNK IC 54 52.59 -2.82 29.78
C UNK IC 54 51.46 -1.87 30.01
N UNK IC 55 51.31 -1.44 31.25
CA UNK IC 55 50.14 -0.69 31.58
C UNK IC 55 50.14 0.57 30.74
N UNK IC 56 51.31 1.19 30.67
CA UNK IC 56 51.52 2.46 29.99
C UNK IC 56 51.10 2.41 28.55
N UNK IC 57 51.23 1.25 27.92
CA UNK IC 57 50.84 1.13 26.53
C UNK IC 57 49.37 1.53 26.48
N UNK IC 58 48.96 2.13 25.37
CA UNK IC 58 47.61 2.63 25.19
C UNK IC 58 47.53 3.97 25.93
N UNK IC 59 47.77 4.01 27.23
CA UNK IC 59 47.75 5.32 27.87
C UNK IC 59 48.95 5.51 28.80
N UNK JC 1 29.85 -9.58 21.60
CA UNK JC 1 30.98 -10.48 21.70
C UNK JC 1 30.98 -11.23 23.03
N UNK JC 2 30.69 -10.50 24.10
CA UNK JC 2 30.66 -11.10 25.43
C UNK JC 2 29.59 -12.18 25.49
N UNK JC 3 28.44 -11.89 24.90
CA UNK JC 3 27.34 -12.85 24.88
C UNK JC 3 27.71 -14.13 24.13
N UNK JC 4 28.39 -13.96 23.00
CA UNK JC 4 28.82 -15.10 22.21
C UNK JC 4 29.81 -15.93 23.02
N UNK JC 5 30.69 -15.23 23.74
CA UNK JC 5 31.69 -15.91 24.55
C UNK JC 5 30.99 -16.73 25.64
N UNK JC 6 29.95 -16.14 26.22
CA UNK JC 6 29.19 -16.79 27.27
C UNK JC 6 28.54 -18.06 26.73
N UNK JC 7 28.00 -17.99 25.52
CA UNK JC 7 27.36 -19.15 24.91
C UNK JC 7 28.42 -20.23 24.70
N UNK JC 8 29.60 -19.81 24.25
CA UNK JC 8 30.70 -20.73 24.00
C UNK JC 8 31.13 -21.37 25.32
N UNK JC 9 31.16 -20.57 26.37
CA UNK JC 9 31.54 -21.05 27.70
C UNK JC 9 30.55 -22.10 28.15
N UNK JC 10 29.27 -21.85 27.90
CA UNK JC 10 28.20 -22.77 28.28
C UNK JC 10 28.37 -24.08 27.52
N UNK JC 11 28.72 -23.98 26.24
CA UNK JC 11 28.93 -25.15 25.42
C UNK JC 11 30.08 -25.97 25.98
N UNK JC 12 31.14 -25.27 26.39
CA UNK JC 12 32.32 -25.91 26.96
C UNK JC 12 31.96 -26.63 28.25
N UNK JC 13 31.10 -26.01 29.06
CA UNK JC 13 30.73 -26.62 30.33
C UNK JC 13 30.03 -27.96 30.09
N UNK JC 14 29.15 -28.00 29.10
CA UNK JC 14 28.44 -29.23 28.78
C UNK JC 14 29.44 -30.29 28.31
N UNK JC 15 30.38 -29.86 27.47
CA UNK JC 15 31.40 -30.76 26.95
C UNK JC 15 32.27 -31.32 28.06
N UNK JC 16 32.69 -30.47 28.99
CA UNK JC 16 33.54 -30.99 30.03
C UNK JC 16 32.85 -32.05 30.88
N UNK JC 17 31.61 -31.78 31.31
CA UNK JC 17 30.90 -32.74 32.13
C UNK JC 17 30.70 -34.00 31.31
N UNK JC 18 30.32 -33.80 30.07
CA UNK JC 18 30.09 -34.89 29.16
C UNK JC 18 31.37 -35.66 28.94
N UNK JC 19 32.48 -34.93 28.89
CA UNK JC 19 33.75 -35.54 28.58
C UNK JC 19 34.21 -36.67 29.49
N UNK JC 20 34.03 -36.51 30.80
CA UNK JC 20 34.42 -37.56 31.72
C UNK JC 20 33.20 -38.42 32.03
N UNK JC 21 33.35 -39.35 32.95
CA UNK JC 21 32.26 -40.23 33.32
C UNK JC 21 31.80 -41.04 32.12
N UNK KC 1 37.79 -52.52 16.47
CA UNK KC 1 36.80 -51.66 17.12
C UNK KC 1 36.43 -52.21 18.48
N UNK KC 2 36.75 -51.47 19.52
CA UNK KC 2 36.49 -51.89 20.89
C UNK KC 2 35.51 -50.92 21.51
N UNK KC 3 34.74 -51.36 22.51
CA UNK KC 3 33.76 -50.47 23.11
C UNK KC 3 33.82 -50.24 24.61
N UNK KC 4 33.84 -48.97 24.97
CA UNK KC 4 33.86 -48.52 26.36
C UNK KC 4 32.46 -48.10 26.78
N UNK KC 5 31.48 -48.42 25.94
CA UNK KC 5 30.06 -48.19 26.24
C UNK KC 5 29.44 -46.82 26.01
N UNK KC 6 30.28 -45.81 25.81
CA UNK KC 6 29.79 -44.45 25.62
C UNK KC 6 30.15 -43.77 24.30
N UNK KC 7 30.84 -44.50 23.42
CA UNK KC 7 31.29 -43.91 22.16
C UNK KC 7 30.11 -43.41 21.36
N UNK KC 8 29.03 -44.20 21.35
CA UNK KC 8 27.85 -43.79 20.61
C UNK KC 8 27.40 -42.51 21.25
N UNK KC 9 27.53 -42.40 22.56
CA UNK KC 9 27.06 -41.22 23.25
C UNK KC 9 27.68 -40.00 22.60
N UNK KC 10 28.88 -40.15 22.12
CA UNK KC 10 29.57 -39.06 21.46
C UNK KC 10 28.90 -38.53 20.19
N UNK KC 11 28.32 -39.40 19.38
CA UNK KC 11 27.75 -38.96 18.11
C UNK KC 11 26.69 -37.88 18.20
N UNK KC 12 25.72 -38.01 19.10
CA UNK KC 12 24.74 -36.96 19.22
C UNK KC 12 25.51 -35.67 19.19
N UNK KC 13 26.66 -35.66 19.86
CA UNK KC 13 27.46 -34.47 19.91
C UNK KC 13 27.83 -34.11 18.49
N UNK KC 14 28.17 -35.15 17.74
CA UNK KC 14 28.53 -35.00 16.34
C UNK KC 14 27.37 -34.51 15.51
N UNK KC 15 26.18 -35.02 15.79
CA UNK KC 15 25.02 -34.63 15.01
C UNK KC 15 24.74 -33.15 15.12
N UNK KC 16 24.85 -32.60 16.32
CA UNK KC 16 24.58 -31.19 16.50
C UNK KC 16 25.61 -30.39 15.73
N UNK KC 17 26.85 -30.84 15.80
CA UNK KC 17 27.92 -30.14 15.14
C UNK KC 17 27.65 -30.12 13.66
N UNK KC 18 27.05 -31.12 13.05
CA UNK KC 18 26.83 -30.85 11.61
C UNK KC 18 25.85 -29.66 11.29
N UNK KC 19 24.74 -29.65 12.02
CA UNK KC 19 23.70 -28.65 11.83
C UNK KC 19 24.14 -27.23 12.10
N UNK KC 20 24.95 -27.07 13.15
CA UNK KC 20 25.45 -25.75 13.52
C UNK KC 20 26.32 -25.23 12.40
N UNK KC 21 27.11 -26.13 11.82
CA UNK KC 21 28.01 -25.78 10.73
C UNK KC 21 27.22 -25.28 9.53
N UNK KC 22 26.03 -25.82 9.25
CA UNK KC 22 25.24 -25.29 8.12
C UNK KC 22 24.80 -23.85 8.40
N UNK KC 23 24.35 -23.64 9.63
CA UNK KC 23 23.88 -22.34 10.13
C UNK KC 23 25.06 -21.39 10.14
N UNK KC 24 26.23 -21.97 10.37
CA UNK KC 24 27.46 -21.24 10.36
C UNK KC 24 27.65 -20.75 8.93
N UNK KC 25 27.26 -21.59 7.97
CA UNK KC 25 27.37 -21.25 6.56
C UNK KC 25 26.48 -20.04 6.32
N UNK KC 26 25.31 -20.11 6.94
CA UNK KC 26 24.29 -19.08 6.87
C UNK KC 26 24.80 -17.75 7.41
N UNK KC 27 25.65 -17.81 8.43
CA UNK KC 27 26.21 -16.62 9.03
C UNK KC 27 26.93 -15.89 7.91
N UNK KC 28 27.54 -16.65 7.01
CA UNK KC 28 28.22 -16.06 5.88
C UNK KC 28 27.32 -15.76 4.69
N UNK LC 1 100.51 -59.22 -43.32
CA UNK LC 1 99.80 -60.41 -42.89
C UNK LC 1 100.35 -60.93 -41.57
N UNK LC 2 101.67 -60.78 -41.43
CA UNK LC 2 102.34 -61.25 -40.25
C UNK LC 2 101.73 -60.49 -39.11
N UNK LC 3 101.47 -59.22 -39.32
CA UNK LC 3 100.95 -58.43 -38.23
C UNK LC 3 99.62 -59.03 -37.81
N UNK LC 4 98.78 -59.37 -38.77
CA UNK LC 4 97.48 -59.94 -38.42
C UNK LC 4 97.57 -61.27 -37.72
N UNK LC 5 98.38 -62.16 -38.26
CA UNK LC 5 98.42 -63.51 -37.74
C UNK LC 5 98.89 -63.47 -36.30
N UNK LC 6 99.88 -62.64 -36.04
CA UNK LC 6 100.51 -62.67 -34.75
C UNK LC 6 99.50 -62.35 -33.69
N UNK LC 7 98.61 -61.41 -33.97
CA UNK LC 7 97.75 -60.90 -32.92
C UNK LC 7 96.96 -62.06 -32.38
N UNK LC 8 96.61 -62.94 -33.32
CA UNK LC 8 95.81 -64.11 -33.04
C UNK LC 8 96.49 -65.03 -32.06
N UNK LC 9 97.81 -65.19 -32.16
CA UNK LC 9 98.47 -66.16 -31.31
C UNK LC 9 98.20 -65.75 -29.89
N UNK LC 10 98.30 -64.46 -29.60
CA UNK LC 10 98.14 -64.04 -28.23
C UNK LC 10 96.74 -64.44 -27.79
N UNK LC 11 95.77 -64.18 -28.64
CA UNK LC 11 94.40 -64.41 -28.26
C UNK LC 11 94.15 -65.87 -28.00
N UNK LC 12 94.65 -66.74 -28.86
CA UNK LC 12 94.40 -68.16 -28.73
C UNK LC 12 95.06 -68.64 -27.46
N UNK LC 13 96.18 -68.00 -27.15
CA UNK LC 13 96.87 -68.29 -25.93
C UNK LC 13 95.83 -68.00 -24.88
N UNK LC 14 94.99 -67.01 -25.09
CA UNK LC 14 94.06 -66.63 -24.05
C UNK LC 14 93.19 -67.82 -23.70
N UNK LC 15 92.55 -68.32 -24.73
CA UNK LC 15 91.47 -69.25 -24.60
C UNK LC 15 92.08 -70.45 -23.98
N UNK LC 16 93.29 -70.79 -24.40
CA UNK LC 16 94.00 -71.86 -23.74
C UNK LC 16 94.17 -71.39 -22.32
N UNK LC 17 94.53 -70.12 -22.19
CA UNK LC 17 94.84 -69.63 -20.88
C UNK LC 17 93.61 -69.78 -20.02
N UNK LC 18 92.47 -69.30 -20.50
CA UNK LC 18 91.30 -69.43 -19.66
C UNK LC 18 90.86 -70.87 -19.45
N UNK LC 19 90.86 -71.66 -20.51
CA UNK LC 19 90.18 -72.93 -20.42
C UNK LC 19 90.85 -73.75 -19.36
N UNK LC 20 92.17 -73.80 -19.39
CA UNK LC 20 92.85 -74.66 -18.46
C UNK LC 20 92.59 -74.21 -17.04
N UNK LC 21 92.72 -72.91 -16.81
CA UNK LC 21 92.68 -72.43 -15.44
C UNK LC 21 91.33 -72.76 -14.90
N UNK LC 22 90.30 -72.55 -15.69
CA UNK LC 22 88.99 -72.56 -15.11
C UNK LC 22 88.83 -73.93 -14.55
N UNK LC 23 89.28 -74.92 -15.29
CA UNK LC 23 89.09 -76.27 -14.85
C UNK LC 23 89.81 -76.52 -13.54
N UNK LC 24 91.04 -76.06 -13.47
CA UNK LC 24 91.94 -76.61 -12.47
C UNK LC 24 91.38 -76.34 -11.10
N UNK LC 25 90.94 -75.10 -10.95
CA UNK LC 25 90.41 -74.60 -9.71
C UNK LC 25 89.16 -75.39 -9.38
N UNK LC 26 88.65 -76.11 -10.36
CA UNK LC 26 87.47 -76.89 -10.14
C UNK LC 26 87.74 -77.80 -8.96
N UNK LC 27 88.96 -78.31 -8.81
CA UNK LC 27 89.09 -79.16 -7.61
C UNK LC 27 88.19 -78.76 -6.45
N UNK LC 28 88.20 -77.49 -6.09
CA UNK LC 28 87.28 -77.00 -5.09
C UNK LC 28 86.01 -76.63 -5.83
N UNK MC 1 104.77 -58.59 4.36
CA UNK MC 1 104.38 -59.65 5.28
C UNK MC 1 105.55 -60.09 6.14
N UNK MC 2 106.68 -60.33 5.52
CA UNK MC 2 107.84 -60.77 6.28
C UNK MC 2 108.10 -59.85 7.47
N UNK MC 3 108.52 -58.63 7.17
CA UNK MC 3 109.13 -57.77 8.15
C UNK MC 3 108.31 -57.88 9.40
N UNK MC 4 107.00 -57.82 9.23
CA UNK MC 4 106.11 -58.01 10.35
C UNK MC 4 106.50 -59.31 11.01
N UNK MC 5 106.78 -60.30 10.17
CA UNK MC 5 106.94 -61.64 10.65
C UNK MC 5 108.07 -61.59 11.64
N UNK MC 6 109.09 -60.82 11.31
CA UNK MC 6 110.18 -60.68 12.22
C UNK MC 6 109.63 -60.04 13.48
N UNK MC 7 108.81 -59.04 13.31
CA UNK MC 7 108.39 -58.28 14.46
C UNK MC 7 108.01 -59.28 15.52
N UNK MC 8 107.39 -60.37 15.10
CA UNK MC 8 106.80 -61.26 16.07
C UNK MC 8 107.87 -61.75 17.01
N UNK MC 9 109.05 -62.03 16.48
CA UNK MC 9 110.12 -62.51 17.34
C UNK MC 9 110.39 -61.43 18.36
N UNK MC 10 110.39 -60.18 17.94
CA UNK MC 10 110.68 -59.12 18.89
C UNK MC 10 109.65 -59.29 19.98
N UNK MC 11 108.45 -59.64 19.58
CA UNK MC 11 107.40 -59.87 20.55
C UNK MC 11 107.90 -60.98 21.44
N UNK MC 12 108.59 -61.94 20.84
CA UNK MC 12 108.93 -63.12 21.58
C UNK MC 12 109.78 -62.75 22.77
N UNK MC 13 110.77 -61.89 22.59
CA UNK MC 13 111.61 -61.56 23.77
C UNK MC 13 110.96 -60.77 24.96
N UNK MC 14 110.30 -59.67 24.62
CA UNK MC 14 109.42 -58.84 25.43
C UNK MC 14 108.59 -59.75 26.32
N UNK MC 15 108.23 -60.90 25.77
CA UNK MC 15 107.45 -61.94 26.40
C UNK MC 15 108.15 -62.42 27.66
N UNK MC 16 109.48 -62.51 27.65
CA UNK MC 16 110.17 -62.70 28.94
C UNK MC 16 109.78 -61.49 29.81
N UNK MC 17 109.36 -61.64 31.05
CA UNK MC 17 108.97 -60.37 31.70
C UNK MC 17 108.95 -60.16 33.20
N UNK MC 18 109.05 -58.89 33.57
CA UNK MC 18 109.02 -58.42 34.94
C UNK MC 18 107.90 -57.40 34.92
N UNK MC 19 107.01 -57.48 35.90
CA UNK MC 19 105.88 -56.57 35.92
C UNK MC 19 104.92 -57.01 37.00
N UNK MC 20 103.64 -56.69 36.85
CA UNK MC 20 102.70 -57.07 37.89
C UNK MC 20 102.80 -58.58 38.02
N UNK MC 21 102.89 -59.25 36.88
CA UNK MC 21 103.07 -60.68 36.84
C UNK MC 21 101.74 -61.36 36.67
N UNK MC 22 101.85 -62.59 36.20
CA UNK MC 22 100.72 -63.48 35.96
C UNK MC 22 99.39 -62.90 35.47
N UNK MC 23 98.83 -61.95 36.19
CA UNK MC 23 97.51 -61.42 35.83
C UNK MC 23 97.54 -60.75 34.47
N UNK MC 24 98.61 -60.01 34.22
CA UNK MC 24 98.78 -59.36 32.94
C UNK MC 24 99.74 -60.20 32.12
N UNK MC 25 100.08 -61.39 32.63
CA UNK MC 25 101.04 -62.24 31.92
C UNK MC 25 100.39 -63.01 30.79
N UNK MC 26 99.16 -63.45 31.03
CA UNK MC 26 98.38 -64.22 30.06
C UNK MC 26 98.18 -63.41 28.79
N UNK MC 27 98.02 -62.10 28.95
CA UNK MC 27 97.79 -61.21 27.82
C UNK MC 27 98.92 -61.23 26.80
N UNK MC 28 100.18 -61.27 27.24
CA UNK MC 28 101.25 -61.29 26.27
C UNK MC 28 101.16 -62.64 25.57
N UNK MC 29 100.92 -63.68 26.34
CA UNK MC 29 100.93 -65.01 25.77
C UNK MC 29 99.89 -65.03 24.68
N UNK MC 30 98.76 -64.40 24.95
CA UNK MC 30 97.66 -64.52 24.01
C UNK MC 30 98.12 -63.96 22.69
N UNK MC 31 98.75 -62.80 22.72
CA UNK MC 31 99.17 -62.19 21.47
C UNK MC 31 100.15 -63.15 20.88
N UNK MC 32 101.00 -63.67 21.73
CA UNK MC 32 102.02 -64.57 21.25
C UNK MC 32 101.41 -65.65 20.39
N UNK MC 33 100.28 -66.20 20.82
CA UNK MC 33 99.63 -67.19 20.00
C UNK MC 33 99.22 -66.51 18.72
N UNK MC 34 98.65 -65.32 18.84
CA UNK MC 34 98.07 -64.69 17.67
C UNK MC 34 99.13 -64.42 16.64
N UNK MC 35 100.25 -63.86 17.05
CA UNK MC 35 101.30 -63.73 16.04
C UNK MC 35 101.36 -65.07 15.37
N UNK MC 36 101.15 -66.10 16.14
CA UNK MC 36 101.13 -67.41 15.56
C UNK MC 36 99.99 -67.41 14.56
N UNK MC 37 98.86 -66.81 14.89
CA UNK MC 37 97.74 -66.94 13.97
C UNK MC 37 97.99 -66.36 12.58
N UNK MC 38 98.53 -65.15 12.59
CA UNK MC 38 98.64 -64.41 11.34
C UNK MC 38 99.53 -65.14 10.39
N UNK MC 39 100.63 -65.66 10.93
CA UNK MC 39 101.60 -66.28 10.07
C UNK MC 39 100.91 -67.46 9.44
N UNK MC 40 100.15 -68.19 10.23
CA UNK MC 40 99.59 -69.41 9.70
C UNK MC 40 98.70 -69.04 8.54
N UNK MC 41 97.84 -68.05 8.73
CA UNK MC 41 96.89 -67.73 7.66
C UNK MC 41 97.60 -67.26 6.39
N UNK MC 42 98.55 -66.36 6.58
CA UNK MC 42 99.15 -65.76 5.40
C UNK MC 42 99.85 -66.86 4.66
N UNK MC 43 100.50 -67.74 5.40
CA UNK MC 43 101.30 -68.78 4.83
C UNK MC 43 100.45 -69.75 4.04
N UNK MC 44 99.31 -70.10 4.60
CA UNK MC 44 98.46 -71.07 3.92
C UNK MC 44 98.09 -70.44 2.61
N UNK MC 45 97.78 -69.16 2.68
CA UNK MC 45 97.38 -68.46 1.47
C UNK MC 45 98.47 -68.40 0.39
N UNK MC 46 99.68 -68.06 0.77
CA UNK MC 46 100.73 -67.95 -0.21
C UNK MC 46 100.89 -69.32 -0.82
N UNK MC 47 100.83 -70.36 0.00
CA UNK MC 47 101.01 -71.72 -0.51
C UNK MC 47 99.95 -72.13 -1.52
N UNK MC 48 98.70 -71.81 -1.22
CA UNK MC 48 97.63 -72.17 -2.14
C UNK MC 48 97.85 -71.42 -3.43
N UNK MC 49 98.28 -70.18 -3.29
CA UNK MC 49 98.47 -69.35 -4.45
C UNK MC 49 99.54 -70.00 -5.30
N UNK MC 50 100.56 -70.49 -4.65
CA UNK MC 50 101.67 -71.13 -5.35
C UNK MC 50 101.22 -72.36 -6.10
N UNK MC 51 100.39 -73.17 -5.48
CA UNK MC 51 99.94 -74.38 -6.16
C UNK MC 51 99.18 -73.96 -7.38
N UNK MC 52 98.34 -72.94 -7.23
CA UNK MC 52 97.53 -72.52 -8.35
C UNK MC 52 98.40 -72.01 -9.47
N UNK MC 53 99.45 -71.31 -9.12
CA UNK MC 53 100.18 -70.55 -10.10
C UNK MC 53 100.72 -71.45 -11.17
N UNK MC 54 101.20 -72.62 -10.80
CA UNK MC 54 101.70 -73.48 -11.86
C UNK MC 54 100.77 -73.59 -13.05
N UNK MC 55 99.47 -73.62 -12.81
CA UNK MC 55 98.55 -74.08 -13.84
C UNK MC 55 98.71 -73.24 -15.08
N UNK MC 56 98.79 -71.93 -14.92
CA UNK MC 56 99.50 -71.18 -15.96
C UNK MC 56 100.87 -70.72 -15.50
N UNK MC 57 101.65 -70.18 -16.43
CA UNK MC 57 102.95 -69.59 -16.13
C UNK MC 57 103.12 -68.20 -16.73
N UNK NC 1 86.50 -59.44 58.34
CA UNK NC 1 87.31 -60.54 58.84
C UNK NC 1 88.66 -60.03 59.34
N UNK NC 2 89.60 -60.94 59.53
CA UNK NC 2 90.93 -60.58 59.99
C UNK NC 2 91.78 -60.09 58.83
N UNK NC 3 92.59 -59.06 59.05
CA UNK NC 3 93.39 -58.53 57.97
C UNK NC 3 94.55 -59.39 57.66
N UNK NC 4 94.76 -59.54 56.37
CA UNK NC 4 95.97 -60.13 55.85
C UNK NC 4 96.98 -58.93 55.79
N UNK NC 5 96.49 -57.85 56.37
CA UNK NC 5 97.17 -56.58 56.49
C UNK NC 5 98.43 -56.83 57.29
N UNK NC 6 98.55 -57.99 57.92
CA UNK NC 6 99.78 -58.33 58.64
C UNK NC 6 100.88 -58.22 57.57
N UNK NC 7 100.51 -58.63 56.36
CA UNK NC 7 101.36 -58.55 55.20
C UNK NC 7 101.61 -57.06 55.00
N UNK NC 8 100.60 -56.24 55.30
CA UNK NC 8 100.69 -54.78 55.17
C UNK NC 8 101.73 -54.17 56.12
N UNK NC 9 101.79 -54.72 57.33
CA UNK NC 9 102.73 -54.33 58.37
C UNK NC 9 104.10 -54.72 57.87
N UNK NC 10 104.15 -55.87 57.23
CA UNK NC 10 105.40 -56.36 56.68
C UNK NC 10 105.85 -55.34 55.66
N UNK NC 11 104.89 -54.85 54.89
CA UNK NC 11 105.09 -53.84 53.85
C UNK NC 11 105.59 -52.52 54.39
N UNK NC 12 105.09 -52.16 55.56
CA UNK NC 12 105.52 -50.93 56.20
C UNK NC 12 106.98 -51.13 56.51
N UNK NC 13 107.33 -52.35 56.88
CA UNK NC 13 108.69 -52.72 57.20
C UNK NC 13 109.53 -52.51 55.96
N UNK NC 14 108.93 -52.78 54.81
CA UNK NC 14 109.61 -52.66 53.53
C UNK NC 14 110.12 -51.25 53.27
N UNK NC 15 109.33 -50.24 53.58
CA UNK NC 15 109.76 -48.87 53.36
C UNK NC 15 110.37 -48.65 51.97
N UNK OC 1 130.02 -17.41 50.19
CA UNK OC 1 129.85 -18.03 48.87
C UNK OC 1 129.20 -19.40 49.00
N UNK OC 2 130.00 -20.31 49.53
CA UNK OC 2 129.71 -21.73 49.61
C UNK OC 2 128.51 -21.96 50.49
N UNK OC 3 128.12 -20.93 51.22
CA UNK OC 3 127.14 -21.09 52.25
C UNK OC 3 125.81 -21.54 51.68
N UNK OC 4 125.51 -21.23 50.43
CA UNK OC 4 124.28 -21.82 49.95
C UNK OC 4 124.25 -23.28 50.35
N UNK OC 5 125.45 -23.79 50.57
CA UNK OC 5 125.66 -25.19 50.70
C UNK OC 5 124.78 -25.61 51.84
N UNK OC 6 124.64 -24.78 52.85
CA UNK OC 6 123.77 -25.14 53.96
C UNK OC 6 122.29 -25.27 53.62
N UNK OC 7 121.73 -24.29 52.90
CA UNK OC 7 120.29 -24.32 52.69
C UNK OC 7 119.91 -25.55 51.87
N UNK OC 8 120.65 -25.75 50.79
CA UNK OC 8 120.40 -26.90 49.93
C UNK OC 8 120.69 -28.18 50.66
N UNK OC 9 121.79 -28.18 51.40
CA UNK OC 9 122.28 -29.38 52.03
C UNK OC 9 121.17 -29.85 52.94
N UNK OC 10 120.55 -28.83 53.52
CA UNK OC 10 119.46 -28.92 54.47
C UNK OC 10 118.24 -29.51 53.84
N UNK OC 11 117.95 -29.16 52.60
CA UNK OC 11 116.67 -29.52 52.03
C UNK OC 11 116.59 -31.02 52.04
N UNK OC 12 117.72 -31.66 51.81
CA UNK OC 12 117.77 -33.09 51.79
C UNK OC 12 117.32 -33.50 53.16
N UNK OC 13 117.73 -32.75 54.17
CA UNK OC 13 117.40 -33.12 55.54
C UNK OC 13 115.90 -33.14 55.78
N UNK OC 14 115.17 -32.15 55.28
CA UNK OC 14 113.74 -32.10 55.55
C UNK OC 14 113.09 -33.33 54.94
N UNK OC 15 113.57 -33.65 53.73
CA UNK OC 15 113.14 -34.80 52.96
C UNK OC 15 113.53 -36.06 53.71
N UNK OC 16 114.73 -36.06 54.27
CA UNK OC 16 115.15 -37.21 55.07
C UNK OC 16 114.17 -37.25 56.22
N UNK OC 17 113.83 -36.07 56.69
CA UNK OC 17 112.87 -35.87 57.74
C UNK OC 17 111.58 -36.43 57.19
N UNK OC 18 111.36 -36.23 55.90
CA UNK OC 18 110.13 -36.73 55.26
C UNK OC 18 110.01 -38.24 55.32
N UNK OC 19 111.11 -38.93 55.06
CA UNK OC 19 111.16 -40.36 55.07
C UNK OC 19 110.88 -40.80 56.49
N UNK OC 20 111.42 -40.05 57.44
CA UNK OC 20 111.20 -40.38 58.84
C UNK OC 20 109.72 -40.25 59.19
N UNK OC 21 109.09 -39.19 58.72
CA UNK OC 21 107.69 -38.96 59.03
C UNK OC 21 106.97 -40.15 58.44
N UNK OC 22 107.40 -40.54 57.25
CA UNK OC 22 106.84 -41.68 56.57
C UNK OC 22 107.14 -42.83 57.49
N UNK OC 23 108.34 -42.84 58.02
CA UNK OC 23 108.73 -43.91 58.90
C UNK OC 23 107.74 -43.83 60.03
N UNK OC 24 107.44 -42.61 60.45
CA UNK OC 24 106.49 -42.40 61.51
C UNK OC 24 105.16 -42.95 61.03
N UNK OC 25 104.86 -42.70 59.75
CA UNK OC 25 103.60 -43.16 59.19
C UNK OC 25 103.51 -44.68 59.20
N UNK OC 26 104.59 -45.33 58.81
CA UNK OC 26 104.59 -46.78 58.77
C UNK OC 26 104.37 -47.30 60.18
N UNK OC 27 104.98 -46.63 61.15
CA UNK OC 27 104.86 -47.04 62.54
C UNK OC 27 103.44 -46.94 63.07
N UNK OC 28 102.85 -45.75 62.89
CA UNK OC 28 101.50 -45.51 63.35
C UNK OC 28 100.63 -46.49 62.61
N UNK OC 29 101.00 -46.77 61.37
CA UNK OC 29 100.27 -47.71 60.56
C UNK OC 29 100.34 -49.06 61.25
N UNK OC 30 101.51 -49.37 61.80
CA UNK OC 30 101.70 -50.64 62.51
C UNK OC 30 100.80 -50.73 63.73
N UNK OC 31 100.70 -49.61 64.44
CA UNK OC 31 99.87 -49.53 65.63
C UNK OC 31 98.42 -49.77 65.24
N UNK OC 32 98.04 -49.21 64.10
CA UNK OC 32 96.71 -49.36 63.58
C UNK OC 32 96.64 -50.66 62.80
N UNK PC 1 78.68 -92.08 25.06
CA UNK PC 1 78.02 -90.99 24.37
C UNK PC 1 77.29 -90.08 25.36
N UNK PC 2 76.54 -90.71 26.25
CA UNK PC 2 75.70 -90.03 27.22
C UNK PC 2 76.45 -89.48 28.40
N UNK PC 3 77.78 -89.52 28.34
CA UNK PC 3 78.57 -89.02 29.44
C UNK PC 3 78.16 -87.57 29.67
N UNK PC 4 78.01 -86.79 28.59
CA UNK PC 4 77.56 -85.43 28.83
C UNK PC 4 76.43 -85.35 29.84
N UNK PC 5 75.50 -86.30 29.77
CA UNK PC 5 74.38 -86.29 30.71
C UNK PC 5 75.01 -86.40 32.07
N UNK PC 6 76.05 -87.21 32.16
CA UNK PC 6 76.78 -87.40 33.39
C UNK PC 6 77.28 -86.04 33.81
N UNK PC 7 77.70 -85.27 32.82
CA UNK PC 7 78.20 -83.94 33.09
C UNK PC 7 77.11 -83.09 33.69
N UNK PC 8 75.91 -83.21 33.16
CA UNK PC 8 74.82 -82.41 33.67
C UNK PC 8 74.59 -82.75 35.11
N UNK PC 9 74.59 -84.03 35.41
CA UNK PC 9 74.36 -84.44 36.79
C UNK PC 9 75.43 -83.90 37.71
N UNK PC 10 76.70 -84.01 37.33
CA UNK PC 10 77.72 -83.48 38.22
C UNK PC 10 77.60 -81.97 38.43
N UNK PC 11 77.31 -81.26 37.34
CA UNK PC 11 77.20 -79.81 37.38
C UNK PC 11 76.09 -79.30 38.27
N UNK PC 12 74.94 -79.96 38.22
CA UNK PC 12 73.81 -79.55 39.04
C UNK PC 12 74.15 -79.71 40.50
N UNK PC 13 74.76 -80.83 40.82
CA UNK PC 13 75.13 -81.10 42.19
C UNK PC 13 76.07 -80.02 42.65
N UNK PC 14 76.93 -79.54 41.76
CA UNK PC 14 77.86 -78.48 42.17
C UNK PC 14 77.18 -77.19 42.64
N UNK PC 15 76.09 -76.80 41.99
CA UNK PC 15 75.34 -75.58 42.29
C UNK PC 15 75.34 -74.97 43.70
N UNK PC 16 74.40 -75.40 44.55
CA UNK PC 16 74.26 -74.87 45.90
C UNK PC 16 75.27 -75.29 46.94
N UNK PC 17 75.68 -76.57 46.92
CA UNK PC 17 76.67 -77.04 47.87
C UNK PC 17 77.91 -76.18 47.67
N UNK PC 18 78.23 -75.89 46.41
CA UNK PC 18 79.37 -75.04 46.11
C UNK PC 18 79.07 -73.66 46.71
N UNK PC 19 77.80 -73.28 46.59
CA UNK PC 19 77.32 -72.01 47.12
C UNK PC 19 77.46 -72.00 48.64
N UNK PC 20 77.16 -73.14 49.25
CA UNK PC 20 77.27 -73.29 50.70
C UNK PC 20 78.74 -73.10 51.11
N UNK PC 21 79.65 -73.59 50.29
CA UNK PC 21 81.07 -73.46 50.58
C UNK PC 21 81.45 -71.99 50.68
N UNK PC 22 80.85 -71.17 49.83
CA UNK PC 22 81.11 -69.73 49.82
C UNK PC 22 80.73 -69.07 51.14
N UNK PC 23 79.61 -69.51 51.73
CA UNK PC 23 79.17 -68.95 53.00
C UNK PC 23 80.18 -69.23 54.11
N UNK PC 24 80.72 -70.46 54.13
CA UNK PC 24 81.72 -70.85 55.11
C UNK PC 24 82.97 -70.01 54.87
N UNK PC 25 83.26 -69.81 53.60
CA UNK PC 25 84.40 -69.03 53.13
C UNK PC 25 84.33 -67.56 53.52
N UNK PC 26 83.13 -67.16 53.91
CA UNK PC 26 82.77 -65.81 54.26
C UNK PC 26 83.22 -65.41 55.66
N UNK PC 27 84.19 -66.13 56.21
CA UNK PC 27 84.66 -65.81 57.54
C UNK PC 27 85.00 -64.33 57.47
N UNK QC 1 85.02 -70.08 7.01
CA UNK QC 1 86.03 -71.09 6.68
C UNK QC 1 87.33 -70.82 7.43
N UNK QC 2 87.78 -69.58 7.42
CA UNK QC 2 89.03 -69.18 8.09
C UNK QC 2 88.93 -69.53 9.58
N UNK QC 3 87.81 -69.15 10.16
CA UNK QC 3 87.51 -69.38 11.58
C UNK QC 3 87.58 -70.89 11.89
N UNK QC 4 86.94 -71.64 11.02
CA UNK QC 4 86.89 -73.11 11.14
C UNK QC 4 88.30 -73.68 11.14
N UNK QC 5 89.09 -73.19 10.20
CA UNK QC 5 90.49 -73.62 10.02
C UNK QC 5 91.27 -73.36 11.32
N UNK QC 6 91.07 -72.18 11.83
CA UNK QC 6 91.72 -71.72 13.07
C UNK QC 6 91.38 -72.67 14.22
N UNK QC 7 91.48 -73.42 14.75
CA UNK QC 7 91.86 -74.34 15.81
C UNK QC 7 92.95 -75.29 15.33
N UNK QC 8 92.71 -75.82 14.15
CA UNK QC 8 93.65 -76.75 13.49
C UNK QC 8 95.02 -76.09 13.32
N UNK QC 9 94.97 -74.86 12.83
CA UNK QC 9 96.17 -74.06 12.59
C UNK QC 9 96.97 -73.89 13.89
N UNK QC 10 96.22 -73.56 14.93
CA UNK QC 10 96.78 -73.35 16.27
C UNK QC 10 97.50 -74.62 16.75
N UNK QC 11 96.81 -75.73 16.55
CA UNK QC 11 97.32 -77.06 16.93
C UNK QC 11 98.64 -77.33 16.22
N UNK QC 12 98.63 -77.05 14.93
CA UNK QC 12 99.80 -77.24 14.05
C UNK QC 12 100.98 -76.43 14.59
N UNK QC 13 100.69 -75.19 14.91
CA UNK QC 13 101.68 -74.23 15.44
C UNK QC 13 102.31 -74.80 16.72
N UNK QC 14 101.44 -75.28 17.58
CA UNK QC 14 101.82 -75.86 18.87
C UNK QC 14 102.79 -77.04 18.64
N UNK QC 15 102.40 -77.87 17.71
CA UNK QC 15 103.18 -79.07 17.34
C UNK QC 15 104.58 -78.66 16.88
N UNK QC 16 104.60 -77.65 16.04
CA UNK QC 16 105.84 -77.09 15.48
C UNK QC 16 106.76 -76.63 16.60
N UNK QC 17 106.15 -75.89 17.52
CA UNK QC 17 106.84 -75.35 18.70
C UNK QC 17 107.49 -76.47 19.51
N UNK QC 18 106.69 -77.50 19.72
CA UNK QC 18 107.11 -78.69 20.47
C UNK QC 18 108.33 -79.32 19.82
N UNK QC 19 108.23 -79.46 18.51
CA UNK QC 19 109.29 -80.04 17.68
C UNK QC 19 110.58 -79.25 17.84
N UNK QC 20 110.43 -77.94 17.77
CA UNK QC 20 111.55 -76.99 17.91
C UNK QC 20 112.23 -77.19 19.26
N UNK QC 21 123.20 -51.90 3.61
CA UNK QC 21 121.84 -51.56 3.99
C UNK QC 21 120.93 -51.40 2.77
N UNK QC 22 121.27 -50.45 1.91
CA UNK QC 22 120.49 -50.20 0.72
C UNK QC 22 120.15 -51.49 -0.01
N UNK QC 23 121.17 -52.27 -0.35
CA UNK QC 23 120.97 -53.54 -1.04
C UNK QC 23 119.95 -54.40 -0.31
N UNK QC 24 120.15 -54.58 0.99
CA UNK QC 24 119.23 -55.38 1.79
C UNK QC 24 117.79 -54.92 1.63
N UNK QC 25 117.58 -53.61 1.77
CA UNK QC 25 116.24 -53.03 1.63
C UNK QC 25 115.62 -53.40 0.29
N UNK QC 26 116.37 -53.21 -0.78
CA UNK QC 26 115.89 -53.52 -2.12
C UNK QC 26 115.45 -54.98 -2.22
N UNK QC 27 116.27 -55.88 -1.69
CA UNK QC 27 115.95 -57.31 -1.71
C UNK QC 27 114.64 -57.60 -1.00
N UNK QC 28 114.44 -56.99 0.17
CA UNK QC 28 113.22 -57.18 0.94
C UNK QC 28 112.00 -56.73 0.15
N UNK QC 29 112.12 -55.58 -0.51
CA UNK QC 29 111.03 -55.02 -1.30
C UNK QC 29 110.64 -55.98 -2.43
N UNK QC 30 111.64 -56.54 -3.10
CA UNK QC 30 111.41 -57.46 -4.20
C UNK QC 30 110.68 -58.71 -3.73
N UNK QC 31 111.08 -59.22 -2.55
CA UNK QC 31 110.46 -60.40 -1.98
C UNK QC 31 108.98 -60.16 -1.66
N UNK QC 32 108.69 -58.98 -1.13
CA UNK QC 32 107.32 -58.62 -0.79
C UNK QC 32 106.44 -58.53 -2.02
N UNK QC 33 107.00 -57.99 -3.10
CA UNK QC 33 106.26 -57.84 -4.36
C UNK QC 33 105.95 -59.20 -4.96
N UNK QC 34 106.89 -60.13 -4.85
CA UNK QC 34 106.71 -61.47 -5.39
C UNK QC 34 105.62 -62.23 -4.64
N UNK QC 35 105.54 -62.00 -3.33
CA UNK QC 35 104.54 -62.65 -2.49
C UNK QC 35 103.15 -62.06 -2.74
N UNK QC 36 103.11 -60.82 -3.17
CA UNK QC 36 101.84 -60.15 -3.44
C UNK QC 36 101.22 -60.63 -4.75
N UNK QC 37 93.05 -34.33 73.97
CA UNK QC 37 91.91 -34.64 74.85
C UNK QC 37 91.30 -33.35 75.41
N UNK QC 38 92.19 -32.50 75.87
CA UNK QC 38 91.82 -31.20 76.45
C UNK QC 38 91.04 -30.37 75.42
N UNK QC 39 91.59 -30.36 74.22
CA UNK QC 39 91.00 -29.62 73.09
C UNK QC 39 89.57 -30.12 72.83
N UNK QC 40 89.46 -31.43 72.80
CA UNK QC 40 88.18 -32.12 72.57
C UNK QC 40 87.16 -31.69 73.63
N UNK QC 41 87.61 -31.72 74.86
CA UNK QC 41 86.79 -31.33 76.02
C UNK QC 41 86.27 -29.91 75.85
N UNK QC 42 87.19 -29.04 75.47
CA UNK QC 42 86.90 -27.61 75.25
C UNK QC 42 85.81 -27.46 74.19
N UNK QC 43 85.99 -28.20 73.12
CA UNK QC 43 85.06 -28.19 71.98
C UNK QC 43 83.66 -28.59 72.45
N UNK QC 44 83.64 -29.66 73.23
CA UNK QC 44 82.41 -30.22 73.79
C UNK QC 44 81.68 -29.16 74.62
N UNK QC 45 82.47 -28.50 75.46
CA UNK QC 45 81.98 -27.44 76.34
C UNK QC 45 81.32 -26.33 75.53
N UNK QC 46 82.03 -25.94 74.48
CA UNK QC 46 81.59 -24.89 73.56
C UNK QC 46 80.24 -25.25 72.95
N UNK QC 47 80.17 -26.50 72.51
CA UNK QC 47 78.96 -27.06 71.89
C UNK QC 47 77.79 -26.96 72.85
N UNK QC 48 78.06 -27.37 74.08
CA UNK QC 48 77.07 -27.36 75.17
C UNK QC 48 76.54 -25.95 75.37
N UNK QC 49 77.47 -25.01 75.42
CA UNK QC 49 77.17 -23.59 75.61
C UNK QC 49 76.24 -23.10 74.50
N UNK QC 50 76.60 -23.47 73.29
CA UNK QC 50 75.84 -23.10 72.08
C UNK QC 50 74.40 -23.62 72.20
N UNK QC 51 74.30 -24.86 72.60
CA UNK QC 51 73.02 -25.55 72.78
C UNK QC 51 72.15 -24.79 73.78
N UNK QC 52 72.75 -24.40 74.91
CA UNK QC 52 72.03 -23.68 75.94
C UNK QC 52 71.45 -22.37 75.39
N UNK QC 53 72.28 -21.63 74.66
CA UNK QC 53 71.84 -20.37 74.08
C UNK QC 53 70.63 -20.56 73.17
N UNK QC 54 35.09 -35.76 48.39
CA UNK QC 54 35.33 -34.56 47.59
C UNK QC 54 34.48 -33.40 48.10
N UNK QC 55 33.21 -33.73 48.32
CA UNK QC 55 32.21 -32.77 48.81
C UNK QC 55 32.67 -32.18 50.14
N UNK QC 56 33.10 -33.09 51.00
CA UNK QC 56 33.58 -32.74 52.36
C UNK QC 56 34.75 -31.76 52.25
N UNK QC 57 35.67 -32.11 51.37
CA UNK QC 57 36.87 -31.30 51.11
C UNK QC 57 36.48 -29.88 50.69
N UNK QC 58 35.54 -29.84 49.77
CA UNK QC 58 35.01 -28.59 49.22
C UNK QC 58 34.45 -27.72 50.35
N UNK QC 59 33.66 -28.37 51.18
CA UNK QC 59 33.01 -27.73 52.34
C UNK QC 59 34.07 -27.10 53.26
N UNK QC 60 35.09 -27.90 53.51
CA UNK QC 60 36.21 -27.50 54.37
C UNK QC 60 36.88 -26.24 53.81
N UNK QC 61 36.95 -26.16 52.48
CA UNK QC 61 37.65 -25.07 51.80
C UNK QC 61 37.07 -23.70 52.18
N UNK QC 62 35.75 -23.65 52.36
CA UNK QC 62 35.10 -22.41 52.82
C UNK QC 62 35.66 -22.05 54.19
N UNK QC 63 35.93 -23.08 54.98
CA UNK QC 63 36.59 -22.92 56.27
C UNK QC 63 37.98 -22.33 56.05
N UNK QC 64 38.64 -22.76 54.98
CA UNK QC 64 39.96 -22.23 54.62
C UNK QC 64 39.88 -20.73 54.29
N UNK QC 65 38.81 -20.34 53.60
CA UNK QC 65 38.53 -18.93 53.31
C UNK QC 65 38.30 -18.13 54.60
N UNK QC 66 37.61 -18.75 55.56
CA UNK QC 66 37.41 -18.14 56.86
C UNK QC 66 38.75 -17.94 57.56
N UNK QC 67 39.63 -18.93 57.40
CA UNK QC 67 40.99 -18.87 57.92
C UNK QC 67 41.78 -17.73 57.29
N UNK QC 68 41.56 -17.51 55.99
CA UNK QC 68 42.15 -16.40 55.25
C UNK QC 68 41.65 -15.05 55.79
N UNK QC 69 40.32 -14.96 55.78
CA UNK QC 69 39.57 -13.81 56.25
C UNK QC 69 39.58 -13.62 57.76
N UNK QC 70 39.32 -14.70 58.49
CA UNK QC 70 39.66 -14.72 59.90
C UNK QC 70 41.16 -14.79 59.96
N UNK QC 71 41.69 -15.73 59.16
CA UNK QC 71 43.12 -15.93 59.05
C UNK QC 71 43.74 -14.70 58.40
N UNK QC 72 43.07 -14.19 57.38
CA UNK QC 72 43.55 -13.01 56.68
C UNK QC 72 43.57 -11.84 57.63
N UNK QC 73 42.53 -11.72 58.45
CA UNK QC 73 42.44 -10.61 59.39
C UNK QC 73 43.57 -10.71 60.39
N UNK QC 74 43.82 -11.93 60.84
CA UNK QC 74 44.86 -12.16 61.82
C UNK QC 74 46.18 -11.75 61.22
N UNK QC 75 46.41 -12.14 59.97
CA UNK QC 75 47.66 -11.84 59.28
C UNK QC 75 47.83 -10.34 59.14
N UNK QC 76 46.73 -9.67 58.83
CA UNK QC 76 46.74 -8.22 58.65
C UNK QC 76 47.10 -7.52 59.94
N UNK QC 77 46.47 -7.89 61.06
CA UNK QC 77 46.84 -7.26 62.31
C UNK QC 77 48.28 -7.59 62.70
N UNK QC 78 48.65 -8.86 62.61
CA UNK QC 78 50.01 -9.29 62.90
C UNK QC 78 51.09 -8.82 61.93
N UNK QC 79 50.79 -8.92 60.64
CA UNK QC 79 51.76 -8.64 59.58
C UNK QC 79 52.22 -7.19 59.53
N UNK QC 80 51.28 -6.27 59.69
CA UNK QC 80 51.52 -4.85 59.52
C UNK QC 80 52.51 -4.26 60.52
N UNK QC 81 52.42 -4.69 61.78
CA UNK QC 81 53.06 -3.96 62.87
C UNK QC 81 54.42 -3.47 62.39
N UNK QC 82 55.29 -4.44 62.10
CA UNK QC 82 56.51 -4.18 61.35
C UNK QC 82 56.03 -3.72 59.98
N UNK QC 83 54.96 -4.37 59.52
CA UNK QC 83 54.31 -4.01 58.28
C UNK QC 83 53.74 -2.60 58.35
N UNK QC 84 53.14 -2.20 59.48
CA UNK QC 84 52.66 -0.82 59.58
C UNK QC 84 53.84 0.10 59.44
N UNK QC 85 54.95 -0.23 60.09
CA UNK QC 85 56.09 0.68 60.02
C UNK QC 85 56.54 0.82 58.57
N UNK QC 86 56.64 -0.31 57.87
CA UNK QC 86 57.12 -0.28 56.50
C UNK QC 86 56.17 0.52 55.61
N UNK QC 87 54.88 0.31 55.84
CA UNK QC 87 53.85 0.95 55.06
C UNK QC 87 53.91 2.44 55.27
N UNK QC 88 54.09 2.85 56.51
CA UNK QC 88 54.14 4.27 56.84
C UNK QC 88 55.33 4.87 56.14
N UNK QC 89 56.44 4.16 56.17
CA UNK QC 89 57.65 4.65 55.56
C UNK QC 89 57.44 4.86 54.06
N UNK QC 90 56.80 3.91 53.40
CA UNK QC 90 56.54 4.08 51.97
C UNK QC 90 55.57 5.23 51.72
N UNK QC 91 54.52 5.25 52.52
CA UNK QC 91 53.43 6.21 52.44
C UNK QC 91 53.86 7.62 52.76
N UNK QC 92 54.68 7.78 53.81
CA UNK QC 92 55.06 9.13 54.20
C UNK QC 92 53.83 9.99 54.46
N UNK QC 93 46.41 -0.87 49.47
CA UNK QC 93 46.35 -1.86 48.40
C UNK QC 93 47.41 -2.93 48.59
N UNK QC 94 48.67 -2.51 48.66
CA UNK QC 94 49.79 -3.43 48.85
C UNK QC 94 49.70 -4.16 50.20
N UNK QC 95 49.29 -3.42 51.24
CA UNK QC 95 49.17 -4.00 52.56
C UNK QC 95 48.11 -5.10 52.61
N UNK QC 96 46.94 -4.86 52.04
CA UNK QC 96 45.92 -5.90 52.03
C UNK QC 96 46.52 -7.03 51.22
N UNK QC 97 47.17 -6.63 50.14
CA UNK QC 97 47.63 -7.48 49.07
C UNK QC 97 48.55 -8.53 49.65
N UNK QC 98 49.28 -8.16 50.71
CA UNK QC 98 49.78 -9.16 51.64
C UNK QC 98 49.68 -8.55 53.02
N UNK QC 99 48.76 -8.98 53.88
CA UNK QC 99 47.90 -10.16 53.82
C UNK QC 99 48.08 -11.18 52.72
N UNK QC 100 47.38 -10.99 51.61
CA UNK QC 100 47.39 -11.94 50.50
C UNK QC 100 48.80 -12.30 50.08
N UNK QC 101 50.33 -11.68 55.06
CA UNK QC 101 49.66 -12.20 56.26
C UNK QC 101 49.96 -13.69 56.42
N UNK QC 102 49.82 -14.39 55.31
CA UNK QC 102 50.07 -15.84 55.24
C UNK QC 102 51.50 -16.15 55.68
N UNK QC 103 52.41 -15.37 55.12
CA UNK QC 103 53.85 -15.49 55.40
C UNK QC 103 54.11 -15.33 56.91
N UNK QC 104 53.49 -14.30 57.44
CA UNK QC 104 53.60 -13.96 58.86
C UNK QC 104 53.14 -15.14 59.73
N UNK QC 105 52.00 -15.68 59.33
CA UNK QC 105 51.38 -16.83 60.01
C UNK QC 105 52.34 -18.01 60.03
N UNK QC 106 52.92 -18.26 58.86
CA UNK QC 106 53.87 -19.35 58.66
C UNK QC 106 55.06 -19.19 59.61
N UNK QC 107 55.55 -17.97 59.65
CA UNK QC 107 56.69 -17.59 60.50
C UNK QC 107 56.39 -17.90 61.96
N UNK QC 108 55.20 -17.48 62.36
CA UNK QC 108 54.69 -17.67 63.72
C UNK QC 108 54.68 -19.16 64.08
N UNK QC 109 110.24 -53.09 36.09
CA UNK QC 109 110.01 -53.09 37.54
C UNK QC 109 111.33 -53.38 38.28
N UNK QC 110 112.00 -54.40 37.79
CA UNK QC 110 113.29 -54.84 38.34
C UNK QC 110 114.31 -53.70 38.31
N UNK QC 111 114.35 -53.06 37.16
CA UNK QC 111 115.24 -51.91 36.92
C UNK QC 111 114.97 -50.81 37.94
N UNK QC 112 113.70 -50.52 38.10
CA UNK QC 112 113.22 -49.49 39.02
C UNK QC 112 113.69 -49.80 40.44
N UNK QC 113 113.51 -51.06 40.82
CA UNK QC 113 113.89 -51.57 42.13
C UNK QC 113 115.38 -51.34 42.37
N UNK QC 114 116.15 -51.71 41.36
CA UNK QC 114 117.62 -51.58 41.36
C UNK QC 114 118.01 -50.12 41.61
N UNK QC 115 117.34 -49.25 40.86
CA UNK QC 115 117.57 -47.80 40.94
C UNK QC 115 117.33 -47.31 42.37
N UNK QC 116 116.21 -47.76 42.92
CA UNK QC 116 115.79 -47.41 44.28
C UNK QC 116 116.87 -47.82 45.28
N UNK QC 117 117.34 -49.04 45.10
CA UNK QC 117 118.37 -49.64 45.96
C UNK QC 117 119.64 -48.77 45.92
N UNK QC 118 125.37 -47.08 40.92
CA UNK QC 118 124.57 -46.77 39.72
C UNK QC 118 125.04 -47.62 38.54
N UNK QC 119 126.34 -47.65 38.38
CA UNK QC 119 127.01 -48.41 37.31
C UNK QC 119 126.62 -49.89 37.40
N UNK QC 120 126.71 -50.39 38.61
CA UNK QC 120 126.39 -51.79 38.93
C UNK QC 120 124.95 -52.10 38.51
N UNK QC 121 124.07 -51.19 38.90
CA UNK QC 121 122.64 -51.29 38.61
C UNK QC 121 122.41 -51.38 37.10
N UNK QC 122 123.08 -50.50 36.41
CA UNK QC 122 123.01 -50.41 34.94
C UNK QC 122 123.42 -51.74 34.31
N UNK QC 123 124.53 -52.25 34.82
CA UNK QC 123 125.10 -53.53 34.36
C UNK QC 123 124.08 -54.65 34.53
N UNK QC 124 123.48 -54.66 35.70
CA UNK QC 124 122.45 -55.65 36.07
C UNK QC 124 121.29 -55.60 35.08
N UNK QC 125 120.86 -54.38 34.82
CA UNK QC 125 119.76 -54.10 33.89
C UNK QC 125 120.07 -54.67 32.52
N UNK QC 126 121.29 -54.39 32.08
CA UNK QC 126 121.81 -54.84 30.77
C UNK QC 126 121.74 -56.36 30.68
N UNK QC 127 87.00 -19.58 73.83
CA UNK QC 127 86.77 -19.30 75.25
C UNK QC 127 86.17 -17.91 75.43
N UNK QC 128 86.76 -16.92 74.77
CA UNK QC 128 86.29 -15.54 74.86
C UNK QC 128 84.83 -15.43 74.45
N UNK QC 129 84.49 -16.05 73.32
CA UNK QC 129 83.11 -16.01 72.81
C UNK QC 129 82.15 -16.58 73.86
N UNK QC 130 82.55 -17.72 74.39
CA UNK QC 130 81.79 -18.44 75.41
C UNK QC 130 81.56 -17.54 76.63
N UNK QC 131 82.64 -16.91 77.04
CA UNK QC 131 82.64 -15.99 78.19
C UNK QC 131 81.63 -14.87 77.97
N UNK QC 132 81.71 -14.31 76.77
CA UNK QC 132 80.84 -13.21 76.34
C UNK QC 132 79.37 -13.64 76.44
N UNK QC 133 79.12 -14.82 75.92
CA UNK QC 133 77.78 -15.43 75.92
C UNK QC 133 77.25 -15.54 77.35
N UNK QC 134 78.11 -16.05 78.21
CA UNK QC 134 77.81 -16.24 79.63
C UNK QC 134 77.41 -14.91 80.28
N UNK QC 135 78.23 -13.91 79.97
CA UNK QC 135 78.03 -12.54 80.47
C UNK QC 135 76.64 -12.02 80.07
N UNK QC 136 76.36 -12.23 78.80
CA UNK QC 136 75.09 -11.81 78.18
C UNK QC 136 73.91 -12.45 78.93
N UNK QC 137 74.07 -13.74 79.15
CA UNK QC 137 73.06 -14.55 79.86
C UNK QC 137 72.80 -13.99 81.25
N UNK QC 138 73.90 -13.69 81.92
CA UNK QC 138 73.87 -13.13 83.28
C UNK QC 138 73.09 -11.82 83.29
N UNK QC 139 73.41 -10.99 82.32
CA UNK QC 139 72.78 -9.68 82.14
C UNK QC 139 71.26 -9.84 81.99
N UNK QC 140 70.92 -10.78 81.13
CA UNK QC 140 69.52 -11.10 80.83
C UNK QC 140 68.78 -11.49 82.10
N UNK QC 141 69.43 -12.36 82.86
CA UNK QC 141 68.90 -12.86 84.14
C UNK QC 141 68.63 -11.69 85.09
N UNK QC 142 69.61 -10.82 85.17
CA UNK QC 142 69.55 -9.62 86.02
C UNK QC 142 68.33 -8.77 85.64
N UNK QC 143 68.20 -8.57 84.35
CA UNK QC 143 67.10 -7.78 83.77
C UNK QC 143 65.75 -8.39 84.18
N UNK QC 144 65.67 -9.69 84.04
CA UNK QC 144 64.47 -10.46 84.39
C UNK QC 144 64.11 -10.24 85.85
N UNK QC 145 65.13 -10.34 86.69
CA UNK QC 145 65.01 -10.17 88.14
C UNK QC 145 64.43 -8.78 88.44
N UNK QC 146 65.01 -7.80 87.78
CA UNK QC 146 64.62 -6.39 87.93
C UNK QC 146 63.13 -6.23 87.59
N UNK RC 1 57.04 20.24 -57.01
CA UNK RC 1 56.00 20.16 -58.02
C UNK RC 1 56.58 20.01 -59.42
N UNK RC 2 57.90 20.12 -59.52
CA UNK RC 2 58.58 20.04 -60.81
C UNK RC 2 58.33 18.66 -61.40
N UNK RC 3 58.24 17.68 -60.51
CA UNK RC 3 58.02 16.32 -60.94
C UNK RC 3 56.70 16.36 -61.68
N UNK RC 4 55.78 17.18 -61.20
CA UNK RC 4 54.48 17.26 -61.80
C UNK RC 4 54.70 17.66 -63.24
N UNK RC 5 55.65 18.54 -63.46
CA UNK RC 5 55.90 18.99 -64.81
C UNK RC 5 56.31 17.80 -65.67
N UNK RC 6 57.17 16.95 -65.14
CA UNK RC 6 57.65 15.84 -65.94
C UNK RC 6 56.51 14.90 -66.29
N UNK RC 7 55.66 14.65 -65.30
CA UNK RC 7 54.58 13.71 -65.55
C UNK RC 7 53.69 14.28 -66.63
N UNK RC 8 53.50 15.58 -66.58
CA UNK RC 8 52.71 16.26 -67.60
C UNK RC 8 53.42 16.09 -68.93
N UNK RC 9 54.73 15.89 -68.87
CA UNK RC 9 55.51 15.74 -70.08
C UNK RC 9 55.13 14.52 -70.92
N UNK RC 10 54.93 13.39 -70.26
CA UNK RC 10 54.59 12.19 -71.00
C UNK RC 10 53.28 12.41 -71.72
N UNK RC 11 52.36 13.08 -71.04
CA UNK RC 11 51.04 13.34 -71.60
C UNK RC 11 51.09 14.19 -72.86
N UNK RC 12 52.02 15.13 -72.91
CA UNK RC 12 52.09 15.99 -74.07
C UNK RC 12 52.29 15.16 -75.33
N UNK RC 13 53.13 14.15 -75.24
CA UNK RC 13 53.38 13.31 -76.40
C UNK RC 13 52.10 12.62 -76.82
N UNK RC 14 51.32 12.20 -75.85
CA UNK RC 14 50.09 11.49 -76.12
C UNK RC 14 49.03 12.26 -76.90
N UNK RC 15 48.87 13.53 -76.60
CA UNK RC 15 47.84 14.30 -77.31
C UNK RC 15 48.15 14.26 -78.79
N UNK RC 16 49.44 14.41 -79.09
CA UNK RC 16 49.87 14.42 -80.47
C UNK RC 16 49.30 13.30 -81.31
N UNK RC 17 49.03 12.14 -80.71
CA UNK RC 17 48.55 11.04 -81.52
C UNK RC 17 47.04 10.96 -81.62
N UNK RC 18 46.36 11.13 -80.50
CA UNK RC 18 44.93 10.90 -80.50
C UNK RC 18 44.29 11.87 -81.47
N UNK RC 19 44.73 13.11 -81.40
CA UNK RC 19 44.06 14.16 -82.17
C UNK RC 19 43.82 13.64 -83.58
N UNK RC 20 48.13 17.37 -93.19
CA UNK RC 20 49.57 17.62 -93.24
C UNK RC 20 50.34 16.74 -92.25
N UNK RC 21 50.09 15.43 -92.33
CA UNK RC 21 50.76 14.50 -91.43
C UNK RC 21 52.23 14.62 -91.66
N UNK RC 22 52.64 14.79 -92.92
CA UNK RC 22 54.05 14.97 -93.22
C UNK RC 22 54.41 16.25 -92.51
N UNK RC 23 53.55 17.24 -92.67
CA UNK RC 23 53.72 18.50 -91.99
C UNK RC 23 53.59 18.11 -90.52
N UNK RC 24 52.63 17.24 -90.26
CA UNK RC 24 52.38 16.72 -88.92
C UNK RC 24 53.59 15.93 -88.46
N UNK RC 25 54.18 15.18 -89.38
CA UNK RC 25 55.33 14.39 -89.02
C UNK RC 25 56.38 15.35 -88.53
N UNK RC 26 56.53 16.45 -89.27
CA UNK RC 26 57.48 17.46 -88.87
C UNK RC 26 56.89 18.00 -87.60
N UNK RC 27 55.58 18.24 -87.63
CA UNK RC 27 54.92 18.73 -86.43
C UNK RC 27 55.21 17.66 -85.40
N UNK RC 28 55.08 16.41 -85.85
CA UNK RC 28 55.39 15.28 -85.01
C UNK RC 28 56.88 15.45 -84.75
N UNK RC 29 57.60 15.80 -85.81
CA UNK RC 29 59.02 16.04 -85.69
C UNK RC 29 59.19 17.12 -84.65
N UNK RC 30 58.24 18.04 -84.61
CA UNK RC 30 58.30 19.08 -83.62
C UNK RC 30 58.01 18.32 -82.37
N UNK RC 31 56.78 17.90 -82.36
CA UNK RC 31 56.14 17.47 -81.14
C UNK RC 31 57.09 16.60 -80.36
N UNK RC 32 57.69 15.65 -81.06
CA UNK RC 32 58.51 14.68 -80.35
C UNK RC 32 59.63 15.47 -79.73
N UNK RC 33 60.17 16.39 -80.51
CA UNK RC 33 61.33 17.10 -80.05
C UNK RC 33 61.15 17.91 -78.76
N UNK RC 34 60.07 18.68 -78.67
CA UNK RC 34 59.95 19.62 -77.56
C UNK RC 34 59.87 18.85 -76.26
N UNK RC 35 59.27 17.67 -76.34
CA UNK RC 35 59.11 16.83 -75.18
C UNK RC 35 60.50 16.49 -74.68
N UNK RC 36 61.43 16.30 -75.61
CA UNK RC 36 62.82 16.00 -75.25
C UNK RC 36 63.43 17.14 -74.46
N UNK RC 37 63.18 18.36 -74.91
CA UNK RC 37 63.72 19.51 -74.22
C UNK RC 37 63.13 19.48 -72.83
N UNK RC 38 61.82 19.21 -72.76
CA UNK RC 38 61.12 19.22 -71.48
C UNK RC 38 61.61 18.15 -70.51
N UNK RC 39 61.77 16.93 -71.01
CA UNK RC 39 62.13 15.82 -70.15
C UNK RC 39 63.51 16.08 -69.56
N UNK RC 40 64.31 16.87 -70.24
CA UNK RC 40 65.53 17.22 -69.57
C UNK RC 40 65.10 17.94 -68.27
N UNK RC 41 63.85 18.42 -68.24
CA UNK RC 41 63.33 19.18 -67.10
C UNK RC 41 63.32 18.46 -65.80
N UNK RC 42 62.81 17.24 -65.80
CA UNK RC 42 62.82 16.46 -64.58
C UNK RC 42 64.28 16.21 -64.27
N UNK RC 43 65.03 15.97 -65.32
CA UNK RC 43 66.43 15.70 -65.17
C UNK RC 43 67.02 16.91 -64.54
N UNK RC 44 66.52 18.05 -64.96
CA UNK RC 44 67.02 19.29 -64.46
C UNK RC 44 66.77 19.40 -62.98
N UNK RC 45 65.51 19.17 -62.62
CA UNK RC 45 65.13 19.25 -61.23
C UNK RC 45 66.04 18.35 -60.43
N UNK RC 46 66.70 17.40 -61.11
CA UNK RC 46 67.57 16.48 -60.41
C UNK RC 46 68.95 17.08 -60.22
N UNK RC 47 69.03 18.08 -59.34
CA UNK RC 47 70.32 18.73 -59.07
C UNK RC 47 71.39 17.83 -58.45
N UNK RC 48 71.14 17.10 -57.36
CA UNK RC 48 69.95 17.09 -56.50
C UNK RC 48 68.61 16.69 -57.06
N UNK RC 49 68.17 15.47 -56.78
CA UNK RC 49 66.88 15.01 -57.29
C UNK RC 49 65.98 14.46 -56.19
N UNK RC 50 64.67 14.59 -56.40
CA UNK RC 50 63.67 14.11 -55.47
C UNK RC 50 62.75 13.19 -56.25
N UNK RC 51 63.31 12.00 -56.59
CA UNK RC 51 62.65 10.90 -57.36
C UNK RC 51 61.19 10.73 -56.96
N UNK RC 52 60.32 10.11 -57.80
CA UNK RC 52 58.92 10.16 -57.32
C UNK RC 52 57.82 9.36 -58.05
N UNK RC 53 56.74 9.14 -57.31
CA UNK RC 53 55.62 8.36 -57.78
C UNK RC 53 54.31 8.98 -57.31
N UNK RC 54 53.63 9.67 -58.21
CA UNK RC 54 52.35 10.27 -57.89
C UNK RC 54 51.37 9.44 -58.68
N UNK RC 55 50.40 8.85 -57.99
CA UNK RC 55 49.43 8.01 -58.67
C UNK RC 55 48.14 8.72 -59.02
N UNK RC 56 47.13 7.92 -59.32
CA UNK RC 56 45.80 8.42 -59.68
C UNK RC 56 45.17 7.14 -60.15
N UNK RC 57 43.85 6.98 -60.18
CA UNK RC 57 43.47 5.67 -60.61
C UNK RC 57 42.46 5.99 -61.73
N UNK RC 58 41.13 5.92 -61.59
CA UNK RC 58 40.43 5.47 -60.41
C UNK RC 58 40.63 4.01 -60.73
N UNK RC 59 41.68 3.51 -60.07
CA UNK RC 59 42.16 2.17 -60.33
C UNK RC 59 41.08 1.07 -60.25
N UNK RC 60 41.00 0.45 -59.08
CA UNK RC 60 40.10 -0.64 -58.76
C UNK RC 60 40.74 -1.47 -57.63
N UNK RC 61 39.94 -2.18 -56.87
CA UNK RC 61 40.51 -2.98 -55.79
C UNK RC 61 39.73 -4.25 -55.51
N UNK RC 62 40.43 -5.35 -55.33
CA UNK RC 62 39.77 -6.62 -55.08
C UNK RC 62 39.98 -6.85 -53.61
N UNK RC 63 39.10 -7.62 -52.97
CA UNK RC 63 39.29 -7.85 -51.55
C UNK RC 63 40.64 -8.54 -51.43
N UNK RC 64 41.48 -8.00 -50.56
CA UNK RC 64 42.83 -8.55 -50.40
C UNK RC 64 43.82 -7.55 -50.97
N UNK RC 65 43.36 -6.73 -51.91
CA UNK RC 65 44.26 -5.75 -52.46
C UNK RC 65 43.57 -4.59 -53.15
N UNK RC 66 44.32 -3.50 -53.24
CA UNK RC 66 43.89 -2.29 -53.91
C UNK RC 66 45.01 -2.11 -54.91
N UNK RC 67 44.66 -1.93 -56.18
CA UNK RC 67 45.67 -1.72 -57.24
C UNK RC 67 45.32 -0.50 -58.08
N UNK RC 68 46.22 0.49 -58.14
CA UNK RC 68 45.95 1.69 -58.92
C UNK RC 68 47.15 2.23 -59.72
N UNK RC 69 46.94 2.49 -61.00
CA UNK RC 69 47.97 3.07 -61.86
C UNK RC 69 47.36 4.24 -62.63
N UNK RC 70 47.92 5.44 -62.53
CA UNK RC 70 49.12 5.79 -61.74
C UNK RC 70 50.46 5.57 -62.41
N UNK RC 71 51.30 6.60 -62.35
CA UNK RC 71 52.64 6.59 -62.93
C UNK RC 71 53.65 7.21 -61.96
N UNK RC 72 54.93 6.89 -62.13
CA UNK RC 72 55.99 7.42 -61.26
C UNK RC 72 57.30 7.49 -62.01
N UNK RC 73 58.24 8.30 -61.52
CA UNK RC 73 59.53 8.41 -62.20
C UNK RC 73 60.68 8.32 -61.22
N UNK RC 74 61.70 7.52 -61.56
CA UNK RC 74 62.85 7.43 -60.65
C UNK RC 74 64.12 8.02 -61.24
N UNK RC 75 64.69 8.97 -60.50
CA UNK RC 75 65.90 9.66 -60.92
C UNK RC 75 67.15 8.78 -61.06
N UNK RC 76 67.35 7.87 -60.13
CA UNK RC 76 68.52 7.02 -60.17
C UNK RC 76 68.57 6.15 -61.41
N UNK RC 77 67.42 5.58 -61.77
CA UNK RC 77 67.34 4.74 -62.95
C UNK RC 77 66.26 5.19 -63.92
N UNK RC 78 65.07 5.40 -63.39
CA UNK RC 78 63.95 5.81 -64.22
C UNK RC 78 64.08 7.15 -64.91
N UNK RC 79 64.59 8.14 -64.19
CA UNK RC 79 64.70 9.49 -64.74
C UNK RC 79 65.59 9.64 -65.96
N UNK RC 80 66.72 8.95 -65.97
CA UNK RC 80 67.65 9.04 -67.08
C UNK RC 80 67.26 8.35 -68.38
N UNK RC 81 66.75 7.12 -68.32
CA UNK RC 81 66.41 6.43 -69.55
C UNK RC 81 65.53 7.29 -70.45
N UNK RC 82 64.59 8.02 -69.87
CA UNK RC 82 63.63 8.72 -70.68
C UNK RC 82 64.33 9.75 -71.55
N UNK RC 83 65.24 10.49 -70.94
CA UNK RC 83 65.87 11.56 -71.66
C UNK RC 83 66.68 11.03 -72.82
N UNK RC 84 67.45 9.99 -72.57
CA UNK RC 84 68.32 9.48 -73.60
C UNK RC 84 67.43 9.02 -74.71
N UNK RC 85 66.36 8.38 -74.30
CA UNK RC 85 65.51 7.70 -75.24
C UNK RC 85 64.96 8.72 -76.21
N UNK RC 86 64.39 9.79 -75.67
CA UNK RC 86 63.65 10.71 -76.51
C UNK RC 86 64.63 11.24 -77.51
N UNK RC 87 65.86 11.53 -77.11
CA UNK RC 87 66.69 12.17 -78.12
C UNK RC 87 66.81 11.23 -79.32
N UNK RC 88 67.01 9.94 -79.04
CA UNK RC 88 67.25 9.00 -80.11
C UNK RC 88 66.02 9.05 -80.98
N UNK RC 89 64.88 9.14 -80.33
CA UNK RC 89 63.64 9.21 -81.06
C UNK RC 89 63.73 10.45 -81.91
N UNK RC 90 64.30 11.50 -81.33
CA UNK RC 90 64.24 12.78 -82.02
C UNK RC 90 64.93 12.64 -83.33
N UNK RC 91 66.11 12.04 -83.33
CA UNK RC 91 66.81 11.88 -84.59
C UNK RC 91 66.15 10.93 -85.56
N UNK RC 92 65.70 9.78 -85.08
CA UNK RC 92 65.32 8.74 -86.01
C UNK RC 92 64.22 9.22 -86.92
N UNK RC 93 63.29 9.98 -86.39
CA UNK RC 93 62.14 10.35 -87.18
C UNK RC 93 62.61 11.12 -88.40
N UNK RC 94 63.60 11.97 -88.21
CA UNK RC 94 64.04 12.79 -89.32
C UNK RC 94 64.59 11.91 -90.42
N UNK RC 95 65.40 10.92 -90.05
CA UNK RC 95 66.03 10.05 -91.03
C UNK RC 95 64.94 9.31 -91.77
N UNK RC 96 63.89 9.08 -91.00
CA UNK RC 96 62.77 8.34 -91.47
C UNK RC 96 62.10 9.01 -92.64
N UNK RC 97 61.92 10.33 -92.59
CA UNK RC 97 61.05 10.93 -93.56
C UNK RC 97 61.69 10.70 -94.92
N UNK RC 98 62.95 11.03 -95.07
CA UNK RC 98 63.47 10.84 -96.41
C UNK RC 98 63.42 9.40 -96.86
N UNK RC 99 63.85 8.46 -96.03
CA UNK RC 99 63.90 7.05 -96.44
C UNK RC 99 62.56 6.45 -96.77
N UNK RC 100 61.60 6.92 -96.04
CA UNK RC 100 60.22 6.53 -96.06
C UNK RC 100 59.46 7.44 -96.96
N UNK RC 101 60.08 8.55 -97.38
CA UNK RC 101 59.43 9.50 -98.27
C UNK RC 101 59.06 8.68 -99.47
N UNK RC 102 57.88 8.95 -100.00
CA UNK RC 102 57.31 8.19 -101.08
C UNK RC 102 56.60 7.00 -100.47
N UNK RC 103 56.65 6.85 -99.15
CA UNK RC 103 55.89 5.72 -98.61
C UNK RC 103 54.41 5.99 -98.84
N UNK RC 104 53.75 5.17 -99.63
CA UNK RC 104 52.38 5.44 -99.97
C UNK RC 104 51.54 5.59 -98.75
N UNK RC 105 51.77 4.76 -97.76
CA UNK RC 105 51.02 4.88 -96.54
C UNK RC 105 51.88 5.63 -95.55
N UNK RC 106 52.86 6.36 -96.05
CA UNK RC 106 53.79 7.00 -95.14
C UNK RC 106 53.17 7.88 -94.10
N UNK RC 107 52.23 8.72 -94.48
CA UNK RC 107 51.60 9.57 -93.49
C UNK RC 107 51.07 8.67 -92.40
N UNK RC 108 50.37 7.62 -92.81
CA UNK RC 108 49.80 6.71 -91.87
C UNK RC 108 50.92 6.11 -91.09
N UNK RC 109 51.98 5.80 -91.77
CA UNK RC 109 53.00 5.11 -91.01
C UNK RC 109 53.28 5.76 -89.68
N UNK RC 110 53.48 7.06 -89.69
CA UNK RC 110 54.18 7.62 -88.57
C UNK RC 110 53.39 7.26 -87.35
N UNK RC 111 52.08 7.22 -87.45
CA UNK RC 111 51.26 7.09 -86.26
C UNK RC 111 51.64 5.83 -85.53
N UNK RC 112 51.83 4.73 -86.26
CA UNK RC 112 52.13 3.48 -85.58
C UNK RC 112 53.43 3.66 -84.81
N UNK RC 113 54.41 4.32 -85.42
CA UNK RC 113 55.71 4.49 -84.79
C UNK RC 113 55.63 5.32 -83.53
N UNK RC 114 54.86 6.40 -83.59
CA UNK RC 114 54.75 7.26 -82.43
C UNK RC 114 54.11 6.46 -81.33
N UNK RC 115 53.12 5.66 -81.67
CA UNK RC 115 52.45 4.90 -80.66
C UNK RC 115 53.44 3.94 -80.01
N UNK RC 116 54.24 3.29 -80.83
CA UNK RC 116 55.14 2.28 -80.30
C UNK RC 116 56.05 2.97 -79.34
N UNK RC 117 56.43 4.21 -79.60
CA UNK RC 117 57.27 4.85 -78.60
C UNK RC 117 56.53 4.92 -77.27
N UNK RC 118 55.23 5.18 -77.33
CA UNK RC 118 54.45 5.42 -76.13
C UNK RC 118 54.48 4.18 -75.27
N UNK RC 119 54.38 3.04 -75.90
CA UNK RC 119 54.38 1.81 -75.15
C UNK RC 119 55.62 1.70 -74.30
N UNK RC 120 56.77 1.81 -74.96
CA UNK RC 120 58.02 1.60 -74.27
C UNK RC 120 58.06 2.59 -73.13
N UNK RC 121 57.68 3.82 -73.41
CA UNK RC 121 57.83 4.84 -72.37
C UNK RC 121 57.00 4.30 -71.23
N UNK RC 122 55.84 3.76 -71.56
CA UNK RC 122 55.00 3.15 -70.57
C UNK RC 122 55.82 2.02 -70.01
N UNK RC 123 56.54 1.34 -70.89
CA UNK RC 123 57.28 0.18 -70.47
C UNK RC 123 58.28 0.56 -69.40
N UNK RC 124 59.00 1.64 -69.63
CA UNK RC 124 59.99 2.11 -68.67
C UNK RC 124 59.38 2.56 -67.36
N UNK RC 125 58.28 3.27 -67.46
CA UNK RC 125 57.75 4.03 -66.34
C UNK RC 125 57.31 3.25 -65.10
N UNK RC 126 56.70 2.09 -65.30
CA UNK RC 126 55.64 1.61 -64.41
C UNK RC 126 55.93 1.36 -62.92
N UNK RC 127 55.07 1.94 -62.09
CA UNK RC 127 55.06 1.75 -60.64
C UNK RC 127 54.66 0.36 -60.16
N UNK RC 128 53.61 -0.17 -60.77
CA UNK RC 128 53.00 -1.41 -60.29
C UNK RC 128 53.01 -2.42 -61.41
N UNK RC 129 53.19 -3.69 -61.06
CA UNK RC 129 53.68 -4.66 -62.00
C UNK RC 129 52.75 -4.70 -63.17
N UNK RC 130 51.47 -4.63 -62.88
CA UNK RC 130 50.45 -4.84 -63.88
C UNK RC 130 50.68 -3.78 -64.91
N UNK RC 131 51.03 -2.60 -64.44
CA UNK RC 131 51.31 -1.51 -65.35
C UNK RC 131 52.48 -2.00 -66.18
N UNK RC 132 53.39 -2.69 -65.53
CA UNK RC 132 54.54 -3.19 -66.24
C UNK RC 132 54.05 -4.13 -67.30
N UNK RC 133 53.10 -4.98 -66.93
CA UNK RC 133 52.74 -6.03 -67.84
C UNK RC 133 52.22 -5.37 -69.09
N UNK RC 134 51.40 -4.33 -68.87
CA UNK RC 134 50.85 -3.56 -69.97
C UNK RC 134 52.03 -3.21 -70.84
N UNK RC 135 53.13 -2.87 -70.21
CA UNK RC 135 54.34 -2.52 -70.94
C UNK RC 135 55.05 -3.62 -71.75
N UNK RC 136 55.29 -4.79 -71.15
CA UNK RC 136 56.02 -5.83 -71.88
C UNK RC 136 55.29 -6.33 -73.11
N UNK RC 137 54.01 -6.61 -72.95
CA UNK RC 137 53.20 -7.10 -74.06
C UNK RC 137 53.05 -6.01 -75.11
N UNK RC 138 52.87 -4.79 -74.63
CA UNK RC 138 52.64 -3.65 -75.49
C UNK RC 138 53.74 -3.31 -76.47
N UNK RC 139 54.98 -3.33 -76.01
CA UNK RC 139 56.06 -2.96 -76.89
C UNK RC 139 56.14 -3.92 -78.07
N UNK RC 140 56.04 -5.20 -77.77
CA UNK RC 140 56.12 -6.21 -78.81
C UNK RC 140 55.02 -6.22 -79.87
N UNK RC 141 53.77 -6.02 -79.45
CA UNK RC 141 52.68 -6.11 -80.40
C UNK RC 141 52.91 -5.14 -81.53
N UNK RC 142 53.34 -3.93 -81.19
CA UNK RC 142 53.59 -2.96 -82.23
C UNK RC 142 54.63 -3.56 -83.17
N UNK RC 143 55.51 -4.35 -82.59
CA UNK RC 143 56.57 -4.94 -83.37
C UNK RC 143 55.98 -5.86 -84.42
N UNK RC 144 55.00 -6.65 -84.02
CA UNK RC 144 54.40 -7.62 -84.88
C UNK RC 144 53.78 -6.86 -86.01
N UNK RC 145 53.12 -5.75 -85.70
CA UNK RC 145 52.55 -4.98 -86.78
C UNK RC 145 53.57 -4.37 -87.75
N UNK RC 146 54.46 -3.58 -87.18
CA UNK RC 146 55.49 -2.88 -87.87
C UNK RC 146 56.41 -3.92 -88.44
N UNK RC 147 56.57 -5.00 -87.69
CA UNK RC 147 57.66 -5.93 -87.88
C UNK RC 147 57.57 -6.38 -89.31
N UNK RC 148 56.35 -6.53 -89.79
CA UNK RC 148 56.16 -6.75 -91.20
C UNK RC 148 55.88 -5.40 -91.82
N UNK RC 149 54.67 -5.25 -92.33
CA UNK RC 149 54.24 -4.14 -93.15
C UNK RC 149 54.53 -4.82 -94.50
N UNK RC 150 54.26 -4.20 -95.65
CA UNK RC 150 54.56 -4.90 -96.92
C UNK RC 150 53.85 -6.25 -96.97
N UNK RC 151 52.54 -6.28 -97.22
CA UNK RC 151 51.86 -7.56 -97.12
C UNK RC 151 52.56 -8.67 -97.89
N UNK RC 152 53.15 -8.31 -99.03
CA UNK RC 152 53.85 -9.29 -99.84
C UNK RC 152 55.15 -9.75 -99.20
N UNK RC 153 55.60 -10.95 -99.56
CA UNK RC 153 56.84 -11.50 -99.08
C UNK RC 153 58.02 -10.91 -99.85
N UNK RC 154 59.20 -11.09 -99.27
CA UNK RC 154 59.20 -11.84 -98.03
C UNK RC 154 58.25 -11.06 -97.19
N UNK RC 155 57.26 -11.75 -96.67
CA UNK RC 155 56.27 -11.09 -95.87
C UNK RC 155 56.97 -10.38 -94.74
N UNK RC 156 57.96 -11.04 -94.15
CA UNK RC 156 58.72 -10.53 -93.00
C UNK RC 156 57.62 -10.41 -91.96
N UNK RC 157 56.59 -11.21 -92.21
CA UNK RC 157 55.37 -11.25 -91.43
C UNK RC 157 55.42 -12.61 -90.76
N UNK RC 158 55.71 -13.62 -91.57
CA UNK RC 158 55.81 -14.96 -91.00
C UNK RC 158 56.91 -14.84 -89.97
N UNK RC 159 57.96 -14.15 -90.36
CA UNK RC 159 59.07 -13.91 -89.45
C UNK RC 159 58.46 -13.09 -88.34
N UNK RC 160 57.59 -12.18 -88.72
CA UNK RC 160 56.94 -11.35 -87.75
C UNK RC 160 56.18 -12.27 -86.82
N UNK RC 161 55.42 -13.19 -87.40
CA UNK RC 161 54.66 -14.09 -86.57
C UNK RC 161 55.65 -14.79 -85.68
N UNK RC 162 56.80 -15.05 -86.28
CA UNK RC 162 57.87 -15.70 -85.58
C UNK RC 162 58.24 -14.80 -84.42
N UNK RC 163 58.34 -13.50 -84.66
CA UNK RC 163 58.75 -12.63 -83.59
C UNK RC 163 57.71 -12.70 -82.50
N UNK RC 164 56.46 -12.64 -82.90
CA UNK RC 164 55.41 -12.69 -81.93
C UNK RC 164 55.53 -14.02 -81.25
N UNK RC 165 55.86 -15.04 -82.01
CA UNK RC 165 55.90 -16.39 -81.48
C UNK RC 165 56.92 -16.52 -80.35
N UNK RC 166 58.11 -15.98 -80.53
CA UNK RC 166 59.08 -16.03 -79.47
C UNK RC 166 58.63 -15.17 -78.31
N UNK RC 167 58.20 -13.96 -78.61
CA UNK RC 167 58.01 -13.00 -77.55
C UNK RC 167 57.01 -13.52 -76.57
N UNK RC 168 55.93 -14.12 -77.06
CA UNK RC 168 54.91 -14.63 -76.17
C UNK RC 168 55.44 -15.75 -75.28
N UNK RC 169 56.30 -16.59 -75.84
CA UNK RC 169 56.80 -17.73 -75.08
C UNK RC 169 57.60 -17.27 -73.89
N UNK RC 170 58.48 -16.31 -74.12
CA UNK RC 170 59.30 -15.73 -73.06
C UNK RC 170 58.34 -15.05 -72.11
N UNK RC 171 57.24 -14.64 -72.71
CA UNK RC 171 56.19 -13.94 -72.02
C UNK RC 171 55.64 -14.80 -70.90
N UNK RC 172 55.52 -16.09 -71.18
CA UNK RC 172 54.76 -16.95 -70.28
C UNK RC 172 55.40 -16.87 -68.91
N UNK RC 173 56.70 -16.98 -68.82
CA UNK RC 173 57.22 -16.91 -67.49
C UNK RC 173 56.57 -15.68 -66.89
N UNK RC 174 56.85 -14.59 -67.56
CA UNK RC 174 56.59 -13.31 -66.96
C UNK RC 174 55.29 -13.49 -66.23
N UNK RC 175 54.34 -14.16 -66.86
CA UNK RC 175 53.07 -14.41 -66.20
C UNK RC 175 53.35 -15.00 -64.83
N UNK RC 176 54.32 -15.91 -64.77
CA UNK RC 176 54.67 -16.53 -63.51
C UNK RC 176 55.13 -15.41 -62.63
N UNK RC 177 55.91 -14.54 -63.23
CA UNK RC 177 56.39 -13.38 -62.53
C UNK RC 177 55.14 -12.59 -62.19
N UNK RC 178 54.20 -12.58 -63.12
CA UNK RC 178 52.98 -11.83 -62.93
C UNK RC 178 52.28 -12.35 -61.70
N UNK RC 179 52.27 -13.66 -61.52
CA UNK RC 179 51.64 -14.25 -60.35
C UNK RC 179 52.65 -14.35 -59.21
N UNK RC 180 53.87 -13.94 -59.50
CA UNK RC 180 54.93 -14.04 -58.54
C UNK RC 180 54.62 -13.26 -57.28
N UNK RC 181 54.13 -12.04 -57.46
CA UNK RC 181 53.82 -11.22 -56.32
C UNK RC 181 52.70 -11.83 -55.49
N UNK RC 182 51.66 -12.33 -56.15
CA UNK RC 182 50.55 -12.89 -55.43
C UNK RC 182 51.07 -14.04 -54.60
N UNK RC 183 51.97 -14.81 -55.20
CA UNK RC 183 52.56 -15.92 -54.50
C UNK RC 183 53.29 -15.34 -53.31
N UNK RC 184 52.94 -15.74 -52.09
CA UNK RC 184 53.63 -15.17 -50.93
C UNK RC 184 53.12 -13.73 -50.79
N UNK RC 185 54.03 -12.76 -50.88
CA UNK RC 185 53.70 -11.34 -50.80
C UNK RC 185 52.32 -10.96 -51.31
N UNK RC 186 52.00 -11.14 -52.61
CA UNK RC 186 50.67 -10.77 -53.02
C UNK RC 186 50.42 -9.33 -52.63
N UNK RC 187 51.37 -8.44 -52.88
CA UNK RC 187 51.16 -7.05 -52.57
C UNK RC 187 50.97 -6.33 -53.90
N UNK RC 188 51.74 -6.76 -54.88
CA UNK RC 188 51.68 -6.22 -56.22
C UNK RC 188 52.27 -4.83 -56.22
N UNK RC 189 52.98 -4.50 -55.16
CA UNK RC 189 53.58 -3.18 -55.05
C UNK RC 189 55.10 -3.27 -55.12
N UNK RC 190 55.68 -2.59 -56.09
CA UNK RC 190 57.12 -2.60 -56.22
C UNK RC 190 57.72 -1.98 -54.98
N UNK RC 191 57.15 -0.87 -54.55
CA UNK RC 191 57.65 -0.23 -53.36
C UNK RC 191 57.40 -1.19 -52.22
N UNK RC 192 56.19 -1.74 -52.18
CA UNK RC 192 55.82 -2.70 -51.15
C UNK RC 192 56.62 -3.97 -51.29
N UNK RC 193 56.79 -4.40 -52.52
CA UNK RC 193 57.52 -5.63 -52.79
C UNK RC 193 58.93 -5.51 -52.29
N UNK RC 194 59.44 -4.31 -52.20
CA UNK RC 194 60.83 -4.18 -51.78
C UNK RC 194 61.33 -5.07 -50.64
N UNK RC 195 60.57 -5.26 -49.55
CA UNK RC 195 61.09 -6.12 -48.48
C UNK RC 195 60.14 -7.22 -48.05
N UNK RC 196 60.55 -8.50 -48.10
CA UNK RC 196 61.82 -9.00 -48.61
C UNK RC 196 61.47 -10.32 -49.31
N UNK RC 197 62.22 -10.77 -50.32
CA UNK RC 197 61.83 -11.99 -50.98
C UNK RC 197 62.18 -13.29 -50.25
N UNK RC 198 63.41 -13.38 -49.76
CA UNK RC 198 63.89 -14.63 -49.19
C UNK RC 198 63.80 -15.79 -50.19
N UNK RC 199 64.02 -15.42 -51.44
CA UNK RC 199 63.96 -16.27 -52.60
C UNK RC 199 65.01 -17.39 -52.66
N UNK RC 200 64.65 -18.58 -53.16
CA UNK RC 200 63.30 -18.89 -53.63
C UNK RC 200 63.01 -17.88 -54.71
N UNK RC 201 64.03 -17.57 -55.48
CA UNK RC 201 63.92 -16.54 -56.49
C UNK RC 201 62.81 -16.86 -57.43
N UNK RC 202 62.66 -18.16 -57.69
CA UNK RC 202 61.68 -18.79 -58.57
C UNK RC 202 60.94 -17.78 -59.40
N UNK RC 203 59.84 -17.26 -58.86
CA UNK RC 203 59.15 -16.25 -59.63
C UNK RC 203 60.24 -15.29 -60.10
N UNK RC 204 61.18 -14.97 -59.20
CA UNK RC 204 62.29 -14.09 -59.52
C UNK RC 204 63.14 -14.74 -60.59
N UNK RC 205 63.37 -16.06 -60.43
CA UNK RC 205 64.11 -16.84 -61.40
C UNK RC 205 63.21 -16.75 -62.62
N UNK RC 206 61.92 -16.83 -62.34
CA UNK RC 206 60.88 -16.68 -63.35
C UNK RC 206 61.00 -15.39 -64.17
N UNK RC 207 61.31 -14.29 -63.50
CA UNK RC 207 61.38 -13.04 -64.20
C UNK RC 207 62.41 -13.18 -65.29
N UNK RC 208 63.43 -13.90 -64.90
CA UNK RC 208 64.59 -14.16 -65.68
C UNK RC 208 64.29 -14.83 -67.01
N UNK RC 209 63.28 -15.69 -67.10
CA UNK RC 209 63.04 -16.32 -68.41
C UNK RC 209 62.66 -15.32 -69.51
N UNK RC 210 61.67 -14.47 -69.25
CA UNK RC 210 61.24 -13.49 -70.24
C UNK RC 210 62.28 -12.41 -70.49
N UNK RC 211 62.87 -11.97 -69.39
CA UNK RC 211 63.90 -10.95 -69.41
C UNK RC 211 65.08 -11.45 -70.20
N UNK RC 212 65.39 -12.74 -70.02
CA UNK RC 212 66.49 -13.34 -70.75
C UNK RC 212 66.12 -13.29 -72.23
N UNK RC 213 64.86 -13.57 -72.53
CA UNK RC 213 64.37 -13.56 -73.91
C UNK RC 213 64.47 -12.16 -74.53
N UNK RC 214 64.12 -11.15 -73.74
CA UNK RC 214 64.19 -9.76 -74.21
C UNK RC 214 65.65 -9.40 -74.48
N UNK RC 215 66.52 -9.85 -73.61
CA UNK RC 215 67.95 -9.62 -73.70
C UNK RC 215 68.51 -10.26 -74.97
N UNK RC 216 67.94 -11.42 -75.27
CA UNK RC 216 68.34 -12.24 -76.43
C UNK RC 216 69.52 -13.10 -76.02
N UNK RC 217 69.84 -13.08 -74.73
CA UNK RC 217 70.93 -13.87 -74.20
C UNK RC 217 70.50 -15.32 -74.25
N UNK RC 218 71.44 -16.22 -74.51
CA UNK RC 218 71.09 -17.64 -74.57
C UNK RC 218 70.05 -17.90 -75.65
N UNK RC 219 68.97 -18.58 -75.25
CA UNK RC 219 67.89 -18.94 -76.17
C UNK RC 219 66.98 -17.77 -76.57
N UNK RC 220 67.56 -16.83 -77.34
CA UNK RC 220 66.85 -15.64 -77.90
C UNK RC 220 67.10 -15.26 -79.42
N UNK RC 221 67.71 -16.17 -80.18
CA UNK RC 221 68.05 -15.89 -81.59
C UNK RC 221 66.91 -15.54 -82.56
N UNK RC 222 65.80 -16.24 -82.41
CA UNK RC 222 64.68 -15.96 -83.29
C UNK RC 222 64.21 -14.53 -83.06
N UNK RC 223 64.14 -14.13 -81.80
CA UNK RC 223 63.69 -12.80 -81.44
C UNK RC 223 64.62 -11.82 -82.08
N UNK RC 224 65.90 -12.14 -82.07
CA UNK RC 224 66.86 -11.25 -82.71
C UNK RC 224 66.75 -11.07 -84.25
N UNK RC 225 66.48 -12.12 -85.03
CA UNK RC 225 66.43 -11.94 -86.51
C UNK RC 225 65.37 -11.08 -87.32
N UNK RC 226 64.10 -11.23 -86.99
CA UNK RC 226 62.90 -10.64 -87.56
C UNK RC 226 63.06 -9.13 -87.44
N UNK RC 227 63.77 -8.70 -86.41
CA UNK RC 227 64.02 -7.29 -86.22
C UNK RC 227 64.82 -6.79 -87.41
N UNK RC 228 65.77 -7.60 -87.86
CA UNK RC 228 66.61 -7.21 -88.97
C UNK RC 228 65.74 -6.98 -90.17
N UNK RC 229 64.74 -7.83 -90.32
CA UNK RC 229 63.85 -7.73 -91.47
C UNK RC 229 62.91 -6.53 -91.76
N UNK RC 230 62.26 -5.86 -90.79
CA UNK RC 230 61.27 -4.71 -91.24
C UNK RC 230 61.64 -3.28 -91.95
N UNK RC 231 60.79 -2.52 -92.77
CA UNK RC 231 61.46 -1.31 -93.22
C UNK RC 231 62.50 -0.84 -92.22
N UNK RC 232 63.62 -0.35 -92.74
CA UNK RC 232 64.89 -0.32 -92.03
C UNK RC 232 64.93 0.50 -90.74
N UNK RC 233 64.36 1.70 -90.80
CA UNK RC 233 64.42 2.58 -89.66
C UNK RC 233 63.77 1.83 -88.52
N UNK RC 234 62.70 1.13 -88.84
CA UNK RC 234 61.97 0.39 -87.83
C UNK RC 234 62.97 -0.59 -87.25
N UNK RC 235 63.82 -1.09 -88.11
CA UNK RC 235 64.87 -1.98 -87.69
C UNK RC 235 65.70 -1.19 -86.70
N UNK RC 236 65.88 0.08 -86.99
CA UNK RC 236 66.73 0.87 -86.13
C UNK RC 236 66.16 0.90 -84.73
N UNK RC 237 64.86 1.14 -84.62
CA UNK RC 237 64.27 1.23 -83.31
C UNK RC 237 64.41 -0.11 -82.61
N UNK RC 238 63.91 -1.15 -83.28
CA UNK RC 238 63.79 -2.43 -82.62
C UNK RC 238 65.17 -2.93 -82.30
N UNK RC 239 66.05 -2.78 -83.27
CA UNK RC 239 67.41 -3.23 -83.10
C UNK RC 239 68.17 -2.48 -82.03
N UNK RC 240 68.04 -1.15 -82.04
CA UNK RC 240 68.88 -0.35 -81.18
C UNK RC 240 68.13 0.11 -79.96
N UNK RC 241 66.84 0.28 -80.22
CA UNK RC 241 65.90 0.79 -79.25
C UNK RC 241 64.95 -0.27 -78.79
N UNK RC 242 64.32 -0.99 -79.71
CA UNK RC 242 63.42 -2.05 -79.28
C UNK RC 242 64.20 -3.19 -78.62
N UNK RC 243 65.26 -3.64 -79.30
CA UNK RC 243 66.08 -4.73 -78.80
C UNK RC 243 66.79 -4.38 -77.51
N UNK RC 244 67.49 -3.24 -77.47
CA UNK RC 244 68.20 -2.85 -76.25
C UNK RC 244 67.33 -2.38 -75.08
N UNK RC 245 66.38 -1.51 -75.38
CA UNK RC 245 65.49 -0.94 -74.38
C UNK RC 245 64.62 -1.97 -73.66
N UNK RC 246 64.04 -2.97 -74.30
CA UNK RC 246 63.22 -3.80 -73.42
C UNK RC 246 63.78 -4.75 -72.31
N UNK RC 247 64.72 -5.62 -72.65
CA UNK RC 247 65.20 -6.60 -71.66
C UNK RC 247 66.03 -6.25 -70.43
N UNK RC 248 67.11 -5.49 -70.59
CA UNK RC 248 67.93 -5.16 -69.44
C UNK RC 248 67.14 -4.31 -68.49
N UNK RC 249 66.41 -3.37 -69.07
CA UNK RC 249 65.61 -2.46 -68.30
C UNK RC 249 64.56 -3.24 -67.54
N UNK RC 250 63.91 -4.20 -68.20
CA UNK RC 250 62.90 -4.95 -67.46
C UNK RC 250 63.55 -5.68 -66.31
N UNK RC 251 64.65 -6.35 -66.61
CA UNK RC 251 65.39 -7.10 -65.62
C UNK RC 251 66.12 -6.29 -64.55
N UNK RC 252 66.75 -5.22 -64.99
CA UNK RC 252 67.56 -4.39 -64.14
C UNK RC 252 66.68 -3.82 -63.04
N UNK RC 253 65.43 -3.61 -63.36
CA UNK RC 253 64.56 -2.88 -62.47
C UNK RC 253 64.48 -3.58 -61.14
N UNK RC 254 64.44 -4.90 -61.17
CA UNK RC 254 64.37 -5.65 -59.93
C UNK RC 254 65.62 -5.42 -59.08
N UNK RC 255 66.76 -5.28 -59.75
CA UNK RC 255 68.03 -4.96 -59.11
C UNK RC 255 68.14 -5.21 -57.61
N UNK RC 256 67.21 -4.64 -56.86
CA UNK RC 256 67.25 -4.78 -55.42
C UNK RC 256 67.10 -6.23 -54.99
N UNK RC 257 66.24 -6.96 -55.66
CA UNK RC 257 65.97 -8.34 -55.31
C UNK RC 257 67.20 -9.16 -55.65
N UNK RC 258 67.80 -8.80 -56.77
CA UNK RC 258 68.80 -9.65 -57.38
C UNK RC 258 69.98 -9.88 -56.48
N UNK RC 259 70.39 -8.85 -55.77
CA UNK RC 259 71.68 -8.91 -55.11
C UNK RC 259 71.69 -10.08 -54.17
N UNK RC 260 70.62 -10.27 -53.43
CA UNK RC 260 70.52 -11.44 -52.57
C UNK RC 260 70.23 -12.62 -53.46
N UNK RC 261 70.36 -13.83 -52.92
CA UNK RC 261 70.09 -15.06 -53.67
C UNK RC 261 70.95 -15.16 -54.93
N UNK RC 262 72.24 -14.96 -54.75
CA UNK RC 262 73.16 -14.76 -55.83
C UNK RC 262 73.14 -15.93 -56.80
N UNK RC 263 72.91 -17.12 -56.30
CA UNK RC 263 73.19 -18.32 -57.06
C UNK RC 263 72.38 -18.24 -58.31
N UNK RC 264 71.15 -17.78 -58.17
CA UNK RC 264 70.29 -17.65 -59.31
C UNK RC 264 70.95 -16.70 -60.31
N UNK RC 265 71.58 -15.67 -59.77
CA UNK RC 265 72.19 -14.68 -60.60
C UNK RC 265 73.29 -15.34 -61.39
N UNK RC 266 73.97 -16.32 -60.82
CA UNK RC 266 75.01 -16.97 -61.61
C UNK RC 266 74.39 -17.58 -62.85
N UNK RC 267 73.22 -18.17 -62.67
CA UNK RC 267 72.61 -18.93 -63.74
C UNK RC 267 72.40 -17.96 -64.86
N UNK RC 268 71.95 -16.77 -64.51
CA UNK RC 268 71.73 -15.76 -65.51
C UNK RC 268 73.06 -15.51 -66.16
N UNK RC 269 74.08 -15.50 -65.33
CA UNK RC 269 75.36 -15.01 -65.75
C UNK RC 269 75.81 -15.82 -66.93
N UNK RC 270 75.64 -17.13 -66.87
CA UNK RC 270 76.12 -17.96 -67.96
C UNK RC 270 75.34 -17.57 -69.21
N UNK RC 271 74.05 -17.38 -68.98
CA UNK RC 271 73.09 -17.06 -70.02
C UNK RC 271 73.70 -16.02 -70.93
N UNK RC 272 74.24 -14.99 -70.31
CA UNK RC 272 74.88 -13.91 -71.04
C UNK RC 272 76.03 -14.49 -71.83
N UNK RC 273 76.75 -15.45 -71.26
CA UNK RC 273 77.90 -16.00 -71.98
C UNK RC 273 77.60 -16.68 -73.32
N UNK RC 274 76.56 -17.49 -73.38
CA UNK RC 274 76.22 -18.21 -74.62
C UNK RC 274 75.84 -17.26 -75.75
N UNK RC 275 75.03 -16.26 -75.43
CA UNK RC 275 74.60 -15.31 -76.44
C UNK RC 275 75.82 -14.57 -76.98
N UNK RC 276 76.66 -14.12 -76.06
CA UNK RC 276 77.84 -13.36 -76.45
C UNK RC 276 78.69 -14.21 -77.37
N UNK RC 277 78.82 -15.49 -77.05
CA UNK RC 277 79.61 -16.39 -77.88
C UNK RC 277 79.02 -16.55 -79.28
N UNK RC 278 77.69 -16.67 -79.36
CA UNK RC 278 77.00 -16.85 -80.64
C UNK RC 278 77.07 -15.70 -81.67
N UNK RC 279 76.96 -14.47 -81.16
CA UNK RC 279 76.94 -13.28 -81.98
C UNK RC 279 78.24 -13.28 -82.75
N UNK RC 280 79.29 -13.77 -82.09
CA UNK RC 280 80.56 -13.84 -82.76
C UNK RC 280 80.37 -14.72 -83.98
N UNK RC 281 79.64 -15.80 -83.80
CA UNK RC 281 79.54 -16.76 -84.86
C UNK RC 281 78.94 -16.11 -86.08
N UNK RC 282 77.96 -15.25 -85.86
CA UNK RC 282 77.33 -14.54 -86.97
C UNK RC 282 78.18 -13.40 -87.53
N UNK RC 283 79.27 -13.05 -86.86
CA UNK RC 283 80.07 -11.93 -87.34
C UNK RC 283 80.66 -12.13 -88.73
N UNK RC 284 81.24 -13.29 -88.95
CA UNK RC 284 81.85 -13.60 -90.24
C UNK RC 284 80.86 -13.78 -91.39
N UNK RC 285 79.72 -14.38 -91.07
CA UNK RC 285 78.70 -14.77 -92.04
C UNK RC 285 77.99 -13.75 -92.94
N UNK RC 286 77.65 -12.58 -92.44
CA UNK RC 286 76.92 -11.63 -93.29
C UNK RC 286 77.71 -11.33 -94.55
N UNK RC 287 77.03 -11.39 -95.69
CA UNK RC 287 77.64 -11.11 -96.99
C UNK RC 287 76.98 -9.91 -97.65
N UNK RC 288 75.92 -9.44 -97.02
CA UNK RC 288 75.16 -8.27 -97.47
C UNK RC 288 75.34 -7.36 -96.28
N UNK RC 289 74.65 -6.21 -96.21
CA UNK RC 289 74.86 -5.38 -95.03
C UNK RC 289 73.83 -5.45 -93.93
N UNK RC 290 72.55 -5.42 -94.27
CA UNK RC 290 71.58 -5.06 -93.26
C UNK RC 290 71.62 -6.05 -92.12
N UNK RC 291 71.63 -7.32 -92.47
CA UNK RC 291 71.70 -8.33 -91.44
C UNK RC 291 73.02 -8.10 -90.74
N UNK RC 292 74.04 -7.88 -91.57
CA UNK RC 292 75.41 -7.71 -91.11
C UNK RC 292 75.47 -6.90 -89.86
N UNK RC 293 74.83 -5.74 -89.87
CA UNK RC 293 74.82 -4.94 -88.66
C UNK RC 293 74.06 -5.60 -87.49
N UNK RC 294 72.91 -6.15 -87.80
CA UNK RC 294 71.98 -6.56 -86.76
C UNK RC 294 72.61 -7.64 -85.92
N UNK RC 295 73.33 -8.51 -86.59
CA UNK RC 295 73.99 -9.58 -85.89
C UNK RC 295 74.94 -8.92 -84.93
N UNK RC 296 75.55 -7.84 -85.39
CA UNK RC 296 76.54 -7.17 -84.56
C UNK RC 296 75.89 -6.66 -83.30
N UNK RC 297 74.73 -6.05 -83.46
CA UNK RC 297 74.07 -5.47 -82.32
C UNK RC 297 73.80 -6.57 -81.34
N UNK RC 298 73.36 -7.72 -81.81
CA UNK RC 298 72.87 -8.69 -80.85
C UNK RC 298 74.01 -9.00 -79.92
N UNK RC 299 75.19 -9.11 -80.49
CA UNK RC 299 76.31 -9.58 -79.71
C UNK RC 299 76.50 -8.58 -78.59
N UNK RC 300 76.34 -7.30 -78.91
CA UNK RC 300 76.52 -6.29 -77.90
C UNK RC 300 75.49 -6.49 -76.82
N UNK RC 301 74.27 -6.80 -77.24
CA UNK RC 301 73.19 -6.83 -76.29
C UNK RC 301 73.54 -7.89 -75.29
N UNK RC 302 74.08 -8.98 -75.82
CA UNK RC 302 74.46 -10.10 -75.02
C UNK RC 302 75.50 -9.56 -74.08
N UNK RC 303 76.36 -8.72 -74.62
CA UNK RC 303 77.41 -8.11 -73.82
C UNK RC 303 76.66 -7.33 -72.75
N UNK RC 304 75.56 -6.73 -73.16
CA UNK RC 304 74.76 -6.00 -72.22
C UNK RC 304 74.32 -6.99 -71.17
N UNK RC 305 73.97 -8.18 -71.59
CA UNK RC 305 73.41 -9.13 -70.65
C UNK RC 305 74.43 -9.43 -69.58
N UNK RC 306 75.65 -9.75 -69.99
CA UNK RC 306 76.58 -10.39 -69.07
C UNK RC 306 76.88 -9.52 -67.87
N UNK RC 307 77.01 -8.23 -68.11
CA UNK RC 307 77.24 -7.28 -67.03
C UNK RC 307 76.04 -7.37 -66.13
N UNK RC 308 74.92 -7.76 -66.71
CA UNK RC 308 73.70 -7.84 -65.94
C UNK RC 308 73.99 -8.79 -64.81
N UNK RC 309 74.75 -9.82 -65.12
CA UNK RC 309 75.24 -10.73 -64.13
C UNK RC 309 76.11 -9.89 -63.22
N UNK RC 310 76.81 -8.93 -63.80
CA UNK RC 310 77.77 -8.18 -63.03
C UNK RC 310 77.08 -7.49 -61.87
N UNK RC 311 75.97 -6.78 -62.05
CA UNK RC 311 75.39 -6.15 -60.85
C UNK RC 311 75.51 -4.63 -60.57
N UNK RC 312 76.03 -3.83 -61.51
CA UNK RC 312 76.10 -2.38 -61.28
C UNK RC 312 74.90 -1.76 -61.98
N UNK RC 313 73.88 -1.42 -61.20
CA UNK RC 313 72.64 -0.89 -61.71
C UNK RC 313 72.85 0.40 -62.49
N UNK RC 314 73.66 1.22 -61.89
CA UNK RC 314 74.29 2.26 -62.62
C UNK RC 314 75.07 1.51 -63.70
N UNK RC 315 75.65 0.38 -63.34
CA UNK RC 315 76.48 -0.32 -64.31
C UNK RC 315 75.61 -0.66 -65.51
N UNK RC 316 74.43 -1.19 -65.24
CA UNK RC 316 73.58 -1.63 -66.32
C UNK RC 316 73.15 -0.49 -67.22
N UNK RC 317 72.75 0.62 -66.62
CA UNK RC 317 72.26 1.73 -67.40
C UNK RC 317 73.40 2.23 -68.27
N UNK RC 318 74.60 2.28 -67.71
CA UNK RC 318 75.75 2.80 -68.43
C UNK RC 318 76.01 1.93 -69.64
N UNK RC 319 76.02 0.62 -69.48
CA UNK RC 319 76.26 -0.22 -70.64
C UNK RC 319 75.13 -0.04 -71.64
N UNK RC 320 73.92 -0.09 -71.11
CA UNK RC 320 72.75 0.06 -71.94
C UNK RC 320 72.76 1.45 -72.53
N UNK RC 321 73.10 2.44 -71.73
CA UNK RC 321 72.95 3.81 -72.17
C UNK RC 321 73.83 4.02 -73.37
N UNK RC 322 75.06 3.54 -73.29
CA UNK RC 322 75.94 3.66 -74.43
C UNK RC 322 75.55 2.83 -75.65
N UNK RC 323 75.17 1.59 -75.43
CA UNK RC 323 75.05 0.62 -76.52
C UNK RC 323 74.04 1.11 -77.53
N UNK RC 324 72.95 1.68 -77.04
CA UNK RC 324 71.92 2.13 -77.95
C UNK RC 324 72.49 3.20 -78.86
N UNK RC 325 73.30 4.10 -78.32
CA UNK RC 325 73.78 5.19 -79.13
C UNK RC 325 74.59 4.62 -80.29
N UNK RC 326 75.59 3.79 -80.03
CA UNK RC 326 76.45 3.49 -81.16
C UNK RC 326 75.73 2.76 -82.26
N UNK RC 327 75.02 1.72 -81.85
CA UNK RC 327 74.36 0.86 -82.81
C UNK RC 327 73.34 1.68 -83.53
N UNK RC 328 72.65 2.51 -82.77
CA UNK RC 328 71.57 3.26 -83.35
C UNK RC 328 72.13 4.15 -84.44
N UNK RC 329 73.24 4.81 -84.14
CA UNK RC 329 73.78 5.73 -85.11
C UNK RC 329 74.17 4.99 -86.37
N UNK RC 330 74.93 3.92 -86.24
CA UNK RC 330 75.49 3.31 -87.44
C UNK RC 330 74.34 2.84 -88.30
N UNK RC 331 73.40 2.17 -87.67
CA UNK RC 331 72.23 1.64 -88.34
C UNK RC 331 71.67 2.71 -89.24
N UNK RC 332 71.60 3.93 -88.71
CA UNK RC 332 71.08 5.01 -89.51
C UNK RC 332 71.97 5.19 -90.72
N UNK RC 333 73.27 5.08 -90.51
CA UNK RC 333 74.24 5.23 -91.59
C UNK RC 333 74.13 4.19 -92.70
N UNK RC 334 73.90 2.94 -92.32
CA UNK RC 334 73.84 1.85 -93.28
C UNK RC 334 72.75 2.07 -94.30
N UNK RC 335 71.62 2.50 -93.75
CA UNK RC 335 70.40 2.83 -94.45
C UNK RC 335 70.69 3.99 -95.36
N UNK RC 336 71.50 4.93 -94.88
CA UNK RC 336 71.86 6.06 -95.72
C UNK RC 336 72.67 5.49 -96.88
N UNK RC 337 73.58 4.57 -96.55
CA UNK RC 337 74.43 3.90 -97.53
C UNK RC 337 73.62 3.03 -98.50
N UNK RC 338 72.66 2.29 -97.96
CA UNK RC 338 71.81 1.43 -98.77
C UNK RC 338 71.06 2.34 -99.71
N UNK RC 339 70.65 3.48 -99.16
CA UNK RC 339 69.92 4.49 -99.90
C UNK RC 339 70.88 4.91 -100.98
N UNK RC 340 72.17 5.04 -100.62
CA UNK RC 340 73.10 5.40 -101.67
C UNK RC 340 73.43 4.24 -102.60
N UNK RC 341 72.54 3.26 -102.60
CA UNK RC 341 72.63 2.06 -103.42
C UNK RC 341 71.39 1.82 -104.28
N UNK RC 342 70.28 2.51 -104.00
CA UNK RC 342 69.03 2.36 -104.77
C UNK RC 342 68.42 0.95 -104.94
N UNK RC 343 68.33 0.20 -103.85
CA UNK RC 343 67.83 -1.19 -103.83
C UNK RC 343 68.81 -2.37 -103.91
N UNK RC 344 69.98 -2.28 -103.28
CA UNK RC 344 70.93 -3.39 -103.38
C UNK RC 344 71.17 -4.16 -102.07
N UNK RC 345 71.70 -3.48 -101.07
CA UNK RC 345 71.94 -4.12 -99.78
C UNK RC 345 72.82 -5.39 -99.76
N UNK RC 346 73.94 -5.39 -100.45
CA UNK RC 346 74.84 -6.52 -100.28
C UNK RC 346 76.25 -6.09 -99.92
N UNK RC 347 76.90 -6.85 -99.02
CA UNK RC 347 78.26 -6.52 -98.68
C UNK RC 347 79.01 -6.73 -99.98
N UNK RC 348 78.63 -7.76 -100.73
CA UNK RC 348 79.29 -8.04 -102.00
C UNK RC 348 79.15 -6.81 -102.89
N UNK RC 349 77.97 -6.20 -102.88
CA UNK RC 349 77.78 -4.99 -103.66
C UNK RC 349 77.60 -3.81 -102.74
N UNK RC 350 82.17 3.83 -102.08
CA UNK RC 350 83.22 3.63 -101.10
C UNK RC 350 83.49 4.91 -100.32
N UNK RC 351 84.49 5.67 -100.74
CA UNK RC 351 84.87 6.90 -100.04
C UNK RC 351 83.89 8.03 -100.29
N UNK RC 352 82.98 7.84 -101.22
CA UNK RC 352 82.11 8.91 -101.69
C UNK RC 352 81.19 9.55 -100.66
N UNK RC 353 80.47 8.75 -99.89
CA UNK RC 353 79.35 9.27 -99.13
C UNK RC 353 79.90 9.83 -97.85
N UNK RC 354 80.61 10.94 -97.98
CA UNK RC 354 81.69 11.27 -97.09
C UNK RC 354 81.19 11.33 -95.68
N UNK RC 355 80.00 11.87 -95.48
CA UNK RC 355 79.46 11.92 -94.14
C UNK RC 355 79.30 10.48 -93.66
N UNK RC 356 78.80 9.63 -94.54
CA UNK RC 356 78.55 8.26 -94.16
C UNK RC 356 79.85 7.61 -93.81
N UNK RC 357 80.84 7.87 -94.64
CA UNK RC 357 82.12 7.22 -94.58
C UNK RC 357 82.67 7.56 -93.24
N UNK RC 358 82.60 8.83 -92.93
CA UNK RC 358 83.00 9.31 -91.63
C UNK RC 358 82.02 8.65 -90.69
N UNK RC 359 80.76 8.62 -91.10
CA UNK RC 359 79.73 8.21 -90.19
C UNK RC 359 80.03 6.79 -89.79
N UNK RC 360 80.38 5.98 -90.78
CA UNK RC 360 80.69 4.61 -90.49
C UNK RC 360 81.91 4.64 -89.58
N UNK RC 361 82.79 5.58 -89.87
CA UNK RC 361 84.09 5.57 -89.26
C UNK RC 361 83.91 5.66 -87.77
N UNK RC 362 82.96 6.49 -87.35
CA UNK RC 362 82.78 6.75 -85.95
C UNK RC 362 82.40 5.46 -85.25
N UNK RC 363 81.53 4.74 -85.89
CA UNK RC 363 81.12 3.52 -85.28
C UNK RC 363 82.41 2.89 -84.89
N UNK RC 364 83.11 2.47 -85.93
CA UNK RC 364 84.20 1.55 -85.79
C UNK RC 364 84.94 1.96 -84.55
N UNK RC 365 85.00 3.25 -84.30
CA UNK RC 365 85.48 3.70 -83.02
C UNK RC 365 84.53 3.15 -81.98
N UNK RC 366 83.25 3.17 -82.30
CA UNK RC 366 82.23 2.83 -81.31
C UNK RC 366 82.36 1.40 -80.82
N UNK RC 367 82.53 0.47 -81.74
CA UNK RC 367 82.72 -0.92 -81.35
C UNK RC 367 84.01 -0.95 -80.57
N UNK RC 368 84.94 -0.09 -80.98
CA UNK RC 368 86.21 0.04 -80.30
C UNK RC 368 85.98 0.80 -79.00
N UNK RC 369 87.00 0.85 -78.14
CA UNK RC 369 86.88 1.57 -76.89
C UNK RC 369 87.99 2.58 -76.60
N UNK RC 370 87.61 3.82 -76.33
CA UNK RC 370 88.56 4.86 -76.00
C UNK RC 370 87.99 5.44 -74.74
N UNK RC 371 88.85 5.96 -73.86
CA UNK RC 371 88.31 6.50 -72.62
C UNK RC 371 87.38 7.64 -72.96
N UNK RC 372 87.81 8.51 -73.86
CA UNK RC 372 87.03 9.67 -74.30
C UNK RC 372 85.74 9.35 -75.05
N UNK RC 373 85.77 8.32 -75.90
CA UNK RC 373 84.65 7.93 -76.78
C UNK RC 373 83.32 7.51 -76.14
N UNK RC 374 83.38 6.78 -75.02
CA UNK RC 374 82.23 6.27 -74.26
C UNK RC 374 81.91 4.79 -74.54
N UNK RC 375 82.46 4.26 -75.62
CA UNK RC 375 82.32 2.85 -75.91
C UNK RC 375 83.34 2.16 -75.03
N UNK RC 376 84.41 2.88 -74.70
CA UNK RC 376 85.39 2.36 -73.76
C UNK RC 376 84.81 2.55 -72.35
N UNK RC 377 83.80 3.40 -72.22
CA UNK RC 377 83.19 3.62 -70.92
C UNK RC 377 82.35 2.39 -70.63
N UNK RC 378 81.85 1.72 -71.68
CA UNK RC 378 81.06 0.53 -71.43
C UNK RC 378 81.89 -0.73 -71.34
N UNK RC 379 82.77 -0.94 -72.31
CA UNK RC 379 83.53 -2.18 -72.36
C UNK RC 379 84.49 -2.31 -71.19
N UNK RC 380 85.15 -1.19 -70.89
CA UNK RC 380 86.12 -1.14 -69.82
C UNK RC 380 85.49 -1.34 -68.45
N UNK RC 381 84.34 -0.72 -68.26
CA UNK RC 381 83.64 -0.86 -67.00
C UNK RC 381 83.29 -2.33 -66.91
N UNK RC 382 82.90 -2.88 -68.04
CA UNK RC 382 82.46 -4.27 -68.11
C UNK RC 382 83.59 -5.20 -67.70
N UNK RC 383 84.69 -5.00 -68.40
CA UNK RC 383 85.87 -5.81 -68.27
C UNK RC 383 86.34 -5.59 -66.87
N UNK RC 384 86.20 -4.37 -66.40
CA UNK RC 384 86.74 -4.02 -65.11
C UNK RC 384 86.08 -4.94 -64.11
N UNK RC 385 84.79 -5.15 -64.31
CA UNK RC 385 84.07 -6.08 -63.46
C UNK RC 385 84.68 -7.44 -63.66
N UNK RC 386 85.06 -7.75 -64.89
CA UNK RC 386 85.50 -9.10 -65.19
C UNK RC 386 86.69 -9.37 -64.30
N UNK RC 387 87.56 -8.40 -64.20
CA UNK RC 387 88.62 -8.45 -63.24
C UNK RC 387 88.03 -8.40 -61.85
N UNK RC 388 82.85 -19.95 -68.64
CA UNK RC 388 83.13 -19.16 -67.45
C UNK RC 388 83.65 -17.78 -67.82
N UNK RC 389 84.44 -17.19 -66.92
CA UNK RC 389 85.00 -15.86 -67.15
C UNK RC 389 85.93 -15.86 -68.37
N UNK RC 390 86.73 -16.91 -68.50
CA UNK RC 390 87.66 -17.03 -69.61
C UNK RC 390 86.92 -17.09 -70.95
N UNK RC 391 85.80 -17.82 -70.97
CA UNK RC 391 85.00 -17.95 -72.18
C UNK RC 391 84.38 -16.62 -72.58
N UNK RC 392 84.08 -15.79 -71.59
CA UNK RC 392 83.49 -14.49 -71.83
C UNK RC 392 84.36 -13.51 -72.62
N UNK RC 393 85.65 -13.47 -72.32
CA UNK RC 393 86.54 -12.54 -73.00
C UNK RC 393 86.76 -12.72 -74.52
N UNK RC 394 86.91 -13.96 -74.94
CA UNK RC 394 87.23 -14.33 -76.30
C UNK RC 394 86.22 -13.62 -77.16
N UNK RC 395 84.99 -13.54 -76.66
CA UNK RC 395 83.94 -12.86 -77.38
C UNK RC 395 84.26 -11.39 -77.57
N UNK RC 396 84.83 -10.78 -76.55
CA UNK RC 396 85.11 -9.37 -76.64
C UNK RC 396 86.07 -9.19 -77.78
N UNK RC 397 87.14 -9.97 -77.78
CA UNK RC 397 88.12 -9.84 -78.85
C UNK RC 397 87.49 -10.11 -80.22
N UNK RC 398 86.62 -11.11 -80.27
CA UNK RC 398 86.03 -11.57 -81.50
C UNK RC 398 85.24 -10.44 -82.12
N UNK RC 399 84.58 -9.66 -81.26
CA UNK RC 399 83.62 -8.66 -81.71
C UNK RC 399 84.29 -7.63 -82.59
N UNK RC 400 85.49 -7.23 -82.23
CA UNK RC 400 86.19 -6.21 -82.99
C UNK RC 400 86.33 -6.77 -84.38
N UNK RC 401 86.57 -8.06 -84.44
CA UNK RC 401 86.65 -8.76 -85.69
C UNK RC 401 85.31 -8.57 -86.35
N UNK RC 402 84.27 -8.54 -85.52
CA UNK RC 402 82.95 -8.24 -86.00
C UNK RC 402 83.07 -6.84 -86.55
N UNK RC 403 83.71 -5.93 -85.82
CA UNK RC 403 83.88 -4.61 -86.41
C UNK RC 403 84.71 -4.73 -87.68
N UNK RC 404 85.77 -5.54 -87.59
CA UNK RC 404 86.76 -5.63 -88.64
C UNK RC 404 86.22 -6.16 -89.96
N UNK RC 405 85.39 -7.20 -89.89
CA UNK RC 405 84.89 -7.78 -91.13
C UNK RC 405 84.05 -6.77 -91.87
N UNK RC 406 83.20 -6.08 -91.13
CA UNK RC 406 82.30 -5.13 -91.75
C UNK RC 406 83.16 -4.06 -92.39
N UNK RC 407 84.17 -3.60 -91.65
CA UNK RC 407 84.98 -2.51 -92.16
C UNK RC 407 85.65 -2.92 -93.46
N UNK RC 408 86.19 -4.13 -93.51
CA UNK RC 408 86.86 -4.60 -94.71
C UNK RC 408 85.94 -4.76 -95.92
N UNK RC 409 84.76 -5.33 -95.68
CA UNK RC 409 83.85 -5.66 -96.78
C UNK RC 409 83.36 -4.42 -97.51
N UNK RC 410 83.15 -3.39 -96.70
CA UNK RC 410 82.21 -2.30 -96.88
C UNK RC 410 82.82 -1.04 -97.44
N UNK RC 411 83.97 -0.64 -96.94
CA UNK RC 411 84.54 0.64 -97.32
C UNK RC 411 85.92 0.57 -97.96
N UNK RC 412 86.06 1.29 -99.06
CA UNK RC 412 87.31 1.46 -99.77
C UNK RC 412 87.63 0.43 -100.84
N UNK RC 413 88.45 0.85 -101.80
CA UNK RC 413 88.93 -0.03 -102.86
C UNK RC 413 87.95 -0.50 -103.92
N UNK RC 414 86.88 -1.18 -103.49
CA UNK RC 414 85.96 -1.73 -104.48
C UNK RC 414 85.15 -0.66 -105.15
N UNK RC 415 84.69 -0.98 -106.34
CA UNK RC 415 83.67 -0.20 -107.00
C UNK RC 415 82.62 -1.13 -107.55
N UNK RC 416 81.73 -1.64 -106.70
CA UNK RC 416 80.66 -2.50 -107.18
C UNK RC 416 79.36 -1.71 -107.25
N UNK RC 417 78.82 -1.57 -108.44
CA UNK RC 417 77.46 -1.09 -108.64
C UNK RC 417 77.06 -1.44 -110.05
N UNK RC 418 75.77 -1.44 -110.32
CA UNK RC 418 75.28 -1.27 -111.68
C UNK RC 418 75.40 0.23 -111.87
N UNK RC 419 75.26 0.75 -113.08
CA UNK RC 419 75.48 2.19 -113.26
C UNK RC 419 74.55 2.93 -112.33
N UNK RC 420 75.11 3.81 -111.52
CA UNK RC 420 74.37 4.39 -110.41
C UNK RC 420 74.54 5.89 -110.26
N UNK RC 421 73.41 6.58 -110.09
CA UNK RC 421 73.41 8.03 -109.91
C UNK RC 421 73.03 8.50 -108.50
N UNK RC 422 73.03 7.62 -107.50
CA UNK RC 422 72.59 8.05 -106.15
C UNK RC 422 73.53 9.02 -105.43
N UNK RC 423 72.98 10.06 -104.81
CA UNK RC 423 73.80 11.05 -104.11
C UNK RC 423 73.09 11.77 -102.97
N UNK RC 424 73.89 12.35 -102.08
CA UNK RC 424 73.42 12.99 -100.85
C UNK RC 424 72.62 14.28 -101.02
N UNK RC 425 71.62 14.45 -100.15
CA UNK RC 425 70.74 15.61 -100.15
C UNK RC 425 70.74 16.33 -98.81
N UNK RC 426 69.70 17.09 -98.55
CA UNK RC 426 69.54 17.82 -97.28
C UNK RC 426 69.44 16.97 -96.01
N UNK RC 427 68.89 15.77 -96.18
CA UNK RC 427 68.75 14.80 -95.10
C UNK RC 427 70.12 14.43 -94.57
N UNK RC 428 71.14 14.63 -95.42
CA UNK RC 428 72.53 14.37 -95.04
C UNK RC 428 72.91 15.22 -93.84
N UNK RC 429 72.21 16.33 -93.65
CA UNK RC 429 72.39 17.10 -92.41
C UNK RC 429 72.02 16.22 -91.21
N UNK RC 430 70.98 15.40 -91.39
CA UNK RC 430 70.52 14.45 -90.38
C UNK RC 430 71.66 13.47 -90.10
N UNK RC 431 72.41 13.15 -91.14
CA UNK RC 431 73.60 12.33 -91.00
C UNK RC 431 74.60 13.04 -90.10
N UNK RC 432 74.63 14.37 -90.18
CA UNK RC 432 75.36 15.16 -89.18
C UNK RC 432 74.70 14.98 -87.82
N UNK RC 433 73.16 14.84 -87.97
CA UNK RC 433 72.56 14.82 -86.64
C UNK RC 433 73.04 13.64 -85.82
N UNK RC 434 73.19 12.48 -86.45
CA UNK RC 434 73.69 11.30 -85.76
C UNK RC 434 75.11 11.53 -85.24
N UNK RC 435 75.93 12.17 -86.06
CA UNK RC 435 77.29 12.51 -85.66
C UNK RC 435 77.27 13.48 -84.48
N UNK RC 436 76.36 14.44 -84.54
CA UNK RC 436 76.22 15.40 -83.46
C UNK RC 436 75.84 14.68 -82.16
N UNK RC 437 74.96 13.69 -82.29
CA UNK RC 437 74.51 12.88 -81.17
C UNK RC 437 75.67 12.09 -80.57
N UNK RC 438 76.53 11.55 -81.43
CA UNK RC 438 77.71 10.82 -80.98
C UNK RC 438 78.64 11.75 -80.20
N UNK RC 439 78.78 12.98 -80.70
CA UNK RC 439 79.59 13.97 -80.03
C UNK RC 439 79.02 14.28 -78.65
N UNK RC 440 77.69 14.39 -78.57
CA UNK RC 440 77.01 14.64 -77.30
C UNK RC 440 77.26 13.48 -76.34
N UNK RC 441 77.29 12.27 -76.90
CA UNK RC 441 77.13 11.02 -76.17
C UNK RC 441 78.16 10.78 -75.08
N UNK RC 442 79.41 11.13 -75.34
CA UNK RC 442 80.42 10.94 -74.31
C UNK RC 442 80.03 11.82 -73.13
N UNK RC 443 79.56 13.03 -73.43
CA UNK RC 443 79.10 13.95 -72.40
C UNK RC 443 77.90 13.38 -71.66
N UNK RC 444 77.01 12.74 -72.41
CA UNK RC 444 75.82 12.14 -71.80
C UNK RC 444 76.21 11.06 -70.82
N UNK RC 445 77.21 10.26 -71.18
CA UNK RC 445 77.76 9.27 -70.27
C UNK RC 445 78.38 10.04 -69.12
N UNK RC 446 79.03 11.15 -69.46
CA UNK RC 446 79.65 12.05 -68.51
C UNK RC 446 78.62 12.66 -67.56
N UNK RC 447 77.52 13.13 -68.15
CA UNK RC 447 76.45 13.73 -67.37
C UNK RC 447 75.82 12.68 -66.46
N UNK RC 448 75.62 11.50 -67.03
CA UNK RC 448 75.04 10.40 -66.29
C UNK RC 448 75.98 10.06 -65.15
N UNK RC 449 77.28 10.04 -65.42
CA UNK RC 449 78.25 9.69 -64.41
C UNK RC 449 78.22 10.71 -63.27
N UNK RC 450 78.08 11.98 -63.64
CA UNK RC 450 78.04 13.06 -62.67
C UNK RC 450 76.81 12.92 -61.78
N UNK RC 451 75.67 12.58 -62.38
CA UNK RC 451 74.46 12.40 -61.58
C UNK RC 451 74.66 11.22 -60.64
N UNK RC 452 75.24 10.17 -61.21
CA UNK RC 452 75.53 8.92 -60.51
C UNK RC 452 76.56 9.08 -59.40
N UNK RC 453 77.62 9.85 -59.66
CA UNK RC 453 78.69 9.89 -58.67
C UNK RC 453 78.40 8.93 -57.51
N UNK RC 454 77.15 8.89 -57.08
CA UNK RC 454 76.71 7.96 -56.04
C UNK RC 454 76.86 6.53 -56.52
N UNK RC 455 76.53 6.31 -57.79
CA UNK RC 455 76.70 4.98 -58.38
C UNK RC 455 78.17 4.57 -58.36
N UNK RC 456 79.05 5.51 -58.66
CA UNK RC 456 80.50 5.29 -58.63
C UNK RC 456 80.98 4.96 -57.22
N UNK RC 457 80.41 5.66 -56.24
CA UNK RC 457 80.72 5.42 -54.84
C UNK RC 457 80.35 4.00 -54.47
N UNK RC 458 79.13 3.62 -55.09
CA UNK RC 458 78.56 2.31 -54.82
C UNK RC 458 79.24 1.27 -55.71
N UNK RC 459 80.33 1.72 -56.33
CA UNK RC 459 80.89 1.18 -57.56
C UNK RC 459 82.29 1.73 -57.77
N UNK RC 460 82.45 3.01 -57.48
CA UNK RC 460 83.75 3.67 -57.58
C UNK RC 460 84.74 3.06 -56.61
N UNK RC 461 84.27 2.75 -55.40
CA UNK RC 461 85.10 2.11 -54.39
C UNK RC 461 85.56 0.74 -54.88
N UNK RC 462 84.64 0.02 -55.52
CA UNK RC 462 84.95 -1.29 -56.07
C UNK RC 462 86.00 -1.17 -57.16
N UNK RC 463 85.88 -0.14 -57.98
CA UNK RC 463 86.84 0.12 -59.04
C UNK RC 463 88.21 0.41 -58.46
N UNK RC 464 88.23 1.18 -57.36
CA UNK RC 464 89.47 1.51 -56.68
C UNK RC 464 90.12 0.24 -56.15
N UNK RC 465 89.29 -0.65 -55.61
CA UNK RC 465 89.79 -1.93 -55.13
C UNK RC 465 90.40 -2.73 -56.27
N UNK RC 466 89.75 -2.68 -57.43
CA UNK RC 466 90.21 -3.40 -58.62
C UNK RC 466 91.49 -2.74 -59.16
N UNK RC 467 95.05 -3.81 -58.18
CA UNK RC 467 94.18 -3.93 -59.34
C UNK RC 467 95.04 -4.01 -60.59
N UNK RC 468 96.29 -3.60 -60.45
CA UNK RC 468 97.10 -3.20 -61.60
C UNK RC 468 97.38 -4.25 -62.65
N UNK RC 469 97.88 -5.42 -62.34
CA UNK RC 469 98.26 -6.19 -63.51
C UNK RC 469 97.02 -6.43 -64.38
N UNK RC 470 95.95 -6.86 -63.70
CA UNK RC 470 94.76 -7.34 -64.38
C UNK RC 470 93.99 -6.30 -65.18
N UNK RC 471 93.79 -5.12 -64.61
CA UNK RC 471 92.97 -4.11 -65.28
C UNK RC 471 93.61 -3.64 -66.57
N UNK RC 472 94.86 -3.22 -66.49
CA UNK RC 472 95.43 -2.59 -67.67
C UNK RC 472 95.44 -3.62 -68.77
N UNK RC 473 95.82 -4.82 -68.39
CA UNK RC 473 96.02 -5.87 -69.37
C UNK RC 473 94.70 -6.11 -70.07
N UNK RC 474 93.63 -6.15 -69.30
CA UNK RC 474 92.35 -6.47 -69.88
C UNK RC 474 91.92 -5.44 -70.92
N UNK RC 475 92.06 -4.16 -70.59
CA UNK RC 475 91.65 -3.13 -71.53
C UNK RC 475 92.52 -3.25 -72.77
N UNK RC 476 93.81 -3.31 -72.56
CA UNK RC 476 94.72 -3.27 -73.70
C UNK RC 476 94.47 -4.48 -74.57
N UNK RC 477 94.20 -5.62 -73.95
CA UNK RC 477 93.93 -6.87 -74.65
C UNK RC 477 93.11 -6.68 -75.93
N UNK RC 478 92.02 -5.92 -75.79
CA UNK RC 478 91.12 -5.62 -76.90
C UNK RC 478 91.83 -4.81 -77.98
N UNK RC 479 92.64 -3.84 -77.55
CA UNK RC 479 93.37 -2.99 -78.48
C UNK RC 479 94.33 -3.85 -79.30
N UNK RC 480 94.96 -4.80 -78.62
CA UNK RC 480 95.88 -5.72 -79.28
C UNK RC 480 95.08 -6.54 -80.28
N UNK RC 481 93.86 -6.87 -79.89
CA UNK RC 481 92.92 -7.67 -80.68
C UNK RC 481 92.55 -7.02 -82.01
N UNK RC 482 92.43 -5.69 -82.00
CA UNK RC 482 92.06 -4.98 -83.21
C UNK RC 482 93.12 -5.25 -84.29
N UNK RC 483 94.38 -5.29 -83.89
CA UNK RC 483 95.44 -5.58 -84.83
C UNK RC 483 95.26 -6.96 -85.43
N UNK RC 484 94.88 -7.93 -84.59
CA UNK RC 484 94.64 -9.29 -85.05
C UNK RC 484 93.47 -9.29 -86.02
N UNK RC 485 92.46 -8.52 -85.67
CA UNK RC 485 91.26 -8.36 -86.49
C UNK RC 485 91.72 -7.61 -87.70
N UNK RC 486 92.58 -6.62 -87.47
CA UNK RC 486 93.12 -5.83 -88.56
C UNK RC 486 94.06 -6.71 -89.39
N UNK RC 487 94.81 -7.55 -88.71
CA UNK RC 487 95.70 -8.50 -89.36
C UNK RC 487 94.93 -9.49 -90.21
N UNK RC 488 93.79 -9.94 -89.69
CA UNK RC 488 92.89 -10.82 -90.42
C UNK RC 488 92.34 -10.14 -91.67
N UNK RC 489 92.04 -8.86 -91.53
CA UNK RC 489 91.56 -8.05 -92.65
C UNK RC 489 92.65 -7.98 -93.72
N UNK RC 490 93.89 -7.82 -93.28
CA UNK RC 490 95.02 -7.78 -94.20
C UNK RC 490 95.16 -9.13 -94.91
N UNK RC 491 94.93 -10.19 -94.14
CA UNK RC 491 95.00 -11.56 -94.65
C UNK RC 491 93.98 -11.77 -95.74
N UNK RC 492 92.81 -11.17 -95.58
CA UNK RC 492 91.77 -11.30 -96.59
C UNK RC 492 92.30 -10.73 -97.91
N UNK RC 493 93.01 -9.62 -97.81
CA UNK RC 493 93.73 -9.04 -98.94
C UNK RC 493 94.07 -10.10 -99.99
N UNK SC 1 8.22 -5.96 -65.42
CA UNK SC 1 9.63 -5.62 -65.55
C UNK SC 1 9.94 -5.25 -66.99
N UNK SC 2 11.23 -5.07 -67.29
CA UNK SC 2 11.64 -4.73 -68.63
C UNK SC 2 11.18 -5.88 -69.50
N UNK SC 3 11.29 -7.08 -68.95
CA UNK SC 3 10.88 -8.28 -69.64
C UNK SC 3 9.41 -8.14 -69.93
N UNK SC 4 8.69 -7.58 -68.97
CA UNK SC 4 7.27 -7.41 -69.14
C UNK SC 4 7.07 -6.56 -70.37
N UNK SC 5 7.92 -5.57 -70.53
CA UNK SC 5 7.81 -4.69 -71.69
C UNK SC 5 8.31 -5.34 -72.97
N UNK SC 6 9.35 -6.17 -72.86
CA UNK SC 6 9.90 -6.78 -74.05
C UNK SC 6 8.79 -7.43 -74.84
N UNK SC 7 7.86 -8.04 -74.13
CA UNK SC 7 6.93 -8.93 -74.76
C UNK SC 7 6.17 -8.16 -75.81
N UNK SC 8 5.86 -6.92 -75.47
CA UNK SC 8 5.05 -6.10 -76.33
C UNK SC 8 5.79 -5.97 -77.64
N UNK SC 9 7.09 -6.16 -77.61
CA UNK SC 9 7.90 -5.99 -78.80
C UNK SC 9 7.33 -6.92 -79.85
N UNK SC 10 6.90 -8.11 -79.44
CA UNK SC 10 6.46 -9.09 -80.41
C UNK SC 10 5.27 -8.56 -81.21
N UNK SC 11 4.32 -7.93 -80.56
CA UNK SC 11 3.18 -7.50 -81.30
C UNK SC 11 3.67 -6.50 -82.32
N UNK SC 12 4.56 -5.62 -81.90
CA UNK SC 12 4.95 -4.50 -82.72
C UNK SC 12 5.61 -4.94 -83.99
N UNK SC 13 6.53 -5.86 -83.91
CA UNK SC 13 7.14 -6.24 -85.13
C UNK SC 13 6.03 -6.74 -86.03
N UNK SC 14 5.23 -7.63 -85.50
CA UNK SC 14 4.21 -8.24 -86.32
C UNK SC 14 3.29 -7.23 -86.98
N UNK SC 15 2.83 -6.30 -86.15
CA UNK SC 15 1.73 -5.41 -86.48
C UNK SC 15 1.93 -4.42 -87.62
N UNK SC 16 3.14 -3.89 -87.80
CA UNK SC 16 3.27 -2.72 -88.66
C UNK SC 16 2.87 -2.92 -90.13
N UNK SC 17 3.29 -4.02 -90.72
CA UNK SC 17 2.88 -4.42 -92.08
C UNK SC 17 3.44 -3.52 -93.19
N UNK SC 18 3.09 -2.24 -93.12
CA UNK SC 18 3.65 -1.23 -94.00
C UNK SC 18 4.85 -0.77 -93.18
N UNK SC 19 5.63 0.17 -93.70
CA UNK SC 19 6.80 0.70 -92.98
C UNK SC 19 7.95 -0.27 -93.12
N UNK SC 20 7.69 -1.28 -93.93
CA UNK SC 20 8.64 -2.33 -94.22
C UNK SC 20 10.01 -1.71 -94.04
N UNK SC 21 10.80 -2.38 -93.22
CA UNK SC 21 10.34 -3.61 -92.59
C UNK SC 21 11.27 -3.97 -91.46
N UNK SC 22 10.73 -4.58 -90.40
CA UNK SC 22 11.59 -5.08 -89.37
C UNK SC 22 12.23 -3.89 -88.69
N UNK SC 23 12.94 -3.09 -89.49
CA UNK SC 23 13.90 -2.18 -88.91
C UNK SC 23 13.25 -1.24 -87.93
N UNK SC 24 12.10 -0.69 -88.30
CA UNK SC 24 11.49 0.26 -87.40
C UNK SC 24 11.34 -0.50 -86.10
N UNK SC 25 10.99 -1.75 -86.22
CA UNK SC 25 11.07 -2.52 -85.04
C UNK SC 25 12.49 -2.22 -84.60
N UNK SC 26 13.39 -2.75 -85.39
CA UNK SC 26 14.75 -2.95 -84.93
C UNK SC 26 15.28 -1.79 -84.13
N UNK SC 27 15.12 -0.59 -84.65
CA UNK SC 27 15.58 0.57 -83.93
C UNK SC 27 14.78 0.66 -82.66
N UNK SC 28 13.49 0.36 -82.69
CA UNK SC 28 12.72 0.54 -81.46
C UNK SC 28 13.26 -0.33 -80.35
N UNK SC 29 13.58 -1.57 -80.70
CA UNK SC 29 14.02 -2.53 -79.70
C UNK SC 29 15.29 -2.02 -79.06
N UNK SC 30 16.11 -1.38 -79.86
CA UNK SC 30 17.25 -0.82 -79.22
C UNK SC 30 16.48 -0.07 -78.19
N UNK SC 31 15.75 0.92 -78.68
CA UNK SC 31 15.27 1.98 -77.83
C UNK SC 31 14.95 1.43 -76.47
N UNK SC 32 14.33 0.27 -76.44
CA UNK SC 32 14.05 -0.39 -75.18
C UNK SC 32 15.27 -0.81 -74.38
N UNK SC 33 16.23 -1.42 -75.05
CA UNK SC 33 17.30 -2.01 -74.29
C UNK SC 33 18.03 -0.95 -73.50
N UNK SC 34 18.31 0.18 -74.12
CA UNK SC 34 19.27 1.09 -73.55
C UNK SC 34 18.80 1.53 -72.21
N UNK SC 35 17.51 1.82 -72.11
CA UNK SC 35 16.99 2.25 -70.83
C UNK SC 35 17.14 1.12 -69.86
N UNK SC 36 16.72 -0.08 -70.20
CA UNK SC 36 16.62 -1.07 -69.12
C UNK SC 36 17.95 -1.46 -68.48
N UNK SC 37 18.92 -1.69 -69.34
CA UNK SC 37 20.11 -2.37 -68.90
C UNK SC 37 20.74 -1.50 -67.86
N UNK SC 38 20.74 -0.21 -68.13
CA UNK SC 38 21.33 0.70 -67.19
C UNK SC 38 20.55 0.55 -65.91
N UNK SC 39 19.25 0.37 -66.06
CA UNK SC 39 18.38 0.45 -64.92
C UNK SC 39 18.81 -0.61 -63.93
N UNK SC 40 19.11 -1.80 -64.40
CA UNK SC 40 19.49 -2.86 -63.44
C UNK SC 40 20.78 -2.57 -62.65
N UNK SC 41 21.75 -1.94 -63.26
CA UNK SC 41 23.08 -1.99 -62.69
C UNK SC 41 23.02 -1.50 -61.24
N UNK SC 42 21.96 -0.75 -60.94
CA UNK SC 42 21.88 0.03 -59.72
C UNK SC 42 22.01 -0.76 -58.44
N UNK SC 43 21.48 -1.97 -58.41
CA UNK SC 43 21.34 -2.64 -57.14
C UNK SC 43 22.69 -2.75 -56.44
N UNK SC 44 22.68 -2.27 -55.20
CA UNK SC 44 23.83 -2.22 -54.35
C UNK SC 44 23.97 -3.51 -53.55
N UNK SC 45 24.42 -3.34 -52.31
CA UNK SC 45 24.72 -4.41 -51.36
C UNK SC 45 23.53 -5.11 -50.75
N UNK SC 46 23.74 -6.37 -50.38
CA UNK SC 46 22.71 -7.17 -49.76
C UNK SC 46 21.58 -7.34 -50.76
N UNK SC 47 21.91 -7.23 -52.04
CA UNK SC 47 20.88 -7.40 -53.04
C UNK SC 47 20.92 -8.83 -53.51
N UNK SC 48 19.77 -9.45 -53.75
CA UNK SC 48 18.42 -8.90 -53.57
C UNK SC 48 17.94 -8.04 -54.73
N UNK SC 49 16.62 -7.87 -54.80
CA UNK SC 49 16.00 -7.08 -55.85
C UNK SC 49 14.49 -7.31 -55.87
N UNK SC 50 13.82 -6.76 -56.89
CA UNK SC 50 12.38 -6.92 -57.04
C UNK SC 50 12.08 -7.27 -58.50
N UNK SC 51 11.05 -8.08 -58.73
CA UNK SC 51 10.22 -8.64 -57.70
C UNK SC 51 10.39 -10.14 -57.51
N UNK SC 52 9.69 -10.64 -56.50
CA UNK SC 52 9.71 -12.04 -56.12
C UNK SC 52 8.35 -12.71 -56.09
N UNK SC 53 8.22 -13.88 -56.67
CA UNK SC 53 9.31 -14.51 -57.36
C UNK SC 53 9.13 -14.28 -58.84
N UNK SC 54 10.19 -14.38 -59.62
CA UNK SC 54 11.54 -14.60 -59.10
C UNK SC 54 12.42 -13.62 -59.84
N UNK SC 55 13.20 -12.85 -59.10
CA UNK SC 55 14.06 -11.87 -59.72
C UNK SC 55 15.20 -11.52 -58.80
N UNK SC 56 16.22 -10.88 -59.36
CA UNK SC 56 17.37 -10.47 -58.58
C UNK SC 56 18.24 -11.68 -58.38
N UNK SC 57 19.46 -11.59 -58.90
CA UNK SC 57 19.87 -10.45 -59.69
C UNK SC 57 20.35 -9.35 -58.75
N UNK SC 58 21.28 -8.49 -59.20
CA UNK SC 58 21.92 -8.63 -60.48
C UNK SC 58 23.27 -9.26 -60.21
N UNK SC 59 23.39 -10.49 -60.68
CA UNK SC 59 24.58 -11.32 -60.51
C UNK SC 59 24.65 -12.01 -61.87
N UNK SC 60 25.27 -11.40 -62.87
CA UNK SC 60 26.02 -10.18 -62.69
C UNK SC 60 25.20 -9.04 -62.10
N UNK SC 61 24.02 -8.81 -62.63
CA UNK SC 61 23.44 -9.51 -63.74
C UNK SC 61 23.75 -8.71 -65.00
N UNK SC 62 24.78 -7.88 -64.92
CA UNK SC 62 25.20 -7.05 -66.02
C UNK SC 62 25.51 -8.03 -67.12
N UNK SC 63 26.04 -9.20 -66.76
CA UNK SC 63 26.33 -10.21 -67.74
C UNK SC 63 24.99 -10.52 -68.39
N UNK SC 64 23.96 -10.58 -67.57
CA UNK SC 64 22.63 -10.80 -68.09
C UNK SC 64 22.30 -9.58 -68.93
N UNK SC 65 22.66 -8.42 -68.39
CA UNK SC 65 22.41 -7.16 -69.05
C UNK SC 65 22.78 -7.24 -70.51
N UNK SC 66 23.97 -7.74 -70.78
CA UNK SC 66 24.40 -7.87 -72.17
C UNK SC 66 23.35 -8.50 -73.06
N UNK SC 67 22.78 -9.59 -72.63
CA UNK SC 67 21.80 -10.20 -73.48
C UNK SC 67 21.13 -9.08 -74.24
N UNK SC 68 20.79 -8.02 -73.54
CA UNK SC 68 20.01 -6.99 -74.21
C UNK SC 68 20.84 -6.35 -75.29
N UNK SC 69 22.09 -6.03 -75.00
CA UNK SC 69 22.89 -5.32 -75.99
C UNK SC 69 22.99 -6.20 -77.21
N UNK SC 70 23.20 -7.48 -77.01
CA UNK SC 70 23.29 -8.32 -78.17
C UNK SC 70 22.03 -8.28 -79.02
N UNK SC 71 20.87 -8.25 -78.37
CA UNK SC 71 19.62 -8.47 -79.10
C UNK SC 71 19.33 -7.44 -80.18
N UNK SC 72 19.49 -6.16 -79.87
CA UNK SC 72 19.22 -5.16 -80.89
C UNK SC 72 20.20 -5.30 -82.02
N UNK SC 73 21.49 -5.47 -81.77
CA UNK SC 73 22.40 -5.59 -82.93
C UNK SC 73 22.22 -6.81 -83.87
N UNK SC 74 21.98 -7.96 -83.27
CA UNK SC 74 22.01 -9.20 -84.00
C UNK SC 74 20.97 -9.08 -85.07
N UNK SC 75 19.87 -8.44 -84.72
CA UNK SC 75 18.82 -8.22 -85.67
C UNK SC 75 19.44 -7.39 -86.78
N UNK SC 76 20.28 -6.45 -86.39
CA UNK SC 76 20.76 -5.46 -87.33
C UNK SC 76 21.42 -6.19 -88.46
N UNK SC 77 22.29 -7.13 -88.16
CA UNK SC 77 23.00 -7.79 -89.22
C UNK SC 77 22.02 -8.54 -90.07
N UNK SC 78 21.02 -9.13 -89.44
CA UNK SC 78 20.14 -10.04 -90.15
C UNK SC 78 19.35 -9.40 -91.30
N UNK SC 79 19.01 -8.13 -91.23
CA UNK SC 79 18.09 -7.65 -92.25
C UNK SC 79 18.67 -7.93 -93.64
N UNK SC 80 19.96 -7.72 -93.84
CA UNK SC 80 20.56 -8.03 -95.14
C UNK SC 80 20.58 -9.52 -95.55
N UNK SC 81 20.93 -10.40 -94.64
CA UNK SC 81 21.17 -11.81 -94.97
C UNK SC 81 19.95 -12.57 -95.45
N UNK SC 82 18.81 -12.28 -94.84
CA UNK SC 82 17.57 -12.97 -95.18
C UNK SC 82 17.20 -12.72 -96.64
N UNK SC 83 17.50 -11.53 -97.14
CA UNK SC 83 17.22 -11.17 -98.52
C UNK SC 83 15.75 -10.79 -98.70
N UNK SC 84 15.39 -10.39 -99.92
CA UNK SC 84 14.02 -10.04 -100.24
C UNK SC 84 13.11 -11.25 -100.10
N UNK SC 85 13.64 -12.40 -100.50
CA UNK SC 85 12.89 -13.62 -100.39
C UNK SC 85 13.86 -14.76 -100.11
N UNK SC 86 13.33 -15.91 -99.74
CA UNK SC 86 11.90 -16.07 -99.65
C UNK SC 86 11.32 -16.10 -98.24
N UNK SC 87 10.25 -15.33 -98.02
CA UNK SC 87 9.67 -14.44 -99.00
C UNK SC 87 8.84 -13.54 -98.16
N UNK SC 88 7.67 -14.06 -97.81
CA UNK SC 88 6.75 -13.32 -96.94
C UNK SC 88 6.95 -13.46 -95.43
N UNK SC 89 7.40 -14.67 -95.10
CA UNK SC 89 7.65 -15.23 -93.80
C UNK SC 89 8.83 -14.63 -93.08
N UNK SC 90 9.57 -13.80 -93.81
CA UNK SC 90 10.77 -13.14 -93.29
C UNK SC 90 10.33 -12.35 -92.09
N UNK SC 91 9.11 -11.83 -92.16
CA UNK SC 91 8.56 -11.09 -91.04
C UNK SC 91 8.54 -12.09 -89.89
N UNK SC 92 8.23 -13.35 -90.21
CA UNK SC 92 8.20 -14.36 -89.20
C UNK SC 92 9.62 -14.57 -88.74
N UNK SC 93 10.53 -14.49 -89.69
CA UNK SC 93 11.86 -14.80 -89.18
C UNK SC 93 12.14 -13.82 -88.10
N UNK SC 94 11.67 -12.60 -88.27
CA UNK SC 94 11.91 -11.60 -87.24
C UNK SC 94 11.25 -12.13 -86.01
N UNK SC 95 10.12 -12.79 -86.20
CA UNK SC 95 9.39 -13.29 -85.07
C UNK SC 95 10.17 -14.27 -84.25
N UNK SC 96 10.83 -15.17 -84.91
CA UNK SC 96 11.53 -16.21 -84.21
C UNK SC 96 12.63 -15.87 -83.21
N UNK SC 97 13.28 -14.74 -83.48
CA UNK SC 97 14.33 -14.14 -82.66
C UNK SC 97 13.79 -13.60 -81.33
N UNK SC 98 12.60 -13.01 -81.39
CA UNK SC 98 11.95 -12.39 -80.25
C UNK SC 98 11.69 -13.40 -79.13
N UNK SC 99 11.31 -14.61 -79.52
CA UNK SC 99 11.06 -15.66 -78.55
C UNK SC 99 12.37 -15.87 -77.81
N UNK SC 100 13.47 -15.74 -78.55
CA UNK SC 100 14.80 -15.93 -78.00
C UNK SC 100 15.17 -14.94 -76.88
N UNK SC 101 14.81 -13.66 -77.02
CA UNK SC 101 15.16 -12.74 -75.96
C UNK SC 101 14.21 -12.91 -74.81
N UNK SC 102 12.94 -13.12 -75.12
CA UNK SC 102 11.95 -13.25 -74.05
C UNK SC 102 12.31 -14.43 -73.18
N UNK SC 103 12.60 -15.57 -73.79
CA UNK SC 103 12.99 -16.71 -72.99
C UNK SC 103 14.32 -16.29 -72.38
N UNK SC 104 15.12 -15.65 -73.22
CA UNK SC 104 16.43 -15.16 -72.83
C UNK SC 104 16.32 -14.12 -71.73
N UNK SC 105 15.30 -13.27 -71.79
CA UNK SC 105 15.15 -12.22 -70.80
C UNK SC 105 15.09 -12.90 -69.46
N UNK SC 106 14.42 -14.03 -69.44
CA UNK SC 106 14.32 -14.80 -68.23
C UNK SC 106 15.47 -15.80 -68.19
N UNK SC 107 16.34 -15.76 -69.18
CA UNK SC 107 17.43 -16.72 -69.23
C UNK SC 107 18.33 -16.63 -68.01
N UNK SC 108 18.61 -15.42 -67.56
CA UNK SC 108 19.36 -15.23 -66.33
C UNK SC 108 18.35 -14.54 -65.40
N UNK SC 109 17.09 -14.91 -65.56
CA UNK SC 109 15.98 -14.32 -64.85
C UNK SC 109 15.93 -14.44 -63.33
N UNK SC 110 16.24 -15.64 -62.82
CA UNK SC 110 16.32 -15.99 -61.38
C UNK SC 110 15.82 -17.37 -60.96
N UNK SC 111 16.60 -18.04 -60.12
CA UNK SC 111 16.23 -19.35 -59.61
C UNK SC 111 16.12 -19.37 -58.08
N UNK SC 112 15.00 -19.86 -57.56
CA UNK SC 112 13.90 -20.38 -58.36
C UNK SC 112 14.44 -21.52 -59.20
N UNK SC 113 15.30 -22.34 -58.59
CA UNK SC 113 15.86 -23.46 -59.29
C UNK SC 113 14.69 -24.35 -59.68
N UNK SC 114 14.76 -24.88 -60.90
CA UNK SC 114 13.75 -25.72 -61.56
C UNK SC 114 12.92 -24.80 -62.42
N UNK SC 115 12.83 -23.54 -62.01
CA UNK SC 115 12.15 -22.56 -62.83
C UNK SC 115 13.07 -22.45 -64.04
N UNK SC 116 14.37 -22.44 -63.76
CA UNK SC 116 15.39 -22.36 -64.78
C UNK SC 116 15.36 -23.61 -65.64
N UNK SC 117 15.44 -24.78 -65.02
CA UNK SC 117 15.42 -26.00 -65.85
C UNK SC 117 14.31 -26.02 -66.87
N UNK SC 118 13.11 -25.66 -66.44
CA UNK SC 118 12.02 -25.54 -67.38
C UNK SC 118 12.40 -24.41 -68.29
N UNK SC 119 12.93 -23.35 -67.70
CA UNK SC 119 13.33 -22.23 -68.49
C UNK SC 119 14.41 -22.58 -69.49
N UNK SC 120 15.42 -23.29 -68.99
CA UNK SC 120 16.66 -23.53 -69.71
C UNK SC 120 16.46 -24.44 -70.89
N UNK SC 121 15.50 -25.33 -70.77
CA UNK SC 121 15.18 -26.22 -71.86
C UNK SC 121 14.76 -25.24 -72.92
N UNK SC 122 14.08 -24.19 -72.48
CA UNK SC 122 13.32 -23.32 -73.36
C UNK SC 122 14.23 -22.75 -74.41
N UNK SC 123 15.49 -22.61 -74.07
CA UNK SC 123 16.42 -22.10 -75.04
C UNK SC 123 16.35 -23.08 -76.17
N UNK SC 124 16.19 -24.36 -75.85
CA UNK SC 124 16.31 -25.37 -76.88
C UNK SC 124 15.28 -25.18 -77.99
N UNK SC 125 14.03 -24.88 -77.66
CA UNK SC 125 13.02 -24.75 -78.70
C UNK SC 125 13.35 -23.63 -79.65
N UNK SC 126 13.54 -22.42 -79.14
CA UNK SC 126 13.68 -21.36 -80.09
C UNK SC 126 14.91 -21.74 -80.87
N UNK SC 127 15.92 -22.21 -80.16
CA UNK SC 127 17.20 -22.41 -80.80
C UNK SC 127 17.04 -23.41 -81.90
N UNK SC 128 16.31 -24.48 -81.63
CA UNK SC 128 16.21 -25.52 -82.62
C UNK SC 128 15.54 -24.93 -83.82
N UNK SC 129 14.46 -24.20 -83.63
CA UNK SC 129 13.72 -23.79 -84.81
C UNK SC 129 14.57 -22.90 -85.70
N UNK SC 130 15.23 -21.89 -85.15
CA UNK SC 130 15.75 -20.89 -86.05
C UNK SC 130 16.72 -21.51 -87.03
N UNK SC 131 17.60 -22.36 -86.51
CA UNK SC 131 18.59 -23.06 -87.33
C UNK SC 131 18.08 -23.66 -88.65
N UNK SC 132 17.18 -24.62 -88.58
CA UNK SC 132 16.71 -25.26 -89.80
C UNK SC 132 16.08 -24.31 -90.82
N UNK SC 133 15.28 -23.34 -90.37
CA UNK SC 133 14.67 -22.41 -91.32
C UNK SC 133 15.74 -21.62 -92.07
N UNK SC 134 16.76 -21.19 -91.35
CA UNK SC 134 17.83 -20.42 -91.96
C UNK SC 134 18.51 -21.28 -93.02
N UNK SC 135 18.71 -22.55 -92.69
CA UNK SC 135 19.32 -23.49 -93.62
C UNK SC 135 20.71 -23.07 -94.08
N UNK SC 136 20.86 -23.02 -95.40
CA UNK SC 136 22.10 -22.66 -96.05
C UNK SC 136 22.79 -23.98 -96.34
N UNK SC 137 23.72 -24.00 -97.28
CA UNK SC 137 24.39 -25.26 -97.57
C UNK SC 137 25.24 -25.56 -96.35
N UNK SC 138 25.05 -26.75 -95.80
CA UNK SC 138 24.06 -27.69 -96.29
C UNK SC 138 23.98 -28.80 -95.26
N UNK SC 139 22.97 -29.64 -95.39
CA UNK SC 139 22.88 -30.78 -94.50
C UNK SC 139 22.79 -30.23 -93.10
N UNK SC 140 22.42 -28.97 -93.01
CA UNK SC 140 22.45 -28.32 -91.73
C UNK SC 140 21.45 -29.02 -90.87
N UNK SC 141 20.28 -29.27 -91.46
CA UNK SC 141 19.17 -29.77 -90.69
C UNK SC 141 19.56 -31.09 -90.09
N UNK SC 142 20.24 -31.92 -90.88
CA UNK SC 142 20.58 -33.23 -90.41
C UNK SC 142 21.47 -33.03 -89.20
N UNK SC 143 22.40 -32.10 -89.31
CA UNK SC 143 23.35 -31.93 -88.25
C UNK SC 143 22.67 -31.48 -86.98
N UNK SC 144 21.67 -30.64 -87.08
CA UNK SC 144 21.08 -30.03 -85.90
C UNK SC 144 20.57 -31.10 -84.95
N UNK SC 145 20.14 -32.21 -85.52
CA UNK SC 145 19.49 -33.24 -84.73
C UNK SC 145 20.48 -33.62 -83.64
N UNK SC 146 21.76 -33.44 -83.91
CA UNK SC 146 22.74 -33.61 -82.86
C UNK SC 146 22.39 -32.57 -81.81
N UNK SC 147 21.97 -31.38 -82.23
CA UNK SC 147 21.64 -30.35 -81.24
C UNK SC 147 20.50 -30.78 -80.38
N UNK SC 148 19.41 -31.25 -80.96
CA UNK SC 148 18.26 -31.52 -80.09
C UNK SC 148 18.50 -32.63 -79.09
N UNK SC 149 19.05 -33.75 -79.54
CA UNK SC 149 19.25 -34.87 -78.63
C UNK SC 149 20.26 -34.60 -77.52
N UNK SC 150 21.44 -34.10 -77.87
CA UNK SC 150 22.48 -34.01 -76.85
C UNK SC 150 22.03 -33.06 -75.78
N UNK SC 151 21.46 -31.93 -76.19
CA UNK SC 151 21.09 -30.94 -75.20
C UNK SC 151 20.03 -31.51 -74.32
N UNK SC 152 18.96 -32.00 -74.95
CA UNK SC 152 17.78 -32.41 -74.22
C UNK SC 152 18.06 -33.57 -73.29
N UNK SC 153 18.85 -34.51 -73.77
CA UNK SC 153 19.14 -35.70 -73.00
C UNK SC 153 19.85 -35.23 -71.77
N UNK SC 154 20.66 -34.21 -71.94
CA UNK SC 154 21.50 -33.77 -70.86
C UNK SC 154 20.60 -33.40 -69.70
N UNK SC 155 19.57 -32.63 -70.01
CA UNK SC 155 18.73 -32.06 -68.99
C UNK SC 155 18.07 -33.19 -68.25
N UNK SC 156 17.86 -34.29 -68.96
CA UNK SC 156 16.96 -35.32 -68.53
C UNK SC 156 17.43 -35.75 -67.19
N UNK SC 157 18.74 -35.84 -67.03
CA UNK SC 157 19.26 -36.14 -65.72
C UNK SC 157 18.88 -35.02 -64.77
N UNK SC 158 19.18 -33.79 -65.14
CA UNK SC 158 19.09 -32.75 -64.15
C UNK SC 158 17.68 -32.71 -63.67
N UNK SC 159 16.75 -32.86 -64.60
CA UNK SC 159 15.36 -32.58 -64.31
C UNK SC 159 14.98 -33.50 -63.20
N UNK SC 160 15.46 -34.73 -63.25
CA UNK SC 160 15.17 -35.63 -62.17
C UNK SC 160 15.80 -35.10 -60.90
N UNK SC 161 17.09 -34.88 -60.99
CA UNK SC 161 17.86 -34.78 -59.79
C UNK SC 161 17.36 -33.63 -58.98
N UNK SC 162 17.08 -32.52 -59.65
CA UNK SC 162 16.77 -31.31 -58.92
C UNK SC 162 15.56 -31.63 -58.09
N UNK SC 163 14.62 -32.35 -58.70
CA UNK SC 163 13.37 -32.60 -58.03
C UNK SC 163 13.66 -33.31 -56.73
N UNK SC 164 14.51 -34.33 -56.78
CA UNK SC 164 14.83 -35.05 -55.57
C UNK SC 164 15.36 -34.03 -54.60
N UNK SC 165 16.06 -33.04 -55.14
CA UNK SC 165 16.63 -32.03 -54.30
C UNK SC 165 15.57 -31.25 -53.55
N UNK SC 166 14.48 -30.89 -54.23
CA UNK SC 166 13.48 -30.09 -53.55
C UNK SC 166 12.88 -30.79 -52.35
N UNK SC 167 12.48 -32.03 -52.50
CA UNK SC 167 11.93 -32.75 -51.37
C UNK SC 167 13.06 -33.00 -50.38
N UNK SC 168 14.20 -33.42 -50.93
CA UNK SC 168 15.40 -33.72 -50.15
C UNK SC 168 16.04 -32.53 -49.47
N UNK SC 169 16.09 -31.41 -50.18
CA UNK SC 169 16.71 -30.20 -49.67
C UNK SC 169 15.86 -29.59 -48.59
N UNK SC 170 14.70 -30.18 -48.36
CA UNK SC 170 13.81 -29.63 -47.36
C UNK SC 170 13.46 -28.24 -47.87
N UNK SC 171 13.31 -28.17 -49.19
CA UNK SC 171 12.96 -26.95 -49.89
C UNK SC 171 13.37 -27.11 -51.34
N UNK SC 172 12.44 -26.83 -52.24
CA UNK SC 172 12.66 -26.85 -53.67
C UNK SC 172 13.27 -25.46 -53.82
N UNK SC 173 13.28 -24.91 -55.03
CA UNK SC 173 13.78 -23.55 -55.22
C UNK SC 173 13.02 -22.69 -54.23
N UNK SC 174 13.78 -21.93 -53.46
CA UNK SC 174 13.30 -21.09 -52.36
C UNK SC 174 12.23 -20.00 -52.50
N UNK SC 175 12.37 -19.21 -53.55
CA UNK SC 175 13.46 -19.38 -54.49
C UNK SC 175 14.72 -18.58 -54.13
N UNK SC 176 15.88 -19.22 -54.28
CA UNK SC 176 17.14 -18.55 -53.98
C UNK SC 176 17.36 -18.36 -52.49
N UNK SC 177 16.34 -18.51 -51.68
CA UNK SC 177 16.62 -18.22 -50.29
C UNK SC 177 17.77 -18.99 -49.67
N UNK SC 178 17.82 -20.33 -49.75
CA UNK SC 178 18.96 -21.10 -49.19
C UNK SC 178 19.23 -20.57 -47.80
N UNK SC 179 20.48 -20.17 -47.57
CA UNK SC 179 20.83 -19.44 -46.32
C UNK SC 179 20.06 -20.17 -45.27
N UNK SC 180 20.13 -21.46 -45.48
CA UNK SC 180 19.31 -22.58 -45.00
C UNK SC 180 19.95 -23.87 -45.51
N UNK SC 181 20.69 -23.81 -46.60
CA UNK SC 181 21.35 -24.99 -47.16
C UNK SC 181 22.29 -25.70 -46.21
N UNK SC 182 22.30 -27.03 -46.25
CA UNK SC 182 23.17 -27.78 -45.35
C UNK SC 182 24.16 -28.67 -46.08
N UNK SC 183 25.37 -28.78 -45.53
CA UNK SC 183 26.41 -29.61 -46.13
C UNK SC 183 26.03 -31.07 -46.13
N UNK SC 184 26.40 -31.79 -47.18
CA UNK SC 184 26.09 -33.22 -47.28
C UNK SC 184 27.38 -34.03 -47.40
N UNK SC 185 27.57 -35.04 -46.55
CA UNK SC 185 28.83 -35.80 -46.61
C UNK SC 185 28.76 -37.26 -47.07
N UNK SC 186 29.47 -37.57 -48.14
CA UNK SC 186 29.56 -38.92 -48.68
C UNK SC 186 28.21 -39.28 -49.28
N UNK SC 187 28.02 -40.51 -49.76
CA UNK SC 187 29.05 -41.56 -49.86
C UNK SC 187 28.75 -42.40 -51.09
N UNK SC 188 28.33 -41.74 -52.18
CA UNK SC 188 28.00 -42.47 -53.36
C UNK SC 188 26.92 -43.47 -53.01
N UNK SC 189 25.73 -43.00 -52.65
CA UNK SC 189 25.36 -41.58 -52.65
C UNK SC 189 25.88 -40.79 -51.47
N UNK SC 190 25.78 -39.47 -51.56
CA UNK SC 190 25.20 -38.84 -52.74
C UNK SC 190 26.29 -38.45 -53.72
N UNK SC 191 27.30 -39.29 -53.83
CA UNK SC 191 28.41 -38.99 -54.71
C UNK SC 191 27.93 -38.85 -56.13
N UNK SC 192 27.08 -39.78 -56.54
CA UNK SC 192 26.55 -39.77 -57.87
C UNK SC 192 25.73 -38.53 -58.10
N UNK SC 193 24.98 -38.13 -57.08
CA UNK SC 193 24.11 -36.98 -57.27
C UNK SC 193 24.80 -35.68 -57.59
N UNK SC 194 25.87 -35.36 -56.87
CA UNK SC 194 26.56 -34.12 -57.15
C UNK SC 194 27.18 -34.12 -58.53
N UNK SC 195 27.79 -35.24 -58.87
CA UNK SC 195 28.44 -35.33 -60.14
C UNK SC 195 27.39 -35.16 -61.19
N UNK SC 196 26.25 -35.80 -60.98
CA UNK SC 196 25.20 -35.71 -61.96
C UNK SC 196 24.70 -34.30 -62.15
N UNK SC 197 24.49 -33.61 -61.06
CA UNK SC 197 23.99 -32.26 -61.16
C UNK SC 197 24.97 -31.44 -61.95
N UNK SC 198 26.25 -31.60 -61.65
CA UNK SC 198 27.25 -30.85 -62.38
C UNK SC 198 27.36 -31.19 -63.87
N UNK SC 199 27.32 -32.48 -64.19
CA UNK SC 199 27.52 -32.93 -65.55
C UNK SC 199 26.54 -32.49 -66.60
N UNK SC 200 25.25 -32.57 -66.32
CA UNK SC 200 24.32 -32.12 -67.34
C UNK SC 200 24.53 -30.67 -67.70
N UNK SC 201 24.61 -29.81 -66.71
CA UNK SC 201 24.69 -28.40 -67.00
C UNK SC 201 25.98 -28.24 -67.79
N UNK SC 202 26.98 -29.00 -67.39
CA UNK SC 202 28.28 -28.86 -68.00
C UNK SC 202 28.14 -29.15 -69.48
N UNK SC 203 27.26 -30.07 -69.82
CA UNK SC 203 27.28 -30.66 -71.13
C UNK SC 203 27.14 -29.58 -72.17
N UNK SC 204 26.32 -28.58 -71.93
CA UNK SC 204 26.20 -27.49 -72.88
C UNK SC 204 27.52 -26.74 -73.03
N UNK SC 205 28.14 -26.45 -71.90
CA UNK SC 205 29.35 -25.64 -71.84
C UNK SC 205 30.50 -26.08 -72.73
N UNK SC 206 30.79 -27.36 -72.73
CA UNK SC 206 31.88 -27.86 -73.53
C UNK SC 206 33.05 -27.96 -72.59
N UNK SC 207 33.34 -29.17 -72.13
CA UNK SC 207 34.44 -29.38 -71.22
C UNK SC 207 35.28 -30.55 -71.65
N UNK SC 208 36.59 -30.39 -71.53
CA UNK SC 208 37.56 -31.43 -71.92
C UNK SC 208 37.14 -32.08 -73.23
N UNK SC 209 36.64 -31.24 -74.13
CA UNK SC 209 36.09 -31.71 -75.38
C UNK SC 209 34.80 -32.41 -74.99
N UNK SC 210 34.55 -33.59 -75.53
CA UNK SC 210 33.33 -34.30 -75.17
C UNK SC 210 32.15 -33.40 -75.43
N UNK SC 211 32.21 -32.65 -76.52
CA UNK SC 211 31.13 -31.74 -76.88
C UNK SC 211 31.27 -31.34 -78.33
N UNK SC 212 31.98 -32.17 -79.08
CA UNK SC 212 32.25 -31.94 -80.47
C UNK SC 212 30.95 -31.55 -81.14
N UNK SC 213 29.85 -32.16 -80.70
CA UNK SC 213 28.61 -31.96 -81.42
C UNK SC 213 28.14 -30.51 -81.46
N UNK SC 214 27.97 -29.89 -80.30
CA UNK SC 214 27.38 -28.57 -80.31
C UNK SC 214 28.29 -27.62 -81.08
N UNK SC 215 29.59 -27.67 -80.81
CA UNK SC 215 30.50 -26.76 -81.48
C UNK SC 215 30.45 -27.06 -82.95
N UNK SC 216 30.42 -28.33 -83.26
CA UNK SC 216 30.43 -28.75 -84.65
C UNK SC 216 29.20 -28.23 -85.37
N UNK SC 217 28.04 -28.26 -84.71
CA UNK SC 217 26.80 -27.76 -85.30
C UNK SC 217 26.84 -26.26 -85.61
N UNK SC 218 27.40 -25.48 -84.69
CA UNK SC 218 27.47 -24.05 -84.88
C UNK SC 218 28.24 -23.84 -86.16
N UNK SC 219 29.22 -24.71 -86.38
CA UNK SC 219 30.11 -24.60 -87.51
C UNK SC 219 29.22 -24.61 -88.71
N UNK SC 220 28.24 -25.52 -88.71
CA UNK SC 220 27.29 -25.63 -89.81
C UNK SC 220 26.42 -24.39 -89.87
N UNK SC 221 26.24 -23.83 -88.68
CA UNK SC 221 25.58 -22.55 -88.48
C UNK SC 221 24.42 -22.38 -89.38
N UNK SC 222 23.30 -22.92 -88.92
CA UNK SC 222 22.07 -22.85 -89.65
C UNK SC 222 21.80 -21.38 -89.83
N UNK SC 223 22.09 -20.63 -88.78
CA UNK SC 223 21.91 -19.20 -88.79
C UNK SC 223 23.25 -18.57 -88.55
N UNK SC 224 24.04 -18.40 -89.59
CA UNK SC 224 25.31 -17.74 -89.43
C UNK SC 224 25.07 -16.27 -89.14
N UNK SC 225 23.83 -15.83 -89.29
CA UNK SC 225 23.46 -14.43 -89.14
C UNK SC 225 23.64 -13.64 -87.83
N UNK SC 226 23.27 -14.09 -86.63
CA UNK SC 226 22.65 -15.35 -86.22
C UNK SC 226 23.69 -16.26 -85.61
N UNK SC 227 24.94 -16.01 -85.92
CA UNK SC 227 26.02 -16.80 -85.35
C UNK SC 227 26.16 -16.58 -83.85
N UNK SC 228 26.02 -15.33 -83.45
CA UNK SC 228 26.21 -14.90 -82.07
C UNK SC 228 25.34 -15.48 -80.97
N UNK SC 229 24.06 -15.69 -81.24
CA UNK SC 229 23.18 -16.21 -80.23
C UNK SC 229 23.75 -17.55 -79.83
N UNK SC 230 24.21 -18.31 -80.83
CA UNK SC 230 24.79 -19.60 -80.57
C UNK SC 230 25.89 -19.43 -79.54
N UNK SC 231 26.53 -18.26 -79.53
CA UNK SC 231 27.59 -18.04 -78.57
C UNK SC 231 27.05 -17.46 -77.29
N UNK SC 232 26.20 -16.44 -77.44
CA UNK SC 232 25.67 -15.86 -76.21
C UNK SC 232 24.89 -16.87 -75.41
N UNK SC 233 24.15 -17.76 -76.05
CA UNK SC 233 23.42 -18.75 -75.28
C UNK SC 233 24.34 -19.64 -74.47
N UNK SC 234 25.44 -20.02 -75.09
CA UNK SC 234 26.37 -20.90 -74.42
C UNK SC 234 26.82 -20.26 -73.16
N UNK SC 235 27.03 -18.95 -73.20
CA UNK SC 235 27.49 -18.26 -72.02
C UNK SC 235 26.41 -18.47 -70.97
N UNK SC 236 25.19 -18.45 -71.46
CA UNK SC 236 24.07 -18.56 -70.58
C UNK SC 236 24.06 -19.83 -69.83
N UNK SC 237 24.28 -20.89 -70.55
CA UNK SC 237 24.28 -22.18 -69.95
C UNK SC 237 25.38 -22.20 -68.92
N UNK SC 238 26.50 -21.64 -69.29
CA UNK SC 238 27.63 -21.70 -68.42
C UNK SC 238 27.32 -21.17 -67.06
N UNK SC 239 26.58 -20.06 -66.95
CA UNK SC 239 26.37 -19.56 -65.59
C UNK SC 239 25.75 -20.60 -64.72
N UNK SC 240 24.72 -21.27 -65.23
CA UNK SC 240 24.04 -22.24 -64.42
C UNK SC 240 25.07 -22.92 -63.57
N UNK SC 241 26.24 -23.21 -64.15
CA UNK SC 241 27.22 -23.97 -63.41
C UNK SC 241 27.54 -23.13 -62.20
N UNK SC 242 27.75 -21.85 -62.45
CA UNK SC 242 28.25 -21.02 -61.38
C UNK SC 242 27.26 -21.04 -60.25
N UNK SC 243 26.00 -20.75 -60.52
CA UNK SC 243 25.08 -20.68 -59.42
C UNK SC 243 24.96 -22.02 -58.75
N UNK SC 244 24.89 -23.06 -59.55
CA UNK SC 244 24.55 -24.37 -59.03
C UNK SC 244 25.58 -24.87 -58.05
N UNK SC 245 26.84 -24.61 -58.31
CA UNK SC 245 27.88 -25.33 -57.61
C UNK SC 245 27.76 -25.10 -56.13
N UNK SC 246 27.47 -23.88 -55.70
CA UNK SC 246 27.47 -23.64 -54.26
C UNK SC 246 26.45 -24.51 -53.55
N UNK SC 247 25.25 -24.58 -54.11
CA UNK SC 247 24.21 -25.47 -53.60
C UNK SC 247 24.55 -26.94 -53.77
N UNK SC 248 25.21 -27.25 -54.88
CA UNK SC 248 25.30 -28.59 -55.44
C UNK SC 248 25.93 -29.54 -54.47
N UNK SC 249 26.92 -29.00 -53.77
CA UNK SC 249 27.61 -29.74 -52.75
C UNK SC 249 28.47 -28.81 -51.90
N UNK SC 250 29.76 -28.76 -52.24
CA UNK SC 250 30.79 -28.08 -51.48
C UNK SC 250 31.32 -29.00 -50.41
N UNK SC 251 30.70 -30.16 -50.35
CA UNK SC 251 31.17 -31.16 -49.47
C UNK SC 251 31.98 -32.13 -50.34
N UNK SC 252 31.98 -31.93 -51.66
CA UNK SC 252 32.73 -32.82 -52.55
C UNK SC 252 33.54 -32.17 -53.66
N UNK SC 253 34.84 -32.38 -53.61
CA UNK SC 253 35.70 -31.85 -54.64
C UNK SC 253 36.25 -32.99 -55.48
N UNK SC 254 36.02 -34.21 -55.03
CA UNK SC 254 36.71 -35.33 -55.66
C UNK SC 254 36.34 -35.47 -57.11
N UNK SC 255 35.07 -35.32 -57.44
CA UNK SC 255 34.71 -35.44 -58.84
C UNK SC 255 35.57 -34.40 -59.56
N UNK SC 256 35.81 -33.30 -58.88
CA UNK SC 256 36.41 -32.15 -59.51
C UNK SC 256 37.73 -32.54 -60.12
N UNK SC 257 38.50 -33.35 -59.40
CA UNK SC 257 39.83 -33.63 -59.91
C UNK SC 257 39.66 -34.29 -61.26
N UNK SC 258 38.76 -35.26 -61.32
CA UNK SC 258 38.53 -35.91 -62.57
C UNK SC 258 38.16 -34.82 -63.58
N UNK SC 259 37.03 -34.18 -63.36
CA UNK SC 259 36.58 -33.14 -64.30
C UNK SC 259 37.53 -31.96 -64.42
N UNK SC 260 38.02 -31.45 -63.30
CA UNK SC 260 38.92 -30.30 -63.37
C UNK SC 260 40.16 -30.66 -64.13
N UNK SC 261 40.70 -31.83 -63.83
CA UNK SC 261 41.90 -32.26 -64.50
C UNK SC 261 41.58 -32.38 -65.98
N UNK SC 262 40.40 -32.87 -66.28
CA UNK SC 262 40.00 -33.08 -67.66
C UNK SC 262 39.99 -31.79 -68.45
N UNK SC 263 39.52 -30.72 -67.85
CA UNK SC 263 39.46 -29.45 -68.56
C UNK SC 263 40.80 -28.88 -69.02
N UNK SC 264 41.81 -28.96 -68.16
CA UNK SC 264 43.11 -28.42 -68.52
C UNK SC 264 43.68 -29.16 -69.71
N UNK SC 265 43.54 -30.48 -69.71
CA UNK SC 265 44.09 -31.28 -70.79
C UNK SC 265 43.50 -30.95 -72.14
N UNK SC 266 42.19 -30.71 -72.18
CA UNK SC 266 41.53 -30.40 -73.44
C UNK SC 266 41.99 -29.07 -74.03
N UNK SC 267 42.24 -28.09 -73.16
CA UNK SC 267 42.69 -26.79 -73.61
C UNK SC 267 43.89 -27.04 -74.48
N UNK SC 268 44.72 -27.96 -74.03
CA UNK SC 268 45.97 -28.17 -74.73
C UNK SC 268 45.69 -28.59 -76.14
N UNK SC 269 44.77 -29.54 -76.32
CA UNK SC 269 44.44 -29.91 -77.69
C UNK SC 269 43.74 -28.78 -78.43
N UNK SC 270 42.82 -28.14 -77.75
CA UNK SC 270 41.80 -27.43 -78.46
C UNK SC 270 42.56 -26.51 -79.36
N UNK SC 271 43.60 -25.91 -78.84
CA UNK SC 271 44.32 -24.94 -79.62
C UNK SC 271 44.85 -25.63 -80.84
N UNK SC 272 45.32 -26.84 -80.68
CA UNK SC 272 45.97 -27.51 -81.78
C UNK SC 272 44.94 -27.62 -82.87
N UNK SC 273 43.72 -27.94 -82.51
CA UNK SC 273 42.71 -27.92 -83.54
C UNK SC 273 42.64 -26.51 -84.06
N UNK SC 274 42.65 -25.55 -83.14
CA UNK SC 274 42.45 -24.14 -83.50
C UNK SC 274 43.53 -23.52 -84.38
N UNK SC 275 44.80 -23.74 -84.02
CA UNK SC 275 45.93 -23.43 -84.89
C UNK SC 275 45.89 -24.37 -86.07
N UNK SC 276 45.14 -25.43 -85.88
CA UNK SC 276 45.08 -26.55 -86.82
C UNK SC 276 44.57 -26.21 -88.21
N UNK SC 277 43.45 -25.51 -88.28
CA UNK SC 277 42.78 -25.21 -89.54
C UNK SC 277 41.60 -26.18 -89.62
N UNK SC 278 40.88 -26.24 -90.74
CA UNK SC 278 41.14 -25.38 -91.89
C UNK SC 278 39.98 -24.49 -92.35
N UNK SC 279 38.87 -24.46 -91.61
CA UNK SC 279 37.74 -23.61 -92.05
C UNK SC 279 37.38 -22.43 -91.13
N UNK SC 280 37.23 -21.26 -91.75
CA UNK SC 280 37.17 -19.98 -91.05
C UNK SC 280 36.02 -19.92 -90.09
N UNK SC 281 34.85 -20.40 -90.51
CA UNK SC 281 33.76 -20.57 -89.56
C UNK SC 281 34.29 -21.58 -88.57
N UNK SC 282 34.99 -22.57 -89.09
CA UNK SC 282 35.61 -23.56 -88.24
C UNK SC 282 36.56 -22.80 -87.36
N UNK SC 283 37.23 -21.83 -87.95
CA UNK SC 283 38.28 -21.18 -87.23
C UNK SC 283 37.72 -20.52 -85.99
N UNK SC 284 36.76 -19.65 -86.17
CA UNK SC 284 36.36 -18.91 -85.03
C UNK SC 284 35.79 -19.90 -84.05
N UNK SC 285 34.94 -20.77 -84.56
CA UNK SC 285 34.08 -21.48 -83.67
C UNK SC 285 34.90 -22.33 -82.72
N UNK SC 286 35.81 -23.12 -83.23
CA UNK SC 286 36.45 -24.06 -82.35
C UNK SC 286 37.08 -23.21 -81.28
N UNK SC 287 37.61 -22.07 -81.69
CA UNK SC 287 38.41 -21.27 -80.80
C UNK SC 287 37.55 -20.91 -79.64
N UNK SC 288 36.29 -20.61 -79.92
CA UNK SC 288 35.41 -20.23 -78.83
C UNK SC 288 35.31 -21.40 -77.87
N UNK SC 289 35.20 -22.59 -78.43
CA UNK SC 289 34.97 -23.73 -77.58
C UNK SC 289 36.13 -23.83 -76.64
N UNK SC 290 37.34 -23.71 -77.17
CA UNK SC 290 38.49 -23.85 -76.29
C UNK SC 290 38.56 -22.74 -75.25
N UNK SC 291 38.43 -21.49 -75.65
CA UNK SC 291 38.69 -20.43 -74.69
C UNK SC 291 37.64 -20.56 -73.60
N UNK SC 292 36.41 -20.82 -74.01
CA UNK SC 292 35.37 -20.85 -73.03
C UNK SC 292 35.80 -21.87 -72.00
N UNK SC 293 36.50 -22.88 -72.46
CA UNK SC 293 36.84 -24.01 -71.63
C UNK SC 293 37.66 -23.64 -70.39
N UNK SC 294 38.59 -22.70 -70.55
CA UNK SC 294 39.49 -22.41 -69.45
C UNK SC 294 38.64 -21.96 -68.28
N UNK SC 295 37.52 -21.32 -68.61
CA UNK SC 295 36.62 -20.82 -67.60
C UNK SC 295 36.14 -22.00 -66.79
N UNK SC 296 35.92 -23.11 -67.49
CA UNK SC 296 35.42 -24.32 -66.88
C UNK SC 296 36.31 -24.75 -65.74
N UNK SC 297 37.61 -24.61 -65.92
CA UNK SC 297 38.54 -25.04 -64.90
C UNK SC 297 38.43 -24.16 -63.68
N UNK SC 298 38.33 -22.86 -63.90
CA UNK SC 298 38.29 -21.96 -62.77
C UNK SC 298 37.03 -22.27 -62.01
N UNK SC 299 35.92 -22.42 -62.71
CA UNK SC 299 34.66 -22.57 -62.02
C UNK SC 299 34.70 -23.79 -61.13
N UNK SC 300 35.29 -24.87 -61.61
CA UNK SC 300 35.36 -26.07 -60.81
C UNK SC 300 36.16 -25.85 -59.54
N UNK SC 301 37.27 -25.15 -59.67
CA UNK SC 301 38.20 -24.87 -58.57
C UNK SC 301 37.57 -24.33 -57.30
N UNK SC 302 36.66 -23.38 -57.46
CA UNK SC 302 36.00 -22.76 -56.33
C UNK SC 302 36.84 -21.71 -55.63
N UNK SC 303 37.97 -21.33 -56.20
CA UNK SC 303 38.81 -20.31 -55.56
C UNK SC 303 38.00 -19.04 -55.47
N UNK SC 304 37.95 -18.44 -54.28
CA UNK SC 304 37.17 -17.24 -54.10
C UNK SC 304 37.65 -16.08 -54.96
N UNK SC 305 38.95 -15.86 -54.98
CA UNK SC 305 39.47 -14.79 -55.80
C UNK SC 305 39.20 -15.14 -57.24
N UNK SC 306 39.37 -16.43 -57.53
CA UNK SC 306 39.22 -16.94 -58.88
C UNK SC 306 37.87 -16.80 -59.57
N UNK SC 307 36.79 -17.11 -58.86
CA UNK SC 307 35.47 -17.07 -59.48
C UNK SC 307 35.22 -15.79 -60.25
N UNK SC 308 35.56 -14.69 -59.62
CA UNK SC 308 35.34 -13.36 -60.15
C UNK SC 308 35.90 -13.37 -61.55
N UNK SC 309 37.01 -14.07 -61.68
CA UNK SC 309 37.67 -14.14 -62.95
C UNK SC 309 36.71 -14.76 -63.91
N UNK SC 310 36.01 -15.79 -63.45
CA UNK SC 310 35.19 -16.55 -64.37
C UNK SC 310 34.14 -15.60 -64.88
N UNK SC 311 33.57 -14.85 -63.97
CA UNK SC 311 32.45 -14.03 -64.38
C UNK SC 311 32.95 -13.07 -65.43
N UNK SC 312 34.10 -12.45 -65.21
CA UNK SC 312 34.57 -11.51 -66.19
C UNK SC 312 34.81 -12.20 -67.51
N UNK SC 313 35.45 -13.35 -67.47
CA UNK SC 313 35.92 -13.95 -68.69
C UNK SC 313 34.73 -14.21 -69.53
N UNK SC 314 33.65 -14.68 -68.94
CA UNK SC 314 32.57 -15.09 -69.79
C UNK SC 314 32.06 -13.93 -70.61
N UNK SC 315 31.85 -12.78 -69.97
CA UNK SC 315 31.20 -11.71 -70.71
C UNK SC 315 32.11 -11.35 -71.84
N UNK SC 316 33.38 -11.18 -71.53
CA UNK SC 316 34.29 -10.71 -72.55
C UNK SC 316 34.42 -11.72 -73.67
N UNK SC 317 34.53 -13.00 -73.35
CA UNK SC 317 34.82 -13.97 -74.38
C UNK SC 317 33.66 -13.94 -75.30
N UNK SC 318 32.47 -13.93 -74.73
CA UNK SC 318 31.31 -14.00 -75.59
C UNK SC 318 31.24 -12.76 -76.47
N UNK SC 319 31.38 -11.58 -75.87
CA UNK SC 319 31.18 -10.37 -76.62
C UNK SC 319 32.20 -10.41 -77.71
N UNK SC 320 33.41 -10.82 -77.34
CA UNK SC 320 34.49 -10.78 -78.30
C UNK SC 320 34.09 -11.70 -79.42
N UNK SC 321 33.42 -12.78 -79.09
CA UNK SC 321 33.12 -13.75 -80.11
C UNK SC 321 32.31 -13.11 -81.22
N UNK SC 322 31.36 -12.27 -80.85
CA UNK SC 322 30.38 -11.85 -81.83
C UNK SC 322 31.08 -11.16 -82.96
N UNK SC 323 32.01 -10.27 -82.64
CA UNK SC 323 32.61 -9.49 -83.69
C UNK SC 323 33.30 -10.44 -84.63
N UNK SC 324 34.04 -11.38 -84.05
CA UNK SC 324 34.87 -12.20 -84.90
C UNK SC 324 33.97 -12.96 -85.84
N UNK SC 325 33.11 -13.79 -85.27
CA UNK SC 325 32.39 -14.66 -86.14
C UNK SC 325 31.60 -13.72 -87.01
N UNK SC 326 31.02 -12.72 -86.36
CA UNK SC 326 30.09 -11.90 -87.08
C UNK SC 326 30.84 -11.24 -88.19
N UNK SC 327 32.05 -10.76 -87.97
CA UNK SC 327 32.71 -10.15 -89.10
C UNK SC 327 32.78 -11.21 -90.18
N UNK SC 328 33.01 -12.43 -89.72
CA UNK SC 328 33.29 -13.51 -90.63
C UNK SC 328 32.11 -13.65 -91.56
N UNK SC 329 30.92 -13.45 -91.03
CA UNK SC 329 29.74 -13.58 -91.86
C UNK SC 329 29.77 -12.57 -92.99
N UNK SC 330 30.22 -11.35 -92.70
CA UNK SC 330 30.28 -10.34 -93.73
C UNK SC 330 31.24 -10.81 -94.80
N UNK SC 331 32.37 -11.32 -94.36
CA UNK SC 331 33.36 -11.73 -95.34
C UNK SC 331 32.73 -12.80 -96.22
N UNK SC 332 32.04 -13.74 -95.60
CA UNK SC 332 31.44 -14.83 -96.36
C UNK SC 332 30.36 -14.39 -97.35
N UNK SC 333 29.52 -13.47 -96.93
CA UNK SC 333 28.45 -13.02 -97.79
C UNK SC 333 29.09 -12.37 -98.99
N UNK SC 334 30.15 -11.63 -98.72
CA UNK SC 334 30.83 -10.93 -99.80
C UNK SC 334 31.43 -11.88 -100.83
N UNK SC 335 32.09 -12.92 -100.33
CA UNK SC 335 32.82 -13.89 -101.16
C UNK SC 335 32.09 -15.18 -101.48
N UNK SC 336 30.88 -15.33 -100.95
CA UNK SC 336 30.02 -16.48 -101.22
C UNK SC 336 30.45 -17.85 -100.70
N UNK SC 337 31.39 -17.91 -99.77
CA UNK SC 337 31.81 -19.22 -99.27
C UNK SC 337 32.58 -19.25 -97.95
N UNK SC 338 32.63 -20.45 -97.37
CA UNK SC 338 33.39 -20.71 -96.15
C UNK SC 338 34.88 -20.76 -96.45
N UNK SC 339 35.18 -21.35 -97.58
CA UNK SC 339 36.53 -21.68 -98.03
C UNK SC 339 37.71 -20.80 -97.57
N UNK SC 340 37.95 -20.75 -96.29
CA UNK SC 340 38.98 -19.88 -95.78
C UNK SC 340 40.16 -20.45 -96.52
N UNK SC 341 41.20 -19.65 -96.68
CA UNK SC 341 42.27 -20.05 -97.57
C UNK SC 341 41.92 -19.67 -98.99
N UNK SC 342 40.78 -19.03 -99.17
CA UNK SC 342 40.42 -18.57 -100.49
C UNK SC 342 41.12 -17.21 -100.52
N UNK SC 343 42.40 -17.26 -100.12
CA UNK SC 343 43.35 -16.15 -100.12
C UNK SC 343 42.97 -14.90 -99.32
N UNK SC 344 43.05 -13.74 -99.97
CA UNK SC 344 42.75 -12.43 -99.42
C UNK SC 344 43.99 -11.71 -98.96
N UNK SC 345 43.88 -10.39 -98.98
CA UNK SC 345 44.91 -9.44 -98.61
C UNK SC 345 44.23 -8.16 -98.17
N UNK SC 346 44.28 -7.88 -96.88
CA UNK SC 346 43.59 -6.74 -96.33
C UNK SC 346 44.05 -5.39 -96.87
N UNK SC 347 45.35 -5.15 -96.94
CA UNK SC 347 45.82 -3.88 -97.45
C UNK SC 347 45.36 -3.87 -98.88
N UNK SC 348 45.61 -4.99 -99.53
CA UNK SC 348 45.18 -5.19 -100.88
C UNK SC 348 43.67 -5.27 -100.81
N UNK SC 349 43.19 -5.89 -99.74
CA UNK SC 349 41.77 -6.15 -99.56
C UNK SC 349 40.86 -4.93 -99.53
N UNK SC 350 41.32 -3.89 -98.87
CA UNK SC 350 40.63 -2.62 -98.72
C UNK SC 350 41.09 -2.16 -97.35
N UNK SC 351 41.42 -0.88 -97.21
CA UNK SC 351 41.96 -0.35 -95.95
C UNK SC 351 41.11 -0.32 -94.69
N UNK SC 352 39.86 0.09 -94.81
CA UNK SC 352 39.00 0.22 -93.65
C UNK SC 352 38.67 -1.07 -92.92
N UNK SC 353 38.40 -2.12 -93.66
CA UNK SC 353 38.02 -3.40 -93.06
C UNK SC 353 39.08 -4.07 -92.21
N UNK SC 354 40.33 -4.03 -92.64
CA UNK SC 354 41.37 -4.72 -91.88
C UNK SC 354 41.61 -4.25 -90.46
N UNK SC 355 41.66 -2.95 -90.25
CA UNK SC 355 41.92 -2.45 -88.91
C UNK SC 355 40.81 -2.94 -88.02
N UNK SC 356 39.58 -2.84 -88.51
CA UNK SC 356 38.46 -3.30 -87.71
C UNK SC 356 38.69 -4.79 -87.51
N UNK SC 357 39.12 -5.49 -88.55
CA UNK SC 357 39.39 -6.92 -88.41
C UNK SC 357 40.47 -7.00 -87.35
N UNK SC 358 41.64 -6.51 -87.69
CA UNK SC 358 42.69 -6.48 -86.71
C UNK SC 358 42.50 -6.14 -85.26
N UNK SC 359 41.74 -5.07 -85.00
CA UNK SC 359 41.61 -4.64 -83.62
C UNK SC 359 40.97 -5.78 -82.88
N UNK SC 360 39.95 -6.37 -83.48
CA UNK SC 360 39.23 -7.41 -82.82
C UNK SC 360 40.21 -8.54 -82.62
N UNK SC 361 40.99 -8.77 -83.65
CA UNK SC 361 41.78 -9.98 -83.69
C UNK SC 361 42.67 -9.95 -82.50
N UNK SC 362 43.18 -8.77 -82.18
CA UNK SC 362 44.03 -8.64 -81.02
C UNK SC 362 43.20 -9.05 -79.82
N UNK SC 363 41.93 -8.70 -79.83
CA UNK SC 363 41.10 -8.98 -78.68
C UNK SC 363 41.11 -10.47 -78.47
N UNK SC 364 41.04 -11.23 -79.56
CA UNK SC 364 41.15 -12.66 -79.43
C UNK SC 364 42.52 -12.92 -78.86
N UNK SC 365 43.47 -12.08 -79.26
CA UNK SC 365 44.88 -12.28 -78.99
C UNK SC 365 45.11 -12.28 -77.50
N UNK SC 366 44.39 -11.41 -76.81
CA UNK SC 366 44.56 -11.21 -75.38
C UNK SC 366 45.81 -10.37 -75.22
N UNK SC 367 45.62 -9.11 -74.85
CA UNK SC 367 46.69 -8.13 -74.67
C UNK SC 367 46.47 -7.26 -73.43
N UNK SC 368 47.48 -6.53 -73.00
CA UNK SC 368 47.32 -5.68 -71.83
C UNK SC 368 46.11 -4.79 -72.06
N UNK SC 369 45.61 -4.16 -70.98
CA UNK SC 369 44.46 -3.29 -71.06
C UNK SC 369 43.40 -4.05 -71.79
N UNK SC 370 43.33 -5.37 -71.64
CA UNK SC 370 42.25 -6.11 -72.29
C UNK SC 370 41.24 -6.56 -71.27
N UNK SC 371 39.99 -6.16 -71.46
CA UNK SC 371 38.97 -6.54 -70.51
C UNK SC 371 38.93 -8.04 -70.54
N UNK SC 372 38.93 -8.60 -71.74
CA UNK SC 372 38.92 -10.05 -71.84
C UNK SC 372 40.22 -10.58 -71.24
N UNK SC 373 41.32 -9.92 -71.59
CA UNK SC 373 42.62 -10.33 -71.07
C UNK SC 373 42.78 -10.09 -69.57
N UNK SC 374 42.28 -8.95 -69.10
CA UNK SC 374 42.46 -8.61 -67.71
C UNK SC 374 41.86 -9.65 -66.80
N UNK SC 375 40.64 -10.08 -67.10
CA UNK SC 375 40.04 -11.11 -66.28
C UNK SC 375 40.89 -12.34 -66.48
N UNK SC 376 41.26 -12.56 -67.73
CA UNK SC 376 42.05 -13.72 -68.09
C UNK SC 376 43.38 -13.69 -67.36
N UNK SC 377 44.00 -12.53 -67.34
CA UNK SC 377 45.27 -12.41 -66.68
C UNK SC 377 45.02 -12.45 -65.19
N UNK SC 378 43.83 -12.89 -64.80
CA UNK SC 378 43.51 -12.94 -63.40
C UNK SC 378 43.15 -14.32 -62.96
N UNK SC 379 42.31 -14.97 -63.76
CA UNK SC 379 41.90 -16.29 -63.40
C UNK SC 379 43.13 -17.14 -63.29
N UNK SC 380 44.10 -16.90 -64.12
CA UNK SC 380 45.26 -17.74 -64.00
C UNK SC 380 45.91 -17.61 -62.63
N UNK SC 381 45.95 -16.39 -62.12
CA UNK SC 381 46.64 -16.12 -60.88
C UNK SC 381 46.07 -17.03 -59.85
N UNK SC 382 44.79 -17.26 -59.96
CA UNK SC 382 44.14 -18.17 -59.08
C UNK SC 382 44.67 -19.55 -59.39
N UNK SC 383 44.87 -19.78 -60.66
CA UNK SC 383 45.28 -21.09 -61.09
C UNK SC 383 46.54 -21.45 -60.37
N UNK SC 384 47.20 -20.46 -59.78
CA UNK SC 384 48.42 -20.71 -59.00
C UNK SC 384 48.23 -21.18 -57.54
N UNK SC 385 47.01 -21.41 -57.07
CA UNK SC 385 46.83 -21.87 -55.70
C UNK SC 385 46.22 -23.24 -55.44
N UNK SC 386 45.65 -23.89 -56.45
CA UNK SC 386 45.00 -25.19 -56.24
C UNK SC 386 45.77 -26.48 -56.47
N UNK SC 387 47.10 -26.46 -56.59
CA UNK SC 387 47.95 -25.28 -56.37
C UNK SC 387 48.82 -24.73 -57.49
N UNK SC 388 49.81 -23.94 -57.12
CA UNK SC 388 50.67 -23.27 -58.08
C UNK SC 388 51.41 -24.14 -59.05
N UNK SC 389 51.90 -25.30 -58.64
CA UNK SC 389 52.67 -26.11 -59.56
C UNK SC 389 51.88 -26.35 -60.83
N UNK SC 390 52.57 -26.33 -61.96
CA UNK SC 390 51.97 -26.50 -63.24
C UNK SC 390 51.41 -25.29 -63.93
N UNK SC 391 51.80 -24.08 -63.55
CA UNK SC 391 51.30 -22.87 -64.20
C UNK SC 391 51.73 -23.08 -65.61
N UNK SC 392 52.82 -23.81 -65.66
CA UNK SC 392 53.42 -24.18 -66.90
C UNK SC 392 52.30 -24.56 -67.84
N UNK SC 393 51.28 -25.22 -67.33
CA UNK SC 393 50.28 -25.78 -68.23
C UNK SC 393 49.51 -24.76 -69.07
N UNK SC 394 48.96 -23.71 -68.49
CA UNK SC 394 48.11 -22.80 -69.27
C UNK SC 394 48.81 -22.04 -70.40
N UNK SC 395 50.00 -21.58 -70.10
CA UNK SC 395 50.72 -20.67 -70.98
C UNK SC 395 51.02 -21.34 -72.29
N UNK SC 396 51.07 -22.67 -72.28
CA UNK SC 396 51.22 -23.38 -73.53
C UNK SC 396 49.97 -23.03 -74.33
N UNK SC 397 48.85 -22.97 -73.64
CA UNK SC 397 47.59 -22.62 -74.28
C UNK SC 397 47.68 -21.20 -74.81
N UNK SC 398 48.18 -20.28 -73.99
CA UNK SC 398 48.23 -18.89 -74.39
C UNK SC 398 49.13 -18.72 -75.59
N UNK SC 399 50.31 -19.33 -75.52
CA UNK SC 399 51.25 -19.15 -76.59
C UNK SC 399 50.63 -19.76 -77.80
N UNK SC 400 50.04 -20.94 -77.62
CA UNK SC 400 49.47 -21.63 -78.74
C UNK SC 400 48.38 -20.73 -79.25
N UNK SC 401 47.62 -20.17 -78.32
CA UNK SC 401 46.40 -19.51 -78.67
C UNK SC 401 46.75 -18.41 -79.62
N UNK SC 402 47.84 -17.74 -79.30
CA UNK SC 402 48.25 -16.57 -80.04
C UNK SC 402 48.48 -17.01 -81.44
N UNK SC 403 49.02 -18.21 -81.58
CA UNK SC 403 49.40 -18.69 -82.88
C UNK SC 403 48.14 -18.68 -83.72
N UNK SC 404 47.02 -19.02 -83.10
CA UNK SC 404 45.78 -19.07 -83.86
C UNK SC 404 45.55 -17.69 -84.42
N UNK SC 405 45.64 -16.69 -83.57
CA UNK SC 405 45.17 -15.39 -83.99
C UNK SC 405 46.00 -15.02 -85.18
N UNK SC 406 47.28 -15.34 -85.11
CA UNK SC 406 48.17 -14.92 -86.17
C UNK SC 406 47.70 -15.56 -87.47
N UNK SC 407 47.36 -16.84 -87.39
CA UNK SC 407 47.16 -17.60 -88.58
C UNK SC 407 46.05 -16.99 -89.37
N UNK SC 408 44.95 -16.63 -88.71
CA UNK SC 408 43.86 -16.04 -89.45
C UNK SC 408 44.33 -14.72 -90.02
N UNK SC 409 44.93 -13.92 -89.16
CA UNK SC 409 45.22 -12.57 -89.58
C UNK SC 409 46.20 -12.67 -90.72
N UNK SC 410 47.23 -13.48 -90.55
CA UNK SC 410 48.27 -13.51 -91.58
C UNK SC 410 47.70 -14.03 -92.88
N UNK SC 411 46.95 -15.10 -92.79
CA UNK SC 411 46.29 -15.61 -93.99
C UNK SC 411 45.25 -14.57 -94.41
N UNK SC 412 44.79 -13.79 -93.44
CA UNK SC 412 43.81 -12.75 -93.69
C UNK SC 412 44.35 -11.67 -94.61
N UNK SC 413 45.63 -11.34 -94.44
CA UNK SC 413 46.26 -10.31 -95.26
C UNK SC 413 47.79 -10.39 -95.17
N UNK SC 414 27.86 -1.28 -97.79
CA UNK SC 414 28.84 -1.75 -96.81
C UNK SC 414 28.77 -0.90 -95.55
N UNK SC 415 28.05 0.20 -95.62
CA UNK SC 415 28.07 1.13 -94.50
C UNK SC 415 27.59 0.43 -93.25
N UNK SC 416 26.52 -0.36 -93.39
CA UNK SC 416 25.96 -1.03 -92.25
C UNK SC 416 27.00 -1.96 -91.67
N UNK SC 417 27.72 -2.64 -92.53
CA UNK SC 417 28.70 -3.60 -92.06
C UNK SC 417 29.77 -2.90 -91.27
N UNK SC 418 30.14 -1.69 -91.63
CA UNK SC 418 31.06 -0.98 -90.75
C UNK SC 418 30.37 -0.85 -89.40
N UNK SC 419 29.05 -0.80 -89.44
CA UNK SC 419 28.26 -0.52 -88.25
C UNK SC 419 28.48 -1.55 -87.17
N UNK SC 420 28.57 -2.82 -87.55
CA UNK SC 420 28.71 -3.85 -86.55
C UNK SC 420 30.00 -3.56 -85.85
N UNK SC 421 31.02 -3.22 -86.63
CA UNK SC 421 32.32 -3.03 -86.05
C UNK SC 421 32.34 -1.88 -85.07
N UNK SC 422 31.70 -0.77 -85.41
CA UNK SC 422 31.77 0.31 -84.48
C UNK SC 422 31.10 -0.12 -83.19
N UNK SC 423 29.91 -0.71 -83.31
CA UNK SC 423 29.17 -0.97 -82.10
C UNK SC 423 29.87 -1.98 -81.22
N UNK SC 424 30.31 -3.08 -81.81
CA UNK SC 424 30.91 -4.13 -81.02
C UNK SC 424 32.20 -3.66 -80.36
N UNK SC 425 33.03 -2.96 -81.12
CA UNK SC 425 34.27 -2.48 -80.57
C UNK SC 425 34.04 -1.50 -79.45
N UNK SC 426 33.09 -0.59 -79.67
CA UNK SC 426 32.89 0.52 -78.77
C UNK SC 426 32.48 0.07 -77.38
N UNK SC 427 31.54 -0.86 -77.31
CA UNK SC 427 31.16 -1.38 -76.01
C UNK SC 427 32.38 -2.12 -75.50
N UNK SC 428 33.02 -2.86 -76.37
CA UNK SC 428 34.16 -3.66 -75.97
C UNK SC 428 35.23 -2.73 -75.47
N UNK SC 429 35.52 -1.72 -76.25
CA UNK SC 429 36.57 -0.79 -75.91
C UNK SC 429 36.23 -0.03 -74.64
N UNK SC 430 34.97 0.37 -74.54
CA UNK SC 430 34.56 1.30 -73.51
C UNK SC 430 34.89 0.66 -72.19
N UNK SC 431 34.64 -0.64 -72.11
CA UNK SC 431 34.62 -1.39 -70.87
C UNK SC 431 35.99 -1.30 -70.24
N UNK SC 432 37.00 -1.30 -71.08
CA UNK SC 432 38.36 -1.24 -70.60
C UNK SC 432 38.46 0.05 -69.81
N UNK SC 433 37.67 1.04 -70.20
CA UNK SC 433 37.77 2.30 -69.50
C UNK SC 433 37.49 2.04 -68.03
N UNK SC 434 36.47 1.25 -67.74
CA UNK SC 434 36.19 0.88 -66.36
C UNK SC 434 36.08 -0.61 -66.28
N UNK SC 435 36.57 -1.21 -65.21
CA UNK SC 435 36.34 -2.62 -65.03
C UNK SC 435 35.19 -2.85 -64.07
N UNK SC 436 34.70 -1.80 -63.46
CA UNK SC 436 33.93 -2.00 -62.26
C UNK SC 436 32.68 -2.82 -62.47
N UNK SC 437 31.90 -2.51 -63.48
CA UNK SC 437 30.64 -3.23 -63.66
C UNK SC 437 30.94 -4.68 -63.95
N UNK SC 438 31.92 -4.91 -64.79
CA UNK SC 438 32.23 -6.25 -65.24
C UNK SC 438 32.64 -7.10 -64.07
N UNK SC 439 33.39 -6.51 -63.16
CA UNK SC 439 33.90 -7.28 -62.04
C UNK SC 439 32.82 -8.12 -61.38
N UNK TC 1 1.30 10.32 -90.46
CA UNK TC 1 0.23 9.81 -89.61
C UNK TC 1 0.10 8.29 -89.74
N UNK TC 2 0.50 7.76 -90.89
CA UNK TC 2 0.43 6.33 -91.13
C UNK TC 2 1.33 5.56 -90.18
N UNK TC 3 2.52 6.11 -89.92
CA UNK TC 3 3.45 5.45 -89.02
C UNK TC 3 3.27 6.00 -87.61
N UNK TC 4 2.70 5.18 -86.74
CA UNK TC 4 2.42 5.63 -85.39
C UNK TC 4 2.11 4.48 -84.43
N UNK TC 5 1.51 3.43 -84.96
CA UNK TC 5 1.12 2.34 -84.10
C UNK TC 5 2.33 1.79 -83.37
N UNK TC 6 3.46 1.70 -84.07
CA UNK TC 6 4.68 1.18 -83.48
C UNK TC 6 5.18 2.06 -82.34
N UNK TC 7 5.10 3.35 -82.54
CA UNK TC 7 5.59 4.35 -81.59
C UNK TC 7 4.90 4.30 -80.22
N UNK TC 8 3.58 4.12 -80.21
CA UNK TC 8 2.85 4.07 -78.97
C UNK TC 8 3.05 2.79 -78.17
N UNK TC 9 3.05 1.66 -78.84
CA UNK TC 9 3.20 0.41 -78.10
C UNK TC 9 4.54 0.29 -77.39
N UNK TC 10 5.63 0.64 -78.08
CA UNK TC 10 6.94 0.50 -77.48
C UNK TC 10 7.06 1.33 -76.24
N UNK TC 11 6.60 2.57 -76.30
CA UNK TC 11 6.66 3.41 -75.13
C UNK TC 11 5.75 2.92 -74.01
N UNK TC 12 4.55 2.52 -74.40
CA UNK TC 12 3.49 2.05 -73.51
C UNK TC 12 3.82 0.82 -72.68
N UNK TC 13 4.55 -0.13 -73.25
CA UNK TC 13 4.88 -1.35 -72.53
C UNK TC 13 5.66 -1.03 -71.26
N UNK TC 14 6.58 -0.08 -71.35
CA UNK TC 14 7.37 0.32 -70.19
C UNK TC 14 6.46 0.89 -69.11
N UNK TC 15 5.47 1.69 -69.53
CA UNK TC 15 4.52 2.29 -68.62
C UNK TC 15 3.70 1.22 -67.92
N UNK TC 16 3.31 0.20 -68.68
CA UNK TC 16 2.54 -0.91 -68.15
C UNK TC 16 3.36 -1.64 -67.10
N UNK TC 17 4.65 -1.81 -67.38
CA UNK TC 17 5.50 -2.48 -66.43
C UNK TC 17 5.52 -1.66 -65.16
N UNK TC 18 5.72 -0.37 -65.33
CA UNK TC 18 5.80 0.52 -64.19
C UNK TC 18 4.54 0.41 -63.32
N UNK TC 19 3.40 0.39 -63.99
CA UNK TC 19 2.12 0.30 -63.32
C UNK TC 19 2.08 -0.99 -62.56
N UNK TC 20 2.53 -2.07 -63.20
CA UNK TC 20 2.58 -3.35 -62.54
C UNK TC 20 3.62 -3.28 -61.43
N UNK TC 21 4.77 -2.69 -61.76
CA UNK TC 21 5.87 -2.57 -60.82
C UNK TC 21 5.54 -1.71 -59.61
N UNK TC 22 4.95 -0.55 -59.84
CA UNK TC 22 4.58 0.31 -58.72
C UNK TC 22 3.56 -0.51 -57.95
N UNK TC 23 2.62 -1.06 -58.70
CA UNK TC 23 1.55 -1.90 -58.14
C UNK TC 23 2.16 -3.16 -57.55
N UNK TC 24 3.17 -3.68 -58.24
CA UNK TC 24 3.86 -4.89 -57.81
C UNK TC 24 4.48 -4.62 -56.45
N UNK TC 25 4.99 -3.40 -56.27
CA UNK TC 25 5.59 -3.01 -55.01
C UNK TC 25 4.51 -3.06 -53.93
N UNK TC 26 3.31 -2.61 -54.27
CA UNK TC 26 2.20 -2.63 -53.32
C UNK TC 26 1.88 -4.06 -52.92
N UNK TC 27 1.85 -4.95 -53.91
CA UNK TC 27 1.60 -6.37 -53.63
C UNK TC 27 2.76 -6.84 -52.78
N UNK TC 28 3.92 -6.25 -53.05
CA UNK TC 28 5.11 -6.47 -52.28
C UNK TC 28 4.97 -5.76 -50.93
N UNK TC 29 3.89 -4.98 -50.79
CA UNK TC 29 3.61 -4.18 -49.62
C UNK TC 29 3.55 -4.98 -48.31
N UNK TC 30 4.01 -4.34 -47.24
CA UNK TC 30 4.11 -4.97 -45.93
C UNK TC 30 5.55 -5.13 -45.45
N UNK UC 1 17.02 4.42 -95.93
CA UNK UC 1 17.78 5.23 -94.98
C UNK UC 1 17.53 4.79 -93.54
N UNK UC 2 17.60 3.51 -93.25
CA UNK UC 2 17.51 3.07 -91.86
C UNK UC 2 18.76 3.54 -91.11
N UNK UC 3 19.79 3.83 -91.91
CA UNK UC 3 21.11 4.23 -91.41
C UNK UC 3 21.02 5.46 -90.54
N UNK UC 4 20.17 6.40 -90.90
CA UNK UC 4 20.05 7.59 -90.08
C UNK UC 4 19.59 7.10 -88.73
N UNK UC 5 18.73 6.10 -88.76
CA UNK UC 5 18.19 5.51 -87.55
C UNK UC 5 19.21 4.82 -86.64
N UNK UC 6 20.13 4.05 -87.22
CA UNK UC 6 21.09 3.34 -86.37
C UNK UC 6 22.01 4.20 -85.51
N UNK UC 7 22.55 5.25 -86.10
CA UNK UC 7 23.47 6.17 -85.41
C UNK UC 7 22.89 6.98 -84.23
N UNK UC 8 21.65 7.44 -84.35
CA UNK UC 8 21.03 8.20 -83.26
C UNK UC 8 20.85 7.31 -82.04
N UNK UC 9 20.45 6.07 -82.29
CA UNK UC 9 20.28 5.06 -81.24
C UNK UC 9 21.65 4.79 -80.64
N UNK UC 10 22.64 4.78 -81.53
CA UNK UC 10 24.05 4.54 -81.23
C UNK UC 10 24.54 5.56 -80.22
N UNK UC 11 24.03 6.79 -80.34
CA UNK UC 11 24.45 7.83 -79.41
C UNK UC 11 24.07 7.33 -78.03
N UNK UC 12 22.89 6.73 -77.91
CA UNK UC 12 22.49 6.15 -76.65
C UNK UC 12 23.75 5.58 -75.99
N UNK UC 13 24.62 5.00 -76.80
CA UNK UC 13 25.84 4.42 -76.27
C UNK UC 13 26.70 5.48 -75.60
N UNK UC 14 26.83 6.63 -76.24
CA UNK UC 14 27.61 7.73 -75.68
C UNK UC 14 26.98 8.23 -74.40
N UNK UC 15 25.66 8.31 -74.43
CA UNK UC 15 24.86 8.78 -73.33
C UNK UC 15 25.06 7.90 -72.13
N UNK UC 16 25.35 6.63 -72.38
CA UNK UC 16 25.54 5.70 -71.28
C UNK UC 16 26.65 6.14 -70.35
N UNK UC 17 27.77 6.60 -70.89
CA UNK UC 17 28.81 7.03 -69.97
C UNK UC 17 28.11 7.84 -68.92
N UNK UC 18 27.09 8.58 -69.33
CA UNK UC 18 26.33 9.38 -68.41
C UNK UC 18 25.70 8.44 -67.39
N UNK UC 19 25.20 7.32 -67.88
CA UNK UC 19 24.54 6.34 -67.00
C UNK UC 19 25.50 5.80 -65.97
N UNK UC 20 26.74 5.59 -66.40
CA UNK UC 20 27.80 5.06 -65.57
C UNK UC 20 28.24 5.96 -64.43
N UNK UC 21 28.03 7.26 -64.54
CA UNK UC 21 28.56 8.12 -63.48
C UNK UC 21 27.74 7.97 -62.18
N UNK UC 22 26.88 6.96 -62.14
CA UNK UC 22 26.03 6.70 -60.98
C UNK UC 22 26.74 6.92 -59.66
N UNK VC 1 29.99 22.22 -57.38
CA UNK VC 1 29.66 23.49 -58.01
C UNK VC 1 28.51 23.33 -58.99
N UNK VC 2 27.35 23.85 -58.64
CA UNK VC 2 26.19 23.75 -59.50
C UNK VC 2 26.59 24.45 -60.79
N UNK VC 3 27.36 25.52 -60.63
CA UNK VC 3 27.84 26.29 -61.76
C UNK VC 3 28.72 25.45 -62.67
N UNK VC 4 29.52 24.59 -62.06
CA UNK VC 4 30.46 23.69 -62.76
C UNK VC 4 29.88 22.56 -63.63
N UNK VC 5 28.80 21.95 -63.15
CA UNK VC 5 28.18 20.82 -63.83
C UNK VC 5 27.68 21.11 -65.24
N UNK VC 6 27.08 22.27 -65.45
CA UNK VC 6 26.58 22.59 -66.78
C UNK VC 6 27.77 22.60 -67.75
N UNK VC 7 28.87 23.19 -67.32
CA UNK VC 7 30.07 23.24 -68.15
C UNK VC 7 30.66 21.85 -68.42
N UNK VC 8 30.71 21.02 -67.39
CA UNK VC 8 31.28 19.67 -67.53
C UNK VC 8 30.49 18.72 -68.44
N UNK VC 9 29.16 18.79 -68.32
CA UNK VC 9 28.20 17.98 -69.05
C UNK VC 9 27.63 18.73 -70.23
N UNK VC 10 27.44 20.03 -70.05
CA UNK VC 10 26.85 20.84 -71.11
C UNK VC 10 27.73 20.66 -72.32
N UNK VC 11 29.02 20.50 -72.06
CA UNK VC 11 29.97 20.30 -73.13
C UNK VC 11 29.51 19.05 -73.87
N UNK VC 12 28.79 18.22 -73.09
CA UNK VC 12 28.23 16.93 -73.47
C UNK VC 12 27.26 17.05 -74.62
N UNK VC 13 26.50 18.13 -74.64
CA UNK VC 13 25.52 18.30 -75.70
C UNK VC 13 26.29 18.26 -77.00
N UNK VC 14 27.46 18.87 -77.02
CA UNK VC 14 28.27 18.87 -78.22
C UNK VC 14 28.55 17.41 -78.50
N UNK VC 15 28.70 16.64 -77.42
CA UNK VC 15 29.03 15.22 -77.50
C UNK VC 15 27.99 14.39 -78.25
N UNK VC 16 26.71 14.72 -78.10
CA UNK VC 16 25.70 13.97 -78.83
C UNK VC 16 26.01 14.20 -80.30
N UNK VC 17 26.31 15.45 -80.64
CA UNK VC 17 26.67 15.83 -81.99
C UNK VC 17 28.00 15.16 -82.37
N UNK VC 18 28.91 15.14 -81.41
CA UNK VC 18 30.24 14.55 -81.57
C UNK VC 18 30.17 13.06 -81.86
N UNK VC 19 29.25 12.37 -81.18
CA UNK VC 19 29.10 10.93 -81.37
C UNK VC 19 28.70 10.68 -82.82
N UNK VC 20 27.82 11.54 -83.33
CA UNK VC 20 27.37 11.42 -84.71
C UNK VC 20 28.53 11.58 -85.67
N UNK VC 21 29.43 12.52 -85.37
CA UNK VC 21 30.59 12.77 -86.23
C UNK VC 21 31.32 11.48 -86.61
N UNK VC 22 31.38 10.54 -85.68
CA UNK VC 22 32.06 9.26 -85.94
C UNK VC 22 31.40 8.56 -87.11
N UNK VC 23 30.08 8.67 -87.19
CA UNK VC 23 29.32 8.03 -88.27
C UNK VC 23 29.63 8.70 -89.60
N UNK VC 24 29.82 10.02 -89.59
CA UNK VC 24 30.12 10.76 -90.80
C UNK VC 24 31.45 10.33 -91.41
N UNK VC 25 32.41 10.05 -90.53
CA UNK VC 25 33.76 9.63 -90.95
C UNK VC 25 33.83 8.26 -91.63
N UNK VC 26 33.02 7.32 -91.19
CA UNK VC 26 33.05 6.00 -91.80
C UNK VC 26 32.70 6.14 -93.27
N UNK VC 27 31.80 7.08 -93.57
CA UNK VC 27 31.32 7.32 -94.92
C UNK VC 27 32.45 7.75 -95.85
N UNK VC 28 33.54 8.21 -95.27
CA UNK VC 28 34.67 8.65 -96.07
C UNK VC 28 35.20 7.53 -96.93
N UNK VC 29 34.92 6.29 -96.52
CA UNK VC 29 35.36 5.13 -97.27
C UNK VC 29 35.04 5.26 -98.76
N UNK VC 30 33.75 5.38 -99.07
CA UNK VC 30 33.32 5.50 -100.47
C UNK VC 30 32.88 6.91 -100.79
N UNK WC 1 60.88 38.28 -96.43
CA UNK WC 1 62.28 38.62 -96.65
C UNK WC 1 62.89 37.50 -95.83
N UNK WC 2 63.63 37.84 -94.79
CA UNK WC 2 63.99 36.81 -93.85
C UNK WC 2 62.60 36.26 -93.50
N UNK WC 3 62.50 34.95 -93.30
CA UNK WC 3 61.22 34.27 -93.27
C UNK WC 3 60.69 33.97 -91.87
N UNK WC 4 61.29 34.65 -90.90
CA UNK WC 4 61.05 34.46 -89.47
C UNK WC 4 59.68 34.66 -88.84
N UNK WC 5 58.90 35.65 -89.28
CA UNK WC 5 57.61 35.88 -88.65
C UNK WC 5 56.65 34.70 -88.75
N UNK WC 6 56.54 34.09 -89.93
CA UNK WC 6 55.65 32.95 -90.10
C UNK WC 6 56.07 31.78 -89.22
N UNK WC 7 57.37 31.53 -89.19
CA UNK WC 7 57.91 30.44 -88.39
C UNK WC 7 57.62 30.68 -86.92
N UNK WC 8 57.78 31.92 -86.48
CA UNK WC 8 57.54 32.26 -85.07
C UNK WC 8 56.10 32.01 -84.67
N UNK WC 9 55.16 32.38 -85.53
CA UNK WC 9 53.75 32.20 -85.25
C UNK WC 9 53.40 30.72 -85.12
N UNK WC 10 53.95 29.90 -86.02
CA UNK WC 10 53.69 28.48 -86.00
C UNK WC 10 54.22 27.85 -84.71
N UNK WC 11 55.42 28.28 -84.31
CA UNK WC 11 56.03 27.78 -83.09
C UNK WC 11 55.16 28.15 -81.89
N UNK WC 12 54.66 29.39 -81.91
CA UNK WC 12 53.83 29.85 -80.81
C UNK WC 12 52.56 29.01 -80.74
N UNK WC 13 52.00 28.70 -81.90
CA UNK WC 13 50.79 27.90 -81.97
C UNK WC 13 51.05 26.51 -81.40
N UNK WC 14 52.21 25.94 -81.74
CA UNK WC 14 52.55 24.61 -81.24
C UNK WC 14 52.66 24.66 -79.73
N UNK WC 15 53.31 25.72 -79.25
CA UNK WC 15 53.57 26.00 -77.83
C UNK WC 15 52.32 26.29 -77.02
N UNK WC 16 51.25 26.73 -77.69
CA UNK WC 16 49.99 27.06 -77.02
C UNK WC 16 49.49 25.85 -76.26
N UNK WC 17 49.79 24.67 -76.81
CA UNK WC 17 49.40 23.39 -76.22
C UNK WC 17 50.02 23.25 -74.83
N UNK WC 18 51.20 23.84 -74.65
CA UNK WC 18 51.91 23.78 -73.38
C UNK WC 18 51.03 24.37 -72.29
N UNK WC 19 50.30 25.42 -72.61
CA UNK WC 19 49.40 26.05 -71.65
C UNK WC 19 48.33 25.04 -71.23
N UNK WC 20 47.85 24.28 -72.22
CA UNK WC 20 46.84 23.26 -71.98
C UNK WC 20 47.37 22.18 -71.05
N UNK WC 21 48.63 21.80 -71.26
CA UNK WC 21 49.29 20.80 -70.43
C UNK WC 21 49.40 21.33 -69.01
N UNK WC 22 49.70 22.64 -68.91
CA UNK WC 22 49.84 23.34 -67.65
C UNK WC 22 48.52 23.31 -66.88
N UNK WC 23 47.42 23.16 -67.61
CA UNK WC 23 46.14 23.07 -66.94
C UNK WC 23 46.28 21.95 -65.89
N UNK WC 24 47.24 21.05 -66.11
CA UNK WC 24 47.54 19.97 -65.16
C UNK WC 24 48.01 20.63 -63.85
N UNK WC 25 48.40 21.89 -63.96
CA UNK WC 25 48.75 22.69 -62.81
C UNK WC 25 47.41 22.81 -62.07
N UNK WC 26 46.35 23.00 -62.86
CA UNK WC 26 44.97 23.05 -62.39
C UNK WC 26 44.68 21.67 -61.81
N UNK WC 27 45.34 20.66 -62.36
CA UNK WC 27 45.19 19.29 -61.91
C UNK WC 27 45.61 19.34 -60.45
N UNK WC 28 46.58 20.18 -60.16
CA UNK WC 28 47.00 20.34 -58.79
C UNK WC 28 45.70 20.87 -58.26
N UNK WC 29 45.48 20.75 -56.95
CA UNK WC 29 44.24 21.14 -56.30
C UNK WC 29 43.25 19.99 -56.25
N UNK WC 30 43.69 18.80 -56.64
CA UNK WC 30 42.80 17.64 -56.56
C UNK WC 30 43.53 16.35 -56.91
N UNK XC 1 78.71 19.42 -102.41
CA UNK XC 1 79.74 18.58 -101.82
C UNK XC 1 80.66 19.40 -100.92
N UNK XC 2 80.76 20.69 -101.22
CA UNK XC 2 81.63 21.58 -100.45
C UNK XC 2 81.14 21.60 -99.03
N UNK XC 3 79.84 21.50 -98.78
CA UNK XC 3 79.37 21.38 -97.39
C UNK XC 3 79.89 20.10 -96.72
N UNK XC 4 79.92 19.05 -97.53
CA UNK XC 4 80.29 17.71 -97.09
C UNK XC 4 81.69 17.78 -96.53
N UNK XC 5 82.52 18.60 -97.14
CA UNK XC 5 83.89 18.74 -96.66
C UNK XC 5 83.92 19.26 -95.23
N UNK XC 6 83.07 20.22 -94.90
CA UNK XC 6 83.00 20.75 -93.54
C UNK XC 6 82.53 19.67 -92.56
N UNK XC 7 81.57 18.89 -93.02
CA UNK XC 7 81.09 17.80 -92.19
C UNK XC 7 82.22 16.80 -91.90
N UNK XC 8 83.00 16.47 -92.92
CA UNK XC 8 84.09 15.51 -92.79
C UNK XC 8 85.09 16.11 -91.81
N UNK XC 9 85.21 17.42 -91.94
CA UNK XC 9 86.15 18.24 -91.21
C UNK XC 9 85.93 18.14 -89.71
N UNK XC 10 84.67 18.20 -89.32
CA UNK XC 10 84.33 18.19 -87.92
C UNK XC 10 84.81 16.90 -87.35
N UNK XC 11 84.78 15.87 -88.19
CA UNK XC 11 85.18 14.55 -87.78
C UNK XC 11 86.55 14.66 -87.19
N UNK XC 12 87.32 15.60 -87.70
CA UNK XC 12 88.63 15.80 -87.18
C UNK XC 12 88.51 16.10 -85.70
N UNK XC 13 87.47 16.83 -85.32
CA UNK XC 13 87.37 17.20 -83.93
C UNK XC 13 87.36 16.00 -83.02
N UNK XC 14 86.56 14.98 -83.30
CA UNK XC 14 86.64 13.86 -82.37
C UNK XC 14 88.06 13.64 -81.89
N UNK XC 15 88.99 13.62 -82.82
CA UNK XC 15 90.36 13.34 -82.46
C UNK XC 15 90.77 14.47 -81.56
N UNK XC 16 90.28 15.65 -81.89
CA UNK XC 16 90.57 16.82 -81.07
C UNK XC 16 90.06 16.48 -79.69
N UNK XC 17 88.98 15.72 -79.65
CA UNK XC 17 88.37 15.30 -78.40
C UNK XC 17 89.38 14.50 -77.60
N UNK XC 18 90.05 13.61 -78.32
CA UNK XC 18 90.95 12.65 -77.72
C UNK XC 18 92.18 13.30 -77.12
N UNK XC 19 92.77 14.23 -77.86
CA UNK XC 19 94.00 14.82 -77.39
C UNK XC 19 93.77 15.62 -76.12
N UNK XC 20 92.70 16.39 -76.10
CA UNK XC 20 92.41 17.18 -74.93
C UNK XC 20 92.14 16.19 -73.84
N UNK XC 21 91.49 15.10 -74.23
CA UNK XC 21 91.06 14.07 -73.30
C UNK XC 21 92.23 13.45 -72.60
N UNK XC 22 93.31 13.23 -73.35
CA UNK XC 22 94.53 12.63 -72.82
C UNK XC 22 94.50 12.62 -71.28
N UNK XC 23 95.50 13.26 -70.65
CA UNK XC 23 95.71 13.33 -69.19
C UNK XC 23 94.82 12.45 -68.32
N UNK XC 24 93.64 12.96 -67.96
CA UNK XC 24 92.72 12.24 -67.12
C UNK XC 24 92.25 10.95 -67.79
N UNK XC 25 91.99 11.02 -69.09
CA UNK XC 25 91.56 9.85 -69.84
C UNK XC 25 92.65 8.80 -69.85
N UNK XC 26 93.90 9.25 -70.01
CA UNK XC 26 95.05 8.35 -69.99
C UNK XC 26 95.16 7.68 -68.63
N UNK XC 27 94.94 8.45 -67.58
CA UNK XC 27 94.99 7.91 -66.22
C UNK XC 27 93.92 6.85 -66.03
N UNK XC 28 92.73 7.11 -66.58
CA UNK XC 28 91.62 6.16 -66.52
C UNK XC 28 91.98 4.87 -67.25
N UNK YC 1 93.40 2.89 -98.07
CA UNK YC 1 94.20 3.38 -96.96
C UNK YC 1 93.67 2.90 -95.60
N UNK YC 2 94.08 1.70 -95.23
CA UNK YC 2 93.63 0.99 -94.01
C UNK YC 2 93.99 1.72 -92.73
N UNK YC 3 94.67 2.84 -92.87
CA UNK YC 3 95.10 3.65 -91.75
C UNK YC 3 93.95 4.15 -90.88
N UNK YC 4 92.80 4.48 -91.49
CA UNK YC 4 91.70 4.98 -90.69
C UNK YC 4 92.20 6.20 -89.97
N UNK YC 5 92.91 7.00 -90.73
CA UNK YC 5 93.54 8.20 -90.25
C UNK YC 5 92.67 9.43 -90.51
N UNK YC 6 91.36 9.26 -90.59
CA UNK YC 6 90.46 10.33 -91.04
C UNK YC 6 90.69 11.77 -90.62
N UNK YC 7 90.96 12.08 -89.35
CA UNK YC 7 91.22 13.48 -88.99
C UNK YC 7 92.73 13.68 -89.17
N UNK YC 8 93.09 14.74 -89.87
CA UNK YC 8 94.45 15.08 -90.11
C UNK YC 8 94.83 15.82 -88.86
N UNK YC 9 95.97 16.47 -88.99
CA UNK YC 9 96.70 17.16 -87.93
C UNK YC 9 96.15 18.41 -87.31
N UNK YC 10 95.15 19.06 -87.90
CA UNK YC 10 94.68 20.32 -87.33
C UNK YC 10 94.28 20.05 -85.89
N UNK YC 11 93.62 18.93 -85.69
CA UNK YC 11 93.21 18.59 -84.35
C UNK YC 11 94.44 18.45 -83.47
N UNK YC 12 95.45 17.76 -83.97
CA UNK YC 12 96.67 17.55 -83.20
C UNK YC 12 97.40 18.86 -82.91
N UNK YC 13 97.52 19.71 -83.94
CA UNK YC 13 98.19 21.00 -83.77
C UNK YC 13 97.37 21.86 -82.83
N UNK YC 14 96.05 21.83 -83.04
CA UNK YC 14 95.14 22.62 -82.23
C UNK YC 14 95.21 22.14 -80.78
N UNK YC 15 95.26 20.82 -80.60
CA UNK YC 15 95.33 20.25 -79.27
C UNK YC 15 96.62 20.68 -78.59
N UNK YC 16 97.71 20.68 -79.35
CA UNK YC 16 99.00 21.08 -78.80
C UNK YC 16 98.95 22.53 -78.35
N UNK YC 17 98.32 23.38 -79.17
CA UNK YC 17 98.20 24.79 -78.86
C UNK YC 17 97.35 24.99 -77.61
N UNK YC 18 96.30 24.19 -77.52
CA UNK YC 18 95.40 24.25 -76.37
C UNK YC 18 96.19 23.87 -75.14
N UNK YC 19 97.03 22.84 -75.26
CA UNK YC 19 97.88 22.41 -74.16
C UNK YC 19 98.86 23.54 -73.89
N UNK YC 20 99.37 24.12 -74.97
CA UNK YC 20 100.31 25.23 -74.90
C UNK YC 20 99.63 26.43 -74.26
N UNK YC 21 98.36 26.59 -74.63
CA UNK YC 21 97.54 27.65 -74.11
C UNK YC 21 97.37 27.43 -72.61
N UNK YC 22 97.20 26.16 -72.24
CA UNK YC 22 97.03 25.80 -70.84
C UNK YC 22 98.28 26.20 -70.06
N UNK YC 23 99.43 25.93 -70.65
CA UNK YC 23 100.69 26.27 -70.01
C UNK YC 23 100.81 27.77 -69.86
N UNK YC 24 100.40 28.50 -70.90
CA UNK YC 24 100.49 29.95 -70.90
C UNK YC 24 99.64 30.45 -69.76
N UNK YC 25 98.49 29.81 -69.59
CA UNK YC 25 97.59 30.20 -68.51
C UNK YC 25 98.30 29.92 -67.18
N UNK YC 26 99.35 29.10 -67.24
CA UNK YC 26 100.13 28.73 -66.07
C UNK YC 26 100.86 29.91 -65.43
N UNK YC 27 101.37 30.81 -66.25
CA UNK YC 27 102.09 31.97 -65.75
C UNK YC 27 101.19 32.83 -64.89
N UNK YC 28 99.94 32.97 -65.30
CA UNK YC 28 98.98 33.78 -64.55
C UNK YC 28 98.04 32.91 -63.73
N UNK ZC 1 78.42 -29.34 -78.58
CA UNK ZC 1 79.78 -29.19 -78.05
C UNK ZC 1 79.88 -27.86 -77.30
N UNK ZC 2 79.17 -26.85 -77.78
CA UNK ZC 2 79.13 -25.60 -77.06
C UNK ZC 2 78.53 -25.93 -75.71
N UNK ZC 3 77.54 -26.82 -75.73
CA UNK ZC 3 76.86 -27.24 -74.52
C UNK ZC 3 77.81 -27.96 -73.55
N UNK ZC 4 78.69 -28.77 -74.09
CA UNK ZC 4 79.73 -29.48 -73.35
C UNK ZC 4 80.69 -28.50 -72.71
N UNK ZC 5 80.91 -27.37 -73.37
CA UNK ZC 5 81.61 -26.24 -72.76
C UNK ZC 5 80.74 -25.84 -71.57
N UNK ZC 6 79.43 -25.95 -71.77
CA UNK ZC 6 78.47 -25.63 -70.74
C UNK ZC 6 78.75 -26.54 -69.56
N UNK ZC 7 79.17 -27.76 -69.84
CA UNK ZC 7 79.58 -28.69 -68.78
C UNK ZC 7 80.78 -28.14 -68.00
N UNK ZC 8 81.70 -27.50 -68.71
CA UNK ZC 8 82.85 -26.88 -68.09
C UNK ZC 8 82.39 -25.75 -67.15
N UNK ZC 9 81.40 -25.00 -67.60
CA UNK ZC 9 80.80 -23.95 -66.77
C UNK ZC 9 80.14 -24.56 -65.53
N UNK ZC 10 79.58 -25.75 -65.74
CA UNK ZC 10 78.91 -26.53 -64.69
C UNK ZC 10 79.91 -26.80 -63.61
N UNK ZC 11 81.14 -27.09 -64.02
CA UNK ZC 11 82.17 -27.31 -63.05
C UNK ZC 11 82.74 -25.92 -62.94
N UNK ZC 12 82.63 -25.33 -61.75
CA UNK ZC 12 83.14 -23.98 -61.53
C UNK ZC 12 83.93 -23.87 -60.24
N UNK ZC 13 84.79 -22.85 -60.17
CA UNK ZC 13 85.60 -22.64 -58.97
C UNK ZC 13 86.21 -23.94 -58.46
N UNK AD 1 64.48 3.67 -121.60
CA UNK AD 1 64.82 4.36 -122.85
C UNK AD 1 65.95 3.66 -123.57
N UNK AD 2 66.09 3.99 -124.85
CA UNK AD 2 66.95 3.31 -125.81
C UNK AD 2 68.41 3.40 -125.40
N UNK AD 3 68.72 4.38 -124.56
CA UNK AD 3 70.08 4.59 -124.12
C UNK AD 3 70.51 3.29 -123.48
N UNK AD 4 69.58 2.61 -122.83
CA UNK AD 4 69.87 1.32 -122.25
C UNK AD 4 70.35 0.43 -123.38
N UNK AD 5 69.68 0.51 -124.53
CA UNK AD 5 70.24 -0.11 -125.72
C UNK AD 5 71.70 0.26 -125.83
N UNK AD 6 72.01 1.53 -125.55
CA UNK AD 6 73.37 2.02 -125.60
C UNK AD 6 74.25 1.31 -124.59
N UNK AD 7 73.72 1.09 -123.40
CA UNK AD 7 74.47 0.41 -122.37
C UNK AD 7 74.79 -1.01 -122.80
N UNK AD 8 73.80 -1.66 -123.38
CA UNK AD 8 73.97 -3.02 -123.78
C UNK AD 8 75.07 -3.04 -124.81
N UNK AD 9 75.04 -2.05 -125.71
CA UNK AD 9 76.01 -1.97 -126.78
C UNK AD 9 77.43 -1.78 -126.26
N UNK AD 10 77.58 -0.92 -125.26
CA UNK AD 10 78.90 -0.69 -124.70
C UNK AD 10 79.41 -2.00 -124.11
N UNK AD 11 78.52 -2.71 -123.42
CA UNK AD 11 78.93 -3.97 -122.80
C UNK AD 11 79.36 -5.00 -123.85
N UNK AD 12 78.59 -5.07 -124.94
CA UNK AD 12 78.86 -6.02 -125.99
C UNK AD 12 80.22 -5.70 -126.59
N UNK AD 13 80.48 -4.40 -126.74
CA UNK AD 13 81.72 -3.96 -127.34
C UNK AD 13 82.87 -4.43 -126.47
N UNK AD 14 82.83 -4.12 -125.19
CA UNK AD 14 84.00 -4.37 -124.35
C UNK AD 14 84.37 -5.84 -124.28
N UNK AD 15 83.36 -6.69 -124.12
CA UNK AD 15 83.59 -8.12 -123.97
C UNK AD 15 84.21 -8.79 -125.20
N UNK AD 16 83.72 -8.44 -126.38
CA UNK AD 16 84.27 -9.05 -127.56
C UNK AD 16 83.64 -10.44 -127.56
N UNK AD 17 84.05 -11.31 -128.47
CA UNK AD 17 85.06 -10.96 -129.45
C UNK AD 17 84.39 -10.28 -130.63
N UNK AD 18 83.08 -10.09 -130.53
CA UNK AD 18 82.30 -9.51 -131.60
C UNK AD 18 82.78 -8.13 -132.02
N UNK AD 19 82.77 -7.93 -133.33
CA UNK AD 19 83.20 -6.69 -133.96
C UNK AD 19 82.65 -5.50 -133.19
N UNK AD 20 83.44 -4.44 -133.08
CA UNK AD 20 83.04 -3.28 -132.32
C UNK AD 20 81.71 -2.65 -132.77
N UNK AD 21 81.47 -2.56 -134.06
CA UNK AD 21 80.24 -1.97 -134.57
C UNK AD 21 79.40 -3.03 -135.28
N UNK AD 22 79.63 -4.28 -134.89
CA UNK AD 22 78.99 -5.42 -135.52
C UNK AD 22 77.46 -5.63 -135.53
N UNK AD 23 76.76 -5.34 -134.44
CA UNK AD 23 75.32 -5.56 -134.41
C UNK AD 23 74.58 -4.38 -133.82
N UNK AD 24 73.51 -3.94 -134.47
CA UNK AD 24 72.76 -2.81 -133.92
C UNK AD 24 71.25 -2.89 -134.03
N UNK AD 25 70.61 -3.83 -133.35
CA UNK AD 25 71.25 -4.89 -132.59
C UNK AD 25 70.76 -6.22 -133.17
N UNK AD 26 70.41 -6.18 -134.45
CA UNK AD 26 69.86 -7.32 -135.19
C UNK AD 26 70.77 -8.54 -135.31
N UNK AD 27 72.07 -8.34 -135.20
CA UNK AD 27 72.98 -9.46 -135.35
C UNK AD 27 72.81 -10.60 -134.35
N UNK AD 28 72.93 -11.80 -134.93
CA UNK AD 28 72.89 -13.11 -134.31
C UNK AD 28 73.85 -13.13 -133.13
N UNK AD 29 73.40 -13.69 -132.00
CA UNK AD 29 74.15 -13.65 -130.81
C UNK AD 29 75.13 -14.75 -130.90
N UNK AD 30 74.66 -15.88 -131.38
CA UNK AD 30 75.54 -16.96 -131.63
C UNK AD 30 76.15 -16.53 -132.91
N UNK AD 31 75.27 -16.52 -133.89
CA UNK AD 31 75.60 -16.51 -135.29
C UNK AD 31 76.54 -15.40 -135.65
N UNK AD 32 76.07 -14.19 -135.45
CA UNK AD 32 76.73 -13.09 -136.06
C UNK AD 32 77.93 -12.60 -135.30
N UNK AD 33 78.46 -13.42 -134.41
CA UNK AD 33 79.58 -12.97 -133.61
C UNK AD 33 80.40 -14.13 -133.17
N UNK AD 34 80.01 -15.27 -133.62
CA UNK AD 34 80.83 -16.42 -133.36
C UNK AD 34 80.79 -16.70 -131.88
N UNK AD 35 79.59 -16.61 -131.35
CA UNK AD 35 79.40 -16.84 -129.94
C UNK AD 35 79.62 -18.30 -129.56
N UNK AD 36 80.00 -18.56 -128.32
CA UNK AD 36 80.19 -19.93 -127.87
C UNK AD 36 78.98 -20.22 -127.01
N UNK AD 37 78.48 -21.45 -127.02
CA UNK AD 37 77.32 -21.77 -126.21
C UNK AD 37 77.71 -21.47 -124.79
N UNK AD 38 78.92 -21.89 -124.43
CA UNK AD 38 79.44 -21.61 -123.11
C UNK AD 38 79.53 -20.10 -123.06
N UNK AD 39 79.97 -19.52 -124.17
CA UNK AD 39 80.12 -18.09 -124.29
C UNK AD 39 78.79 -17.37 -124.13
N UNK AD 40 77.74 -17.95 -124.68
CA UNK AD 40 76.45 -17.30 -124.60
C UNK AD 40 76.11 -17.11 -123.14
N UNK AD 41 76.46 -18.11 -122.33
CA UNK AD 41 76.16 -18.02 -120.94
C UNK AD 41 76.88 -16.82 -120.35
N UNK AD 42 78.12 -16.61 -120.75
CA UNK AD 42 78.86 -15.48 -120.23
C UNK AD 42 78.09 -14.25 -120.64
N UNK AD 43 77.56 -14.28 -121.86
CA UNK AD 43 76.83 -13.14 -122.34
C UNK AD 43 75.68 -12.93 -121.40
N UNK AD 44 75.03 -14.01 -121.02
CA UNK AD 44 73.92 -13.88 -120.10
C UNK AD 44 74.52 -13.33 -118.82
N UNK AD 45 75.68 -13.85 -118.46
CA UNK AD 45 76.38 -13.40 -117.26
C UNK AD 45 76.54 -11.92 -117.41
N UNK AD 46 77.08 -11.52 -118.56
CA UNK AD 46 77.27 -10.09 -118.81
C UNK AD 46 75.98 -9.27 -118.69
N UNK AD 47 74.89 -9.85 -119.18
CA UNK AD 47 73.59 -9.21 -119.05
C UNK AD 47 73.32 -9.10 -117.56
N UNK AD 48 73.73 -10.14 -116.86
CA UNK AD 48 73.63 -10.21 -115.39
C UNK AD 48 74.47 -9.15 -114.66
N UNK AD 49 75.66 -8.88 -115.17
CA UNK AD 49 76.48 -7.83 -114.62
C UNK AD 49 75.75 -6.52 -114.81
N UNK AD 50 75.12 -6.36 -115.97
CA UNK AD 50 74.37 -5.13 -116.22
C UNK AD 50 73.27 -5.02 -115.19
N UNK AD 51 72.56 -6.12 -114.97
CA UNK AD 51 71.43 -6.09 -114.06
C UNK AD 51 71.34 -7.28 -113.12
N UNK AD 52 70.82 -7.03 -111.92
CA UNK AD 52 70.52 -8.05 -110.94
C UNK AD 52 69.44 -9.00 -111.41
N UNK AD 53 68.45 -8.46 -112.12
CA UNK AD 53 67.25 -9.20 -112.42
C UNK AD 53 67.53 -10.46 -113.23
N UNK AD 54 68.39 -10.36 -114.22
CA UNK AD 54 68.72 -11.54 -115.03
C UNK AD 54 67.46 -12.14 -115.63
N UNK AD 55 67.37 -13.45 -115.52
CA UNK AD 55 66.19 -14.13 -115.99
C UNK AD 55 66.11 -15.46 -115.33
N UNK AD 56 64.96 -16.07 -115.44
CA UNK AD 56 64.80 -17.46 -115.10
C UNK AD 56 65.58 -18.13 -116.21
N UNK AD 57 65.76 -19.44 -116.15
CA UNK AD 57 66.53 -20.11 -117.19
C UNK AD 57 65.84 -19.90 -118.53
N UNK AD 58 64.53 -19.93 -118.52
CA UNK AD 58 63.75 -19.88 -119.73
C UNK AD 58 64.03 -18.59 -120.49
N UNK AD 59 64.15 -17.48 -119.77
CA UNK AD 59 64.41 -16.21 -120.43
C UNK AD 59 65.75 -16.25 -121.17
N UNK AD 60 66.75 -16.83 -120.53
CA UNK AD 60 68.07 -16.93 -121.14
C UNK AD 60 67.97 -17.76 -122.40
N UNK AD 61 67.23 -18.86 -122.33
CA UNK AD 61 67.09 -19.72 -123.49
C UNK AD 61 66.41 -18.96 -124.63
N UNK AD 62 65.42 -18.15 -124.29
CA UNK AD 62 64.71 -17.34 -125.27
C UNK AD 62 65.60 -16.32 -125.96
N UNK AD 63 66.49 -15.67 -125.21
CA UNK AD 63 67.32 -14.61 -125.80
C UNK AD 63 68.25 -15.14 -126.91
N UNK AD 64 68.41 -14.37 -128.00
CA UNK AD 64 69.13 -14.87 -129.13
C UNK AD 64 69.64 -13.63 -129.85
N UNK AD 65 68.87 -12.55 -129.64
CA UNK AD 65 69.08 -11.24 -130.23
C UNK AD 65 69.17 -10.15 -129.17
N UNK AD 66 70.16 -9.27 -129.34
CA UNK AD 66 70.41 -8.21 -128.39
C UNK AD 66 69.21 -7.26 -128.28
N UNK AD 67 68.58 -6.97 -129.40
CA UNK AD 67 67.42 -6.10 -129.37
C UNK AD 67 66.35 -6.75 -128.51
N UNK AD 68 66.23 -8.06 -128.66
CA UNK AD 68 65.24 -8.82 -127.90
C UNK AD 68 65.51 -8.75 -126.40
N UNK AD 69 66.78 -8.88 -126.04
CA UNK AD 69 67.14 -8.80 -124.63
C UNK AD 69 66.80 -7.42 -124.08
N UNK AD 70 67.07 -6.39 -124.87
CA UNK AD 70 66.78 -5.04 -124.44
C UNK AD 70 65.28 -4.88 -124.21
N UNK AD 71 64.51 -5.52 -125.08
CA UNK AD 71 63.06 -5.54 -124.95
C UNK AD 71 62.61 -6.11 -123.60
N UNK AD 72 62.90 -7.39 -123.38
CA UNK AD 72 62.45 -8.09 -122.19
C UNK AD 72 63.03 -7.43 -120.97
N UNK AD 73 64.26 -6.96 -121.09
CA UNK AD 73 64.88 -6.20 -120.03
C UNK AD 73 64.03 -4.96 -119.83
N UNK AD 74 63.53 -4.42 -120.94
CA UNK AD 74 62.75 -3.21 -120.87
C UNK AD 74 61.51 -3.42 -120.02
N UNK AD 75 60.87 -4.57 -120.22
CA UNK AD 75 59.70 -4.94 -119.42
C UNK AD 75 58.73 -3.77 -119.27
N UNK BD 1 73.23 -16.01 -101.06
CA UNK BD 1 74.52 -15.41 -101.36
C UNK BD 1 75.46 -15.57 -100.18
N UNK BD 2 75.12 -16.55 -99.37
CA UNK BD 2 76.00 -17.10 -98.35
C UNK BD 2 76.44 -18.49 -98.78
N UNK BD 3 76.29 -18.77 -100.05
CA UNK BD 3 76.36 -20.14 -100.49
C UNK BD 3 77.73 -20.75 -100.32
N UNK BD 4 77.78 -22.08 -100.37
CA UNK BD 4 79.01 -22.86 -100.38
C UNK BD 4 79.00 -23.97 -101.45
N UNK BD 5 80.18 -24.37 -101.92
CA UNK BD 5 80.36 -25.40 -102.94
C UNK BD 5 80.04 -26.87 -102.65
N UNK BD 6 80.43 -27.38 -101.48
CA UNK BD 6 80.45 -28.84 -101.41
C UNK BD 6 79.18 -29.47 -101.95
N UNK BD 7 78.04 -28.88 -101.62
CA UNK BD 7 76.77 -29.35 -102.14
C UNK BD 7 76.85 -29.24 -103.65
N UNK BD 8 77.69 -28.33 -104.15
CA UNK BD 8 78.02 -28.25 -105.61
C UNK BD 8 78.81 -29.36 -106.36
N UNK BD 9 79.84 -29.89 -105.72
CA UNK BD 9 80.85 -30.75 -106.38
C UNK BD 9 80.39 -32.10 -106.96
N UNK BD 10 79.30 -32.63 -106.41
CA UNK BD 10 78.72 -33.82 -107.00
C UNK BD 10 78.32 -33.47 -108.42
N UNK BD 11 78.08 -32.19 -108.65
CA UNK BD 11 77.83 -31.74 -110.01
C UNK BD 11 79.03 -32.18 -110.85
N UNK BD 12 80.10 -32.55 -110.18
CA UNK BD 12 81.21 -33.23 -110.83
C UNK BD 12 80.66 -34.54 -111.38
N UNK BD 13 79.78 -35.14 -110.60
CA UNK BD 13 79.17 -36.42 -110.95
C UNK BD 13 78.40 -36.31 -112.24
N UNK BD 14 77.74 -35.17 -112.45
CA UNK BD 14 77.00 -34.95 -113.68
C UNK BD 14 77.95 -34.97 -114.89
N UNK BD 15 79.11 -34.34 -114.75
CA UNK BD 15 80.11 -34.32 -115.80
C UNK BD 15 80.58 -35.74 -116.06
N UNK BD 16 80.73 -36.50 -114.97
CA UNK BD 16 81.13 -37.90 -115.04
C UNK BD 16 80.14 -38.78 -115.79
N UNK BD 17 78.85 -38.44 -115.73
CA UNK BD 17 77.82 -39.26 -116.37
C UNK BD 17 77.95 -39.55 -117.88
N UNK BD 18 78.26 -38.51 -118.65
CA UNK BD 18 78.33 -38.61 -120.10
C UNK BD 18 79.46 -39.45 -120.72
N UNK BD 19 79.08 -40.22 -121.73
CA UNK BD 19 80.01 -41.04 -122.50
C UNK BD 19 80.32 -40.35 -123.83
N UNK BD 20 79.80 -39.13 -123.96
CA UNK BD 20 79.99 -38.32 -125.16
C UNK BD 20 81.41 -37.79 -125.21
N UNK BD 21 81.80 -37.26 -126.36
CA UNK BD 21 83.13 -36.75 -126.55
C UNK BD 21 83.18 -35.37 -127.20
N UNK BD 22 84.32 -34.69 -127.11
CA UNK BD 22 84.47 -33.37 -127.72
C UNK BD 22 84.17 -32.14 -126.85
N UNK BD 23 83.73 -32.30 -125.62
CA UNK BD 23 83.48 -31.10 -124.83
C UNK BD 23 84.72 -30.85 -123.98
N UNK BD 24 84.88 -31.67 -122.96
CA UNK BD 24 86.03 -31.64 -122.07
C UNK BD 24 86.46 -30.34 -121.37
N UNK BD 25 87.76 -30.13 -121.47
CA UNK BD 25 88.55 -29.07 -120.86
C UNK BD 25 88.01 -27.66 -121.07
N UNK BD 26 87.41 -27.35 -122.21
CA UNK BD 26 86.96 -25.98 -122.40
C UNK BD 26 86.21 -25.52 -121.15
N UNK BD 27 85.45 -26.39 -120.51
CA UNK BD 27 84.74 -26.01 -119.30
C UNK BD 27 85.70 -25.64 -118.15
N UNK BD 28 86.80 -26.39 -118.03
CA UNK BD 28 87.80 -26.21 -116.99
C UNK BD 28 88.55 -24.93 -117.27
N UNK BD 29 88.86 -24.70 -118.54
CA UNK BD 29 89.59 -23.51 -118.93
C UNK BD 29 88.80 -22.24 -118.61
N UNK BD 30 87.51 -22.29 -118.88
CA UNK BD 30 86.65 -21.14 -118.60
C UNK BD 30 86.63 -20.87 -117.11
N UNK BD 31 86.49 -21.93 -116.34
CA UNK BD 31 86.42 -21.78 -114.88
C UNK BD 31 87.71 -21.21 -114.31
N UNK BD 32 88.85 -21.73 -114.78
CA UNK BD 32 90.13 -21.25 -114.30
C UNK BD 32 90.34 -19.80 -114.70
N UNK BD 33 90.00 -19.50 -115.94
CA UNK BD 33 90.17 -18.15 -116.46
C UNK BD 33 89.30 -17.17 -115.69
N UNK BD 34 88.06 -17.58 -115.44
CA UNK BD 34 87.12 -16.73 -114.73
C UNK BD 34 87.66 -16.49 -113.33
N UNK BD 35 88.18 -17.52 -112.69
CA UNK BD 35 88.65 -17.38 -111.31
C UNK BD 35 89.76 -16.37 -111.13
N UNK BD 36 90.75 -16.44 -112.00
CA UNK BD 36 91.88 -15.53 -111.90
C UNK BD 36 91.44 -14.09 -112.12
N UNK BD 37 90.52 -13.92 -113.06
CA UNK BD 37 90.03 -12.61 -113.46
C UNK BD 37 89.32 -11.78 -112.40
N UNK BD 38 88.56 -12.49 -111.57
CA UNK BD 38 87.78 -11.91 -110.48
C UNK BD 38 88.65 -11.25 -109.45
N UNK BD 39 88.22 -10.07 -108.99
CA UNK BD 39 88.95 -9.36 -107.96
C UNK BD 39 88.06 -9.09 -106.74
N UNK BD 40 88.37 -9.75 -105.63
CA UNK BD 40 87.66 -9.59 -104.36
C UNK BD 40 86.30 -10.30 -104.31
N UNK BD 41 85.68 -10.31 -103.15
CA UNK BD 41 84.36 -10.91 -103.03
C UNK BD 41 84.18 -12.35 -103.52
N UNK BD 42 85.02 -13.27 -103.05
CA UNK BD 42 84.90 -14.64 -103.53
C UNK BD 42 83.50 -15.13 -103.24
N UNK BD 43 82.94 -15.86 -104.20
CA UNK BD 43 81.60 -16.43 -104.18
C UNK BD 43 81.16 -16.38 -105.62
N UNK BD 44 81.60 -15.33 -106.31
CA UNK BD 44 81.27 -15.18 -107.70
C UNK BD 44 81.43 -16.59 -108.22
N UNK BD 45 82.43 -17.31 -107.70
CA UNK BD 45 82.53 -18.65 -108.21
C UNK BD 45 81.19 -19.31 -108.03
N UNK BD 46 80.62 -19.15 -106.83
CA UNK BD 46 79.40 -19.88 -106.53
C UNK BD 46 78.36 -19.39 -107.48
N UNK BD 47 78.31 -18.09 -107.61
CA UNK BD 47 77.34 -17.47 -108.50
C UNK BD 47 77.62 -17.87 -109.93
N UNK BD 48 78.87 -17.75 -110.31
CA UNK BD 48 79.22 -18.04 -111.67
C UNK BD 48 78.89 -19.49 -111.87
N UNK BD 49 79.24 -20.25 -110.87
CA UNK BD 49 79.31 -21.67 -111.00
C UNK BD 49 77.96 -22.14 -111.39
N UNK BD 50 76.93 -21.58 -110.77
CA UNK BD 50 75.60 -22.10 -111.01
C UNK BD 50 75.33 -21.93 -112.47
N UNK BD 51 75.68 -20.75 -112.92
CA UNK BD 51 75.40 -20.38 -114.27
C UNK BD 51 75.81 -21.54 -115.15
N UNK BD 52 77.00 -22.07 -114.90
CA UNK BD 52 77.49 -23.14 -115.74
C UNK BD 52 76.66 -24.42 -115.60
N UNK BD 53 76.37 -24.81 -114.38
CA UNK BD 53 75.76 -26.11 -114.19
C UNK BD 53 74.44 -26.02 -114.86
N UNK BD 54 73.76 -24.93 -114.57
CA UNK BD 54 72.57 -24.59 -115.29
C UNK BD 54 72.91 -24.78 -116.73
N UNK BD 55 74.08 -24.29 -117.11
CA UNK BD 55 74.38 -24.28 -118.52
C UNK BD 55 74.38 -25.70 -119.01
N UNK BD 56 75.01 -26.57 -118.23
CA UNK BD 56 75.22 -27.97 -118.55
C UNK BD 56 73.93 -28.68 -118.82
N UNK BD 57 72.85 -28.26 -118.17
CA UNK BD 57 71.58 -28.90 -118.39
C UNK BD 57 71.29 -28.77 -119.89
N UNK BD 58 70.62 -29.75 -120.45
CA UNK BD 58 70.33 -29.81 -121.87
C UNK BD 58 71.60 -30.31 -122.55
N UNK BD 59 72.73 -29.62 -122.43
CA UNK BD 59 73.92 -30.18 -123.05
C UNK BD 59 75.12 -30.12 -122.10
N UNK CD 1 55.60 -17.57 -132.40
CA UNK CD 1 55.55 -17.21 -130.99
C UNK CD 1 56.19 -15.85 -130.75
N UNK CD 2 57.34 -15.63 -131.38
CA UNK CD 2 58.06 -14.38 -131.21
C UNK CD 2 57.21 -13.22 -131.72
N UNK CD 3 56.54 -13.43 -132.85
CA UNK CD 3 55.69 -12.41 -133.42
C UNK CD 3 54.54 -12.05 -132.50
N UNK CD 4 53.94 -13.07 -131.90
CA UNK CD 4 52.83 -12.86 -130.97
C UNK CD 4 53.33 -12.07 -129.77
N UNK CD 5 54.53 -12.41 -129.31
CA UNK CD 5 55.12 -11.72 -128.17
C UNK CD 5 55.33 -10.26 -128.51
N UNK CD 6 55.79 -10.01 -129.72
CA UNK CD 6 56.04 -8.65 -130.19
C UNK CD 6 54.75 -7.84 -130.20
N UNK CD 7 53.66 -8.47 -130.64
CA UNK CD 7 52.37 -7.80 -130.68
C UNK CD 7 51.94 -7.47 -129.25
N UNK CD 8 52.17 -8.42 -128.35
CA UNK CD 8 51.83 -8.25 -126.95
C UNK CD 8 52.66 -7.11 -126.36
N UNK CD 9 53.93 -7.06 -126.74
CA UNK CD 9 54.83 -6.03 -126.26
C UNK CD 9 54.33 -4.66 -126.73
N UNK CD 10 53.88 -4.61 -127.97
CA UNK CD 10 53.36 -3.38 -128.56
C UNK CD 10 52.11 -2.94 -127.80
N UNK CD 11 51.27 -3.89 -127.45
CA UNK CD 11 50.05 -3.60 -126.71
C UNK CD 11 50.41 -3.03 -125.34
N UNK CD 12 51.43 -3.62 -124.72
CA UNK CD 12 51.89 -3.18 -123.42
C UNK CD 12 52.42 -1.75 -123.51
N UNK CD 13 53.13 -1.43 -124.59
CA UNK CD 13 53.69 -0.10 -124.75
C UNK CD 13 52.58 0.94 -124.77
N UNK CD 14 51.51 0.65 -125.50
CA UNK CD 14 50.38 1.58 -125.58
C UNK CD 14 49.75 1.74 -124.20
N UNK CD 15 49.61 0.62 -123.49
CA UNK CD 15 49.02 0.64 -122.16
C UNK CD 15 49.87 1.45 -121.19
N UNK CD 16 51.18 1.28 -121.24
CA UNK CD 16 51.99 2.03 -120.30
C UNK CD 16 51.89 3.53 -120.52
N UNK CD 17 51.98 3.97 -121.77
CA UNK CD 17 51.91 5.41 -122.04
C UNK CD 17 50.54 5.89 -121.62
N UNK CD 18 49.56 5.09 -121.99
CA UNK CD 18 48.18 5.41 -121.67
C UNK CD 18 47.98 5.44 -120.18
N UNK CD 19 48.67 4.53 -119.50
CA UNK CD 19 48.49 4.38 -118.07
C UNK CD 19 48.76 5.63 -117.22
N UNK CD 20 49.81 6.36 -117.52
CA UNK CD 20 50.10 7.57 -116.76
C UNK CD 20 49.51 8.76 -117.52
N UNK CD 21 49.80 9.95 -117.02
CA UNK CD 21 49.28 11.16 -117.66
C UNK CD 21 47.76 11.17 -117.64
N UNK DD 1 31.10 8.11 -106.44
CA UNK DD 1 31.79 8.18 -107.72
C UNK DD 1 32.44 9.54 -107.90
N UNK DD 2 33.76 9.53 -107.99
CA UNK DD 2 34.54 10.76 -108.12
C UNK DD 2 35.25 10.73 -109.46
N UNK DD 3 35.57 11.90 -110.00
CA UNK DD 3 36.22 11.92 -111.31
C UNK DD 3 37.54 12.64 -111.44
N UNK DD 4 38.51 11.94 -112.00
CA UNK DD 4 39.85 12.45 -112.24
C UNK DD 4 39.98 12.83 -113.71
N UNK DD 5 38.86 12.87 -114.42
CA UNK DD 5 38.79 13.33 -115.81
C UNK DD 5 39.16 12.38 -116.94
N UNK DD 6 39.78 11.25 -116.61
CA UNK DD 6 40.20 10.30 -117.62
C UNK DD 6 39.63 8.90 -117.52
N UNK DD 7 38.76 8.67 -116.54
CA UNK DD 7 38.21 7.34 -116.32
C UNK DD 7 37.48 6.86 -117.55
N UNK DD 8 36.73 7.75 -118.17
CA UNK DD 8 36.01 7.37 -119.37
C UNK DD 8 37.06 6.97 -120.37
N UNK DD 9 38.19 7.66 -120.37
CA UNK DD 9 39.22 7.36 -121.35
C UNK DD 9 39.55 5.89 -121.28
N UNK DD 10 39.46 5.32 -120.09
CA UNK DD 10 39.72 3.91 -119.92
C UNK DD 10 38.80 2.95 -120.68
N UNK DD 11 37.51 3.28 -120.79
CA UNK DD 11 36.57 2.36 -121.40
C UNK DD 11 36.90 1.96 -122.85
N UNK DD 12 37.23 2.90 -123.70
CA UNK DD 12 37.60 2.51 -125.04
C UNK DD 12 38.49 1.32 -124.90
N UNK DD 13 39.37 1.36 -123.92
CA UNK DD 13 40.29 0.28 -123.72
C UNK DD 13 39.48 -0.97 -123.45
N UNK DD 14 38.43 -0.78 -122.66
CA UNK DD 14 37.52 -1.85 -122.31
C UNK DD 14 36.77 -2.35 -123.53
N UNK DD 15 36.35 -1.43 -124.39
CA UNK DD 15 35.59 -1.84 -125.56
C UNK DD 15 36.38 -2.76 -126.47
N UNK DD 16 37.65 -2.45 -126.66
CA UNK DD 16 38.47 -3.29 -127.52
C UNK DD 16 38.60 -4.66 -126.90
N UNK DD 17 38.80 -4.69 -125.60
CA UNK DD 17 38.97 -5.93 -124.90
C UNK DD 17 37.72 -6.77 -125.07
N UNK DD 18 36.53 -6.23 -125.14
CA UNK DD 18 35.47 -7.23 -125.38
C UNK DD 18 35.56 -7.98 -126.75
N UNK DD 19 35.79 -7.20 -127.80
CA UNK DD 19 35.86 -7.73 -129.16
C UNK DD 19 36.97 -8.73 -129.38
N UNK DD 20 38.13 -8.46 -128.79
CA UNK DD 20 39.27 -9.35 -128.92
C UNK DD 20 38.93 -10.69 -128.30
N UNK DD 21 38.23 -10.63 -127.17
CA UNK DD 21 37.82 -11.82 -126.46
C UNK DD 21 36.90 -12.68 -127.31
N UNK DD 22 36.03 -12.09 -128.13
CA UNK DD 22 35.19 -12.91 -129.01
C UNK DD 22 36.03 -13.67 -130.04
N UNK DD 23 36.99 -12.93 -130.62
CA UNK DD 23 37.93 -13.42 -131.61
C UNK DD 23 38.80 -14.47 -130.98
N UNK DD 24 39.02 -14.27 -129.68
CA UNK DD 24 39.79 -15.19 -128.88
C UNK DD 24 38.97 -16.48 -128.85
N UNK DD 25 37.65 -16.33 -128.78
CA UNK DD 25 36.75 -17.48 -128.75
C UNK DD 25 36.93 -18.22 -130.06
N UNK DD 26 37.04 -17.43 -131.12
CA UNK DD 26 37.22 -17.91 -132.48
C UNK DD 26 38.51 -18.71 -132.62
N UNK DD 27 39.54 -18.30 -131.89
CA UNK DD 27 40.81 -18.98 -131.93
C UNK DD 27 40.53 -20.42 -131.53
N UNK DD 28 39.60 -20.61 -130.61
CA UNK DD 28 39.24 -21.93 -130.19
C UNK DD 28 38.17 -22.61 -131.06
N UNK ED 1 -0.64 -43.02 -43.73
CA UNK ED 1 -1.15 -41.66 -43.88
C UNK ED 1 -0.22 -40.66 -43.22
N UNK ED 2 0.37 -41.09 -42.13
CA UNK ED 2 1.25 -40.23 -41.38
C UNK ED 2 2.37 -39.89 -42.32
N UNK ED 3 2.81 -40.87 -43.09
CA UNK ED 3 3.93 -40.62 -43.96
C UNK ED 3 3.54 -39.53 -44.92
N UNK ED 4 2.34 -39.60 -45.48
CA UNK ED 4 1.93 -38.56 -46.42
C UNK ED 4 1.79 -37.19 -45.81
N UNK ED 5 1.14 -37.12 -44.67
CA UNK ED 5 0.85 -35.84 -44.07
C UNK ED 5 2.14 -35.13 -43.74
N UNK ED 6 3.09 -35.88 -43.23
CA UNK ED 6 4.29 -35.27 -42.72
C UNK ED 6 4.99 -34.55 -43.82
N UNK ED 7 5.00 -35.13 -45.01
CA UNK ED 7 5.84 -34.59 -46.06
C UNK ED 7 5.41 -33.17 -46.31
N UNK ED 8 4.10 -33.00 -46.20
CA UNK ED 8 3.45 -31.73 -46.43
C UNK ED 8 3.94 -30.66 -45.47
N UNK ED 9 4.17 -31.02 -44.21
CA UNK ED 9 4.53 -29.99 -43.24
C UNK ED 9 5.79 -29.34 -43.74
N UNK ED 10 6.74 -30.14 -44.23
CA UNK ED 10 7.99 -29.56 -44.64
C UNK ED 10 7.71 -28.57 -45.74
N UNK ED 11 6.87 -28.98 -46.68
CA UNK ED 11 6.63 -28.14 -47.83
C UNK ED 11 5.99 -26.85 -47.45
N UNK ED 12 5.00 -26.90 -46.57
CA UNK ED 12 4.27 -25.71 -46.18
C UNK ED 12 5.22 -24.77 -45.47
N UNK ED 13 6.14 -25.40 -44.75
CA UNK ED 13 7.17 -24.68 -44.07
C UNK ED 13 7.84 -23.91 -45.18
N UNK ED 14 7.94 -24.50 -46.36
CA UNK ED 14 8.68 -23.86 -47.41
C UNK ED 14 8.07 -22.50 -47.70
N UNK ED 15 6.78 -22.57 -48.01
CA UNK ED 15 6.06 -21.47 -48.59
C UNK ED 15 6.10 -20.40 -47.56
N UNK ED 16 5.96 -20.80 -46.30
CA UNK ED 16 6.12 -19.84 -45.24
C UNK ED 16 7.55 -19.37 -45.35
N UNK ED 17 8.44 -20.32 -45.59
CA UNK ED 17 9.83 -19.97 -45.60
C UNK ED 17 10.04 -18.96 -46.68
N UNK ED 18 9.59 -19.25 -47.89
CA UNK ED 18 9.82 -18.28 -48.94
C UNK ED 18 9.09 -16.96 -48.72
N UNK ED 19 7.83 -17.03 -48.32
CA UNK ED 19 7.01 -15.84 -48.39
C UNK ED 19 7.61 -14.81 -47.50
N UNK ED 20 7.97 -15.20 -46.28
CA UNK ED 20 8.45 -14.20 -45.35
C UNK ED 20 9.74 -13.61 -45.86
N UNK ED 21 10.65 -14.45 -46.31
CA UNK ED 21 11.97 -13.95 -46.64
C UNK ED 21 11.82 -12.95 -47.73
N UNK ED 22 10.99 -13.27 -48.71
CA UNK ED 22 11.04 -12.51 -49.92
C UNK ED 22 10.72 -11.11 -49.50
N UNK ED 23 9.74 -10.98 -48.63
CA UNK ED 23 9.31 -9.67 -48.25
C UNK ED 23 10.43 -8.92 -47.57
N UNK ED 24 11.10 -9.59 -46.65
CA UNK ED 24 11.88 -8.85 -45.67
C UNK ED 24 12.93 -8.04 -46.36
N UNK ED 25 13.58 -8.71 -47.29
CA UNK ED 25 14.66 -8.17 -48.07
C UNK ED 25 14.13 -7.01 -48.87
N UNK ED 26 12.81 -6.90 -48.96
CA UNK ED 26 12.21 -5.84 -49.71
C UNK ED 26 12.75 -4.54 -49.14
N UNK ED 27 12.97 -4.45 -47.82
CA UNK ED 27 13.49 -3.15 -47.41
C UNK ED 27 14.35 -2.45 -48.45
N UNK ED 28 15.32 -3.16 -49.01
CA UNK ED 28 16.09 -2.62 -50.11
C UNK ED 28 15.31 -2.94 -51.36
N UNK FD 1 38.66 -15.71 -42.82
CA UNK FD 1 38.70 -14.26 -42.77
C UNK FD 1 39.51 -13.77 -41.58
N UNK FD 2 39.24 -14.33 -40.42
CA UNK FD 2 39.95 -13.90 -39.23
C UNK FD 2 41.46 -13.93 -39.46
N UNK FD 3 42.00 -15.13 -39.59
CA UNK FD 3 43.43 -15.35 -39.48
C UNK FD 3 44.11 -14.25 -40.23
N UNK FD 4 43.61 -13.99 -41.43
CA UNK FD 4 44.12 -12.89 -42.20
C UNK FD 4 44.05 -11.66 -41.33
N UNK FD 5 42.96 -11.55 -40.60
CA UNK FD 5 42.67 -10.33 -39.91
C UNK FD 5 43.82 -10.11 -38.97
N UNK FD 6 44.28 -11.19 -38.37
CA UNK FD 6 45.41 -11.09 -37.49
C UNK FD 6 46.58 -10.60 -38.32
N UNK FD 7 46.73 -11.18 -39.50
CA UNK FD 7 47.91 -10.90 -40.25
C UNK FD 7 48.10 -9.41 -40.23
N UNK FD 8 47.00 -8.67 -40.30
CA UNK FD 8 47.11 -7.25 -40.49
C UNK FD 8 47.92 -6.65 -39.37
N UNK FD 9 47.71 -7.14 -38.15
CA UNK FD 9 48.46 -6.60 -37.05
C UNK FD 9 49.94 -6.85 -37.32
N UNK FD 10 50.26 -8.02 -37.84
CA UNK FD 10 51.66 -8.30 -38.08
C UNK FD 10 52.12 -7.19 -38.99
N UNK FD 11 51.25 -6.80 -39.91
CA UNK FD 11 51.58 -5.72 -40.80
C UNK FD 11 51.83 -4.52 -39.93
N UNK FD 12 51.06 -4.41 -38.87
CA UNK FD 12 51.12 -3.21 -38.08
C UNK FD 12 52.51 -3.01 -37.55
N UNK FD 13 53.14 -4.06 -37.01
CA UNK FD 13 54.50 -3.83 -36.47
C UNK FD 13 55.66 -3.48 -37.45
N UNK FD 14 55.77 -4.28 -38.51
CA UNK FD 14 56.60 -4.12 -39.71
C UNK FD 14 56.57 -2.65 -40.11
N UNK FD 15 55.41 -2.05 -39.90
CA UNK FD 15 55.12 -0.66 -40.19
C UNK FD 15 56.06 0.25 -39.43
N UNK FD 16 56.41 -0.11 -38.19
CA UNK FD 16 57.55 0.61 -37.56
C UNK FD 16 58.75 0.37 -38.48
N UNK FD 17 59.53 1.37 -38.86
CA UNK FD 17 60.59 0.97 -39.80
C UNK FD 17 61.90 1.73 -39.99
N UNK FD 18 62.88 0.99 -40.47
CA UNK FD 18 64.22 1.50 -40.77
C UNK FD 18 64.40 1.10 -42.22
N UNK FD 19 64.86 2.02 -43.05
CA UNK FD 19 65.02 1.73 -44.46
C UNK FD 19 65.35 3.01 -45.19
N UNK FD 20 65.01 3.08 -46.47
CA UNK FD 20 65.35 4.29 -47.22
C UNK FD 20 64.67 5.43 -46.47
N UNK FD 21 63.44 5.20 -46.04
CA UNK FD 21 62.71 6.16 -45.26
C UNK FD 21 61.80 6.97 -46.15
N UNK FD 22 60.82 7.53 -45.50
CA UNK FD 22 59.80 8.39 -46.12
C UNK FD 22 59.31 8.08 -47.55
N UNK FD 23 60.23 8.01 -48.51
CA UNK FD 23 59.83 7.81 -49.90
C UNK FD 23 59.11 6.49 -50.08
N UNK FD 24 59.63 5.46 -49.42
CA UNK FD 24 59.02 4.15 -49.47
C UNK FD 24 58.21 3.96 -48.20
N UNK FD 25 58.09 5.03 -47.41
CA UNK FD 25 57.37 4.93 -46.15
C UNK FD 25 55.86 5.00 -46.35
N UNK FD 26 55.44 5.86 -47.27
CA UNK FD 26 54.04 6.06 -47.58
C UNK FD 26 53.40 4.76 -48.04
N UNK FD 27 54.18 3.95 -48.76
CA UNK FD 27 53.68 2.69 -49.28
C UNK FD 27 53.21 1.73 -48.19
N UNK FD 28 53.92 1.63 -47.08
CA UNK FD 28 53.46 0.73 -46.05
C UNK FD 28 52.18 1.30 -45.51
N UNK FD 29 52.15 2.61 -45.32
CA UNK FD 29 51.00 3.22 -44.71
C UNK FD 29 49.82 2.90 -45.57
N UNK FD 30 50.01 2.96 -46.88
CA UNK FD 30 48.88 2.82 -47.76
C UNK FD 30 48.27 1.47 -47.53
N UNK FD 31 49.10 0.44 -47.46
CA UNK FD 31 48.57 -0.90 -47.27
C UNK FD 31 47.88 -0.87 -45.95
N UNK FD 32 48.54 -0.24 -44.99
CA UNK FD 32 47.99 -0.18 -43.66
C UNK FD 32 46.56 0.27 -43.70
N UNK FD 33 46.26 1.28 -44.50
CA UNK FD 33 44.88 1.70 -44.62
C UNK FD 33 44.11 0.55 -45.20
N UNK FD 34 44.66 -0.07 -46.24
CA UNK FD 34 43.90 -1.06 -46.97
C UNK FD 34 43.55 -2.22 -46.08
N UNK FD 35 44.52 -2.72 -45.33
CA UNK FD 35 44.11 -3.75 -44.38
C UNK FD 35 42.88 -3.22 -43.72
N UNK FD 36 42.88 -1.92 -43.49
CA UNK FD 36 41.71 -1.32 -42.91
C UNK FD 36 40.58 -1.57 -43.89
N UNK FD 37 40.82 -1.46 -45.19
CA UNK FD 37 39.68 -1.57 -46.09
C UNK FD 37 38.97 -2.93 -46.04
N UNK FD 38 39.77 -3.97 -46.08
CA UNK FD 38 39.22 -5.30 -46.23
C UNK FD 38 38.35 -5.62 -45.05
N UNK FD 39 38.84 -5.26 -43.87
CA UNK FD 39 38.12 -5.63 -42.69
C UNK FD 39 36.78 -4.95 -42.76
N UNK FD 40 36.78 -3.69 -43.17
CA UNK FD 40 35.55 -2.96 -43.12
C UNK FD 40 34.56 -3.65 -44.02
N UNK FD 41 34.98 -4.00 -45.24
CA UNK FD 41 34.01 -4.58 -46.16
C UNK FD 41 33.48 -5.91 -45.65
N UNK FD 42 34.39 -6.77 -45.19
CA UNK FD 42 33.97 -8.10 -44.85
C UNK FD 42 33.00 -7.97 -43.70
N UNK FD 43 33.33 -7.08 -42.79
CA UNK FD 43 32.56 -6.92 -41.58
C UNK FD 43 31.16 -6.44 -41.89
N UNK FD 44 31.05 -5.48 -42.79
CA UNK FD 44 29.76 -4.93 -43.09
C UNK FD 44 28.95 -6.07 -43.63
N UNK FD 45 29.59 -6.86 -44.47
CA UNK FD 45 28.87 -7.99 -45.06
C UNK FD 45 28.39 -9.02 -44.05
N UNK FD 46 29.24 -9.41 -43.11
CA UNK FD 46 28.84 -10.42 -42.17
C UNK FD 46 27.68 -9.84 -41.39
N UNK FD 47 27.76 -8.57 -41.06
CA UNK FD 47 26.69 -7.96 -40.27
C UNK FD 47 25.35 -7.92 -40.99
N UNK FD 48 25.38 -7.60 -42.28
CA UNK FD 48 24.14 -7.56 -43.04
C UNK FD 48 23.58 -8.96 -43.09
N UNK FD 49 24.48 -9.92 -43.25
CA UNK FD 49 24.05 -11.29 -43.36
C UNK FD 49 23.36 -11.66 -42.08
N UNK FD 50 23.93 -11.23 -40.98
CA UNK FD 50 23.38 -11.54 -39.67
C UNK FD 50 21.99 -10.95 -39.50
N UNK FD 51 21.80 -9.72 -39.93
CA UNK FD 51 20.49 -9.13 -39.78
C UNK FD 51 19.52 -9.95 -40.57
N UNK FD 52 19.92 -10.32 -41.77
CA UNK FD 52 19.01 -11.06 -42.63
C UNK FD 52 18.66 -12.39 -42.01
N UNK FD 53 19.62 -13.02 -41.38
CA UNK FD 53 19.49 -14.40 -40.99
C UNK FD 53 18.31 -14.56 -40.06
N UNK FD 54 18.13 -13.63 -39.13
CA UNK FD 54 16.98 -13.80 -38.26
C UNK FD 54 15.70 -14.17 -38.98
N UNK FD 55 15.49 -13.59 -40.16
CA UNK FD 55 14.15 -13.59 -40.72
C UNK FD 55 13.67 -15.00 -40.87
N UNK FD 56 14.51 -15.90 -41.39
CA UNK FD 56 14.31 -17.29 -41.01
C UNK FD 56 15.33 -17.78 -40.01
N UNK FD 57 15.11 -18.99 -39.47
CA UNK FD 57 16.07 -19.63 -38.57
C UNK FD 57 16.38 -21.06 -38.99
N UNK GD 1 75.31 23.53 -61.92
CA UNK GD 1 75.38 24.39 -60.74
C UNK GD 1 76.45 23.90 -59.78
N UNK GD 2 76.40 24.39 -58.54
CA UNK GD 2 77.37 23.99 -57.52
C UNK GD 2 76.96 22.66 -56.91
N UNK GD 3 77.94 21.79 -56.63
CA UNK GD 3 77.60 20.50 -56.09
C UNK GD 3 77.26 20.58 -54.65
N UNK GD 4 76.22 19.83 -54.32
CA UNK GD 4 75.86 19.57 -52.96
C UNK GD 4 76.76 18.34 -52.56
N UNK GD 5 77.65 18.06 -53.50
CA UNK GD 5 78.62 17.00 -53.44
C UNK GD 5 79.50 17.28 -52.25
N UNK GD 6 79.42 18.46 -51.66
CA UNK GD 6 80.19 18.76 -50.46
C UNK GD 6 79.73 17.71 -49.45
N UNK GD 7 78.44 17.38 -49.54
CA UNK GD 7 77.83 16.34 -48.74
C UNK GD 7 78.54 15.06 -49.16
N UNK GD 8 78.90 14.96 -50.43
CA UNK GD 8 79.61 13.79 -50.98
C UNK GD 8 80.99 13.60 -50.36
N UNK GD 9 81.68 14.72 -50.13
CA UNK GD 9 82.99 14.77 -49.51
C UNK GD 9 82.81 14.33 -48.07
N UNK GD 10 81.70 14.76 -47.50
CA UNK GD 10 81.40 14.40 -46.13
C UNK GD 10 81.26 12.88 -46.12
N UNK GD 11 80.62 12.36 -47.15
CA UNK GD 11 80.39 10.93 -47.35
C UNK GD 11 81.68 10.15 -47.49
N UNK GD 12 82.64 10.75 -48.17
CA UNK GD 12 83.94 10.11 -48.35
C UNK GD 12 84.53 9.99 -46.96
N UNK GD 13 84.27 11.00 -46.14
CA UNK GD 13 84.74 11.03 -44.77
C UNK GD 13 84.12 9.86 -44.04
N UNK GD 14 82.88 9.54 -44.39
CA UNK GD 14 82.15 8.47 -43.76
C UNK GD 14 82.84 7.12 -43.90
N UNK GD 15 83.40 6.82 -45.07
CA UNK GD 15 84.08 5.54 -45.26
C UNK GD 15 83.28 4.35 -44.73
N UNK HD 1 104.46 -25.61 -40.41
CA UNK HD 1 103.05 -25.91 -40.22
C UNK HD 1 102.22 -24.63 -40.22
N UNK HD 2 102.39 -23.89 -39.14
CA UNK HD 2 101.61 -22.72 -38.79
C UNK HD 2 101.82 -21.63 -39.82
N UNK HD 3 102.83 -21.82 -40.65
CA UNK HD 3 103.26 -20.78 -41.53
C UNK HD 3 102.17 -20.38 -42.51
N UNK HD 4 101.25 -21.28 -42.84
CA UNK HD 4 100.19 -20.76 -43.66
C UNK HD 4 99.72 -19.43 -43.08
N UNK HD 5 99.97 -19.32 -41.79
CA UNK HD 5 99.41 -18.26 -41.00
C UNK HD 5 99.81 -16.99 -41.68
N UNK HD 6 101.02 -16.93 -42.22
CA UNK HD 6 101.43 -15.72 -42.91
C UNK HD 6 100.64 -15.38 -44.17
N UNK HD 7 100.43 -16.35 -45.06
CA UNK HD 7 99.81 -16.01 -46.33
C UNK HD 7 98.40 -15.51 -46.09
N UNK HD 8 97.65 -16.24 -45.29
CA UNK HD 8 96.29 -15.86 -44.96
C UNK HD 8 96.28 -14.57 -44.19
N UNK HD 9 97.20 -14.45 -43.25
CA UNK HD 9 97.20 -13.35 -42.31
C UNK HD 9 97.33 -12.11 -43.17
N UNK HD 10 98.15 -12.31 -44.20
CA UNK HD 10 98.51 -11.33 -45.19
C UNK HD 10 97.33 -10.89 -46.01
N UNK HD 11 96.46 -11.83 -46.35
CA UNK HD 11 95.43 -11.51 -47.31
C UNK HD 11 94.59 -10.37 -46.74
N UNK HD 12 94.43 -10.41 -45.43
CA UNK HD 12 93.67 -9.39 -44.76
C UNK HD 12 94.40 -8.11 -45.06
N UNK HD 13 95.72 -8.17 -45.08
CA UNK HD 13 96.50 -6.98 -45.30
C UNK HD 13 96.23 -6.34 -46.65
N UNK HD 14 96.14 -7.13 -47.71
CA UNK HD 14 95.94 -6.57 -49.03
C UNK HD 14 94.61 -5.84 -49.04
N UNK HD 15 93.63 -6.50 -48.42
CA UNK HD 15 92.28 -5.99 -48.27
C UNK HD 15 92.31 -4.74 -47.42
N UNK HD 16 93.12 -4.76 -46.36
CA UNK HD 16 93.27 -3.57 -45.53
C UNK HD 16 93.85 -2.53 -46.46
N UNK HD 17 94.76 -3.01 -47.31
CA UNK HD 17 95.40 -2.21 -48.30
C UNK HD 17 94.27 -1.73 -49.20
N UNK HD 18 93.28 -2.60 -49.41
CA UNK HD 18 92.15 -2.26 -50.26
C UNK HD 18 91.36 -1.07 -49.72
N UNK HD 19 91.12 -1.08 -48.42
CA UNK HD 19 90.38 -0.03 -47.77
C UNK HD 19 91.19 1.24 -47.90
N UNK HD 20 92.50 1.10 -47.79
CA UNK HD 20 93.36 2.25 -47.93
C UNK HD 20 93.27 2.85 -49.33
N UNK HD 21 93.26 1.98 -50.33
CA UNK HD 21 93.20 2.43 -51.71
C UNK HD 21 91.89 3.17 -51.81
N UNK HD 22 90.87 2.59 -51.19
CA UNK HD 22 89.55 3.19 -51.17
C UNK HD 22 89.75 4.49 -50.45
N UNK HD 23 90.54 4.44 -49.39
CA UNK HD 23 90.78 5.64 -48.63
C UNK HD 23 91.41 6.58 -49.63
N UNK HD 24 92.30 6.04 -50.44
CA UNK HD 24 92.96 6.83 -51.44
C UNK HD 24 91.89 7.35 -52.38
N UNK HD 25 90.93 6.49 -52.68
CA UNK HD 25 89.84 6.87 -53.58
C UNK HD 25 89.02 8.00 -53.02
N UNK HD 26 88.69 7.91 -51.74
CA UNK HD 26 87.89 8.94 -51.10
C UNK HD 26 88.66 10.24 -51.16
N UNK HD 27 89.97 10.16 -50.96
CA UNK HD 27 90.82 11.36 -50.96
C UNK HD 27 90.86 12.03 -52.33
N UNK HD 28 91.16 11.26 -53.35
CA UNK HD 28 91.25 11.77 -54.71
C UNK HD 28 89.88 12.31 -55.03
N UNK HD 29 88.87 11.64 -54.50
CA UNK HD 29 87.50 12.06 -54.70
C UNK HD 29 87.34 13.44 -54.10
N UNK HD 30 87.97 13.65 -52.94
CA UNK HD 30 87.91 14.93 -52.26
C UNK HD 30 88.55 16.02 -53.10
N UNK HD 31 89.68 15.67 -53.71
CA UNK HD 31 90.41 16.60 -54.57
C UNK HD 31 89.54 16.98 -55.74
N UNK HD 32 88.82 16.00 -56.26
CA UNK HD 32 87.92 16.21 -57.37
C UNK HD 32 86.59 16.70 -56.82
N UNK ID 1 29.27 29.44 -53.02
CA UNK ID 1 29.11 28.44 -54.05
C UNK ID 1 30.15 28.60 -55.15
N UNK ID 2 30.30 29.84 -55.60
CA UNK ID 2 31.17 30.20 -56.71
C UNK ID 2 32.63 30.28 -56.33
N UNK ID 3 32.95 29.87 -55.12
CA UNK ID 3 34.33 29.93 -54.69
C UNK ID 3 35.15 29.12 -55.68
N UNK ID 4 34.68 27.96 -56.10
CA UNK ID 4 35.46 27.25 -57.11
C UNK ID 4 35.95 28.16 -58.22
N UNK ID 5 35.12 29.10 -58.64
CA UNK ID 5 35.51 30.00 -59.70
C UNK ID 5 36.73 30.72 -59.17
N UNK ID 6 36.68 31.04 -57.88
CA UNK ID 6 37.77 31.71 -57.20
C UNK ID 6 38.98 30.82 -57.37
N UNK ID 7 38.73 29.52 -57.27
CA UNK ID 7 39.81 28.56 -57.41
C UNK ID 7 40.40 28.65 -58.79
N UNK ID 8 39.56 28.78 -59.80
CA UNK ID 8 40.06 28.84 -61.15
C UNK ID 8 40.95 30.06 -61.29
N UNK ID 9 40.50 31.18 -60.75
CA UNK ID 9 41.30 32.38 -60.87
C UNK ID 9 42.65 32.21 -60.18
N UNK ID 10 42.67 31.66 -58.98
CA UNK ID 10 43.97 31.50 -58.33
C UNK ID 10 44.89 30.57 -59.11
N UNK ID 11 44.32 29.48 -59.61
CA UNK ID 11 45.09 28.48 -60.33
C UNK ID 11 45.72 29.00 -61.61
N UNK ID 12 44.98 29.81 -62.36
CA UNK ID 12 45.51 30.35 -63.59
C UNK ID 12 46.68 31.26 -63.31
N UNK ID 13 46.54 32.08 -62.28
CA UNK ID 13 47.58 33.01 -61.91
C UNK ID 13 48.79 32.20 -61.55
N UNK ID 14 48.61 31.04 -60.94
CA UNK ID 14 49.78 30.23 -60.58
C UNK ID 14 50.64 29.80 -61.77
N UNK ID 15 49.99 29.44 -62.89
CA UNK ID 15 50.65 28.98 -64.11
C UNK ID 15 52.10 29.39 -64.45
N UNK ID 16 52.26 30.52 -65.16
CA UNK ID 16 53.57 31.00 -65.58
C UNK ID 16 54.46 31.63 -64.54
N UNK ID 17 53.89 32.41 -63.63
CA UNK ID 17 54.69 33.03 -62.60
C UNK ID 17 55.37 31.90 -61.84
N UNK ID 18 54.63 30.82 -61.60
CA UNK ID 18 55.18 29.65 -60.92
C UNK ID 18 56.29 29.11 -61.83
N UNK ID 19 56.03 29.15 -63.13
CA UNK ID 19 56.97 28.71 -64.14
C UNK ID 19 58.22 29.58 -64.10
N UNK ID 20 58.01 30.88 -63.91
CA UNK ID 20 59.11 31.83 -63.83
C UNK ID 20 59.97 31.50 -62.61
N UNK ID 21 59.34 31.07 -61.53
CA UNK ID 21 60.08 30.72 -60.32
C UNK ID 21 61.05 29.57 -60.62
N UNK ID 22 60.64 28.64 -61.47
CA UNK ID 22 61.47 27.51 -61.86
C UNK ID 22 62.76 27.96 -62.56
N UNK ID 23 62.64 28.98 -63.41
CA UNK ID 23 63.81 29.49 -64.12
C UNK ID 23 64.84 30.05 -63.15
N UNK ID 24 64.37 30.79 -62.14
CA UNK ID 24 65.25 31.36 -61.12
C UNK ID 24 65.88 30.22 -60.34
N UNK ID 25 65.07 29.20 -60.10
CA UNK ID 25 65.46 28.00 -59.38
C UNK ID 25 66.53 27.18 -60.10
N UNK ID 26 66.68 27.51 -61.37
CA UNK ID 26 67.58 26.85 -62.30
C UNK ID 26 69.03 27.27 -62.14
N UNK ID 27 69.38 27.82 -60.99
CA UNK ID 27 70.74 28.25 -60.78
C UNK ID 27 71.58 27.03 -61.12
N UNK JD 1 28.65 0.43 -55.80
CA UNK JD 1 28.16 0.64 -54.44
C UNK JD 1 29.29 0.50 -53.42
N UNK JD 2 30.06 -0.56 -53.55
CA UNK JD 2 31.19 -0.81 -52.63
C UNK JD 2 32.15 0.38 -52.66
N UNK JD 3 32.47 0.80 -53.87
CA UNK JD 3 33.38 1.93 -54.12
C UNK JD 3 32.85 3.19 -53.42
N UNK JD 4 31.57 3.42 -53.62
CA UNK JD 4 30.86 4.56 -53.05
C UNK JD 4 30.99 4.56 -51.52
N UNK JD 5 30.74 3.38 -50.97
CA UNK JD 5 30.80 3.14 -49.53
C UNK JD 5 32.20 3.50 -48.99
N UNK JD 6 33.19 3.01 -49.72
CA UNK JD 6 34.60 3.23 -49.40
C UNK JD 6 34.90 4.73 -49.35
N UNK JD 7 34.94 5.56 -48.98
CA UNK JD 7 35.42 6.78 -48.30
C UNK JD 7 34.86 6.83 -46.87
N UNK JD 8 33.57 6.57 -46.79
CA UNK JD 8 32.83 6.55 -45.52
C UNK JD 8 33.47 5.54 -44.55
N UNK JD 9 33.72 4.37 -45.10
CA UNK JD 9 34.32 3.25 -44.35
C UNK JD 9 35.67 3.68 -43.78
N UNK JD 10 36.46 4.31 -44.65
CA UNK JD 10 37.80 4.80 -44.32
C UNK JD 10 37.71 5.78 -43.14
N UNK JD 11 36.77 6.69 -43.27
CA UNK JD 11 36.50 7.73 -42.26
C UNK JD 11 36.21 7.09 -40.91
N UNK JD 12 35.33 6.10 -40.98
CA UNK JD 12 34.90 5.33 -39.79
C UNK JD 12 36.10 4.71 -39.10
N UNK JD 13 36.93 4.09 -39.93
CA UNK JD 13 38.16 3.41 -39.47
C UNK JD 13 39.06 4.40 -38.74
N UNK JD 14 39.21 5.55 -39.36
CA UNK JD 14 40.04 6.65 -38.84
C UNK JD 14 39.55 7.06 -37.45
N UNK JD 15 38.23 7.22 -37.38
CA UNK JD 15 37.54 7.62 -36.15
C UNK JD 15 37.83 6.61 -35.03
N UNK JD 16 37.69 5.35 -35.41
CA UNK JD 16 37.93 4.22 -34.50
C UNK JD 16 39.35 4.28 -33.94
N UNK JD 17 40.28 4.50 -34.85
CA UNK JD 17 41.71 4.60 -34.53
C UNK JD 17 41.94 5.71 -33.51
N UNK JD 18 41.33 6.85 -33.79
CA UNK JD 18 41.41 8.04 -32.94
C UNK JD 18 40.93 7.72 -31.53
N UNK JD 19 39.79 7.05 -31.49
CA UNK JD 19 39.14 6.64 -30.24
C UNK JD 19 40.10 5.76 -29.43
N UNK JD 20 40.68 4.81 -30.13
CA UNK JD 20 41.64 3.85 -29.54
C UNK JD 20 42.81 4.61 -28.91
N UNK JD 21 47.23 -26.78 -29.07
CA UNK JD 21 47.30 -26.37 -30.47
C UNK JD 21 46.14 -26.94 -31.28
N UNK JD 22 46.07 -28.27 -31.35
CA UNK JD 22 45.02 -28.94 -32.09
C UNK JD 22 43.66 -28.33 -31.80
N UNK JD 23 43.29 -28.29 -30.53
CA UNK JD 23 42.01 -27.73 -30.11
C UNK JD 23 41.81 -26.34 -30.71
N UNK JD 24 42.80 -25.47 -30.53
CA UNK JD 24 42.73 -24.11 -31.04
C UNK JD 24 42.43 -24.10 -32.54
N UNK JD 25 43.16 -24.90 -33.30
CA UNK JD 25 42.95 -25.00 -34.74
C UNK JD 25 41.50 -25.35 -35.07
N UNK JD 26 40.99 -26.38 -34.41
CA UNK JD 26 39.61 -26.82 -34.63
C UNK JD 26 38.63 -25.68 -34.40
N UNK JD 27 38.81 -24.95 -33.31
CA UNK JD 27 37.95 -23.83 -32.97
C UNK JD 27 37.95 -22.78 -34.08
N UNK JD 28 39.14 -22.45 -34.57
CA UNK JD 28 39.27 -21.46 -35.63
C UNK JD 28 38.53 -21.89 -36.89
N UNK JD 29 38.65 -23.17 -37.24
CA UNK JD 29 37.98 -23.71 -38.42
C UNK JD 29 36.47 -23.59 -38.29
N UNK JD 30 35.96 -23.89 -37.11
CA UNK JD 30 34.52 -23.82 -36.86
C UNK JD 30 34.01 -22.38 -37.00
N UNK JD 31 34.79 -21.44 -36.49
CA UNK JD 31 34.40 -20.02 -36.57
C UNK JD 31 34.35 -19.55 -38.01
N UNK JD 32 35.30 -19.99 -38.82
CA UNK JD 32 35.36 -19.62 -40.24
C UNK JD 32 34.16 -20.17 -40.99
N UNK JD 33 33.77 -21.40 -40.66
CA UNK JD 33 32.63 -22.04 -41.31
C UNK JD 33 31.33 -21.32 -40.99
N UNK JD 34 31.21 -20.86 -39.74
CA UNK JD 34 30.01 -20.16 -39.29
C UNK JD 34 29.88 -18.81 -39.99
N UNK JD 35 31.01 -18.16 -40.24
CA UNK JD 35 31.01 -16.86 -40.90
C UNK JD 35 30.71 -17.00 -42.39
N UNK JD 36 31.02 -18.17 -42.95
CA UNK JD 36 30.78 -18.43 -44.36
C UNK JD 36 29.30 -18.67 -44.63
N UNK JD 37 103.02 12.74 -67.72
CA UNK JD 37 103.20 13.86 -68.67
C UNK JD 37 104.14 13.45 -69.80
N UNK JD 38 105.24 12.84 -69.39
CA UNK JD 38 106.28 12.35 -70.32
C UNK JD 38 105.67 11.37 -71.33
N UNK JD 39 104.89 10.45 -70.78
CA UNK JD 39 104.21 9.42 -71.56
C UNK JD 39 103.30 10.06 -72.61
N UNK JD 40 102.55 11.03 -72.14
CA UNK JD 40 101.61 11.79 -72.99
C UNK JD 40 102.35 12.44 -74.16
N UNK JD 41 103.47 13.07 -73.80
CA UNK JD 41 104.34 13.76 -74.76
C UNK JD 41 104.81 12.78 -75.84
N UNK JD 42 105.25 11.63 -75.37
CA UNK JD 42 105.74 10.54 -76.23
C UNK JD 42 104.66 10.13 -77.22
N UNK JD 43 103.47 9.95 -76.68
CA UNK JD 43 102.29 9.55 -77.45
C UNK JD 43 102.02 10.56 -78.56
N UNK JD 44 102.07 11.81 -78.17
CA UNK JD 44 101.84 12.95 -79.07
C UNK JD 44 102.84 12.91 -80.23
N UNK JD 45 104.09 12.69 -79.85
CA UNK JD 45 105.20 12.62 -80.80
C UNK JD 45 104.95 11.51 -81.82
N UNK JD 46 104.55 10.38 -81.29
CA UNK JD 46 104.24 9.18 -82.09
C UNK JD 46 103.15 9.50 -83.11
N UNK JD 47 102.12 10.15 -82.62
CA UNK JD 47 100.96 10.56 -83.43
C UNK JD 47 101.42 11.44 -84.58
N UNK JD 48 102.26 12.41 -84.23
CA UNK JD 48 102.82 13.36 -85.18
C UNK JD 48 103.57 12.64 -86.29
N UNK JD 49 104.39 11.69 -85.85
CA UNK JD 49 105.21 10.86 -86.75
C UNK JD 49 104.31 10.12 -87.74
N UNK JD 50 103.27 9.53 -87.19
CA UNK JD 50 102.27 8.77 -87.96
C UNK JD 50 101.66 9.65 -89.04
N UNK JD 51 101.28 10.85 -88.61
CA UNK JD 51 100.67 11.85 -89.49
C UNK JD 51 101.59 12.18 -90.65
N UNK JD 52 102.88 12.40 -90.34
CA UNK JD 52 103.87 12.72 -91.36
C UNK JD 52 103.95 11.62 -92.41
N UNK JD 53 104.01 10.38 -91.95
CA UNK JD 53 104.10 9.23 -92.85
C UNK JD 53 102.91 9.19 -93.81
N UNK JD 54 64.44 16.22 -117.87
CA UNK JD 54 64.51 14.78 -118.12
C UNK JD 54 65.27 14.51 -119.43
N UNK JD 55 64.88 15.27 -120.43
CA UNK JD 55 65.49 15.19 -121.77
C UNK JD 55 66.99 15.44 -121.68
N UNK JD 56 67.32 16.49 -120.96
CA UNK JD 56 68.72 16.90 -120.75
C UNK JD 56 69.51 15.77 -120.12
N UNK JD 57 68.91 15.20 -119.09
CA UNK JD 57 69.51 14.07 -118.34
C UNK JD 57 69.80 12.91 -119.29
N UNK JD 58 68.81 12.60 -120.10
CA UNK JD 58 68.88 11.52 -121.09
C UNK JD 58 70.07 11.76 -122.03
N UNK JD 59 70.14 12.98 -122.50
CA UNK JD 59 71.20 13.42 -123.43
C UNK JD 59 72.57 13.19 -122.79
N UNK JD 60 72.67 13.61 -121.55
CA UNK JD 60 73.89 13.50 -120.76
C UNK JD 60 74.32 12.03 -120.67
N UNK JD 61 73.34 11.14 -120.56
CA UNK JD 61 73.60 9.72 -120.37
C UNK JD 61 74.45 9.14 -121.50
N UNK JD 62 74.22 9.61 -122.72
CA UNK JD 62 75.04 9.20 -123.87
C UNK JD 62 76.48 9.59 -123.59
N UNK JD 63 76.65 10.74 -122.95
CA UNK JD 63 77.95 11.21 -122.51
C UNK JD 63 78.52 10.21 -121.49
N UNK JD 64 77.64 9.66 -120.66
CA UNK JD 64 78.03 8.64 -119.68
C UNK JD 64 78.55 7.38 -120.37
N UNK JD 65 77.89 6.99 -121.46
CA UNK JD 65 78.33 5.89 -122.31
C UNK JD 65 79.70 6.16 -122.93
N UNK JD 66 79.91 7.41 -123.34
CA UNK JD 66 81.20 7.83 -123.86
C UNK JD 66 82.27 7.69 -122.77
N UNK JD 67 81.89 8.04 -121.54
CA UNK JD 67 82.74 7.90 -120.37
C UNK JD 67 83.09 6.43 -120.13
N UNK JD 68 82.11 5.55 -120.34
CA UNK JD 68 82.30 4.11 -120.25
C UNK JD 68 83.29 3.60 -121.31
N UNK JD 69 82.93 3.94 -122.55
CA UNK JD 69 83.69 3.63 -123.75
C UNK JD 69 84.98 4.41 -123.90
N UNK JD 70 84.91 5.72 -123.71
CA UNK JD 70 86.11 6.50 -123.48
C UNK JD 70 86.57 6.11 -122.09
N UNK JD 71 85.62 6.15 -121.17
CA UNK JD 71 85.84 5.77 -119.78
C UNK JD 71 86.18 4.29 -119.72
N UNK JD 72 85.43 3.51 -120.49
CA UNK JD 72 85.66 2.07 -120.53
C UNK JD 72 87.04 1.78 -121.07
N UNK JD 73 87.43 2.52 -122.10
CA UNK JD 73 88.74 2.32 -122.72
C UNK JD 73 89.82 2.65 -121.72
N UNK JD 74 89.60 3.73 -120.98
CA UNK JD 74 90.57 4.18 -120.00
C UNK JD 74 90.72 3.10 -118.96
N UNK JD 75 89.59 2.55 -118.52
CA UNK JD 75 89.59 1.53 -117.48
C UNK JD 75 90.33 0.29 -117.97
N UNK JD 76 90.10 -0.05 -119.23
CA UNK JD 76 90.73 -1.21 -119.83
C UNK JD 76 92.24 -1.05 -119.89
N UNK JD 77 92.73 0.10 -120.35
CA UNK JD 77 94.17 0.29 -120.37
C UNK JD 77 94.74 0.32 -118.95
N UNK JD 78 94.10 1.07 -118.06
CA UNK JD 78 94.52 1.14 -116.66
C UNK JD 78 94.32 -0.13 -115.85
N UNK JD 79 93.16 -0.75 -116.01
CA UNK JD 79 92.78 -1.90 -115.18
C UNK JD 79 93.64 -3.13 -115.38
N UNK JD 80 93.96 -3.41 -116.64
CA UNK JD 80 94.66 -4.63 -117.03
C UNK JD 80 96.07 -4.75 -116.46
N UNK JD 81 96.81 -3.65 -116.42
CA UNK JD 81 98.25 -3.70 -116.22
C UNK JD 81 98.55 -4.78 -115.17
N UNK JD 82 98.08 -4.52 -113.96
CA UNK JD 82 97.98 -5.55 -112.94
C UNK JD 82 97.01 -6.56 -113.49
N UNK JD 83 95.96 -6.04 -114.14
CA UNK JD 83 94.98 -6.86 -114.82
C UNK JD 83 95.62 -7.67 -115.95
N UNK JD 84 96.54 -7.08 -116.72
CA UNK JD 84 97.20 -7.88 -117.75
C UNK JD 84 97.95 -9.01 -117.08
N UNK JD 85 98.63 -8.71 -115.97
CA UNK JD 85 99.39 -9.77 -115.34
C UNK JD 85 98.47 -10.90 -114.91
N UNK JD 86 97.33 -10.53 -114.30
CA UNK JD 86 96.41 -11.54 -113.79
C UNK JD 86 95.85 -12.36 -114.95
N UNK JD 87 95.53 -11.68 -116.02
CA UNK JD 87 94.93 -12.30 -117.18
C UNK JD 87 95.91 -13.27 -117.79
N UNK JD 88 97.17 -12.87 -117.88
CA UNK JD 88 98.20 -13.72 -118.46
C UNK JD 88 98.33 -14.95 -117.61
N UNK JD 89 98.31 -14.76 -116.30
CA UNK JD 89 98.46 -15.88 -115.40
C UNK JD 89 97.32 -16.87 -115.59
N UNK JD 90 96.09 -16.38 -115.71
CA UNK JD 90 94.97 -17.30 -115.94
C UNK JD 90 95.10 -17.99 -117.29
N UNK JD 91 95.42 -17.18 -118.31
CA UNK JD 91 95.53 -17.60 -119.69
C UNK JD 91 96.68 -18.57 -119.94
N UNK JD 92 97.83 -18.29 -119.32
CA UNK JD 92 98.98 -19.14 -119.58
C UNK JD 92 99.27 -19.25 -121.07
N UNK JD 93 87.28 -12.07 -122.80
CA UNK JD 93 85.90 -11.98 -122.36
C UNK JD 93 85.80 -11.41 -120.95
N UNK JD 94 86.46 -12.07 -120.00
CA UNK JD 94 86.47 -11.62 -118.61
C UNK JD 94 87.12 -10.25 -118.45
N UNK JD 95 88.21 -10.03 -119.19
CA UNK JD 95 88.90 -8.76 -119.12
C UNK JD 95 88.04 -7.60 -119.61
N UNK JD 96 87.36 -7.76 -120.73
CA UNK JD 96 86.49 -6.69 -121.21
C UNK JD 96 85.43 -6.54 -120.13
N UNK JD 97 85.00 -7.70 -119.66
CA UNK JD 97 83.83 -7.87 -118.82
C UNK JD 97 84.01 -7.03 -117.57
N UNK JD 98 85.25 -6.89 -117.13
CA UNK JD 98 85.61 -5.75 -116.30
C UNK JD 98 87.00 -5.33 -116.73
N UNK JD 99 87.18 -4.20 -117.43
CA UNK JD 99 86.24 -3.11 -117.70
C UNK JD 99 84.87 -3.08 -117.02
N UNK JD 100 83.89 -3.68 -117.68
CA UNK JD 100 82.51 -3.68 -117.19
C UNK JD 100 82.42 -4.11 -115.73
N UNK JD 101 87.14 -2.01 -114.92
CA UNK JD 101 87.61 -0.68 -115.36
C UNK JD 101 87.03 0.41 -114.44
N UNK JD 102 85.75 0.29 -114.21
CA UNK JD 102 84.99 1.22 -113.36
C UNK JD 102 85.61 1.27 -111.96
N UNK JD 103 85.86 0.08 -111.45
CA UNK JD 103 86.45 -0.11 -110.12
C UNK JD 103 87.81 0.61 -110.03
N UNK JD 104 88.60 0.38 -111.07
CA UNK JD 104 89.93 0.98 -111.20
C UNK JD 104 89.85 2.50 -111.14
N UNK JD 105 88.91 3.01 -111.92
CA UNK JD 105 88.64 4.44 -112.02
C UNK JD 105 88.32 5.02 -110.65
N UNK JD 106 87.44 4.31 -109.96
CA UNK JD 106 86.99 4.68 -108.61
C UNK JD 106 88.18 4.77 -107.66
N UNK JD 107 89.01 3.76 -107.75
CA UNK JD 107 90.23 3.65 -106.92
C UNK JD 107 91.13 4.86 -107.17
N UNK JD 108 91.30 5.16 -108.43
CA UNK JD 108 92.14 6.29 -108.88
C UNK JD 108 91.62 7.60 -108.28
N UNK JD 109 68.32 -2.05 -42.04
CA UNK JD 109 69.41 -1.09 -42.33
C UNK JD 109 70.23 -0.85 -41.06
N UNK JD 110 69.51 -0.62 -39.98
CA UNK JD 110 70.10 -0.35 -38.66
C UNK JD 110 70.99 -1.52 -38.25
N UNK JD 111 70.44 -2.71 -38.43
CA UNK JD 111 71.13 -3.96 -38.09
C UNK JD 111 72.44 -4.07 -38.87
N UNK JD 112 72.33 -3.78 -40.15
CA UNK JD 112 73.47 -3.82 -41.08
C UNK JD 112 74.57 -2.87 -40.59
N UNK JD 113 74.14 -1.68 -40.24
CA UNK JD 113 75.02 -0.61 -39.75
C UNK JD 113 75.78 -1.10 -38.51
N UNK JD 114 75.01 -1.70 -37.61
CA UNK JD 114 75.54 -2.24 -36.35
C UNK JD 114 76.63 -3.28 -36.63
N UNK JD 115 76.30 -4.15 -37.57
CA UNK JD 115 77.20 -5.23 -37.99
C UNK JD 115 78.52 -4.64 -38.50
N UNK JD 116 78.37 -3.63 -39.34
CA UNK JD 116 79.50 -2.93 -39.95
C UNK JD 116 80.40 -2.36 -38.85
N UNK JD 117 79.76 -1.72 -37.89
CA UNK JD 117 80.43 -1.09 -36.76
C UNK JD 117 81.26 -2.14 -35.99
N UNK JD 118 79.94 -8.20 -31.28
CA UNK JD 118 78.92 -8.91 -32.08
C UNK JD 118 77.67 -9.16 -31.22
N UNK JD 119 77.92 -9.64 -30.02
CA UNK JD 119 76.88 -9.95 -29.04
C UNK JD 119 76.05 -8.69 -28.75
N UNK JD 120 76.76 -7.62 -28.52
CA UNK JD 120 76.17 -6.30 -28.22
C UNK JD 120 75.24 -5.88 -29.36
N UNK JD 121 75.76 -6.03 -30.56
CA UNK JD 121 75.05 -5.68 -31.79
C UNK JD 121 73.74 -6.47 -31.88
N UNK JD 122 73.86 -7.75 -31.61
CA UNK JD 122 72.73 -8.70 -31.63
C UNK JD 122 71.65 -8.24 -30.65
N UNK JD 123 72.12 -7.89 -29.47
CA UNK JD 123 71.25 -7.42 -28.38
C UNK JD 123 70.47 -6.18 -28.83
N UNK JD 124 71.21 -5.27 -29.43
CA UNK JD 124 70.67 -4.00 -29.94
C UNK JD 124 69.55 -4.29 -30.95
N UNK JD 125 69.86 -5.19 -31.85
CA UNK JD 125 68.95 -5.62 -32.91
C UNK JD 125 67.64 -6.14 -32.31
N UNK JD 126 67.82 -7.00 -31.31
CA UNK JD 126 66.71 -7.63 -30.58
C UNK JD 126 65.81 -6.55 -29.97
N UNK JD 127 108.92 3.80 -79.53
CA UNK JD 127 110.11 4.52 -79.94
C UNK JD 127 110.82 3.81 -81.08
N UNK JD 128 111.00 2.50 -80.94
CA UNK JD 128 111.67 1.71 -81.96
C UNK JD 128 110.96 1.82 -83.31
N UNK JD 129 109.64 1.69 -83.28
CA UNK JD 129 108.83 1.78 -84.51
C UNK JD 129 109.06 3.13 -85.18
N UNK JD 130 109.00 4.17 -84.36
CA UNK JD 130 109.19 5.56 -84.79
C UNK JD 130 110.56 5.71 -85.46
N UNK JD 131 111.56 5.17 -84.79
CA UNK JD 131 112.95 5.21 -85.24
C UNK JD 131 113.07 4.55 -86.62
N UNK JD 132 112.44 3.39 -86.73
CA UNK JD 132 112.42 2.60 -87.96
C UNK JD 132 111.83 3.43 -89.10
N UNK JD 133 110.71 4.07 -88.80
CA UNK JD 133 109.99 4.92 -89.75
C UNK JD 133 110.89 6.04 -90.25
N UNK JD 134 111.56 6.66 -89.30
CA UNK JD 134 112.50 7.76 -89.57
C UNK JD 134 113.58 7.30 -90.53
N UNK JD 135 114.12 6.14 -90.22
CA UNK JD 135 115.19 5.51 -91.02
C UNK JD 135 114.72 5.31 -92.46
N UNK JD 136 113.51 4.78 -92.56
CA UNK JD 136 112.87 4.50 -93.85
C UNK JD 136 112.77 5.79 -94.67
N UNK JD 137 112.30 6.82 -93.99
CA UNK JD 137 112.12 8.15 -94.58
C UNK JD 137 113.45 8.66 -95.14
N UNK JD 138 114.47 8.52 -94.32
CA UNK JD 138 115.83 8.95 -94.66
C UNK JD 138 116.30 8.25 -95.93
N UNK JD 139 116.07 6.95 -95.94
CA UNK JD 139 116.44 6.07 -97.06
C UNK JD 139 115.76 6.57 -98.35
N UNK JD 140 114.48 6.84 -98.21
CA UNK JD 140 113.64 7.33 -99.32
C UNK JD 140 114.23 8.63 -99.89
N UNK JD 141 114.57 9.51 -98.97
CA UNK JD 141 115.14 10.82 -99.30
C UNK JD 141 116.43 10.64 -100.10
N UNK JD 142 117.26 9.74 -99.60
CA UNK JD 142 118.55 9.41 -100.22
C UNK JD 142 118.33 8.94 -101.66
N UNK JD 143 117.37 8.05 -101.80
CA UNK JD 143 117.00 7.46 -103.09
C UNK JD 143 116.61 8.57 -104.07
N UNK JD 144 115.78 9.46 -103.56
CA UNK JD 144 115.27 10.60 -104.33
C UNK JD 144 116.43 11.45 -104.85
N UNK JD 145 117.35 11.72 -103.92
CA UNK JD 145 118.55 12.51 -104.20
C UNK JD 145 119.36 11.87 -105.32
N UNK JD 146 119.53 10.57 -105.19
CA UNK JD 146 120.28 9.76 -106.16
C UNK JD 146 119.65 9.89 -107.55
#